data_5ZLP
#
_entry.id   5ZLP
#
_cell.length_a   234.409
_cell.length_b   135.167
_cell.length_c   203.080
_cell.angle_alpha   90.000
_cell.angle_beta   91.610
_cell.angle_gamma   90.000
#
_symmetry.space_group_name_H-M   'C 1 2 1'
#
loop_
_entity.id
_entity.type
_entity.pdbx_description
1 polymer 'Glutamine synthetase'
2 non-polymer "ADENOSINE-5'-TRIPHOSPHATE"
3 non-polymer "ADENOSINE-5'-DIPHOSPHATE"
4 non-polymer PHOSPHINOTHRICIN
5 non-polymer 'MAGNESIUM ION'
6 non-polymer '(2S)-2-AMINO-4-[METHYL(PHOSPHONOOXY)PHOSPHORYL]BUTANOIC ACID'
7 water water
#
_entity_poly.entity_id   1
_entity_poly.type   'polypeptide(L)'
_entity_poly.pdbx_seq_one_letter_code
;MIVRTQNSESKIKEFFEFCKENEVEFVDFRFSDIKGTWNHIAYSFGALTHGMLKEGIPFDASCFKGWQGIEHSDMILTPD
LVRYFIDPFSADVSVVVFCDVYDVYKNQPYEKCPRSIAKKALQHLKDSGLGDVAYFGAENEFFIFDSIKIKDASNSQYYE
VDSEEGEWNRDRSFENGVNFGHRPGKQGGYMPVPPTDTMMDIRTEIVKVLNQVGLETFVVHHEVAQAQGEVGVKFGDLVE
AADNVQKLKYVVKMVAHLNGKTATFMPKPLYGDNGSGMHTHVSVWKNNENLFSGETYKGLSEFALHFLGGVLRHARGLAA
FTNASTNSYKRLIPGYEAPSILTYSANNRSASVRIPYGISKNSARFEFRFPDSSSNPYLAFAAILMAGMDGVKNKIDPGE
AMDINLFKLTLDEIREKGIKQMPHTLRRSLEEMLADKQYLKESQVFSEEFIQAYQSLKFNAEVFPWESKPHPFEFITTYS
C
;
_entity_poly.pdbx_strand_id   A,B,C,D,E,F,H,J,K,L,G,I
#
# COMPACT_ATOMS: atom_id res chain seq x y z
N GLN A 6 4.35 0.93 -63.95
CA GLN A 6 4.14 0.96 -65.39
C GLN A 6 3.61 2.33 -65.86
N ASN A 7 4.53 3.27 -66.07
CA ASN A 7 4.19 4.66 -66.39
C ASN A 7 5.33 5.31 -67.17
N SER A 8 4.98 6.32 -67.97
CA SER A 8 5.92 6.94 -68.91
C SER A 8 7.14 7.54 -68.23
N GLU A 9 8.32 7.38 -68.85
CA GLU A 9 9.56 7.81 -68.21
C GLU A 9 9.69 9.33 -68.15
N SER A 10 8.71 10.07 -68.67
CA SER A 10 8.60 11.46 -68.26
C SER A 10 8.39 11.53 -66.76
N LYS A 11 7.43 10.75 -66.25
CA LYS A 11 7.19 10.71 -64.81
C LYS A 11 8.30 9.97 -64.09
N ILE A 12 8.80 8.88 -64.68
CA ILE A 12 9.76 8.03 -63.98
C ILE A 12 11.00 8.80 -63.58
N LYS A 13 11.62 9.48 -64.54
CA LYS A 13 12.49 10.55 -64.09
C LYS A 13 11.65 11.49 -63.22
N GLU A 14 10.58 12.13 -63.77
CA GLU A 14 10.01 13.24 -63.01
C GLU A 14 9.62 12.86 -61.56
N PHE A 15 9.73 11.58 -61.19
CA PHE A 15 9.74 11.11 -59.81
C PHE A 15 11.13 11.18 -59.18
N PHE A 16 12.19 10.79 -59.91
CA PHE A 16 13.55 10.83 -59.36
C PHE A 16 14.09 12.27 -59.06
N GLU A 17 13.70 13.32 -59.82
CA GLU A 17 13.90 14.73 -59.44
C GLU A 17 13.52 14.91 -57.97
N PHE A 18 12.25 14.59 -57.73
CA PHE A 18 11.61 14.87 -56.44
C PHE A 18 12.35 14.19 -55.30
N CYS A 19 12.51 12.87 -55.42
CA CYS A 19 13.27 12.11 -54.44
C CYS A 19 14.64 12.73 -54.21
N LYS A 20 15.37 12.97 -55.30
CA LYS A 20 16.73 13.49 -55.18
C LYS A 20 16.73 14.80 -54.40
N GLU A 21 15.74 15.67 -54.63
CA GLU A 21 15.82 17.01 -54.07
C GLU A 21 15.60 16.98 -52.57
N ASN A 22 14.57 16.27 -52.10
CA ASN A 22 14.18 16.30 -50.70
C ASN A 22 14.92 15.29 -49.83
N GLU A 23 16.04 14.74 -50.33
CA GLU A 23 16.99 13.96 -49.53
C GLU A 23 16.43 12.58 -49.19
N VAL A 24 15.83 11.93 -50.19
CA VAL A 24 15.12 10.70 -49.92
C VAL A 24 16.09 9.58 -49.59
N GLU A 25 15.74 8.79 -48.58
CA GLU A 25 16.38 7.54 -48.29
C GLU A 25 15.52 6.32 -48.54
N PHE A 26 14.19 6.46 -48.51
CA PHE A 26 13.26 5.33 -48.64
C PHE A 26 12.12 5.65 -49.59
N VAL A 27 11.53 4.57 -50.10
CA VAL A 27 10.35 4.59 -50.96
C VAL A 27 9.33 3.67 -50.31
N ASP A 28 8.31 4.25 -49.66
CA ASP A 28 7.20 3.50 -49.07
C ASP A 28 6.16 3.31 -50.17
N PHE A 29 6.07 2.11 -50.72
CA PHE A 29 4.96 1.80 -51.61
C PHE A 29 3.72 1.48 -50.77
N ARG A 30 2.57 2.06 -51.11
CA ARG A 30 1.38 1.76 -50.33
C ARG A 30 0.20 1.31 -51.20
N PHE A 31 -0.50 0.28 -50.71
CA PHE A 31 -1.67 -0.27 -51.36
C PHE A 31 -2.73 -0.55 -50.32
N SER A 32 -3.98 -0.62 -50.75
CA SER A 32 -5.11 -0.90 -49.87
C SER A 32 -5.71 -2.26 -50.23
N ASP A 33 -5.98 -3.07 -49.20
CA ASP A 33 -6.63 -4.35 -49.41
C ASP A 33 -8.15 -4.16 -49.51
N ILE A 34 -8.88 -5.26 -49.60
CA ILE A 34 -10.32 -5.19 -49.74
C ILE A 34 -10.94 -4.56 -48.50
N LYS A 35 -10.50 -4.96 -47.31
CA LYS A 35 -11.07 -4.40 -46.09
C LYS A 35 -10.91 -2.89 -46.01
N GLY A 36 -9.87 -2.36 -46.64
CA GLY A 36 -9.62 -0.94 -46.66
C GLY A 36 -8.32 -0.53 -46.00
N THR A 37 -7.72 -1.41 -45.21
CA THR A 37 -6.44 -1.11 -44.56
C THR A 37 -5.45 -0.56 -45.58
N TRP A 38 -4.80 0.54 -45.23
CA TRP A 38 -3.67 1.05 -46.01
C TRP A 38 -2.39 0.30 -45.56
N ASN A 39 -1.82 -0.51 -46.45
CA ASN A 39 -0.64 -1.31 -46.17
C ASN A 39 0.56 -0.72 -46.89
N HIS A 40 1.76 -1.08 -46.45
CA HIS A 40 2.97 -0.42 -46.95
C HIS A 40 4.18 -1.35 -46.92
N ILE A 41 5.03 -1.22 -47.95
CA ILE A 41 6.37 -1.83 -48.02
C ILE A 41 7.37 -0.75 -48.44
N ALA A 42 8.63 -0.93 -48.02
CA ALA A 42 9.65 0.08 -48.23
C ALA A 42 10.90 -0.49 -48.88
N TYR A 43 11.48 0.30 -49.77
CA TYR A 43 12.76 0.00 -50.40
C TYR A 43 13.71 1.14 -50.12
N SER A 44 14.98 0.83 -49.90
CA SER A 44 16.00 1.85 -49.85
C SER A 44 16.09 2.57 -51.20
N PHE A 45 16.29 3.88 -51.15
CA PHE A 45 16.33 4.65 -52.38
C PHE A 45 17.42 4.16 -53.31
N GLY A 46 18.61 3.88 -52.77
CA GLY A 46 19.76 3.46 -53.55
C GLY A 46 19.64 2.15 -54.27
N ALA A 47 18.55 1.41 -54.08
CA ALA A 47 18.32 0.17 -54.77
C ALA A 47 17.17 0.23 -55.77
N LEU A 48 16.27 1.20 -55.61
CA LEU A 48 15.21 1.40 -56.58
C LEU A 48 15.77 1.94 -57.89
N THR A 49 15.44 1.25 -58.98
CA THR A 49 16.00 1.51 -60.30
C THR A 49 14.98 2.16 -61.22
N HIS A 50 15.34 2.29 -62.50
CA HIS A 50 14.34 2.63 -63.51
C HIS A 50 13.47 1.43 -63.82
N GLY A 51 14.08 0.24 -63.87
CA GLY A 51 13.36 -1.02 -64.02
C GLY A 51 12.25 -1.27 -63.00
N MET A 52 12.60 -1.33 -61.71
CA MET A 52 11.61 -1.58 -60.67
C MET A 52 10.38 -0.72 -60.82
N LEU A 53 10.56 0.53 -61.25
CA LEU A 53 9.44 1.47 -61.37
C LEU A 53 8.55 1.19 -62.58
N LYS A 54 9.11 0.60 -63.63
CA LYS A 54 8.32 0.21 -64.80
C LYS A 54 7.71 -1.19 -64.62
N GLU A 55 8.44 -2.11 -64.00
CA GLU A 55 7.99 -3.49 -63.83
C GLU A 55 7.10 -3.69 -62.61
N GLY A 56 7.49 -3.17 -61.46
CA GLY A 56 6.72 -3.31 -60.24
C GLY A 56 7.45 -4.08 -59.16
N ILE A 57 6.92 -3.95 -57.96
CA ILE A 57 7.53 -4.50 -56.74
C ILE A 57 6.77 -5.76 -56.33
N PRO A 58 7.45 -6.86 -56.04
CA PRO A 58 6.75 -8.07 -55.61
C PRO A 58 6.35 -8.03 -54.14
N PHE A 59 5.31 -8.81 -53.82
CA PHE A 59 4.88 -9.01 -52.44
C PHE A 59 4.16 -10.36 -52.35
N ASP A 60 3.79 -10.71 -51.12
CA ASP A 60 2.93 -11.87 -50.88
C ASP A 60 1.49 -11.37 -50.89
N ALA A 61 0.62 -12.06 -51.63
CA ALA A 61 -0.76 -11.60 -51.69
C ALA A 61 -1.75 -12.53 -51.01
N SER A 62 -1.28 -13.52 -50.24
CA SER A 62 -2.12 -14.35 -49.40
C SER A 62 -1.91 -14.08 -47.91
N CYS A 63 -1.48 -12.85 -47.59
CA CYS A 63 -1.57 -12.30 -46.24
C CYS A 63 -2.67 -11.25 -46.18
N PHE A 64 -3.66 -11.36 -47.08
CA PHE A 64 -4.74 -10.39 -47.24
C PHE A 64 -6.03 -11.15 -47.54
N LYS A 65 -6.92 -11.24 -46.56
CA LYS A 65 -8.18 -11.98 -46.74
C LYS A 65 -8.90 -11.55 -48.02
N GLY A 66 -9.31 -12.52 -48.81
CA GLY A 66 -10.03 -12.22 -50.03
C GLY A 66 -9.17 -12.10 -51.26
N TRP A 67 -7.86 -12.20 -51.12
CA TRP A 67 -7.02 -12.14 -52.32
C TRP A 67 -6.61 -13.53 -52.81
N GLN A 68 -5.32 -13.89 -52.73
CA GLN A 68 -4.81 -15.03 -53.47
C GLN A 68 -4.66 -16.27 -52.58
N GLY A 69 -4.75 -17.44 -53.21
CA GLY A 69 -4.38 -18.66 -52.53
C GLY A 69 -2.91 -18.66 -52.15
N ILE A 70 -2.54 -19.53 -51.22
CA ILE A 70 -1.13 -19.67 -50.90
C ILE A 70 -0.39 -20.27 -52.08
N GLU A 71 -1.03 -21.14 -52.86
CA GLU A 71 -0.30 -21.85 -53.90
C GLU A 71 0.04 -20.93 -55.06
N HIS A 72 -0.73 -19.86 -55.25
CA HIS A 72 -0.40 -18.82 -56.22
C HIS A 72 -0.26 -17.48 -55.49
N SER A 73 0.71 -17.38 -54.58
CA SER A 73 0.72 -16.23 -53.68
C SER A 73 1.39 -15.01 -54.30
N ASP A 74 2.31 -15.22 -55.23
CA ASP A 74 3.14 -14.13 -55.73
C ASP A 74 2.31 -13.14 -56.55
N MET A 75 2.26 -11.89 -56.10
CA MET A 75 1.67 -10.80 -56.87
C MET A 75 2.69 -9.68 -57.01
N ILE A 76 2.26 -8.58 -57.63
CA ILE A 76 3.12 -7.45 -57.94
C ILE A 76 2.37 -6.17 -57.63
N LEU A 77 3.03 -5.25 -56.93
CA LEU A 77 2.52 -3.88 -56.84
C LEU A 77 3.11 -3.10 -57.99
N THR A 78 2.29 -2.27 -58.63
CA THR A 78 2.73 -1.48 -59.77
C THR A 78 2.66 -0.01 -59.41
N PRO A 79 3.80 0.65 -59.26
CA PRO A 79 3.82 2.06 -58.83
C PRO A 79 2.87 2.94 -59.63
N ASP A 80 2.26 3.87 -58.94
CA ASP A 80 1.50 4.93 -59.58
C ASP A 80 2.14 6.23 -59.13
N LEU A 81 2.79 6.93 -60.07
CA LEU A 81 3.54 8.15 -59.77
C LEU A 81 2.64 9.40 -59.79
N VAL A 82 1.48 9.22 -59.21
CA VAL A 82 0.55 10.28 -58.88
C VAL A 82 0.54 10.47 -57.38
N ARG A 83 0.31 11.72 -56.95
CA ARG A 83 -0.05 12.11 -55.59
C ARG A 83 0.91 11.59 -54.53
N TYR A 84 2.19 11.42 -54.89
CA TYR A 84 3.15 10.99 -53.90
C TYR A 84 3.55 12.18 -53.02
N PHE A 85 4.07 11.88 -51.82
CA PHE A 85 4.34 12.92 -50.85
C PHE A 85 5.34 12.44 -49.81
N ILE A 86 6.04 13.40 -49.21
CA ILE A 86 7.02 13.12 -48.18
C ILE A 86 6.26 12.89 -46.88
N ASP A 87 6.50 11.73 -46.24
CA ASP A 87 5.86 11.40 -44.95
C ASP A 87 6.43 12.29 -43.85
N PRO A 88 5.58 12.90 -42.98
CA PRO A 88 6.11 13.70 -41.86
C PRO A 88 6.64 12.84 -40.72
N PHE A 89 5.83 11.87 -40.31
CA PHE A 89 6.05 11.17 -39.05
C PHE A 89 7.16 10.15 -39.10
N SER A 90 7.86 10.00 -40.22
CA SER A 90 9.03 9.13 -40.25
C SER A 90 10.27 9.93 -39.92
N ALA A 91 11.15 9.31 -39.13
CA ALA A 91 12.43 9.93 -38.77
C ALA A 91 13.25 10.22 -40.01
N ASP A 92 13.55 9.18 -40.76
CA ASP A 92 14.28 9.32 -42.01
C ASP A 92 13.34 9.67 -43.16
N VAL A 93 13.78 10.59 -44.01
CA VAL A 93 13.03 11.04 -45.17
C VAL A 93 12.56 9.84 -45.99
N SER A 94 11.25 9.67 -46.12
CA SER A 94 10.69 8.69 -47.04
C SER A 94 9.59 9.33 -47.88
N VAL A 95 9.37 8.74 -49.04
CA VAL A 95 8.41 9.25 -49.99
C VAL A 95 7.40 8.16 -50.24
N VAL A 96 6.17 8.43 -49.89
CA VAL A 96 5.10 7.46 -50.00
C VAL A 96 4.55 7.52 -51.41
N VAL A 97 4.24 6.34 -51.97
CA VAL A 97 3.92 6.16 -53.38
C VAL A 97 2.75 5.17 -53.48
N PHE A 98 1.64 5.62 -54.09
CA PHE A 98 0.45 4.80 -54.31
C PHE A 98 0.72 3.69 -55.32
N CYS A 99 -0.05 2.59 -55.21
CA CYS A 99 0.25 1.40 -56.00
C CYS A 99 -0.98 0.55 -56.24
N ASP A 100 -1.10 0.03 -57.46
CA ASP A 100 -2.09 -0.99 -57.77
C ASP A 100 -1.47 -2.37 -57.72
N VAL A 101 -2.33 -3.38 -57.61
CA VAL A 101 -1.91 -4.78 -57.52
C VAL A 101 -2.05 -5.40 -58.90
N TYR A 102 -1.01 -6.12 -59.36
CA TYR A 102 -0.98 -6.67 -60.71
C TYR A 102 -1.12 -8.19 -60.65
N ASP A 103 -2.22 -8.69 -61.19
CA ASP A 103 -2.45 -10.12 -61.29
C ASP A 103 -1.51 -10.67 -62.35
N VAL A 104 -0.50 -11.42 -61.91
CA VAL A 104 0.49 -12.00 -62.81
C VAL A 104 -0.02 -13.34 -63.28
N TYR A 105 -1.25 -13.65 -62.94
CA TYR A 105 -1.82 -14.92 -63.39
C TYR A 105 -2.73 -14.64 -64.57
N LYS A 106 -3.86 -13.98 -64.32
CA LYS A 106 -4.69 -13.53 -65.43
C LYS A 106 -4.04 -12.44 -66.29
N ASN A 107 -2.84 -11.97 -65.91
CA ASN A 107 -2.01 -11.05 -66.70
C ASN A 107 -2.78 -9.78 -67.09
N GLN A 108 -3.09 -9.00 -66.07
CA GLN A 108 -4.00 -7.86 -66.17
C GLN A 108 -4.11 -7.24 -64.79
N PRO A 109 -4.38 -5.94 -64.70
CA PRO A 109 -4.69 -5.35 -63.40
C PRO A 109 -5.65 -6.24 -62.62
N TYR A 110 -5.28 -6.47 -61.38
CA TYR A 110 -5.99 -7.32 -60.41
C TYR A 110 -7.46 -7.00 -60.25
N GLU A 111 -8.33 -7.90 -60.72
CA GLU A 111 -9.75 -7.62 -60.62
C GLU A 111 -10.25 -7.55 -59.17
N LYS A 112 -9.50 -8.08 -58.21
CA LYS A 112 -9.83 -7.93 -56.80
C LYS A 112 -9.13 -6.74 -56.12
N CYS A 113 -8.36 -5.92 -56.86
CA CYS A 113 -7.67 -4.74 -56.29
C CYS A 113 -8.62 -3.55 -56.30
N PRO A 114 -8.90 -2.93 -55.14
CA PRO A 114 -9.92 -1.87 -55.13
C PRO A 114 -9.50 -0.64 -55.92
N ARG A 115 -8.24 -0.20 -55.81
CA ARG A 115 -7.77 0.96 -56.57
C ARG A 115 -7.86 0.71 -58.09
N SER A 116 -7.76 -0.54 -58.54
CA SER A 116 -8.11 -0.90 -59.92
C SER A 116 -9.62 -0.82 -60.15
N ILE A 117 -10.41 -1.50 -59.32
CA ILE A 117 -11.87 -1.40 -59.42
C ILE A 117 -12.30 0.06 -59.45
N ALA A 118 -11.60 0.92 -58.73
CA ALA A 118 -11.95 2.34 -58.75
C ALA A 118 -11.57 2.97 -60.06
N LYS A 119 -10.37 2.67 -60.57
CA LYS A 119 -9.95 3.22 -61.85
C LYS A 119 -10.82 2.72 -63.00
N LYS A 120 -11.41 1.52 -62.86
CA LYS A 120 -12.29 0.99 -63.90
C LYS A 120 -13.68 1.63 -63.87
N ALA A 121 -14.17 2.00 -62.70
CA ALA A 121 -15.44 2.72 -62.65
C ALA A 121 -15.31 4.06 -63.34
N LEU A 122 -14.26 4.80 -63.00
CA LEU A 122 -14.07 6.13 -63.56
C LEU A 122 -13.99 6.07 -65.08
N GLN A 123 -13.25 5.12 -65.63
CA GLN A 123 -13.23 5.06 -67.08
C GLN A 123 -14.58 4.64 -67.62
N HIS A 124 -15.21 3.63 -67.00
CA HIS A 124 -16.54 3.22 -67.43
C HIS A 124 -17.44 4.41 -67.70
N LEU A 125 -17.24 5.50 -66.97
CA LEU A 125 -18.03 6.72 -67.15
C LEU A 125 -17.59 7.48 -68.40
N LYS A 126 -16.28 7.65 -68.59
CA LYS A 126 -15.78 8.30 -69.80
C LYS A 126 -16.26 7.58 -71.05
N ASP A 127 -16.22 6.24 -71.04
CA ASP A 127 -16.56 5.46 -72.22
C ASP A 127 -18.06 5.52 -72.51
N SER A 128 -18.90 5.25 -71.50
CA SER A 128 -20.36 5.29 -71.59
C SER A 128 -20.90 6.46 -72.43
N GLY A 129 -20.15 7.56 -72.50
CA GLY A 129 -20.61 8.79 -73.09
C GLY A 129 -21.17 9.77 -72.10
N LEU A 130 -21.63 9.29 -70.93
CA LEU A 130 -22.41 10.14 -70.04
C LEU A 130 -21.58 11.28 -69.46
N GLY A 131 -20.32 11.03 -69.08
CA GLY A 131 -19.53 12.09 -68.48
C GLY A 131 -18.03 11.93 -68.67
N ASP A 132 -17.31 13.03 -68.41
CA ASP A 132 -15.84 13.07 -68.42
C ASP A 132 -15.26 12.66 -67.08
N VAL A 133 -15.63 13.36 -66.02
CA VAL A 133 -15.15 13.04 -64.68
C VAL A 133 -16.32 13.09 -63.70
N ALA A 134 -16.18 12.30 -62.62
CA ALA A 134 -17.07 12.38 -61.47
C ALA A 134 -16.28 12.89 -60.26
N TYR A 135 -16.82 13.90 -59.59
CA TYR A 135 -16.16 14.54 -58.45
C TYR A 135 -16.76 14.05 -57.15
N PHE A 136 -15.88 13.85 -56.16
CA PHE A 136 -16.24 13.21 -54.89
C PHE A 136 -15.68 14.05 -53.77
N GLY A 137 -16.55 14.71 -53.02
CA GLY A 137 -16.15 15.40 -51.81
C GLY A 137 -16.62 14.65 -50.58
N ALA A 138 -15.69 14.25 -49.72
CA ALA A 138 -15.95 13.38 -48.58
C ALA A 138 -15.62 14.12 -47.30
N GLU A 139 -16.64 14.36 -46.47
CA GLU A 139 -16.44 14.76 -45.08
C GLU A 139 -16.24 13.49 -44.27
N ASN A 140 -15.10 13.36 -43.59
CA ASN A 140 -14.78 12.17 -42.78
C ASN A 140 -14.72 12.57 -41.32
N GLU A 141 -15.83 12.48 -40.60
CA GLU A 141 -15.83 12.76 -39.17
C GLU A 141 -14.93 11.77 -38.42
N PHE A 142 -14.40 12.18 -37.27
CA PHE A 142 -13.46 11.32 -36.57
C PHE A 142 -13.51 11.55 -35.08
N PHE A 143 -12.95 10.63 -34.35
CA PHE A 143 -12.82 10.79 -32.92
C PHE A 143 -11.36 10.74 -32.59
N ILE A 144 -10.98 11.54 -31.62
CA ILE A 144 -9.68 11.45 -30.99
C ILE A 144 -9.96 11.11 -29.55
N PHE A 145 -9.42 9.98 -29.08
CA PHE A 145 -9.64 9.52 -27.71
C PHE A 145 -8.32 9.53 -26.95
N ASP A 146 -8.42 9.41 -25.62
CA ASP A 146 -7.21 9.33 -24.81
C ASP A 146 -6.72 7.90 -24.63
N SER A 147 -7.60 6.90 -24.76
CA SER A 147 -7.32 5.50 -24.46
C SER A 147 -8.39 4.62 -25.11
N ILE A 148 -8.04 3.36 -25.37
CA ILE A 148 -9.04 2.41 -25.87
C ILE A 148 -8.64 1.00 -25.45
N LYS A 149 -9.51 0.36 -24.68
CA LYS A 149 -9.26 -0.96 -24.13
C LYS A 149 -10.27 -1.95 -24.70
N ILE A 150 -9.84 -3.20 -24.92
CA ILE A 150 -10.69 -4.24 -25.49
C ILE A 150 -10.22 -5.59 -24.97
N LYS A 151 -11.20 -6.46 -24.68
CA LYS A 151 -10.96 -7.84 -24.32
C LYS A 151 -11.91 -8.74 -25.12
N ASP A 152 -11.40 -9.92 -25.60
CA ASP A 152 -12.17 -10.87 -26.45
C ASP A 152 -11.95 -12.30 -25.95
N ALA A 153 -12.60 -12.63 -24.84
CA ALA A 153 -12.45 -13.92 -24.16
C ALA A 153 -13.73 -14.74 -24.27
N SER A 154 -13.62 -15.98 -23.79
CA SER A 154 -14.79 -16.85 -23.70
C SER A 154 -15.75 -16.31 -22.66
N ASN A 155 -15.24 -15.99 -21.48
CA ASN A 155 -16.03 -15.59 -20.33
C ASN A 155 -16.31 -14.08 -20.26
N SER A 156 -15.94 -13.31 -21.29
CA SER A 156 -16.01 -11.85 -21.20
C SER A 156 -15.86 -11.10 -22.53
N GLN A 157 -16.74 -10.13 -22.82
CA GLN A 157 -16.53 -9.17 -23.91
C GLN A 157 -16.41 -7.77 -23.31
N TYR A 158 -15.50 -6.96 -23.83
CA TYR A 158 -15.21 -5.72 -23.12
C TYR A 158 -14.53 -4.69 -24.02
N TYR A 159 -15.10 -3.51 -24.08
CA TYR A 159 -14.37 -2.33 -24.50
C TYR A 159 -14.64 -1.21 -23.52
N GLU A 160 -13.78 -0.20 -23.62
CA GLU A 160 -13.97 1.07 -22.93
C GLU A 160 -13.16 2.12 -23.66
N VAL A 161 -13.80 3.19 -24.13
CA VAL A 161 -13.07 4.33 -24.65
C VAL A 161 -12.99 5.41 -23.58
N ASP A 162 -12.02 6.30 -23.72
CA ASP A 162 -11.79 7.34 -22.74
C ASP A 162 -11.46 8.63 -23.46
N SER A 163 -11.93 9.74 -22.89
CA SER A 163 -11.55 11.09 -23.29
C SER A 163 -11.90 12.01 -22.14
N GLU A 164 -11.06 13.04 -21.92
CA GLU A 164 -11.31 13.99 -20.82
C GLU A 164 -12.64 14.72 -20.98
N GLU A 165 -13.02 15.03 -22.22
CA GLU A 165 -14.28 15.73 -22.47
C GLU A 165 -15.47 14.93 -22.00
N GLY A 166 -15.32 13.61 -21.88
CA GLY A 166 -16.42 12.70 -21.59
C GLY A 166 -17.26 13.09 -20.39
N GLU A 167 -18.57 12.81 -20.51
CA GLU A 167 -19.48 13.03 -19.40
C GLU A 167 -19.15 12.11 -18.23
N TRP A 168 -18.71 10.88 -18.53
CA TRP A 168 -18.30 9.92 -17.51
C TRP A 168 -17.07 10.35 -16.69
N ASN A 169 -16.42 11.47 -17.03
CA ASN A 169 -15.27 11.96 -16.30
C ASN A 169 -15.58 13.22 -15.47
N ARG A 170 -16.86 13.62 -15.37
CA ARG A 170 -17.29 14.78 -14.58
C ARG A 170 -16.90 14.73 -13.09
N ASP A 171 -16.38 13.60 -12.61
CA ASP A 171 -16.04 13.44 -11.20
C ASP A 171 -14.67 12.80 -11.01
N ARG A 172 -13.86 12.74 -12.06
CA ARG A 172 -12.57 12.05 -12.00
C ARG A 172 -11.50 12.98 -11.44
N SER A 173 -10.54 12.39 -10.74
CA SER A 173 -9.38 13.12 -10.22
C SER A 173 -8.20 12.77 -11.12
N PHE A 174 -7.73 13.77 -11.86
CA PHE A 174 -6.61 13.57 -12.76
C PHE A 174 -5.30 13.90 -12.03
N GLU A 175 -4.34 14.55 -12.70
CA GLU A 175 -2.93 14.47 -12.30
C GLU A 175 -2.70 14.82 -10.85
N ASN A 176 -3.08 16.03 -10.44
CA ASN A 176 -2.84 16.44 -9.06
C ASN A 176 -4.05 16.21 -8.17
N GLY A 177 -4.98 15.36 -8.58
CA GLY A 177 -6.22 15.18 -7.85
C GLY A 177 -7.25 16.20 -8.28
N VAL A 178 -7.20 16.60 -9.53
CA VAL A 178 -7.78 17.87 -9.94
C VAL A 178 -8.54 17.66 -11.24
N ASN A 179 -9.55 18.49 -11.49
CA ASN A 179 -10.40 18.30 -12.66
C ASN A 179 -10.87 19.69 -13.11
N PHE A 180 -10.40 20.11 -14.28
CA PHE A 180 -10.59 21.45 -14.81
C PHE A 180 -12.01 21.75 -15.27
N GLY A 181 -12.86 20.75 -15.45
CA GLY A 181 -14.21 21.06 -15.88
C GLY A 181 -14.19 21.61 -17.29
N HIS A 182 -15.30 22.28 -17.63
CA HIS A 182 -15.54 22.85 -18.96
C HIS A 182 -15.71 21.76 -19.99
N ARG A 183 -16.87 21.11 -19.98
CA ARG A 183 -17.12 19.93 -20.78
C ARG A 183 -18.37 20.11 -21.60
N PRO A 184 -18.42 19.46 -22.76
CA PRO A 184 -19.69 19.31 -23.48
C PRO A 184 -20.40 18.05 -23.01
N GLY A 185 -21.72 18.05 -23.15
CA GLY A 185 -22.46 16.85 -22.92
C GLY A 185 -22.30 15.82 -24.04
N LYS A 186 -23.02 14.71 -23.89
CA LYS A 186 -23.55 14.00 -25.03
C LYS A 186 -24.07 15.05 -26.00
N GLN A 187 -23.62 14.98 -27.26
CA GLN A 187 -24.13 15.85 -28.33
C GLN A 187 -24.01 17.34 -27.97
N GLY A 188 -22.84 17.74 -27.51
CA GLY A 188 -22.71 19.11 -27.06
C GLY A 188 -21.45 19.77 -27.56
N GLY A 189 -20.80 19.17 -28.54
CA GLY A 189 -19.54 19.69 -29.02
C GLY A 189 -19.62 20.59 -30.24
N TYR A 190 -20.81 20.94 -30.70
CA TYR A 190 -20.97 21.73 -31.91
C TYR A 190 -21.50 23.11 -31.56
N MET A 191 -20.64 24.12 -31.50
CA MET A 191 -19.19 24.04 -31.63
C MET A 191 -18.52 24.95 -30.60
N PRO A 192 -18.72 24.70 -29.30
CA PRO A 192 -18.25 25.65 -28.29
C PRO A 192 -16.77 25.93 -28.41
N VAL A 193 -16.40 27.17 -28.15
CA VAL A 193 -15.00 27.58 -28.06
C VAL A 193 -14.26 26.85 -26.93
N PRO A 194 -12.91 26.83 -26.95
CA PRO A 194 -12.11 26.39 -25.80
C PRO A 194 -12.34 27.23 -24.53
N PRO A 195 -12.01 26.69 -23.35
CA PRO A 195 -11.40 25.41 -23.04
C PRO A 195 -12.39 24.22 -23.13
N THR A 196 -13.70 24.49 -23.20
CA THR A 196 -14.68 23.49 -23.60
C THR A 196 -14.16 22.64 -24.77
N ASP A 197 -13.73 23.28 -25.84
CA ASP A 197 -13.16 22.58 -26.98
C ASP A 197 -11.65 22.48 -26.77
N THR A 198 -11.17 21.25 -26.61
CA THR A 198 -9.80 20.99 -26.19
C THR A 198 -8.93 20.52 -27.34
N MET A 199 -9.45 20.61 -28.56
CA MET A 199 -8.80 20.03 -29.73
C MET A 199 -8.68 21.01 -30.87
N MET A 200 -8.38 22.29 -30.56
CA MET A 200 -8.21 23.29 -31.62
C MET A 200 -6.81 23.24 -32.21
N ASP A 201 -5.78 23.16 -31.36
CA ASP A 201 -4.41 23.12 -31.85
C ASP A 201 -4.08 21.78 -32.45
N ILE A 202 -4.70 20.72 -31.95
CA ILE A 202 -4.51 19.43 -32.58
C ILE A 202 -5.32 19.36 -33.84
N ARG A 203 -6.40 20.15 -33.97
CA ARG A 203 -7.13 20.21 -35.23
C ARG A 203 -6.40 21.08 -36.26
N THR A 204 -5.79 22.19 -35.81
CA THR A 204 -4.97 22.98 -36.72
C THR A 204 -3.68 22.26 -37.11
N GLU A 205 -3.10 21.48 -36.19
CA GLU A 205 -1.92 20.68 -36.54
C GLU A 205 -2.24 19.66 -37.64
N ILE A 206 -3.34 18.93 -37.51
CA ILE A 206 -3.76 18.01 -38.57
C ILE A 206 -3.83 18.75 -39.90
N VAL A 207 -4.56 19.88 -39.92
CA VAL A 207 -4.76 20.61 -41.17
C VAL A 207 -3.42 20.98 -41.80
N LYS A 208 -2.56 21.67 -41.04
CA LYS A 208 -1.24 22.03 -41.55
C LYS A 208 -0.57 20.81 -42.17
N VAL A 209 -0.65 19.67 -41.48
CA VAL A 209 -0.01 18.45 -41.95
C VAL A 209 -0.75 17.88 -43.15
N LEU A 210 -2.08 17.99 -43.15
CA LEU A 210 -2.84 17.64 -44.36
C LEU A 210 -2.44 18.53 -45.53
N ASN A 211 -2.08 19.78 -45.22
CA ASN A 211 -1.75 20.71 -46.27
C ASN A 211 -0.40 20.38 -46.89
N GLN A 212 0.51 19.84 -46.09
CA GLN A 212 1.87 19.62 -46.55
C GLN A 212 2.07 18.27 -47.23
N VAL A 213 0.97 17.63 -47.66
CA VAL A 213 1.03 16.28 -48.25
C VAL A 213 0.09 16.21 -49.45
N GLY A 214 -0.39 17.36 -49.89
CA GLY A 214 -1.14 17.47 -51.13
C GLY A 214 -2.61 17.69 -50.92
N LEU A 215 -3.07 17.62 -49.69
CA LEU A 215 -4.47 17.89 -49.42
C LEU A 215 -4.64 19.39 -49.29
N GLU A 216 -5.46 19.95 -50.16
CA GLU A 216 -5.98 21.28 -49.91
C GLU A 216 -7.17 21.14 -48.98
N THR A 217 -7.25 22.05 -48.03
CA THR A 217 -8.24 21.94 -46.99
C THR A 217 -9.31 23.01 -47.20
N PHE A 218 -10.03 23.34 -46.13
CA PHE A 218 -11.21 24.16 -46.27
C PHE A 218 -11.72 24.52 -44.88
N VAL A 219 -12.46 23.62 -44.26
CA VAL A 219 -13.08 23.87 -42.96
C VAL A 219 -12.44 22.94 -41.93
N VAL A 220 -12.52 23.35 -40.67
CA VAL A 220 -11.89 22.65 -39.55
C VAL A 220 -12.74 22.84 -38.31
N HIS A 221 -13.51 21.83 -37.93
CA HIS A 221 -14.40 22.07 -36.80
C HIS A 221 -14.46 20.89 -35.84
N HIS A 222 -14.90 21.18 -34.63
CA HIS A 222 -15.30 20.19 -33.65
C HIS A 222 -16.75 19.81 -33.93
N GLU A 223 -17.06 18.51 -33.83
CA GLU A 223 -18.36 18.01 -34.29
C GLU A 223 -19.33 17.92 -33.11
N VAL A 224 -20.39 17.11 -33.26
CA VAL A 224 -21.46 17.07 -32.26
C VAL A 224 -21.08 16.17 -31.09
N ALA A 225 -20.36 15.08 -31.35
CA ALA A 225 -20.12 14.12 -30.28
C ALA A 225 -19.08 14.61 -29.29
N GLN A 226 -18.72 13.74 -28.33
CA GLN A 226 -17.98 14.20 -27.16
C GLN A 226 -16.52 14.47 -27.46
N ALA A 227 -15.87 13.72 -28.35
CA ALA A 227 -14.51 14.13 -28.79
C ALA A 227 -14.39 14.01 -30.32
N GLN A 228 -15.33 14.62 -31.03
CA GLN A 228 -15.41 14.48 -32.47
C GLN A 228 -14.81 15.70 -33.17
N GLY A 229 -14.51 15.54 -34.45
CA GLY A 229 -13.87 16.59 -35.22
C GLY A 229 -14.02 16.30 -36.69
N GLU A 230 -13.82 17.32 -37.53
CA GLU A 230 -14.00 17.13 -38.96
C GLU A 230 -13.16 18.14 -39.70
N VAL A 231 -12.61 17.74 -40.83
CA VAL A 231 -11.91 18.69 -41.67
C VAL A 231 -12.58 18.69 -43.04
N GLY A 232 -12.77 19.89 -43.59
CA GLY A 232 -13.29 20.04 -44.92
C GLY A 232 -12.16 19.93 -45.93
N VAL A 233 -12.23 18.95 -46.81
CA VAL A 233 -11.19 18.71 -47.80
C VAL A 233 -11.78 18.94 -49.20
N LYS A 234 -10.99 19.60 -50.06
CA LYS A 234 -11.44 19.88 -51.41
C LYS A 234 -11.62 18.59 -52.21
N PHE A 235 -12.69 18.55 -53.00
CA PHE A 235 -13.12 17.38 -53.74
C PHE A 235 -12.14 17.06 -54.88
N GLY A 236 -12.21 15.81 -55.36
CA GLY A 236 -11.45 15.40 -56.53
C GLY A 236 -12.14 14.37 -57.40
N ASP A 237 -11.42 13.74 -58.33
CA ASP A 237 -12.04 12.68 -59.12
C ASP A 237 -12.11 11.41 -58.28
N LEU A 238 -12.96 10.48 -58.76
CA LEU A 238 -13.34 9.29 -57.98
C LEU A 238 -12.14 8.53 -57.42
N VAL A 239 -11.01 8.52 -58.12
CA VAL A 239 -9.84 7.89 -57.55
C VAL A 239 -9.00 8.89 -56.76
N GLU A 240 -8.91 10.14 -57.22
CA GLU A 240 -8.14 11.13 -56.49
C GLU A 240 -8.74 11.41 -55.12
N ALA A 241 -10.05 11.56 -55.06
CA ALA A 241 -10.74 11.67 -53.78
C ALA A 241 -10.41 10.47 -52.90
N ALA A 242 -10.66 9.25 -53.39
CA ALA A 242 -10.48 8.08 -52.55
C ALA A 242 -9.03 7.88 -52.12
N ASP A 243 -8.08 8.40 -52.90
CA ASP A 243 -6.69 8.39 -52.48
C ASP A 243 -6.45 9.39 -51.35
N ASN A 244 -6.90 10.63 -51.56
CA ASN A 244 -6.84 11.65 -50.51
C ASN A 244 -7.66 11.27 -49.29
N VAL A 245 -8.53 10.25 -49.41
CA VAL A 245 -9.13 9.65 -48.23
C VAL A 245 -8.06 8.91 -47.45
N GLN A 246 -7.45 7.91 -48.08
CA GLN A 246 -6.41 7.14 -47.42
C GLN A 246 -5.41 8.06 -46.71
N LYS A 247 -5.05 9.18 -47.36
CA LYS A 247 -4.07 10.13 -46.80
C LYS A 247 -4.56 10.78 -45.50
N LEU A 248 -5.78 11.34 -45.52
CA LEU A 248 -6.28 12.02 -44.33
C LEU A 248 -6.25 11.11 -43.12
N LYS A 249 -6.81 9.89 -43.27
CA LYS A 249 -6.88 8.92 -42.18
C LYS A 249 -5.50 8.64 -41.60
N TYR A 250 -4.50 8.45 -42.47
CA TYR A 250 -3.12 8.29 -42.02
C TYR A 250 -2.67 9.47 -41.18
N VAL A 251 -2.95 10.69 -41.65
CA VAL A 251 -2.47 11.87 -40.95
C VAL A 251 -3.20 12.06 -39.64
N VAL A 252 -4.51 11.84 -39.63
CA VAL A 252 -5.26 12.05 -38.40
C VAL A 252 -4.85 11.03 -37.34
N LYS A 253 -4.65 9.77 -37.73
CA LYS A 253 -4.24 8.77 -36.75
C LYS A 253 -2.78 8.99 -36.29
N MET A 254 -1.93 9.55 -37.14
CA MET A 254 -0.53 9.77 -36.78
C MET A 254 -0.30 11.07 -36.03
N VAL A 255 -1.09 12.10 -36.30
CA VAL A 255 -1.00 13.31 -35.47
C VAL A 255 -1.56 13.03 -34.08
N ALA A 256 -2.68 12.31 -34.00
CA ALA A 256 -3.14 11.79 -32.71
C ALA A 256 -2.03 11.01 -31.99
N HIS A 257 -1.42 10.04 -32.67
CA HIS A 257 -0.41 9.20 -32.02
C HIS A 257 0.72 10.02 -31.42
N LEU A 258 1.48 10.74 -32.24
CA LEU A 258 2.62 11.46 -31.71
C LEU A 258 2.19 12.49 -30.70
N ASN A 259 0.92 12.89 -30.70
CA ASN A 259 0.40 13.67 -29.60
C ASN A 259 -0.03 12.82 -28.42
N GLY A 260 0.33 11.54 -28.37
CA GLY A 260 -0.01 10.69 -27.23
C GLY A 260 -1.47 10.37 -27.14
N LYS A 261 -2.14 10.25 -28.28
CA LYS A 261 -3.59 10.11 -28.34
C LYS A 261 -3.94 9.13 -29.45
N THR A 262 -5.18 8.71 -29.49
CA THR A 262 -5.53 7.65 -30.39
C THR A 262 -6.82 8.02 -31.11
N ALA A 263 -6.82 7.85 -32.43
CA ALA A 263 -7.85 8.36 -33.31
C ALA A 263 -8.62 7.20 -33.91
N THR A 264 -9.94 7.34 -34.02
CA THR A 264 -10.73 6.35 -34.72
C THR A 264 -11.58 7.04 -35.78
N PHE A 265 -11.93 6.29 -36.83
CA PHE A 265 -12.93 6.73 -37.82
C PHE A 265 -14.13 5.81 -37.86
N MET A 266 -14.26 4.89 -36.92
CA MET A 266 -15.37 3.95 -36.97
C MET A 266 -16.69 4.70 -36.88
N PRO A 267 -17.77 4.04 -37.31
CA PRO A 267 -19.09 4.70 -37.26
C PRO A 267 -19.55 5.06 -35.86
N LYS A 268 -19.75 4.12 -34.94
CA LYS A 268 -20.43 4.41 -33.68
C LYS A 268 -19.59 4.00 -32.48
N PRO A 269 -18.73 4.83 -32.03
CA PRO A 269 -17.89 4.43 -30.89
C PRO A 269 -18.60 4.58 -29.56
N LEU A 270 -19.43 5.62 -29.42
CA LEU A 270 -20.16 5.92 -28.19
C LEU A 270 -21.65 5.72 -28.41
N TYR A 271 -22.29 4.92 -27.55
CA TYR A 271 -23.74 4.77 -27.60
C TYR A 271 -24.39 5.99 -26.96
N GLY A 272 -25.50 6.45 -27.56
CA GLY A 272 -26.17 7.65 -27.08
C GLY A 272 -25.61 8.94 -27.63
N ASP A 273 -24.52 8.88 -28.37
CA ASP A 273 -23.92 10.05 -28.99
C ASP A 273 -23.81 9.82 -30.49
N ASN A 274 -23.61 10.92 -31.21
CA ASN A 274 -23.46 10.88 -32.65
C ASN A 274 -22.43 9.87 -33.11
N GLY A 275 -22.45 9.60 -34.40
CA GLY A 275 -21.46 8.73 -35.01
C GLY A 275 -20.82 9.39 -36.21
N SER A 276 -19.53 9.09 -36.40
CA SER A 276 -18.77 9.54 -37.57
C SER A 276 -19.41 8.98 -38.84
N GLY A 277 -19.73 9.87 -39.77
CA GLY A 277 -20.14 9.47 -41.10
C GLY A 277 -19.09 9.88 -42.13
N MET A 278 -19.24 9.33 -43.34
CA MET A 278 -18.49 9.79 -44.52
C MET A 278 -19.48 10.42 -45.50
N HIS A 279 -20.03 11.57 -45.10
CA HIS A 279 -20.84 12.34 -46.01
C HIS A 279 -20.10 12.52 -47.31
N THR A 280 -20.73 12.11 -48.42
CA THR A 280 -20.11 12.06 -49.73
C THR A 280 -20.85 13.00 -50.67
N HIS A 281 -20.14 14.01 -51.17
CA HIS A 281 -20.67 15.05 -52.03
C HIS A 281 -20.22 14.77 -53.46
N VAL A 282 -21.18 14.63 -54.39
CA VAL A 282 -20.89 14.07 -55.73
C VAL A 282 -21.53 14.90 -56.83
N SER A 283 -20.77 15.13 -57.91
CA SER A 283 -21.24 15.82 -59.11
C SER A 283 -20.54 15.21 -60.32
N VAL A 284 -21.17 15.37 -61.48
CA VAL A 284 -20.68 14.80 -62.74
C VAL A 284 -20.49 15.94 -63.74
N TRP A 285 -19.45 15.83 -64.56
CA TRP A 285 -19.04 16.92 -65.44
C TRP A 285 -18.73 16.40 -66.82
N LYS A 286 -19.20 17.11 -67.86
CA LYS A 286 -18.74 16.82 -69.21
C LYS A 286 -18.42 18.11 -69.95
N ASN A 287 -17.32 18.07 -70.73
CA ASN A 287 -16.90 19.15 -71.61
C ASN A 287 -16.91 20.50 -70.89
N ASN A 288 -16.16 20.54 -69.78
CA ASN A 288 -15.88 21.72 -68.96
C ASN A 288 -16.99 22.04 -67.95
N GLU A 289 -18.13 21.35 -67.93
CA GLU A 289 -19.22 21.84 -67.08
C GLU A 289 -20.07 20.72 -66.47
N ASN A 290 -20.94 21.16 -65.54
CA ASN A 290 -21.51 20.35 -64.46
C ASN A 290 -22.87 19.83 -64.88
N LEU A 291 -22.93 18.56 -65.28
CA LEU A 291 -24.18 17.93 -65.67
C LEU A 291 -25.21 17.89 -64.55
N PHE A 292 -24.85 18.27 -63.34
CA PHE A 292 -25.86 18.35 -62.29
C PHE A 292 -26.54 19.71 -62.24
N SER A 293 -25.99 20.72 -62.89
CA SER A 293 -26.61 22.03 -62.90
C SER A 293 -27.83 22.02 -63.81
N GLY A 294 -28.91 22.62 -63.33
CA GLY A 294 -30.13 22.65 -64.10
C GLY A 294 -31.15 23.61 -63.53
N GLU A 295 -32.39 23.42 -63.96
CA GLU A 295 -33.51 24.27 -63.61
C GLU A 295 -34.77 23.47 -63.25
N THR A 296 -34.61 22.20 -62.88
CA THR A 296 -35.74 21.31 -62.60
C THR A 296 -36.27 21.45 -61.18
N TYR A 297 -35.60 20.80 -60.21
CA TYR A 297 -35.88 20.99 -58.80
C TYR A 297 -34.66 21.64 -58.18
N LYS A 298 -34.86 22.79 -57.52
CA LYS A 298 -33.87 23.46 -56.66
C LYS A 298 -32.52 23.65 -57.34
N GLY A 299 -32.47 23.66 -58.66
CA GLY A 299 -31.21 23.82 -59.36
C GLY A 299 -30.50 22.53 -59.72
N LEU A 300 -31.16 21.38 -59.65
CA LEU A 300 -30.66 20.17 -60.26
C LEU A 300 -31.31 19.96 -61.62
N SER A 301 -30.80 18.95 -62.31
CA SER A 301 -31.24 18.58 -63.64
C SER A 301 -31.80 17.15 -63.66
N GLU A 302 -32.39 16.81 -64.80
CA GLU A 302 -32.85 15.45 -65.02
C GLU A 302 -31.69 14.46 -65.12
N PHE A 303 -30.46 14.92 -65.38
CA PHE A 303 -29.32 14.03 -65.23
C PHE A 303 -29.12 13.65 -63.76
N ALA A 304 -29.00 14.66 -62.89
CA ALA A 304 -28.77 14.45 -61.46
C ALA A 304 -29.90 13.67 -60.81
N LEU A 305 -31.14 14.11 -61.02
CA LEU A 305 -32.27 13.42 -60.39
C LEU A 305 -32.35 11.96 -60.81
N HIS A 306 -32.03 11.69 -62.07
CA HIS A 306 -31.92 10.32 -62.51
C HIS A 306 -30.73 9.63 -61.86
N PHE A 307 -29.57 10.30 -61.84
CA PHE A 307 -28.44 9.80 -61.06
C PHE A 307 -28.89 9.47 -59.65
N LEU A 308 -29.67 10.36 -59.05
CA LEU A 308 -30.13 10.18 -57.68
C LEU A 308 -31.12 9.05 -57.59
N GLY A 309 -31.92 8.84 -58.64
CA GLY A 309 -32.89 7.77 -58.64
C GLY A 309 -32.29 6.38 -58.75
N GLY A 310 -31.06 6.27 -59.24
CA GLY A 310 -30.38 4.99 -59.27
C GLY A 310 -29.78 4.65 -57.93
N VAL A 311 -29.28 5.66 -57.24
CA VAL A 311 -28.66 5.42 -55.96
C VAL A 311 -29.72 4.98 -54.94
N LEU A 312 -30.92 5.54 -55.05
CA LEU A 312 -31.99 5.14 -54.13
C LEU A 312 -32.51 3.76 -54.47
N ARG A 313 -32.47 3.38 -55.75
CA ARG A 313 -32.96 2.07 -56.12
C ARG A 313 -32.13 0.97 -55.49
N HIS A 314 -30.82 1.08 -55.62
CA HIS A 314 -29.91 0.04 -55.19
C HIS A 314 -29.22 0.39 -53.88
N ALA A 315 -29.85 1.23 -53.05
CA ALA A 315 -29.19 1.69 -51.82
C ALA A 315 -29.00 0.56 -50.83
N ARG A 316 -30.03 -0.25 -50.61
CA ARG A 316 -29.91 -1.38 -49.68
C ARG A 316 -28.85 -2.38 -50.14
N GLY A 317 -28.69 -2.56 -51.45
CA GLY A 317 -27.53 -3.30 -51.92
C GLY A 317 -26.26 -2.49 -51.78
N LEU A 318 -26.30 -1.24 -52.24
CA LEU A 318 -25.15 -0.35 -52.18
C LEU A 318 -24.57 -0.20 -50.78
N ALA A 319 -25.33 -0.56 -49.72
CA ALA A 319 -24.82 -0.44 -48.36
C ALA A 319 -23.77 -1.51 -48.05
N ALA A 320 -23.86 -2.69 -48.67
CA ALA A 320 -22.83 -3.70 -48.50
C ALA A 320 -21.43 -3.12 -48.72
N PHE A 321 -21.31 -2.09 -49.57
CA PHE A 321 -20.02 -1.53 -49.91
C PHE A 321 -19.71 -0.22 -49.21
N THR A 322 -20.75 0.56 -48.89
CA THR A 322 -20.64 1.90 -48.33
C THR A 322 -20.78 1.93 -46.81
N ASN A 323 -21.39 0.87 -46.25
CA ASN A 323 -21.63 0.70 -44.82
C ASN A 323 -21.17 -0.71 -44.44
N ALA A 324 -19.85 -0.91 -44.49
CA ALA A 324 -19.23 -2.21 -44.69
C ALA A 324 -19.00 -3.01 -43.41
N SER A 325 -19.33 -2.47 -42.25
CA SER A 325 -19.15 -3.19 -41.01
C SER A 325 -20.47 -3.29 -40.28
N THR A 326 -20.43 -3.94 -39.11
CA THR A 326 -21.64 -4.02 -38.30
C THR A 326 -21.83 -2.71 -37.55
N ASN A 327 -20.75 -2.17 -37.01
CA ASN A 327 -20.79 -0.91 -36.29
C ASN A 327 -21.31 0.26 -37.14
N SER A 328 -21.40 0.08 -38.48
CA SER A 328 -22.17 1.00 -39.30
C SER A 328 -23.64 0.98 -38.96
N TYR A 329 -24.17 -0.19 -38.66
CA TYR A 329 -25.59 -0.30 -38.41
C TYR A 329 -25.94 0.03 -36.97
N LYS A 330 -24.98 0.47 -36.16
CA LYS A 330 -25.35 1.11 -34.91
C LYS A 330 -25.47 2.62 -35.05
N ARG A 331 -25.10 3.15 -36.21
CA ARG A 331 -25.22 4.56 -36.53
C ARG A 331 -26.53 4.89 -37.24
N LEU A 332 -26.99 4.06 -38.17
CA LEU A 332 -28.28 4.29 -38.84
C LEU A 332 -29.47 4.02 -37.92
N ILE A 333 -29.37 4.53 -36.70
CA ILE A 333 -30.44 4.51 -35.70
C ILE A 333 -30.96 5.94 -35.63
N PRO A 334 -32.29 6.15 -35.63
CA PRO A 334 -32.80 7.52 -35.83
C PRO A 334 -32.46 8.45 -34.67
N GLY A 335 -32.18 9.70 -35.02
CA GLY A 335 -32.04 10.76 -34.06
C GLY A 335 -30.65 11.25 -33.75
N TYR A 336 -29.65 10.93 -34.60
CA TYR A 336 -28.26 11.30 -34.38
C TYR A 336 -27.66 11.95 -35.63
N GLU A 337 -28.53 12.56 -36.43
CA GLU A 337 -28.16 13.23 -37.69
C GLU A 337 -27.56 12.26 -38.71
N ALA A 338 -28.01 11.01 -38.65
CA ALA A 338 -27.59 9.99 -39.57
C ALA A 338 -28.79 9.49 -40.37
N PRO A 339 -28.66 9.32 -41.68
CA PRO A 339 -29.80 8.90 -42.50
C PRO A 339 -30.39 7.58 -42.05
N SER A 340 -31.69 7.55 -41.89
CA SER A 340 -32.30 6.25 -41.80
C SER A 340 -33.27 5.98 -42.94
N ILE A 341 -34.05 6.99 -43.35
CA ILE A 341 -35.05 6.83 -44.39
C ILE A 341 -34.38 7.09 -45.73
N LEU A 342 -34.45 6.12 -46.64
CA LEU A 342 -33.94 6.27 -48.00
C LEU A 342 -34.80 7.21 -48.85
N THR A 343 -34.73 8.52 -48.61
CA THR A 343 -35.39 9.50 -49.47
C THR A 343 -34.42 10.65 -49.66
N TYR A 344 -34.93 11.84 -50.03
CA TYR A 344 -34.06 12.99 -50.25
C TYR A 344 -34.82 14.29 -49.99
N SER A 345 -34.10 15.34 -49.56
CA SER A 345 -34.73 16.63 -49.25
C SER A 345 -33.69 17.76 -49.27
N ALA A 346 -34.19 18.99 -49.31
CA ALA A 346 -33.34 20.16 -49.38
C ALA A 346 -33.05 20.66 -47.98
N ASN A 347 -31.77 20.72 -47.63
CA ASN A 347 -31.28 21.28 -46.38
C ASN A 347 -31.74 20.48 -45.17
N ASN A 348 -31.94 19.16 -45.36
CA ASN A 348 -32.48 18.24 -44.36
C ASN A 348 -31.40 17.19 -44.01
N ARG A 349 -30.94 17.19 -42.75
CA ARG A 349 -29.96 16.22 -42.28
C ARG A 349 -30.58 14.92 -41.75
N SER A 350 -31.89 14.88 -41.51
CA SER A 350 -32.54 13.60 -41.22
C SER A 350 -32.81 12.79 -42.48
N ALA A 351 -32.44 13.31 -43.66
CA ALA A 351 -32.65 12.64 -44.94
C ALA A 351 -31.44 11.82 -45.37
N SER A 352 -31.69 10.83 -46.22
CA SER A 352 -30.60 10.02 -46.77
C SER A 352 -29.66 10.86 -47.60
N VAL A 353 -30.23 11.56 -48.57
CA VAL A 353 -29.51 12.44 -49.48
C VAL A 353 -29.88 13.84 -49.07
N ARG A 354 -28.97 14.78 -49.32
CA ARG A 354 -29.24 16.16 -48.96
C ARG A 354 -28.61 17.04 -50.00
N ILE A 355 -29.39 17.97 -50.52
CA ILE A 355 -28.90 18.95 -51.47
C ILE A 355 -28.58 20.23 -50.69
N PRO A 356 -27.36 20.70 -50.72
CA PRO A 356 -26.96 21.85 -49.90
C PRO A 356 -27.47 23.18 -50.47
N TYR A 357 -27.44 24.19 -49.60
CA TYR A 357 -28.02 25.50 -49.86
C TYR A 357 -27.24 26.31 -50.87
N GLY A 358 -25.90 26.34 -50.76
CA GLY A 358 -25.08 27.15 -51.64
C GLY A 358 -24.83 26.50 -52.98
N ILE A 359 -25.89 26.36 -53.77
CA ILE A 359 -25.88 25.53 -54.95
C ILE A 359 -25.80 26.45 -56.17
N SER A 360 -24.60 26.56 -56.70
CA SER A 360 -24.27 27.37 -57.85
C SER A 360 -24.32 26.48 -59.10
N LYS A 361 -23.71 26.94 -60.17
CA LYS A 361 -23.41 26.03 -61.28
C LYS A 361 -22.24 25.13 -60.94
N ASN A 362 -21.26 25.64 -60.18
CA ASN A 362 -20.06 24.88 -59.86
C ASN A 362 -20.26 23.94 -58.67
N SER A 363 -21.16 24.29 -57.74
CA SER A 363 -21.34 23.47 -56.55
C SER A 363 -22.32 22.33 -56.80
N ALA A 364 -23.55 22.66 -57.22
CA ALA A 364 -24.64 21.73 -57.56
C ALA A 364 -24.26 20.25 -57.45
N ARG A 365 -24.66 19.62 -56.34
CA ARG A 365 -24.19 18.29 -56.01
C ARG A 365 -25.27 17.62 -55.18
N PHE A 366 -25.04 16.35 -54.86
CA PHE A 366 -25.77 15.67 -53.80
C PHE A 366 -24.81 15.44 -52.66
N GLU A 367 -25.32 15.47 -51.44
CA GLU A 367 -24.59 14.98 -50.28
C GLU A 367 -25.25 13.67 -49.90
N PHE A 368 -24.62 12.57 -50.27
CA PHE A 368 -25.08 11.25 -49.82
C PHE A 368 -24.61 11.06 -48.39
N ARG A 369 -25.52 11.28 -47.43
CA ARG A 369 -25.14 11.42 -46.03
C ARG A 369 -24.88 10.09 -45.31
N PHE A 370 -25.25 8.95 -45.92
CA PHE A 370 -25.25 7.64 -45.27
C PHE A 370 -23.97 6.81 -45.26
N PRO A 371 -22.98 7.03 -46.13
CA PRO A 371 -21.74 6.25 -46.05
C PRO A 371 -21.01 6.51 -44.75
N ASP A 372 -20.13 5.58 -44.39
CA ASP A 372 -19.22 5.79 -43.27
C ASP A 372 -17.82 5.35 -43.68
N SER A 373 -16.88 5.55 -42.75
CA SER A 373 -15.48 5.35 -43.02
C SER A 373 -15.00 3.94 -42.71
N SER A 374 -15.90 3.05 -42.31
CA SER A 374 -15.54 1.63 -42.23
C SER A 374 -15.69 0.99 -43.61
N SER A 375 -15.55 1.81 -44.66
CA SER A 375 -15.74 1.42 -46.04
C SER A 375 -14.43 1.56 -46.79
N ASN A 376 -14.26 0.74 -47.81
CA ASN A 376 -13.18 1.03 -48.72
C ASN A 376 -13.60 2.22 -49.57
N PRO A 377 -12.92 3.37 -49.48
CA PRO A 377 -13.37 4.53 -50.26
C PRO A 377 -13.33 4.31 -51.76
N TYR A 378 -12.26 3.68 -52.27
CA TYR A 378 -12.20 3.27 -53.66
C TYR A 378 -13.45 2.50 -54.07
N LEU A 379 -13.85 1.52 -53.23
CA LEU A 379 -15.00 0.66 -53.54
C LEU A 379 -16.31 1.41 -53.39
N ALA A 380 -16.41 2.29 -52.38
CA ALA A 380 -17.67 2.94 -52.06
C ALA A 380 -17.99 4.10 -52.98
N PHE A 381 -16.98 4.77 -53.54
CA PHE A 381 -17.28 5.73 -54.61
C PHE A 381 -17.66 5.01 -55.89
N ALA A 382 -16.91 3.97 -56.27
CA ALA A 382 -17.19 3.23 -57.49
C ALA A 382 -18.61 2.70 -57.51
N ALA A 383 -19.09 2.20 -56.37
CA ALA A 383 -20.41 1.62 -56.36
C ALA A 383 -21.46 2.69 -56.53
N ILE A 384 -21.27 3.84 -55.87
CA ILE A 384 -22.13 5.01 -56.08
C ILE A 384 -22.18 5.36 -57.57
N LEU A 385 -21.02 5.54 -58.20
CA LEU A 385 -20.99 5.83 -59.63
C LEU A 385 -21.73 4.75 -60.41
N MET A 386 -21.34 3.48 -60.21
CA MET A 386 -22.01 2.40 -60.93
C MET A 386 -23.51 2.38 -60.64
N ALA A 387 -23.92 2.77 -59.42
CA ALA A 387 -25.34 2.82 -59.08
C ALA A 387 -26.03 4.08 -59.63
N GLY A 388 -25.28 5.16 -59.82
CA GLY A 388 -25.84 6.40 -60.35
C GLY A 388 -25.94 6.44 -61.87
N MET A 389 -24.96 5.86 -62.57
CA MET A 389 -25.06 5.80 -64.01
C MET A 389 -26.24 4.94 -64.44
N ASP A 390 -26.41 3.79 -63.79
CA ASP A 390 -27.61 3.02 -64.06
C ASP A 390 -28.85 3.89 -63.90
N GLY A 391 -28.76 4.90 -63.06
CA GLY A 391 -29.91 5.78 -62.85
C GLY A 391 -30.17 6.66 -64.07
N VAL A 392 -29.12 7.21 -64.65
CA VAL A 392 -29.36 8.02 -65.83
C VAL A 392 -29.51 7.13 -67.06
N LYS A 393 -28.65 6.11 -67.19
CA LYS A 393 -28.76 5.17 -68.30
C LYS A 393 -30.17 4.60 -68.42
N ASN A 394 -30.90 4.48 -67.31
CA ASN A 394 -32.27 3.95 -67.31
C ASN A 394 -33.33 4.95 -66.89
N LYS A 395 -33.01 6.24 -66.83
CA LYS A 395 -33.96 7.27 -66.49
C LYS A 395 -34.86 6.83 -65.32
N ILE A 396 -34.20 6.53 -64.21
CA ILE A 396 -34.84 6.00 -63.01
C ILE A 396 -35.29 7.18 -62.14
N ASP A 397 -36.60 7.25 -61.88
CA ASP A 397 -37.15 8.30 -61.03
C ASP A 397 -36.55 8.21 -59.64
N PRO A 398 -36.42 9.34 -58.94
CA PRO A 398 -36.09 9.32 -57.51
C PRO A 398 -37.29 9.45 -56.58
N GLY A 399 -38.52 9.31 -57.09
CA GLY A 399 -39.71 9.52 -56.28
C GLY A 399 -39.74 10.98 -55.83
N GLU A 400 -40.65 11.28 -54.92
CA GLU A 400 -40.71 12.66 -54.46
C GLU A 400 -39.91 12.88 -53.16
N ALA A 401 -39.73 14.15 -52.83
CA ALA A 401 -38.87 14.57 -51.75
C ALA A 401 -39.70 14.89 -50.53
N MET A 402 -39.22 14.44 -49.36
CA MET A 402 -39.94 14.55 -48.09
C MET A 402 -39.24 15.62 -47.25
N ASP A 403 -39.80 16.83 -47.29
CA ASP A 403 -39.22 17.95 -46.55
C ASP A 403 -39.77 17.97 -45.12
N ILE A 404 -39.51 16.87 -44.39
CA ILE A 404 -39.98 16.66 -43.02
C ILE A 404 -38.88 16.07 -42.16
N ASN A 405 -39.03 16.21 -40.83
CA ASN A 405 -38.15 15.49 -39.92
C ASN A 405 -38.38 14.00 -40.08
N LEU A 406 -37.43 13.34 -40.76
CA LEU A 406 -37.59 11.93 -41.12
C LEU A 406 -37.39 11.00 -39.94
N PHE A 407 -36.82 11.50 -38.85
CA PHE A 407 -36.78 10.69 -37.65
C PHE A 407 -38.19 10.49 -37.10
N LYS A 408 -39.03 11.51 -37.21
CA LYS A 408 -40.32 11.54 -36.52
C LYS A 408 -41.40 10.78 -37.30
N LEU A 409 -41.02 9.73 -38.01
CA LEU A 409 -41.96 8.81 -38.63
C LEU A 409 -42.20 7.61 -37.72
N THR A 410 -43.45 7.40 -37.30
CA THR A 410 -43.77 6.25 -36.46
C THR A 410 -43.39 4.96 -37.19
N LEU A 411 -43.03 3.94 -36.39
CA LEU A 411 -42.57 2.68 -36.97
C LEU A 411 -43.63 2.03 -37.87
N ASP A 412 -44.92 2.34 -37.66
CA ASP A 412 -46.02 1.79 -38.45
C ASP A 412 -46.33 2.65 -39.69
N GLU A 413 -46.17 3.96 -39.60
CA GLU A 413 -46.59 4.83 -40.68
C GLU A 413 -45.56 4.91 -41.77
N ILE A 414 -44.30 4.53 -41.51
CA ILE A 414 -43.44 4.26 -42.64
C ILE A 414 -43.90 3.00 -43.35
N ARG A 415 -44.51 2.07 -42.60
CA ARG A 415 -45.05 0.85 -43.19
C ARG A 415 -46.26 1.16 -44.07
N GLU A 416 -47.10 2.11 -43.66
CA GLU A 416 -48.21 2.52 -44.50
C GLU A 416 -47.77 3.44 -45.63
N LYS A 417 -46.70 4.23 -45.43
CA LYS A 417 -46.26 5.18 -46.45
C LYS A 417 -45.65 4.49 -47.67
N GLY A 418 -45.12 3.27 -47.51
CA GLY A 418 -44.50 2.48 -48.58
C GLY A 418 -43.27 3.20 -49.15
N ILE A 419 -42.25 3.31 -48.29
CA ILE A 419 -40.99 3.94 -48.65
C ILE A 419 -39.83 3.14 -48.03
N LYS A 420 -38.79 2.93 -48.84
CA LYS A 420 -37.64 2.13 -48.45
C LYS A 420 -36.84 2.84 -47.34
N GLN A 421 -36.28 2.04 -46.45
CA GLN A 421 -35.33 2.51 -45.46
C GLN A 421 -34.05 1.71 -45.60
N MET A 422 -33.10 1.97 -44.70
CA MET A 422 -31.87 1.20 -44.68
C MET A 422 -32.12 -0.23 -44.23
N PRO A 423 -31.23 -1.15 -44.58
CA PRO A 423 -31.19 -2.44 -43.89
C PRO A 423 -30.65 -2.24 -42.48
N HIS A 424 -31.16 -3.05 -41.56
CA HIS A 424 -30.76 -2.87 -40.17
C HIS A 424 -29.46 -3.57 -39.79
N THR A 425 -29.00 -4.56 -40.58
CA THR A 425 -27.80 -5.33 -40.28
C THR A 425 -26.89 -5.36 -41.50
N LEU A 426 -25.68 -5.87 -41.32
CA LEU A 426 -24.79 -6.03 -42.46
C LEU A 426 -25.12 -7.31 -43.21
N ARG A 427 -25.40 -8.39 -42.49
CA ARG A 427 -25.89 -9.60 -43.12
C ARG A 427 -27.00 -9.28 -44.10
N ARG A 428 -27.94 -8.41 -43.69
CA ARG A 428 -29.09 -8.07 -44.51
C ARG A 428 -28.67 -7.39 -45.81
N SER A 429 -27.85 -6.34 -45.70
CA SER A 429 -27.49 -5.58 -46.90
C SER A 429 -26.49 -6.31 -47.77
N LEU A 430 -25.88 -7.37 -47.25
CA LEU A 430 -25.12 -8.26 -48.11
C LEU A 430 -26.04 -9.04 -49.03
N GLU A 431 -27.16 -9.55 -48.49
CA GLU A 431 -28.15 -10.25 -49.30
C GLU A 431 -28.73 -9.35 -50.38
N GLU A 432 -29.25 -8.19 -49.97
CA GLU A 432 -29.75 -7.20 -50.91
C GLU A 432 -28.74 -7.00 -52.02
N MET A 433 -27.46 -7.02 -51.67
CA MET A 433 -26.42 -6.72 -52.63
C MET A 433 -26.18 -7.91 -53.56
N LEU A 434 -26.38 -9.13 -53.06
CA LEU A 434 -26.25 -10.30 -53.92
C LEU A 434 -27.50 -10.54 -54.74
N ALA A 435 -28.66 -10.08 -54.30
CA ALA A 435 -29.85 -10.14 -55.15
C ALA A 435 -29.89 -9.03 -56.20
N ASP A 436 -28.90 -8.14 -56.21
CA ASP A 436 -28.93 -6.91 -57.01
C ASP A 436 -27.50 -6.50 -57.38
N LYS A 437 -26.78 -7.37 -58.09
CA LYS A 437 -25.41 -7.03 -58.43
C LYS A 437 -25.25 -6.53 -59.86
N GLN A 438 -26.29 -6.68 -60.69
CA GLN A 438 -26.15 -6.60 -62.13
C GLN A 438 -25.62 -5.24 -62.61
N TYR A 439 -25.92 -4.15 -61.87
CA TYR A 439 -25.38 -2.85 -62.25
C TYR A 439 -23.90 -2.72 -61.93
N LEU A 440 -23.42 -3.48 -60.95
CA LEU A 440 -22.01 -3.40 -60.59
C LEU A 440 -21.15 -4.10 -61.63
N LYS A 441 -21.69 -5.12 -62.28
CA LYS A 441 -20.98 -5.94 -63.24
C LYS A 441 -20.92 -5.31 -64.63
N GLU A 442 -21.47 -4.12 -64.82
CA GLU A 442 -21.33 -3.41 -66.09
C GLU A 442 -19.87 -3.28 -66.49
N SER A 443 -19.55 -3.70 -67.72
CA SER A 443 -18.26 -3.43 -68.35
C SER A 443 -17.09 -4.00 -67.56
N GLN A 444 -17.36 -5.00 -66.70
CA GLN A 444 -16.37 -5.77 -65.96
C GLN A 444 -15.67 -4.97 -64.84
N VAL A 445 -16.27 -3.87 -64.35
CA VAL A 445 -15.71 -3.16 -63.19
C VAL A 445 -15.62 -4.10 -61.99
N PHE A 446 -16.78 -4.58 -61.53
CA PHE A 446 -16.86 -5.57 -60.47
C PHE A 446 -17.07 -6.92 -61.12
N SER A 447 -16.13 -7.84 -60.91
CA SER A 447 -16.34 -9.19 -61.45
C SER A 447 -17.10 -10.05 -60.44
N GLU A 448 -17.78 -11.08 -60.95
CA GLU A 448 -18.54 -11.95 -60.08
C GLU A 448 -17.62 -12.69 -59.12
N GLU A 449 -16.34 -12.82 -59.48
CA GLU A 449 -15.37 -13.28 -58.49
C GLU A 449 -15.27 -12.29 -57.33
N PHE A 450 -14.95 -11.02 -57.63
CA PHE A 450 -14.77 -10.02 -56.56
C PHE A 450 -15.98 -9.98 -55.65
N ILE A 451 -17.16 -9.83 -56.24
CA ILE A 451 -18.37 -9.68 -55.43
C ILE A 451 -18.52 -10.86 -54.50
N GLN A 452 -17.99 -12.02 -54.88
CA GLN A 452 -18.10 -13.17 -54.00
C GLN A 452 -17.03 -13.15 -52.91
N ALA A 453 -15.75 -13.02 -53.27
CA ALA A 453 -14.67 -12.98 -52.26
C ALA A 453 -14.94 -11.91 -51.22
N TYR A 454 -15.54 -10.80 -51.65
CA TYR A 454 -15.99 -9.76 -50.73
C TYR A 454 -17.04 -10.29 -49.77
N GLN A 455 -18.17 -10.72 -50.32
CA GLN A 455 -19.22 -11.38 -49.55
C GLN A 455 -18.67 -12.44 -48.58
N SER A 456 -17.75 -13.27 -49.06
CA SER A 456 -17.17 -14.30 -48.20
C SER A 456 -16.16 -13.73 -47.21
N LEU A 457 -15.67 -12.50 -47.44
CA LEU A 457 -14.84 -11.81 -46.46
C LEU A 457 -15.67 -11.16 -45.38
N LYS A 458 -16.67 -10.37 -45.78
CA LYS A 458 -17.45 -9.61 -44.82
C LYS A 458 -18.31 -10.53 -43.96
N PHE A 459 -18.92 -11.57 -44.55
CA PHE A 459 -19.67 -12.54 -43.74
C PHE A 459 -18.78 -13.16 -42.67
N ASN A 460 -17.50 -13.38 -42.99
CA ASN A 460 -16.61 -14.12 -42.10
C ASN A 460 -15.87 -13.23 -41.12
N ALA A 461 -15.51 -12.03 -41.58
CA ALA A 461 -14.78 -11.07 -40.77
C ALA A 461 -15.69 -10.27 -39.84
N GLU A 462 -16.99 -10.19 -40.15
CA GLU A 462 -17.88 -9.21 -39.52
C GLU A 462 -19.19 -9.82 -39.04
N VAL A 463 -19.95 -10.47 -39.92
CA VAL A 463 -21.31 -10.89 -39.56
C VAL A 463 -21.28 -12.07 -38.61
N PHE A 464 -20.52 -13.09 -38.95
CA PHE A 464 -20.45 -14.28 -38.10
C PHE A 464 -19.93 -14.00 -36.69
N PRO A 465 -18.88 -13.20 -36.49
CA PRO A 465 -18.48 -12.91 -35.10
C PRO A 465 -19.59 -12.23 -34.30
N TRP A 466 -20.31 -11.31 -34.92
CA TRP A 466 -21.36 -10.60 -34.20
C TRP A 466 -22.48 -11.55 -33.78
N GLU A 467 -22.88 -12.45 -34.67
CA GLU A 467 -24.00 -13.33 -34.37
C GLU A 467 -23.69 -14.37 -33.33
N SER A 468 -22.43 -14.58 -33.03
CA SER A 468 -22.02 -15.69 -32.22
C SER A 468 -21.29 -15.26 -30.96
N LYS A 469 -21.00 -13.97 -30.81
CA LYS A 469 -20.32 -13.51 -29.62
C LYS A 469 -21.32 -12.83 -28.71
N PRO A 470 -21.52 -13.37 -27.51
CA PRO A 470 -22.42 -12.75 -26.53
C PRO A 470 -22.16 -11.26 -26.36
N HIS A 471 -23.26 -10.45 -26.42
CA HIS A 471 -23.26 -9.00 -26.22
C HIS A 471 -23.43 -8.68 -24.73
N PRO A 472 -22.59 -7.80 -24.12
CA PRO A 472 -22.84 -7.36 -22.75
C PRO A 472 -24.31 -7.20 -22.35
N PHE A 473 -25.10 -6.47 -23.15
CA PHE A 473 -26.46 -6.13 -22.74
C PHE A 473 -27.34 -7.37 -22.54
N GLU A 474 -27.18 -8.39 -23.38
CA GLU A 474 -27.91 -9.63 -23.22
C GLU A 474 -27.85 -10.15 -21.79
N PHE A 475 -26.81 -9.77 -21.04
CA PHE A 475 -26.67 -10.24 -19.67
C PHE A 475 -27.57 -9.47 -18.73
N ILE A 476 -27.90 -8.23 -19.09
CA ILE A 476 -28.90 -7.50 -18.33
C ILE A 476 -30.27 -8.10 -18.53
N THR A 477 -30.57 -8.54 -19.74
CA THR A 477 -31.91 -8.92 -20.15
C THR A 477 -32.20 -10.37 -19.87
N THR A 478 -31.19 -11.21 -19.93
CA THR A 478 -31.42 -12.62 -20.04
C THR A 478 -30.66 -13.42 -19.00
N TYR A 479 -29.82 -12.80 -18.17
CA TYR A 479 -29.14 -13.59 -17.16
C TYR A 479 -30.14 -14.27 -16.23
N SER A 480 -31.23 -13.61 -15.89
CA SER A 480 -32.17 -14.19 -14.94
C SER A 480 -33.35 -14.89 -15.59
N CYS A 481 -33.51 -14.76 -16.91
CA CYS A 481 -34.42 -15.63 -17.64
C CYS A 481 -34.24 -17.11 -17.21
N ASN B 7 46.94 -13.70 -45.20
CA ASN B 7 46.85 -12.27 -45.56
C ASN B 7 48.03 -11.74 -46.38
N SER B 8 47.77 -11.32 -47.62
CA SER B 8 48.81 -10.67 -48.41
C SER B 8 49.20 -9.36 -47.74
N GLU B 9 50.51 -9.06 -47.77
CA GLU B 9 51.01 -7.86 -47.10
C GLU B 9 50.29 -6.60 -47.58
N SER B 10 49.89 -6.57 -48.86
CA SER B 10 49.12 -5.43 -49.38
C SER B 10 47.84 -5.23 -48.58
N LYS B 11 47.27 -6.32 -48.05
CA LYS B 11 46.04 -6.22 -47.25
C LYS B 11 46.31 -5.64 -45.87
N ILE B 12 47.40 -6.05 -45.23
CA ILE B 12 47.65 -5.67 -43.86
C ILE B 12 47.90 -4.18 -43.66
N LYS B 13 48.02 -3.37 -44.71
CA LYS B 13 48.23 -1.94 -44.48
C LYS B 13 47.25 -1.03 -45.19
N GLU B 14 46.53 -1.48 -46.21
CA GLU B 14 45.26 -0.81 -46.45
C GLU B 14 44.42 -0.91 -45.20
N PHE B 15 44.66 -1.94 -44.40
CA PHE B 15 44.04 -2.20 -43.11
C PHE B 15 44.54 -1.24 -42.04
N PHE B 16 45.86 -1.21 -41.81
CA PHE B 16 46.41 -0.40 -40.72
C PHE B 16 46.20 1.09 -40.94
N GLU B 17 46.03 1.54 -42.18
CA GLU B 17 45.76 2.95 -42.44
C GLU B 17 44.27 3.27 -42.34
N PHE B 18 43.44 2.33 -42.75
CA PHE B 18 42.01 2.44 -42.50
C PHE B 18 41.75 2.70 -41.02
N CYS B 19 42.33 1.88 -40.15
CA CYS B 19 42.25 2.13 -38.71
C CYS B 19 42.87 3.47 -38.36
N LYS B 20 44.05 3.76 -38.93
CA LYS B 20 44.70 5.05 -38.68
C LYS B 20 43.76 6.21 -39.06
N GLU B 21 42.96 6.04 -40.12
CA GLU B 21 42.09 7.11 -40.60
C GLU B 21 40.89 7.34 -39.69
N ASN B 22 40.28 6.26 -39.19
CA ASN B 22 39.10 6.34 -38.33
C ASN B 22 39.43 6.63 -36.87
N GLU B 23 40.71 6.76 -36.53
CA GLU B 23 41.15 6.93 -35.15
C GLU B 23 40.69 5.74 -34.28
N VAL B 24 40.91 4.53 -34.80
CA VAL B 24 40.51 3.31 -34.11
C VAL B 24 41.21 3.19 -32.77
N GLU B 25 40.48 2.75 -31.75
CA GLU B 25 41.10 2.57 -30.44
C GLU B 25 41.27 1.12 -30.06
N PHE B 26 40.47 0.21 -30.61
CA PHE B 26 40.56 -1.22 -30.30
C PHE B 26 40.31 -2.05 -31.56
N VAL B 27 40.79 -3.30 -31.54
CA VAL B 27 40.46 -4.26 -32.59
C VAL B 27 39.67 -5.39 -31.95
N ASP B 28 38.45 -5.61 -32.42
CA ASP B 28 37.63 -6.71 -31.92
C ASP B 28 37.74 -7.84 -32.94
N PHE B 29 38.56 -8.83 -32.62
CA PHE B 29 38.52 -10.05 -33.42
C PHE B 29 37.25 -10.82 -33.06
N ARG B 30 36.53 -11.30 -34.08
CA ARG B 30 35.22 -11.91 -33.88
C ARG B 30 35.14 -13.23 -34.62
N PHE B 31 34.69 -14.26 -33.91
CA PHE B 31 34.59 -15.60 -34.47
C PHE B 31 33.30 -16.25 -33.99
N SER B 32 32.96 -17.38 -34.61
CA SER B 32 31.73 -18.10 -34.35
C SER B 32 32.05 -19.53 -33.97
N ASP B 33 31.29 -20.09 -33.02
CA ASP B 33 31.47 -21.48 -32.64
C ASP B 33 30.41 -22.34 -33.31
N ILE B 34 30.45 -23.64 -32.99
CA ILE B 34 29.62 -24.60 -33.70
C ILE B 34 28.15 -24.23 -33.58
N LYS B 35 27.74 -23.72 -32.41
CA LYS B 35 26.36 -23.34 -32.22
C LYS B 35 25.95 -22.13 -33.08
N GLY B 36 26.91 -21.27 -33.43
CA GLY B 36 26.63 -20.07 -34.20
C GLY B 36 26.72 -18.79 -33.41
N THR B 37 27.07 -18.87 -32.15
CA THR B 37 27.32 -17.65 -31.40
C THR B 37 28.53 -16.92 -31.96
N TRP B 38 28.39 -15.63 -32.24
CA TRP B 38 29.54 -14.80 -32.54
C TRP B 38 30.26 -14.47 -31.23
N ASN B 39 31.53 -14.85 -31.11
CA ASN B 39 32.30 -14.52 -29.91
C ASN B 39 33.42 -13.56 -30.26
N HIS B 40 33.80 -12.72 -29.29
CA HIS B 40 34.67 -11.61 -29.58
C HIS B 40 35.70 -11.40 -28.47
N ILE B 41 36.86 -10.92 -28.88
CA ILE B 41 37.97 -10.58 -28.00
C ILE B 41 38.65 -9.36 -28.61
N ALA B 42 39.07 -8.41 -27.76
CA ALA B 42 39.53 -7.10 -28.22
C ALA B 42 40.96 -6.85 -27.81
N TYR B 43 41.72 -6.31 -28.76
CA TYR B 43 43.08 -5.83 -28.51
C TYR B 43 43.10 -4.30 -28.55
N SER B 44 43.82 -3.69 -27.59
CA SER B 44 44.24 -2.31 -27.78
C SER B 44 44.94 -2.18 -29.12
N PHE B 45 44.78 -1.03 -29.78
CA PHE B 45 45.31 -0.93 -31.13
C PHE B 45 46.83 -0.82 -31.13
N GLY B 46 47.40 0.03 -30.27
CA GLY B 46 48.83 0.24 -30.28
C GLY B 46 49.65 -1.02 -30.07
N ALA B 47 49.15 -1.94 -29.26
CA ALA B 47 49.85 -3.19 -29.03
C ALA B 47 49.72 -4.18 -30.18
N LEU B 48 49.05 -3.79 -31.25
CA LEU B 48 48.86 -4.65 -32.39
C LEU B 48 50.08 -4.59 -33.30
N THR B 49 50.49 -5.76 -33.79
CA THR B 49 51.69 -5.89 -34.60
C THR B 49 51.30 -6.35 -36.00
N HIS B 50 52.15 -6.06 -36.97
CA HIS B 50 52.00 -6.73 -38.26
C HIS B 50 52.08 -8.24 -38.09
N GLY B 51 52.91 -8.71 -37.14
CA GLY B 51 53.11 -10.13 -36.95
C GLY B 51 51.93 -10.86 -36.32
N MET B 52 51.21 -10.21 -35.41
CA MET B 52 50.04 -10.85 -34.82
C MET B 52 48.94 -11.11 -35.84
N LEU B 53 48.91 -10.38 -36.97
CA LEU B 53 47.93 -10.60 -38.04
C LEU B 53 48.44 -11.54 -39.13
N LYS B 54 49.73 -11.89 -39.10
CA LYS B 54 50.29 -12.96 -39.92
C LYS B 54 50.29 -14.28 -39.15
N GLU B 55 50.72 -14.22 -37.88
CA GLU B 55 50.73 -15.41 -37.01
C GLU B 55 49.35 -15.63 -36.37
N GLY B 56 48.95 -14.78 -35.43
CA GLY B 56 47.61 -14.88 -34.90
C GLY B 56 47.51 -14.48 -33.43
N ILE B 57 46.32 -14.70 -32.89
CA ILE B 57 45.97 -14.43 -31.50
C ILE B 57 45.73 -15.75 -30.80
N PRO B 58 46.31 -16.01 -29.63
CA PRO B 58 45.93 -17.18 -28.84
C PRO B 58 44.54 -17.04 -28.22
N PHE B 59 43.88 -18.18 -27.99
CA PHE B 59 42.69 -18.14 -27.17
C PHE B 59 42.43 -19.51 -26.55
N ASP B 60 41.65 -19.50 -25.47
CA ASP B 60 41.30 -20.73 -24.73
C ASP B 60 40.10 -21.35 -25.42
N ALA B 61 40.36 -22.37 -26.26
CA ALA B 61 39.30 -22.98 -27.04
C ALA B 61 38.48 -24.02 -26.27
N SER B 62 39.03 -24.60 -25.21
CA SER B 62 38.25 -25.51 -24.38
C SER B 62 36.97 -24.87 -23.84
N CYS B 63 36.81 -23.57 -23.97
CA CYS B 63 35.63 -22.85 -23.47
C CYS B 63 34.41 -22.99 -24.36
N PHE B 64 34.40 -23.87 -25.37
CA PHE B 64 33.33 -23.89 -26.36
C PHE B 64 32.85 -25.32 -26.59
N LYS B 65 31.54 -25.54 -26.44
CA LYS B 65 31.00 -26.88 -26.66
C LYS B 65 31.42 -27.40 -28.03
N GLY B 66 31.96 -28.62 -28.05
CA GLY B 66 32.28 -29.27 -29.31
C GLY B 66 33.63 -28.95 -29.88
N TRP B 67 34.59 -28.53 -29.06
CA TRP B 67 35.88 -28.15 -29.61
C TRP B 67 36.98 -28.90 -28.90
N GLN B 68 37.88 -28.17 -28.26
CA GLN B 68 39.03 -28.80 -27.66
C GLN B 68 38.76 -29.12 -26.20
N GLY B 69 39.46 -30.15 -25.71
CA GLY B 69 39.50 -30.44 -24.29
C GLY B 69 40.63 -29.70 -23.60
N ILE B 70 40.33 -29.19 -22.40
CA ILE B 70 41.20 -28.54 -21.43
C ILE B 70 42.70 -28.93 -21.46
N GLU B 71 42.99 -30.22 -21.70
CA GLU B 71 44.36 -30.72 -21.76
C GLU B 71 45.14 -30.17 -22.93
N HIS B 72 44.42 -29.77 -24.01
CA HIS B 72 44.97 -29.15 -25.22
C HIS B 72 44.16 -27.87 -25.49
N SER B 73 44.30 -26.91 -24.57
CA SER B 73 43.43 -25.74 -24.57
C SER B 73 43.71 -24.82 -25.74
N ASP B 74 44.99 -24.47 -25.91
CA ASP B 74 45.37 -23.32 -26.73
C ASP B 74 44.95 -23.51 -28.18
N MET B 75 44.41 -22.45 -28.78
CA MET B 75 44.21 -22.37 -30.23
C MET B 75 44.66 -20.99 -30.72
N ILE B 76 44.72 -20.85 -32.05
CA ILE B 76 45.11 -19.61 -32.71
C ILE B 76 43.93 -19.07 -33.50
N LEU B 77 43.55 -17.81 -33.24
CA LEU B 77 42.66 -17.10 -34.14
C LEU B 77 43.48 -16.52 -35.29
N THR B 78 42.95 -16.61 -36.50
CA THR B 78 43.63 -16.13 -37.72
C THR B 78 42.81 -15.03 -38.35
N PRO B 79 43.22 -13.77 -38.27
CA PRO B 79 42.36 -12.69 -38.76
C PRO B 79 42.16 -12.77 -40.27
N ASP B 80 40.95 -12.37 -40.70
CA ASP B 80 40.57 -12.28 -42.12
C ASP B 80 40.18 -10.84 -42.43
N LEU B 81 40.89 -10.23 -43.38
CA LEU B 81 40.76 -8.81 -43.66
C LEU B 81 39.79 -8.49 -44.80
N VAL B 82 38.75 -9.29 -44.99
CA VAL B 82 37.60 -8.86 -45.77
C VAL B 82 36.50 -8.45 -44.80
N ARG B 83 35.77 -7.40 -45.18
CA ARG B 83 34.47 -7.04 -44.60
C ARG B 83 34.59 -6.54 -43.15
N TYR B 84 35.68 -5.91 -42.76
CA TYR B 84 35.71 -5.29 -41.44
C TYR B 84 34.85 -4.02 -41.43
N PHE B 85 34.57 -3.53 -40.23
CA PHE B 85 33.66 -2.40 -40.07
C PHE B 85 33.92 -1.75 -38.71
N ILE B 86 33.71 -0.43 -38.66
CA ILE B 86 33.74 0.31 -37.40
C ILE B 86 32.47 -0.02 -36.63
N ASP B 87 32.63 -0.45 -35.38
CA ASP B 87 31.48 -0.97 -34.65
C ASP B 87 30.54 0.16 -34.32
N PRO B 88 29.29 0.10 -34.76
CA PRO B 88 28.39 1.26 -34.57
C PRO B 88 28.18 1.63 -33.12
N PHE B 89 28.29 0.67 -32.18
CA PHE B 89 27.77 0.89 -30.84
C PHE B 89 28.81 0.95 -29.74
N SER B 90 30.06 0.58 -29.99
CA SER B 90 31.08 0.72 -28.96
C SER B 90 31.37 2.19 -28.67
N ALA B 91 31.60 2.52 -27.39
CA ALA B 91 31.76 3.91 -26.97
C ALA B 91 33.11 4.49 -27.32
N ASP B 92 34.06 3.64 -27.74
CA ASP B 92 35.41 4.05 -28.11
C ASP B 92 35.80 3.32 -29.39
N VAL B 93 36.21 4.08 -30.41
CA VAL B 93 36.22 3.61 -31.80
C VAL B 93 36.83 2.22 -31.89
N SER B 94 36.10 1.30 -32.51
CA SER B 94 36.55 -0.08 -32.70
C SER B 94 36.24 -0.57 -34.10
N VAL B 95 37.17 -1.33 -34.66
CA VAL B 95 36.92 -2.07 -35.89
C VAL B 95 36.70 -3.52 -35.52
N VAL B 96 35.99 -4.24 -36.37
CA VAL B 96 35.67 -5.66 -36.15
C VAL B 96 36.31 -6.47 -37.28
N VAL B 97 36.95 -7.59 -36.92
CA VAL B 97 37.67 -8.43 -37.89
C VAL B 97 37.17 -9.87 -37.75
N PHE B 98 36.71 -10.44 -38.86
CA PHE B 98 36.34 -11.85 -38.88
C PHE B 98 37.58 -12.72 -38.86
N CYS B 99 37.61 -13.69 -37.96
CA CYS B 99 38.72 -14.63 -37.87
C CYS B 99 38.22 -16.05 -38.15
N ASP B 100 39.16 -16.94 -38.48
CA ASP B 100 38.97 -18.39 -38.39
C ASP B 100 39.73 -18.91 -37.17
N VAL B 101 39.58 -20.22 -36.93
CA VAL B 101 40.32 -20.93 -35.90
C VAL B 101 41.37 -21.81 -36.59
N TYR B 102 42.62 -21.72 -36.15
CA TYR B 102 43.71 -22.50 -36.72
C TYR B 102 44.06 -23.65 -35.78
N ASP B 103 43.91 -24.88 -36.26
CA ASP B 103 44.22 -26.04 -35.43
C ASP B 103 45.72 -26.08 -35.23
N VAL B 104 46.14 -25.62 -34.04
CA VAL B 104 47.51 -25.49 -33.62
C VAL B 104 48.11 -26.86 -33.29
N TYR B 105 47.34 -27.92 -33.57
CA TYR B 105 47.77 -29.27 -33.24
C TYR B 105 48.00 -30.13 -34.47
N LYS B 106 47.01 -30.26 -35.35
CA LYS B 106 47.31 -30.88 -36.63
C LYS B 106 48.02 -29.93 -37.58
N ASN B 107 48.18 -28.65 -37.19
CA ASN B 107 48.82 -27.63 -38.01
C ASN B 107 48.11 -27.49 -39.36
N GLN B 108 46.80 -27.38 -39.28
CA GLN B 108 45.90 -27.09 -40.38
C GLN B 108 44.77 -26.23 -39.81
N PRO B 109 44.00 -25.54 -40.67
CA PRO B 109 42.79 -24.89 -40.18
C PRO B 109 41.87 -25.88 -39.48
N TYR B 110 41.10 -25.36 -38.52
CA TYR B 110 40.37 -26.19 -37.58
C TYR B 110 39.27 -26.96 -38.27
N GLU B 111 39.36 -28.30 -38.27
CA GLU B 111 38.35 -29.03 -39.02
C GLU B 111 36.94 -28.92 -38.41
N LYS B 112 36.80 -28.33 -37.21
CA LYS B 112 35.50 -28.03 -36.58
C LYS B 112 35.17 -26.54 -36.59
N CYS B 113 35.88 -25.71 -37.35
CA CYS B 113 35.52 -24.28 -37.45
C CYS B 113 34.48 -24.09 -38.55
N PRO B 114 33.30 -23.52 -38.24
CA PRO B 114 32.29 -23.35 -39.30
C PRO B 114 32.77 -22.52 -40.47
N ARG B 115 33.32 -21.32 -40.22
CA ARG B 115 33.84 -20.49 -41.31
C ARG B 115 34.88 -21.25 -42.14
N SER B 116 35.77 -21.99 -41.46
CA SER B 116 36.63 -22.95 -42.16
C SER B 116 35.82 -23.97 -42.95
N ILE B 117 34.74 -24.49 -42.37
CA ILE B 117 33.91 -25.44 -43.10
C ILE B 117 33.23 -24.74 -44.27
N ALA B 118 32.92 -23.45 -44.12
CA ALA B 118 32.30 -22.71 -45.20
C ALA B 118 33.31 -22.39 -46.30
N LYS B 119 34.57 -22.13 -45.93
CA LYS B 119 35.59 -21.89 -46.95
C LYS B 119 35.92 -23.17 -47.71
N LYS B 120 36.06 -24.29 -46.99
CA LYS B 120 36.28 -25.58 -47.64
C LYS B 120 35.14 -25.92 -48.61
N ALA B 121 33.90 -25.65 -48.21
CA ALA B 121 32.76 -25.94 -49.07
C ALA B 121 32.85 -25.19 -50.39
N LEU B 122 32.95 -23.85 -50.33
CA LEU B 122 33.02 -23.05 -51.54
C LEU B 122 34.21 -23.47 -52.40
N GLN B 123 35.33 -23.78 -51.77
CA GLN B 123 36.42 -24.33 -52.55
C GLN B 123 36.00 -25.61 -53.25
N HIS B 124 35.14 -26.40 -52.61
CA HIS B 124 34.77 -27.71 -53.16
C HIS B 124 34.04 -27.57 -54.49
N LEU B 125 33.21 -26.53 -54.63
CA LEU B 125 32.61 -26.22 -55.92
C LEU B 125 33.69 -26.02 -56.96
N LYS B 126 34.62 -25.08 -56.69
CA LYS B 126 35.65 -24.66 -57.65
C LYS B 126 36.42 -25.85 -58.20
N ASP B 127 37.00 -26.66 -57.32
CA ASP B 127 37.86 -27.76 -57.70
C ASP B 127 37.15 -28.89 -58.43
N SER B 128 35.82 -28.95 -58.41
CA SER B 128 35.08 -29.96 -59.15
C SER B 128 34.67 -29.47 -60.56
N GLY B 129 34.97 -28.22 -60.90
CA GLY B 129 34.63 -27.65 -62.17
C GLY B 129 33.21 -27.17 -62.29
N LEU B 130 32.33 -27.60 -61.40
CA LEU B 130 30.90 -27.38 -61.56
C LEU B 130 30.53 -25.90 -61.52
N GLY B 131 31.34 -25.05 -60.91
CA GLY B 131 30.98 -23.65 -60.81
C GLY B 131 32.08 -22.80 -60.21
N ASP B 132 32.01 -21.51 -60.51
CA ASP B 132 32.95 -20.57 -59.90
C ASP B 132 32.50 -20.21 -58.48
N VAL B 133 31.36 -19.52 -58.40
CA VAL B 133 30.84 -18.96 -57.15
C VAL B 133 29.44 -19.51 -56.91
N ALA B 134 29.11 -19.76 -55.64
CA ALA B 134 27.75 -20.09 -55.23
C ALA B 134 27.22 -18.91 -54.43
N TYR B 135 26.14 -18.31 -54.92
CA TYR B 135 25.57 -17.10 -54.34
C TYR B 135 24.42 -17.45 -53.39
N PHE B 136 24.43 -16.81 -52.23
CA PHE B 136 23.46 -17.06 -51.18
C PHE B 136 22.84 -15.73 -50.78
N GLY B 137 21.54 -15.57 -51.06
CA GLY B 137 20.79 -14.44 -50.52
C GLY B 137 19.86 -14.85 -49.41
N ALA B 138 19.96 -14.23 -48.23
CA ALA B 138 19.23 -14.65 -47.02
C ALA B 138 18.31 -13.55 -46.52
N GLU B 139 17.04 -13.91 -46.29
CA GLU B 139 16.12 -13.08 -45.54
C GLU B 139 15.97 -13.71 -44.17
N ASN B 140 16.21 -12.92 -43.13
CA ASN B 140 16.19 -13.40 -41.75
C ASN B 140 15.04 -12.71 -41.03
N GLU B 141 13.89 -13.37 -41.01
CA GLU B 141 12.77 -12.82 -40.25
C GLU B 141 13.15 -12.82 -38.77
N PHE B 142 12.73 -11.77 -38.06
CA PHE B 142 13.06 -11.62 -36.65
C PHE B 142 11.88 -11.00 -35.89
N PHE B 143 11.96 -11.09 -34.58
CA PHE B 143 10.99 -10.44 -33.71
C PHE B 143 11.70 -9.36 -32.92
N ILE B 144 11.01 -8.24 -32.68
CA ILE B 144 11.42 -7.27 -31.68
C ILE B 144 10.37 -7.28 -30.57
N PHE B 145 10.82 -7.46 -29.35
CA PHE B 145 9.93 -7.58 -28.22
C PHE B 145 10.27 -6.52 -27.18
N ASP B 146 9.29 -6.23 -26.32
CA ASP B 146 9.49 -5.25 -25.27
C ASP B 146 10.09 -5.84 -24.02
N SER B 147 9.97 -7.16 -23.82
CA SER B 147 10.31 -7.85 -22.58
C SER B 147 10.49 -9.35 -22.86
N ILE B 148 11.18 -10.03 -21.94
CA ILE B 148 11.45 -11.46 -22.10
C ILE B 148 11.77 -12.03 -20.75
N LYS B 149 10.99 -13.02 -20.32
CA LYS B 149 11.16 -13.60 -19.00
C LYS B 149 11.12 -15.13 -19.06
N ILE B 150 12.07 -15.77 -18.37
CA ILE B 150 12.20 -17.22 -18.31
C ILE B 150 12.41 -17.70 -16.88
N LYS B 151 11.99 -18.94 -16.61
CA LYS B 151 12.29 -19.67 -15.39
C LYS B 151 12.53 -21.12 -15.76
N ASP B 152 13.61 -21.71 -15.23
CA ASP B 152 13.94 -23.14 -15.46
C ASP B 152 14.24 -23.75 -14.10
N ALA B 153 13.20 -24.30 -13.46
CA ALA B 153 13.32 -24.78 -12.09
C ALA B 153 12.65 -26.15 -11.92
N SER B 154 12.96 -26.77 -10.78
CA SER B 154 12.55 -28.14 -10.49
C SER B 154 11.03 -28.25 -10.35
N ASN B 155 10.39 -27.20 -9.91
CA ASN B 155 8.94 -27.22 -9.74
C ASN B 155 8.24 -26.35 -10.76
N SER B 156 8.95 -25.84 -11.78
CA SER B 156 8.32 -24.86 -12.67
C SER B 156 9.06 -24.54 -13.96
N GLN B 157 8.36 -24.57 -15.09
CA GLN B 157 8.85 -23.98 -16.33
C GLN B 157 7.92 -22.86 -16.80
N TYR B 158 8.51 -21.85 -17.43
CA TYR B 158 7.79 -20.61 -17.70
C TYR B 158 8.57 -19.71 -18.65
N TYR B 159 7.97 -19.31 -19.74
CA TYR B 159 8.50 -18.19 -20.51
C TYR B 159 7.34 -17.25 -20.76
N GLU B 160 7.66 -15.98 -20.93
CA GLU B 160 6.67 -15.00 -21.34
C GLU B 160 7.36 -13.92 -22.18
N VAL B 161 7.03 -13.84 -23.46
CA VAL B 161 7.39 -12.65 -24.22
C VAL B 161 6.32 -11.58 -23.99
N ASP B 162 6.75 -10.32 -24.08
CA ASP B 162 5.85 -9.19 -24.16
C ASP B 162 6.21 -8.33 -25.36
N SER B 163 5.18 -7.80 -26.00
CA SER B 163 5.32 -6.73 -26.98
C SER B 163 3.97 -6.05 -27.09
N GLU B 164 3.99 -4.73 -27.22
CA GLU B 164 2.78 -3.91 -27.08
C GLU B 164 1.80 -4.05 -28.24
N GLU B 165 2.27 -4.46 -29.43
CA GLU B 165 1.35 -4.82 -30.51
C GLU B 165 0.57 -6.10 -30.21
N GLY B 166 0.94 -6.84 -29.17
CA GLY B 166 0.38 -8.16 -28.96
C GLY B 166 -1.04 -8.08 -28.47
N GLU B 167 -1.86 -9.02 -28.98
CA GLU B 167 -3.29 -9.10 -28.63
C GLU B 167 -3.52 -9.41 -27.15
N TRP B 168 -2.47 -9.68 -26.38
CA TRP B 168 -2.56 -9.86 -24.94
C TRP B 168 -2.57 -8.53 -24.16
N ASN B 169 -2.30 -7.40 -24.82
CA ASN B 169 -2.36 -6.10 -24.17
C ASN B 169 -3.49 -5.23 -24.67
N ARG B 170 -4.36 -5.75 -25.53
CA ARG B 170 -5.61 -5.14 -25.93
C ARG B 170 -6.37 -4.46 -24.81
N ASP B 171 -6.12 -4.88 -23.56
CA ASP B 171 -6.95 -4.47 -22.43
C ASP B 171 -6.13 -3.97 -21.24
N ARG B 172 -4.88 -3.59 -21.45
CA ARG B 172 -3.96 -3.35 -20.36
C ARG B 172 -3.77 -1.85 -20.09
N SER B 173 -3.53 -1.49 -18.81
CA SER B 173 -3.13 -0.14 -18.42
C SER B 173 -1.61 -0.03 -18.43
N PHE B 174 -1.07 0.79 -19.34
CA PHE B 174 0.37 0.97 -19.49
C PHE B 174 0.87 2.07 -18.56
N GLU B 175 1.37 3.17 -19.11
CA GLU B 175 2.02 4.19 -18.27
C GLU B 175 1.01 5.17 -17.70
N ASN B 176 0.37 5.98 -18.56
CA ASN B 176 -0.55 6.99 -18.04
C ASN B 176 -1.94 6.40 -17.73
N GLY B 177 -2.06 5.08 -17.66
CA GLY B 177 -3.35 4.43 -17.49
C GLY B 177 -4.09 4.28 -18.79
N VAL B 178 -3.37 4.18 -19.91
CA VAL B 178 -3.87 4.53 -21.23
C VAL B 178 -3.62 3.36 -22.17
N ASN B 179 -4.31 3.35 -23.30
CA ASN B 179 -4.05 2.32 -24.30
C ASN B 179 -4.38 2.92 -25.66
N PHE B 180 -3.35 3.28 -26.43
CA PHE B 180 -3.60 3.88 -27.75
C PHE B 180 -4.27 2.92 -28.72
N GLY B 181 -4.33 1.62 -28.41
CA GLY B 181 -4.98 0.67 -29.31
C GLY B 181 -4.20 0.41 -30.60
N HIS B 182 -4.96 0.27 -31.68
CA HIS B 182 -4.46 -0.01 -33.03
C HIS B 182 -3.49 -1.17 -33.02
N ARG B 183 -4.06 -2.34 -32.83
CA ARG B 183 -3.23 -3.54 -32.83
C ARG B 183 -3.50 -4.40 -34.06
N PRO B 184 -2.46 -4.98 -34.65
CA PRO B 184 -2.67 -6.12 -35.54
C PRO B 184 -2.97 -7.37 -34.74
N GLY B 185 -3.76 -8.26 -35.32
CA GLY B 185 -4.07 -9.51 -34.66
C GLY B 185 -2.94 -10.51 -34.80
N LYS B 186 -3.21 -11.73 -34.31
CA LYS B 186 -2.48 -12.89 -34.79
C LYS B 186 -2.44 -12.84 -36.31
N GLN B 187 -1.27 -13.14 -36.89
CA GLN B 187 -1.09 -13.27 -38.35
C GLN B 187 -1.54 -12.01 -39.11
N GLY B 188 -1.50 -10.85 -38.44
CA GLY B 188 -2.04 -9.66 -39.06
C GLY B 188 -1.03 -8.57 -39.35
N GLY B 189 0.26 -8.91 -39.36
CA GLY B 189 1.29 -7.91 -39.52
C GLY B 189 1.72 -7.59 -40.94
N TYR B 190 1.18 -8.27 -41.93
CA TYR B 190 1.47 -8.03 -43.34
C TYR B 190 0.28 -7.31 -43.99
N MET B 191 0.38 -6.00 -44.27
CA MET B 191 1.47 -5.11 -43.88
C MET B 191 0.95 -3.68 -43.61
N PRO B 192 -0.01 -3.50 -42.68
CA PRO B 192 -0.62 -2.18 -42.48
C PRO B 192 0.39 -1.12 -42.06
N VAL B 193 -0.04 0.13 -42.16
CA VAL B 193 0.81 1.26 -41.83
C VAL B 193 0.84 1.51 -40.33
N PRO B 194 1.75 2.37 -39.86
CA PRO B 194 1.59 3.08 -38.60
C PRO B 194 0.20 3.69 -38.50
N PRO B 195 -0.35 3.76 -37.28
CA PRO B 195 0.30 3.35 -36.04
C PRO B 195 0.00 1.91 -35.62
N THR B 196 -0.72 1.12 -36.45
CA THR B 196 -0.72 -0.33 -36.24
C THR B 196 0.70 -0.87 -36.31
N ASP B 197 1.53 -0.31 -37.19
CA ASP B 197 2.92 -0.70 -37.31
C ASP B 197 3.74 0.17 -36.38
N THR B 198 4.28 -0.43 -35.32
CA THR B 198 5.06 0.33 -34.37
C THR B 198 6.52 0.47 -34.80
N MET B 199 6.95 -0.27 -35.82
CA MET B 199 8.38 -0.45 -36.00
C MET B 199 8.92 0.25 -37.23
N MET B 200 8.12 1.14 -37.82
CA MET B 200 8.53 1.92 -39.00
C MET B 200 9.91 2.53 -38.82
N ASP B 201 10.06 3.37 -37.78
CA ASP B 201 11.31 4.08 -37.55
C ASP B 201 12.39 3.16 -37.01
N ILE B 202 12.03 2.16 -36.21
CA ILE B 202 13.11 1.30 -35.74
C ILE B 202 13.64 0.47 -36.89
N ARG B 203 12.84 0.24 -37.92
CA ARG B 203 13.30 -0.56 -39.05
C ARG B 203 14.09 0.26 -40.05
N THR B 204 13.81 1.56 -40.20
CA THR B 204 14.68 2.38 -41.06
C THR B 204 16.07 2.54 -40.43
N GLU B 205 16.16 2.48 -39.09
CA GLU B 205 17.44 2.64 -38.43
C GLU B 205 18.36 1.44 -38.65
N ILE B 206 17.82 0.23 -38.48
CA ILE B 206 18.54 -1.00 -38.78
C ILE B 206 19.20 -0.88 -40.15
N VAL B 207 18.37 -0.85 -41.21
CA VAL B 207 18.81 -0.56 -42.57
C VAL B 207 19.94 0.46 -42.60
N LYS B 208 19.70 1.67 -42.05
CA LYS B 208 20.70 2.73 -42.05
C LYS B 208 21.99 2.33 -41.36
N VAL B 209 21.94 1.34 -40.45
CA VAL B 209 23.17 0.89 -39.81
C VAL B 209 23.76 -0.33 -40.52
N LEU B 210 22.93 -1.15 -41.16
CA LEU B 210 23.49 -2.24 -41.97
C LEU B 210 24.32 -1.69 -43.13
N ASN B 211 23.87 -0.60 -43.73
CA ASN B 211 24.68 0.01 -44.78
C ASN B 211 25.99 0.51 -44.18
N GLN B 212 25.88 1.23 -43.07
CA GLN B 212 27.03 1.84 -42.43
C GLN B 212 28.04 0.76 -42.00
N VAL B 213 27.69 -0.51 -42.19
CA VAL B 213 28.61 -1.62 -41.89
C VAL B 213 28.94 -2.44 -43.13
N GLY B 214 28.35 -2.16 -44.28
CA GLY B 214 28.78 -2.77 -45.52
C GLY B 214 27.82 -3.72 -46.18
N LEU B 215 26.56 -3.72 -45.78
CA LEU B 215 25.56 -4.61 -46.33
C LEU B 215 24.57 -3.78 -47.12
N GLU B 216 24.42 -4.10 -48.40
CA GLU B 216 23.52 -3.34 -49.25
C GLU B 216 22.11 -3.88 -49.04
N THR B 217 21.20 -3.00 -48.64
CA THR B 217 19.84 -3.40 -48.36
C THR B 217 18.99 -3.29 -49.61
N PHE B 218 17.72 -3.69 -49.51
CA PHE B 218 16.72 -3.07 -50.38
C PHE B 218 15.36 -2.98 -49.69
N VAL B 219 14.69 -4.10 -49.44
CA VAL B 219 13.38 -4.05 -48.79
C VAL B 219 13.58 -3.90 -47.28
N VAL B 220 12.63 -3.22 -46.65
CA VAL B 220 12.47 -3.27 -45.21
C VAL B 220 10.97 -3.29 -44.95
N HIS B 221 10.48 -4.35 -44.29
CA HIS B 221 9.08 -4.32 -43.91
C HIS B 221 8.83 -5.08 -42.62
N HIS B 222 7.59 -4.96 -42.15
CA HIS B 222 7.05 -5.69 -41.01
C HIS B 222 6.49 -7.00 -41.53
N GLU B 223 6.53 -8.03 -40.69
CA GLU B 223 6.16 -9.35 -41.15
C GLU B 223 4.83 -9.80 -40.55
N VAL B 224 4.46 -11.03 -40.87
CA VAL B 224 3.10 -11.53 -40.67
C VAL B 224 2.70 -11.55 -39.19
N ALA B 225 3.65 -11.84 -38.30
CA ALA B 225 3.32 -11.99 -36.89
C ALA B 225 3.53 -10.68 -36.15
N GLN B 226 3.18 -10.67 -34.87
CA GLN B 226 2.67 -9.45 -34.24
C GLN B 226 3.75 -8.40 -34.01
N ALA B 227 5.02 -8.78 -33.88
CA ALA B 227 6.05 -7.76 -33.95
C ALA B 227 7.18 -8.24 -34.84
N GLN B 228 6.82 -8.75 -36.00
CA GLN B 228 7.85 -9.32 -36.85
C GLN B 228 8.36 -8.30 -37.88
N GLY B 229 9.54 -8.60 -38.44
CA GLY B 229 10.18 -7.72 -39.41
C GLY B 229 11.17 -8.48 -40.26
N GLU B 230 11.50 -7.90 -41.41
CA GLU B 230 12.44 -8.51 -42.35
C GLU B 230 13.18 -7.42 -43.12
N VAL B 231 14.41 -7.73 -43.54
CA VAL B 231 15.19 -6.83 -44.39
C VAL B 231 15.73 -7.61 -45.56
N GLY B 232 15.73 -6.99 -46.73
CA GLY B 232 16.31 -7.59 -47.91
C GLY B 232 17.76 -7.18 -48.01
N VAL B 233 18.63 -8.16 -48.11
CA VAL B 233 20.06 -7.94 -48.21
C VAL B 233 20.53 -8.57 -49.52
N LYS B 234 21.47 -7.89 -50.20
CA LYS B 234 22.01 -8.42 -51.45
C LYS B 234 22.85 -9.65 -51.16
N PHE B 235 22.78 -10.62 -52.07
CA PHE B 235 23.47 -11.89 -51.90
C PHE B 235 24.97 -11.73 -52.09
N GLY B 236 25.71 -12.67 -51.54
CA GLY B 236 27.12 -12.78 -51.78
C GLY B 236 27.46 -14.25 -51.90
N ASP B 237 28.73 -14.62 -51.80
CA ASP B 237 28.99 -16.06 -51.88
C ASP B 237 28.76 -16.68 -50.50
N LEU B 238 28.98 -17.99 -50.46
CA LEU B 238 28.64 -18.79 -49.28
C LEU B 238 29.26 -18.20 -48.02
N VAL B 239 30.59 -18.06 -48.00
CA VAL B 239 31.22 -17.43 -46.85
C VAL B 239 30.65 -16.03 -46.64
N GLU B 240 30.79 -15.16 -47.64
CA GLU B 240 30.37 -13.76 -47.48
C GLU B 240 28.93 -13.65 -47.00
N ALA B 241 28.03 -14.46 -47.55
CA ALA B 241 26.64 -14.44 -47.11
C ALA B 241 26.55 -14.75 -45.62
N ALA B 242 27.29 -15.77 -45.17
CA ALA B 242 27.25 -16.14 -43.75
C ALA B 242 27.95 -15.11 -42.88
N ASP B 243 29.00 -14.45 -43.39
CA ASP B 243 29.54 -13.29 -42.69
C ASP B 243 28.49 -12.18 -42.63
N ASN B 244 27.77 -11.98 -43.74
CA ASN B 244 26.71 -10.98 -43.75
C ASN B 244 25.60 -11.31 -42.77
N VAL B 245 25.39 -12.60 -42.48
CA VAL B 245 24.33 -12.98 -41.55
C VAL B 245 24.68 -12.56 -40.14
N GLN B 246 25.88 -12.92 -39.69
CA GLN B 246 26.29 -12.55 -38.35
C GLN B 246 26.19 -11.05 -38.14
N LYS B 247 26.64 -10.27 -39.13
CA LYS B 247 26.58 -8.81 -39.00
C LYS B 247 25.15 -8.35 -38.78
N LEU B 248 24.23 -8.86 -39.61
CA LEU B 248 22.84 -8.46 -39.51
C LEU B 248 22.34 -8.69 -38.10
N LYS B 249 22.46 -9.92 -37.62
CA LYS B 249 21.99 -10.27 -36.29
C LYS B 249 22.63 -9.38 -35.23
N TYR B 250 23.85 -8.88 -35.49
CA TYR B 250 24.50 -8.00 -34.53
C TYR B 250 23.83 -6.63 -34.48
N VAL B 251 23.52 -6.06 -35.64
CA VAL B 251 22.90 -4.74 -35.74
C VAL B 251 21.46 -4.78 -35.22
N VAL B 252 20.67 -5.76 -35.68
CA VAL B 252 19.25 -5.80 -35.33
C VAL B 252 19.06 -5.95 -33.83
N LYS B 253 19.94 -6.71 -33.18
CA LYS B 253 19.89 -6.90 -31.73
C LYS B 253 20.36 -5.67 -30.96
N MET B 254 21.31 -4.92 -31.51
CA MET B 254 21.86 -3.79 -30.76
C MET B 254 21.13 -2.49 -31.02
N VAL B 255 20.49 -2.35 -32.17
CA VAL B 255 19.58 -1.22 -32.34
C VAL B 255 18.34 -1.45 -31.51
N ALA B 256 17.90 -2.71 -31.43
CA ALA B 256 16.85 -3.12 -30.49
C ALA B 256 17.25 -2.85 -29.04
N HIS B 257 18.49 -3.15 -28.66
CA HIS B 257 18.88 -2.88 -27.27
C HIS B 257 18.87 -1.39 -26.98
N LEU B 258 19.49 -0.58 -27.83
CA LEU B 258 19.59 0.84 -27.49
C LEU B 258 18.24 1.52 -27.60
N ASN B 259 17.31 0.94 -28.34
CA ASN B 259 15.93 1.40 -28.22
C ASN B 259 15.22 0.72 -27.07
N GLY B 260 15.96 0.19 -26.11
CA GLY B 260 15.37 -0.42 -24.93
C GLY B 260 14.46 -1.58 -25.26
N LYS B 261 14.88 -2.44 -26.16
CA LYS B 261 14.03 -3.52 -26.61
C LYS B 261 14.87 -4.76 -26.66
N THR B 262 14.21 -5.88 -26.93
CA THR B 262 14.88 -7.17 -26.97
C THR B 262 14.44 -7.88 -28.24
N ALA B 263 15.38 -8.11 -29.13
CA ALA B 263 15.06 -8.77 -30.38
C ALA B 263 15.52 -10.23 -30.34
N THR B 264 14.79 -11.08 -31.06
CA THR B 264 15.16 -12.48 -31.18
C THR B 264 14.98 -12.91 -32.62
N PHE B 265 15.84 -13.81 -33.05
CA PHE B 265 15.71 -14.48 -34.33
C PHE B 265 15.22 -15.92 -34.19
N MET B 266 14.68 -16.31 -33.04
CA MET B 266 14.36 -17.72 -32.83
C MET B 266 13.23 -18.16 -33.74
N PRO B 267 13.22 -19.44 -34.13
CA PRO B 267 12.20 -19.93 -35.09
C PRO B 267 10.74 -19.64 -34.76
N LYS B 268 10.32 -19.81 -33.51
CA LYS B 268 8.90 -19.88 -33.18
C LYS B 268 8.67 -19.35 -31.76
N PRO B 269 8.75 -18.02 -31.58
CA PRO B 269 8.59 -17.48 -30.22
C PRO B 269 7.16 -17.53 -29.71
N LEU B 270 6.19 -16.96 -30.45
CA LEU B 270 4.77 -17.05 -30.13
C LEU B 270 4.15 -18.27 -30.79
N TYR B 271 3.31 -18.98 -30.03
CA TYR B 271 2.51 -20.06 -30.60
C TYR B 271 1.25 -19.48 -31.21
N GLY B 272 0.83 -20.02 -32.37
CA GLY B 272 -0.39 -19.60 -33.03
C GLY B 272 -0.23 -18.46 -34.01
N ASP B 273 0.91 -17.78 -33.97
CA ASP B 273 1.30 -16.78 -34.95
C ASP B 273 2.46 -17.31 -35.76
N ASN B 274 2.72 -16.66 -36.91
CA ASN B 274 3.89 -16.98 -37.71
C ASN B 274 5.17 -16.97 -36.88
N GLY B 275 6.08 -17.88 -37.22
CA GLY B 275 7.45 -17.82 -36.77
C GLY B 275 8.37 -17.29 -37.89
N SER B 276 9.67 -17.28 -37.58
CA SER B 276 10.66 -16.73 -38.49
C SER B 276 11.41 -17.85 -39.22
N GLY B 277 11.49 -17.73 -40.56
CA GLY B 277 12.37 -18.56 -41.34
C GLY B 277 13.64 -17.81 -41.76
N MET B 278 14.55 -18.56 -42.40
CA MET B 278 15.78 -18.07 -43.05
C MET B 278 15.75 -18.55 -44.49
N HIS B 279 14.92 -17.91 -45.30
CA HIS B 279 14.81 -18.27 -46.70
C HIS B 279 16.14 -18.08 -47.44
N THR B 280 16.64 -19.15 -48.03
CA THR B 280 17.93 -19.18 -48.71
C THR B 280 17.72 -19.28 -50.22
N HIS B 281 18.06 -18.20 -50.92
CA HIS B 281 18.05 -18.17 -52.36
C HIS B 281 19.47 -18.47 -52.85
N VAL B 282 19.57 -19.42 -53.78
CA VAL B 282 20.84 -19.99 -54.22
C VAL B 282 20.92 -19.91 -55.75
N SER B 283 22.12 -19.63 -56.25
CA SER B 283 22.42 -19.78 -57.67
C SER B 283 23.93 -19.96 -57.77
N VAL B 284 24.35 -20.82 -58.69
CA VAL B 284 25.73 -21.23 -58.82
C VAL B 284 26.21 -20.76 -60.17
N TRP B 285 27.25 -19.94 -60.17
CA TRP B 285 27.71 -19.28 -61.38
C TRP B 285 29.04 -19.85 -61.81
N LYS B 286 29.22 -20.00 -63.12
CA LYS B 286 30.52 -20.27 -63.71
C LYS B 286 30.78 -19.27 -64.82
N ASN B 287 32.00 -18.74 -64.86
CA ASN B 287 32.45 -17.86 -65.92
C ASN B 287 31.43 -16.74 -66.19
N ASN B 288 31.10 -16.02 -65.11
CA ASN B 288 30.06 -14.99 -65.08
C ASN B 288 28.82 -15.41 -65.90
N GLU B 289 28.26 -16.57 -65.58
CA GLU B 289 26.90 -16.83 -66.02
C GLU B 289 26.23 -17.69 -64.96
N ASN B 290 24.89 -17.60 -64.92
CA ASN B 290 24.07 -18.32 -63.95
C ASN B 290 23.67 -19.67 -64.55
N LEU B 291 24.23 -20.77 -64.01
CA LEU B 291 23.88 -22.08 -64.55
C LEU B 291 22.45 -22.51 -64.21
N PHE B 292 21.78 -21.83 -63.28
CA PHE B 292 20.36 -22.10 -63.02
C PHE B 292 19.48 -21.51 -64.10
N SER B 293 20.03 -20.61 -64.91
CA SER B 293 19.35 -20.08 -66.07
C SER B 293 19.27 -21.16 -67.15
N GLY B 294 18.06 -21.47 -67.58
CA GLY B 294 17.88 -22.48 -68.60
C GLY B 294 16.49 -22.42 -69.17
N GLU B 295 16.17 -23.45 -69.95
CA GLU B 295 14.88 -23.56 -70.64
C GLU B 295 14.04 -24.71 -70.12
N THR B 296 14.44 -25.33 -68.99
CA THR B 296 13.92 -26.64 -68.63
C THR B 296 12.60 -26.54 -67.88
N TYR B 297 12.55 -25.76 -66.80
CA TYR B 297 11.29 -25.60 -66.05
C TYR B 297 11.20 -24.18 -65.53
N LYS B 298 10.23 -23.42 -66.05
CA LYS B 298 9.87 -22.09 -65.56
C LYS B 298 11.07 -21.14 -65.51
N GLY B 299 12.04 -21.35 -66.37
CA GLY B 299 13.22 -20.53 -66.41
C GLY B 299 14.47 -21.22 -65.94
N LEU B 300 14.37 -22.44 -65.41
CA LEU B 300 15.50 -23.13 -64.80
C LEU B 300 16.07 -24.15 -65.76
N SER B 301 17.31 -24.55 -65.49
CA SER B 301 18.06 -25.50 -66.31
C SER B 301 18.11 -26.87 -65.66
N GLU B 302 18.66 -27.84 -66.39
CA GLU B 302 18.85 -29.17 -65.85
C GLU B 302 19.91 -29.19 -64.75
N PHE B 303 20.94 -28.35 -64.87
CA PHE B 303 21.87 -28.15 -63.76
C PHE B 303 21.12 -27.70 -62.51
N ALA B 304 20.10 -26.85 -62.68
CA ALA B 304 19.28 -26.41 -61.55
C ALA B 304 18.48 -27.56 -60.94
N LEU B 305 17.63 -28.22 -61.75
CA LEU B 305 16.76 -29.26 -61.21
C LEU B 305 17.56 -30.37 -60.54
N HIS B 306 18.72 -30.67 -61.10
CA HIS B 306 19.61 -31.65 -60.47
C HIS B 306 20.11 -31.14 -59.14
N PHE B 307 20.55 -29.88 -59.10
CA PHE B 307 20.97 -29.25 -57.85
C PHE B 307 19.91 -29.45 -56.77
N LEU B 308 18.65 -29.25 -57.11
CA LEU B 308 17.57 -29.29 -56.13
C LEU B 308 17.22 -30.71 -55.73
N GLY B 309 17.24 -31.64 -56.69
CA GLY B 309 16.93 -33.02 -56.40
C GLY B 309 17.80 -33.61 -55.31
N GLY B 310 19.05 -33.17 -55.22
CA GLY B 310 19.89 -33.61 -54.13
C GLY B 310 19.62 -32.88 -52.84
N VAL B 311 19.01 -31.70 -52.92
CA VAL B 311 18.59 -31.01 -51.71
C VAL B 311 17.32 -31.64 -51.15
N LEU B 312 16.34 -31.93 -52.02
CA LEU B 312 15.17 -32.70 -51.58
C LEU B 312 15.54 -34.14 -51.22
N ARG B 313 16.64 -34.66 -51.77
CA ARG B 313 17.06 -36.02 -51.46
C ARG B 313 17.61 -36.12 -50.04
N HIS B 314 18.35 -35.12 -49.59
CA HIS B 314 19.00 -35.14 -48.28
C HIS B 314 18.36 -34.18 -47.28
N ALA B 315 17.17 -33.64 -47.59
CA ALA B 315 16.62 -32.57 -46.77
C ALA B 315 16.42 -32.96 -45.31
N ARG B 316 16.22 -34.25 -45.04
CA ARG B 316 15.93 -34.69 -43.69
C ARG B 316 17.18 -34.71 -42.82
N GLY B 317 18.28 -35.28 -43.32
CA GLY B 317 19.57 -35.05 -42.68
C GLY B 317 19.98 -33.60 -42.75
N LEU B 318 19.79 -32.97 -43.91
CA LEU B 318 20.10 -31.55 -44.08
C LEU B 318 19.58 -30.71 -42.92
N ALA B 319 18.39 -31.06 -42.40
CA ALA B 319 17.76 -30.23 -41.38
C ALA B 319 18.58 -30.18 -40.10
N ALA B 320 19.42 -31.20 -39.86
CA ALA B 320 20.29 -31.16 -38.71
C ALA B 320 21.25 -29.97 -38.75
N PHE B 321 21.44 -29.36 -39.91
CA PHE B 321 22.28 -28.17 -39.99
C PHE B 321 21.50 -26.90 -40.23
N THR B 322 20.41 -26.97 -41.01
CA THR B 322 19.63 -25.79 -41.37
C THR B 322 18.47 -25.49 -40.41
N ASN B 323 18.22 -26.37 -39.45
CA ASN B 323 17.13 -26.26 -38.50
C ASN B 323 17.61 -26.79 -37.16
N ALA B 324 18.62 -26.15 -36.58
CA ALA B 324 19.44 -26.80 -35.58
C ALA B 324 18.87 -26.73 -34.16
N SER B 325 17.59 -26.34 -33.98
CA SER B 325 16.97 -26.19 -32.66
C SER B 325 15.74 -27.08 -32.54
N THR B 326 15.26 -27.30 -31.31
CA THR B 326 13.95 -27.95 -31.19
C THR B 326 12.84 -26.93 -31.43
N ASN B 327 13.11 -25.67 -31.14
CA ASN B 327 12.17 -24.61 -31.51
C ASN B 327 11.98 -24.50 -33.03
N SER B 328 12.87 -25.12 -33.82
CA SER B 328 12.70 -25.11 -35.28
C SER B 328 11.45 -25.87 -35.69
N TYR B 329 11.25 -27.04 -35.11
CA TYR B 329 10.20 -27.96 -35.48
C TYR B 329 8.87 -27.62 -34.81
N LYS B 330 8.84 -26.61 -33.95
CA LYS B 330 7.57 -25.98 -33.62
C LYS B 330 7.10 -25.11 -34.77
N ARG B 331 8.03 -24.63 -35.59
CA ARG B 331 7.68 -23.78 -36.72
C ARG B 331 7.09 -24.56 -37.91
N LEU B 332 7.51 -25.80 -38.15
CA LEU B 332 7.13 -26.51 -39.37
C LEU B 332 5.80 -27.22 -39.26
N ILE B 333 4.80 -26.60 -38.61
CA ILE B 333 3.42 -27.09 -38.56
C ILE B 333 2.74 -26.50 -39.78
N PRO B 334 1.78 -27.17 -40.41
CA PRO B 334 1.07 -26.56 -41.54
C PRO B 334 0.33 -25.31 -41.10
N GLY B 335 0.11 -24.41 -42.05
CA GLY B 335 -0.84 -23.33 -41.85
C GLY B 335 -0.29 -21.96 -41.49
N TYR B 336 1.03 -21.78 -41.42
CA TYR B 336 1.57 -20.48 -41.06
C TYR B 336 2.60 -19.99 -42.08
N GLU B 337 2.50 -20.46 -43.33
CA GLU B 337 3.41 -20.13 -44.41
C GLU B 337 4.79 -20.78 -44.26
N ALA B 338 4.92 -21.79 -43.33
CA ALA B 338 6.22 -22.46 -43.26
C ALA B 338 6.16 -23.82 -43.93
N PRO B 339 7.19 -24.16 -44.70
CA PRO B 339 7.20 -25.47 -45.37
C PRO B 339 7.20 -26.65 -44.40
N SER B 340 6.59 -27.75 -44.84
CA SER B 340 6.75 -29.01 -44.14
C SER B 340 6.78 -30.15 -45.15
N ILE B 341 5.90 -30.09 -46.16
CA ILE B 341 5.93 -31.06 -47.25
C ILE B 341 7.12 -30.79 -48.16
N LEU B 342 7.87 -31.85 -48.49
CA LEU B 342 9.17 -31.72 -49.16
C LEU B 342 9.05 -31.82 -50.69
N THR B 343 8.53 -30.74 -51.29
CA THR B 343 8.40 -30.63 -52.74
C THR B 343 8.83 -29.22 -53.19
N TYR B 344 8.69 -28.93 -54.48
CA TYR B 344 9.01 -27.62 -55.02
C TYR B 344 7.82 -27.11 -55.83
N SER B 345 7.81 -25.81 -56.11
CA SER B 345 6.69 -25.19 -56.82
C SER B 345 6.98 -23.71 -57.02
N ALA B 346 6.26 -23.12 -57.98
CA ALA B 346 6.41 -21.70 -58.31
C ALA B 346 5.37 -20.88 -57.56
N ASN B 347 5.78 -19.71 -57.09
CA ASN B 347 4.88 -18.79 -56.41
C ASN B 347 4.16 -19.45 -55.24
N ASN B 348 4.63 -20.61 -54.80
CA ASN B 348 3.92 -21.48 -53.86
C ASN B 348 4.65 -21.46 -52.51
N ARG B 349 4.10 -20.69 -51.58
CA ARG B 349 4.65 -20.53 -50.24
C ARG B 349 4.17 -21.63 -49.28
N SER B 350 3.53 -22.68 -49.78
CA SER B 350 3.34 -23.90 -49.01
C SER B 350 4.45 -24.90 -49.28
N ALA B 351 5.25 -24.65 -50.31
CA ALA B 351 6.25 -25.59 -50.79
C ALA B 351 7.58 -25.43 -50.05
N SER B 352 8.33 -26.52 -49.94
CA SER B 352 9.63 -26.48 -49.27
C SER B 352 10.60 -25.59 -50.03
N VAL B 353 10.59 -25.67 -51.35
CA VAL B 353 11.40 -24.82 -52.21
C VAL B 353 10.45 -24.09 -53.15
N ARG B 354 10.37 -22.78 -53.01
CA ARG B 354 9.56 -21.94 -53.90
C ARG B 354 10.40 -21.38 -55.04
N ILE B 355 9.86 -21.39 -56.26
CA ILE B 355 10.49 -20.72 -57.40
C ILE B 355 9.99 -19.29 -57.42
N PRO B 356 10.83 -18.30 -57.15
CA PRO B 356 10.39 -16.91 -57.25
C PRO B 356 9.98 -16.56 -58.67
N TYR B 357 9.04 -15.64 -58.75
CA TYR B 357 8.40 -15.28 -60.00
C TYR B 357 9.28 -14.32 -60.81
N GLY B 358 9.82 -13.29 -60.17
CA GLY B 358 10.81 -12.48 -60.84
C GLY B 358 12.07 -13.29 -61.14
N ILE B 359 12.12 -13.93 -62.31
CA ILE B 359 13.13 -14.94 -62.60
C ILE B 359 13.73 -14.62 -63.97
N SER B 360 14.87 -13.94 -63.99
CA SER B 360 15.46 -13.46 -65.21
C SER B 360 16.62 -14.35 -65.62
N LYS B 361 17.37 -13.91 -66.63
CA LYS B 361 18.62 -14.60 -66.93
C LYS B 361 19.66 -14.37 -65.84
N ASN B 362 19.45 -13.36 -64.99
CA ASN B 362 20.36 -13.06 -63.90
C ASN B 362 19.82 -13.44 -62.54
N SER B 363 18.50 -13.42 -62.36
CA SER B 363 17.90 -13.60 -61.04
C SER B 363 17.69 -15.06 -60.66
N ALA B 364 17.54 -15.94 -61.65
CA ALA B 364 17.21 -17.36 -61.45
C ALA B 364 17.79 -17.94 -60.18
N ARG B 365 16.91 -18.45 -59.30
CA ARG B 365 17.30 -18.97 -58.00
C ARG B 365 16.20 -19.88 -57.48
N PHE B 366 16.58 -20.83 -56.64
CA PHE B 366 15.63 -21.56 -55.80
C PHE B 366 15.51 -20.84 -54.47
N GLU B 367 14.29 -20.76 -53.95
CA GLU B 367 14.09 -20.32 -52.57
C GLU B 367 13.91 -21.54 -51.67
N PHE B 368 14.85 -21.76 -50.77
CA PHE B 368 14.68 -22.74 -49.70
C PHE B 368 14.09 -22.03 -48.49
N ARG B 369 12.81 -22.31 -48.21
CA ARG B 369 12.07 -21.70 -47.12
C ARG B 369 12.19 -22.45 -45.81
N PHE B 370 12.80 -23.64 -45.81
CA PHE B 370 12.84 -24.46 -44.61
C PHE B 370 13.93 -24.13 -43.58
N PRO B 371 15.00 -23.38 -43.90
CA PRO B 371 15.97 -23.01 -42.86
C PRO B 371 15.50 -21.88 -41.95
N ASP B 372 16.12 -21.82 -40.78
CA ASP B 372 15.85 -20.77 -39.81
C ASP B 372 17.15 -20.37 -39.13
N SER B 373 17.10 -19.21 -38.50
CA SER B 373 18.29 -18.57 -37.97
C SER B 373 18.75 -19.16 -36.64
N SER B 374 18.12 -20.24 -36.15
CA SER B 374 18.72 -20.98 -35.04
C SER B 374 19.93 -21.79 -35.51
N SER B 375 20.01 -22.05 -36.80
CA SER B 375 21.10 -22.82 -37.36
C SER B 375 22.26 -21.90 -37.72
N ASN B 376 23.43 -22.49 -37.79
CA ASN B 376 24.65 -21.75 -38.11
C ASN B 376 24.72 -21.51 -39.62
N PRO B 377 24.78 -20.26 -40.08
CA PRO B 377 24.74 -20.00 -41.54
C PRO B 377 25.93 -20.57 -42.27
N TYR B 378 27.13 -20.48 -41.67
CA TYR B 378 28.30 -21.09 -42.24
C TYR B 378 28.08 -22.56 -42.57
N LEU B 379 27.45 -23.30 -41.66
CA LEU B 379 27.17 -24.72 -41.84
C LEU B 379 25.91 -24.95 -42.69
N ALA B 380 24.86 -24.18 -42.44
CA ALA B 380 23.62 -24.26 -43.22
C ALA B 380 23.88 -24.11 -44.72
N PHE B 381 24.61 -23.06 -45.10
CA PHE B 381 24.87 -22.82 -46.51
C PHE B 381 25.76 -23.89 -47.11
N ALA B 382 26.84 -24.24 -46.39
CA ALA B 382 27.72 -25.29 -46.86
C ALA B 382 26.98 -26.60 -47.06
N ALA B 383 26.19 -27.01 -46.05
CA ALA B 383 25.50 -28.29 -46.19
C ALA B 383 24.54 -28.27 -47.38
N ILE B 384 23.99 -27.09 -47.69
CA ILE B 384 23.11 -26.96 -48.84
C ILE B 384 23.90 -26.99 -50.15
N LEU B 385 25.12 -26.45 -50.16
CA LEU B 385 25.96 -26.59 -51.35
C LEU B 385 26.39 -28.04 -51.53
N MET B 386 26.79 -28.71 -50.46
CA MET B 386 27.13 -30.13 -50.54
C MET B 386 25.94 -30.96 -51.03
N ALA B 387 24.81 -30.85 -50.35
CA ALA B 387 23.59 -31.46 -50.88
C ALA B 387 23.32 -30.92 -52.28
N GLY B 388 23.58 -29.63 -52.51
CA GLY B 388 23.41 -29.09 -53.84
C GLY B 388 24.23 -29.84 -54.87
N MET B 389 25.52 -30.04 -54.59
CA MET B 389 26.41 -30.60 -55.60
C MET B 389 26.22 -32.09 -55.76
N ASP B 390 25.78 -32.80 -54.72
CA ASP B 390 25.46 -34.21 -54.91
C ASP B 390 24.34 -34.36 -55.93
N GLY B 391 23.42 -33.38 -55.98
CA GLY B 391 22.30 -33.47 -56.90
C GLY B 391 22.72 -33.39 -58.35
N VAL B 392 23.73 -32.57 -58.67
CA VAL B 392 24.18 -32.46 -60.05
C VAL B 392 25.13 -33.58 -60.43
N LYS B 393 25.99 -34.02 -59.50
CA LYS B 393 26.95 -35.07 -59.82
C LYS B 393 26.24 -36.34 -60.25
N ASN B 394 25.29 -36.79 -59.44
CA ASN B 394 24.55 -38.01 -59.78
C ASN B 394 23.36 -37.76 -60.68
N LYS B 395 23.17 -36.54 -61.17
CA LYS B 395 21.98 -36.14 -61.91
C LYS B 395 20.74 -36.68 -61.21
N ILE B 396 20.22 -35.94 -60.24
CA ILE B 396 19.15 -36.41 -59.38
C ILE B 396 17.84 -35.72 -59.77
N ASP B 397 16.81 -36.53 -60.07
CA ASP B 397 15.50 -36.06 -60.55
C ASP B 397 14.63 -35.65 -59.37
N PRO B 398 14.24 -34.37 -59.25
CA PRO B 398 13.59 -33.90 -58.03
C PRO B 398 12.09 -34.23 -57.95
N GLY B 399 11.64 -35.25 -58.65
CA GLY B 399 10.20 -35.44 -58.64
C GLY B 399 9.49 -34.33 -59.43
N GLU B 400 8.15 -34.41 -59.42
CA GLU B 400 7.33 -33.52 -60.22
C GLU B 400 6.69 -32.44 -59.35
N ALA B 401 6.45 -31.29 -59.96
CA ALA B 401 5.96 -30.12 -59.24
C ALA B 401 4.60 -30.37 -58.59
N MET B 402 4.45 -29.84 -57.37
CA MET B 402 3.22 -29.94 -56.58
C MET B 402 2.66 -28.53 -56.46
N ASP B 403 1.72 -28.21 -57.34
CA ASP B 403 1.13 -26.87 -57.40
C ASP B 403 -0.20 -26.81 -56.69
N ILE B 404 -0.24 -27.47 -55.52
CA ILE B 404 -1.38 -27.45 -54.62
C ILE B 404 -1.03 -26.54 -53.44
N ASN B 405 -2.04 -26.15 -52.67
CA ASN B 405 -1.85 -25.61 -51.32
C ASN B 405 -1.59 -26.80 -50.40
N LEU B 406 -0.32 -27.00 -50.06
CA LEU B 406 0.10 -28.26 -49.48
C LEU B 406 -0.46 -28.45 -48.08
N PHE B 407 -0.79 -27.36 -47.40
CA PHE B 407 -1.32 -27.49 -46.06
C PHE B 407 -2.70 -28.16 -46.06
N LYS B 408 -3.37 -28.18 -47.20
CA LYS B 408 -4.69 -28.80 -47.29
C LYS B 408 -4.64 -30.32 -47.32
N LEU B 409 -3.46 -30.94 -47.42
CA LEU B 409 -3.39 -32.39 -47.61
C LEU B 409 -3.62 -33.16 -46.31
N THR B 410 -4.55 -34.11 -46.33
CA THR B 410 -4.82 -34.97 -45.17
C THR B 410 -3.56 -35.77 -44.78
N LEU B 411 -3.55 -36.26 -43.54
CA LEU B 411 -2.39 -37.03 -43.09
C LEU B 411 -2.34 -38.42 -43.75
N ASP B 412 -3.50 -39.03 -44.03
CA ASP B 412 -3.55 -40.33 -44.70
C ASP B 412 -3.34 -40.25 -46.21
N GLU B 413 -3.41 -39.05 -46.80
CA GLU B 413 -3.05 -38.83 -48.18
C GLU B 413 -1.57 -38.49 -48.36
N ILE B 414 -0.89 -38.15 -47.27
CA ILE B 414 0.56 -37.92 -47.36
C ILE B 414 1.30 -39.24 -47.56
N ARG B 415 1.09 -40.18 -46.62
CA ARG B 415 1.62 -41.53 -46.74
C ARG B 415 1.15 -42.12 -48.06
N GLU B 416 -0.13 -42.50 -48.11
CA GLU B 416 -0.72 -43.22 -49.24
C GLU B 416 -0.23 -42.71 -50.59
N LYS B 417 -0.17 -41.39 -50.78
CA LYS B 417 0.29 -40.81 -52.04
C LYS B 417 1.81 -40.66 -52.12
N GLY B 418 2.56 -41.14 -51.10
CA GLY B 418 4.02 -41.27 -51.08
C GLY B 418 4.76 -39.93 -51.13
N ILE B 419 4.86 -39.25 -49.99
CA ILE B 419 5.33 -37.86 -49.93
C ILE B 419 6.34 -37.75 -48.79
N LYS B 420 7.62 -37.60 -49.14
CA LYS B 420 8.64 -37.30 -48.15
C LYS B 420 8.32 -35.96 -47.49
N GLN B 421 8.63 -35.85 -46.20
CA GLN B 421 8.30 -34.66 -45.43
C GLN B 421 9.44 -34.35 -44.47
N MET B 422 9.44 -33.14 -43.93
CA MET B 422 10.42 -32.77 -42.91
C MET B 422 10.29 -33.65 -41.68
N PRO B 423 11.36 -33.79 -40.90
CA PRO B 423 11.25 -34.53 -39.65
C PRO B 423 10.60 -33.67 -38.59
N HIS B 424 9.86 -34.34 -37.72
CA HIS B 424 9.09 -33.67 -36.68
C HIS B 424 9.93 -33.22 -35.50
N THR B 425 11.23 -33.50 -35.48
CA THR B 425 12.01 -33.37 -34.26
C THR B 425 13.47 -33.16 -34.64
N LEU B 426 14.24 -32.51 -33.75
CA LEU B 426 15.68 -32.46 -33.92
C LEU B 426 16.33 -33.82 -33.71
N ARG B 427 15.81 -34.63 -32.77
CA ARG B 427 16.29 -36.00 -32.62
C ARG B 427 16.22 -36.76 -33.94
N ARG B 428 15.08 -36.70 -34.63
CA ARG B 428 14.89 -37.57 -35.79
C ARG B 428 15.70 -37.13 -36.98
N SER B 429 15.99 -35.84 -37.10
CA SER B 429 16.83 -35.39 -38.20
C SER B 429 18.32 -35.53 -37.89
N LEU B 430 18.71 -35.43 -36.62
CA LEU B 430 20.07 -35.82 -36.26
C LEU B 430 20.31 -37.28 -36.59
N GLU B 431 19.27 -38.11 -36.42
CA GLU B 431 19.33 -39.51 -36.85
C GLU B 431 19.44 -39.60 -38.38
N GLU B 432 18.51 -38.92 -39.08
CA GLU B 432 18.51 -38.92 -40.55
C GLU B 432 19.84 -38.46 -41.12
N MET B 433 20.52 -37.54 -40.43
CA MET B 433 21.81 -37.05 -40.91
C MET B 433 22.88 -38.14 -40.83
N LEU B 434 23.17 -38.63 -39.63
CA LEU B 434 24.28 -39.57 -39.46
C LEU B 434 24.12 -40.86 -40.25
N ALA B 435 22.91 -41.22 -40.65
CA ALA B 435 22.76 -42.39 -41.50
C ALA B 435 22.98 -42.08 -42.98
N ASP B 436 23.40 -40.84 -43.32
CA ASP B 436 23.48 -40.39 -44.70
C ASP B 436 24.47 -39.22 -44.75
N LYS B 437 25.77 -39.55 -44.67
CA LYS B 437 26.81 -38.56 -44.45
C LYS B 437 27.70 -38.32 -45.65
N GLN B 438 27.67 -39.18 -46.67
CA GLN B 438 28.74 -39.19 -47.65
C GLN B 438 28.80 -37.91 -48.47
N TYR B 439 27.66 -37.22 -48.63
CA TYR B 439 27.66 -35.98 -49.39
C TYR B 439 28.26 -34.82 -48.63
N LEU B 440 28.28 -34.87 -47.29
CA LEU B 440 28.95 -33.85 -46.50
C LEU B 440 30.45 -34.10 -46.39
N LYS B 441 30.85 -35.38 -46.35
CA LYS B 441 32.26 -35.73 -46.17
C LYS B 441 33.08 -35.67 -47.47
N GLU B 442 32.42 -35.65 -48.62
CA GLU B 442 33.14 -35.79 -49.89
C GLU B 442 34.23 -34.74 -50.00
N SER B 443 35.42 -35.19 -50.41
CA SER B 443 36.62 -34.36 -50.46
C SER B 443 36.90 -33.70 -49.11
N GLN B 444 36.39 -34.30 -48.04
CA GLN B 444 36.74 -33.97 -46.67
C GLN B 444 36.25 -32.59 -46.23
N VAL B 445 35.22 -32.05 -46.88
CA VAL B 445 34.63 -30.78 -46.48
C VAL B 445 34.23 -30.87 -45.01
N PHE B 446 33.11 -31.55 -44.73
CA PHE B 446 32.77 -31.91 -43.36
C PHE B 446 33.66 -33.05 -42.93
N SER B 447 34.16 -32.96 -41.72
CA SER B 447 35.01 -33.98 -41.15
C SER B 447 34.16 -34.87 -40.27
N GLU B 448 34.38 -36.18 -40.37
CA GLU B 448 33.63 -37.12 -39.54
C GLU B 448 33.88 -36.83 -38.07
N GLU B 449 35.07 -36.30 -37.75
CA GLU B 449 35.31 -35.77 -36.42
C GLU B 449 34.29 -34.69 -36.05
N PHE B 450 34.03 -33.78 -37.00
CA PHE B 450 33.10 -32.68 -36.74
C PHE B 450 31.65 -33.16 -36.74
N ILE B 451 31.29 -34.07 -37.66
CA ILE B 451 29.95 -34.63 -37.66
C ILE B 451 29.66 -35.35 -36.35
N GLN B 452 30.68 -35.74 -35.61
CA GLN B 452 30.41 -36.39 -34.31
C GLN B 452 30.39 -35.40 -33.16
N ALA B 453 31.26 -34.40 -33.16
CA ALA B 453 31.19 -33.40 -32.10
C ALA B 453 29.85 -32.67 -32.16
N TYR B 454 29.40 -32.36 -33.38
CA TYR B 454 28.10 -31.77 -33.64
C TYR B 454 27.04 -32.60 -32.95
N GLN B 455 26.75 -33.77 -33.50
CA GLN B 455 25.69 -34.64 -33.02
C GLN B 455 25.67 -34.70 -31.49
N SER B 456 26.84 -34.82 -30.88
CA SER B 456 26.88 -34.88 -29.42
C SER B 456 26.56 -33.53 -28.80
N LEU B 457 26.82 -32.43 -29.51
CA LEU B 457 26.46 -31.12 -28.99
C LEU B 457 24.96 -30.93 -29.02
N LYS B 458 24.31 -31.31 -30.13
CA LYS B 458 22.88 -31.03 -30.28
C LYS B 458 22.05 -31.94 -29.40
N PHE B 459 22.35 -33.24 -29.39
CA PHE B 459 21.65 -34.13 -28.48
C PHE B 459 21.71 -33.58 -27.06
N ASN B 460 22.90 -33.19 -26.61
CA ASN B 460 23.15 -32.88 -25.21
C ASN B 460 22.64 -31.50 -24.82
N ALA B 461 22.66 -30.55 -25.76
CA ALA B 461 22.35 -29.16 -25.51
C ALA B 461 20.89 -28.81 -25.78
N GLU B 462 20.26 -29.54 -26.69
CA GLU B 462 18.92 -29.26 -27.18
C GLU B 462 17.96 -30.43 -27.07
N VAL B 463 18.38 -31.66 -27.39
CA VAL B 463 17.41 -32.75 -27.44
C VAL B 463 17.14 -33.33 -26.06
N PHE B 464 18.16 -33.57 -25.26
CA PHE B 464 17.95 -34.18 -23.93
C PHE B 464 17.27 -33.26 -22.93
N PRO B 465 17.56 -31.96 -22.88
CA PRO B 465 16.71 -31.10 -22.05
C PRO B 465 15.24 -31.16 -22.45
N TRP B 466 14.93 -31.11 -23.75
CA TRP B 466 13.54 -31.07 -24.20
C TRP B 466 12.79 -32.34 -23.86
N GLU B 467 13.43 -33.50 -24.01
CA GLU B 467 12.79 -34.78 -23.74
C GLU B 467 12.65 -35.07 -22.26
N SER B 468 13.15 -34.20 -21.42
CA SER B 468 13.30 -34.52 -20.01
C SER B 468 12.80 -33.44 -19.08
N LYS B 469 12.48 -32.25 -19.60
CA LYS B 469 11.95 -31.15 -18.80
C LYS B 469 10.45 -31.07 -19.00
N PRO B 470 9.65 -31.16 -17.93
CA PRO B 470 8.20 -31.08 -18.08
C PRO B 470 7.77 -29.91 -18.94
N HIS B 471 6.76 -30.14 -19.74
CA HIS B 471 6.18 -29.08 -20.54
C HIS B 471 4.97 -28.52 -19.81
N PRO B 472 4.83 -27.21 -19.75
CA PRO B 472 3.61 -26.61 -19.19
C PRO B 472 2.30 -27.27 -19.66
N PHE B 473 2.14 -27.54 -20.97
CA PHE B 473 0.88 -28.06 -21.51
C PHE B 473 0.54 -29.47 -20.99
N GLU B 474 1.54 -30.28 -20.62
CA GLU B 474 1.24 -31.61 -20.11
C GLU B 474 0.69 -31.60 -18.69
N PHE B 475 0.58 -30.44 -18.06
CA PHE B 475 -0.15 -30.31 -16.80
C PHE B 475 -1.62 -30.06 -17.03
N ILE B 476 -1.98 -29.56 -18.20
CA ILE B 476 -3.38 -29.46 -18.56
C ILE B 476 -3.92 -30.86 -18.82
N THR B 477 -3.15 -31.67 -19.53
CA THR B 477 -3.62 -32.96 -19.98
C THR B 477 -3.47 -34.01 -18.90
N THR B 478 -2.38 -33.95 -18.13
CA THR B 478 -1.95 -35.13 -17.41
C THR B 478 -2.00 -35.01 -15.90
N TYR B 479 -2.03 -33.80 -15.34
CA TYR B 479 -2.14 -33.65 -13.90
C TYR B 479 -3.27 -34.50 -13.31
N SER B 480 -4.40 -34.57 -14.03
CA SER B 480 -5.62 -35.21 -13.54
C SER B 480 -5.82 -36.64 -14.01
N CYS B 481 -4.84 -37.24 -14.66
CA CYS B 481 -4.95 -38.66 -14.95
C CYS B 481 -5.00 -39.46 -13.62
N SER C 8 67.67 10.27 -5.21
CA SER C 8 68.07 11.03 -6.39
C SER C 8 67.56 12.46 -6.37
N GLU C 9 68.49 13.42 -6.33
CA GLU C 9 68.09 14.83 -6.45
C GLU C 9 67.35 15.07 -7.77
N SER C 10 67.84 14.50 -8.86
CA SER C 10 67.23 14.73 -10.17
C SER C 10 65.81 14.14 -10.22
N LYS C 11 65.60 12.98 -9.61
CA LYS C 11 64.25 12.42 -9.50
C LYS C 11 63.31 13.42 -8.81
N ILE C 12 63.80 14.10 -7.77
CA ILE C 12 62.97 15.06 -7.05
C ILE C 12 62.76 16.33 -7.87
N LYS C 13 63.74 16.72 -8.70
CA LYS C 13 63.55 17.83 -9.61
C LYS C 13 62.60 17.45 -10.73
N GLU C 14 62.69 16.20 -11.18
CA GLU C 14 61.76 15.67 -12.17
C GLU C 14 60.32 15.76 -11.68
N PHE C 15 60.11 15.52 -10.39
CA PHE C 15 58.77 15.40 -9.80
C PHE C 15 58.12 16.75 -9.59
N PHE C 16 58.76 17.66 -8.84
CA PHE C 16 58.21 18.99 -8.64
C PHE C 16 57.95 19.70 -9.96
N GLU C 17 58.82 19.45 -10.96
CA GLU C 17 58.57 19.91 -12.32
C GLU C 17 57.27 19.34 -12.87
N PHE C 18 57.00 18.06 -12.62
CA PHE C 18 55.81 17.41 -13.17
C PHE C 18 54.53 17.89 -12.51
N CYS C 19 54.58 18.23 -11.22
CA CYS C 19 53.37 18.68 -10.54
C CYS C 19 53.02 20.10 -10.94
N LYS C 20 54.01 21.01 -10.94
CA LYS C 20 53.81 22.36 -11.45
C LYS C 20 53.15 22.35 -12.84
N GLU C 21 53.51 21.38 -13.66
CA GLU C 21 52.98 21.27 -15.03
C GLU C 21 51.49 20.97 -15.04
N ASN C 22 51.08 19.89 -14.36
CA ASN C 22 49.70 19.42 -14.37
C ASN C 22 48.79 20.20 -13.41
N GLU C 23 49.33 21.21 -12.73
CA GLU C 23 48.58 21.96 -11.72
C GLU C 23 48.11 21.03 -10.58
N VAL C 24 49.06 20.23 -10.07
CA VAL C 24 48.80 19.26 -9.00
C VAL C 24 48.48 19.98 -7.69
N GLU C 25 47.38 19.60 -7.03
CA GLU C 25 46.97 20.26 -5.80
C GLU C 25 47.19 19.45 -4.53
N PHE C 26 47.28 18.12 -4.63
CA PHE C 26 47.52 17.23 -3.50
C PHE C 26 48.49 16.12 -3.88
N VAL C 27 49.41 15.82 -2.98
CA VAL C 27 50.24 14.63 -3.13
C VAL C 27 49.61 13.56 -2.25
N ASP C 28 49.15 12.47 -2.90
CA ASP C 28 48.53 11.33 -2.22
C ASP C 28 49.55 10.20 -2.13
N PHE C 29 49.99 9.90 -0.91
CA PHE C 29 50.95 8.82 -0.69
C PHE C 29 50.19 7.51 -0.51
N ARG C 30 50.65 6.46 -1.18
CA ARG C 30 49.99 5.16 -1.13
C ARG C 30 51.00 4.08 -0.76
N PHE C 31 50.54 3.10 0.00
CA PHE C 31 51.40 2.04 0.51
C PHE C 31 50.49 0.88 0.85
N SER C 32 51.08 -0.27 1.15
CA SER C 32 50.32 -1.50 1.28
C SER C 32 50.70 -2.23 2.56
N ASP C 33 49.68 -2.63 3.34
CA ASP C 33 49.93 -3.35 4.59
C ASP C 33 50.26 -4.80 4.26
N ILE C 34 50.03 -5.70 5.22
CA ILE C 34 50.34 -7.09 4.97
C ILE C 34 49.22 -7.78 4.20
N LYS C 35 47.96 -7.43 4.45
CA LYS C 35 46.87 -8.04 3.70
C LYS C 35 46.97 -7.78 2.20
N GLY C 36 47.66 -6.70 1.82
CA GLY C 36 47.62 -6.20 0.45
C GLY C 36 46.73 -5.00 0.24
N THR C 37 46.29 -4.36 1.32
CA THR C 37 45.36 -3.25 1.24
C THR C 37 46.12 -1.98 0.88
N TRP C 38 45.65 -1.28 -0.15
CA TRP C 38 46.24 0.00 -0.53
C TRP C 38 45.67 1.11 0.35
N ASN C 39 46.51 1.70 1.18
CA ASN C 39 46.13 2.83 2.01
C ASN C 39 46.72 4.10 1.42
N HIS C 40 46.08 5.23 1.71
CA HIS C 40 46.59 6.49 1.15
C HIS C 40 46.58 7.59 2.20
N ILE C 41 47.54 8.50 2.09
CA ILE C 41 47.60 9.69 2.92
C ILE C 41 48.04 10.86 2.05
N ALA C 42 47.24 11.93 2.04
CA ALA C 42 47.43 13.06 1.15
C ALA C 42 48.01 14.27 1.88
N TYR C 43 48.81 15.04 1.16
CA TYR C 43 49.35 16.30 1.61
C TYR C 43 48.97 17.40 0.63
N SER C 44 48.69 18.59 1.14
CA SER C 44 48.43 19.73 0.28
C SER C 44 49.74 20.11 -0.46
N PHE C 45 49.63 20.42 -1.77
CA PHE C 45 50.85 20.48 -2.59
C PHE C 45 51.75 21.65 -2.23
N GLY C 46 51.20 22.80 -1.86
CA GLY C 46 52.04 23.91 -1.45
C GLY C 46 52.97 23.55 -0.30
N ALA C 47 52.44 22.84 0.70
CA ALA C 47 53.17 22.55 1.92
C ALA C 47 54.25 21.48 1.74
N LEU C 48 54.29 20.80 0.61
CA LEU C 48 55.31 19.79 0.38
C LEU C 48 56.66 20.46 0.18
N THR C 49 57.67 19.99 0.90
CA THR C 49 59.02 20.52 0.77
C THR C 49 59.93 19.47 0.16
N HIS C 50 60.91 19.94 -0.61
CA HIS C 50 61.89 19.03 -1.20
C HIS C 50 62.43 18.06 -0.14
N GLY C 51 62.58 18.55 1.09
CA GLY C 51 63.09 17.70 2.16
C GLY C 51 62.14 16.56 2.52
N MET C 52 60.83 16.86 2.63
CA MET C 52 59.84 15.84 2.99
C MET C 52 60.01 14.55 2.19
N LEU C 53 60.46 14.65 0.94
CA LEU C 53 60.73 13.47 0.13
C LEU C 53 62.12 12.91 0.35
N LYS C 54 62.96 13.57 1.15
CA LYS C 54 64.20 12.95 1.62
C LYS C 54 64.11 12.47 3.07
N GLU C 55 63.44 13.23 3.94
CA GLU C 55 63.18 12.77 5.29
C GLU C 55 62.20 11.61 5.25
N GLY C 56 60.94 11.91 4.95
CA GLY C 56 59.88 10.93 4.97
C GLY C 56 58.60 11.52 5.55
N ILE C 57 57.61 10.65 5.74
CA ILE C 57 56.26 11.06 6.13
C ILE C 57 55.92 10.33 7.43
N PRO C 58 55.50 11.03 8.47
CA PRO C 58 55.05 10.34 9.68
C PRO C 58 53.66 9.74 9.49
N PHE C 59 53.49 8.51 9.95
CA PHE C 59 52.16 7.95 10.04
C PHE C 59 52.04 7.08 11.28
N ASP C 60 50.83 6.54 11.47
CA ASP C 60 50.46 5.72 12.62
C ASP C 60 50.41 4.27 12.17
N ALA C 61 51.37 3.47 12.62
CA ALA C 61 51.60 2.15 12.06
C ALA C 61 50.95 1.01 12.85
N SER C 62 50.18 1.31 13.89
CA SER C 62 49.54 0.26 14.67
C SER C 62 48.09 0.02 14.25
N CYS C 63 47.55 0.87 13.38
CA CYS C 63 46.24 0.68 12.76
C CYS C 63 46.24 -0.45 11.73
N PHE C 64 47.41 -1.08 11.49
CA PHE C 64 47.61 -2.05 10.42
C PHE C 64 47.98 -3.37 11.08
N LYS C 65 47.12 -4.36 10.99
CA LYS C 65 47.47 -5.60 11.65
C LYS C 65 48.77 -6.12 11.07
N GLY C 66 49.53 -6.83 11.90
CA GLY C 66 50.82 -7.33 11.47
C GLY C 66 51.96 -6.33 11.58
N TRP C 67 51.73 -5.14 12.16
CA TRP C 67 52.75 -4.10 12.16
C TRP C 67 53.04 -3.66 13.60
N GLN C 68 52.87 -2.38 13.91
CA GLN C 68 53.42 -1.79 15.11
C GLN C 68 52.45 -1.90 16.27
N GLY C 69 53.02 -1.99 17.48
CA GLY C 69 52.24 -1.90 18.69
C GLY C 69 52.10 -0.47 19.12
N ILE C 70 51.02 -0.19 19.86
CA ILE C 70 50.62 1.21 20.08
C ILE C 70 51.72 2.02 20.74
N GLU C 71 52.69 1.36 21.38
CA GLU C 71 53.73 2.03 22.14
C GLU C 71 54.93 2.44 21.28
N HIS C 72 55.21 1.72 20.20
CA HIS C 72 56.21 2.13 19.22
C HIS C 72 55.48 2.37 17.91
N SER C 73 54.50 3.26 17.95
CA SER C 73 53.56 3.39 16.84
C SER C 73 54.14 4.17 15.68
N ASP C 74 54.90 5.23 15.97
CA ASP C 74 55.42 6.12 14.94
C ASP C 74 56.22 5.36 13.90
N MET C 75 55.90 5.58 12.63
CA MET C 75 56.76 5.12 11.54
C MET C 75 56.90 6.23 10.49
N ILE C 76 57.72 5.94 9.48
CA ILE C 76 57.97 6.85 8.37
C ILE C 76 57.52 6.19 7.08
N LEU C 77 56.88 6.96 6.22
CA LEU C 77 56.71 6.58 4.83
C LEU C 77 57.81 7.26 4.02
N THR C 78 58.47 6.50 3.14
CA THR C 78 59.55 7.01 2.26
C THR C 78 59.13 6.93 0.79
N PRO C 79 58.83 8.06 0.14
CA PRO C 79 58.34 8.02 -1.25
C PRO C 79 59.35 7.40 -2.19
N ASP C 80 58.90 6.38 -2.95
CA ASP C 80 59.68 5.81 -4.05
C ASP C 80 59.16 6.46 -5.33
N LEU C 81 59.82 7.55 -5.75
CA LEU C 81 59.36 8.32 -6.90
C LEU C 81 59.52 7.62 -8.25
N VAL C 82 59.07 6.38 -8.37
CA VAL C 82 58.84 5.76 -9.68
C VAL C 82 57.36 5.47 -9.87
N ARG C 83 56.87 5.73 -11.07
CA ARG C 83 55.57 5.27 -11.52
C ARG C 83 54.42 5.96 -10.80
N TYR C 84 54.55 7.29 -10.62
CA TYR C 84 53.49 8.14 -10.07
C TYR C 84 52.51 8.59 -11.18
N PHE C 85 51.33 9.05 -10.77
CA PHE C 85 50.36 9.35 -11.81
C PHE C 85 49.30 10.31 -11.30
N ILE C 86 48.68 11.02 -12.25
CA ILE C 86 47.52 11.87 -11.95
C ILE C 86 46.31 10.98 -11.74
N ASP C 87 45.71 11.07 -10.56
CA ASP C 87 44.56 10.24 -10.22
C ASP C 87 43.39 10.58 -11.14
N PRO C 88 42.90 9.62 -11.93
CA PRO C 88 41.82 9.93 -12.87
C PRO C 88 40.56 10.40 -12.19
N PHE C 89 40.39 10.09 -10.90
CA PHE C 89 39.12 10.18 -10.20
C PHE C 89 39.01 11.33 -9.19
N SER C 90 40.10 11.78 -8.58
CA SER C 90 40.02 12.88 -7.63
C SER C 90 39.43 14.10 -8.31
N ALA C 91 38.54 14.80 -7.60
CA ALA C 91 37.91 15.99 -8.17
C ALA C 91 38.90 17.13 -8.32
N ASP C 92 39.92 17.15 -7.47
CA ASP C 92 41.02 18.10 -7.54
C ASP C 92 42.30 17.33 -7.82
N VAL C 93 43.21 17.96 -8.55
CA VAL C 93 44.28 17.24 -9.20
C VAL C 93 45.22 16.65 -8.16
N SER C 94 45.29 15.32 -8.13
CA SER C 94 46.13 14.58 -7.19
C SER C 94 47.14 13.74 -7.96
N VAL C 95 48.40 13.87 -7.60
CA VAL C 95 49.38 12.88 -7.97
C VAL C 95 49.39 11.82 -6.87
N VAL C 96 49.51 10.58 -7.27
CA VAL C 96 49.69 9.45 -6.36
C VAL C 96 51.17 9.09 -6.40
N VAL C 97 51.74 8.83 -5.24
CA VAL C 97 53.15 8.49 -5.16
C VAL C 97 53.28 7.26 -4.27
N PHE C 98 53.77 6.16 -4.85
CA PHE C 98 54.06 4.92 -4.13
C PHE C 98 54.93 5.24 -2.93
N CYS C 99 55.02 4.33 -1.97
CA CYS C 99 55.83 4.59 -0.79
C CYS C 99 56.42 3.29 -0.28
N ASP C 100 57.34 3.43 0.68
CA ASP C 100 57.81 2.35 1.53
C ASP C 100 57.61 2.74 2.98
N VAL C 101 57.64 1.75 3.86
CA VAL C 101 57.68 2.02 5.29
C VAL C 101 59.09 1.76 5.79
N TYR C 102 59.59 2.67 6.60
CA TYR C 102 60.97 2.66 7.07
C TYR C 102 60.98 2.50 8.58
N ASP C 103 61.72 1.51 9.07
CA ASP C 103 61.77 1.22 10.49
C ASP C 103 62.61 2.29 11.17
N VAL C 104 61.93 3.21 11.84
CA VAL C 104 62.64 4.27 12.56
C VAL C 104 63.13 3.81 13.91
N TYR C 105 62.94 2.54 14.26
CA TYR C 105 63.44 2.00 15.52
C TYR C 105 64.65 1.11 15.34
N LYS C 106 64.63 0.23 14.34
CA LYS C 106 65.83 -0.50 13.96
C LYS C 106 66.64 0.21 12.89
N ASN C 107 66.13 1.32 12.36
CA ASN C 107 66.85 2.20 11.43
C ASN C 107 67.31 1.43 10.19
N GLN C 108 66.31 1.11 9.34
CA GLN C 108 66.41 0.20 8.20
C GLN C 108 65.04 0.12 7.53
N PRO C 109 64.96 -0.26 6.26
CA PRO C 109 63.64 -0.47 5.62
C PRO C 109 62.86 -1.60 6.29
N TYR C 110 61.60 -1.31 6.62
CA TYR C 110 60.72 -2.16 7.43
C TYR C 110 60.71 -3.60 6.97
N GLU C 111 61.01 -4.52 7.89
CA GLU C 111 61.10 -5.91 7.47
C GLU C 111 59.74 -6.56 7.22
N LYS C 112 58.64 -5.91 7.64
CA LYS C 112 57.28 -6.36 7.29
C LYS C 112 56.61 -5.53 6.18
N CYS C 113 57.26 -4.52 5.62
CA CYS C 113 56.66 -3.81 4.49
C CYS C 113 56.73 -4.68 3.23
N PRO C 114 55.64 -5.26 2.76
CA PRO C 114 55.79 -6.19 1.64
C PRO C 114 56.49 -5.58 0.45
N ARG C 115 56.31 -4.27 0.20
CA ARG C 115 56.94 -3.69 -0.97
C ARG C 115 58.45 -3.63 -0.81
N SER C 116 58.93 -3.40 0.42
CA SER C 116 60.35 -3.59 0.72
C SER C 116 60.75 -5.05 0.54
N ILE C 117 60.00 -5.96 1.15
CA ILE C 117 60.27 -7.40 0.99
C ILE C 117 60.41 -7.75 -0.49
N ALA C 118 59.59 -7.13 -1.33
CA ALA C 118 59.68 -7.34 -2.78
C ALA C 118 60.98 -6.80 -3.34
N LYS C 119 61.56 -5.78 -2.70
CA LYS C 119 62.82 -5.23 -3.21
C LYS C 119 64.00 -6.12 -2.84
N LYS C 120 64.03 -6.57 -1.58
CA LYS C 120 65.01 -7.59 -1.16
C LYS C 120 64.93 -8.82 -2.06
N ALA C 121 63.71 -9.20 -2.48
CA ALA C 121 63.56 -10.36 -3.35
C ALA C 121 64.21 -10.11 -4.70
N LEU C 122 63.83 -9.02 -5.37
CA LEU C 122 64.45 -8.72 -6.66
C LEU C 122 65.95 -8.50 -6.52
N GLN C 123 66.37 -7.74 -5.50
CA GLN C 123 67.79 -7.55 -5.29
C GLN C 123 68.51 -8.89 -5.15
N HIS C 124 68.03 -9.72 -4.21
CA HIS C 124 68.67 -11.01 -3.91
C HIS C 124 69.03 -11.79 -5.17
N LEU C 125 68.12 -11.82 -6.15
CA LEU C 125 68.36 -12.51 -7.43
C LEU C 125 69.63 -12.00 -8.09
N LYS C 126 69.89 -10.69 -7.96
CA LYS C 126 71.09 -10.11 -8.56
C LYS C 126 72.35 -10.52 -7.77
N ASP C 127 72.32 -10.35 -6.44
CA ASP C 127 73.50 -10.65 -5.62
C ASP C 127 74.00 -12.06 -5.90
N SER C 128 73.10 -13.04 -5.81
CA SER C 128 73.38 -14.39 -6.26
C SER C 128 73.96 -14.45 -7.67
N GLY C 129 73.76 -13.42 -8.47
CA GLY C 129 74.18 -13.51 -9.86
C GLY C 129 73.39 -14.49 -10.68
N LEU C 130 72.38 -15.13 -10.08
CA LEU C 130 71.47 -16.02 -10.79
C LEU C 130 70.91 -15.37 -12.06
N GLY C 131 70.57 -14.07 -11.98
CA GLY C 131 69.99 -13.38 -13.11
C GLY C 131 70.02 -11.88 -12.92
N ASP C 132 69.88 -11.18 -14.04
CA ASP C 132 69.76 -9.72 -14.02
C ASP C 132 68.43 -9.31 -13.41
N VAL C 133 67.34 -9.71 -14.07
CA VAL C 133 66.00 -9.22 -13.78
C VAL C 133 65.04 -10.39 -13.69
N ALA C 134 63.95 -10.16 -12.97
CA ALA C 134 62.80 -11.06 -12.89
C ALA C 134 61.56 -10.29 -13.34
N TYR C 135 61.00 -10.67 -14.50
CA TYR C 135 59.82 -10.03 -15.08
C TYR C 135 58.57 -10.85 -14.76
N PHE C 136 57.59 -10.22 -14.14
CA PHE C 136 56.34 -10.87 -13.77
C PHE C 136 55.20 -10.28 -14.56
N GLY C 137 54.36 -11.15 -15.11
CA GLY C 137 53.16 -10.69 -15.80
C GLY C 137 51.94 -11.37 -15.24
N ALA C 138 51.05 -10.63 -14.59
CA ALA C 138 49.92 -11.19 -13.87
C ALA C 138 48.60 -10.65 -14.43
N GLU C 139 47.81 -11.55 -15.04
CA GLU C 139 46.44 -11.26 -15.42
C GLU C 139 45.55 -11.33 -14.20
N ASN C 140 44.72 -10.32 -14.00
CA ASN C 140 43.97 -10.18 -12.76
C ASN C 140 42.49 -10.29 -13.10
N GLU C 141 41.98 -11.51 -13.12
CA GLU C 141 40.57 -11.67 -13.40
C GLU C 141 39.75 -11.06 -12.27
N PHE C 142 38.59 -10.50 -12.64
CA PHE C 142 37.74 -9.75 -11.72
C PHE C 142 36.27 -9.90 -12.10
N PHE C 143 35.41 -9.47 -11.19
CA PHE C 143 33.97 -9.38 -11.44
C PHE C 143 33.52 -7.93 -11.32
N ILE C 144 32.52 -7.57 -12.10
CA ILE C 144 31.79 -6.32 -11.89
C ILE C 144 30.36 -6.72 -11.56
N PHE C 145 29.94 -6.51 -10.33
CA PHE C 145 28.59 -6.85 -9.92
C PHE C 145 27.76 -5.58 -9.77
N ASP C 146 26.45 -5.75 -9.76
CA ASP C 146 25.54 -4.61 -9.63
C ASP C 146 25.24 -4.23 -8.16
N SER C 147 25.51 -5.12 -7.22
CA SER C 147 24.97 -5.03 -5.88
C SER C 147 25.65 -6.10 -5.04
N ILE C 148 25.90 -5.80 -3.76
CA ILE C 148 26.58 -6.72 -2.85
C ILE C 148 25.99 -6.57 -1.45
N LYS C 149 25.42 -7.63 -0.90
CA LYS C 149 24.77 -7.50 0.39
C LYS C 149 25.26 -8.61 1.30
N ILE C 150 25.60 -8.24 2.51
CA ILE C 150 26.17 -9.17 3.46
C ILE C 150 25.50 -8.92 4.80
N LYS C 151 25.40 -9.96 5.62
CA LYS C 151 25.05 -9.84 7.02
C LYS C 151 26.00 -10.73 7.82
N ASP C 152 26.44 -10.24 8.99
CA ASP C 152 27.20 -11.05 9.95
C ASP C 152 26.65 -10.82 11.34
N ALA C 153 25.68 -11.66 11.72
CA ALA C 153 24.90 -11.57 12.95
C ALA C 153 25.10 -12.83 13.79
N SER C 154 24.51 -12.81 14.97
CA SER C 154 24.49 -13.98 15.84
C SER C 154 23.45 -15.00 15.39
N ASN C 155 22.47 -14.60 14.59
CA ASN C 155 21.43 -15.51 14.15
C ASN C 155 21.38 -15.71 12.63
N SER C 156 22.34 -15.16 11.88
CA SER C 156 22.20 -15.10 10.43
C SER C 156 23.55 -14.83 9.78
N GLN C 157 23.91 -15.67 8.81
CA GLN C 157 24.97 -15.36 7.88
C GLN C 157 24.34 -15.20 6.51
N TYR C 158 24.68 -14.12 5.83
CA TYR C 158 23.93 -13.78 4.63
C TYR C 158 24.88 -13.10 3.66
N TYR C 159 24.96 -13.62 2.45
CA TYR C 159 25.57 -12.86 1.36
C TYR C 159 24.72 -13.06 0.12
N GLU C 160 24.72 -12.03 -0.73
CA GLU C 160 24.11 -12.17 -2.05
C GLU C 160 24.71 -11.11 -2.96
N VAL C 161 25.32 -11.54 -4.07
CA VAL C 161 25.67 -10.62 -5.14
C VAL C 161 24.51 -10.61 -6.13
N ASP C 162 24.48 -9.61 -6.97
CA ASP C 162 23.53 -9.62 -8.07
C ASP C 162 24.21 -8.98 -9.28
N SER C 163 23.97 -9.59 -10.44
CA SER C 163 24.42 -9.05 -11.72
C SER C 163 23.28 -9.29 -12.71
N GLU C 164 22.99 -8.27 -13.53
CA GLU C 164 21.92 -8.38 -14.53
C GLU C 164 22.04 -9.63 -15.40
N GLU C 165 23.26 -10.06 -15.71
CA GLU C 165 23.55 -11.19 -16.58
C GLU C 165 23.35 -12.53 -15.91
N GLY C 166 23.06 -12.55 -14.62
CA GLY C 166 23.09 -13.78 -13.86
C GLY C 166 21.83 -14.61 -14.07
N GLU C 167 22.04 -15.91 -14.28
CA GLU C 167 21.00 -16.93 -14.45
C GLU C 167 19.80 -16.75 -13.52
N TRP C 168 20.00 -16.13 -12.36
CA TRP C 168 18.93 -16.00 -11.38
C TRP C 168 17.99 -14.83 -11.66
N ASN C 169 18.20 -14.10 -12.76
CA ASN C 169 17.36 -12.97 -13.10
C ASN C 169 16.58 -13.19 -14.40
N ARG C 170 16.55 -14.43 -14.92
CA ARG C 170 15.81 -14.73 -16.13
C ARG C 170 14.33 -14.39 -15.98
N ASP C 171 13.81 -14.40 -14.75
CA ASP C 171 12.40 -14.13 -14.48
C ASP C 171 12.15 -12.76 -13.85
N ARG C 172 13.18 -11.96 -13.64
CA ARG C 172 13.00 -10.74 -12.87
C ARG C 172 12.36 -9.66 -13.72
N SER C 173 11.82 -8.62 -13.05
CA SER C 173 11.32 -7.39 -13.65
C SER C 173 12.18 -6.20 -13.22
N PHE C 174 12.73 -5.47 -14.20
CA PHE C 174 13.62 -4.35 -13.92
C PHE C 174 12.93 -3.01 -14.17
N GLU C 175 13.42 -2.23 -15.14
CA GLU C 175 13.08 -0.80 -15.25
C GLU C 175 11.58 -0.56 -15.48
N ASN C 176 11.08 -0.61 -16.71
CA ASN C 176 9.66 -0.34 -16.88
C ASN C 176 8.80 -1.61 -16.71
N GLY C 177 9.25 -2.56 -15.89
CA GLY C 177 8.59 -3.85 -15.79
C GLY C 177 9.13 -4.91 -16.71
N VAL C 178 10.40 -4.81 -17.05
CA VAL C 178 10.88 -5.30 -18.33
C VAL C 178 12.11 -6.17 -18.08
N ASN C 179 12.36 -7.08 -19.01
CA ASN C 179 13.56 -7.88 -18.98
C ASN C 179 14.00 -8.03 -20.43
N PHE C 180 15.24 -7.64 -20.74
CA PHE C 180 15.77 -7.72 -22.12
C PHE C 180 16.30 -9.10 -22.44
N GLY C 181 16.54 -9.94 -21.44
CA GLY C 181 17.00 -11.29 -21.69
C GLY C 181 18.43 -11.27 -22.13
N HIS C 182 18.75 -12.10 -23.11
CA HIS C 182 20.07 -12.10 -23.78
C HIS C 182 21.19 -12.28 -22.75
N ARG C 183 21.22 -13.48 -22.19
CA ARG C 183 22.05 -13.75 -21.02
C ARG C 183 22.95 -14.95 -21.26
N PRO C 184 24.19 -14.90 -20.80
CA PRO C 184 24.98 -16.12 -20.74
C PRO C 184 24.58 -16.95 -19.52
N GLY C 185 24.59 -18.25 -19.68
CA GLY C 185 24.19 -19.09 -18.56
C GLY C 185 25.22 -19.16 -17.47
N LYS C 186 25.33 -20.31 -16.80
CA LYS C 186 26.54 -20.64 -16.06
C LYS C 186 27.66 -20.88 -17.05
N GLN C 187 28.83 -20.31 -16.75
CA GLN C 187 30.07 -20.53 -17.51
C GLN C 187 29.92 -20.15 -18.98
N GLY C 188 29.01 -19.24 -19.28
CA GLY C 188 28.74 -18.93 -20.67
C GLY C 188 29.45 -17.70 -21.20
N GLY C 189 30.09 -16.95 -20.32
CA GLY C 189 30.57 -15.62 -20.68
C GLY C 189 31.73 -15.55 -21.66
N TYR C 190 32.27 -16.66 -22.10
CA TYR C 190 33.42 -16.62 -22.97
C TYR C 190 33.02 -17.06 -24.38
N MET C 191 33.06 -16.15 -25.36
CA MET C 191 33.19 -14.71 -25.20
C MET C 191 32.19 -13.98 -26.12
N PRO C 192 30.89 -14.16 -25.89
CA PRO C 192 29.89 -13.62 -26.82
C PRO C 192 29.96 -12.11 -27.00
N VAL C 193 29.38 -11.65 -28.10
CA VAL C 193 29.34 -10.24 -28.47
C VAL C 193 28.25 -9.55 -27.67
N PRO C 194 28.13 -8.23 -27.74
CA PRO C 194 26.90 -7.66 -27.23
C PRO C 194 25.70 -8.07 -28.07
N PRO C 195 24.51 -8.25 -27.46
CA PRO C 195 24.13 -7.87 -26.09
C PRO C 195 24.36 -8.90 -24.97
N THR C 196 24.70 -10.16 -25.26
CA THR C 196 25.08 -11.10 -24.20
C THR C 196 26.23 -10.56 -23.33
N ASP C 197 27.20 -9.87 -23.93
CA ASP C 197 28.24 -9.20 -23.15
C ASP C 197 27.83 -7.75 -22.92
N THR C 198 27.47 -7.44 -21.67
CA THR C 198 26.92 -6.14 -21.30
C THR C 198 27.97 -5.18 -20.78
N MET C 199 29.27 -5.47 -21.00
CA MET C 199 30.33 -4.72 -20.34
C MET C 199 31.48 -4.38 -21.29
N MET C 200 31.20 -4.32 -22.60
CA MET C 200 32.27 -4.00 -23.55
C MET C 200 32.74 -2.56 -23.38
N ASP C 201 31.83 -1.63 -23.04
CA ASP C 201 32.14 -0.21 -22.91
C ASP C 201 32.70 0.17 -21.53
N ILE C 202 32.47 -0.66 -20.51
CA ILE C 202 33.19 -0.47 -19.26
C ILE C 202 34.55 -1.13 -19.35
N ARG C 203 34.69 -2.19 -20.17
CA ARG C 203 35.97 -2.82 -20.36
C ARG C 203 36.96 -1.91 -21.05
N THR C 204 36.50 -1.16 -22.05
CA THR C 204 37.39 -0.19 -22.66
C THR C 204 37.55 1.06 -21.81
N GLU C 205 36.48 1.54 -21.17
CA GLU C 205 36.66 2.61 -20.21
C GLU C 205 37.77 2.28 -19.24
N ILE C 206 37.80 1.03 -18.74
CA ILE C 206 38.90 0.61 -17.86
C ILE C 206 40.23 0.76 -18.58
N VAL C 207 40.39 0.03 -19.68
CA VAL C 207 41.67 -0.05 -20.40
C VAL C 207 42.23 1.33 -20.71
N LYS C 208 41.35 2.28 -21.02
CA LYS C 208 41.85 3.56 -21.46
C LYS C 208 42.45 4.34 -20.32
N VAL C 209 41.90 4.19 -19.12
CA VAL C 209 42.52 4.82 -17.97
C VAL C 209 43.60 3.95 -17.33
N LEU C 210 43.55 2.63 -17.52
CA LEU C 210 44.76 1.84 -17.33
C LEU C 210 45.91 2.43 -18.11
N ASN C 211 45.64 2.86 -19.33
CA ASN C 211 46.66 3.55 -20.10
C ASN C 211 47.07 4.82 -19.40
N GLN C 212 46.11 5.69 -19.10
CA GLN C 212 46.34 7.01 -18.55
C GLN C 212 46.94 6.95 -17.13
N VAL C 213 47.46 5.78 -16.73
CA VAL C 213 48.10 5.65 -15.43
C VAL C 213 49.42 4.89 -15.55
N GLY C 214 49.84 4.58 -16.78
CA GLY C 214 51.15 4.01 -17.03
C GLY C 214 51.19 2.56 -17.41
N LEU C 215 50.10 1.83 -17.22
CA LEU C 215 50.05 0.47 -17.69
C LEU C 215 49.80 0.46 -19.19
N GLU C 216 50.54 -0.38 -19.89
CA GLU C 216 50.30 -0.61 -21.31
C GLU C 216 49.47 -1.89 -21.40
N THR C 217 48.33 -1.79 -22.04
CA THR C 217 47.41 -2.89 -22.20
C THR C 217 47.49 -3.44 -23.60
N PHE C 218 47.04 -4.68 -23.76
CA PHE C 218 46.93 -5.26 -25.09
C PHE C 218 45.72 -6.15 -25.30
N VAL C 219 45.17 -6.78 -24.27
CA VAL C 219 43.97 -7.60 -24.43
C VAL C 219 42.90 -7.08 -23.48
N VAL C 220 41.66 -7.20 -23.93
CA VAL C 220 40.47 -7.15 -23.10
C VAL C 220 39.59 -8.29 -23.57
N HIS C 221 38.95 -8.99 -22.64
CA HIS C 221 37.79 -9.78 -23.01
C HIS C 221 36.87 -9.94 -21.81
N HIS C 222 35.74 -10.57 -22.08
CA HIS C 222 34.93 -11.27 -21.12
C HIS C 222 35.58 -12.62 -20.83
N GLU C 223 35.44 -13.06 -19.58
CA GLU C 223 35.94 -14.37 -19.20
C GLU C 223 34.75 -15.30 -18.93
N VAL C 224 35.04 -16.53 -18.49
CA VAL C 224 34.09 -17.63 -18.48
C VAL C 224 32.85 -17.30 -17.65
N ALA C 225 33.05 -16.78 -16.44
CA ALA C 225 31.95 -16.65 -15.50
C ALA C 225 31.04 -15.47 -15.89
N GLN C 226 30.01 -15.22 -15.08
CA GLN C 226 28.92 -14.41 -15.59
C GLN C 226 29.31 -12.94 -15.70
N ALA C 227 29.52 -12.23 -14.60
CA ALA C 227 29.91 -10.83 -14.83
C ALA C 227 31.43 -10.64 -14.92
N GLN C 228 32.17 -11.56 -15.54
CA GLN C 228 33.62 -11.58 -15.38
C GLN C 228 34.36 -10.80 -16.47
N GLY C 229 35.54 -10.27 -16.12
CA GLY C 229 36.40 -9.64 -17.10
C GLY C 229 37.88 -9.88 -16.82
N GLU C 230 38.71 -9.47 -17.78
CA GLU C 230 40.16 -9.56 -17.66
C GLU C 230 40.83 -8.60 -18.63
N VAL C 231 41.96 -8.04 -18.21
CA VAL C 231 42.81 -7.19 -19.06
C VAL C 231 44.26 -7.65 -18.94
N GLY C 232 44.95 -7.77 -20.07
CA GLY C 232 46.38 -8.06 -20.07
C GLY C 232 47.19 -6.78 -20.06
N VAL C 233 48.11 -6.68 -19.13
CA VAL C 233 48.99 -5.52 -19.03
C VAL C 233 50.43 -6.02 -19.18
N LYS C 234 51.23 -5.25 -19.90
CA LYS C 234 52.57 -5.72 -20.26
C LYS C 234 53.36 -6.12 -19.03
N PHE C 235 54.11 -7.22 -19.17
CA PHE C 235 54.88 -7.72 -18.05
C PHE C 235 55.89 -6.68 -17.58
N GLY C 236 55.91 -6.42 -16.28
CA GLY C 236 56.94 -5.63 -15.65
C GLY C 236 57.86 -6.53 -14.84
N ASP C 237 58.80 -5.88 -14.15
CA ASP C 237 59.66 -6.63 -13.26
C ASP C 237 58.95 -6.85 -11.92
N LEU C 238 59.57 -7.64 -11.05
CA LEU C 238 58.89 -8.14 -9.85
C LEU C 238 58.18 -7.02 -9.09
N VAL C 239 58.92 -6.00 -8.63
CA VAL C 239 58.28 -4.95 -7.87
C VAL C 239 57.29 -4.19 -8.72
N GLU C 240 57.75 -3.70 -9.87
CA GLU C 240 56.88 -2.88 -10.73
C GLU C 240 55.65 -3.65 -11.12
N ALA C 241 55.81 -4.94 -11.44
CA ALA C 241 54.67 -5.78 -11.73
C ALA C 241 53.67 -5.72 -10.58
N ALA C 242 54.15 -5.89 -9.35
CA ALA C 242 53.27 -5.76 -8.21
C ALA C 242 52.84 -4.32 -8.00
N ASP C 243 53.50 -3.35 -8.61
CA ASP C 243 53.02 -1.98 -8.54
C ASP C 243 51.86 -1.76 -9.51
N ASN C 244 51.98 -2.29 -10.73
CA ASN C 244 50.90 -2.16 -11.70
C ASN C 244 49.67 -2.97 -11.30
N VAL C 245 49.82 -3.97 -10.43
CA VAL C 245 48.65 -4.69 -9.94
C VAL C 245 47.82 -3.78 -9.07
N GLN C 246 48.46 -3.20 -8.05
CA GLN C 246 47.86 -2.27 -7.12
C GLN C 246 46.98 -1.25 -7.84
N LYS C 247 47.41 -0.81 -9.04
CA LYS C 247 46.77 0.29 -9.74
C LYS C 247 45.63 -0.17 -10.65
N LEU C 248 45.79 -1.32 -11.31
CA LEU C 248 44.65 -1.87 -12.05
C LEU C 248 43.48 -2.09 -11.11
N LYS C 249 43.75 -2.66 -9.93
CA LYS C 249 42.69 -2.93 -8.96
C LYS C 249 41.99 -1.65 -8.54
N TYR C 250 42.77 -0.60 -8.28
CA TYR C 250 42.20 0.69 -7.88
C TYR C 250 41.32 1.27 -8.98
N VAL C 251 41.82 1.29 -10.21
CA VAL C 251 41.07 1.89 -11.30
C VAL C 251 39.79 1.10 -11.53
N VAL C 252 39.92 -0.23 -11.62
CA VAL C 252 38.78 -1.09 -11.94
C VAL C 252 37.64 -0.87 -10.96
N LYS C 253 37.98 -0.83 -9.64
CA LYS C 253 36.99 -0.53 -8.61
C LYS C 253 36.48 0.91 -8.67
N MET C 254 37.30 1.85 -9.12
CA MET C 254 36.82 3.22 -9.22
C MET C 254 36.05 3.48 -10.48
N VAL C 255 36.33 2.75 -11.56
CA VAL C 255 35.55 2.93 -12.79
C VAL C 255 34.18 2.31 -12.64
N ALA C 256 34.11 1.08 -12.10
CA ALA C 256 32.83 0.48 -11.76
C ALA C 256 32.05 1.31 -10.75
N HIS C 257 32.74 1.98 -9.82
CA HIS C 257 32.01 2.76 -8.82
C HIS C 257 31.36 3.99 -9.44
N LEU C 258 32.12 4.78 -10.22
CA LEU C 258 31.49 5.96 -10.80
C LEU C 258 30.52 5.58 -11.92
N ASN C 259 30.50 4.31 -12.33
CA ASN C 259 29.51 3.80 -13.26
C ASN C 259 28.29 3.17 -12.59
N GLY C 260 28.16 3.27 -11.27
CA GLY C 260 27.00 2.72 -10.57
C GLY C 260 27.09 1.24 -10.27
N LYS C 261 28.30 0.71 -10.13
CA LYS C 261 28.53 -0.72 -10.03
C LYS C 261 29.61 -1.02 -8.99
N THR C 262 29.77 -2.30 -8.69
CA THR C 262 30.70 -2.71 -7.66
C THR C 262 31.54 -3.82 -8.26
N ALA C 263 32.86 -3.63 -8.26
CA ALA C 263 33.79 -4.60 -8.81
C ALA C 263 34.51 -5.32 -7.68
N THR C 264 34.94 -6.56 -7.92
CA THR C 264 35.70 -7.32 -6.93
C THR C 264 36.70 -8.26 -7.60
N PHE C 265 37.82 -8.54 -6.92
CA PHE C 265 38.85 -9.44 -7.43
C PHE C 265 38.95 -10.73 -6.60
N MET C 266 37.91 -11.06 -5.85
CA MET C 266 37.97 -12.20 -4.95
C MET C 266 37.86 -13.52 -5.72
N PRO C 267 38.46 -14.59 -5.18
CA PRO C 267 38.64 -15.82 -5.98
C PRO C 267 37.35 -16.52 -6.42
N LYS C 268 36.34 -16.60 -5.57
CA LYS C 268 35.11 -17.32 -5.90
C LYS C 268 33.89 -16.65 -5.30
N PRO C 269 33.31 -15.64 -6.01
CA PRO C 269 32.08 -14.99 -5.52
C PRO C 269 30.80 -15.80 -5.76
N LEU C 270 30.64 -16.41 -6.92
CA LEU C 270 29.53 -17.31 -7.19
C LEU C 270 29.97 -18.75 -6.95
N TYR C 271 29.03 -19.58 -6.48
CA TYR C 271 29.23 -21.01 -6.39
C TYR C 271 28.66 -21.69 -7.62
N GLY C 272 29.52 -22.40 -8.36
CA GLY C 272 29.12 -23.14 -9.55
C GLY C 272 29.53 -22.48 -10.84
N ASP C 273 29.88 -21.21 -10.80
CA ASP C 273 30.49 -20.56 -11.94
C ASP C 273 31.98 -20.41 -11.68
N ASN C 274 32.72 -19.97 -12.70
CA ASN C 274 34.16 -19.96 -12.64
C ASN C 274 34.64 -18.98 -11.57
N GLY C 275 35.81 -19.24 -11.05
CA GLY C 275 36.41 -18.27 -10.16
C GLY C 275 37.37 -17.35 -10.89
N SER C 276 37.67 -16.22 -10.26
CA SER C 276 38.66 -15.27 -10.78
C SER C 276 40.06 -15.83 -10.55
N GLY C 277 40.92 -15.73 -11.57
CA GLY C 277 42.32 -16.10 -11.43
C GLY C 277 43.30 -14.94 -11.47
N MET C 278 44.50 -15.16 -10.91
CA MET C 278 45.70 -14.34 -11.13
C MET C 278 46.75 -15.29 -11.69
N HIS C 279 46.79 -15.42 -13.01
CA HIS C 279 47.82 -16.23 -13.65
C HIS C 279 49.12 -15.44 -13.67
N THR C 280 50.16 -15.98 -13.01
CA THR C 280 51.44 -15.28 -12.89
C THR C 280 52.46 -15.86 -13.88
N HIS C 281 52.81 -15.05 -14.88
CA HIS C 281 53.86 -15.40 -15.81
C HIS C 281 55.21 -14.92 -15.29
N VAL C 282 56.22 -15.78 -15.39
CA VAL C 282 57.54 -15.53 -14.81
C VAL C 282 58.62 -15.84 -15.84
N SER C 283 59.54 -14.89 -16.04
CA SER C 283 60.81 -15.18 -16.70
C SER C 283 61.93 -14.48 -15.95
N VAL C 284 63.16 -14.90 -16.26
CA VAL C 284 64.37 -14.44 -15.59
C VAL C 284 65.42 -14.19 -16.66
N TRP C 285 65.98 -12.99 -16.69
CA TRP C 285 66.90 -12.58 -17.74
C TRP C 285 68.24 -12.19 -17.14
N LYS C 286 69.30 -12.37 -17.92
CA LYS C 286 70.61 -11.77 -17.63
C LYS C 286 71.25 -11.31 -18.93
N ASN C 287 71.86 -10.13 -18.87
CA ASN C 287 72.53 -9.51 -20.02
C ASN C 287 71.60 -9.54 -21.23
N ASN C 288 70.33 -9.25 -20.99
CA ASN C 288 69.28 -9.26 -21.99
C ASN C 288 69.23 -10.60 -22.72
N GLU C 289 69.20 -11.66 -21.93
CA GLU C 289 68.90 -12.99 -22.44
C GLU C 289 67.85 -13.63 -21.54
N ASN C 290 66.71 -14.03 -22.12
CA ASN C 290 65.72 -14.79 -21.36
C ASN C 290 66.35 -16.12 -20.96
N LEU C 291 66.82 -16.22 -19.71
CA LEU C 291 67.51 -17.43 -19.32
C LEU C 291 66.59 -18.64 -19.37
N PHE C 292 65.28 -18.43 -19.54
CA PHE C 292 64.35 -19.54 -19.64
C PHE C 292 64.35 -20.24 -21.01
N SER C 293 64.99 -19.68 -22.04
CA SER C 293 64.97 -20.29 -23.36
C SER C 293 65.86 -21.51 -23.42
N GLY C 294 65.53 -22.42 -24.32
CA GLY C 294 66.35 -23.61 -24.50
C GLY C 294 65.82 -24.48 -25.60
N GLU C 295 66.39 -25.68 -25.68
CA GLU C 295 65.87 -26.74 -26.53
C GLU C 295 65.44 -27.95 -25.73
N THR C 296 65.71 -27.97 -24.42
CA THR C 296 65.63 -29.21 -23.65
C THR C 296 64.19 -29.69 -23.53
N TYR C 297 63.24 -28.80 -23.22
CA TYR C 297 61.84 -29.20 -23.19
C TYR C 297 60.95 -28.04 -23.64
N LYS C 298 60.03 -28.35 -24.57
CA LYS C 298 59.16 -27.42 -25.31
C LYS C 298 59.65 -25.98 -25.34
N GLY C 299 60.92 -25.75 -25.67
CA GLY C 299 61.42 -24.40 -25.77
C GLY C 299 61.88 -23.78 -24.48
N LEU C 300 61.93 -24.56 -23.40
CA LEU C 300 62.46 -24.14 -22.10
C LEU C 300 63.87 -24.71 -21.90
N SER C 301 64.56 -24.15 -20.90
CA SER C 301 65.93 -24.50 -20.53
C SER C 301 65.96 -25.39 -19.29
N GLU C 302 67.15 -25.88 -18.98
CA GLU C 302 67.32 -26.62 -17.74
C GLU C 302 67.31 -25.68 -16.54
N PHE C 303 67.93 -24.51 -16.67
CA PHE C 303 67.79 -23.48 -15.65
C PHE C 303 66.33 -23.32 -15.28
N ALA C 304 65.47 -23.28 -16.30
CA ALA C 304 64.04 -23.06 -16.12
C ALA C 304 63.38 -24.23 -15.41
N LEU C 305 63.55 -25.45 -15.94
CA LEU C 305 62.93 -26.60 -15.30
C LEU C 305 63.29 -26.71 -13.84
N HIS C 306 64.47 -26.20 -13.46
CA HIS C 306 64.84 -26.19 -12.06
C HIS C 306 64.07 -25.11 -11.30
N PHE C 307 63.84 -23.94 -11.90
CA PHE C 307 63.09 -22.87 -11.24
C PHE C 307 61.67 -23.33 -10.92
N LEU C 308 60.99 -23.87 -11.92
CA LEU C 308 59.71 -24.53 -11.70
C LEU C 308 59.86 -25.62 -10.67
N GLY C 309 60.97 -26.36 -10.72
CA GLY C 309 61.22 -27.40 -9.75
C GLY C 309 61.23 -26.89 -8.32
N GLY C 310 61.69 -25.65 -8.12
CA GLY C 310 61.56 -25.06 -6.79
C GLY C 310 60.13 -24.70 -6.44
N VAL C 311 59.36 -24.21 -7.41
CA VAL C 311 57.98 -23.80 -7.12
C VAL C 311 57.13 -25.00 -6.74
N LEU C 312 57.13 -26.03 -7.59
CA LEU C 312 56.36 -27.24 -7.29
C LEU C 312 56.86 -27.91 -6.01
N ARG C 313 58.13 -27.71 -5.67
CA ARG C 313 58.66 -28.30 -4.45
C ARG C 313 58.24 -27.52 -3.22
N HIS C 314 58.07 -26.21 -3.35
CA HIS C 314 57.61 -25.39 -2.24
C HIS C 314 56.18 -24.94 -2.43
N ALA C 315 55.43 -25.65 -3.28
CA ALA C 315 54.12 -25.21 -3.73
C ALA C 315 53.13 -25.14 -2.58
N ARG C 316 53.13 -26.16 -1.74
CA ARG C 316 52.07 -26.25 -0.75
C ARG C 316 52.20 -25.14 0.29
N GLY C 317 53.43 -24.84 0.71
CA GLY C 317 53.62 -23.67 1.59
C GLY C 317 53.60 -22.33 0.88
N LEU C 318 53.89 -22.33 -0.42
CA LEU C 318 53.78 -21.13 -1.24
C LEU C 318 52.33 -20.70 -1.40
N ALA C 319 51.39 -21.67 -1.32
CA ALA C 319 49.95 -21.37 -1.31
C ALA C 319 49.58 -20.36 -0.22
N ALA C 320 50.23 -20.48 0.95
CA ALA C 320 50.02 -19.55 2.06
C ALA C 320 50.24 -18.10 1.69
N PHE C 321 51.06 -17.83 0.66
CA PHE C 321 51.28 -16.45 0.24
C PHE C 321 50.54 -16.14 -1.03
N THR C 322 50.49 -17.08 -1.98
CA THR C 322 49.79 -16.80 -3.24
C THR C 322 48.27 -16.87 -3.09
N ASN C 323 47.76 -17.73 -2.18
CA ASN C 323 46.34 -18.01 -2.00
C ASN C 323 46.04 -17.78 -0.52
N ALA C 324 45.88 -16.51 -0.13
CA ALA C 324 45.97 -16.07 1.26
C ALA C 324 44.61 -15.83 1.93
N SER C 325 43.52 -16.39 1.41
CA SER C 325 42.21 -16.16 1.96
C SER C 325 41.47 -17.50 2.02
N THR C 326 40.42 -17.59 2.85
CA THR C 326 39.69 -18.86 2.79
C THR C 326 38.94 -18.97 1.49
N ASN C 327 38.60 -17.85 0.87
CA ASN C 327 37.88 -17.92 -0.38
C ASN C 327 38.72 -18.52 -1.50
N SER C 328 40.01 -18.25 -1.50
CA SER C 328 40.94 -18.84 -2.47
C SER C 328 40.71 -20.33 -2.62
N TYR C 329 40.50 -21.02 -1.49
CA TYR C 329 40.44 -22.46 -1.52
C TYR C 329 39.09 -22.97 -1.95
N LYS C 330 38.08 -22.09 -2.02
CA LYS C 330 36.85 -22.41 -2.74
C LYS C 330 37.01 -22.36 -4.26
N ARG C 331 38.06 -21.68 -4.76
CA ARG C 331 38.37 -21.68 -6.20
C ARG C 331 39.14 -22.92 -6.62
N LEU C 332 40.01 -23.43 -5.76
CA LEU C 332 40.89 -24.55 -6.11
C LEU C 332 40.13 -25.87 -6.00
N ILE C 333 39.18 -26.04 -6.91
CA ILE C 333 38.40 -27.28 -7.01
C ILE C 333 38.22 -27.64 -8.49
N PRO C 334 38.12 -28.94 -8.78
CA PRO C 334 38.02 -29.35 -10.19
C PRO C 334 36.84 -28.69 -10.90
N GLY C 335 37.05 -28.30 -12.16
CA GLY C 335 35.96 -28.07 -13.08
C GLY C 335 35.71 -26.65 -13.56
N TYR C 336 36.56 -25.68 -13.17
CA TYR C 336 36.44 -24.28 -13.59
C TYR C 336 37.79 -23.72 -13.97
N GLU C 337 38.64 -24.58 -14.54
CA GLU C 337 39.93 -24.16 -15.04
C GLU C 337 40.79 -23.59 -13.93
N ALA C 338 40.58 -24.05 -12.70
CA ALA C 338 41.45 -23.72 -11.56
C ALA C 338 42.19 -24.97 -11.10
N PRO C 339 43.51 -24.92 -11.08
CA PRO C 339 44.30 -26.12 -10.83
C PRO C 339 44.29 -26.57 -9.39
N SER C 340 44.16 -27.88 -9.19
CA SER C 340 44.37 -28.49 -7.89
C SER C 340 45.64 -29.32 -7.80
N ILE C 341 46.04 -29.98 -8.87
CA ILE C 341 47.14 -30.94 -8.85
C ILE C 341 48.44 -30.23 -9.22
N LEU C 342 49.51 -30.53 -8.45
CA LEU C 342 50.80 -29.87 -8.58
C LEU C 342 51.61 -30.59 -9.65
N THR C 343 51.52 -30.08 -10.88
CA THR C 343 52.21 -30.68 -12.02
C THR C 343 52.15 -29.68 -13.17
N TYR C 344 52.99 -29.90 -14.20
CA TYR C 344 53.03 -28.99 -15.33
C TYR C 344 52.66 -29.74 -16.59
N SER C 345 52.32 -28.98 -17.63
CA SER C 345 51.95 -29.54 -18.91
C SER C 345 51.82 -28.39 -19.92
N ALA C 346 52.25 -28.63 -21.15
CA ALA C 346 52.05 -27.63 -22.18
C ALA C 346 50.58 -27.55 -22.55
N ASN C 347 50.09 -26.31 -22.68
CA ASN C 347 48.77 -25.98 -23.22
C ASN C 347 47.62 -26.43 -22.32
N ASN C 348 47.90 -26.82 -21.08
CA ASN C 348 46.91 -27.49 -20.23
C ASN C 348 46.41 -26.55 -19.13
N ARG C 349 45.09 -26.45 -19.03
CA ARG C 349 44.50 -25.64 -17.98
C ARG C 349 43.99 -26.48 -16.80
N SER C 350 43.96 -27.80 -16.91
CA SER C 350 43.79 -28.56 -15.67
C SER C 350 45.07 -28.57 -14.86
N ALA C 351 46.14 -27.97 -15.39
CA ALA C 351 47.46 -27.99 -14.81
C ALA C 351 47.70 -26.78 -13.91
N SER C 352 48.64 -26.95 -12.97
CA SER C 352 49.06 -25.89 -12.05
C SER C 352 49.96 -24.88 -12.73
N VAL C 353 50.77 -25.35 -13.68
CA VAL C 353 51.66 -24.49 -14.45
C VAL C 353 51.44 -24.86 -15.90
N ARG C 354 51.18 -23.86 -16.75
CA ARG C 354 51.00 -24.06 -18.19
C ARG C 354 52.12 -23.37 -18.96
N ILE C 355 52.76 -24.12 -19.87
CA ILE C 355 53.68 -23.55 -20.86
C ILE C 355 52.79 -23.05 -21.98
N PRO C 356 52.71 -21.75 -22.24
CA PRO C 356 51.93 -21.26 -23.39
C PRO C 356 52.58 -21.59 -24.74
N TYR C 357 51.72 -21.60 -25.76
CA TYR C 357 52.07 -22.16 -27.06
C TYR C 357 53.10 -21.32 -27.79
N GLY C 358 52.78 -20.05 -28.04
CA GLY C 358 53.71 -19.15 -28.67
C GLY C 358 54.86 -18.88 -27.74
N ILE C 359 56.03 -19.40 -28.08
CA ILE C 359 57.11 -19.40 -27.11
C ILE C 359 58.40 -19.12 -27.87
N SER C 360 58.60 -17.84 -28.22
CA SER C 360 59.82 -17.41 -28.90
C SER C 360 61.00 -17.46 -27.93
N LYS C 361 62.18 -17.04 -28.38
CA LYS C 361 63.28 -16.98 -27.43
C LYS C 361 63.03 -15.92 -26.38
N ASN C 362 62.14 -14.96 -26.66
CA ASN C 362 61.86 -13.83 -25.79
C ASN C 362 60.56 -13.95 -25.02
N SER C 363 59.63 -14.80 -25.47
CA SER C 363 58.40 -14.96 -24.69
C SER C 363 58.58 -16.01 -23.60
N ALA C 364 59.44 -17.00 -23.83
CA ALA C 364 59.57 -18.20 -23.00
C ALA C 364 59.43 -17.90 -21.50
N ARG C 365 58.39 -18.47 -20.91
CA ARG C 365 57.98 -18.20 -19.55
C ARG C 365 57.20 -19.41 -19.06
N PHE C 366 56.81 -19.38 -17.80
CA PHE C 366 55.73 -20.22 -17.30
C PHE C 366 54.52 -19.34 -17.07
N GLU C 367 53.36 -19.96 -16.98
CA GLU C 367 52.16 -19.32 -16.45
C GLU C 367 51.81 -20.08 -15.19
N PHE C 368 52.03 -19.45 -14.04
CA PHE C 368 51.66 -20.04 -12.76
C PHE C 368 50.18 -19.72 -12.56
N ARG C 369 49.33 -20.71 -12.83
CA ARG C 369 47.87 -20.55 -12.83
C ARG C 369 47.26 -20.53 -11.44
N PHE C 370 47.94 -21.03 -10.42
CA PHE C 370 47.25 -21.28 -9.16
C PHE C 370 47.02 -20.11 -8.19
N PRO C 371 47.73 -18.99 -8.28
CA PRO C 371 47.49 -17.89 -7.32
C PRO C 371 46.23 -17.12 -7.68
N ASP C 372 45.84 -16.24 -6.75
CA ASP C 372 44.70 -15.35 -6.95
C ASP C 372 44.96 -14.02 -6.25
N SER C 373 43.98 -13.14 -6.30
CA SER C 373 44.16 -11.72 -6.01
C SER C 373 43.80 -11.35 -4.57
N SER C 374 43.38 -12.31 -3.76
CA SER C 374 43.42 -12.12 -2.30
C SER C 374 44.85 -12.09 -1.78
N SER C 375 45.81 -12.51 -2.59
CA SER C 375 47.21 -12.40 -2.26
C SER C 375 47.61 -10.95 -2.14
N ASN C 376 48.69 -10.73 -1.46
CA ASN C 376 49.45 -9.53 -1.77
C ASN C 376 50.37 -9.86 -2.93
N PRO C 377 50.36 -9.08 -4.01
CA PRO C 377 51.26 -9.39 -5.14
C PRO C 377 52.74 -9.17 -4.82
N TYR C 378 53.09 -8.22 -3.95
CA TYR C 378 54.48 -8.05 -3.56
C TYR C 378 55.03 -9.32 -2.95
N LEU C 379 54.33 -9.85 -1.94
CA LEU C 379 54.76 -11.06 -1.24
C LEU C 379 54.62 -12.29 -2.12
N ALA C 380 53.55 -12.34 -2.93
CA ALA C 380 53.35 -13.46 -3.84
C ALA C 380 54.41 -13.49 -4.93
N PHE C 381 54.85 -12.32 -5.40
CA PHE C 381 55.89 -12.33 -6.43
C PHE C 381 57.27 -12.51 -5.80
N ALA C 382 57.49 -11.94 -4.62
CA ALA C 382 58.72 -12.20 -3.89
C ALA C 382 58.87 -13.68 -3.60
N ALA C 383 57.82 -14.27 -3.02
CA ALA C 383 57.94 -15.66 -2.61
C ALA C 383 58.09 -16.56 -3.83
N ILE C 384 57.44 -16.21 -4.95
CA ILE C 384 57.54 -17.04 -6.16
C ILE C 384 58.95 -17.07 -6.66
N LEU C 385 59.64 -15.92 -6.62
CA LEU C 385 61.05 -15.90 -6.90
C LEU C 385 61.81 -16.78 -5.89
N MET C 386 61.63 -16.53 -4.59
CA MET C 386 62.38 -17.23 -3.55
C MET C 386 62.30 -18.75 -3.70
N ALA C 387 61.12 -19.28 -4.02
CA ALA C 387 60.98 -20.72 -4.14
C ALA C 387 61.66 -21.24 -5.40
N GLY C 388 61.51 -20.53 -6.52
CA GLY C 388 62.18 -20.96 -7.73
C GLY C 388 63.68 -20.74 -7.70
N MET C 389 64.13 -19.70 -7.00
CA MET C 389 65.57 -19.49 -6.87
C MET C 389 66.21 -20.66 -6.16
N ASP C 390 65.52 -21.22 -5.16
CA ASP C 390 66.00 -22.43 -4.54
C ASP C 390 65.92 -23.59 -5.50
N GLY C 391 65.01 -23.53 -6.48
CA GLY C 391 64.95 -24.58 -7.47
C GLY C 391 66.17 -24.57 -8.35
N VAL C 392 66.64 -23.38 -8.71
CA VAL C 392 67.83 -23.26 -9.53
C VAL C 392 69.07 -23.64 -8.73
N LYS C 393 69.20 -23.10 -7.51
CA LYS C 393 70.39 -23.32 -6.71
C LYS C 393 70.64 -24.80 -6.49
N ASN C 394 69.58 -25.59 -6.27
CA ASN C 394 69.71 -27.00 -5.92
C ASN C 394 69.32 -27.94 -7.04
N LYS C 395 69.10 -27.39 -8.24
CA LYS C 395 68.79 -28.18 -9.44
C LYS C 395 67.65 -29.17 -9.19
N ILE C 396 66.54 -28.66 -8.64
CA ILE C 396 65.39 -29.50 -8.32
C ILE C 396 64.73 -29.99 -9.60
N ASP C 397 64.41 -31.27 -9.62
CA ASP C 397 63.73 -31.87 -10.77
C ASP C 397 62.27 -31.45 -10.79
N PRO C 398 61.76 -30.94 -11.91
CA PRO C 398 60.32 -30.58 -11.96
C PRO C 398 59.40 -31.79 -12.01
N GLY C 399 59.93 -32.99 -12.19
CA GLY C 399 59.09 -34.15 -12.35
C GLY C 399 58.53 -34.24 -13.76
N GLU C 400 57.66 -35.23 -13.95
CA GLU C 400 57.20 -35.57 -15.29
C GLU C 400 55.93 -34.80 -15.61
N ALA C 401 55.95 -34.13 -16.77
CA ALA C 401 54.76 -33.46 -17.25
C ALA C 401 53.69 -34.48 -17.59
N MET C 402 52.43 -34.08 -17.38
CA MET C 402 51.28 -34.97 -17.58
C MET C 402 50.27 -34.25 -18.49
N ASP C 403 50.19 -34.72 -19.73
CA ASP C 403 49.32 -34.14 -20.75
C ASP C 403 47.99 -34.88 -20.76
N ILE C 404 47.20 -34.66 -19.70
CA ILE C 404 45.88 -35.25 -19.57
C ILE C 404 44.94 -34.18 -19.05
N ASN C 405 43.68 -34.57 -18.82
CA ASN C 405 42.69 -33.70 -18.17
C ASN C 405 42.69 -33.99 -16.66
N LEU C 406 43.56 -33.29 -15.92
CA LEU C 406 43.77 -33.57 -14.49
C LEU C 406 42.50 -33.43 -13.65
N PHE C 407 41.46 -32.77 -14.17
CA PHE C 407 40.16 -32.68 -13.51
C PHE C 407 39.39 -33.99 -13.52
N LYS C 408 39.87 -35.00 -14.24
CA LYS C 408 39.22 -36.29 -14.24
C LYS C 408 39.87 -37.28 -13.29
N LEU C 409 41.15 -37.07 -12.94
CA LEU C 409 41.90 -37.99 -12.08
C LEU C 409 41.07 -38.39 -10.86
N THR C 410 40.43 -39.56 -10.91
CA THR C 410 39.41 -39.89 -9.95
C THR C 410 39.97 -39.96 -8.54
N LEU C 411 39.09 -39.75 -7.57
CA LEU C 411 39.40 -39.63 -6.14
C LEU C 411 40.62 -40.43 -5.70
N ASP C 412 40.52 -41.76 -5.76
CA ASP C 412 41.59 -42.62 -5.26
C ASP C 412 42.78 -42.68 -6.22
N GLU C 413 42.54 -42.54 -7.53
CA GLU C 413 43.64 -42.62 -8.49
C GLU C 413 44.69 -41.56 -8.22
N ILE C 414 44.28 -40.40 -7.70
CA ILE C 414 45.25 -39.39 -7.28
C ILE C 414 46.03 -39.86 -6.06
N ARG C 415 45.39 -40.62 -5.18
CA ARG C 415 46.11 -41.24 -4.07
C ARG C 415 46.89 -42.46 -4.52
N GLU C 416 46.37 -43.23 -5.49
CA GLU C 416 47.03 -44.44 -5.95
C GLU C 416 48.28 -44.11 -6.77
N LYS C 417 48.17 -43.18 -7.71
CA LYS C 417 49.32 -42.75 -8.52
C LYS C 417 50.18 -41.71 -7.81
N GLY C 418 49.77 -41.29 -6.62
CA GLY C 418 50.58 -40.47 -5.70
C GLY C 418 50.96 -39.10 -6.24
N ILE C 419 49.99 -38.28 -6.63
CA ILE C 419 50.23 -36.93 -7.14
C ILE C 419 49.99 -35.93 -6.02
N LYS C 420 50.99 -35.08 -5.75
CA LYS C 420 50.82 -34.06 -4.76
C LYS C 420 49.97 -32.92 -5.32
N GLN C 421 49.30 -32.22 -4.43
CA GLN C 421 48.24 -31.31 -4.85
C GLN C 421 48.12 -30.18 -3.85
N MET C 422 47.28 -29.21 -4.21
CA MET C 422 47.12 -28.00 -3.44
C MET C 422 46.41 -28.28 -2.12
N PRO C 423 46.90 -27.71 -1.01
CA PRO C 423 46.21 -27.89 0.28
C PRO C 423 44.75 -27.46 0.16
N HIS C 424 43.88 -28.12 0.93
CA HIS C 424 42.46 -27.92 0.73
C HIS C 424 41.92 -26.69 1.46
N THR C 425 42.60 -26.23 2.51
CA THR C 425 42.19 -25.04 3.26
C THR C 425 43.42 -24.15 3.52
N LEU C 426 43.14 -23.01 4.15
CA LEU C 426 44.17 -22.03 4.48
C LEU C 426 44.84 -22.34 5.81
N ARG C 427 44.08 -22.82 6.79
CA ARG C 427 44.70 -23.39 7.99
C ARG C 427 45.80 -24.35 7.60
N ARG C 428 45.52 -25.24 6.64
CA ARG C 428 46.52 -26.22 6.21
C ARG C 428 47.77 -25.53 5.65
N SER C 429 47.60 -24.77 4.55
CA SER C 429 48.75 -24.26 3.82
C SER C 429 49.60 -23.34 4.67
N LEU C 430 49.03 -22.70 5.69
CA LEU C 430 49.85 -21.99 6.66
C LEU C 430 50.84 -22.93 7.32
N GLU C 431 50.37 -24.10 7.79
CA GLU C 431 51.21 -25.01 8.54
C GLU C 431 52.36 -25.53 7.69
N GLU C 432 52.04 -25.98 6.47
CA GLU C 432 53.09 -26.46 5.59
C GLU C 432 54.12 -25.36 5.35
N MET C 433 53.65 -24.12 5.18
CA MET C 433 54.56 -22.99 5.05
C MET C 433 55.43 -22.84 6.29
N LEU C 434 54.79 -22.77 7.46
CA LEU C 434 55.56 -22.74 8.71
C LEU C 434 56.52 -23.92 8.82
N ALA C 435 56.15 -25.08 8.29
CA ALA C 435 57.08 -26.20 8.31
C ALA C 435 58.07 -26.17 7.14
N ASP C 436 58.02 -25.14 6.29
CA ASP C 436 58.88 -25.02 5.10
C ASP C 436 59.14 -23.52 4.85
N LYS C 437 59.98 -22.94 5.69
CA LYS C 437 60.26 -21.49 5.66
C LYS C 437 61.61 -21.15 5.02
N GLN C 438 62.57 -22.08 5.07
CA GLN C 438 63.97 -21.69 4.94
C GLN C 438 64.27 -21.04 3.60
N TYR C 439 63.69 -21.56 2.52
CA TYR C 439 63.97 -21.00 1.21
C TYR C 439 63.50 -19.57 1.06
N LEU C 440 62.52 -19.13 1.86
CA LEU C 440 62.04 -17.75 1.90
C LEU C 440 62.93 -16.85 2.75
N LYS C 441 63.72 -17.42 3.65
CA LYS C 441 64.50 -16.66 4.63
C LYS C 441 65.85 -16.24 4.10
N GLU C 442 66.29 -16.80 2.97
CA GLU C 442 67.62 -16.53 2.46
C GLU C 442 67.89 -15.04 2.48
N SER C 443 69.04 -14.67 3.02
CA SER C 443 69.49 -13.28 2.96
C SER C 443 68.45 -12.33 3.55
N GLN C 444 67.61 -12.89 4.43
CA GLN C 444 66.66 -12.17 5.26
C GLN C 444 65.65 -11.38 4.43
N VAL C 445 65.40 -11.81 3.19
CA VAL C 445 64.29 -11.29 2.39
C VAL C 445 63.04 -11.35 3.23
N PHE C 446 62.53 -12.58 3.44
CA PHE C 446 61.49 -12.85 4.42
C PHE C 446 62.18 -13.09 5.75
N SER C 447 62.01 -12.17 6.69
CA SER C 447 62.56 -12.36 8.02
C SER C 447 61.66 -13.28 8.85
N GLU C 448 62.27 -13.88 9.88
CA GLU C 448 61.52 -14.83 10.69
C GLU C 448 60.35 -14.13 11.37
N GLU C 449 60.58 -12.91 11.84
CA GLU C 449 59.55 -12.17 12.56
C GLU C 449 58.40 -11.81 11.65
N PHE C 450 58.70 -11.40 10.40
CA PHE C 450 57.62 -11.14 9.46
C PHE C 450 56.74 -12.39 9.29
N ILE C 451 57.36 -13.52 8.96
CA ILE C 451 56.59 -14.75 8.74
C ILE C 451 55.70 -15.04 9.93
N GLN C 452 56.13 -14.63 11.11
CA GLN C 452 55.33 -14.88 12.30
C GLN C 452 54.19 -13.89 12.45
N ALA C 453 54.44 -12.61 12.18
CA ALA C 453 53.36 -11.64 12.19
C ALA C 453 52.30 -11.99 11.15
N TYR C 454 52.76 -12.35 9.95
CA TYR C 454 51.89 -12.80 8.86
C TYR C 454 50.90 -13.86 9.31
N GLN C 455 51.42 -14.96 9.86
CA GLN C 455 50.61 -16.08 10.27
C GLN C 455 49.68 -15.73 11.43
N SER C 456 50.15 -14.90 12.37
CA SER C 456 49.35 -14.38 13.47
C SER C 456 48.21 -13.50 12.97
N LEU C 457 48.18 -13.28 11.65
CA LEU C 457 47.18 -12.42 11.05
C LEU C 457 46.19 -13.27 10.27
N LYS C 458 46.66 -13.97 9.23
CA LYS C 458 45.75 -14.84 8.49
C LYS C 458 44.98 -15.73 9.45
N PHE C 459 45.65 -16.27 10.47
CA PHE C 459 44.94 -17.10 11.44
C PHE C 459 43.84 -16.32 12.14
N ASN C 460 44.14 -15.13 12.62
CA ASN C 460 43.14 -14.37 13.34
C ASN C 460 42.18 -13.64 12.41
N ALA C 461 42.49 -13.62 11.11
CA ALA C 461 41.71 -12.84 10.17
C ALA C 461 40.81 -13.70 9.31
N GLU C 462 41.25 -14.92 8.99
CA GLU C 462 40.65 -15.74 7.96
C GLU C 462 40.25 -17.11 8.49
N VAL C 463 41.18 -17.80 9.17
CA VAL C 463 40.89 -19.17 9.59
C VAL C 463 39.87 -19.18 10.72
N PHE C 464 40.18 -18.48 11.82
CA PHE C 464 39.36 -18.63 13.02
C PHE C 464 37.93 -18.18 12.80
N PRO C 465 37.66 -17.09 12.08
CA PRO C 465 36.27 -16.83 11.72
C PRO C 465 35.64 -17.99 10.97
N TRP C 466 36.33 -18.49 9.94
CA TRP C 466 35.71 -19.51 9.10
C TRP C 466 35.41 -20.75 9.90
N GLU C 467 36.35 -21.15 10.75
CA GLU C 467 36.11 -22.32 11.53
C GLU C 467 35.06 -22.09 12.61
N SER C 468 34.67 -20.85 12.89
CA SER C 468 33.81 -20.58 14.02
C SER C 468 32.42 -20.07 13.68
N LYS C 469 32.13 -19.77 12.41
CA LYS C 469 30.86 -19.14 12.06
C LYS C 469 29.98 -20.12 11.32
N PRO C 470 28.83 -20.51 11.86
CA PRO C 470 27.95 -21.49 11.18
C PRO C 470 27.75 -21.17 9.70
N HIS C 471 27.94 -22.19 8.83
CA HIS C 471 27.78 -21.96 7.40
C HIS C 471 26.35 -22.28 6.97
N PRO C 472 25.66 -21.35 6.24
CA PRO C 472 24.27 -21.60 5.85
C PRO C 472 23.95 -23.04 5.45
N PHE C 473 24.88 -23.68 4.74
CA PHE C 473 24.63 -25.03 4.25
C PHE C 473 24.44 -26.03 5.38
N GLU C 474 25.12 -25.79 6.53
CA GLU C 474 25.03 -26.69 7.68
C GLU C 474 23.61 -26.87 8.16
N PHE C 475 22.74 -25.88 7.92
CA PHE C 475 21.33 -26.03 8.29
C PHE C 475 20.61 -26.96 7.34
N ILE C 476 20.95 -26.93 6.05
CA ILE C 476 20.39 -27.89 5.12
C ILE C 476 20.72 -29.32 5.53
N THR C 477 21.91 -29.54 6.08
CA THR C 477 22.35 -30.90 6.42
C THR C 477 22.05 -31.27 7.87
N THR C 478 22.24 -30.34 8.79
CA THR C 478 22.35 -30.66 10.20
C THR C 478 21.21 -30.13 11.05
N TYR C 479 20.36 -29.25 10.52
CA TYR C 479 19.31 -28.70 11.38
C TYR C 479 18.31 -29.77 11.77
N SER C 480 18.16 -30.79 10.94
CA SER C 480 17.25 -31.88 11.21
C SER C 480 17.94 -33.10 11.79
N CYS C 481 19.25 -33.03 12.03
CA CYS C 481 19.87 -34.03 12.89
C CYS C 481 19.21 -33.93 14.30
N GLN D 6 40.02 47.57 19.90
CA GLN D 6 41.40 48.03 20.00
C GLN D 6 42.09 47.93 18.64
N ASN D 7 41.67 48.74 17.67
CA ASN D 7 42.26 48.71 16.35
C ASN D 7 42.73 50.10 15.96
N SER D 8 43.90 50.15 15.35
CA SER D 8 44.54 51.42 15.08
C SER D 8 44.13 51.96 13.72
N GLU D 9 44.33 53.27 13.53
CA GLU D 9 43.95 53.92 12.28
C GLU D 9 44.29 53.01 11.09
N SER D 10 45.49 52.46 11.09
CA SER D 10 45.88 51.49 10.06
C SER D 10 44.83 50.41 9.90
N LYS D 11 44.46 49.74 11.01
CA LYS D 11 43.65 48.53 10.92
C LYS D 11 42.29 48.82 10.32
N ILE D 12 41.59 49.82 10.88
CA ILE D 12 40.21 50.09 10.49
C ILE D 12 40.10 50.36 8.99
N LYS D 13 41.05 51.10 8.43
CA LYS D 13 40.95 51.51 7.04
C LYS D 13 41.64 50.55 6.10
N GLU D 14 42.54 49.73 6.62
CA GLU D 14 42.91 48.51 5.89
C GLU D 14 41.66 47.70 5.64
N PHE D 15 40.84 47.52 6.67
CA PHE D 15 39.64 46.70 6.59
C PHE D 15 38.71 47.18 5.48
N PHE D 16 38.41 48.48 5.46
CA PHE D 16 37.45 49.01 4.50
C PHE D 16 37.93 48.87 3.05
N GLU D 17 39.25 48.78 2.83
CA GLU D 17 39.78 48.50 1.50
C GLU D 17 39.48 47.07 1.08
N PHE D 18 39.74 46.11 1.99
CA PHE D 18 39.36 44.73 1.77
C PHE D 18 37.86 44.60 1.49
N CYS D 19 37.04 45.35 2.24
CA CYS D 19 35.59 45.28 2.06
C CYS D 19 35.17 45.80 0.69
N LYS D 20 35.69 46.96 0.29
CA LYS D 20 35.32 47.52 -1.00
C LYS D 20 35.64 46.56 -2.14
N GLU D 21 36.84 45.98 -2.11
CA GLU D 21 37.32 45.26 -3.29
C GLU D 21 36.60 43.92 -3.49
N ASN D 22 36.24 43.23 -2.41
CA ASN D 22 35.48 41.99 -2.52
C ASN D 22 33.99 42.22 -2.77
N GLU D 23 33.50 43.45 -2.58
CA GLU D 23 32.10 43.88 -2.74
C GLU D 23 31.24 43.35 -1.61
N VAL D 24 31.68 43.63 -0.38
CA VAL D 24 31.07 43.11 0.85
C VAL D 24 29.70 43.76 1.06
N GLU D 25 28.63 42.93 1.04
CA GLU D 25 27.28 43.43 1.36
C GLU D 25 27.00 43.44 2.85
N PHE D 26 27.60 42.52 3.63
CA PHE D 26 27.31 42.40 5.05
C PHE D 26 28.59 42.21 5.86
N VAL D 27 28.54 42.62 7.12
CA VAL D 27 29.63 42.34 8.04
C VAL D 27 29.09 41.45 9.14
N ASP D 28 29.58 40.21 9.19
CA ASP D 28 29.13 39.18 10.13
C ASP D 28 30.09 39.18 11.32
N PHE D 29 29.64 39.75 12.44
CA PHE D 29 30.41 39.71 13.68
C PHE D 29 30.22 38.36 14.36
N ARG D 30 31.33 37.69 14.67
CA ARG D 30 31.26 36.37 15.24
C ARG D 30 32.01 36.33 16.55
N PHE D 31 31.36 35.85 17.60
CA PHE D 31 31.97 35.70 18.90
C PHE D 31 31.61 34.32 19.46
N SER D 32 32.47 33.83 20.35
CA SER D 32 32.24 32.59 21.11
C SER D 32 31.63 32.88 22.47
N ASP D 33 30.87 31.88 22.98
CA ASP D 33 30.27 31.90 24.32
C ASP D 33 31.05 30.94 25.21
N ILE D 34 30.54 30.71 26.41
CA ILE D 34 31.31 29.89 27.32
C ILE D 34 31.32 28.45 26.85
N LYS D 35 30.25 27.99 26.21
CA LYS D 35 30.24 26.59 25.83
C LYS D 35 31.24 26.29 24.72
N GLY D 36 31.64 27.29 23.95
CA GLY D 36 32.41 27.09 22.73
C GLY D 36 31.63 27.34 21.46
N THR D 37 30.43 27.90 21.57
CA THR D 37 29.51 28.04 20.46
C THR D 37 29.73 29.40 19.79
N TRP D 38 30.28 29.37 18.59
CA TRP D 38 30.39 30.54 17.74
C TRP D 38 29.01 31.09 17.39
N ASN D 39 28.66 32.24 17.93
CA ASN D 39 27.44 32.94 17.55
C ASN D 39 27.79 34.03 16.55
N HIS D 40 26.78 34.52 15.82
CA HIS D 40 27.03 35.57 14.84
C HIS D 40 25.89 36.58 14.77
N ILE D 41 26.24 37.86 14.55
CA ILE D 41 25.27 38.92 14.26
C ILE D 41 25.79 39.71 13.05
N ALA D 42 24.87 40.04 12.13
CA ALA D 42 25.23 40.61 10.83
C ALA D 42 24.75 42.05 10.70
N TYR D 43 25.63 42.91 10.20
CA TYR D 43 25.31 44.30 9.89
C TYR D 43 25.35 44.56 8.39
N SER D 44 24.47 45.43 7.93
CA SER D 44 24.56 45.90 6.56
C SER D 44 25.80 46.77 6.41
N PHE D 45 26.56 46.52 5.35
CA PHE D 45 27.88 47.16 5.23
C PHE D 45 27.75 48.65 4.99
N GLY D 46 26.70 49.08 4.29
CA GLY D 46 26.44 50.50 4.20
C GLY D 46 26.26 51.13 5.56
N ALA D 47 25.80 50.35 6.53
CA ALA D 47 25.57 50.83 7.87
C ALA D 47 26.85 50.83 8.70
N LEU D 48 27.89 50.16 8.24
CA LEU D 48 29.10 50.06 9.03
C LEU D 48 29.92 51.32 8.89
N THR D 49 30.34 51.87 10.02
CA THR D 49 31.15 53.07 10.01
C THR D 49 32.45 52.80 10.77
N HIS D 50 33.40 53.73 10.64
CA HIS D 50 34.57 53.70 11.53
C HIS D 50 34.18 53.90 12.97
N GLY D 51 33.09 54.62 13.21
CA GLY D 51 32.54 54.74 14.54
C GLY D 51 32.31 53.38 15.18
N MET D 52 31.58 52.51 14.49
CA MET D 52 31.17 51.24 15.08
C MET D 52 32.38 50.36 15.43
N LEU D 53 33.36 50.26 14.53
CA LEU D 53 34.52 49.43 14.80
C LEU D 53 35.46 50.06 15.83
N LYS D 54 35.22 51.30 16.23
CA LYS D 54 35.91 51.94 17.34
C LYS D 54 35.15 51.82 18.65
N GLU D 55 33.81 51.82 18.59
CA GLU D 55 32.95 52.00 19.76
C GLU D 55 32.12 50.77 20.11
N GLY D 56 32.21 49.68 19.35
CA GLY D 56 31.60 48.42 19.73
C GLY D 56 30.13 48.31 19.35
N ILE D 57 29.69 47.07 19.19
CA ILE D 57 28.33 46.72 18.79
C ILE D 57 27.60 46.21 20.02
N PRO D 58 26.36 46.64 20.28
CA PRO D 58 25.56 46.06 21.37
C PRO D 58 25.00 44.70 21.01
N PHE D 59 24.55 43.98 22.04
CA PHE D 59 23.73 42.79 21.88
C PHE D 59 23.03 42.50 23.20
N ASP D 60 22.34 41.36 23.26
CA ASP D 60 21.67 40.91 24.46
C ASP D 60 22.51 39.81 25.08
N ALA D 61 23.20 40.12 26.15
CA ALA D 61 24.13 39.16 26.69
C ALA D 61 23.48 38.15 27.63
N SER D 62 22.18 38.28 27.91
CA SER D 62 21.50 37.36 28.81
C SER D 62 20.83 36.20 28.08
N CYS D 63 21.03 36.08 26.77
CA CYS D 63 20.61 34.89 26.02
C CYS D 63 21.66 33.80 26.04
N PHE D 64 22.63 33.87 26.95
CA PHE D 64 23.82 33.01 26.93
C PHE D 64 24.02 32.48 28.34
N LYS D 65 23.88 31.17 28.52
CA LYS D 65 24.05 30.59 29.83
C LYS D 65 25.44 30.90 30.37
N GLY D 66 25.49 31.39 31.60
CA GLY D 66 26.73 31.72 32.25
C GLY D 66 27.21 33.14 32.07
N TRP D 67 26.48 34.00 31.34
CA TRP D 67 26.89 35.39 31.22
C TRP D 67 25.98 36.34 31.97
N GLN D 68 25.27 37.20 31.25
CA GLN D 68 24.62 38.34 31.88
C GLN D 68 23.23 37.96 32.36
N GLY D 69 22.82 38.63 33.42
CA GLY D 69 21.48 38.46 33.92
C GLY D 69 20.53 39.44 33.27
N ILE D 70 19.25 39.08 33.25
CA ILE D 70 18.28 39.80 32.43
C ILE D 70 18.29 41.29 32.77
N GLU D 71 18.46 41.67 34.05
CA GLU D 71 18.37 43.08 34.43
C GLU D 71 19.64 43.86 34.09
N HIS D 72 20.62 43.20 33.46
CA HIS D 72 21.83 43.83 32.91
C HIS D 72 22.14 43.12 31.60
N SER D 73 21.19 43.20 30.68
CA SER D 73 21.31 42.48 29.42
C SER D 73 22.39 43.09 28.54
N ASP D 74 22.50 44.41 28.54
CA ASP D 74 23.24 45.11 27.52
C ASP D 74 24.72 44.90 27.69
N MET D 75 25.36 44.34 26.68
CA MET D 75 26.80 44.33 26.60
C MET D 75 27.21 44.77 25.20
N ILE D 76 28.48 45.19 25.09
CA ILE D 76 29.07 45.65 23.85
C ILE D 76 29.94 44.52 23.31
N LEU D 77 29.82 44.26 22.02
CA LEU D 77 30.80 43.43 21.33
C LEU D 77 31.86 44.32 20.72
N THR D 78 33.14 44.02 20.98
CA THR D 78 34.23 44.87 20.54
C THR D 78 35.00 44.22 19.40
N PRO D 79 34.83 44.69 18.17
CA PRO D 79 35.42 44.01 16.99
C PRO D 79 36.93 44.15 16.96
N ASP D 80 37.61 43.01 16.91
CA ASP D 80 39.04 42.97 16.68
C ASP D 80 39.29 42.55 15.23
N LEU D 81 40.18 43.27 14.54
CA LEU D 81 40.28 43.17 13.09
C LEU D 81 41.51 42.40 12.62
N VAL D 82 41.58 41.13 13.00
CA VAL D 82 42.61 40.20 12.54
C VAL D 82 41.93 38.94 12.03
N ARG D 83 42.59 38.26 11.09
CA ARG D 83 42.21 36.95 10.56
C ARG D 83 40.79 36.92 10.00
N TYR D 84 40.27 38.08 9.58
CA TYR D 84 38.94 38.15 9.00
C TYR D 84 38.96 37.56 7.59
N PHE D 85 37.78 37.17 7.10
CA PHE D 85 37.74 36.36 5.89
C PHE D 85 36.36 36.44 5.24
N ILE D 86 36.34 36.38 3.90
CA ILE D 86 35.09 36.34 3.14
C ILE D 86 34.46 34.98 3.32
N ASP D 87 33.15 34.95 3.61
CA ASP D 87 32.47 33.68 3.89
C ASP D 87 32.28 32.86 2.61
N PRO D 88 32.70 31.61 2.57
CA PRO D 88 32.56 30.84 1.34
C PRO D 88 31.13 30.49 1.01
N PHE D 89 30.22 30.48 2.00
CA PHE D 89 28.93 29.85 1.89
C PHE D 89 27.74 30.79 2.00
N SER D 90 27.96 32.05 2.33
CA SER D 90 26.87 33.01 2.26
C SER D 90 26.47 33.21 0.79
N ALA D 91 25.15 33.34 0.58
CA ALA D 91 24.66 33.73 -0.74
C ALA D 91 25.08 35.15 -1.08
N ASP D 92 25.32 35.98 -0.06
CA ASP D 92 25.69 37.37 -0.24
C ASP D 92 27.07 37.64 0.33
N VAL D 93 27.83 38.47 -0.39
CA VAL D 93 29.16 38.82 0.04
C VAL D 93 29.07 39.40 1.44
N SER D 94 29.49 38.60 2.41
CA SER D 94 29.60 38.99 3.80
C SER D 94 30.98 38.58 4.31
N VAL D 95 31.44 39.26 5.35
CA VAL D 95 32.79 39.05 5.84
C VAL D 95 32.71 38.79 7.34
N VAL D 96 33.48 37.83 7.80
CA VAL D 96 33.42 37.37 9.17
C VAL D 96 34.51 38.09 9.94
N VAL D 97 34.13 38.66 11.08
CA VAL D 97 35.00 39.52 11.89
C VAL D 97 34.94 39.03 13.33
N PHE D 98 36.06 38.51 13.83
CA PHE D 98 36.18 38.02 15.21
C PHE D 98 35.82 39.11 16.21
N CYS D 99 35.51 38.70 17.43
CA CYS D 99 34.93 39.65 18.37
C CYS D 99 35.21 39.24 19.80
N ASP D 100 35.64 40.21 20.61
CA ASP D 100 35.58 40.05 22.04
C ASP D 100 34.28 40.67 22.54
N VAL D 101 33.90 40.27 23.75
CA VAL D 101 32.80 40.88 24.48
C VAL D 101 33.39 41.88 25.47
N TYR D 102 32.64 42.94 25.73
CA TYR D 102 33.09 44.02 26.59
C TYR D 102 32.11 44.27 27.73
N ASP D 103 32.63 44.32 28.95
CA ASP D 103 31.84 44.49 30.17
C ASP D 103 31.56 45.99 30.38
N VAL D 104 30.28 46.39 30.23
CA VAL D 104 29.90 47.79 30.26
C VAL D 104 29.46 48.25 31.66
N TYR D 105 29.73 47.44 32.68
CA TYR D 105 29.47 47.84 34.06
C TYR D 105 30.75 47.97 34.86
N LYS D 106 31.65 47.00 34.72
CA LYS D 106 32.98 47.06 35.27
C LYS D 106 33.96 47.72 34.31
N ASN D 107 33.47 48.35 33.25
CA ASN D 107 34.26 49.01 32.20
C ASN D 107 35.65 48.38 32.05
N GLN D 108 35.65 47.13 31.57
CA GLN D 108 36.80 46.23 31.55
C GLN D 108 36.49 45.14 30.55
N PRO D 109 37.49 44.53 29.91
CA PRO D 109 37.22 43.32 29.10
C PRO D 109 36.54 42.24 29.92
N TYR D 110 35.38 41.79 29.42
CA TYR D 110 34.46 40.90 30.14
C TYR D 110 35.19 39.73 30.79
N GLU D 111 34.92 39.54 32.08
CA GLU D 111 35.60 38.48 32.82
C GLU D 111 35.38 37.13 32.16
N LYS D 112 34.12 36.83 31.83
CA LYS D 112 33.73 35.51 31.32
C LYS D 112 33.72 35.46 29.81
N CYS D 113 34.67 36.11 29.12
CA CYS D 113 34.78 35.99 27.67
C CYS D 113 35.93 35.05 27.35
N PRO D 114 35.68 33.89 26.73
CA PRO D 114 36.79 32.94 26.50
C PRO D 114 37.93 33.50 25.66
N ARG D 115 37.62 34.19 24.56
CA ARG D 115 38.67 34.80 23.77
C ARG D 115 39.43 35.84 24.59
N SER D 116 38.80 36.42 25.61
CA SER D 116 39.46 37.37 26.50
C SER D 116 40.32 36.67 27.54
N ILE D 117 39.86 35.53 28.08
CA ILE D 117 40.74 34.66 28.87
C ILE D 117 41.94 34.25 28.06
N ALA D 118 41.74 34.02 26.75
CA ALA D 118 42.81 33.58 25.88
C ALA D 118 43.79 34.70 25.55
N LYS D 119 43.32 35.95 25.44
CA LYS D 119 44.27 37.03 25.27
C LYS D 119 44.94 37.36 26.59
N LYS D 120 44.24 37.12 27.71
CA LYS D 120 44.84 37.29 29.03
C LYS D 120 45.90 36.24 29.32
N ALA D 121 45.76 35.03 28.75
CA ALA D 121 46.65 33.93 29.09
C ALA D 121 48.00 34.12 28.43
N LEU D 122 47.99 34.32 27.12
CA LEU D 122 49.21 34.58 26.39
C LEU D 122 49.86 35.89 26.79
N GLN D 123 49.09 36.83 27.33
CA GLN D 123 49.73 38.00 27.90
C GLN D 123 50.51 37.60 29.14
N HIS D 124 49.85 36.89 30.07
CA HIS D 124 50.48 36.48 31.32
C HIS D 124 51.82 35.78 31.11
N LEU D 125 52.03 35.19 29.93
CA LEU D 125 53.28 34.52 29.61
C LEU D 125 54.38 35.51 29.19
N LYS D 126 54.01 36.58 28.48
CA LYS D 126 54.93 37.69 28.22
C LYS D 126 55.34 38.36 29.53
N ASP D 127 54.35 38.93 30.23
CA ASP D 127 54.58 39.64 31.48
C ASP D 127 55.49 38.84 32.43
N SER D 128 55.33 37.53 32.49
CA SER D 128 56.04 36.70 33.45
C SER D 128 57.45 36.33 33.00
N GLY D 129 58.00 36.99 32.01
CA GLY D 129 59.34 36.65 31.53
C GLY D 129 59.46 35.28 30.90
N LEU D 130 58.70 34.30 31.39
CA LEU D 130 58.88 32.90 31.00
C LEU D 130 58.90 32.68 29.50
N GLY D 131 58.18 33.50 28.74
CA GLY D 131 58.20 33.28 27.31
C GLY D 131 57.58 34.43 26.56
N ASP D 132 57.80 34.40 25.25
CA ASP D 132 57.23 35.38 24.34
C ASP D 132 55.87 34.91 23.83
N VAL D 133 55.84 33.73 23.22
CA VAL D 133 54.65 33.19 22.58
C VAL D 133 54.49 31.73 22.99
N ALA D 134 53.24 31.26 22.95
CA ALA D 134 52.95 29.83 23.06
C ALA D 134 52.23 29.40 21.78
N TYR D 135 52.69 28.29 21.20
CA TYR D 135 52.27 27.83 19.90
C TYR D 135 51.46 26.56 20.05
N PHE D 136 50.23 26.58 19.52
CA PHE D 136 49.28 25.49 19.64
C PHE D 136 48.89 25.04 18.25
N GLY D 137 49.19 23.78 17.94
CA GLY D 137 48.61 23.11 16.78
C GLY D 137 47.44 22.24 17.21
N ALA D 138 46.34 22.33 16.45
CA ALA D 138 45.08 21.66 16.76
C ALA D 138 44.74 20.62 15.68
N GLU D 139 44.74 19.33 16.08
CA GLU D 139 44.25 18.22 15.25
C GLU D 139 42.83 17.86 15.70
N ASN D 140 41.82 18.36 14.98
CA ASN D 140 40.40 18.15 15.27
C ASN D 140 39.85 17.03 14.39
N GLU D 141 39.91 15.80 14.88
CA GLU D 141 39.23 14.72 14.19
C GLU D 141 37.73 15.04 14.07
N PHE D 142 37.09 14.46 13.06
CA PHE D 142 35.66 14.68 12.86
C PHE D 142 35.01 13.52 12.12
N PHE D 143 33.67 13.56 12.07
CA PHE D 143 32.84 12.56 11.38
C PHE D 143 31.88 13.26 10.42
N ILE D 144 31.83 12.81 9.18
CA ILE D 144 30.77 13.25 8.28
C ILE D 144 29.74 12.12 8.20
N PHE D 145 28.63 12.31 8.89
CA PHE D 145 27.55 11.35 8.84
C PHE D 145 26.56 11.75 7.76
N ASP D 146 25.54 10.90 7.57
CA ASP D 146 24.51 11.05 6.55
C ASP D 146 23.18 11.52 7.10
N SER D 147 22.83 11.14 8.33
CA SER D 147 21.55 11.41 8.98
C SER D 147 21.80 11.32 10.48
N ILE D 148 21.02 12.05 11.27
CA ILE D 148 21.17 11.98 12.71
C ILE D 148 19.83 12.24 13.39
N LYS D 149 19.26 11.18 13.98
CA LYS D 149 18.00 11.25 14.69
C LYS D 149 18.20 11.22 16.20
N ILE D 150 17.41 12.02 16.93
CA ILE D 150 17.44 12.07 18.39
C ILE D 150 16.02 12.18 18.91
N LYS D 151 15.75 11.54 20.05
CA LYS D 151 14.53 11.81 20.81
C LYS D 151 14.86 11.80 22.30
N ASP D 152 14.24 12.71 23.04
CA ASP D 152 14.40 12.79 24.50
C ASP D 152 13.02 13.09 25.08
N ALA D 153 12.33 12.03 25.55
CA ALA D 153 10.94 12.13 25.99
C ALA D 153 10.77 11.60 27.40
N SER D 154 9.52 11.58 27.84
CA SER D 154 9.17 10.99 29.13
C SER D 154 9.39 9.50 29.11
N ASN D 155 9.16 8.85 27.96
CA ASN D 155 9.16 7.40 27.85
C ASN D 155 10.12 6.87 26.80
N SER D 156 11.09 7.68 26.34
CA SER D 156 11.93 7.26 25.23
C SER D 156 13.19 8.12 25.17
N GLN D 157 14.34 7.45 25.17
CA GLN D 157 15.63 8.05 24.88
C GLN D 157 16.23 7.33 23.67
N TYR D 158 16.49 8.11 22.61
CA TYR D 158 16.84 7.57 21.30
C TYR D 158 17.91 8.43 20.62
N TYR D 159 18.93 7.78 20.07
CA TYR D 159 19.77 8.41 19.05
C TYR D 159 20.19 7.34 18.06
N GLU D 160 20.28 7.74 16.78
CA GLU D 160 20.85 6.90 15.71
C GLU D 160 21.62 7.81 14.74
N VAL D 161 22.94 7.61 14.64
CA VAL D 161 23.69 8.26 13.57
C VAL D 161 23.70 7.29 12.41
N ASP D 162 23.75 7.82 11.20
CA ASP D 162 23.69 7.01 10.00
C ASP D 162 24.81 7.43 9.06
N SER D 163 25.37 6.45 8.35
CA SER D 163 26.36 6.67 7.29
C SER D 163 26.53 5.35 6.57
N GLU D 164 26.66 5.40 5.24
CA GLU D 164 26.70 4.15 4.50
C GLU D 164 28.04 3.43 4.62
N GLU D 165 29.12 4.13 4.92
CA GLU D 165 30.34 3.40 5.25
C GLU D 165 30.13 2.46 6.42
N GLY D 166 29.03 2.65 7.17
CA GLY D 166 28.86 1.98 8.44
C GLY D 166 28.45 0.53 8.29
N GLU D 167 29.03 -0.30 9.17
CA GLU D 167 28.78 -1.74 9.21
C GLU D 167 27.29 -2.08 9.37
N TRP D 168 26.52 -1.20 10.04
CA TRP D 168 25.10 -1.48 10.18
C TRP D 168 24.38 -1.58 8.84
N ASN D 169 25.03 -1.21 7.74
CA ASN D 169 24.40 -1.11 6.43
C ASN D 169 24.87 -2.13 5.40
N ARG D 170 25.68 -3.13 5.80
CA ARG D 170 26.22 -4.16 4.90
C ARG D 170 25.17 -4.90 4.07
N ASP D 171 23.90 -4.74 4.42
CA ASP D 171 22.86 -5.55 3.79
C ASP D 171 21.67 -4.71 3.38
N ARG D 172 21.84 -3.41 3.25
CA ARG D 172 20.73 -2.50 3.10
C ARG D 172 20.46 -2.22 1.62
N SER D 173 19.23 -1.80 1.31
CA SER D 173 18.87 -1.32 -0.02
C SER D 173 18.86 0.20 0.00
N PHE D 174 19.61 0.81 -0.92
CA PHE D 174 19.71 2.25 -0.97
C PHE D 174 18.82 2.83 -2.08
N GLU D 175 19.32 2.98 -3.29
CA GLU D 175 18.48 3.71 -4.23
C GLU D 175 17.86 2.86 -5.33
N ASN D 176 18.46 1.72 -5.68
CA ASN D 176 17.70 0.81 -6.54
C ASN D 176 17.61 -0.57 -5.92
N GLY D 177 17.52 -0.65 -4.60
CA GLY D 177 17.63 -1.98 -4.02
C GLY D 177 19.06 -2.43 -4.20
N VAL D 178 19.98 -1.49 -4.15
CA VAL D 178 21.36 -1.69 -4.53
C VAL D 178 22.27 -1.43 -3.32
N ASN D 179 23.47 -2.04 -3.37
CA ASN D 179 24.45 -1.89 -2.31
C ASN D 179 25.82 -2.04 -2.96
N PHE D 180 26.68 -1.05 -2.78
CA PHE D 180 27.93 -1.01 -3.54
C PHE D 180 29.10 -1.75 -2.90
N GLY D 181 28.98 -2.17 -1.63
CA GLY D 181 30.07 -2.85 -0.96
C GLY D 181 31.14 -1.90 -0.50
N HIS D 182 32.37 -2.45 -0.41
CA HIS D 182 33.58 -1.71 -0.12
C HIS D 182 33.41 -0.86 1.15
N ARG D 183 33.58 -1.50 2.29
CA ARG D 183 33.42 -0.78 3.53
C ARG D 183 34.60 -1.05 4.42
N PRO D 184 34.99 -0.08 5.24
CA PRO D 184 35.99 -0.33 6.28
C PRO D 184 35.33 -1.01 7.46
N GLY D 185 36.04 -1.93 8.07
CA GLY D 185 35.49 -2.55 9.26
C GLY D 185 35.23 -1.50 10.32
N LYS D 186 34.50 -1.91 11.36
CA LYS D 186 34.62 -1.24 12.63
C LYS D 186 36.11 -1.04 12.89
N GLN D 187 36.50 0.19 13.25
CA GLN D 187 37.91 0.54 13.40
C GLN D 187 38.73 0.21 12.13
N GLY D 188 38.14 0.42 10.96
CA GLY D 188 38.84 0.02 9.75
C GLY D 188 39.18 1.13 8.78
N GLY D 189 39.08 2.37 9.22
CA GLY D 189 39.23 3.45 8.28
C GLY D 189 40.63 3.90 7.94
N TYR D 190 41.64 3.46 8.72
CA TYR D 190 43.03 3.90 8.56
C TYR D 190 43.78 2.86 7.74
N MET D 191 43.97 3.17 6.46
CA MET D 191 43.26 4.24 5.76
C MET D 191 43.11 3.85 4.30
N PRO D 192 42.16 2.95 4.04
CA PRO D 192 42.01 2.43 2.68
C PRO D 192 41.76 3.50 1.62
N VAL D 193 42.19 3.20 0.41
CA VAL D 193 41.91 3.98 -0.79
C VAL D 193 40.42 3.86 -1.05
N PRO D 194 39.85 4.69 -1.92
CA PRO D 194 38.49 4.47 -2.43
C PRO D 194 38.38 3.16 -3.26
N PRO D 195 37.15 2.65 -3.43
CA PRO D 195 35.89 3.28 -2.99
C PRO D 195 35.53 3.01 -1.53
N THR D 196 36.36 2.25 -0.79
CA THR D 196 36.20 2.18 0.65
C THR D 196 36.25 3.58 1.28
N ASP D 197 37.02 4.48 0.69
CA ASP D 197 37.14 5.85 1.16
C ASP D 197 36.10 6.69 0.41
N THR D 198 34.99 6.96 1.07
CA THR D 198 33.94 7.78 0.46
C THR D 198 34.41 9.21 0.24
N MET D 199 35.30 9.70 1.07
CA MET D 199 35.34 11.13 1.32
C MET D 199 36.62 11.80 0.87
N MET D 200 37.27 11.23 -0.15
CA MET D 200 38.45 11.88 -0.69
C MET D 200 38.10 13.23 -1.27
N ASP D 201 37.02 13.29 -2.06
CA ASP D 201 36.62 14.53 -2.73
C ASP D 201 36.11 15.59 -1.76
N ILE D 202 35.51 15.16 -0.64
CA ILE D 202 34.95 16.12 0.29
C ILE D 202 36.03 16.64 1.22
N ARG D 203 36.94 15.76 1.64
CA ARG D 203 38.04 16.20 2.48
C ARG D 203 38.96 17.16 1.74
N THR D 204 39.22 16.91 0.44
CA THR D 204 39.98 17.90 -0.33
C THR D 204 39.15 19.14 -0.61
N GLU D 205 37.83 19.00 -0.75
CA GLU D 205 36.97 20.18 -0.87
C GLU D 205 36.98 20.97 0.41
N ILE D 206 37.14 20.31 1.56
CA ILE D 206 37.23 21.02 2.83
C ILE D 206 38.54 21.78 2.92
N VAL D 207 39.65 21.10 2.63
CA VAL D 207 40.96 21.71 2.77
C VAL D 207 41.08 22.95 1.91
N LYS D 208 40.57 22.88 0.67
CA LYS D 208 40.62 24.04 -0.22
C LYS D 208 39.79 25.19 0.33
N VAL D 209 38.62 24.89 0.93
CA VAL D 209 37.89 25.96 1.59
C VAL D 209 38.63 26.43 2.85
N LEU D 210 39.31 25.53 3.56
CA LEU D 210 40.18 25.95 4.65
C LEU D 210 41.29 26.89 4.19
N ASN D 211 41.62 26.86 2.89
CA ASN D 211 42.68 27.72 2.40
C ASN D 211 42.15 29.12 2.11
N GLN D 212 40.99 29.21 1.45
CA GLN D 212 40.31 30.50 1.26
C GLN D 212 40.16 31.25 2.57
N VAL D 213 39.66 30.57 3.61
CA VAL D 213 39.34 31.27 4.83
C VAL D 213 40.57 31.84 5.53
N GLY D 214 41.76 31.38 5.14
CA GLY D 214 42.98 31.93 5.70
C GLY D 214 43.70 30.99 6.62
N LEU D 215 43.63 29.69 6.35
CA LEU D 215 44.34 28.69 7.12
C LEU D 215 45.29 27.92 6.22
N GLU D 216 46.51 27.71 6.70
CA GLU D 216 47.48 26.92 5.95
C GLU D 216 47.38 25.45 6.37
N THR D 217 47.07 24.58 5.41
CA THR D 217 46.84 23.17 5.64
C THR D 217 48.10 22.38 5.32
N PHE D 218 48.09 21.07 5.60
CA PHE D 218 49.20 20.25 5.10
C PHE D 218 48.94 18.73 4.97
N VAL D 219 48.13 18.11 5.84
CA VAL D 219 47.77 16.70 5.68
C VAL D 219 46.25 16.58 5.69
N VAL D 220 45.76 15.55 5.00
CA VAL D 220 44.36 15.16 4.94
C VAL D 220 44.32 13.64 4.81
N HIS D 221 43.64 12.96 5.73
CA HIS D 221 43.44 11.54 5.54
C HIS D 221 42.07 11.11 6.03
N HIS D 222 41.75 9.85 5.80
CA HIS D 222 40.72 9.15 6.55
C HIS D 222 41.30 8.69 7.89
N GLU D 223 40.48 8.73 8.95
CA GLU D 223 40.97 8.40 10.29
C GLU D 223 40.63 6.95 10.60
N VAL D 224 40.82 6.54 11.87
CA VAL D 224 40.61 5.14 12.25
C VAL D 224 39.13 4.74 12.21
N ALA D 225 38.23 5.62 12.65
CA ALA D 225 36.83 5.22 12.76
C ALA D 225 36.15 5.18 11.39
N GLN D 226 34.86 4.89 11.38
CA GLN D 226 34.18 4.61 10.12
C GLN D 226 34.01 5.89 9.31
N ALA D 227 33.12 6.79 9.70
CA ALA D 227 33.00 7.98 8.86
C ALA D 227 34.01 9.05 9.20
N GLN D 228 35.16 8.71 9.78
CA GLN D 228 35.99 9.74 10.37
C GLN D 228 36.90 10.39 9.33
N GLY D 229 37.42 11.59 9.67
CA GLY D 229 38.45 12.28 8.91
C GLY D 229 39.28 13.17 9.81
N GLU D 230 40.28 13.84 9.23
CA GLU D 230 41.11 14.76 10.00
C GLU D 230 42.05 15.48 9.06
N VAL D 231 42.41 16.72 9.44
CA VAL D 231 43.18 17.61 8.57
C VAL D 231 44.29 18.28 9.37
N GLY D 232 45.48 18.32 8.76
CA GLY D 232 46.59 19.08 9.31
C GLY D 232 46.43 20.57 9.01
N VAL D 233 46.46 21.37 10.07
CA VAL D 233 46.44 22.82 10.00
C VAL D 233 47.66 23.34 10.75
N LYS D 234 48.45 24.20 10.09
CA LYS D 234 49.71 24.67 10.69
C LYS D 234 49.44 25.41 11.99
N PHE D 235 50.30 25.13 12.98
CA PHE D 235 50.11 25.58 14.35
C PHE D 235 50.04 27.10 14.42
N GLY D 236 49.73 27.54 15.62
CA GLY D 236 49.52 28.97 15.75
C GLY D 236 49.66 29.46 17.17
N ASP D 237 49.42 30.75 17.31
CA ASP D 237 49.41 31.45 18.58
C ASP D 237 48.13 31.15 19.32
N LEU D 238 48.26 30.83 20.62
CA LEU D 238 47.16 30.47 21.52
C LEU D 238 45.80 30.96 21.04
N VAL D 239 45.65 32.28 20.89
CA VAL D 239 44.38 32.84 20.44
C VAL D 239 44.19 32.58 18.95
N GLU D 240 45.27 32.67 18.17
CA GLU D 240 45.15 32.44 16.72
C GLU D 240 44.90 30.98 16.41
N ALA D 241 45.30 30.08 17.31
CA ALA D 241 44.99 28.67 17.11
C ALA D 241 43.53 28.40 17.35
N ALA D 242 42.97 29.00 18.40
CA ALA D 242 41.56 28.81 18.73
C ALA D 242 40.67 29.55 17.74
N ASP D 243 41.04 30.76 17.37
CA ASP D 243 40.42 31.42 16.20
C ASP D 243 40.32 30.44 15.03
N ASN D 244 41.41 29.75 14.70
CA ASN D 244 41.43 28.79 13.59
C ASN D 244 40.77 27.44 13.92
N VAL D 245 40.45 27.16 15.18
CA VAL D 245 39.55 26.04 15.47
C VAL D 245 38.14 26.43 15.08
N GLN D 246 37.67 27.58 15.58
CA GLN D 246 36.30 28.00 15.34
C GLN D 246 36.02 28.06 13.85
N LYS D 247 36.93 28.68 13.09
CA LYS D 247 36.90 28.61 11.64
C LYS D 247 36.72 27.16 11.17
N LEU D 248 37.77 26.35 11.27
CA LEU D 248 37.75 24.99 10.74
C LEU D 248 36.42 24.30 11.00
N LYS D 249 35.90 24.45 12.24
CA LYS D 249 34.63 23.84 12.62
C LYS D 249 33.48 24.37 11.76
N TYR D 250 33.40 25.69 11.59
CA TYR D 250 32.47 26.26 10.60
C TYR D 250 32.62 25.53 9.26
N VAL D 251 33.83 25.54 8.69
CA VAL D 251 34.05 25.03 7.33
C VAL D 251 33.68 23.55 7.26
N VAL D 252 34.07 22.76 8.25
CA VAL D 252 33.83 21.32 8.13
C VAL D 252 32.34 21.03 8.12
N LYS D 253 31.57 21.75 8.93
CA LYS D 253 30.13 21.52 8.98
C LYS D 253 29.41 22.12 7.78
N MET D 254 29.82 23.30 7.33
CA MET D 254 29.17 23.87 6.16
C MET D 254 29.51 23.13 4.88
N VAL D 255 30.64 22.42 4.81
CA VAL D 255 30.90 21.63 3.61
C VAL D 255 30.12 20.31 3.65
N ALA D 256 29.97 19.68 4.82
CA ALA D 256 29.07 18.54 4.91
C ALA D 256 27.65 18.92 4.49
N HIS D 257 27.04 19.91 5.18
CA HIS D 257 25.65 20.31 4.92
C HIS D 257 25.42 20.61 3.44
N LEU D 258 26.35 21.32 2.84
CA LEU D 258 26.32 21.69 1.44
C LEU D 258 26.46 20.48 0.53
N ASN D 259 27.13 19.41 0.98
CA ASN D 259 27.16 18.16 0.24
C ASN D 259 26.03 17.22 0.66
N GLY D 260 25.04 17.72 1.40
CA GLY D 260 23.91 16.93 1.83
C GLY D 260 24.17 16.02 3.01
N LYS D 261 25.15 16.33 3.85
CA LYS D 261 25.57 15.44 4.93
C LYS D 261 25.63 16.23 6.23
N THR D 262 26.02 15.56 7.31
CA THR D 262 26.04 16.21 8.63
C THR D 262 27.32 15.87 9.35
N ALA D 263 28.12 16.89 9.64
CA ALA D 263 29.37 16.69 10.32
C ALA D 263 29.21 16.93 11.82
N THR D 264 30.02 16.23 12.60
CA THR D 264 30.10 16.50 14.03
C THR D 264 31.55 16.42 14.49
N PHE D 265 31.88 17.26 15.48
CA PHE D 265 33.18 17.25 16.14
C PHE D 265 33.09 16.67 17.55
N MET D 266 32.02 15.82 17.84
CA MET D 266 31.75 15.36 19.21
C MET D 266 32.69 14.21 19.59
N PRO D 267 32.98 14.06 20.91
CA PRO D 267 34.03 13.11 21.32
C PRO D 267 33.78 11.65 20.93
N LYS D 268 32.63 11.09 21.27
CA LYS D 268 32.39 9.66 21.06
C LYS D 268 31.01 9.41 20.47
N PRO D 269 30.89 9.39 19.14
CA PRO D 269 29.56 9.23 18.55
C PRO D 269 29.12 7.77 18.46
N LEU D 270 30.03 6.87 18.10
CA LEU D 270 29.74 5.44 17.97
C LEU D 270 30.44 4.63 19.04
N TYR D 271 29.70 3.79 19.75
CA TYR D 271 30.27 2.85 20.71
C TYR D 271 31.05 1.74 20.00
N GLY D 272 32.25 1.44 20.48
CA GLY D 272 33.03 0.39 19.88
C GLY D 272 33.82 0.81 18.67
N ASP D 273 33.93 2.10 18.41
CA ASP D 273 34.75 2.61 17.33
C ASP D 273 35.49 3.85 17.83
N ASN D 274 36.56 4.20 17.14
CA ASN D 274 37.43 5.26 17.65
C ASN D 274 36.64 6.54 17.77
N GLY D 275 36.91 7.26 18.85
CA GLY D 275 36.38 8.60 18.97
C GLY D 275 37.35 9.65 18.47
N SER D 276 36.84 10.86 18.32
CA SER D 276 37.64 11.98 17.84
C SER D 276 38.43 12.65 18.97
N GLY D 277 39.70 12.87 18.73
CA GLY D 277 40.46 13.70 19.65
C GLY D 277 40.73 15.07 19.07
N MET D 278 41.03 16.03 19.94
CA MET D 278 41.67 17.30 19.59
C MET D 278 43.10 17.26 20.15
N HIS D 279 43.98 16.57 19.44
CA HIS D 279 45.37 16.59 19.82
C HIS D 279 45.90 18.02 19.82
N THR D 280 46.51 18.44 20.94
CA THR D 280 47.10 19.76 21.08
C THR D 280 48.60 19.65 21.21
N HIS D 281 49.30 20.18 20.21
CA HIS D 281 50.76 20.27 20.26
C HIS D 281 51.16 21.65 20.76
N VAL D 282 52.05 21.68 21.74
CA VAL D 282 52.40 22.90 22.45
C VAL D 282 53.90 23.14 22.34
N SER D 283 54.27 24.40 22.14
CA SER D 283 55.65 24.82 22.26
C SER D 283 55.67 26.29 22.65
N VAL D 284 56.79 26.75 23.18
CA VAL D 284 56.90 28.07 23.77
C VAL D 284 58.24 28.68 23.34
N TRP D 285 58.19 29.85 22.69
CA TRP D 285 59.34 30.48 22.09
C TRP D 285 59.58 31.85 22.71
N LYS D 286 60.80 32.35 22.53
CA LYS D 286 61.22 33.62 23.08
C LYS D 286 62.48 34.06 22.38
N ASN D 287 62.47 35.26 21.78
CA ASN D 287 63.56 35.71 20.91
C ASN D 287 63.89 34.65 19.85
N ASN D 288 62.82 34.01 19.36
CA ASN D 288 62.84 33.06 18.24
C ASN D 288 63.68 31.83 18.52
N GLU D 289 63.88 31.48 19.79
CA GLU D 289 64.39 30.16 20.15
C GLU D 289 63.28 29.35 20.83
N ASN D 290 63.08 28.11 20.36
CA ASN D 290 62.13 27.15 20.90
C ASN D 290 62.63 26.69 22.27
N LEU D 291 62.06 27.23 23.35
CA LEU D 291 62.49 26.83 24.69
C LEU D 291 62.22 25.37 25.01
N PHE D 292 61.44 24.66 24.20
CA PHE D 292 61.22 23.24 24.42
C PHE D 292 62.35 22.37 23.87
N SER D 293 63.24 22.93 23.05
CA SER D 293 64.37 22.19 22.52
C SER D 293 65.45 22.09 23.59
N GLY D 294 65.93 20.88 23.83
CA GLY D 294 67.05 20.74 24.74
C GLY D 294 67.85 19.50 24.45
N GLU D 295 68.72 19.10 25.37
CA GLU D 295 69.50 17.88 25.25
C GLU D 295 69.30 16.99 26.47
N THR D 296 68.14 17.07 27.11
CA THR D 296 67.89 16.47 28.41
C THR D 296 67.06 15.20 28.34
N TYR D 297 65.90 15.21 27.66
CA TYR D 297 65.15 13.99 27.38
C TYR D 297 64.63 14.04 25.96
N LYS D 298 65.15 13.16 25.10
CA LYS D 298 64.63 12.95 23.75
C LYS D 298 64.46 14.27 23.00
N GLY D 299 65.44 15.15 23.13
CA GLY D 299 65.41 16.40 22.40
C GLY D 299 64.58 17.49 23.04
N LEU D 300 64.27 17.36 24.33
CA LEU D 300 63.52 18.36 25.08
C LEU D 300 64.37 18.87 26.21
N SER D 301 63.95 19.99 26.80
CA SER D 301 64.73 20.71 27.78
C SER D 301 64.08 20.71 29.15
N GLU D 302 64.90 21.03 30.17
CA GLU D 302 64.40 21.21 31.54
C GLU D 302 63.16 22.08 31.58
N PHE D 303 63.16 23.20 30.86
CA PHE D 303 61.96 24.00 30.69
C PHE D 303 60.77 23.10 30.35
N ALA D 304 60.87 22.40 29.20
CA ALA D 304 59.76 21.59 28.70
C ALA D 304 59.29 20.57 29.72
N LEU D 305 60.23 19.84 30.31
CA LEU D 305 59.84 18.78 31.22
C LEU D 305 59.19 19.32 32.48
N HIS D 306 59.47 20.57 32.83
CA HIS D 306 58.76 21.23 33.92
C HIS D 306 57.41 21.77 33.45
N PHE D 307 57.38 22.43 32.28
CA PHE D 307 56.10 22.79 31.67
C PHE D 307 55.21 21.58 31.57
N LEU D 308 55.81 20.43 31.23
CA LEU D 308 55.10 19.16 31.26
C LEU D 308 54.72 18.79 32.68
N GLY D 309 55.63 18.99 33.63
CA GLY D 309 55.29 18.71 35.01
C GLY D 309 54.01 19.39 35.45
N GLY D 310 53.79 20.63 35.01
CA GLY D 310 52.61 21.36 35.45
C GLY D 310 51.32 20.80 34.87
N VAL D 311 51.27 20.63 33.55
CA VAL D 311 50.07 20.11 32.91
C VAL D 311 49.67 18.81 33.58
N LEU D 312 50.65 18.02 34.01
CA LEU D 312 50.39 16.72 34.60
C LEU D 312 49.98 16.82 36.06
N ARG D 313 50.47 17.80 36.81
CA ARG D 313 50.01 17.91 38.19
C ARG D 313 48.56 18.31 38.22
N HIS D 314 48.17 19.22 37.33
CA HIS D 314 46.83 19.78 37.28
C HIS D 314 45.96 19.04 36.30
N ALA D 315 46.42 17.88 35.84
CA ALA D 315 45.79 17.15 34.75
C ALA D 315 44.32 16.84 35.03
N ARG D 316 44.01 16.35 36.23
CA ARG D 316 42.63 15.90 36.48
C ARG D 316 41.66 17.06 36.67
N GLY D 317 42.06 18.15 37.31
CA GLY D 317 41.20 19.33 37.33
C GLY D 317 41.13 19.97 35.96
N LEU D 318 42.24 19.94 35.24
CA LEU D 318 42.29 20.54 33.92
C LEU D 318 41.35 19.84 32.95
N ALA D 319 41.10 18.54 33.15
CA ALA D 319 40.16 17.81 32.30
C ALA D 319 38.77 18.44 32.30
N ALA D 320 38.47 19.27 33.31
CA ALA D 320 37.23 20.03 33.31
C ALA D 320 37.13 20.94 32.09
N PHE D 321 38.26 21.46 31.60
CA PHE D 321 38.25 22.47 30.56
C PHE D 321 38.53 21.93 29.17
N THR D 322 39.38 20.90 29.06
CA THR D 322 39.72 20.29 27.78
C THR D 322 38.73 19.20 27.39
N ASN D 323 38.00 18.66 28.38
CA ASN D 323 37.09 17.51 28.20
C ASN D 323 35.72 17.88 28.80
N ALA D 324 35.00 18.76 28.10
CA ALA D 324 34.00 19.63 28.71
C ALA D 324 32.56 19.11 28.57
N SER D 325 32.37 17.79 28.57
CA SER D 325 31.06 17.21 28.31
C SER D 325 31.07 15.77 28.80
N THR D 326 29.88 15.20 29.02
CA THR D 326 29.92 13.81 29.46
C THR D 326 30.41 12.92 28.32
N ASN D 327 30.14 13.30 27.06
CA ASN D 327 30.56 12.46 25.96
C ASN D 327 32.08 12.26 25.93
N SER D 328 32.84 13.31 26.27
CA SER D 328 34.29 13.18 26.44
C SER D 328 34.65 11.91 27.22
N TYR D 329 33.93 11.61 28.29
CA TYR D 329 34.33 10.55 29.18
C TYR D 329 33.92 9.18 28.68
N LYS D 330 33.08 9.16 27.62
CA LYS D 330 32.82 7.95 26.85
C LYS D 330 34.02 7.56 25.98
N ARG D 331 34.87 8.53 25.62
CA ARG D 331 36.05 8.32 24.78
C ARG D 331 37.30 7.99 25.58
N LEU D 332 37.43 8.49 26.80
CA LEU D 332 38.59 8.18 27.63
C LEU D 332 38.52 6.76 28.19
N ILE D 333 38.45 5.81 27.26
CA ILE D 333 38.32 4.38 27.54
C ILE D 333 39.51 3.71 26.88
N PRO D 334 40.15 2.73 27.53
CA PRO D 334 41.25 2.02 26.87
C PRO D 334 40.75 1.22 25.68
N GLY D 335 41.51 1.26 24.59
CA GLY D 335 41.28 0.40 23.44
C GLY D 335 41.04 1.10 22.11
N TYR D 336 40.73 2.39 22.12
CA TYR D 336 40.40 3.15 20.92
C TYR D 336 41.39 4.31 20.73
N GLU D 337 42.65 4.03 21.09
CA GLU D 337 43.82 4.89 20.85
C GLU D 337 43.66 6.31 21.39
N ALA D 338 42.62 6.52 22.39
CA ALA D 338 42.48 7.67 23.26
C ALA D 338 43.12 7.38 24.61
N PRO D 339 43.79 8.36 25.19
CA PRO D 339 44.57 8.11 26.41
C PRO D 339 43.72 7.87 27.65
N SER D 340 44.30 7.13 28.60
CA SER D 340 43.69 6.86 29.89
C SER D 340 44.63 7.14 31.06
N ILE D 341 45.90 6.78 30.95
CA ILE D 341 46.82 6.98 32.05
C ILE D 341 47.53 8.31 31.86
N LEU D 342 47.53 9.15 32.90
CA LEU D 342 48.20 10.44 32.88
C LEU D 342 49.69 10.23 33.00
N THR D 343 50.31 9.89 31.86
CA THR D 343 51.75 9.74 31.79
C THR D 343 52.22 10.01 30.38
N TYR D 344 53.51 10.24 30.25
CA TYR D 344 54.09 10.54 28.96
C TYR D 344 55.03 9.42 28.54
N SER D 345 55.37 9.46 27.26
CA SER D 345 56.14 8.42 26.58
C SER D 345 56.46 8.99 25.21
N ALA D 346 57.30 8.29 24.48
CA ALA D 346 57.70 8.71 23.16
C ALA D 346 57.16 7.71 22.14
N ASN D 347 56.66 8.21 21.01
CA ASN D 347 56.09 7.43 19.91
C ASN D 347 54.88 6.60 20.34
N ASN D 348 54.32 6.90 21.51
CA ASN D 348 53.31 6.06 22.18
C ASN D 348 51.96 6.76 22.16
N ARG D 349 50.99 6.14 21.51
CA ARG D 349 49.64 6.68 21.42
C ARG D 349 48.74 6.18 22.54
N SER D 350 49.22 5.27 23.39
CA SER D 350 48.52 4.97 24.63
C SER D 350 48.73 6.04 25.70
N ALA D 351 49.75 6.87 25.54
CA ALA D 351 50.10 7.85 26.56
C ALA D 351 49.14 9.04 26.56
N SER D 352 49.06 9.69 27.73
CA SER D 352 48.35 10.96 27.79
C SER D 352 49.05 12.02 26.95
N VAL D 353 50.38 12.07 27.04
CA VAL D 353 51.21 13.02 26.31
C VAL D 353 52.19 12.20 25.50
N ARG D 354 52.22 12.43 24.20
CA ARG D 354 53.18 11.78 23.32
C ARG D 354 54.30 12.75 23.01
N ILE D 355 55.47 12.20 22.71
CA ILE D 355 56.54 13.02 22.16
C ILE D 355 56.68 12.67 20.68
N PRO D 356 56.16 13.52 19.75
CA PRO D 356 56.22 13.19 18.31
C PRO D 356 57.62 12.81 17.87
N TYR D 357 57.72 12.09 16.76
CA TYR D 357 59.02 11.56 16.41
C TYR D 357 59.85 12.57 15.65
N GLY D 358 59.23 13.32 14.75
CA GLY D 358 59.95 14.41 14.11
C GLY D 358 60.32 15.53 15.08
N ILE D 359 61.50 15.48 15.67
CA ILE D 359 61.87 16.36 16.78
C ILE D 359 63.14 17.10 16.38
N SER D 360 62.95 18.23 15.70
CA SER D 360 64.01 19.12 15.24
C SER D 360 64.19 20.25 16.25
N LYS D 361 65.31 20.96 16.07
CA LYS D 361 65.52 22.23 16.76
C LYS D 361 64.23 23.05 16.77
N ASN D 362 63.60 23.18 15.61
CA ASN D 362 62.47 24.07 15.41
C ASN D 362 61.13 23.47 15.77
N SER D 363 61.08 22.19 16.12
CA SER D 363 59.80 21.49 16.23
C SER D 363 59.52 20.86 17.58
N ALA D 364 60.50 20.85 18.49
CA ALA D 364 60.30 20.31 19.85
C ALA D 364 58.95 20.71 20.44
N ARG D 365 58.10 19.71 20.67
CA ARG D 365 56.76 19.92 21.19
C ARG D 365 56.30 18.65 21.88
N PHE D 366 55.22 18.78 22.66
CA PHE D 366 54.44 17.66 23.14
C PHE D 366 53.19 17.54 22.31
N GLU D 367 52.67 16.31 22.25
CA GLU D 367 51.31 16.09 21.79
C GLU D 367 50.47 15.87 23.03
N PHE D 368 49.57 16.80 23.33
CA PHE D 368 48.57 16.57 24.39
C PHE D 368 47.40 15.86 23.72
N ARG D 369 47.33 14.54 23.88
CA ARG D 369 46.36 13.72 23.15
C ARG D 369 44.96 13.79 23.73
N PHE D 370 44.83 14.01 25.04
CA PHE D 370 43.60 13.85 25.82
C PHE D 370 42.51 14.91 25.66
N PRO D 371 42.72 16.07 25.01
CA PRO D 371 41.61 16.99 24.79
C PRO D 371 40.65 16.49 23.73
N ASP D 372 39.50 17.17 23.63
CA ASP D 372 38.58 16.94 22.52
C ASP D 372 37.82 18.23 22.22
N SER D 373 37.19 18.22 21.04
CA SER D 373 36.59 19.43 20.48
C SER D 373 35.27 19.80 21.13
N SER D 374 34.84 19.08 22.16
CA SER D 374 33.71 19.53 22.97
C SER D 374 34.09 20.73 23.81
N SER D 375 35.39 20.94 23.99
CA SER D 375 35.88 22.08 24.74
C SER D 375 35.76 23.34 23.92
N ASN D 376 35.69 24.44 24.62
CA ASN D 376 36.02 25.71 23.98
C ASN D 376 37.53 25.73 23.77
N PRO D 377 38.01 25.83 22.53
CA PRO D 377 39.46 25.82 22.34
C PRO D 377 40.15 26.99 23.02
N TYR D 378 39.50 28.16 23.04
CA TYR D 378 40.09 29.30 23.74
C TYR D 378 40.43 28.92 25.17
N LEU D 379 39.44 28.39 25.91
CA LEU D 379 39.58 28.08 27.34
C LEU D 379 40.48 26.87 27.58
N ALA D 380 40.39 25.88 26.70
CA ALA D 380 41.25 24.70 26.76
C ALA D 380 42.73 25.07 26.57
N PHE D 381 43.03 25.81 25.50
CA PHE D 381 44.40 26.22 25.26
C PHE D 381 44.86 27.20 26.33
N ALA D 382 43.96 28.08 26.79
CA ALA D 382 44.30 29.02 27.85
C ALA D 382 44.67 28.28 29.13
N ALA D 383 43.85 27.29 29.51
CA ALA D 383 44.13 26.57 30.73
C ALA D 383 45.37 25.69 30.60
N ILE D 384 45.63 25.13 29.41
CA ILE D 384 46.84 24.32 29.21
C ILE D 384 48.07 25.14 29.56
N LEU D 385 48.12 26.39 29.07
CA LEU D 385 49.23 27.25 29.40
C LEU D 385 49.32 27.45 30.91
N MET D 386 48.25 27.96 31.53
CA MET D 386 48.30 28.30 32.95
C MET D 386 48.77 27.12 33.79
N ALA D 387 48.37 25.90 33.39
CA ALA D 387 48.87 24.71 34.06
C ALA D 387 50.35 24.53 33.80
N GLY D 388 50.81 24.83 32.58
CA GLY D 388 52.20 24.62 32.24
C GLY D 388 53.13 25.65 32.88
N MET D 389 52.71 26.92 32.90
CA MET D 389 53.52 27.95 33.54
C MET D 389 53.71 27.69 35.02
N ASP D 390 52.73 27.09 35.67
CA ASP D 390 52.95 26.60 37.03
C ASP D 390 53.99 25.50 37.04
N GLY D 391 54.10 24.77 35.92
CA GLY D 391 55.09 23.72 35.84
C GLY D 391 56.50 24.27 35.82
N VAL D 392 56.74 25.32 35.03
CA VAL D 392 58.08 25.92 35.01
C VAL D 392 58.30 26.88 36.17
N LYS D 393 57.25 27.45 36.76
CA LYS D 393 57.46 28.30 37.92
C LYS D 393 57.94 27.49 39.13
N ASN D 394 57.43 26.26 39.31
CA ASN D 394 57.70 25.49 40.51
C ASN D 394 58.58 24.28 40.25
N LYS D 395 59.24 24.23 39.09
CA LYS D 395 60.03 23.09 38.65
C LYS D 395 59.43 21.76 39.11
N ILE D 396 58.21 21.46 38.66
CA ILE D 396 57.56 20.19 38.98
C ILE D 396 58.15 19.08 38.13
N ASP D 397 58.47 17.96 38.78
CA ASP D 397 58.95 16.75 38.13
C ASP D 397 57.85 16.10 37.30
N PRO D 398 58.13 15.68 36.07
CA PRO D 398 57.13 14.97 35.26
C PRO D 398 57.07 13.47 35.49
N GLY D 399 57.78 12.93 36.48
CA GLY D 399 57.86 11.49 36.66
C GLY D 399 58.69 10.82 35.58
N GLU D 400 58.87 9.51 35.74
CA GLU D 400 59.56 8.74 34.70
C GLU D 400 58.60 8.38 33.57
N ALA D 401 59.17 8.20 32.37
CA ALA D 401 58.36 7.81 31.22
C ALA D 401 58.02 6.34 31.31
N MET D 402 56.77 6.00 30.97
CA MET D 402 56.35 4.61 30.87
C MET D 402 56.25 4.25 29.39
N ASP D 403 57.29 3.62 28.87
CA ASP D 403 57.28 3.27 27.47
C ASP D 403 56.65 1.90 27.25
N ILE D 404 55.50 1.74 27.90
CA ILE D 404 54.69 0.54 27.79
C ILE D 404 53.49 0.83 26.90
N ASN D 405 52.75 -0.20 26.55
CA ASN D 405 51.40 -0.03 26.03
C ASN D 405 50.54 0.11 27.27
N LEU D 406 50.19 1.35 27.59
CA LEU D 406 49.51 1.74 28.82
C LEU D 406 48.10 1.22 28.94
N PHE D 407 47.65 0.44 27.95
CA PHE D 407 46.31 -0.10 27.93
C PHE D 407 46.22 -1.50 28.54
N LYS D 408 47.25 -2.32 28.39
CA LYS D 408 47.21 -3.66 28.96
C LYS D 408 47.45 -3.66 30.48
N LEU D 409 47.40 -2.50 31.14
CA LEU D 409 47.45 -2.44 32.60
C LEU D 409 46.09 -2.80 33.19
N THR D 410 46.07 -3.79 34.09
CA THR D 410 44.83 -4.16 34.77
C THR D 410 44.43 -3.08 35.79
N LEU D 411 43.27 -3.29 36.42
CA LEU D 411 42.79 -2.31 37.39
C LEU D 411 43.62 -2.37 38.68
N ASP D 412 43.77 -3.57 39.27
CA ASP D 412 44.41 -3.71 40.58
C ASP D 412 45.92 -3.66 40.47
N GLU D 413 46.42 -2.65 39.76
CA GLU D 413 47.82 -2.56 39.38
C GLU D 413 48.15 -1.12 38.97
N ILE D 414 47.29 -0.50 38.16
CA ILE D 414 47.27 0.96 38.14
C ILE D 414 47.21 1.49 39.55
N ARG D 415 46.42 0.82 40.40
CA ARG D 415 46.44 1.07 41.83
C ARG D 415 47.77 0.64 42.46
N GLU D 416 48.14 -0.64 42.29
CA GLU D 416 49.29 -1.20 42.99
C GLU D 416 50.59 -0.43 42.72
N LYS D 417 50.72 0.21 41.55
CA LYS D 417 51.82 1.13 41.27
C LYS D 417 51.49 2.57 41.64
N GLY D 418 50.20 2.87 41.85
CA GLY D 418 49.72 4.20 42.19
C GLY D 418 49.95 5.22 41.06
N ILE D 419 49.80 4.78 39.79
CA ILE D 419 49.91 5.68 38.65
C ILE D 419 48.54 6.32 38.34
N LYS D 420 48.56 7.61 37.97
CA LYS D 420 47.38 8.45 38.00
C LYS D 420 46.68 8.48 36.64
N GLN D 421 45.36 8.30 36.65
CA GLN D 421 44.62 8.32 35.40
C GLN D 421 43.59 9.46 35.37
N MET D 422 43.20 9.80 34.14
CA MET D 422 42.08 10.70 33.90
C MET D 422 40.84 10.30 34.70
N PRO D 423 40.08 11.25 35.20
CA PRO D 423 38.81 10.93 35.84
C PRO D 423 37.85 10.25 34.87
N HIS D 424 36.89 9.54 35.46
CA HIS D 424 35.95 8.77 34.64
C HIS D 424 34.71 9.57 34.27
N THR D 425 34.57 10.78 34.79
CA THR D 425 33.28 11.44 34.79
C THR D 425 33.46 12.95 34.91
N LEU D 426 32.70 13.68 34.09
CA LEU D 426 32.71 15.14 34.10
C LEU D 426 32.43 15.72 35.49
N ARG D 427 31.45 15.18 36.24
CA ARG D 427 31.23 15.60 37.62
C ARG D 427 32.53 15.59 38.40
N ARG D 428 33.31 14.53 38.24
CA ARG D 428 34.52 14.38 39.04
C ARG D 428 35.60 15.33 38.57
N SER D 429 35.72 15.52 37.26
CA SER D 429 36.74 16.46 36.80
C SER D 429 36.38 17.89 37.20
N LEU D 430 35.10 18.22 37.21
CA LEU D 430 34.71 19.53 37.70
C LEU D 430 35.13 19.69 39.15
N GLU D 431 34.86 18.67 39.97
CA GLU D 431 35.18 18.73 41.38
C GLU D 431 36.67 18.95 41.60
N GLU D 432 37.51 18.15 40.92
CA GLU D 432 38.96 18.30 41.03
C GLU D 432 39.39 19.71 40.67
N MET D 433 38.84 20.23 39.57
CA MET D 433 39.13 21.60 39.18
C MET D 433 38.82 22.55 40.34
N LEU D 434 37.65 22.41 40.93
CA LEU D 434 37.23 23.30 41.99
C LEU D 434 38.10 23.18 43.25
N ALA D 435 38.76 22.04 43.47
CA ALA D 435 39.69 21.96 44.57
C ALA D 435 41.09 22.43 44.18
N ASP D 436 41.32 22.71 42.90
CA ASP D 436 42.67 22.98 42.41
C ASP D 436 42.54 24.02 41.30
N LYS D 437 42.65 25.28 41.68
CA LYS D 437 42.46 26.35 40.73
C LYS D 437 43.57 27.39 40.84
N GLN D 438 44.20 27.48 42.02
CA GLN D 438 45.15 28.52 42.36
C GLN D 438 45.99 28.89 41.15
N TYR D 439 46.28 27.90 40.32
CA TYR D 439 47.09 28.16 39.14
C TYR D 439 46.30 28.88 38.05
N LEU D 440 45.05 28.50 37.82
CA LEU D 440 44.26 29.21 36.82
C LEU D 440 44.01 30.66 37.24
N LYS D 441 43.88 30.89 38.55
CA LYS D 441 43.56 32.22 39.06
C LYS D 441 44.74 33.18 39.05
N GLU D 442 45.94 32.72 38.67
CA GLU D 442 47.09 33.62 38.54
C GLU D 442 46.75 34.80 37.63
N SER D 443 47.01 36.01 38.12
CA SER D 443 46.81 37.27 37.38
C SER D 443 45.38 37.44 36.89
N GLN D 444 44.43 36.73 37.52
CA GLN D 444 43.03 36.62 37.08
C GLN D 444 42.91 36.43 35.58
N VAL D 445 43.82 35.65 35.00
CA VAL D 445 43.54 35.04 33.70
C VAL D 445 42.20 34.32 33.79
N PHE D 446 41.95 33.64 34.92
CA PHE D 446 40.64 33.09 35.25
C PHE D 446 40.16 33.75 36.54
N SER D 447 38.96 34.30 36.51
CA SER D 447 38.42 34.95 37.69
C SER D 447 37.58 33.95 38.48
N GLU D 448 37.54 34.15 39.80
CA GLU D 448 36.72 33.29 40.65
C GLU D 448 35.28 33.32 40.17
N GLU D 449 34.76 34.52 39.97
CA GLU D 449 33.39 34.68 39.55
C GLU D 449 33.12 33.87 38.28
N PHE D 450 34.07 33.88 37.34
CA PHE D 450 33.89 33.10 36.11
C PHE D 450 34.01 31.60 36.37
N ILE D 451 35.08 31.19 37.07
CA ILE D 451 35.23 29.80 37.49
C ILE D 451 33.93 29.26 38.05
N GLN D 452 33.21 30.09 38.78
CA GLN D 452 31.93 29.66 39.33
C GLN D 452 30.92 29.47 38.23
N ALA D 453 30.71 30.52 37.43
CA ALA D 453 29.73 30.45 36.36
C ALA D 453 29.94 29.19 35.53
N TYR D 454 31.19 28.96 35.12
CA TYR D 454 31.53 27.76 34.38
C TYR D 454 31.12 26.52 35.12
N GLN D 455 31.49 26.44 36.38
CA GLN D 455 31.09 25.31 37.19
C GLN D 455 29.57 25.17 37.17
N SER D 456 28.86 26.27 37.43
CA SER D 456 27.40 26.28 37.46
C SER D 456 26.76 26.02 36.10
N LEU D 457 27.48 26.27 35.01
CA LEU D 457 26.94 26.01 33.68
C LEU D 457 27.01 24.53 33.33
N LYS D 458 28.15 23.90 33.61
CA LYS D 458 28.42 22.55 33.15
C LYS D 458 27.70 21.51 33.99
N PHE D 459 27.55 21.75 35.29
CA PHE D 459 26.68 20.89 36.10
C PHE D 459 25.27 20.84 35.51
N ASN D 460 24.71 22.01 35.21
CA ASN D 460 23.30 22.08 34.86
C ASN D 460 23.03 21.62 33.43
N ALA D 461 23.94 21.90 32.49
CA ALA D 461 23.72 21.55 31.10
C ALA D 461 24.17 20.15 30.76
N GLU D 462 24.96 19.52 31.63
CA GLU D 462 25.66 18.30 31.24
C GLU D 462 25.49 17.22 32.30
N VAL D 463 25.93 17.51 33.52
CA VAL D 463 26.04 16.46 34.51
C VAL D 463 24.67 16.10 35.06
N PHE D 464 23.80 17.09 35.20
CA PHE D 464 22.49 16.81 35.76
C PHE D 464 21.64 16.06 34.75
N PRO D 465 21.63 16.46 33.48
CA PRO D 465 20.86 15.69 32.49
C PRO D 465 21.31 14.25 32.37
N TRP D 466 22.61 14.00 32.44
CA TRP D 466 23.11 12.64 32.28
C TRP D 466 22.77 11.79 33.49
N GLU D 467 22.62 12.42 34.64
CA GLU D 467 22.45 11.69 35.88
C GLU D 467 21.00 11.37 36.16
N SER D 468 20.09 12.10 35.52
CA SER D 468 18.66 12.00 35.75
C SER D 468 17.93 11.26 34.64
N LYS D 469 18.58 11.00 33.50
CA LYS D 469 17.90 10.58 32.29
C LYS D 469 18.14 9.11 32.02
N PRO D 470 17.12 8.24 32.20
CA PRO D 470 17.30 6.81 31.94
C PRO D 470 18.09 6.53 30.69
N HIS D 471 19.04 5.65 30.79
CA HIS D 471 19.85 5.26 29.65
C HIS D 471 19.29 3.96 29.08
N PRO D 472 19.16 3.84 27.74
CA PRO D 472 18.63 2.60 27.15
C PRO D 472 19.22 1.36 27.79
N PHE D 473 20.54 1.33 28.01
CA PHE D 473 21.16 0.10 28.48
C PHE D 473 20.67 -0.30 29.86
N GLU D 474 20.21 0.67 30.65
CA GLU D 474 19.58 0.36 31.93
C GLU D 474 18.40 -0.58 31.74
N PHE D 475 17.77 -0.56 30.56
CA PHE D 475 16.63 -1.45 30.31
C PHE D 475 17.07 -2.85 29.96
N ILE D 476 18.22 -3.03 29.30
CA ILE D 476 18.71 -4.39 29.12
C ILE D 476 18.99 -5.02 30.47
N THR D 477 19.74 -4.30 31.32
CA THR D 477 20.25 -4.93 32.53
C THR D 477 19.21 -4.97 33.65
N THR D 478 18.27 -4.02 33.70
CA THR D 478 17.51 -3.82 34.92
C THR D 478 15.99 -3.87 34.72
N TYR D 479 15.48 -4.26 33.56
CA TYR D 479 14.02 -4.32 33.40
C TYR D 479 13.45 -5.55 34.10
N SER D 480 14.00 -6.73 33.83
CA SER D 480 13.61 -7.96 34.52
C SER D 480 14.14 -8.04 35.95
N CYS D 481 14.09 -6.95 36.71
CA CYS D 481 14.77 -6.89 37.99
C CYS D 481 13.80 -6.96 39.18
N GLU E 9 0.91 69.20 -7.41
CA GLU E 9 1.05 69.09 -8.85
C GLU E 9 2.51 69.18 -9.25
N SER E 10 3.39 68.72 -8.36
CA SER E 10 4.80 68.48 -8.69
C SER E 10 5.25 67.10 -8.30
N LYS E 11 4.79 66.60 -7.15
CA LYS E 11 5.05 65.20 -6.84
C LYS E 11 4.24 64.30 -7.74
N ILE E 12 3.08 64.77 -8.21
CA ILE E 12 2.41 64.16 -9.35
C ILE E 12 3.34 64.17 -10.55
N LYS E 13 3.89 65.34 -10.88
CA LYS E 13 4.81 65.45 -12.00
C LYS E 13 5.98 64.49 -11.83
N GLU E 14 6.60 64.52 -10.65
CA GLU E 14 7.71 63.62 -10.38
C GLU E 14 7.28 62.17 -10.55
N PHE E 15 6.10 61.82 -10.01
CA PHE E 15 5.55 60.46 -10.12
C PHE E 15 5.42 60.02 -11.56
N PHE E 16 4.53 60.68 -12.32
CA PHE E 16 4.19 60.24 -13.66
C PHE E 16 5.40 60.16 -14.60
N GLU E 17 6.55 60.69 -14.21
CA GLU E 17 7.79 60.45 -14.91
C GLU E 17 8.59 59.28 -14.33
N PHE E 18 8.49 59.05 -13.02
CA PHE E 18 9.14 57.90 -12.40
C PHE E 18 8.58 56.60 -12.97
N CYS E 19 7.31 56.58 -13.35
CA CYS E 19 6.74 55.38 -13.93
C CYS E 19 7.26 55.12 -15.33
N LYS E 20 7.34 56.18 -16.15
CA LYS E 20 7.84 56.02 -17.51
C LYS E 20 9.24 55.44 -17.51
N GLU E 21 10.00 55.66 -16.43
CA GLU E 21 11.39 55.25 -16.43
C GLU E 21 11.60 53.80 -16.02
N ASN E 22 10.75 53.25 -15.14
CA ASN E 22 10.82 51.83 -14.79
C ASN E 22 9.83 50.97 -15.60
N GLU E 23 9.12 51.56 -16.57
CA GLU E 23 8.19 50.85 -17.45
C GLU E 23 6.99 50.29 -16.67
N VAL E 24 6.41 51.15 -15.83
CA VAL E 24 5.35 50.74 -14.91
C VAL E 24 4.13 50.28 -15.70
N GLU E 25 3.73 49.03 -15.48
CA GLU E 25 2.53 48.48 -16.13
C GLU E 25 1.28 48.60 -15.26
N PHE E 26 1.40 48.58 -13.93
CA PHE E 26 0.22 48.74 -13.07
C PHE E 26 0.47 49.64 -11.87
N VAL E 27 -0.54 50.45 -11.54
CA VAL E 27 -0.51 51.30 -10.36
C VAL E 27 -1.33 50.63 -9.26
N ASP E 28 -0.65 50.24 -8.18
CA ASP E 28 -1.20 49.43 -7.08
C ASP E 28 -1.36 50.32 -5.84
N PHE E 29 -2.56 50.84 -5.61
CA PHE E 29 -2.79 51.61 -4.39
C PHE E 29 -2.95 50.66 -3.21
N ARG E 30 -2.33 51.02 -2.08
CA ARG E 30 -2.40 50.18 -0.88
C ARG E 30 -2.82 51.01 0.33
N PHE E 31 -3.79 50.49 1.08
CA PHE E 31 -4.35 51.17 2.23
C PHE E 31 -4.42 50.19 3.39
N SER E 32 -4.79 50.70 4.57
CA SER E 32 -4.77 49.93 5.81
C SER E 32 -6.10 50.10 6.52
N ASP E 33 -6.81 48.98 6.72
CA ASP E 33 -8.04 49.05 7.50
C ASP E 33 -7.68 49.03 8.97
N ILE E 34 -8.72 48.98 9.83
CA ILE E 34 -8.52 49.21 11.26
C ILE E 34 -7.69 48.08 11.87
N LYS E 35 -7.80 46.87 11.33
CA LYS E 35 -6.99 45.78 11.86
C LYS E 35 -5.51 45.97 11.55
N GLY E 36 -5.18 46.73 10.51
CA GLY E 36 -3.81 46.83 10.02
C GLY E 36 -3.52 46.05 8.74
N THR E 37 -4.48 45.26 8.30
CA THR E 37 -4.43 44.54 7.03
C THR E 37 -4.23 45.49 5.85
N TRP E 38 -3.07 45.44 5.25
CA TRP E 38 -2.80 46.25 4.05
C TRP E 38 -3.54 45.67 2.84
N ASN E 39 -4.40 46.47 2.23
CA ASN E 39 -5.19 46.00 1.11
C ASN E 39 -4.69 46.70 -0.15
N HIS E 40 -4.99 46.12 -1.31
CA HIS E 40 -4.57 46.77 -2.54
C HIS E 40 -5.66 46.65 -3.59
N ILE E 41 -5.88 47.76 -4.29
CA ILE E 41 -6.64 47.81 -5.54
C ILE E 41 -5.70 48.43 -6.57
N ALA E 42 -5.69 47.90 -7.79
CA ALA E 42 -4.66 48.25 -8.76
C ALA E 42 -5.27 48.65 -10.08
N TYR E 43 -4.69 49.68 -10.70
CA TYR E 43 -5.21 50.21 -11.95
C TYR E 43 -4.28 49.92 -13.12
N SER E 44 -4.88 49.77 -14.30
CA SER E 44 -4.10 49.75 -15.53
C SER E 44 -3.47 51.12 -15.73
N PHE E 45 -2.16 51.13 -15.96
CA PHE E 45 -1.36 52.36 -15.85
C PHE E 45 -1.79 53.43 -16.87
N GLY E 46 -2.11 53.04 -18.10
CA GLY E 46 -2.52 54.02 -19.12
C GLY E 46 -3.84 54.72 -18.83
N ALA E 47 -4.64 54.19 -17.91
CA ALA E 47 -5.91 54.78 -17.53
C ALA E 47 -5.74 55.78 -16.39
N LEU E 48 -4.64 55.69 -15.67
CA LEU E 48 -4.32 56.67 -14.67
C LEU E 48 -4.10 58.04 -15.34
N THR E 49 -4.49 59.09 -14.64
CA THR E 49 -4.34 60.45 -15.16
C THR E 49 -3.95 61.39 -14.03
N HIS E 50 -3.47 62.58 -14.40
CA HIS E 50 -3.27 63.66 -13.43
C HIS E 50 -4.54 63.91 -12.64
N GLY E 51 -5.66 64.06 -13.35
CA GLY E 51 -6.93 64.20 -12.70
C GLY E 51 -7.50 62.87 -12.26
N MET E 52 -6.77 62.15 -11.39
CA MET E 52 -7.31 61.15 -10.47
C MET E 52 -6.39 60.93 -9.28
N LEU E 53 -5.21 61.55 -9.27
CA LEU E 53 -4.39 61.64 -8.07
C LEU E 53 -4.65 62.92 -7.31
N LYS E 54 -5.77 63.58 -7.61
CA LYS E 54 -6.37 64.62 -6.79
C LYS E 54 -7.86 64.31 -6.58
N GLU E 55 -8.49 63.67 -7.58
CA GLU E 55 -9.87 63.21 -7.42
C GLU E 55 -9.94 62.03 -6.46
N GLY E 56 -9.00 61.10 -6.59
CA GLY E 56 -8.96 59.90 -5.77
C GLY E 56 -9.60 58.70 -6.44
N ILE E 57 -9.44 57.56 -5.78
CA ILE E 57 -9.88 56.25 -6.28
C ILE E 57 -11.16 55.89 -5.54
N PRO E 58 -12.24 55.50 -6.24
CA PRO E 58 -13.39 54.93 -5.54
C PRO E 58 -13.11 53.51 -5.06
N PHE E 59 -13.65 53.17 -3.88
CA PHE E 59 -13.69 51.76 -3.50
C PHE E 59 -15.01 51.49 -2.77
N ASP E 60 -15.14 50.29 -2.21
CA ASP E 60 -16.31 49.94 -1.41
C ASP E 60 -15.82 49.79 0.03
N ALA E 61 -16.22 50.73 0.87
CA ALA E 61 -15.76 50.70 2.25
C ALA E 61 -16.67 49.89 3.16
N SER E 62 -17.72 49.29 2.63
CA SER E 62 -18.61 48.46 3.42
C SER E 62 -18.09 47.04 3.60
N CYS E 63 -17.02 46.66 2.91
CA CYS E 63 -16.39 45.35 2.99
C CYS E 63 -15.34 45.28 4.08
N PHE E 64 -15.26 46.31 4.93
CA PHE E 64 -14.23 46.48 5.92
C PHE E 64 -14.89 46.67 7.27
N LYS E 65 -14.65 45.75 8.18
CA LYS E 65 -15.21 45.82 9.53
C LYS E 65 -14.79 47.12 10.20
N GLY E 66 -15.68 47.71 10.98
CA GLY E 66 -15.38 48.97 11.62
C GLY E 66 -15.52 50.20 10.75
N TRP E 67 -15.78 50.06 9.46
CA TRP E 67 -15.95 51.22 8.57
C TRP E 67 -17.40 51.44 8.14
N GLN E 68 -17.71 51.31 6.84
CA GLN E 68 -18.94 51.85 6.28
C GLN E 68 -20.10 50.87 6.33
N GLY E 69 -21.29 51.42 6.47
CA GLY E 69 -22.50 50.64 6.26
C GLY E 69 -22.75 50.38 4.79
N ILE E 70 -23.71 49.50 4.51
CA ILE E 70 -23.87 49.10 3.12
C ILE E 70 -24.67 50.11 2.31
N GLU E 71 -25.45 50.99 2.97
CA GLU E 71 -26.20 51.98 2.22
C GLU E 71 -25.40 53.25 1.98
N HIS E 72 -24.20 53.36 2.56
CA HIS E 72 -23.26 54.46 2.31
C HIS E 72 -21.89 53.81 1.96
N SER E 73 -21.86 53.14 0.81
CA SER E 73 -20.76 52.23 0.49
C SER E 73 -19.57 52.96 -0.06
N ASP E 74 -19.81 53.95 -0.92
CA ASP E 74 -18.75 54.51 -1.74
C ASP E 74 -17.91 55.48 -0.91
N MET E 75 -16.59 55.28 -0.96
CA MET E 75 -15.60 56.17 -0.38
C MET E 75 -14.52 56.43 -1.42
N ILE E 76 -13.74 57.49 -1.21
CA ILE E 76 -12.59 57.77 -2.05
C ILE E 76 -11.32 57.44 -1.27
N LEU E 77 -10.45 56.62 -1.88
CA LEU E 77 -9.05 56.55 -1.47
C LEU E 77 -8.25 57.66 -2.13
N THR E 78 -7.42 58.35 -1.34
CA THR E 78 -6.70 59.50 -1.84
C THR E 78 -5.21 59.19 -1.92
N PRO E 79 -4.66 59.21 -3.13
CA PRO E 79 -3.22 59.01 -3.28
C PRO E 79 -2.38 59.98 -2.45
N ASP E 80 -1.31 59.46 -1.86
CA ASP E 80 -0.28 60.25 -1.19
C ASP E 80 1.06 59.83 -1.77
N LEU E 81 1.82 60.77 -2.34
CA LEU E 81 2.91 60.41 -3.23
C LEU E 81 4.29 60.52 -2.54
N VAL E 82 4.44 59.78 -1.45
CA VAL E 82 5.75 59.59 -0.84
C VAL E 82 5.90 58.12 -0.47
N ARG E 83 7.14 57.65 -0.46
CA ARG E 83 7.48 56.28 -0.07
C ARG E 83 6.87 55.23 -1.00
N TYR E 84 6.47 55.61 -2.21
CA TYR E 84 6.07 54.63 -3.20
C TYR E 84 7.28 53.87 -3.72
N PHE E 85 7.02 52.72 -4.34
CA PHE E 85 8.11 51.82 -4.66
C PHE E 85 7.66 50.84 -5.73
N ILE E 86 8.66 50.17 -6.33
CA ILE E 86 8.43 49.14 -7.33
C ILE E 86 8.29 47.82 -6.59
N ASP E 87 7.21 47.10 -6.88
CA ASP E 87 6.99 45.81 -6.24
C ASP E 87 8.09 44.87 -6.67
N PRO E 88 8.85 44.30 -5.73
CA PRO E 88 9.87 43.31 -6.10
C PRO E 88 9.30 42.06 -6.72
N PHE E 89 8.05 41.70 -6.35
CA PHE E 89 7.52 40.36 -6.48
C PHE E 89 6.56 40.17 -7.66
N SER E 90 5.78 41.18 -8.04
CA SER E 90 4.90 41.02 -9.18
C SER E 90 5.68 40.76 -10.46
N ALA E 91 5.12 39.93 -11.34
CA ALA E 91 5.76 39.57 -12.60
C ALA E 91 5.49 40.56 -13.72
N ASP E 92 4.62 41.54 -13.50
CA ASP E 92 4.40 42.64 -14.43
C ASP E 92 4.58 43.95 -13.65
N VAL E 93 5.36 44.88 -14.20
CA VAL E 93 5.90 46.00 -13.42
C VAL E 93 4.78 46.78 -12.76
N SER E 94 4.71 46.66 -11.42
CA SER E 94 3.75 47.35 -10.59
C SER E 94 4.48 48.36 -9.71
N VAL E 95 3.80 49.46 -9.45
CA VAL E 95 4.29 50.49 -8.52
C VAL E 95 3.25 50.64 -7.42
N VAL E 96 3.73 50.70 -6.18
CA VAL E 96 2.90 50.67 -4.98
C VAL E 96 2.80 52.08 -4.42
N VAL E 97 1.57 52.55 -4.19
CA VAL E 97 1.28 53.92 -3.76
C VAL E 97 0.44 53.89 -2.48
N PHE E 98 0.94 54.57 -1.43
CA PHE E 98 0.22 54.72 -0.16
C PHE E 98 -0.99 55.63 -0.29
N CYS E 99 -2.10 55.23 0.31
CA CYS E 99 -3.33 55.98 0.22
C CYS E 99 -3.96 56.19 1.59
N ASP E 100 -4.83 57.20 1.63
CA ASP E 100 -5.72 57.43 2.75
C ASP E 100 -7.15 57.23 2.27
N VAL E 101 -8.03 56.89 3.19
CA VAL E 101 -9.45 56.83 2.91
C VAL E 101 -10.03 58.20 3.20
N TYR E 102 -10.72 58.77 2.22
CA TYR E 102 -11.33 60.07 2.38
C TYR E 102 -12.85 59.89 2.45
N ASP E 103 -13.46 60.61 3.36
CA ASP E 103 -14.85 60.41 3.72
C ASP E 103 -15.74 61.36 2.91
N VAL E 104 -16.39 60.83 1.88
CA VAL E 104 -17.20 61.64 0.97
C VAL E 104 -18.57 61.98 1.54
N TYR E 105 -18.75 61.80 2.85
CA TYR E 105 -20.02 62.10 3.50
C TYR E 105 -19.92 63.20 4.55
N LYS E 106 -18.79 63.31 5.26
CA LYS E 106 -18.48 64.49 6.05
C LYS E 106 -17.46 65.41 5.36
N ASN E 107 -17.05 65.05 4.13
CA ASN E 107 -16.10 65.79 3.30
C ASN E 107 -14.86 66.22 4.08
N GLN E 108 -14.00 65.25 4.42
CA GLN E 108 -12.81 65.34 5.27
C GLN E 108 -12.10 63.97 5.24
N PRO E 109 -10.83 63.90 5.63
CA PRO E 109 -10.18 62.59 5.81
C PRO E 109 -10.95 61.73 6.79
N TYR E 110 -10.88 60.42 6.57
CA TYR E 110 -11.80 59.47 7.21
C TYR E 110 -11.49 59.33 8.69
N GLU E 111 -12.47 59.63 9.53
CA GLU E 111 -12.21 59.61 10.95
C GLU E 111 -11.84 58.21 11.47
N LYS E 112 -12.08 57.15 10.68
CA LYS E 112 -11.71 55.78 11.01
C LYS E 112 -10.57 55.24 10.15
N CYS E 113 -9.81 56.12 9.48
CA CYS E 113 -8.61 55.74 8.71
C CYS E 113 -7.41 55.83 9.64
N PRO E 114 -6.73 54.73 9.93
CA PRO E 114 -5.56 54.85 10.84
C PRO E 114 -4.46 55.74 10.28
N ARG E 115 -4.08 55.60 9.00
CA ARG E 115 -2.99 56.44 8.50
C ARG E 115 -3.33 57.93 8.57
N SER E 116 -4.61 58.27 8.73
CA SER E 116 -5.03 59.64 9.01
C SER E 116 -4.99 59.94 10.50
N ILE E 117 -5.45 59.00 11.34
CA ILE E 117 -5.33 59.17 12.78
C ILE E 117 -3.88 59.34 13.17
N ALA E 118 -2.99 58.61 12.49
CA ALA E 118 -1.57 58.83 12.69
C ALA E 118 -1.18 60.21 12.20
N LYS E 119 -1.64 60.59 11.01
CA LYS E 119 -1.29 61.92 10.51
C LYS E 119 -1.80 62.98 11.46
N LYS E 120 -3.08 62.89 11.84
CA LYS E 120 -3.63 63.80 12.83
C LYS E 120 -2.78 63.83 14.10
N ALA E 121 -2.22 62.69 14.48
CA ALA E 121 -1.43 62.63 15.70
C ALA E 121 -0.08 63.30 15.50
N LEU E 122 0.48 63.17 14.31
CA LEU E 122 1.79 63.76 14.06
C LEU E 122 1.74 65.28 14.12
N GLN E 123 0.66 65.87 13.63
CA GLN E 123 0.60 67.33 13.68
C GLN E 123 0.09 67.83 15.01
N HIS E 124 -0.73 67.05 15.71
CA HIS E 124 -1.14 67.50 17.04
C HIS E 124 0.06 67.91 17.87
N LEU E 125 1.19 67.20 17.70
CA LEU E 125 2.44 67.58 18.36
C LEU E 125 2.93 68.93 17.85
N LYS E 126 2.96 69.11 16.53
CA LYS E 126 3.37 70.38 15.96
C LYS E 126 2.55 71.52 16.55
N ASP E 127 1.22 71.43 16.39
CA ASP E 127 0.32 72.48 16.85
C ASP E 127 0.34 72.65 18.37
N SER E 128 0.72 71.61 19.11
CA SER E 128 0.90 71.76 20.55
C SER E 128 2.16 72.53 20.88
N GLY E 129 3.10 72.62 19.93
CA GLY E 129 4.40 73.21 20.16
C GLY E 129 5.34 72.41 21.04
N LEU E 130 4.92 71.26 21.57
CA LEU E 130 5.78 70.49 22.47
C LEU E 130 7.06 70.06 21.77
N GLY E 131 6.96 69.69 20.49
CA GLY E 131 8.08 69.33 19.65
C GLY E 131 7.66 69.45 18.21
N ASP E 132 8.60 69.23 17.29
CA ASP E 132 8.31 69.34 15.87
C ASP E 132 8.05 67.97 15.22
N VAL E 133 9.05 67.07 15.26
CA VAL E 133 8.93 65.69 14.76
C VAL E 133 8.95 64.73 15.95
N ALA E 134 8.30 63.57 15.78
CA ALA E 134 8.43 62.47 16.74
C ALA E 134 8.82 61.21 15.98
N TYR E 135 10.00 60.68 16.32
CA TYR E 135 10.61 59.57 15.59
C TYR E 135 10.23 58.23 16.23
N PHE E 136 10.01 57.23 15.38
CA PHE E 136 9.56 55.90 15.81
C PHE E 136 10.52 54.82 15.28
N GLY E 137 11.00 53.95 16.17
CA GLY E 137 11.86 52.86 15.75
C GLY E 137 11.30 51.48 16.04
N ALA E 138 11.02 50.71 14.98
CA ALA E 138 10.21 49.49 15.08
C ALA E 138 11.05 48.27 14.75
N GLU E 139 11.54 47.60 15.80
CA GLU E 139 12.06 46.24 15.70
C GLU E 139 10.85 45.30 15.62
N ASN E 140 10.67 44.65 14.47
CA ASN E 140 9.55 43.72 14.25
C ASN E 140 10.13 42.32 14.21
N GLU E 141 10.12 41.62 15.34
CA GLU E 141 10.50 40.23 15.35
C GLU E 141 9.53 39.39 14.51
N PHE E 142 10.05 38.38 13.82
CA PHE E 142 9.19 37.51 13.04
C PHE E 142 9.60 36.03 13.15
N PHE E 143 8.77 35.19 12.53
CA PHE E 143 9.01 33.77 12.34
C PHE E 143 8.89 33.41 10.87
N ILE E 144 9.74 32.49 10.42
CA ILE E 144 9.61 31.88 9.11
C ILE E 144 9.38 30.39 9.35
N PHE E 145 8.23 29.88 8.91
CA PHE E 145 7.89 28.49 9.14
C PHE E 145 7.85 27.73 7.83
N ASP E 146 7.78 26.40 7.94
CA ASP E 146 7.70 25.51 6.79
C ASP E 146 6.26 25.22 6.37
N SER E 147 5.32 25.16 7.32
CA SER E 147 3.94 24.78 7.06
C SER E 147 3.07 25.30 8.21
N ILE E 148 1.79 25.50 7.93
CA ILE E 148 0.87 25.99 8.96
C ILE E 148 -0.52 25.40 8.73
N LYS E 149 -0.95 24.54 9.65
CA LYS E 149 -2.26 23.94 9.54
C LYS E 149 -3.17 24.42 10.68
N ILE E 150 -4.46 24.56 10.38
CA ILE E 150 -5.46 24.99 11.36
C ILE E 150 -6.76 24.25 11.06
N LYS E 151 -7.59 24.11 12.08
CA LYS E 151 -8.98 23.68 11.89
C LYS E 151 -9.83 24.30 13.00
N ASP E 152 -11.03 24.76 12.60
CA ASP E 152 -12.01 25.35 13.51
C ASP E 152 -13.37 24.71 13.22
N ALA E 153 -13.59 23.51 13.75
CA ALA E 153 -14.83 22.75 13.57
C ALA E 153 -15.71 22.85 14.81
N SER E 154 -16.90 22.28 14.71
CA SER E 154 -17.75 22.17 15.90
C SER E 154 -17.17 21.19 16.89
N ASN E 155 -16.51 20.15 16.41
CA ASN E 155 -15.96 19.10 17.24
C ASN E 155 -14.44 19.12 17.37
N SER E 156 -13.74 20.08 16.79
CA SER E 156 -12.28 20.05 16.86
C SER E 156 -11.64 21.41 16.58
N GLN E 157 -10.82 21.88 17.52
CA GLN E 157 -9.90 23.00 17.32
C GLN E 157 -8.47 22.48 17.25
N TYR E 158 -7.66 23.03 16.34
CA TYR E 158 -6.38 22.39 16.06
C TYR E 158 -5.44 23.30 15.30
N TYR E 159 -4.19 23.41 15.75
CA TYR E 159 -3.15 24.09 14.99
C TYR E 159 -1.86 23.31 15.07
N GLU E 160 -0.96 23.59 14.13
CA GLU E 160 0.37 23.02 14.15
C GLU E 160 1.27 23.86 13.26
N VAL E 161 2.25 24.53 13.85
CA VAL E 161 3.27 25.22 13.07
C VAL E 161 4.43 24.26 12.86
N ASP E 162 5.11 24.39 11.73
CA ASP E 162 6.19 23.48 11.37
C ASP E 162 7.43 24.24 10.87
N SER E 163 8.59 23.75 11.27
CA SER E 163 9.89 24.25 10.85
C SER E 163 10.89 23.14 11.09
N GLU E 164 11.83 22.93 10.16
CA GLU E 164 12.73 21.79 10.30
C GLU E 164 13.61 21.94 11.54
N GLU E 165 13.92 23.17 11.93
CA GLU E 165 14.67 23.48 13.12
C GLU E 165 14.04 22.99 14.44
N GLY E 166 12.77 22.57 14.44
CA GLY E 166 12.02 22.48 15.69
C GLY E 166 12.26 21.17 16.43
N GLU E 167 12.32 21.27 17.77
CA GLU E 167 12.55 20.12 18.64
C GLU E 167 11.61 18.96 18.34
N TRP E 168 10.42 19.24 17.81
CA TRP E 168 9.52 18.17 17.42
C TRP E 168 10.06 17.34 16.26
N ASN E 169 11.04 17.84 15.51
CA ASN E 169 11.57 17.10 14.37
C ASN E 169 12.96 16.46 14.62
N ARG E 170 13.42 16.38 15.88
CA ARG E 170 14.71 15.72 16.09
C ARG E 170 14.64 14.24 15.75
N ASP E 171 13.49 13.62 15.89
CA ASP E 171 13.39 12.21 15.53
C ASP E 171 12.83 12.00 14.13
N ARG E 172 12.61 13.06 13.36
CA ARG E 172 11.81 12.93 12.16
C ARG E 172 12.69 12.59 10.94
N SER E 173 12.07 11.95 9.94
CA SER E 173 12.70 11.58 8.69
C SER E 173 12.25 12.53 7.57
N PHE E 174 13.21 13.18 6.94
CA PHE E 174 12.93 14.14 5.88
C PHE E 174 13.16 13.45 4.53
N GLU E 175 13.96 14.01 3.61
CA GLU E 175 13.83 13.67 2.19
C GLU E 175 14.14 12.20 1.92
N ASN E 176 15.31 11.72 2.36
CA ASN E 176 15.72 10.34 2.10
C ASN E 176 15.61 9.44 3.33
N GLY E 177 14.84 9.82 4.34
CA GLY E 177 14.96 9.18 5.62
C GLY E 177 16.07 9.82 6.41
N VAL E 178 16.31 11.08 6.13
CA VAL E 178 17.52 11.77 6.51
C VAL E 178 17.15 12.99 7.32
N ASN E 179 18.01 13.32 8.28
CA ASN E 179 17.73 14.40 9.21
C ASN E 179 19.11 14.99 9.53
N PHE E 180 19.42 16.14 8.95
CA PHE E 180 20.81 16.63 9.12
C PHE E 180 21.14 17.16 10.58
N GLY E 181 20.34 16.95 11.63
CA GLY E 181 20.73 17.36 12.96
C GLY E 181 20.74 18.87 13.09
N HIS E 182 21.65 19.36 13.93
CA HIS E 182 22.06 20.77 13.94
C HIS E 182 20.88 21.70 14.17
N ARG E 183 20.50 21.85 15.44
CA ARG E 183 19.26 22.45 15.79
C ARG E 183 19.48 23.42 16.94
N PRO E 184 18.77 24.54 16.98
CA PRO E 184 18.70 25.31 18.22
C PRO E 184 17.62 24.72 19.13
N GLY E 185 17.84 24.83 20.43
CA GLY E 185 16.83 24.34 21.35
C GLY E 185 15.60 25.25 21.44
N LYS E 186 14.67 24.85 22.32
CA LYS E 186 13.79 25.81 22.97
C LYS E 186 14.64 26.96 23.47
N GLN E 187 14.25 28.19 23.13
CA GLN E 187 14.98 29.40 23.53
C GLN E 187 16.48 29.34 23.16
N GLY E 188 16.79 28.82 21.98
CA GLY E 188 18.19 28.65 21.63
C GLY E 188 18.61 29.29 20.32
N GLY E 189 17.85 30.23 19.81
CA GLY E 189 18.26 30.79 18.55
C GLY E 189 19.28 31.90 18.60
N TYR E 190 19.69 32.34 19.79
CA TYR E 190 20.51 33.53 19.91
C TYR E 190 21.94 33.18 20.37
N MET E 191 22.89 33.20 19.44
CA MET E 191 22.63 33.34 17.98
C MET E 191 23.51 32.44 17.11
N PRO E 192 23.39 31.12 17.26
CA PRO E 192 24.37 30.21 16.63
C PRO E 192 24.63 30.39 15.14
N VAL E 193 25.77 29.91 14.67
CA VAL E 193 26.13 29.98 13.26
C VAL E 193 25.44 28.87 12.48
N PRO E 194 25.46 28.92 11.15
CA PRO E 194 25.05 27.79 10.30
C PRO E 194 25.90 26.55 10.59
N PRO E 195 25.32 25.36 10.39
CA PRO E 195 23.99 25.19 9.81
C PRO E 195 22.85 25.15 10.85
N THR E 196 23.18 25.42 12.11
CA THR E 196 22.18 25.50 13.17
C THR E 196 21.14 26.55 12.85
N ASP E 197 21.58 27.77 12.60
CA ASP E 197 20.72 28.79 12.01
C ASP E 197 20.59 28.46 10.53
N THR E 198 19.42 28.00 10.11
CA THR E 198 19.24 27.61 8.71
C THR E 198 19.03 28.81 7.80
N MET E 199 18.90 30.02 8.35
CA MET E 199 18.22 31.12 7.68
C MET E 199 19.12 32.31 7.46
N MET E 200 20.41 32.05 7.21
CA MET E 200 21.34 33.15 6.91
C MET E 200 21.09 33.75 5.54
N ASP E 201 21.03 32.90 4.51
CA ASP E 201 20.91 33.40 3.16
C ASP E 201 19.58 34.08 2.92
N ILE E 202 18.52 33.58 3.55
CA ILE E 202 17.19 34.09 3.27
C ILE E 202 17.01 35.45 3.94
N ARG E 203 17.65 35.69 5.09
CA ARG E 203 17.51 36.99 5.71
C ARG E 203 18.34 38.06 5.01
N THR E 204 19.50 37.72 4.46
CA THR E 204 20.18 38.69 3.61
C THR E 204 19.40 38.92 2.33
N GLU E 205 18.54 37.98 1.95
CA GLU E 205 17.59 38.23 0.87
C GLU E 205 16.60 39.32 1.27
N ILE E 206 15.96 39.18 2.44
CA ILE E 206 14.94 40.13 2.87
C ILE E 206 15.54 41.54 2.88
N VAL E 207 16.66 41.71 3.57
CA VAL E 207 17.31 43.01 3.67
C VAL E 207 17.54 43.62 2.32
N LYS E 208 18.13 42.84 1.40
CA LYS E 208 18.36 43.34 0.06
C LYS E 208 17.06 43.78 -0.59
N VAL E 209 15.97 43.06 -0.32
CA VAL E 209 14.69 43.47 -0.85
C VAL E 209 14.16 44.66 -0.06
N LEU E 210 14.54 44.77 1.21
CA LEU E 210 14.07 45.91 1.99
C LEU E 210 14.83 47.17 1.60
N ASN E 211 16.12 47.04 1.31
CA ASN E 211 16.85 48.15 0.72
C ASN E 211 16.23 48.60 -0.59
N GLN E 212 15.75 47.66 -1.41
CA GLN E 212 15.23 48.01 -2.72
C GLN E 212 13.86 48.67 -2.63
N VAL E 213 13.17 48.53 -1.51
CA VAL E 213 11.87 49.17 -1.38
C VAL E 213 11.95 50.51 -0.64
N GLY E 214 13.10 50.87 -0.11
CA GLY E 214 13.31 52.21 0.44
C GLY E 214 13.61 52.26 1.92
N LEU E 215 13.54 51.14 2.63
CA LEU E 215 13.90 51.13 4.03
C LEU E 215 15.42 51.16 4.18
N GLU E 216 15.91 51.90 5.16
CA GLU E 216 17.32 51.83 5.51
C GLU E 216 17.50 50.80 6.62
N THR E 217 18.22 49.72 6.33
CA THR E 217 18.45 48.62 7.25
C THR E 217 19.81 48.75 7.93
N PHE E 218 19.98 48.04 9.05
CA PHE E 218 21.31 48.07 9.63
C PHE E 218 21.71 46.76 10.32
N VAL E 219 20.78 46.04 10.94
CA VAL E 219 21.14 44.77 11.57
C VAL E 219 20.26 43.64 11.04
N VAL E 220 20.83 42.44 11.03
CA VAL E 220 20.14 41.21 10.70
C VAL E 220 20.66 40.12 11.61
N HIS E 221 19.81 39.56 12.46
CA HIS E 221 20.23 38.40 13.23
C HIS E 221 19.09 37.40 13.34
N HIS E 222 19.45 36.23 13.87
CA HIS E 222 18.48 35.25 14.33
C HIS E 222 18.06 35.61 15.74
N GLU E 223 16.78 35.42 16.04
CA GLU E 223 16.26 35.77 17.35
C GLU E 223 16.23 34.52 18.24
N VAL E 224 15.76 34.73 19.48
CA VAL E 224 15.81 33.69 20.51
C VAL E 224 15.02 32.47 20.10
N ALA E 225 13.81 32.68 19.58
CA ALA E 225 12.88 31.57 19.39
C ALA E 225 13.31 30.71 18.18
N GLN E 226 12.58 29.63 17.92
CA GLN E 226 13.16 28.59 17.06
C GLN E 226 13.39 29.10 15.64
N ALA E 227 12.36 29.51 14.91
CA ALA E 227 12.67 30.01 13.57
C ALA E 227 12.62 31.52 13.49
N GLN E 228 13.16 32.22 14.49
CA GLN E 228 12.91 33.63 14.66
C GLN E 228 14.01 34.51 14.06
N GLY E 229 13.60 35.64 13.49
CA GLY E 229 14.51 36.61 12.94
C GLY E 229 14.08 38.02 13.30
N GLU E 230 14.93 38.98 12.93
CA GLU E 230 14.72 40.39 13.22
C GLU E 230 15.56 41.19 12.23
N VAL E 231 15.05 42.33 11.79
CA VAL E 231 15.84 43.28 11.03
C VAL E 231 15.68 44.65 11.67
N GLY E 232 16.79 45.34 11.86
CA GLY E 232 16.75 46.71 12.30
C GLY E 232 16.55 47.62 11.11
N VAL E 233 15.43 48.30 11.07
CA VAL E 233 15.21 49.37 10.10
C VAL E 233 15.37 50.71 10.80
N LYS E 234 16.00 51.67 10.12
CA LYS E 234 16.26 52.98 10.70
C LYS E 234 14.96 53.67 11.07
N PHE E 235 14.95 54.30 12.24
CA PHE E 235 13.80 55.04 12.75
C PHE E 235 13.27 56.05 11.74
N GLY E 236 12.02 56.47 11.92
CA GLY E 236 11.39 57.38 10.99
C GLY E 236 10.39 58.28 11.69
N ASP E 237 9.88 59.22 10.93
CA ASP E 237 8.69 59.97 11.33
C ASP E 237 7.65 59.01 11.86
N LEU E 238 6.77 59.51 12.74
CA LEU E 238 5.69 58.68 13.28
C LEU E 238 4.98 57.91 12.17
N VAL E 239 4.48 58.64 11.17
CA VAL E 239 3.81 57.99 10.04
C VAL E 239 4.81 57.21 9.21
N GLU E 240 5.89 57.88 8.76
CA GLU E 240 6.87 57.22 7.88
C GLU E 240 7.30 55.87 8.43
N ALA E 241 7.48 55.76 9.75
CA ALA E 241 7.86 54.48 10.34
C ALA E 241 6.77 53.44 10.11
N ALA E 242 5.51 53.80 10.29
CA ALA E 242 4.46 52.80 10.14
C ALA E 242 4.21 52.45 8.68
N ASP E 243 4.36 53.40 7.76
CA ASP E 243 4.51 53.04 6.35
C ASP E 243 5.56 51.93 6.16
N ASN E 244 6.75 52.10 6.77
CA ASN E 244 7.78 51.09 6.69
C ASN E 244 7.44 49.84 7.52
N VAL E 245 6.60 49.94 8.56
CA VAL E 245 6.19 48.70 9.20
C VAL E 245 5.41 47.85 8.21
N GLN E 246 4.45 48.47 7.52
CA GLN E 246 3.64 47.74 6.55
C GLN E 246 4.50 47.20 5.43
N LYS E 247 5.50 47.98 5.00
CA LYS E 247 6.37 47.56 3.90
C LYS E 247 7.20 46.34 4.29
N LEU E 248 7.86 46.42 5.43
CA LEU E 248 8.58 45.28 6.00
C LEU E 248 7.76 43.99 5.91
N LYS E 249 6.55 44.02 6.47
CA LYS E 249 5.75 42.80 6.59
C LYS E 249 5.38 42.23 5.24
N TYR E 250 5.04 43.10 4.28
CA TYR E 250 4.84 42.66 2.90
C TYR E 250 6.09 41.95 2.35
N VAL E 251 7.29 42.50 2.57
CA VAL E 251 8.50 41.92 2.00
C VAL E 251 8.81 40.58 2.65
N VAL E 252 8.94 40.55 3.98
CA VAL E 252 9.22 39.32 4.72
C VAL E 252 8.29 38.20 4.30
N LYS E 253 6.99 38.48 4.29
CA LYS E 253 6.01 37.45 3.96
C LYS E 253 6.20 36.94 2.53
N MET E 254 6.31 37.85 1.59
CA MET E 254 6.47 37.48 0.19
C MET E 254 7.84 36.88 -0.11
N VAL E 255 8.87 37.23 0.65
CA VAL E 255 10.14 36.54 0.51
C VAL E 255 10.01 35.11 1.01
N ALA E 256 9.32 34.95 2.13
CA ALA E 256 9.04 33.62 2.65
C ALA E 256 8.27 32.79 1.64
N HIS E 257 7.18 33.34 1.10
CA HIS E 257 6.39 32.63 0.10
C HIS E 257 7.27 32.14 -1.05
N LEU E 258 8.01 33.05 -1.70
CA LEU E 258 8.74 32.63 -2.89
C LEU E 258 9.88 31.66 -2.58
N ASN E 259 10.42 31.68 -1.35
CA ASN E 259 11.34 30.65 -0.88
C ASN E 259 10.64 29.40 -0.39
N GLY E 260 9.37 29.21 -0.78
CA GLY E 260 8.63 28.01 -0.46
C GLY E 260 8.31 27.85 1.00
N LYS E 261 8.07 28.96 1.70
CA LYS E 261 7.89 28.94 3.14
C LYS E 261 6.76 29.89 3.50
N THR E 262 6.45 29.92 4.78
CA THR E 262 5.37 30.72 5.31
C THR E 262 5.96 31.46 6.50
N ALA E 263 5.57 32.72 6.64
CA ALA E 263 6.11 33.59 7.67
C ALA E 263 4.97 34.29 8.38
N THR E 264 5.16 34.54 9.68
CA THR E 264 4.15 35.22 10.48
C THR E 264 4.80 36.23 11.41
N PHE E 265 4.03 37.22 11.82
CA PHE E 265 4.49 38.22 12.77
C PHE E 265 3.79 38.09 14.09
N MET E 266 2.98 37.05 14.26
CA MET E 266 2.05 37.00 15.38
C MET E 266 2.82 37.01 16.70
N PRO E 267 2.16 37.44 17.80
CA PRO E 267 2.87 37.49 19.08
C PRO E 267 3.49 36.18 19.53
N LYS E 268 2.75 35.08 19.55
CA LYS E 268 3.14 33.92 20.35
C LYS E 268 2.66 32.62 19.70
N PRO E 269 3.34 32.16 18.62
CA PRO E 269 2.90 30.92 17.94
C PRO E 269 3.36 29.62 18.62
N LEU E 270 4.50 29.67 19.31
CA LEU E 270 5.07 28.56 20.06
C LEU E 270 4.87 28.74 21.56
N TYR E 271 4.15 27.81 22.20
CA TYR E 271 4.10 27.81 23.66
C TYR E 271 5.46 27.37 24.23
N GLY E 272 5.99 28.13 25.17
CA GLY E 272 7.21 27.69 25.78
C GLY E 272 8.48 28.20 25.12
N ASP E 273 8.37 29.03 24.09
CA ASP E 273 9.54 29.71 23.57
C ASP E 273 9.11 31.14 23.29
N ASN E 274 10.12 31.96 23.01
CA ASN E 274 9.96 33.40 22.80
C ASN E 274 8.97 33.70 21.69
N GLY E 275 8.33 34.86 21.84
CA GLY E 275 7.39 35.35 20.86
C GLY E 275 7.85 36.65 20.22
N SER E 276 7.51 36.80 18.95
CA SER E 276 7.78 38.04 18.23
C SER E 276 7.16 39.23 18.96
N GLY E 277 7.99 40.26 19.19
CA GLY E 277 7.54 41.55 19.69
C GLY E 277 7.53 42.63 18.60
N MET E 278 7.15 43.84 19.04
CA MET E 278 7.35 45.09 18.30
C MET E 278 8.02 46.04 19.29
N HIS E 279 9.34 46.01 19.31
CA HIS E 279 10.12 46.88 20.19
C HIS E 279 10.04 48.29 19.62
N THR E 280 9.24 49.15 20.23
CA THR E 280 9.12 50.52 19.75
C THR E 280 10.17 51.41 20.42
N HIS E 281 10.98 52.07 19.61
CA HIS E 281 11.93 53.07 20.07
C HIS E 281 11.40 54.43 19.66
N VAL E 282 11.25 55.32 20.64
CA VAL E 282 10.64 56.64 20.46
C VAL E 282 11.57 57.69 21.03
N SER E 283 11.66 58.84 20.35
CA SER E 283 12.23 60.07 20.88
C SER E 283 11.68 61.23 20.07
N VAL E 284 11.49 62.36 20.73
CA VAL E 284 10.84 63.54 20.15
C VAL E 284 11.89 64.62 19.97
N TRP E 285 11.79 65.37 18.87
CA TRP E 285 12.78 66.35 18.46
C TRP E 285 12.11 67.69 18.17
N LYS E 286 12.94 68.74 18.11
CA LYS E 286 12.48 70.09 17.83
C LYS E 286 13.70 70.96 17.59
N ASN E 287 13.63 71.79 16.54
CA ASN E 287 14.67 72.78 16.27
C ASN E 287 16.07 72.16 16.30
N ASN E 288 16.19 70.97 15.69
CA ASN E 288 17.41 70.18 15.52
C ASN E 288 17.92 69.54 16.82
N GLU E 289 17.18 69.63 17.91
CA GLU E 289 17.56 68.99 19.15
C GLU E 289 16.72 67.74 19.41
N ASN E 290 17.28 66.84 20.22
CA ASN E 290 16.60 65.63 20.68
C ASN E 290 16.08 65.91 22.08
N LEU E 291 14.76 66.09 22.22
CA LEU E 291 14.29 66.63 23.48
C LEU E 291 14.31 65.62 24.63
N PHE E 292 14.68 64.36 24.37
CA PHE E 292 14.82 63.38 25.45
C PHE E 292 16.21 63.41 26.08
N SER E 293 17.23 63.79 25.30
CA SER E 293 18.57 63.98 25.83
C SER E 293 18.57 65.06 26.90
N GLY E 294 19.26 64.80 27.99
CA GLY E 294 19.34 65.75 29.08
C GLY E 294 20.30 65.22 30.12
N GLU E 295 20.16 65.74 31.35
CA GLU E 295 21.00 65.32 32.46
C GLU E 295 20.19 64.85 33.68
N THR E 296 18.87 64.72 33.54
CA THR E 296 18.05 64.44 34.71
C THR E 296 18.10 62.98 35.14
N TYR E 297 18.27 62.03 34.21
CA TYR E 297 18.38 60.62 34.59
C TYR E 297 19.12 59.82 33.53
N LYS E 298 20.31 59.33 33.87
CA LYS E 298 21.08 58.43 33.00
C LYS E 298 21.07 58.91 31.55
N GLY E 299 21.23 60.22 31.35
CA GLY E 299 21.28 60.77 30.02
C GLY E 299 19.95 61.19 29.45
N LEU E 300 18.93 61.38 30.29
CA LEU E 300 17.58 61.69 29.87
C LEU E 300 17.08 62.97 30.51
N SER E 301 16.00 63.51 29.95
CA SER E 301 15.44 64.80 30.30
C SER E 301 14.15 64.67 31.10
N GLU E 302 13.73 65.80 31.68
CA GLU E 302 12.47 65.84 32.41
C GLU E 302 11.29 65.80 31.45
N PHE E 303 11.42 66.45 30.29
CA PHE E 303 10.47 66.22 29.21
C PHE E 303 10.39 64.74 28.86
N ALA E 304 11.55 64.08 28.66
CA ALA E 304 11.58 62.63 28.48
C ALA E 304 10.94 61.93 29.67
N LEU E 305 11.51 62.09 30.87
CA LEU E 305 10.98 61.44 32.07
C LEU E 305 9.47 61.61 32.20
N HIS E 306 8.91 62.66 31.59
CA HIS E 306 7.47 62.82 31.64
C HIS E 306 6.77 62.09 30.49
N PHE E 307 7.15 62.34 29.24
CA PHE E 307 6.62 61.57 28.13
C PHE E 307 6.44 60.11 28.53
N LEU E 308 7.45 59.56 29.22
CA LEU E 308 7.37 58.21 29.79
C LEU E 308 6.24 58.08 30.80
N GLY E 309 6.13 59.06 31.71
CA GLY E 309 5.11 58.98 32.73
C GLY E 309 3.70 59.00 32.18
N GLY E 310 3.49 59.55 30.98
CA GLY E 310 2.18 59.48 30.36
C GLY E 310 1.88 58.09 29.80
N VAL E 311 2.91 57.40 29.29
CA VAL E 311 2.73 56.06 28.74
C VAL E 311 2.65 55.02 29.85
N LEU E 312 3.46 55.15 30.89
CA LEU E 312 3.26 54.29 32.05
C LEU E 312 1.94 54.58 32.75
N ARG E 313 1.29 55.71 32.47
CA ARG E 313 0.00 56.03 33.08
C ARG E 313 -1.13 55.29 32.37
N HIS E 314 -1.30 55.56 31.09
CA HIS E 314 -2.38 54.99 30.31
C HIS E 314 -2.02 53.66 29.72
N ALA E 315 -1.07 52.94 30.30
CA ALA E 315 -0.59 51.72 29.67
C ALA E 315 -1.70 50.66 29.57
N ARG E 316 -2.47 50.47 30.63
CA ARG E 316 -3.52 49.46 30.61
C ARG E 316 -4.52 49.71 29.50
N GLY E 317 -4.99 50.96 29.34
CA GLY E 317 -5.80 51.30 28.19
C GLY E 317 -5.03 51.35 26.89
N LEU E 318 -3.74 51.69 26.95
CA LEU E 318 -2.92 51.75 25.76
C LEU E 318 -2.69 50.38 25.14
N ALA E 319 -2.75 49.31 25.94
CA ALA E 319 -2.54 47.96 25.41
C ALA E 319 -3.63 47.57 24.41
N ALA E 320 -4.81 48.19 24.51
CA ALA E 320 -5.89 47.93 23.59
C ALA E 320 -5.48 48.20 22.14
N PHE E 321 -4.53 49.11 21.92
CA PHE E 321 -4.04 49.47 20.59
C PHE E 321 -2.67 48.88 20.32
N THR E 322 -1.86 48.86 21.36
CA THR E 322 -0.48 48.40 21.25
C THR E 322 -0.39 46.89 21.17
N ASN E 323 -1.34 46.16 21.84
CA ASN E 323 -1.33 44.71 21.99
C ASN E 323 -2.70 44.16 21.63
N ALA E 324 -3.04 44.23 20.34
CA ALA E 324 -4.43 44.25 19.89
C ALA E 324 -5.03 42.86 19.64
N SER E 325 -4.50 41.78 20.22
CA SER E 325 -5.09 40.48 19.95
C SER E 325 -4.96 39.59 21.18
N THR E 326 -5.91 38.65 21.35
CA THR E 326 -5.78 37.73 22.48
C THR E 326 -4.41 37.08 22.47
N ASN E 327 -3.91 36.77 21.27
CA ASN E 327 -2.62 36.13 21.15
C ASN E 327 -1.48 36.97 21.70
N SER E 328 -1.68 38.29 21.82
CA SER E 328 -0.67 39.12 22.47
C SER E 328 -0.51 38.75 23.93
N TYR E 329 -1.62 38.45 24.61
CA TYR E 329 -1.57 38.25 26.04
C TYR E 329 -1.09 36.85 26.40
N LYS E 330 -0.83 36.00 25.40
CA LYS E 330 -0.05 34.80 25.61
C LYS E 330 1.44 35.09 25.59
N ARG E 331 1.84 36.26 25.06
CA ARG E 331 3.23 36.70 25.05
C ARG E 331 3.64 37.34 26.36
N LEU E 332 2.72 38.08 27.00
CA LEU E 332 2.99 38.82 28.23
C LEU E 332 2.96 37.89 29.45
N ILE E 333 3.80 36.85 29.40
CA ILE E 333 3.97 35.91 30.49
C ILE E 333 5.40 36.00 30.95
N PRO E 334 5.66 36.18 32.25
CA PRO E 334 7.03 36.38 32.70
C PRO E 334 7.94 35.24 32.28
N GLY E 335 9.12 35.60 31.82
CA GLY E 335 10.16 34.64 31.54
C GLY E 335 10.51 34.42 30.08
N TYR E 336 10.37 35.44 29.20
CA TYR E 336 10.66 35.21 27.79
C TYR E 336 11.15 36.45 27.07
N GLU E 337 11.88 37.34 27.75
CA GLU E 337 12.30 38.65 27.27
C GLU E 337 11.13 39.61 27.06
N ALA E 338 9.88 39.17 27.30
CA ALA E 338 8.69 40.01 27.13
C ALA E 338 8.35 40.68 28.44
N PRO E 339 7.59 41.77 28.40
CA PRO E 339 7.38 42.54 29.63
C PRO E 339 6.05 42.26 30.32
N SER E 340 5.91 42.75 31.55
CA SER E 340 4.69 42.49 32.32
C SER E 340 4.48 43.56 33.36
N ILE E 341 5.48 43.85 34.18
CA ILE E 341 5.38 44.93 35.14
C ILE E 341 5.64 46.25 34.43
N LEU E 342 4.76 47.24 34.65
CA LEU E 342 4.81 48.55 34.01
C LEU E 342 5.83 49.45 34.72
N THR E 343 7.11 49.22 34.43
CA THR E 343 8.17 49.96 35.08
C THR E 343 9.35 50.11 34.12
N TYR E 344 10.35 50.91 34.52
CA TYR E 344 11.47 51.19 33.64
C TYR E 344 12.81 51.01 34.36
N SER E 345 13.85 50.70 33.56
CA SER E 345 15.21 50.36 34.01
C SER E 345 16.16 50.40 32.82
N ALA E 346 17.41 50.78 33.11
CA ALA E 346 18.46 50.83 32.08
C ALA E 346 19.10 49.46 31.94
N ASN E 347 19.37 49.09 30.67
CA ASN E 347 20.05 47.85 30.30
C ASN E 347 19.22 46.59 30.60
N ASN E 348 17.89 46.72 30.76
CA ASN E 348 17.09 45.68 31.40
C ASN E 348 15.95 45.24 30.48
N ARG E 349 15.93 43.95 30.14
CA ARG E 349 14.86 43.44 29.29
C ARG E 349 13.65 42.95 30.09
N SER E 350 13.79 42.69 31.38
CA SER E 350 12.61 42.26 32.13
C SER E 350 11.66 43.42 32.46
N ALA E 351 11.94 44.61 31.96
CA ALA E 351 11.14 45.81 32.23
C ALA E 351 10.15 46.05 31.09
N SER E 352 9.16 46.90 31.35
CA SER E 352 8.27 47.32 30.28
C SER E 352 8.93 48.33 29.34
N VAL E 353 9.78 49.23 29.86
CA VAL E 353 10.57 50.16 29.06
C VAL E 353 12.03 50.05 29.48
N ARG E 354 12.92 49.81 28.52
CA ARG E 354 14.35 49.81 28.75
C ARG E 354 14.96 51.07 28.13
N ILE E 355 15.81 51.74 28.89
CA ILE E 355 16.69 52.77 28.32
C ILE E 355 17.78 52.00 27.58
N PRO E 356 17.92 52.20 26.27
CA PRO E 356 19.04 51.57 25.55
C PRO E 356 20.36 52.06 26.13
N TYR E 357 21.31 51.14 26.22
CA TYR E 357 22.58 51.50 26.84
C TYR E 357 23.41 52.38 25.92
N GLY E 358 23.36 52.12 24.61
CA GLY E 358 23.99 53.01 23.66
C GLY E 358 23.27 54.35 23.63
N ILE E 359 23.64 55.27 24.54
CA ILE E 359 22.87 56.48 24.71
C ILE E 359 23.76 57.72 24.74
N SER E 360 23.97 58.32 23.56
CA SER E 360 24.62 59.61 23.39
C SER E 360 23.53 60.65 23.12
N LYS E 361 23.93 61.89 22.84
CA LYS E 361 22.97 62.98 22.72
C LYS E 361 21.93 62.68 21.64
N ASN E 362 22.36 62.11 20.52
CA ASN E 362 21.44 61.87 19.42
C ASN E 362 20.59 60.63 19.63
N SER E 363 21.16 59.59 20.25
CA SER E 363 20.49 58.29 20.38
C SER E 363 19.44 58.28 21.49
N ALA E 364 19.55 59.16 22.49
CA ALA E 364 18.64 59.21 23.64
C ALA E 364 17.21 58.91 23.23
N ARG E 365 16.69 57.77 23.70
CA ARG E 365 15.40 57.24 23.31
C ARG E 365 14.88 56.39 24.46
N PHE E 366 13.62 55.98 24.37
CA PHE E 366 13.07 54.88 25.15
C PHE E 366 12.80 53.71 24.23
N GLU E 367 13.04 52.52 24.72
CA GLU E 367 12.56 51.32 24.05
C GLU E 367 11.39 50.84 24.90
N PHE E 368 10.18 51.08 24.42
CA PHE E 368 9.05 50.35 24.98
C PHE E 368 9.09 48.96 24.38
N ARG E 369 9.12 47.94 25.22
CA ARG E 369 9.20 46.58 24.73
C ARG E 369 7.84 45.91 24.63
N PHE E 370 6.79 46.51 25.20
CA PHE E 370 5.50 45.82 25.28
C PHE E 370 4.72 45.60 23.97
N PRO E 371 4.85 46.42 22.92
CA PRO E 371 4.05 46.18 21.72
C PRO E 371 4.48 44.92 21.00
N ASP E 372 3.54 44.37 20.25
CA ASP E 372 3.79 43.34 19.25
C ASP E 372 3.13 43.75 17.95
N SER E 373 3.41 42.99 16.90
CA SER E 373 2.98 43.35 15.57
C SER E 373 1.57 42.87 15.20
N SER E 374 0.77 42.42 16.18
CA SER E 374 -0.67 42.31 16.00
C SER E 374 -1.37 43.65 16.22
N SER E 375 -0.61 44.68 16.57
CA SER E 375 -1.10 46.05 16.55
C SER E 375 -1.19 46.55 15.12
N ASN E 376 -2.11 47.45 14.89
CA ASN E 376 -2.04 48.27 13.71
C ASN E 376 -1.00 49.35 13.94
N PRO E 377 0.10 49.40 13.17
CA PRO E 377 1.21 50.31 13.50
C PRO E 377 0.82 51.79 13.50
N TYR E 378 -0.07 52.19 12.58
CA TYR E 378 -0.54 53.57 12.56
C TYR E 378 -1.26 53.93 13.86
N LEU E 379 -2.25 53.10 14.25
CA LEU E 379 -2.96 53.33 15.50
C LEU E 379 -2.06 53.11 16.70
N ALA E 380 -1.29 52.02 16.69
CA ALA E 380 -0.32 51.77 17.74
C ALA E 380 0.56 52.99 17.97
N PHE E 381 1.30 53.40 16.95
CA PHE E 381 2.18 54.56 17.12
C PHE E 381 1.40 55.82 17.46
N ALA E 382 0.26 56.03 16.81
CA ALA E 382 -0.55 57.21 17.12
C ALA E 382 -0.79 57.32 18.62
N ALA E 383 -1.08 56.19 19.25
CA ALA E 383 -1.55 56.22 20.64
C ALA E 383 -0.41 56.28 21.65
N ILE E 384 0.79 55.80 21.27
CA ILE E 384 1.95 55.98 22.13
C ILE E 384 2.29 57.47 22.25
N LEU E 385 1.91 58.28 21.26
CA LEU E 385 2.18 59.72 21.29
C LEU E 385 1.22 60.48 22.22
N MET E 386 -0.09 60.38 21.94
CA MET E 386 -1.07 61.08 22.77
C MET E 386 -0.87 60.74 24.24
N ALA E 387 -0.55 59.48 24.52
CA ALA E 387 -0.15 59.09 25.87
C ALA E 387 1.04 59.93 26.34
N GLY E 388 2.08 60.02 25.52
CA GLY E 388 3.25 60.77 25.91
C GLY E 388 2.97 62.26 26.03
N MET E 389 2.28 62.82 25.05
CA MET E 389 1.98 64.24 25.14
C MET E 389 1.17 64.55 26.39
N ASP E 390 0.28 63.66 26.77
CA ASP E 390 -0.39 63.83 28.04
C ASP E 390 0.57 63.76 29.21
N GLY E 391 1.75 63.19 29.00
CA GLY E 391 2.73 63.18 30.06
C GLY E 391 3.41 64.52 30.21
N VAL E 392 3.74 65.17 29.09
CA VAL E 392 4.46 66.43 29.13
C VAL E 392 3.61 67.51 29.77
N LYS E 393 2.37 67.65 29.30
CA LYS E 393 1.59 68.79 29.74
C LYS E 393 1.17 68.63 31.19
N ASN E 394 0.92 67.40 31.65
CA ASN E 394 0.50 67.19 33.02
C ASN E 394 1.66 66.86 33.95
N LYS E 395 2.90 67.08 33.49
CA LYS E 395 4.13 66.77 34.21
C LYS E 395 3.94 65.65 35.22
N ILE E 396 3.92 64.42 34.74
CA ILE E 396 3.51 63.26 35.54
C ILE E 396 4.73 62.39 35.79
N ASP E 397 5.04 62.19 37.08
CA ASP E 397 6.17 61.37 37.52
C ASP E 397 6.11 59.99 36.85
N PRO E 398 7.23 59.46 36.35
CA PRO E 398 7.26 58.07 35.87
C PRO E 398 7.44 57.04 36.98
N GLY E 399 7.48 57.46 38.23
CA GLY E 399 7.82 56.57 39.32
C GLY E 399 9.32 56.37 39.41
N GLU E 400 9.69 55.37 40.21
CA GLU E 400 11.09 55.07 40.50
C GLU E 400 11.52 53.84 39.72
N ALA E 401 12.75 53.87 39.21
CA ALA E 401 13.27 52.79 38.39
C ALA E 401 13.65 51.58 39.22
N MET E 402 13.32 50.39 38.70
CA MET E 402 13.52 49.12 39.41
C MET E 402 14.62 48.32 38.70
N ASP E 403 15.81 48.32 39.26
CA ASP E 403 16.91 47.60 38.63
C ASP E 403 16.95 46.14 39.06
N ILE E 404 15.79 45.49 39.05
CA ILE E 404 15.70 44.08 39.40
C ILE E 404 15.23 43.30 38.18
N ASN E 405 15.63 42.02 38.13
CA ASN E 405 14.98 41.04 37.26
C ASN E 405 13.55 40.95 37.78
N LEU E 406 12.61 41.57 37.06
CA LEU E 406 11.25 41.69 37.55
C LEU E 406 10.53 40.35 37.53
N PHE E 407 10.90 39.46 36.62
CA PHE E 407 10.23 38.15 36.53
C PHE E 407 10.25 37.44 37.87
N LYS E 408 11.45 37.29 38.45
CA LYS E 408 11.65 36.42 39.61
C LYS E 408 10.73 36.79 40.78
N LEU E 409 10.39 38.07 40.95
CA LEU E 409 9.69 38.54 42.15
C LEU E 409 8.38 37.80 42.37
N THR E 410 8.17 37.35 43.61
CA THR E 410 7.01 36.52 43.95
C THR E 410 5.69 37.27 43.68
N LEU E 411 4.68 36.52 43.27
CA LEU E 411 3.42 37.09 42.81
C LEU E 411 2.66 37.83 43.91
N ASP E 412 2.91 37.51 45.18
CA ASP E 412 2.23 38.22 46.27
C ASP E 412 2.85 39.60 46.50
N GLU E 413 4.11 39.78 46.14
CA GLU E 413 4.79 41.06 46.28
C GLU E 413 4.52 42.03 45.14
N ILE E 414 3.73 41.65 44.13
CA ILE E 414 3.28 42.66 43.15
C ILE E 414 2.09 43.43 43.71
N ARG E 415 1.05 42.70 44.15
CA ARG E 415 -0.03 43.34 44.89
C ARG E 415 0.49 44.03 46.15
N GLU E 416 1.37 43.36 46.89
CA GLU E 416 1.90 43.92 48.14
C GLU E 416 2.62 45.25 47.90
N LYS E 417 3.59 45.26 46.98
CA LYS E 417 4.32 46.49 46.68
C LYS E 417 3.51 47.47 45.82
N GLY E 418 2.34 47.09 45.35
CA GLY E 418 1.38 47.99 44.70
C GLY E 418 1.82 48.45 43.32
N ILE E 419 2.71 47.72 42.64
CA ILE E 419 3.23 48.13 41.34
C ILE E 419 2.30 47.67 40.22
N LYS E 420 1.94 48.62 39.34
CA LYS E 420 1.08 48.41 38.20
C LYS E 420 1.69 47.42 37.20
N GLN E 421 0.83 46.88 36.35
CA GLN E 421 1.17 45.66 35.63
C GLN E 421 0.27 45.54 34.40
N MET E 422 0.83 44.93 33.34
CA MET E 422 0.10 44.76 32.09
C MET E 422 -1.16 43.94 32.30
N PRO E 423 -2.20 44.17 31.49
CA PRO E 423 -3.43 43.38 31.63
C PRO E 423 -3.22 41.95 31.14
N HIS E 424 -4.00 41.04 31.73
CA HIS E 424 -3.79 39.61 31.50
C HIS E 424 -4.48 39.09 30.26
N THR E 425 -5.46 39.82 29.76
CA THR E 425 -6.23 39.44 28.59
C THR E 425 -6.65 40.71 27.86
N LEU E 426 -7.14 40.53 26.64
CA LEU E 426 -7.53 41.66 25.81
C LEU E 426 -8.79 42.32 26.33
N ARG E 427 -9.87 41.55 26.58
CA ARG E 427 -11.09 42.12 27.11
C ARG E 427 -10.80 43.15 28.20
N ARG E 428 -9.95 42.77 29.15
CA ARG E 428 -9.48 43.69 30.16
C ARG E 428 -8.95 44.98 29.53
N SER E 429 -8.02 44.89 28.60
CA SER E 429 -7.41 46.12 28.16
C SER E 429 -8.32 46.95 27.24
N LEU E 430 -9.31 46.34 26.57
CA LEU E 430 -10.32 47.17 25.94
C LEU E 430 -11.13 47.94 26.98
N GLU E 431 -11.27 47.38 28.19
CA GLU E 431 -12.08 48.01 29.22
C GLU E 431 -11.37 49.18 29.91
N GLU E 432 -10.07 49.05 30.20
CA GLU E 432 -9.32 50.20 30.69
C GLU E 432 -9.29 51.31 29.66
N MET E 433 -9.19 50.94 28.39
CA MET E 433 -9.13 51.93 27.33
C MET E 433 -10.44 52.69 27.20
N LEU E 434 -11.57 52.01 27.35
CA LEU E 434 -12.84 52.73 27.34
C LEU E 434 -13.03 53.54 28.61
N ALA E 435 -12.45 53.10 29.72
CA ALA E 435 -12.65 53.78 30.98
C ALA E 435 -11.89 55.11 31.06
N ASP E 436 -10.80 55.27 30.31
CA ASP E 436 -10.23 56.60 30.16
C ASP E 436 -9.64 56.70 28.76
N LYS E 437 -10.38 57.36 27.87
CA LYS E 437 -9.96 57.60 26.51
C LYS E 437 -9.57 59.05 26.29
N GLN E 438 -9.67 59.90 27.31
CA GLN E 438 -9.68 61.35 27.08
C GLN E 438 -8.38 61.82 26.44
N TYR E 439 -7.24 61.37 26.94
CA TYR E 439 -6.00 61.77 26.30
C TYR E 439 -5.99 61.37 24.81
N LEU E 440 -6.73 60.32 24.44
CA LEU E 440 -6.79 59.93 23.03
C LEU E 440 -7.63 60.86 22.20
N LYS E 441 -8.54 61.61 22.83
CA LYS E 441 -9.52 62.45 22.16
C LYS E 441 -9.06 63.88 22.00
N GLU E 442 -7.80 64.16 22.30
CA GLU E 442 -7.32 65.52 22.15
C GLU E 442 -7.50 65.95 20.70
N SER E 443 -8.09 67.15 20.53
CA SER E 443 -8.17 67.82 19.23
C SER E 443 -8.73 66.88 18.17
N GLN E 444 -9.86 66.24 18.53
CA GLN E 444 -10.41 65.06 17.84
C GLN E 444 -9.34 64.30 17.04
N VAL E 445 -8.28 63.82 17.70
CA VAL E 445 -7.38 62.91 17.00
C VAL E 445 -8.05 61.54 16.87
N PHE E 446 -8.29 60.88 17.99
CA PHE E 446 -9.09 59.66 18.00
C PHE E 446 -10.51 60.09 18.27
N SER E 447 -11.39 60.01 17.27
CA SER E 447 -12.78 60.33 17.57
C SER E 447 -13.44 59.20 18.34
N GLU E 448 -14.56 59.51 19.00
CA GLU E 448 -15.21 58.50 19.83
C GLU E 448 -15.89 57.46 18.97
N GLU E 449 -16.53 57.93 17.89
CA GLU E 449 -17.14 57.04 16.92
C GLU E 449 -16.16 55.98 16.47
N PHE E 450 -14.92 56.37 16.19
CA PHE E 450 -13.92 55.39 15.83
C PHE E 450 -13.55 54.53 17.02
N ILE E 451 -13.30 55.15 18.18
CA ILE E 451 -13.02 54.43 19.41
C ILE E 451 -14.11 53.38 19.65
N GLN E 452 -15.33 53.70 19.28
CA GLN E 452 -16.42 52.75 19.41
C GLN E 452 -16.29 51.67 18.35
N ALA E 453 -16.26 52.06 17.09
CA ALA E 453 -16.05 51.12 15.98
C ALA E 453 -14.94 50.15 16.31
N TYR E 454 -13.83 50.67 16.83
CA TYR E 454 -12.69 49.82 17.16
C TYR E 454 -13.09 48.69 18.11
N GLN E 455 -13.71 49.02 19.25
CA GLN E 455 -13.98 47.95 20.21
C GLN E 455 -15.13 47.02 19.76
N SER E 456 -16.11 47.54 19.03
CA SER E 456 -17.08 46.58 18.50
C SER E 456 -16.54 45.81 17.31
N LEU E 457 -15.27 46.07 16.98
CA LEU E 457 -14.47 45.21 16.12
C LEU E 457 -13.74 44.17 16.95
N LYS E 458 -12.93 44.62 17.91
CA LYS E 458 -12.03 43.73 18.63
C LYS E 458 -12.79 42.74 19.50
N PHE E 459 -13.90 43.14 20.13
CA PHE E 459 -14.71 42.19 20.89
C PHE E 459 -15.30 41.11 19.98
N ASN E 460 -15.94 41.53 18.88
CA ASN E 460 -16.55 40.58 17.95
C ASN E 460 -15.51 39.79 17.15
N ALA E 461 -14.37 40.41 16.84
CA ALA E 461 -13.34 39.74 16.06
C ALA E 461 -12.42 38.88 16.90
N GLU E 462 -12.23 39.22 18.18
CA GLU E 462 -11.18 38.63 19.01
C GLU E 462 -11.66 38.15 20.38
N VAL E 463 -12.30 39.01 21.18
CA VAL E 463 -12.64 38.60 22.54
C VAL E 463 -13.73 37.52 22.53
N PHE E 464 -14.87 37.78 21.87
CA PHE E 464 -15.98 36.82 21.91
C PHE E 464 -15.64 35.44 21.34
N PRO E 465 -14.92 35.31 20.23
CA PRO E 465 -14.44 33.97 19.83
C PRO E 465 -13.68 33.24 20.92
N TRP E 466 -12.52 33.75 21.35
CA TRP E 466 -11.72 33.17 22.41
C TRP E 466 -12.56 32.68 23.60
N GLU E 467 -13.58 33.45 23.92
CA GLU E 467 -14.31 33.20 25.14
C GLU E 467 -15.26 32.04 24.99
N SER E 468 -15.60 31.71 23.76
CA SER E 468 -16.65 30.75 23.48
C SER E 468 -16.16 29.49 22.78
N LYS E 469 -14.88 29.40 22.43
CA LYS E 469 -14.37 28.27 21.62
C LYS E 469 -13.53 27.34 22.47
N PRO E 470 -14.01 26.13 22.79
CA PRO E 470 -13.23 25.22 23.64
C PRO E 470 -11.74 25.23 23.34
N HIS E 471 -10.92 25.05 24.37
CA HIS E 471 -9.48 25.08 24.21
C HIS E 471 -8.94 23.67 24.40
N PRO E 472 -8.19 23.12 23.44
CA PRO E 472 -7.60 21.78 23.60
C PRO E 472 -7.25 21.41 25.03
N PHE E 473 -6.53 22.29 25.73
CA PHE E 473 -6.13 22.00 27.10
C PHE E 473 -7.34 21.71 28.00
N GLU E 474 -8.46 22.39 27.78
CA GLU E 474 -9.67 22.20 28.58
C GLU E 474 -10.13 20.75 28.52
N PHE E 475 -9.58 19.98 27.59
CA PHE E 475 -9.89 18.56 27.53
C PHE E 475 -8.89 17.71 28.30
N ILE E 476 -7.66 18.16 28.46
CA ILE E 476 -6.79 17.49 29.42
C ILE E 476 -7.36 17.64 30.82
N THR E 477 -7.73 18.87 31.19
CA THR E 477 -8.04 19.17 32.58
C THR E 477 -9.47 18.84 32.96
N THR E 478 -10.43 19.01 32.02
CA THR E 478 -11.83 19.02 32.42
C THR E 478 -12.68 17.91 31.80
N TYR E 479 -12.21 17.22 30.77
CA TYR E 479 -13.05 16.20 30.17
C TYR E 479 -13.32 15.03 31.11
N SER E 480 -12.53 14.84 32.16
CA SER E 480 -12.73 13.75 33.10
C SER E 480 -13.48 14.18 34.37
N CYS E 481 -13.85 15.44 34.51
CA CYS E 481 -14.66 15.88 35.65
C CYS E 481 -15.89 14.97 35.91
N ASN F 7 -21.85 45.73 -45.69
CA ASN F 7 -21.19 45.76 -44.40
C ASN F 7 -19.69 45.67 -44.57
N SER F 8 -19.21 45.83 -45.81
CA SER F 8 -17.84 45.39 -46.08
C SER F 8 -16.98 46.25 -47.01
N GLU F 9 -16.94 45.89 -48.32
CA GLU F 9 -15.85 46.15 -49.28
C GLU F 9 -14.73 47.08 -48.84
N SER F 10 -15.07 48.23 -48.23
CA SER F 10 -14.02 49.07 -47.66
C SER F 10 -13.31 48.38 -46.52
N LYS F 11 -14.01 47.46 -45.83
CA LYS F 11 -13.47 46.76 -44.67
C LYS F 11 -12.82 45.43 -45.03
N ILE F 12 -13.13 44.87 -46.20
CA ILE F 12 -12.58 43.56 -46.55
C ILE F 12 -11.09 43.68 -46.84
N LYS F 13 -10.73 44.50 -47.84
CA LYS F 13 -9.32 44.73 -48.07
C LYS F 13 -8.64 45.26 -46.82
N GLU F 14 -9.36 46.03 -45.99
CA GLU F 14 -8.80 46.42 -44.71
C GLU F 14 -8.52 45.19 -43.87
N PHE F 15 -9.42 44.20 -43.93
CA PHE F 15 -9.30 42.99 -43.14
C PHE F 15 -8.28 42.02 -43.74
N PHE F 16 -8.25 41.86 -45.06
CA PHE F 16 -7.30 40.92 -45.62
C PHE F 16 -5.86 41.40 -45.42
N GLU F 17 -5.59 42.68 -45.63
CA GLU F 17 -4.26 43.21 -45.31
C GLU F 17 -3.82 42.82 -43.91
N PHE F 18 -4.70 43.03 -42.91
CA PHE F 18 -4.38 42.70 -41.51
C PHE F 18 -3.98 41.23 -41.33
N CYS F 19 -4.77 40.31 -41.91
CA CYS F 19 -4.41 38.89 -41.91
C CYS F 19 -2.99 38.67 -42.42
N LYS F 20 -2.62 39.38 -43.50
CA LYS F 20 -1.36 39.11 -44.18
C LYS F 20 -0.18 39.68 -43.42
N GLU F 21 -0.40 40.76 -42.65
CA GLU F 21 0.68 41.31 -41.83
C GLU F 21 1.00 40.39 -40.64
N ASN F 22 -0.05 39.96 -39.92
CA ASN F 22 0.07 39.10 -38.75
C ASN F 22 0.28 37.63 -39.10
N GLU F 23 0.46 37.29 -40.38
CA GLU F 23 0.79 35.93 -40.84
C GLU F 23 -0.30 34.91 -40.50
N VAL F 24 -1.56 35.25 -40.80
CA VAL F 24 -2.70 34.52 -40.27
C VAL F 24 -2.98 33.28 -41.12
N GLU F 25 -3.07 32.11 -40.47
CA GLU F 25 -3.30 30.86 -41.17
C GLU F 25 -4.70 30.30 -41.01
N PHE F 26 -5.47 30.80 -40.05
CA PHE F 26 -6.84 30.32 -39.80
C PHE F 26 -7.73 31.50 -39.44
N VAL F 27 -9.00 31.38 -39.79
CA VAL F 27 -9.99 32.44 -39.56
C VAL F 27 -11.12 31.86 -38.72
N ASP F 28 -11.18 32.28 -37.44
CA ASP F 28 -12.11 31.72 -36.46
C ASP F 28 -13.38 32.54 -36.43
N PHE F 29 -14.50 31.95 -36.82
CA PHE F 29 -15.78 32.66 -36.88
C PHE F 29 -16.55 32.35 -35.61
N ARG F 30 -16.71 33.37 -34.75
CA ARG F 30 -17.36 33.17 -33.48
C ARG F 30 -18.74 33.79 -33.49
N PHE F 31 -19.72 33.03 -32.98
CA PHE F 31 -21.13 33.38 -32.93
C PHE F 31 -21.74 32.82 -31.65
N SER F 32 -22.91 33.34 -31.25
CA SER F 32 -23.50 33.03 -29.94
C SER F 32 -24.90 32.46 -30.09
N ASP F 33 -25.17 31.35 -29.38
CA ASP F 33 -26.47 30.69 -29.29
C ASP F 33 -27.36 31.45 -28.31
N ILE F 34 -28.67 31.29 -28.48
CA ILE F 34 -29.65 31.80 -27.54
C ILE F 34 -29.17 31.61 -26.10
N LYS F 35 -28.76 30.39 -25.74
CA LYS F 35 -28.29 30.15 -24.38
C LYS F 35 -27.20 31.15 -23.96
N GLY F 36 -26.25 31.43 -24.84
CA GLY F 36 -25.19 32.37 -24.48
C GLY F 36 -23.80 31.82 -24.70
N THR F 37 -23.72 30.62 -25.25
CA THR F 37 -22.44 29.99 -25.51
C THR F 37 -21.79 30.58 -26.75
N TRP F 38 -20.49 30.82 -26.67
CA TRP F 38 -19.70 31.22 -27.82
C TRP F 38 -19.24 29.96 -28.59
N ASN F 39 -19.57 29.90 -29.88
CA ASN F 39 -19.15 28.81 -30.75
C ASN F 39 -18.18 29.33 -31.80
N HIS F 40 -17.60 28.41 -32.58
CA HIS F 40 -16.63 28.81 -33.60
C HIS F 40 -16.40 27.69 -34.60
N ILE F 41 -16.46 28.02 -35.89
CA ILE F 41 -16.01 27.15 -36.97
C ILE F 41 -14.80 27.80 -37.66
N ALA F 42 -13.75 27.02 -37.89
CA ALA F 42 -12.48 27.55 -38.40
C ALA F 42 -12.28 27.19 -39.87
N TYR F 43 -11.60 28.09 -40.59
CA TYR F 43 -11.35 27.96 -42.02
C TYR F 43 -9.89 28.20 -42.31
N SER F 44 -9.38 27.49 -43.32
CA SER F 44 -8.04 27.74 -43.82
C SER F 44 -7.99 29.09 -44.52
N PHE F 45 -7.00 29.91 -44.17
CA PHE F 45 -6.89 31.25 -44.74
C PHE F 45 -6.68 31.18 -46.25
N GLY F 46 -5.80 30.29 -46.71
CA GLY F 46 -5.64 30.10 -48.14
C GLY F 46 -6.95 29.80 -48.82
N ALA F 47 -7.79 29.01 -48.16
CA ALA F 47 -9.11 28.69 -48.69
C ALA F 47 -10.05 29.89 -48.66
N LEU F 48 -9.72 30.94 -47.91
CA LEU F 48 -10.61 32.09 -47.83
C LEU F 48 -10.76 32.74 -49.20
N THR F 49 -11.94 33.32 -49.44
CA THR F 49 -12.25 34.01 -50.68
C THR F 49 -12.90 35.35 -50.36
N HIS F 50 -12.64 36.35 -51.21
CA HIS F 50 -13.18 37.68 -50.96
C HIS F 50 -14.70 37.68 -50.84
N GLY F 51 -15.37 36.75 -51.52
CA GLY F 51 -16.82 36.71 -51.52
C GLY F 51 -17.47 35.91 -50.40
N MET F 52 -16.76 34.91 -49.86
CA MET F 52 -17.31 34.18 -48.72
C MET F 52 -17.58 35.10 -47.54
N LEU F 53 -16.82 36.20 -47.42
CA LEU F 53 -17.12 37.23 -46.43
C LEU F 53 -18.34 38.05 -46.79
N LYS F 54 -18.71 38.10 -48.08
CA LYS F 54 -19.86 38.85 -48.55
C LYS F 54 -21.14 38.01 -48.49
N GLU F 55 -21.09 36.78 -49.00
CA GLU F 55 -22.25 35.90 -49.02
C GLU F 55 -22.48 35.26 -47.66
N GLY F 56 -21.46 34.56 -47.15
CA GLY F 56 -21.48 33.98 -45.82
C GLY F 56 -20.93 32.56 -45.84
N ILE F 57 -20.83 32.03 -44.62
CA ILE F 57 -20.34 30.67 -44.38
C ILE F 57 -21.53 29.76 -44.06
N PRO F 58 -21.57 28.55 -44.58
CA PRO F 58 -22.61 27.61 -44.17
C PRO F 58 -22.32 26.99 -42.81
N PHE F 59 -23.39 26.68 -42.08
CA PHE F 59 -23.29 25.84 -40.89
C PHE F 59 -24.60 25.11 -40.66
N ASP F 60 -24.60 24.26 -39.62
CA ASP F 60 -25.77 23.49 -39.19
C ASP F 60 -26.37 24.22 -38.00
N ALA F 61 -27.58 24.76 -38.15
CA ALA F 61 -28.24 25.47 -37.06
C ALA F 61 -29.26 24.61 -36.33
N SER F 62 -29.32 23.32 -36.61
CA SER F 62 -30.16 22.40 -35.87
C SER F 62 -29.47 21.79 -34.67
N CYS F 63 -28.15 21.95 -34.55
CA CYS F 63 -27.45 21.48 -33.37
C CYS F 63 -27.73 22.33 -32.14
N PHE F 64 -28.19 23.57 -32.31
CA PHE F 64 -28.29 24.54 -31.24
C PHE F 64 -29.73 24.68 -30.78
N LYS F 65 -29.99 24.32 -29.53
CA LYS F 65 -31.33 24.46 -28.96
C LYS F 65 -31.89 25.86 -29.19
N GLY F 66 -33.19 25.93 -29.46
CA GLY F 66 -33.84 27.20 -29.74
C GLY F 66 -33.72 27.67 -31.17
N TRP F 67 -33.03 26.93 -32.04
CA TRP F 67 -32.86 27.31 -33.43
C TRP F 67 -33.49 26.27 -34.33
N GLN F 68 -32.83 25.94 -35.44
CA GLN F 68 -33.50 25.34 -36.59
C GLN F 68 -34.08 23.98 -36.26
N GLY F 69 -35.04 23.57 -37.10
CA GLY F 69 -35.41 22.17 -37.16
C GLY F 69 -34.34 21.39 -37.89
N ILE F 70 -34.48 20.07 -37.90
CA ILE F 70 -33.49 19.31 -38.64
C ILE F 70 -33.86 19.28 -40.12
N GLU F 71 -35.15 19.43 -40.45
CA GLU F 71 -35.60 19.42 -41.84
C GLU F 71 -35.23 20.72 -42.56
N HIS F 72 -34.85 21.75 -41.80
CA HIS F 72 -34.37 23.01 -42.33
C HIS F 72 -33.06 23.35 -41.64
N SER F 73 -32.06 22.49 -41.88
CA SER F 73 -30.82 22.56 -41.13
C SER F 73 -30.01 23.79 -41.49
N ASP F 74 -29.91 24.08 -42.78
CA ASP F 74 -28.89 24.99 -43.24
C ASP F 74 -29.25 26.43 -42.86
N MET F 75 -28.27 27.17 -42.33
CA MET F 75 -28.34 28.61 -42.14
C MET F 75 -27.02 29.23 -42.64
N ILE F 76 -26.94 30.55 -42.53
CA ILE F 76 -25.74 31.29 -42.92
C ILE F 76 -25.25 32.08 -41.71
N LEU F 77 -23.95 31.97 -41.43
CA LEU F 77 -23.27 32.91 -40.54
C LEU F 77 -22.77 34.06 -41.39
N THR F 78 -23.00 35.28 -40.94
CA THR F 78 -22.61 36.46 -41.71
C THR F 78 -21.55 37.25 -40.93
N PRO F 79 -20.32 37.31 -41.43
CA PRO F 79 -19.23 37.92 -40.67
C PRO F 79 -19.36 39.44 -40.61
N ASP F 80 -19.19 40.01 -39.42
CA ASP F 80 -19.10 41.46 -39.25
C ASP F 80 -17.63 41.79 -39.01
N LEU F 81 -17.05 42.64 -39.86
CA LEU F 81 -15.62 42.95 -39.77
C LEU F 81 -15.40 44.12 -38.79
N VAL F 82 -15.69 43.83 -37.53
CA VAL F 82 -15.50 44.74 -36.41
C VAL F 82 -14.90 43.94 -35.27
N ARG F 83 -13.92 44.53 -34.57
CA ARG F 83 -13.41 44.01 -33.29
C ARG F 83 -12.84 42.58 -33.41
N TYR F 84 -12.37 42.22 -34.59
CA TYR F 84 -11.69 40.94 -34.78
C TYR F 84 -10.24 41.03 -34.26
N PHE F 85 -9.66 39.86 -33.95
CA PHE F 85 -8.42 39.91 -33.20
C PHE F 85 -7.65 38.62 -33.32
N ILE F 86 -6.33 38.74 -33.15
CA ILE F 86 -5.41 37.61 -33.06
C ILE F 86 -5.66 36.87 -31.74
N ASP F 87 -6.04 35.58 -31.84
CA ASP F 87 -6.24 34.80 -30.61
C ASP F 87 -4.91 34.48 -29.94
N PRO F 88 -4.78 34.73 -28.64
CA PRO F 88 -3.47 34.51 -28.00
C PRO F 88 -3.07 33.05 -27.89
N PHE F 89 -4.04 32.18 -27.57
CA PHE F 89 -3.80 30.80 -27.17
C PHE F 89 -3.79 29.82 -28.32
N SER F 90 -4.19 30.25 -29.52
CA SER F 90 -3.96 29.45 -30.71
C SER F 90 -2.48 29.14 -30.87
N ALA F 91 -2.19 27.89 -31.26
CA ALA F 91 -0.83 27.49 -31.59
C ALA F 91 -0.40 28.07 -32.93
N ASP F 92 -1.30 28.09 -33.90
CA ASP F 92 -1.06 28.67 -35.20
C ASP F 92 -1.89 29.96 -35.30
N VAL F 93 -1.32 30.98 -35.96
CA VAL F 93 -1.93 32.32 -35.95
C VAL F 93 -3.35 32.25 -36.50
N SER F 94 -4.32 32.62 -35.65
CA SER F 94 -5.72 32.66 -35.99
C SER F 94 -6.26 34.03 -35.64
N VAL F 95 -7.15 34.54 -36.48
CA VAL F 95 -7.91 35.74 -36.19
C VAL F 95 -9.34 35.32 -35.90
N VAL F 96 -9.86 35.82 -34.82
CA VAL F 96 -11.24 35.58 -34.43
C VAL F 96 -12.12 36.71 -34.96
N VAL F 97 -13.33 36.37 -35.39
CA VAL F 97 -14.16 37.25 -36.21
C VAL F 97 -15.60 37.05 -35.79
N PHE F 98 -16.24 38.11 -35.31
CA PHE F 98 -17.64 38.05 -34.90
C PHE F 98 -18.57 37.85 -36.10
N CYS F 99 -19.72 37.23 -35.83
CA CYS F 99 -20.63 36.87 -36.91
C CYS F 99 -22.07 37.11 -36.50
N ASP F 100 -22.94 37.21 -37.50
CA ASP F 100 -24.37 37.14 -37.32
C ASP F 100 -24.90 35.90 -38.00
N VAL F 101 -26.13 35.54 -37.66
CA VAL F 101 -26.82 34.42 -38.30
C VAL F 101 -27.86 35.01 -39.22
N TYR F 102 -27.80 34.60 -40.49
CA TYR F 102 -28.72 34.99 -41.52
C TYR F 102 -29.66 33.83 -41.78
N ASP F 103 -30.96 34.10 -41.77
CA ASP F 103 -32.00 33.11 -42.00
C ASP F 103 -32.28 33.04 -43.50
N VAL F 104 -32.01 31.88 -44.11
CA VAL F 104 -32.13 31.70 -45.54
C VAL F 104 -33.46 31.09 -45.94
N TYR F 105 -34.40 30.98 -45.00
CA TYR F 105 -35.75 30.59 -45.36
C TYR F 105 -36.69 31.78 -45.38
N LYS F 106 -36.40 32.80 -44.57
CA LYS F 106 -37.15 34.05 -44.59
C LYS F 106 -36.39 35.23 -45.19
N ASN F 107 -35.10 35.06 -45.53
CA ASN F 107 -34.33 36.04 -46.31
C ASN F 107 -34.07 37.33 -45.50
N GLN F 108 -33.59 37.16 -44.27
CA GLN F 108 -33.45 38.29 -43.37
C GLN F 108 -32.52 37.89 -42.22
N PRO F 109 -31.97 38.87 -41.50
CA PRO F 109 -31.27 38.55 -40.25
C PRO F 109 -32.15 37.75 -39.29
N TYR F 110 -31.55 36.72 -38.71
CA TYR F 110 -32.23 35.77 -37.85
C TYR F 110 -32.98 36.46 -36.73
N GLU F 111 -34.30 36.23 -36.69
CA GLU F 111 -35.06 36.78 -35.58
C GLU F 111 -34.75 36.10 -34.24
N LYS F 112 -33.87 35.08 -34.22
CA LYS F 112 -33.38 34.43 -33.00
C LYS F 112 -31.88 34.57 -32.78
N CYS F 113 -31.14 35.29 -33.62
CA CYS F 113 -29.71 35.47 -33.37
C CYS F 113 -29.59 36.41 -32.18
N PRO F 114 -28.96 36.01 -31.07
CA PRO F 114 -28.87 36.95 -29.94
C PRO F 114 -28.14 38.22 -30.32
N ARG F 115 -27.13 38.14 -31.20
CA ARG F 115 -26.43 39.34 -31.67
C ARG F 115 -27.32 40.23 -32.57
N SER F 116 -28.11 39.61 -33.46
CA SER F 116 -29.01 40.38 -34.31
C SER F 116 -30.07 41.07 -33.48
N ILE F 117 -30.50 40.41 -32.42
CA ILE F 117 -31.44 41.04 -31.49
C ILE F 117 -30.79 42.26 -30.84
N ALA F 118 -29.52 42.16 -30.48
CA ALA F 118 -28.81 43.34 -29.97
C ALA F 118 -28.80 44.45 -30.99
N LYS F 119 -28.41 44.13 -32.24
CA LYS F 119 -28.32 45.17 -33.25
C LYS F 119 -29.68 45.82 -33.48
N LYS F 120 -30.76 45.02 -33.46
CA LYS F 120 -32.10 45.57 -33.61
C LYS F 120 -32.46 46.50 -32.45
N ALA F 121 -32.10 46.09 -31.24
CA ALA F 121 -32.32 46.91 -30.04
C ALA F 121 -31.72 48.28 -30.26
N LEU F 122 -30.38 48.34 -30.24
CA LEU F 122 -29.64 49.56 -30.49
C LEU F 122 -30.25 50.40 -31.62
N GLN F 123 -30.55 49.78 -32.77
CA GLN F 123 -31.18 50.48 -33.87
C GLN F 123 -32.47 51.18 -33.41
N HIS F 124 -33.46 50.41 -32.97
CA HIS F 124 -34.75 50.90 -32.47
C HIS F 124 -34.63 52.11 -31.54
N LEU F 125 -33.42 52.36 -31.01
CA LEU F 125 -33.18 53.56 -30.21
C LEU F 125 -32.90 54.75 -31.12
N LYS F 126 -32.08 54.54 -32.15
CA LYS F 126 -31.92 55.54 -33.20
C LYS F 126 -33.24 55.77 -33.94
N ASP F 127 -33.79 54.70 -34.55
CA ASP F 127 -34.96 54.83 -35.42
C ASP F 127 -36.15 55.48 -34.70
N SER F 128 -36.27 55.25 -33.39
CA SER F 128 -37.30 55.96 -32.62
C SER F 128 -36.98 57.44 -32.50
N GLY F 129 -35.71 57.78 -32.27
CA GLY F 129 -35.29 59.17 -32.12
C GLY F 129 -35.07 59.61 -30.69
N LEU F 130 -35.29 58.74 -29.71
CA LEU F 130 -35.08 59.14 -28.32
C LEU F 130 -33.59 59.36 -28.02
N GLY F 131 -32.70 58.66 -28.71
CA GLY F 131 -31.28 58.85 -28.56
C GLY F 131 -30.57 58.32 -29.79
N ASP F 132 -29.24 58.37 -29.74
CA ASP F 132 -28.38 57.88 -30.81
C ASP F 132 -27.56 56.66 -30.42
N VAL F 133 -27.06 56.64 -29.20
CA VAL F 133 -26.18 55.59 -28.70
C VAL F 133 -26.87 54.95 -27.50
N ALA F 134 -26.31 53.82 -27.05
CA ALA F 134 -26.63 53.24 -25.75
C ALA F 134 -25.36 52.64 -25.18
N TYR F 135 -24.78 53.28 -24.18
CA TYR F 135 -23.54 52.80 -23.59
C TYR F 135 -23.81 51.75 -22.53
N PHE F 136 -22.95 50.75 -22.47
CA PHE F 136 -23.10 49.69 -21.48
C PHE F 136 -21.73 49.38 -20.90
N GLY F 137 -21.62 49.50 -19.58
CA GLY F 137 -20.40 49.13 -18.89
C GLY F 137 -20.68 47.94 -18.00
N ALA F 138 -19.92 46.86 -18.19
CA ALA F 138 -20.23 45.56 -17.61
C ALA F 138 -19.10 45.09 -16.71
N GLU F 139 -19.39 44.99 -15.41
CA GLU F 139 -18.50 44.36 -14.45
C GLU F 139 -18.81 42.86 -14.42
N ASN F 140 -17.85 42.02 -14.81
CA ASN F 140 -18.08 40.56 -14.83
C ASN F 140 -17.23 39.88 -13.75
N GLU F 141 -17.75 39.83 -12.53
CA GLU F 141 -17.05 39.14 -11.49
C GLU F 141 -16.93 37.66 -11.86
N PHE F 142 -15.76 37.08 -11.60
CA PHE F 142 -15.50 35.67 -11.90
C PHE F 142 -14.77 35.02 -10.75
N PHE F 143 -14.73 33.70 -10.80
CA PHE F 143 -13.96 32.89 -9.86
C PHE F 143 -12.87 32.16 -10.63
N ILE F 144 -11.73 31.95 -9.97
CA ILE F 144 -10.72 31.06 -10.53
C ILE F 144 -10.54 29.94 -9.50
N PHE F 145 -10.80 28.70 -9.93
CA PHE F 145 -10.85 27.53 -9.07
C PHE F 145 -9.76 26.55 -9.43
N ASP F 146 -9.36 25.73 -8.45
CA ASP F 146 -8.33 24.74 -8.74
C ASP F 146 -8.89 23.45 -9.32
N SER F 147 -10.19 23.24 -9.20
CA SER F 147 -10.80 21.96 -9.54
C SER F 147 -12.31 22.12 -9.50
N ILE F 148 -12.99 21.20 -10.19
CA ILE F 148 -14.45 21.17 -10.25
C ILE F 148 -14.92 19.78 -10.62
N LYS F 149 -15.62 19.10 -9.70
CA LYS F 149 -16.00 17.71 -9.83
C LYS F 149 -17.52 17.58 -9.72
N ILE F 150 -18.14 16.85 -10.64
CA ILE F 150 -19.60 16.83 -10.74
C ILE F 150 -20.09 15.43 -11.00
N LYS F 151 -21.27 15.11 -10.46
CA LYS F 151 -21.96 13.85 -10.72
C LYS F 151 -23.46 14.10 -10.85
N ASP F 152 -24.04 13.70 -11.96
CA ASP F 152 -25.49 13.65 -12.16
C ASP F 152 -25.80 12.17 -12.43
N ALA F 153 -26.02 11.43 -11.34
CA ALA F 153 -26.36 10.02 -11.36
C ALA F 153 -27.72 9.82 -10.72
N SER F 154 -28.24 8.61 -10.89
CA SER F 154 -29.55 8.30 -10.33
C SER F 154 -29.51 8.29 -8.82
N ASN F 155 -28.51 7.64 -8.24
CA ASN F 155 -28.41 7.50 -6.80
C ASN F 155 -27.51 8.55 -6.20
N SER F 156 -27.21 9.62 -6.94
CA SER F 156 -26.19 10.53 -6.46
C SER F 156 -26.11 11.84 -7.23
N GLN F 157 -26.25 12.95 -6.51
CA GLN F 157 -25.86 14.28 -6.98
C GLN F 157 -24.64 14.78 -6.20
N TYR F 158 -23.63 15.26 -6.92
CA TYR F 158 -22.39 15.66 -6.27
C TYR F 158 -21.75 16.82 -7.03
N TYR F 159 -21.20 17.76 -6.26
CA TYR F 159 -20.30 18.75 -6.84
C TYR F 159 -19.34 19.21 -5.77
N GLU F 160 -18.15 19.59 -6.20
CA GLU F 160 -17.30 20.41 -5.35
C GLU F 160 -16.35 21.22 -6.22
N VAL F 161 -16.10 22.43 -5.77
CA VAL F 161 -15.03 23.23 -6.31
C VAL F 161 -13.85 23.13 -5.36
N ASP F 162 -12.68 23.49 -5.84
CA ASP F 162 -11.54 23.62 -4.95
C ASP F 162 -10.72 24.83 -5.36
N SER F 163 -10.24 25.55 -4.35
CA SER F 163 -9.16 26.53 -4.48
C SER F 163 -8.34 26.50 -3.20
N GLU F 164 -7.02 26.62 -3.36
CA GLU F 164 -6.10 26.61 -2.22
C GLU F 164 -6.36 27.76 -1.24
N GLU F 165 -7.10 28.79 -1.66
CA GLU F 165 -7.47 29.87 -0.76
C GLU F 165 -8.62 29.48 0.15
N GLY F 166 -9.40 28.48 -0.22
CA GLY F 166 -10.64 28.19 0.48
C GLY F 166 -10.46 27.71 1.91
N GLU F 167 -11.42 28.08 2.74
CA GLU F 167 -11.38 27.74 4.16
C GLU F 167 -11.52 26.24 4.41
N TRP F 168 -11.95 25.47 3.41
CA TRP F 168 -12.04 24.03 3.55
C TRP F 168 -10.67 23.33 3.49
N ASN F 169 -9.56 24.10 3.39
CA ASN F 169 -8.24 23.53 3.20
C ASN F 169 -7.22 24.04 4.21
N ARG F 170 -7.67 24.70 5.28
CA ARG F 170 -6.75 25.09 6.35
C ARG F 170 -5.98 23.90 6.90
N ASP F 171 -6.64 22.74 7.02
CA ASP F 171 -5.96 21.59 7.59
C ASP F 171 -5.36 20.69 6.53
N ARG F 172 -5.43 21.04 5.25
CA ARG F 172 -4.98 20.13 4.20
C ARG F 172 -3.46 20.13 4.06
N SER F 173 -2.90 18.94 3.75
CA SER F 173 -1.51 18.76 3.37
C SER F 173 -1.38 18.82 1.86
N PHE F 174 -0.48 19.69 1.38
CA PHE F 174 -0.23 19.85 -0.05
C PHE F 174 1.06 19.11 -0.40
N GLU F 175 2.06 19.79 -0.98
CA GLU F 175 3.16 19.09 -1.65
C GLU F 175 3.93 18.13 -0.75
N ASN F 176 4.75 18.65 0.17
CA ASN F 176 5.53 17.81 1.08
C ASN F 176 4.77 17.48 2.34
N GLY F 177 3.45 17.54 2.31
CA GLY F 177 2.68 17.60 3.53
C GLY F 177 2.68 18.99 4.12
N VAL F 178 2.66 20.01 3.28
CA VAL F 178 2.97 21.39 3.65
C VAL F 178 1.73 22.25 3.37
N ASN F 179 1.46 23.21 4.25
CA ASN F 179 0.31 24.09 4.11
C ASN F 179 0.78 25.52 4.40
N PHE F 180 0.53 26.45 3.49
CA PHE F 180 1.19 27.75 3.58
C PHE F 180 0.36 28.83 4.27
N GLY F 181 -0.81 28.48 4.82
CA GLY F 181 -1.63 29.48 5.46
C GLY F 181 -1.88 30.65 4.55
N HIS F 182 -2.11 31.82 5.18
CA HIS F 182 -2.39 33.08 4.50
C HIS F 182 -3.59 32.89 3.56
N ARG F 183 -4.78 32.91 4.14
CA ARG F 183 -6.04 32.69 3.45
C ARG F 183 -6.99 33.83 3.79
N PRO F 184 -7.73 34.33 2.81
CA PRO F 184 -8.86 35.20 3.15
C PRO F 184 -9.98 34.37 3.75
N GLY F 185 -10.67 34.92 4.73
CA GLY F 185 -11.85 34.25 5.21
C GLY F 185 -12.97 34.24 4.17
N LYS F 186 -13.94 33.34 4.38
CA LYS F 186 -15.26 33.48 3.76
C LYS F 186 -15.64 34.95 3.74
N GLN F 187 -15.91 35.49 2.55
CA GLN F 187 -16.21 36.93 2.36
C GLN F 187 -15.00 37.82 2.68
N GLY F 188 -13.80 37.35 2.38
CA GLY F 188 -12.64 38.01 2.92
C GLY F 188 -11.62 38.46 1.91
N GLY F 189 -11.95 38.34 0.62
CA GLY F 189 -10.97 38.64 -0.40
C GLY F 189 -10.81 40.09 -0.80
N TYR F 190 -11.52 41.01 -0.15
CA TYR F 190 -11.58 42.42 -0.53
C TYR F 190 -10.94 43.28 0.56
N MET F 191 -9.70 43.75 0.36
CA MET F 191 -8.82 43.40 -0.76
C MET F 191 -7.36 43.11 -0.36
N PRO F 192 -7.13 42.12 0.51
CA PRO F 192 -5.80 41.95 1.12
C PRO F 192 -4.66 41.76 0.14
N VAL F 193 -3.49 42.26 0.51
CA VAL F 193 -2.30 42.07 -0.33
C VAL F 193 -1.87 40.61 -0.35
N PRO F 194 -1.04 40.22 -1.32
CA PRO F 194 -0.32 38.95 -1.24
C PRO F 194 0.56 38.85 0.01
N PRO F 195 0.86 37.64 0.45
CA PRO F 195 0.43 36.36 -0.15
C PRO F 195 -1.02 35.92 0.16
N THR F 196 -1.78 36.66 0.99
CA THR F 196 -3.20 36.34 1.12
C THR F 196 -3.90 36.40 -0.23
N ASP F 197 -3.49 37.31 -1.10
CA ASP F 197 -3.98 37.31 -2.47
C ASP F 197 -2.99 36.50 -3.29
N THR F 198 -3.42 35.29 -3.65
CA THR F 198 -2.60 34.38 -4.43
C THR F 198 -2.63 34.69 -5.92
N MET F 199 -3.59 35.50 -6.37
CA MET F 199 -3.90 35.58 -7.78
C MET F 199 -3.55 36.93 -8.42
N MET F 200 -2.56 37.63 -7.88
CA MET F 200 -2.23 38.92 -8.48
C MET F 200 -1.62 38.73 -9.86
N ASP F 201 -0.62 37.84 -9.99
CA ASP F 201 0.06 37.69 -11.27
C ASP F 201 -0.90 37.22 -12.38
N ILE F 202 -1.78 36.27 -12.07
CA ILE F 202 -2.73 35.86 -13.11
C ILE F 202 -3.71 36.99 -13.41
N ARG F 203 -3.96 37.88 -12.44
CA ARG F 203 -4.90 38.99 -12.69
C ARG F 203 -4.27 40.07 -13.58
N THR F 204 -2.99 40.43 -13.36
CA THR F 204 -2.34 41.32 -14.32
C THR F 204 -2.26 40.65 -15.67
N GLU F 205 -1.93 39.35 -15.70
CA GLU F 205 -1.82 38.62 -16.97
C GLU F 205 -3.06 38.78 -17.82
N ILE F 206 -4.23 38.40 -17.27
CA ILE F 206 -5.50 38.54 -18.00
C ILE F 206 -5.67 39.93 -18.56
N VAL F 207 -5.31 40.96 -17.78
CA VAL F 207 -5.43 42.34 -18.24
C VAL F 207 -4.48 42.66 -19.39
N LYS F 208 -3.30 42.02 -19.46
CA LYS F 208 -2.43 42.18 -20.62
C LYS F 208 -3.03 41.51 -21.85
N VAL F 209 -3.73 40.40 -21.66
CA VAL F 209 -4.34 39.67 -22.77
C VAL F 209 -5.74 40.19 -23.09
N LEU F 210 -6.44 40.79 -22.14
CA LEU F 210 -7.56 41.64 -22.50
C LEU F 210 -7.08 42.79 -23.37
N ASN F 211 -5.90 43.31 -23.08
CA ASN F 211 -5.34 44.37 -23.89
C ASN F 211 -5.05 43.87 -25.30
N GLN F 212 -4.26 42.81 -25.42
CA GLN F 212 -3.89 42.23 -26.72
C GLN F 212 -5.06 41.97 -27.68
N VAL F 213 -6.31 42.21 -27.27
CA VAL F 213 -7.44 41.79 -28.08
C VAL F 213 -8.46 42.93 -28.22
N GLY F 214 -8.11 44.10 -27.70
CA GLY F 214 -8.82 45.30 -28.02
C GLY F 214 -9.77 45.83 -26.96
N LEU F 215 -9.46 45.61 -25.69
CA LEU F 215 -10.25 46.14 -24.58
C LEU F 215 -9.41 47.12 -23.82
N GLU F 216 -9.97 48.30 -23.55
CA GLU F 216 -9.42 49.18 -22.54
C GLU F 216 -9.77 48.61 -21.16
N THR F 217 -8.77 48.25 -20.38
CA THR F 217 -8.95 47.89 -18.98
C THR F 217 -8.58 49.05 -18.07
N PHE F 218 -9.23 49.13 -16.90
CA PHE F 218 -8.77 50.16 -15.97
C PHE F 218 -8.54 49.68 -14.53
N VAL F 219 -9.37 48.79 -13.97
CA VAL F 219 -9.13 48.31 -12.61
C VAL F 219 -8.83 46.80 -12.61
N VAL F 220 -8.02 46.36 -11.64
CA VAL F 220 -7.81 44.94 -11.35
C VAL F 220 -7.85 44.77 -9.84
N HIS F 221 -8.80 43.99 -9.34
CA HIS F 221 -8.72 43.63 -7.93
C HIS F 221 -9.17 42.20 -7.71
N HIS F 222 -8.89 41.74 -6.50
CA HIS F 222 -9.55 40.61 -5.91
C HIS F 222 -10.89 41.07 -5.37
N GLU F 223 -11.86 40.16 -5.37
CA GLU F 223 -13.22 40.51 -4.96
C GLU F 223 -13.50 39.85 -3.61
N VAL F 224 -14.71 40.06 -3.11
CA VAL F 224 -15.08 39.70 -1.75
C VAL F 224 -14.90 38.21 -1.49
N ALA F 225 -15.42 37.37 -2.39
CA ALA F 225 -15.41 35.94 -2.16
C ALA F 225 -13.98 35.39 -2.22
N GLN F 226 -13.85 34.10 -1.95
CA GLN F 226 -12.54 33.55 -1.61
C GLN F 226 -11.55 33.65 -2.78
N ALA F 227 -11.81 32.98 -3.89
CA ALA F 227 -10.91 33.22 -5.03
C ALA F 227 -11.53 34.07 -6.13
N GLN F 228 -11.98 35.28 -5.80
CA GLN F 228 -12.78 36.08 -6.71
C GLN F 228 -12.00 37.26 -7.32
N GLY F 229 -12.47 37.73 -8.49
CA GLY F 229 -11.80 38.82 -9.18
C GLY F 229 -12.77 39.70 -9.94
N GLU F 230 -12.22 40.78 -10.50
CA GLU F 230 -13.00 41.78 -11.24
C GLU F 230 -12.02 42.65 -12.01
N VAL F 231 -12.17 42.72 -13.33
CA VAL F 231 -11.46 43.70 -14.14
C VAL F 231 -12.47 44.68 -14.71
N GLY F 232 -12.16 45.97 -14.59
CA GLY F 232 -12.97 47.00 -15.23
C GLY F 232 -12.62 47.14 -16.69
N VAL F 233 -13.61 47.49 -17.48
CA VAL F 233 -13.44 47.54 -18.93
C VAL F 233 -14.02 48.84 -19.45
N LYS F 234 -13.47 49.31 -20.56
CA LYS F 234 -14.11 50.41 -21.30
C LYS F 234 -15.58 50.08 -21.47
N PHE F 235 -16.45 51.05 -21.20
CA PHE F 235 -17.80 50.90 -21.68
C PHE F 235 -17.85 51.05 -23.21
N GLY F 236 -18.79 50.36 -23.84
CA GLY F 236 -19.11 50.59 -25.23
C GLY F 236 -20.61 50.65 -25.44
N ASP F 237 -21.01 50.85 -26.69
CA ASP F 237 -22.42 50.75 -27.02
C ASP F 237 -22.93 49.32 -26.78
N LEU F 238 -24.25 49.21 -26.76
CA LEU F 238 -24.93 47.98 -26.35
C LEU F 238 -24.36 46.76 -27.05
N VAL F 239 -24.16 46.85 -28.37
CA VAL F 239 -23.67 45.70 -29.14
C VAL F 239 -22.18 45.44 -28.87
N GLU F 240 -21.34 46.47 -29.01
CA GLU F 240 -19.91 46.27 -28.81
C GLU F 240 -19.59 45.88 -27.37
N ALA F 241 -20.34 46.42 -26.41
CA ALA F 241 -20.13 46.04 -25.01
C ALA F 241 -20.31 44.53 -24.82
N ALA F 242 -21.51 44.01 -25.13
CA ALA F 242 -21.70 42.56 -25.04
C ALA F 242 -20.75 41.82 -25.97
N ASP F 243 -20.27 42.47 -27.02
CA ASP F 243 -19.29 41.84 -27.89
C ASP F 243 -17.94 41.68 -27.18
N ASN F 244 -17.58 42.59 -26.31
CA ASN F 244 -16.39 42.35 -25.53
C ASN F 244 -16.66 41.55 -24.26
N VAL F 245 -17.93 41.30 -23.93
CA VAL F 245 -18.21 40.40 -22.82
C VAL F 245 -17.82 38.99 -23.22
N GLN F 246 -18.34 38.55 -24.37
CA GLN F 246 -17.93 37.27 -24.89
C GLN F 246 -16.41 37.16 -24.93
N LYS F 247 -15.73 38.28 -25.25
CA LYS F 247 -14.27 38.27 -25.34
C LYS F 247 -13.61 38.04 -23.98
N LEU F 248 -13.97 38.85 -22.98
CA LEU F 248 -13.41 38.73 -21.64
C LEU F 248 -13.59 37.32 -21.10
N LYS F 249 -14.83 36.83 -21.14
CA LYS F 249 -15.14 35.50 -20.64
C LYS F 249 -14.33 34.44 -21.35
N TYR F 250 -13.97 34.67 -22.61
CA TYR F 250 -13.08 33.73 -23.29
C TYR F 250 -11.64 33.86 -22.77
N VAL F 251 -11.16 35.10 -22.60
CA VAL F 251 -9.78 35.32 -22.19
C VAL F 251 -9.58 34.92 -20.73
N VAL F 252 -10.57 35.20 -19.86
CA VAL F 252 -10.43 34.81 -18.47
C VAL F 252 -10.27 33.30 -18.36
N LYS F 253 -11.09 32.57 -19.12
CA LYS F 253 -11.13 31.11 -19.05
C LYS F 253 -9.91 30.45 -19.68
N MET F 254 -9.16 31.14 -20.54
CA MET F 254 -8.02 30.48 -21.17
C MET F 254 -6.67 30.81 -20.54
N VAL F 255 -6.57 31.91 -19.80
CA VAL F 255 -5.35 32.15 -19.04
C VAL F 255 -5.32 31.20 -17.85
N ALA F 256 -6.45 31.11 -17.14
CA ALA F 256 -6.66 30.06 -16.15
C ALA F 256 -6.26 28.69 -16.69
N HIS F 257 -6.82 28.28 -17.82
CA HIS F 257 -6.51 26.96 -18.36
C HIS F 257 -5.03 26.77 -18.71
N LEU F 258 -4.31 27.81 -19.18
CA LEU F 258 -2.89 27.61 -19.43
C LEU F 258 -2.02 27.84 -18.19
N ASN F 259 -2.61 28.33 -17.09
CA ASN F 259 -2.01 28.26 -15.77
C ASN F 259 -2.42 27.02 -14.99
N GLY F 260 -3.01 26.03 -15.64
CA GLY F 260 -3.50 24.85 -14.92
C GLY F 260 -4.64 25.12 -13.95
N LYS F 261 -5.61 25.92 -14.36
CA LYS F 261 -6.67 26.32 -13.46
C LYS F 261 -8.00 26.34 -14.22
N THR F 262 -9.07 26.60 -13.48
CA THR F 262 -10.43 26.56 -14.01
C THR F 262 -11.20 27.77 -13.49
N ALA F 263 -11.93 28.42 -14.38
CA ALA F 263 -12.60 29.67 -14.10
C ALA F 263 -14.09 29.56 -14.39
N THR F 264 -14.89 30.34 -13.67
CA THR F 264 -16.32 30.35 -13.93
C THR F 264 -16.90 31.73 -13.68
N PHE F 265 -17.89 32.10 -14.48
CA PHE F 265 -18.62 33.35 -14.25
C PHE F 265 -19.99 33.12 -13.65
N MET F 266 -20.25 31.91 -13.15
CA MET F 266 -21.57 31.53 -12.68
C MET F 266 -21.94 32.30 -11.41
N PRO F 267 -23.23 32.53 -11.20
CA PRO F 267 -23.70 33.30 -10.04
C PRO F 267 -23.17 32.88 -8.67
N LYS F 268 -23.53 31.70 -8.18
CA LYS F 268 -23.26 31.33 -6.78
C LYS F 268 -22.52 30.01 -6.73
N PRO F 269 -21.22 30.01 -7.00
CA PRO F 269 -20.48 28.74 -6.89
C PRO F 269 -20.28 28.30 -5.47
N LEU F 270 -19.97 29.21 -4.53
CA LEU F 270 -19.90 28.85 -3.12
C LEU F 270 -21.17 29.33 -2.40
N TYR F 271 -21.71 28.44 -1.55
CA TYR F 271 -22.79 28.79 -0.62
C TYR F 271 -22.22 29.52 0.60
N GLY F 272 -22.83 30.65 0.95
CA GLY F 272 -22.38 31.43 2.09
C GLY F 272 -21.22 32.36 1.83
N ASP F 273 -20.76 32.46 0.59
CA ASP F 273 -19.89 33.52 0.18
C ASP F 273 -20.66 34.42 -0.76
N ASN F 274 -20.02 35.51 -1.19
CA ASN F 274 -20.56 36.33 -2.24
C ASN F 274 -20.52 35.58 -3.55
N GLY F 275 -21.53 35.81 -4.38
CA GLY F 275 -21.53 35.35 -5.76
C GLY F 275 -21.05 36.43 -6.70
N SER F 276 -21.04 36.09 -7.98
CA SER F 276 -20.59 36.99 -9.02
C SER F 276 -21.76 37.75 -9.63
N GLY F 277 -21.66 39.11 -9.68
CA GLY F 277 -22.59 39.92 -10.45
C GLY F 277 -22.10 40.21 -11.89
N MET F 278 -23.01 40.76 -12.69
CA MET F 278 -22.67 41.47 -13.93
C MET F 278 -23.24 42.87 -13.78
N HIS F 279 -22.63 43.63 -12.91
CA HIS F 279 -23.14 44.96 -12.70
C HIS F 279 -23.05 45.72 -14.01
N THR F 280 -24.20 46.09 -14.53
CA THR F 280 -24.29 46.79 -15.80
C THR F 280 -24.53 48.28 -15.55
N HIS F 281 -23.58 49.11 -16.02
CA HIS F 281 -23.67 50.56 -15.96
C HIS F 281 -24.16 51.08 -17.30
N VAL F 282 -25.20 51.92 -17.26
CA VAL F 282 -26.04 52.23 -18.42
C VAL F 282 -26.12 53.74 -18.59
N SER F 283 -26.09 54.20 -19.84
CA SER F 283 -26.25 55.60 -20.16
C SER F 283 -26.52 55.71 -21.65
N VAL F 284 -27.39 56.64 -22.04
CA VAL F 284 -27.74 56.83 -23.44
C VAL F 284 -27.43 58.29 -23.80
N TRP F 285 -26.80 58.50 -24.95
CA TRP F 285 -26.37 59.83 -25.38
C TRP F 285 -26.94 60.14 -26.77
N LYS F 286 -26.99 61.42 -27.10
CA LYS F 286 -27.53 61.84 -28.38
C LYS F 286 -27.02 63.23 -28.67
N ASN F 287 -26.70 63.49 -29.93
CA ASN F 287 -26.07 64.75 -30.32
C ASN F 287 -24.95 65.02 -29.32
N ASN F 288 -24.22 63.95 -29.01
CA ASN F 288 -22.98 63.96 -28.25
C ASN F 288 -23.10 64.51 -26.83
N GLU F 289 -24.29 64.47 -26.23
CA GLU F 289 -24.45 64.87 -24.83
C GLU F 289 -25.12 63.76 -24.04
N ASN F 290 -24.72 63.65 -22.76
CA ASN F 290 -25.24 62.59 -21.88
C ASN F 290 -26.66 62.92 -21.48
N LEU F 291 -27.62 62.17 -22.02
CA LEU F 291 -29.01 62.41 -21.64
C LEU F 291 -29.29 62.06 -20.19
N PHE F 292 -28.39 61.35 -19.52
CA PHE F 292 -28.61 60.98 -18.13
C PHE F 292 -28.13 62.05 -17.13
N SER F 293 -27.24 62.95 -17.55
CA SER F 293 -26.83 64.04 -16.69
C SER F 293 -27.91 65.11 -16.69
N GLY F 294 -28.19 65.61 -15.49
CA GLY F 294 -29.32 66.49 -15.29
C GLY F 294 -29.30 67.04 -13.88
N GLU F 295 -30.43 67.67 -13.49
CA GLU F 295 -30.49 68.38 -12.22
C GLU F 295 -31.79 68.13 -11.45
N THR F 296 -32.54 67.08 -11.81
CA THR F 296 -33.80 66.79 -11.12
C THR F 296 -33.57 66.05 -9.80
N TYR F 297 -32.58 65.14 -9.77
CA TYR F 297 -32.29 64.32 -8.59
C TYR F 297 -30.88 63.76 -8.68
N LYS F 298 -29.97 64.21 -7.80
CA LYS F 298 -28.65 63.58 -7.61
C LYS F 298 -27.81 63.56 -8.89
N GLY F 299 -27.85 64.65 -9.65
CA GLY F 299 -27.12 64.68 -10.91
C GLY F 299 -27.76 63.93 -12.07
N LEU F 300 -28.95 63.36 -11.86
CA LEU F 300 -29.73 62.68 -12.88
C LEU F 300 -30.75 63.61 -13.50
N SER F 301 -31.16 63.29 -14.73
CA SER F 301 -32.18 64.04 -15.43
C SER F 301 -33.51 63.28 -15.43
N GLU F 302 -34.58 64.03 -15.70
CA GLU F 302 -35.91 63.46 -15.85
C GLU F 302 -35.95 62.35 -16.92
N PHE F 303 -35.06 62.38 -17.91
CA PHE F 303 -34.95 61.27 -18.84
C PHE F 303 -34.33 60.05 -18.16
N ALA F 304 -33.10 60.20 -17.65
CA ALA F 304 -32.45 59.22 -16.78
C ALA F 304 -33.42 58.64 -15.76
N LEU F 305 -34.04 59.50 -14.96
CA LEU F 305 -34.90 59.03 -13.88
C LEU F 305 -36.15 58.33 -14.38
N HIS F 306 -36.52 58.51 -15.66
CA HIS F 306 -37.66 57.80 -16.25
C HIS F 306 -37.25 56.48 -16.88
N PHE F 307 -36.05 56.43 -17.47
CA PHE F 307 -35.45 55.18 -17.92
C PHE F 307 -35.49 54.14 -16.81
N LEU F 308 -34.92 54.49 -15.65
CA LEU F 308 -35.01 53.71 -14.43
C LEU F 308 -36.46 53.32 -14.07
N GLY F 309 -37.43 54.16 -14.42
CA GLY F 309 -38.82 53.77 -14.22
C GLY F 309 -39.25 52.64 -15.14
N GLY F 310 -38.63 52.54 -16.32
CA GLY F 310 -38.95 51.41 -17.20
C GLY F 310 -38.32 50.11 -16.74
N VAL F 311 -37.05 50.17 -16.33
CA VAL F 311 -36.40 48.97 -15.83
C VAL F 311 -37.15 48.47 -14.59
N LEU F 312 -37.26 49.32 -13.55
CA LEU F 312 -37.81 48.86 -12.28
C LEU F 312 -39.27 48.39 -12.40
N ARG F 313 -40.01 48.81 -13.44
CA ARG F 313 -41.38 48.33 -13.58
C ARG F 313 -41.42 46.95 -14.20
N HIS F 314 -40.64 46.74 -15.26
CA HIS F 314 -40.57 45.45 -15.89
C HIS F 314 -39.49 44.56 -15.29
N ALA F 315 -39.15 44.76 -14.00
CA ALA F 315 -37.95 44.13 -13.46
C ALA F 315 -38.13 42.64 -13.26
N ARG F 316 -39.35 42.18 -12.97
CA ARG F 316 -39.56 40.77 -12.66
C ARG F 316 -39.72 39.91 -13.91
N GLY F 317 -40.16 40.47 -15.04
CA GLY F 317 -40.08 39.76 -16.29
C GLY F 317 -38.71 39.91 -16.93
N LEU F 318 -38.12 41.09 -16.80
CA LEU F 318 -36.81 41.34 -17.36
C LEU F 318 -35.73 40.48 -16.70
N ALA F 319 -35.95 40.00 -15.47
CA ALA F 319 -34.98 39.13 -14.82
C ALA F 319 -34.86 37.76 -15.49
N ALA F 320 -35.89 37.36 -16.26
CA ALA F 320 -35.81 36.13 -17.02
C ALA F 320 -34.68 36.18 -18.03
N PHE F 321 -34.27 37.39 -18.45
CA PHE F 321 -33.16 37.53 -19.36
C PHE F 321 -31.87 37.94 -18.66
N THR F 322 -31.94 38.72 -17.58
CA THR F 322 -30.73 39.15 -16.87
C THR F 322 -30.23 38.11 -15.87
N ASN F 323 -31.09 37.18 -15.47
CA ASN F 323 -30.78 36.15 -14.49
C ASN F 323 -31.30 34.81 -15.02
N ALA F 324 -30.71 34.40 -16.15
CA ALA F 324 -31.30 33.39 -17.03
C ALA F 324 -30.99 31.95 -16.60
N SER F 325 -30.88 31.70 -15.30
CA SER F 325 -30.46 30.38 -14.83
C SER F 325 -31.00 30.18 -13.42
N THR F 326 -31.18 28.94 -13.00
CA THR F 326 -31.63 28.81 -11.62
C THR F 326 -30.54 29.26 -10.67
N ASN F 327 -29.29 29.10 -11.10
CA ASN F 327 -28.16 29.48 -10.27
C ASN F 327 -28.22 30.97 -9.94
N SER F 328 -28.70 31.80 -10.86
CA SER F 328 -28.87 33.23 -10.59
C SER F 328 -29.55 33.48 -9.24
N TYR F 329 -30.60 32.71 -8.94
CA TYR F 329 -31.49 33.01 -7.81
C TYR F 329 -30.97 32.51 -6.46
N LYS F 330 -29.86 31.75 -6.44
CA LYS F 330 -29.14 31.47 -5.20
C LYS F 330 -28.22 32.62 -4.79
N ARG F 331 -27.92 33.53 -5.72
CA ARG F 331 -27.20 34.77 -5.45
C ARG F 331 -28.15 35.86 -4.99
N LEU F 332 -29.32 35.94 -5.61
CA LEU F 332 -30.32 36.92 -5.23
C LEU F 332 -30.92 36.48 -3.91
N ILE F 333 -30.15 36.64 -2.84
CA ILE F 333 -30.45 36.25 -1.46
C ILE F 333 -29.83 37.35 -0.61
N PRO F 334 -30.51 37.85 0.42
CA PRO F 334 -29.98 39.01 1.13
C PRO F 334 -28.69 38.70 1.87
N GLY F 335 -27.83 39.71 1.95
CA GLY F 335 -26.66 39.67 2.80
C GLY F 335 -25.35 39.50 2.08
N TYR F 336 -25.35 39.41 0.75
CA TYR F 336 -24.14 39.07 0.01
C TYR F 336 -23.81 40.14 -1.03
N GLU F 337 -24.23 41.37 -0.73
CA GLU F 337 -24.00 42.51 -1.62
C GLU F 337 -24.72 42.39 -2.96
N ALA F 338 -25.83 41.64 -2.99
CA ALA F 338 -26.59 41.39 -4.20
C ALA F 338 -28.04 41.71 -3.95
N PRO F 339 -28.69 42.43 -4.88
CA PRO F 339 -29.97 43.08 -4.56
C PRO F 339 -31.15 42.13 -4.71
N SER F 340 -32.01 42.11 -3.70
CA SER F 340 -33.29 41.45 -3.84
C SER F 340 -34.44 42.44 -4.03
N ILE F 341 -34.37 43.66 -3.45
CA ILE F 341 -35.50 44.59 -3.40
C ILE F 341 -35.42 45.59 -4.55
N LEU F 342 -36.58 45.85 -5.19
CA LEU F 342 -36.66 46.61 -6.45
C LEU F 342 -36.88 48.10 -6.18
N THR F 343 -35.77 48.77 -5.90
CA THR F 343 -35.71 50.20 -5.66
C THR F 343 -34.26 50.60 -5.89
N TYR F 344 -33.98 51.89 -5.76
CA TYR F 344 -32.68 52.42 -6.15
C TYR F 344 -32.22 53.39 -5.09
N SER F 345 -30.92 53.71 -5.14
CA SER F 345 -30.28 54.45 -4.05
C SER F 345 -28.84 54.80 -4.42
N ALA F 346 -28.34 55.91 -3.89
CA ALA F 346 -27.00 56.37 -4.18
C ALA F 346 -26.07 55.92 -3.07
N ASN F 347 -24.92 55.33 -3.45
CA ASN F 347 -23.90 54.83 -2.51
C ASN F 347 -24.37 53.58 -1.76
N ASN F 348 -25.19 52.75 -2.39
CA ASN F 348 -25.98 51.70 -1.72
C ASN F 348 -25.87 50.40 -2.52
N ARG F 349 -25.08 49.44 -2.03
CA ARG F 349 -24.95 48.13 -2.65
C ARG F 349 -26.07 47.17 -2.27
N SER F 350 -27.03 47.64 -1.48
CA SER F 350 -28.19 46.88 -1.06
C SER F 350 -29.42 47.15 -1.92
N ALA F 351 -29.26 47.86 -3.04
CA ALA F 351 -30.37 48.22 -3.92
C ALA F 351 -30.21 47.57 -5.28
N SER F 352 -31.33 47.49 -6.01
CA SER F 352 -31.29 46.98 -7.38
C SER F 352 -30.44 47.88 -8.27
N VAL F 353 -30.56 49.19 -8.09
CA VAL F 353 -29.89 50.17 -8.91
C VAL F 353 -29.16 51.11 -7.97
N ARG F 354 -27.89 51.35 -8.25
CA ARG F 354 -27.03 52.23 -7.49
C ARG F 354 -26.72 53.47 -8.31
N ILE F 355 -26.59 54.61 -7.62
CA ILE F 355 -26.12 55.83 -8.26
C ILE F 355 -24.69 56.09 -7.80
N PRO F 356 -23.67 55.83 -8.62
CA PRO F 356 -22.29 56.10 -8.20
C PRO F 356 -22.05 57.56 -7.78
N TYR F 357 -21.25 57.72 -6.71
CA TYR F 357 -20.80 59.05 -6.31
C TYR F 357 -20.00 59.71 -7.42
N GLY F 358 -19.14 58.95 -8.08
CA GLY F 358 -18.54 59.43 -9.31
C GLY F 358 -19.62 59.72 -10.35
N ILE F 359 -20.17 60.93 -10.33
CA ILE F 359 -21.30 61.26 -11.20
C ILE F 359 -21.12 62.65 -11.82
N SER F 360 -20.22 62.74 -12.79
CA SER F 360 -19.97 64.00 -13.47
C SER F 360 -20.95 64.21 -14.63
N LYS F 361 -20.76 65.32 -15.34
CA LYS F 361 -21.54 65.60 -16.53
C LYS F 361 -21.33 64.55 -17.60
N ASN F 362 -20.19 63.84 -17.55
CA ASN F 362 -19.84 62.84 -18.53
C ASN F 362 -20.26 61.44 -18.07
N SER F 363 -19.94 61.09 -16.82
CA SER F 363 -20.12 59.74 -16.29
C SER F 363 -21.45 59.54 -15.58
N ALA F 364 -22.52 60.19 -16.04
CA ALA F 364 -23.83 60.00 -15.43
C ALA F 364 -24.42 58.68 -15.93
N ARG F 365 -24.52 57.69 -15.04
CA ARG F 365 -24.96 56.35 -15.38
C ARG F 365 -25.79 55.77 -14.23
N PHE F 366 -26.43 54.63 -14.48
CA PHE F 366 -26.94 53.75 -13.44
C PHE F 366 -26.08 52.51 -13.38
N GLU F 367 -25.87 51.98 -12.18
CA GLU F 367 -25.33 50.64 -12.01
C GLU F 367 -26.50 49.73 -11.66
N PHE F 368 -27.06 49.05 -12.67
CA PHE F 368 -28.06 48.00 -12.41
C PHE F 368 -27.33 46.79 -11.82
N ARG F 369 -27.43 46.61 -10.51
CA ARG F 369 -26.60 45.63 -9.82
C ARG F 369 -27.14 44.19 -9.93
N PHE F 370 -28.33 43.98 -10.54
CA PHE F 370 -28.97 42.66 -10.50
C PHE F 370 -28.63 41.65 -11.60
N PRO F 371 -28.14 42.05 -12.80
CA PRO F 371 -27.76 41.04 -13.79
C PRO F 371 -26.62 40.15 -13.30
N ASP F 372 -26.33 39.11 -14.08
CA ASP F 372 -25.15 38.29 -13.92
C ASP F 372 -24.81 37.61 -15.25
N SER F 373 -23.63 37.00 -15.28
CA SER F 373 -23.02 36.40 -16.45
C SER F 373 -23.59 35.01 -16.77
N SER F 374 -24.73 34.66 -16.22
CA SER F 374 -25.52 33.57 -16.76
C SER F 374 -26.58 34.10 -17.71
N SER F 375 -26.44 35.34 -18.15
CA SER F 375 -27.24 35.88 -19.22
C SER F 375 -26.45 35.87 -20.52
N ASN F 376 -27.10 35.50 -21.59
CA ASN F 376 -26.65 36.00 -22.88
C ASN F 376 -26.61 37.51 -22.81
N PRO F 377 -25.43 38.14 -22.91
CA PRO F 377 -25.36 39.60 -22.70
C PRO F 377 -25.93 40.43 -23.86
N TYR F 378 -25.95 39.87 -25.08
CA TYR F 378 -26.67 40.51 -26.17
C TYR F 378 -28.14 40.66 -25.82
N LEU F 379 -28.76 39.54 -25.39
CA LEU F 379 -30.14 39.56 -24.93
C LEU F 379 -30.32 40.51 -23.76
N ALA F 380 -29.40 40.48 -22.80
CA ALA F 380 -29.56 41.23 -21.57
C ALA F 380 -29.53 42.73 -21.81
N PHE F 381 -28.50 43.23 -22.50
CA PHE F 381 -28.45 44.66 -22.76
C PHE F 381 -29.57 45.06 -23.71
N ALA F 382 -29.99 44.17 -24.59
CA ALA F 382 -31.15 44.48 -25.40
C ALA F 382 -32.37 44.73 -24.52
N ALA F 383 -32.65 43.79 -23.61
CA ALA F 383 -33.90 43.88 -22.87
C ALA F 383 -33.87 45.00 -21.82
N ILE F 384 -32.69 45.27 -21.24
CA ILE F 384 -32.55 46.43 -20.36
C ILE F 384 -32.94 47.70 -21.11
N LEU F 385 -32.49 47.83 -22.36
CA LEU F 385 -32.82 49.03 -23.13
C LEU F 385 -34.32 49.09 -23.41
N MET F 386 -34.91 47.99 -23.87
CA MET F 386 -36.32 48.00 -24.24
C MET F 386 -37.22 48.36 -23.06
N ALA F 387 -36.91 47.85 -21.87
CA ALA F 387 -37.63 48.29 -20.69
C ALA F 387 -37.31 49.73 -20.37
N GLY F 388 -36.02 50.06 -20.31
CA GLY F 388 -35.59 51.41 -19.98
C GLY F 388 -36.04 52.45 -20.98
N MET F 389 -36.12 52.07 -22.25
CA MET F 389 -36.80 52.95 -23.22
C MET F 389 -38.25 53.16 -22.81
N ASP F 390 -39.05 52.08 -22.92
CA ASP F 390 -40.44 52.05 -22.47
C ASP F 390 -40.70 52.98 -21.28
N GLY F 391 -39.74 53.07 -20.35
CA GLY F 391 -39.87 54.01 -19.26
C GLY F 391 -40.08 55.43 -19.74
N VAL F 392 -39.34 55.85 -20.77
CA VAL F 392 -39.40 57.24 -21.23
C VAL F 392 -40.74 57.54 -21.89
N LYS F 393 -41.17 56.71 -22.84
CA LYS F 393 -42.42 57.00 -23.56
C LYS F 393 -43.59 57.15 -22.61
N ASN F 394 -43.62 56.35 -21.56
CA ASN F 394 -44.75 56.33 -20.66
C ASN F 394 -44.46 57.12 -19.40
N LYS F 395 -43.39 57.93 -19.43
CA LYS F 395 -42.90 58.74 -18.31
C LYS F 395 -43.10 58.03 -16.97
N ILE F 396 -42.61 56.79 -16.91
CA ILE F 396 -42.86 55.88 -15.79
C ILE F 396 -42.07 56.35 -14.58
N ASP F 397 -42.76 56.61 -13.48
CA ASP F 397 -42.21 57.24 -12.29
C ASP F 397 -41.43 56.21 -11.47
N PRO F 398 -40.19 56.52 -11.05
CA PRO F 398 -39.35 55.47 -10.44
C PRO F 398 -39.67 55.16 -8.99
N GLY F 399 -40.49 55.97 -8.33
CA GLY F 399 -40.67 55.85 -6.90
C GLY F 399 -39.66 56.67 -6.11
N GLU F 400 -39.81 56.62 -4.79
CA GLU F 400 -38.86 57.34 -3.93
C GLU F 400 -37.67 56.45 -3.58
N ALA F 401 -36.48 57.06 -3.65
CA ALA F 401 -35.24 56.44 -3.18
C ALA F 401 -35.39 55.87 -1.77
N MET F 402 -35.09 54.58 -1.66
CA MET F 402 -34.99 53.86 -0.39
C MET F 402 -33.51 53.76 -0.03
N ASP F 403 -33.02 54.77 0.69
CA ASP F 403 -31.60 54.82 1.03
C ASP F 403 -31.34 54.08 2.34
N ILE F 404 -31.83 52.85 2.43
CA ILE F 404 -31.75 51.99 3.62
C ILE F 404 -30.74 50.88 3.35
N ASN F 405 -30.22 50.30 4.42
CA ASN F 405 -29.66 48.96 4.29
C ASN F 405 -30.83 48.02 4.04
N LEU F 406 -31.22 47.89 2.76
CA LEU F 406 -32.49 47.23 2.42
C LEU F 406 -32.51 45.76 2.80
N PHE F 407 -31.40 45.19 3.25
CA PHE F 407 -31.44 43.85 3.82
C PHE F 407 -32.20 43.81 5.14
N LYS F 408 -32.00 44.84 5.97
CA LYS F 408 -32.54 44.82 7.32
C LYS F 408 -34.07 44.73 7.38
N LEU F 409 -34.78 44.91 6.26
CA LEU F 409 -36.24 44.78 6.26
C LEU F 409 -36.68 43.38 6.69
N THR F 410 -37.68 43.32 7.58
CA THR F 410 -38.30 42.04 7.93
C THR F 410 -39.24 41.60 6.83
N LEU F 411 -39.54 40.30 6.79
CA LEU F 411 -40.40 39.77 5.74
C LEU F 411 -41.76 40.45 5.76
N ASP F 412 -42.29 40.70 6.96
CA ASP F 412 -43.62 41.30 7.07
C ASP F 412 -43.59 42.80 6.72
N GLU F 413 -42.53 43.51 7.13
CA GLU F 413 -42.37 44.92 6.76
C GLU F 413 -42.29 45.10 5.25
N ILE F 414 -41.76 44.09 4.54
CA ILE F 414 -41.69 44.16 3.08
C ILE F 414 -43.07 44.02 2.46
N ARG F 415 -43.85 43.05 2.94
CA ARG F 415 -45.21 42.84 2.42
C ARG F 415 -46.10 44.04 2.71
N GLU F 416 -46.07 44.51 3.97
CA GLU F 416 -46.93 45.62 4.36
C GLU F 416 -46.52 46.91 3.67
N LYS F 417 -45.21 47.17 3.57
CA LYS F 417 -44.79 48.37 2.85
C LYS F 417 -45.09 48.31 1.36
N GLY F 418 -45.58 47.16 0.88
CA GLY F 418 -45.90 46.94 -0.54
C GLY F 418 -44.71 47.29 -1.43
N ILE F 419 -43.67 46.44 -1.31
CA ILE F 419 -42.39 46.62 -2.00
C ILE F 419 -42.21 45.54 -3.05
N LYS F 420 -41.95 45.94 -4.30
CA LYS F 420 -41.62 44.99 -5.34
C LYS F 420 -40.23 44.40 -5.09
N GLN F 421 -40.02 43.18 -5.60
CA GLN F 421 -38.81 42.45 -5.26
C GLN F 421 -38.53 41.40 -6.35
N MET F 422 -37.25 41.11 -6.59
CA MET F 422 -36.86 40.18 -7.62
C MET F 422 -37.43 38.79 -7.35
N PRO F 423 -37.67 37.99 -8.41
CA PRO F 423 -38.29 36.69 -8.19
C PRO F 423 -37.36 35.73 -7.47
N HIS F 424 -37.97 34.81 -6.74
CA HIS F 424 -37.21 33.79 -6.04
C HIS F 424 -36.80 32.63 -6.94
N THR F 425 -37.48 32.43 -8.07
CA THR F 425 -37.14 31.31 -8.95
C THR F 425 -36.98 31.80 -10.36
N LEU F 426 -36.24 31.01 -11.15
CA LEU F 426 -36.21 31.24 -12.59
C LEU F 426 -37.59 31.00 -13.19
N ARG F 427 -38.23 29.90 -12.81
CA ARG F 427 -39.59 29.62 -13.27
C ARG F 427 -40.47 30.86 -13.13
N ARG F 428 -40.41 31.49 -11.96
CA ARG F 428 -41.27 32.65 -11.72
C ARG F 428 -40.93 33.78 -12.69
N SER F 429 -39.66 34.17 -12.76
CA SER F 429 -39.35 35.30 -13.61
C SER F 429 -39.64 35.00 -15.08
N LEU F 430 -39.53 33.74 -15.51
CA LEU F 430 -39.95 33.35 -16.85
C LEU F 430 -41.45 33.51 -17.04
N GLU F 431 -42.22 33.29 -15.97
CA GLU F 431 -43.65 33.50 -16.05
C GLU F 431 -43.98 34.98 -16.06
N GLU F 432 -43.41 35.73 -15.12
CA GLU F 432 -43.63 37.18 -15.10
C GLU F 432 -43.30 37.80 -16.43
N MET F 433 -42.35 37.23 -17.17
CA MET F 433 -41.97 37.79 -18.46
C MET F 433 -42.94 37.40 -19.57
N LEU F 434 -43.49 36.19 -19.53
CA LEU F 434 -44.46 35.82 -20.56
C LEU F 434 -45.77 36.56 -20.39
N ALA F 435 -46.08 36.99 -19.17
CA ALA F 435 -47.22 37.84 -18.85
C ALA F 435 -46.98 39.32 -19.14
N ASP F 436 -45.73 39.72 -19.43
CA ASP F 436 -45.40 41.11 -19.78
C ASP F 436 -44.40 41.11 -20.92
N LYS F 437 -44.90 41.11 -22.15
CA LYS F 437 -44.04 41.02 -23.30
C LYS F 437 -44.06 42.26 -24.15
N GLN F 438 -45.13 43.06 -24.10
CA GLN F 438 -45.36 43.99 -25.22
C GLN F 438 -44.17 44.90 -25.42
N TYR F 439 -43.58 45.42 -24.33
CA TYR F 439 -42.42 46.32 -24.42
C TYR F 439 -41.17 45.70 -25.05
N LEU F 440 -41.03 44.38 -25.14
CA LEU F 440 -39.93 43.79 -25.91
C LEU F 440 -40.26 43.65 -27.39
N LYS F 441 -41.53 43.37 -27.72
CA LYS F 441 -41.95 43.15 -29.09
C LYS F 441 -42.03 44.44 -29.90
N GLU F 442 -41.85 45.60 -29.25
CA GLU F 442 -41.70 46.89 -29.92
C GLU F 442 -40.96 46.72 -31.22
N SER F 443 -41.45 47.39 -32.26
CA SER F 443 -40.69 47.53 -33.50
C SER F 443 -39.92 46.28 -33.83
N GLN F 444 -40.54 45.12 -33.56
CA GLN F 444 -40.11 43.78 -33.92
C GLN F 444 -38.82 43.32 -33.25
N VAL F 445 -38.33 44.00 -32.19
CA VAL F 445 -37.01 43.67 -31.65
C VAL F 445 -36.99 42.25 -31.07
N PHE F 446 -37.94 41.94 -30.21
CA PHE F 446 -38.10 40.58 -29.72
C PHE F 446 -39.31 39.97 -30.39
N SER F 447 -39.10 38.83 -31.05
CA SER F 447 -40.17 38.10 -31.73
C SER F 447 -40.99 37.32 -30.74
N GLU F 448 -42.31 37.30 -30.96
CA GLU F 448 -43.12 36.30 -30.30
C GLU F 448 -42.53 34.92 -30.51
N GLU F 449 -42.13 34.63 -31.75
CA GLU F 449 -41.53 33.33 -32.08
C GLU F 449 -40.33 33.06 -31.21
N PHE F 450 -39.39 34.01 -31.18
CA PHE F 450 -38.15 33.81 -30.43
C PHE F 450 -38.43 33.69 -28.93
N ILE F 451 -39.11 34.69 -28.36
CA ILE F 451 -39.50 34.64 -26.96
C ILE F 451 -40.05 33.26 -26.65
N GLN F 452 -40.88 32.74 -27.54
CA GLN F 452 -41.43 31.41 -27.32
C GLN F 452 -40.35 30.35 -27.29
N ALA F 453 -39.27 30.53 -28.07
CA ALA F 453 -38.23 29.52 -28.13
C ALA F 453 -37.28 29.62 -26.95
N TYR F 454 -36.99 30.85 -26.54
CA TYR F 454 -36.30 31.09 -25.27
C TYR F 454 -37.05 30.42 -24.13
N GLN F 455 -38.30 30.85 -23.95
CA GLN F 455 -39.28 30.33 -23.01
C GLN F 455 -39.25 28.81 -22.81
N SER F 456 -39.15 28.04 -23.90
CA SER F 456 -39.09 26.60 -23.71
C SER F 456 -37.66 26.16 -23.39
N LEU F 457 -36.67 26.76 -24.05
CA LEU F 457 -35.29 26.35 -23.85
C LEU F 457 -34.90 26.38 -22.39
N LYS F 458 -35.17 27.52 -21.72
CA LYS F 458 -34.88 27.63 -20.30
C LYS F 458 -35.71 26.67 -19.50
N PHE F 459 -37.00 26.52 -19.82
CA PHE F 459 -37.85 25.63 -19.04
C PHE F 459 -37.33 24.21 -19.07
N ASN F 460 -37.04 23.71 -20.28
CA ASN F 460 -36.64 22.33 -20.42
C ASN F 460 -35.21 22.10 -19.91
N ALA F 461 -34.36 23.12 -19.99
CA ALA F 461 -32.95 22.97 -19.72
C ALA F 461 -32.53 23.44 -18.33
N GLU F 462 -33.39 24.12 -17.58
CA GLU F 462 -33.02 24.62 -16.25
C GLU F 462 -34.10 24.42 -15.18
N VAL F 463 -35.36 24.69 -15.53
CA VAL F 463 -36.43 24.61 -14.55
C VAL F 463 -36.80 23.17 -14.23
N PHE F 464 -36.99 22.33 -15.27
CA PHE F 464 -37.44 20.93 -15.10
C PHE F 464 -36.37 20.03 -14.49
N PRO F 465 -35.09 20.14 -14.92
CA PRO F 465 -34.00 19.61 -14.10
C PRO F 465 -34.09 20.04 -12.63
N TRP F 466 -34.05 21.34 -12.36
CA TRP F 466 -34.02 21.81 -10.97
C TRP F 466 -35.18 21.26 -10.13
N GLU F 467 -36.32 21.00 -10.74
CA GLU F 467 -37.50 20.60 -9.99
C GLU F 467 -37.58 19.10 -9.77
N SER F 468 -36.78 18.31 -10.48
CA SER F 468 -36.88 16.86 -10.46
C SER F 468 -35.66 16.14 -9.91
N LYS F 469 -34.48 16.75 -9.94
CA LYS F 469 -33.27 16.08 -9.49
C LYS F 469 -33.16 16.34 -8.00
N PRO F 470 -33.30 15.33 -7.15
CA PRO F 470 -33.23 15.53 -5.70
C PRO F 470 -31.99 16.30 -5.29
N HIS F 471 -32.14 17.07 -4.25
CA HIS F 471 -31.14 17.99 -3.72
C HIS F 471 -30.51 17.41 -2.47
N PRO F 472 -29.21 17.43 -2.35
CA PRO F 472 -28.57 16.82 -1.19
C PRO F 472 -29.23 17.22 0.13
N PHE F 473 -29.51 18.52 0.28
CA PHE F 473 -29.99 19.04 1.55
C PHE F 473 -31.28 18.37 2.02
N GLU F 474 -32.08 17.81 1.12
CA GLU F 474 -33.33 17.20 1.57
C GLU F 474 -33.14 15.79 2.12
N PHE F 475 -31.91 15.29 2.18
CA PHE F 475 -31.69 14.05 2.90
C PHE F 475 -31.38 14.30 4.36
N ILE F 476 -30.68 15.39 4.66
CA ILE F 476 -30.64 15.92 6.01
C ILE F 476 -32.06 16.15 6.50
N THR F 477 -32.85 16.82 5.67
CA THR F 477 -34.19 17.27 6.01
C THR F 477 -35.17 16.11 6.09
N THR F 478 -35.19 15.25 5.05
CA THR F 478 -36.34 14.41 4.74
C THR F 478 -36.07 12.91 4.68
N TYR F 479 -34.82 12.48 4.56
CA TYR F 479 -34.52 11.06 4.55
C TYR F 479 -35.08 10.36 5.78
N SER F 480 -35.12 11.04 6.93
CA SER F 480 -35.61 10.46 8.18
C SER F 480 -37.02 10.89 8.53
N CYS F 481 -37.75 11.51 7.60
CA CYS F 481 -39.15 11.88 7.83
C CYS F 481 -40.02 10.72 8.41
N ASN G 7 -58.82 9.72 29.69
CA ASN G 7 -58.24 8.61 30.46
C ASN G 7 -59.02 8.31 31.75
N SER G 8 -59.91 7.31 31.70
CA SER G 8 -60.58 6.84 32.91
C SER G 8 -59.60 6.04 33.78
N GLU G 9 -59.90 6.01 35.09
CA GLU G 9 -59.14 5.18 36.02
C GLU G 9 -59.31 3.70 35.74
N SER G 10 -60.30 3.31 34.91
CA SER G 10 -60.37 1.97 34.35
C SER G 10 -59.18 1.68 33.44
N LYS G 11 -59.00 2.47 32.39
CA LYS G 11 -57.89 2.21 31.48
C LYS G 11 -56.55 2.35 32.20
N ILE G 12 -56.52 3.13 33.29
CA ILE G 12 -55.33 3.20 34.13
C ILE G 12 -55.12 1.88 34.89
N LYS G 13 -56.20 1.28 35.42
CA LYS G 13 -56.10 -0.05 36.04
C LYS G 13 -55.54 -1.06 35.04
N GLU G 14 -56.09 -1.04 33.82
CA GLU G 14 -55.76 -2.07 32.86
C GLU G 14 -54.37 -1.85 32.27
N PHE G 15 -53.93 -0.59 32.19
CA PHE G 15 -52.57 -0.31 31.76
C PHE G 15 -51.53 -0.83 32.77
N PHE G 16 -51.69 -0.45 34.04
CA PHE G 16 -50.75 -0.94 35.03
C PHE G 16 -50.75 -2.45 35.05
N GLU G 17 -51.92 -3.05 35.10
CA GLU G 17 -51.98 -4.49 35.11
C GLU G 17 -51.31 -5.09 33.88
N PHE G 18 -51.48 -4.46 32.71
CA PHE G 18 -50.75 -4.90 31.51
C PHE G 18 -49.23 -4.83 31.70
N CYS G 19 -48.74 -3.83 32.43
CA CYS G 19 -47.30 -3.67 32.62
C CYS G 19 -46.71 -4.59 33.68
N LYS G 20 -47.53 -5.16 34.57
CA LYS G 20 -47.03 -6.20 35.46
C LYS G 20 -46.85 -7.53 34.73
N GLU G 21 -47.74 -7.85 33.79
CA GLU G 21 -47.63 -9.17 33.19
C GLU G 21 -46.64 -9.22 32.04
N ASN G 22 -46.22 -8.08 31.51
CA ASN G 22 -45.17 -8.04 30.50
C ASN G 22 -43.82 -7.66 31.08
N GLU G 23 -43.76 -7.37 32.40
CA GLU G 23 -42.55 -7.11 33.20
C GLU G 23 -41.82 -5.87 32.70
N VAL G 24 -42.48 -4.76 32.86
CA VAL G 24 -42.09 -3.50 32.24
C VAL G 24 -41.17 -2.72 33.16
N GLU G 25 -40.05 -2.29 32.63
CA GLU G 25 -39.10 -1.52 33.40
C GLU G 25 -39.14 -0.05 33.06
N PHE G 26 -39.54 0.29 31.85
CA PHE G 26 -39.59 1.69 31.45
C PHE G 26 -40.90 1.96 30.71
N VAL G 27 -41.43 3.17 30.89
CA VAL G 27 -42.58 3.66 30.14
C VAL G 27 -42.08 4.79 29.23
N ASP G 28 -41.94 4.44 27.96
CA ASP G 28 -41.46 5.31 26.87
C ASP G 28 -42.62 6.14 26.33
N PHE G 29 -42.77 7.39 26.80
CA PHE G 29 -43.83 8.28 26.30
C PHE G 29 -43.45 8.89 24.96
N ARG G 30 -44.39 8.90 24.00
CA ARG G 30 -44.08 9.40 22.66
C ARG G 30 -45.10 10.43 22.17
N PHE G 31 -44.71 11.16 21.14
CA PHE G 31 -45.47 12.29 20.64
C PHE G 31 -44.78 12.82 19.39
N SER G 32 -45.58 13.42 18.50
CA SER G 32 -45.14 13.87 17.20
C SER G 32 -45.23 15.39 17.10
N ASP G 33 -44.16 16.02 16.63
CA ASP G 33 -44.08 17.46 16.43
C ASP G 33 -44.76 17.87 15.11
N ILE G 34 -44.47 19.07 14.62
CA ILE G 34 -45.19 19.52 13.43
C ILE G 34 -44.59 18.90 12.17
N LYS G 35 -43.27 18.70 12.16
CA LYS G 35 -42.65 17.95 11.07
C LYS G 35 -43.29 16.56 10.95
N GLY G 36 -43.65 15.94 12.09
CA GLY G 36 -44.00 14.53 12.16
C GLY G 36 -42.91 13.66 12.76
N THR G 37 -41.80 14.25 13.22
CA THR G 37 -40.78 13.49 13.92
C THR G 37 -41.35 12.89 15.19
N TRP G 38 -41.28 11.58 15.31
CA TRP G 38 -41.73 10.91 16.52
C TRP G 38 -40.64 11.01 17.60
N ASN G 39 -40.98 11.65 18.73
CA ASN G 39 -40.04 11.87 19.84
C ASN G 39 -40.44 11.02 21.06
N HIS G 40 -39.45 10.60 21.88
CA HIS G 40 -39.73 9.82 23.09
C HIS G 40 -38.99 10.34 24.30
N ILE G 41 -39.54 10.01 25.48
CA ILE G 41 -38.91 10.31 26.77
C ILE G 41 -39.39 9.28 27.78
N ALA G 42 -38.46 8.62 28.48
CA ALA G 42 -38.76 7.40 29.20
C ALA G 42 -38.54 7.54 30.70
N TYR G 43 -39.40 6.86 31.47
CA TYR G 43 -39.46 6.92 32.92
C TYR G 43 -39.21 5.54 33.49
N SER G 44 -38.39 5.49 34.54
CA SER G 44 -38.26 4.23 35.27
C SER G 44 -39.64 3.83 35.74
N PHE G 45 -40.02 2.58 35.47
CA PHE G 45 -41.40 2.19 35.66
C PHE G 45 -41.83 2.31 37.11
N GLY G 46 -40.97 1.88 38.02
CA GLY G 46 -41.27 2.01 39.44
C GLY G 46 -41.57 3.41 39.87
N ALA G 47 -41.12 4.40 39.10
CA ALA G 47 -41.41 5.80 39.37
C ALA G 47 -42.82 6.22 38.99
N LEU G 48 -43.46 5.49 38.09
CA LEU G 48 -44.72 5.93 37.49
C LEU G 48 -45.87 5.87 38.50
N THR G 49 -46.79 6.83 38.37
CA THR G 49 -47.79 7.15 39.36
C THR G 49 -49.15 7.30 38.70
N HIS G 50 -50.21 6.81 39.35
CA HIS G 50 -51.55 7.06 38.86
C HIS G 50 -51.78 8.56 38.62
N GLY G 51 -51.39 9.39 39.59
CA GLY G 51 -51.55 10.83 39.45
C GLY G 51 -50.77 11.44 38.31
N MET G 52 -49.81 10.72 37.75
CA MET G 52 -49.06 11.25 36.63
C MET G 52 -49.73 11.00 35.29
N LEU G 53 -50.45 9.88 35.16
CA LEU G 53 -51.16 9.57 33.94
C LEU G 53 -52.53 10.23 33.90
N LYS G 54 -52.81 11.08 34.88
CA LYS G 54 -54.01 11.87 34.88
C LYS G 54 -53.76 13.32 34.45
N GLU G 55 -52.67 13.95 34.91
CA GLU G 55 -52.44 15.33 34.50
C GLU G 55 -51.02 15.62 34.00
N GLY G 56 -50.19 14.59 33.83
CA GLY G 56 -49.21 14.56 32.75
C GLY G 56 -47.75 14.67 33.17
N ILE G 57 -46.92 14.60 32.14
CA ILE G 57 -45.47 14.69 32.24
C ILE G 57 -45.08 16.07 31.73
N PRO G 58 -44.24 16.82 32.42
CA PRO G 58 -43.72 18.07 31.86
C PRO G 58 -42.55 17.80 30.93
N PHE G 59 -42.31 18.75 30.03
CA PHE G 59 -41.14 18.65 29.15
C PHE G 59 -40.76 20.03 28.61
N ASP G 60 -39.59 20.09 27.97
CA ASP G 60 -39.05 21.32 27.41
C ASP G 60 -39.67 21.48 26.02
N ALA G 61 -40.65 22.38 25.91
CA ALA G 61 -41.32 22.49 24.62
C ALA G 61 -40.57 23.39 23.64
N SER G 62 -39.56 24.13 24.10
CA SER G 62 -38.87 25.07 23.23
C SER G 62 -37.96 24.39 22.19
N CYS G 63 -37.71 23.09 22.31
CA CYS G 63 -36.84 22.44 21.34
C CYS G 63 -37.55 21.94 20.09
N PHE G 64 -38.72 22.49 19.75
CA PHE G 64 -39.46 21.98 18.61
C PHE G 64 -39.85 23.16 17.72
N LYS G 65 -39.42 23.12 16.46
CA LYS G 65 -39.67 24.24 15.56
C LYS G 65 -41.18 24.42 15.40
N GLY G 66 -41.67 25.63 15.66
CA GLY G 66 -43.09 25.90 15.59
C GLY G 66 -43.81 25.98 16.93
N TRP G 67 -43.26 25.38 18.00
CA TRP G 67 -43.97 25.39 19.28
C TRP G 67 -43.59 26.56 20.18
N GLN G 68 -43.29 26.28 21.44
CA GLN G 68 -43.10 27.36 22.40
C GLN G 68 -41.80 28.10 22.17
N GLY G 69 -41.70 29.29 22.76
CA GLY G 69 -40.46 30.02 22.85
C GLY G 69 -39.88 29.93 24.25
N ILE G 70 -38.54 29.97 24.33
CA ILE G 70 -37.77 29.57 25.50
C ILE G 70 -38.25 30.20 26.83
N GLU G 71 -39.04 31.26 26.76
CA GLU G 71 -39.47 31.90 28.01
C GLU G 71 -40.82 31.39 28.49
N HIS G 72 -41.62 30.74 27.63
CA HIS G 72 -42.71 29.84 28.05
C HIS G 72 -42.41 28.45 27.51
N SER G 73 -41.34 27.84 28.02
CA SER G 73 -40.89 26.55 27.48
C SER G 73 -41.64 25.36 28.07
N ASP G 74 -42.10 25.46 29.31
CA ASP G 74 -42.77 24.35 29.96
C ASP G 74 -44.10 24.03 29.28
N MET G 75 -44.35 22.74 29.10
CA MET G 75 -45.61 22.23 28.59
C MET G 75 -45.84 20.86 29.20
N ILE G 76 -47.03 20.29 28.97
CA ILE G 76 -47.40 19.03 29.58
C ILE G 76 -47.77 18.04 28.47
N LEU G 77 -47.04 16.91 28.41
CA LEU G 77 -47.48 15.75 27.67
C LEU G 77 -48.54 15.01 28.46
N THR G 78 -49.68 14.75 27.82
CA THR G 78 -50.80 14.04 28.45
C THR G 78 -50.88 12.65 27.83
N PRO G 79 -50.74 11.62 28.64
CA PRO G 79 -50.82 10.26 28.09
C PRO G 79 -52.24 9.92 27.65
N ASP G 80 -52.29 9.06 26.65
CA ASP G 80 -53.51 8.55 26.04
C ASP G 80 -53.35 7.05 25.92
N LEU G 81 -54.08 6.29 26.74
CA LEU G 81 -53.86 4.85 26.88
C LEU G 81 -54.67 4.05 25.85
N VAL G 82 -54.29 4.23 24.58
CA VAL G 82 -54.79 3.41 23.47
C VAL G 82 -53.62 3.03 22.57
N ARG G 83 -53.63 1.79 22.07
CA ARG G 83 -52.61 1.31 21.14
C ARG G 83 -51.21 1.39 21.72
N TYR G 84 -51.07 1.27 23.04
CA TYR G 84 -49.73 1.10 23.61
C TYR G 84 -49.21 -0.28 23.22
N PHE G 85 -47.90 -0.46 23.35
CA PHE G 85 -47.31 -1.71 22.90
C PHE G 85 -45.89 -1.84 23.43
N ILE G 86 -45.49 -3.09 23.70
CA ILE G 86 -44.11 -3.43 24.04
C ILE G 86 -43.18 -3.06 22.90
N ASP G 87 -42.13 -2.30 23.20
CA ASP G 87 -41.12 -2.01 22.20
C ASP G 87 -40.33 -3.27 21.87
N PRO G 88 -40.40 -3.77 20.63
CA PRO G 88 -39.60 -4.95 20.30
C PRO G 88 -38.12 -4.74 20.45
N PHE G 89 -37.63 -3.53 20.18
CA PHE G 89 -36.23 -3.32 19.85
C PHE G 89 -35.33 -3.03 21.04
N SER G 90 -35.83 -2.31 22.04
CA SER G 90 -35.04 -2.03 23.24
C SER G 90 -34.71 -3.31 24.01
N ALA G 91 -33.58 -3.26 24.74
CA ALA G 91 -33.06 -4.45 25.41
C ALA G 91 -33.70 -4.66 26.78
N ASP G 92 -34.14 -3.60 27.44
CA ASP G 92 -34.83 -3.64 28.72
C ASP G 92 -36.30 -3.30 28.50
N VAL G 93 -37.20 -4.03 29.16
CA VAL G 93 -38.58 -4.03 28.71
C VAL G 93 -39.14 -2.63 28.83
N SER G 94 -39.63 -2.11 27.72
CA SER G 94 -40.25 -0.79 27.70
C SER G 94 -41.64 -0.92 27.09
N VAL G 95 -42.54 -0.03 27.49
CA VAL G 95 -43.85 0.12 26.86
C VAL G 95 -43.94 1.51 26.22
N VAL G 96 -44.25 1.55 24.94
CA VAL G 96 -44.45 2.82 24.23
C VAL G 96 -45.89 3.30 24.41
N VAL G 97 -46.05 4.54 24.87
CA VAL G 97 -47.35 5.15 25.13
C VAL G 97 -47.45 6.47 24.40
N PHE G 98 -48.48 6.61 23.55
CA PHE G 98 -48.80 7.86 22.87
C PHE G 98 -49.17 8.97 23.85
N CYS G 99 -48.88 10.20 23.49
CA CYS G 99 -49.29 11.33 24.29
C CYS G 99 -49.70 12.47 23.39
N ASP G 100 -50.49 13.38 23.95
CA ASP G 100 -50.74 14.71 23.39
C ASP G 100 -49.90 15.75 24.11
N VAL G 101 -49.95 16.97 23.59
CA VAL G 101 -49.36 18.14 24.22
C VAL G 101 -50.48 18.98 24.80
N TYR G 102 -50.34 19.35 26.07
CA TYR G 102 -51.31 20.20 26.76
C TYR G 102 -50.72 21.59 26.97
N ASP G 103 -51.49 22.61 26.62
CA ASP G 103 -51.07 23.99 26.82
C ASP G 103 -51.42 24.46 28.24
N VAL G 104 -50.41 24.72 29.05
CA VAL G 104 -50.62 25.08 30.43
C VAL G 104 -50.64 26.59 30.63
N TYR G 105 -50.70 27.36 29.55
CA TYR G 105 -50.91 28.81 29.56
C TYR G 105 -52.33 29.18 29.15
N LYS G 106 -52.84 28.54 28.10
CA LYS G 106 -54.22 28.61 27.68
C LYS G 106 -55.10 27.52 28.32
N ASN G 107 -54.48 26.57 29.03
CA ASN G 107 -55.19 25.56 29.81
C ASN G 107 -56.12 24.75 28.91
N GLN G 108 -55.54 24.20 27.84
CA GLN G 108 -56.29 23.46 26.83
C GLN G 108 -55.34 22.54 26.09
N PRO G 109 -55.85 21.43 25.51
CA PRO G 109 -55.06 20.72 24.49
C PRO G 109 -54.41 21.68 23.52
N TYR G 110 -53.14 21.45 23.20
CA TYR G 110 -52.30 22.40 22.44
C TYR G 110 -52.81 22.56 21.00
N GLU G 111 -53.11 23.80 20.62
CA GLU G 111 -53.55 24.07 19.25
C GLU G 111 -52.46 23.81 18.19
N LYS G 112 -51.22 23.53 18.59
CA LYS G 112 -50.17 23.18 17.64
C LYS G 112 -49.69 21.74 17.78
N CYS G 113 -50.36 20.90 18.59
CA CYS G 113 -50.06 19.47 18.60
C CYS G 113 -50.81 18.76 17.47
N PRO G 114 -50.11 18.19 16.50
CA PRO G 114 -50.81 17.58 15.38
C PRO G 114 -51.82 16.57 15.80
N ARG G 115 -51.54 15.78 16.84
CA ARG G 115 -52.45 14.71 17.21
C ARG G 115 -53.73 15.30 17.76
N SER G 116 -53.66 16.38 18.53
CA SER G 116 -54.87 17.05 18.99
C SER G 116 -55.65 17.63 17.80
N ILE G 117 -54.97 18.32 16.87
CA ILE G 117 -55.66 18.89 15.71
C ILE G 117 -56.44 17.80 14.98
N ALA G 118 -55.80 16.66 14.73
CA ALA G 118 -56.50 15.55 14.10
C ALA G 118 -57.67 15.07 14.97
N LYS G 119 -57.49 15.05 16.30
CA LYS G 119 -58.63 14.78 17.19
C LYS G 119 -59.74 15.81 17.01
N LYS G 120 -59.38 17.08 16.81
CA LYS G 120 -60.39 18.10 16.63
C LYS G 120 -61.14 17.90 15.33
N ALA G 121 -60.46 17.36 14.31
CA ALA G 121 -61.08 17.08 13.03
C ALA G 121 -62.07 15.92 13.13
N LEU G 122 -61.68 14.82 13.76
CA LEU G 122 -62.60 13.69 13.88
C LEU G 122 -63.84 14.09 14.65
N GLN G 123 -63.64 14.84 15.73
CA GLN G 123 -64.76 15.35 16.49
C GLN G 123 -65.64 16.26 15.64
N HIS G 124 -65.02 17.18 14.88
CA HIS G 124 -65.80 18.17 14.14
C HIS G 124 -66.76 17.47 13.17
N LEU G 125 -66.32 16.39 12.53
CA LEU G 125 -67.20 15.59 11.68
C LEU G 125 -68.37 15.02 12.47
N LYS G 126 -68.09 14.47 13.65
CA LYS G 126 -69.14 14.01 14.55
C LYS G 126 -70.13 15.14 14.74
N ASP G 127 -69.70 16.19 15.44
CA ASP G 127 -70.59 17.32 15.77
C ASP G 127 -71.29 17.93 14.54
N SER G 128 -70.72 17.77 13.34
CA SER G 128 -71.31 18.34 12.14
C SER G 128 -72.52 17.53 11.67
N GLY G 129 -72.63 16.28 12.10
CA GLY G 129 -73.73 15.45 11.69
C GLY G 129 -73.55 14.82 10.33
N LEU G 130 -72.44 15.10 9.64
CA LEU G 130 -72.21 14.50 8.34
C LEU G 130 -71.87 13.03 8.45
N GLY G 131 -71.28 12.60 9.55
CA GLY G 131 -70.90 11.19 9.65
C GLY G 131 -70.44 10.83 11.03
N ASP G 132 -70.48 9.53 11.30
CA ASP G 132 -70.04 9.03 12.60
C ASP G 132 -68.52 8.88 12.67
N VAL G 133 -67.91 8.36 11.59
CA VAL G 133 -66.49 8.03 11.53
C VAL G 133 -65.97 8.22 10.10
N ALA G 134 -64.66 8.48 9.99
CA ALA G 134 -63.94 8.61 8.73
C ALA G 134 -62.76 7.65 8.76
N TYR G 135 -62.81 6.60 7.94
CA TYR G 135 -61.80 5.56 7.88
C TYR G 135 -60.67 5.92 6.93
N PHE G 136 -59.43 5.80 7.39
CA PHE G 136 -58.26 6.13 6.57
C PHE G 136 -57.38 4.90 6.41
N GLY G 137 -57.11 4.53 5.17
CA GLY G 137 -56.14 3.50 4.86
C GLY G 137 -54.93 4.17 4.23
N ALA G 138 -53.74 3.78 4.67
CA ALA G 138 -52.52 4.41 4.21
C ALA G 138 -51.57 3.35 3.67
N GLU G 139 -51.18 3.50 2.41
CA GLU G 139 -50.15 2.67 1.80
C GLU G 139 -48.82 3.40 1.96
N ASN G 140 -47.92 2.85 2.77
CA ASN G 140 -46.68 3.58 3.11
C ASN G 140 -45.46 2.89 2.49
N GLU G 141 -45.17 3.25 1.25
CA GLU G 141 -44.02 2.71 0.53
C GLU G 141 -42.70 3.27 1.03
N PHE G 142 -41.66 2.45 0.96
CA PHE G 142 -40.38 2.81 1.54
C PHE G 142 -39.26 2.24 0.70
N PHE G 143 -38.04 2.72 0.96
CA PHE G 143 -36.84 2.11 0.41
C PHE G 143 -35.95 1.53 1.52
N ILE G 144 -35.34 0.38 1.24
CA ILE G 144 -34.30 -0.17 2.11
C ILE G 144 -32.96 -0.09 1.39
N PHE G 145 -32.12 0.84 1.83
CA PHE G 145 -30.78 1.06 1.33
C PHE G 145 -29.71 0.39 2.20
N ASP G 146 -28.52 0.31 1.63
CA ASP G 146 -27.34 -0.19 2.32
C ASP G 146 -26.52 0.93 2.94
N SER G 147 -26.40 2.06 2.24
CA SER G 147 -25.57 3.16 2.69
C SER G 147 -26.18 4.47 2.22
N ILE G 148 -26.00 5.52 3.03
CA ILE G 148 -26.43 6.88 2.70
C ILE G 148 -25.35 7.86 3.17
N LYS G 149 -24.74 8.57 2.22
CA LYS G 149 -23.80 9.65 2.51
C LYS G 149 -24.34 11.01 2.03
N ILE G 150 -24.11 12.05 2.83
CA ILE G 150 -24.52 13.42 2.54
C ILE G 150 -23.38 14.35 2.91
N LYS G 151 -23.15 15.40 2.11
CA LYS G 151 -22.26 16.50 2.48
C LYS G 151 -22.89 17.85 2.17
N ASP G 152 -22.87 18.77 3.15
CA ASP G 152 -23.64 20.03 3.13
C ASP G 152 -22.69 21.20 3.41
N ALA G 153 -21.87 21.57 2.43
CA ALA G 153 -20.73 22.44 2.68
C ALA G 153 -20.83 23.74 1.89
N SER G 154 -19.76 24.55 2.01
CA SER G 154 -19.70 25.79 1.24
C SER G 154 -19.21 25.53 -0.15
N ASN G 155 -18.24 24.64 -0.31
CA ASN G 155 -17.69 24.36 -1.61
C ASN G 155 -18.27 23.10 -2.22
N SER G 156 -19.30 22.48 -1.57
CA SER G 156 -19.77 21.18 -2.04
C SER G 156 -21.15 20.70 -1.55
N GLN G 157 -22.01 20.21 -2.46
CA GLN G 157 -23.21 19.46 -2.08
C GLN G 157 -23.10 18.05 -2.62
N TYR G 158 -23.51 17.06 -1.82
CA TYR G 158 -23.29 15.67 -2.18
C TYR G 158 -24.32 14.79 -1.52
N TYR G 159 -24.84 13.82 -2.28
CA TYR G 159 -25.58 12.70 -1.72
C TYR G 159 -25.35 11.47 -2.58
N GLU G 160 -25.23 10.32 -1.91
CA GLU G 160 -25.20 9.00 -2.53
C GLU G 160 -26.02 8.04 -1.67
N VAL G 161 -27.07 7.42 -2.27
CA VAL G 161 -27.65 6.24 -1.65
C VAL G 161 -26.90 5.04 -2.21
N ASP G 162 -26.78 3.97 -1.43
CA ASP G 162 -26.33 2.72 -1.98
C ASP G 162 -27.33 1.63 -1.63
N SER G 163 -27.45 0.68 -2.56
CA SER G 163 -28.11 -0.60 -2.34
C SER G 163 -27.55 -1.59 -3.37
N GLU G 164 -27.39 -2.84 -2.93
CA GLU G 164 -26.97 -3.91 -3.83
C GLU G 164 -27.99 -4.17 -4.93
N GLU G 165 -29.25 -3.84 -4.70
CA GLU G 165 -30.19 -3.97 -5.81
C GLU G 165 -29.90 -2.96 -6.91
N GLY G 166 -29.19 -1.88 -6.60
CA GLY G 166 -29.12 -0.76 -7.53
C GLY G 166 -28.32 -1.08 -8.78
N GLU G 167 -28.80 -0.59 -9.93
CA GLU G 167 -28.18 -0.82 -11.23
C GLU G 167 -26.81 -0.16 -11.39
N TRP G 168 -26.45 0.79 -10.52
CA TRP G 168 -25.13 1.42 -10.46
C TRP G 168 -24.04 0.49 -9.90
N ASN G 169 -24.38 -0.76 -9.57
CA ASN G 169 -23.45 -1.73 -9.00
C ASN G 169 -23.33 -2.99 -9.85
N ARG G 170 -23.89 -2.99 -11.06
CA ARG G 170 -23.81 -4.19 -11.87
C ARG G 170 -22.37 -4.62 -12.12
N ASP G 171 -21.42 -3.69 -12.09
CA ASP G 171 -20.04 -3.94 -12.51
C ASP G 171 -19.06 -3.83 -11.36
N ARG G 172 -19.51 -3.97 -10.13
CA ARG G 172 -18.70 -3.68 -8.97
C ARG G 172 -18.37 -4.97 -8.23
N SER G 173 -17.25 -4.97 -7.51
CA SER G 173 -16.86 -6.11 -6.69
C SER G 173 -17.32 -5.92 -5.26
N PHE G 174 -17.83 -7.02 -4.67
CA PHE G 174 -18.23 -7.01 -3.27
C PHE G 174 -17.28 -7.83 -2.42
N GLU G 175 -17.79 -8.89 -1.75
CA GLU G 175 -17.07 -9.45 -0.60
C GLU G 175 -15.70 -9.99 -1.00
N ASN G 176 -15.62 -10.83 -2.02
CA ASN G 176 -14.32 -11.37 -2.41
C ASN G 176 -14.15 -11.30 -3.93
N GLY G 177 -14.08 -10.07 -4.45
CA GLY G 177 -14.01 -9.81 -5.87
C GLY G 177 -15.25 -10.19 -6.66
N VAL G 178 -16.37 -10.46 -5.97
CA VAL G 178 -17.51 -11.23 -6.47
C VAL G 178 -18.77 -10.37 -6.47
N ASN G 179 -19.65 -10.62 -7.46
CA ASN G 179 -20.90 -9.88 -7.67
C ASN G 179 -21.98 -10.82 -8.19
N PHE G 180 -23.08 -10.99 -7.45
CA PHE G 180 -24.00 -12.10 -7.75
C PHE G 180 -24.98 -11.84 -8.88
N GLY G 181 -24.95 -10.68 -9.53
CA GLY G 181 -25.89 -10.37 -10.59
C GLY G 181 -27.31 -10.35 -10.11
N HIS G 182 -28.23 -10.77 -11.01
CA HIS G 182 -29.66 -10.86 -10.74
C HIS G 182 -30.21 -9.58 -10.13
N ARG G 183 -30.40 -8.55 -10.95
CA ARG G 183 -30.89 -7.29 -10.43
C ARG G 183 -32.16 -6.87 -11.15
N PRO G 184 -33.09 -6.24 -10.47
CA PRO G 184 -34.14 -5.50 -11.18
C PRO G 184 -33.54 -4.21 -11.72
N GLY G 185 -33.98 -3.79 -12.88
CA GLY G 185 -33.42 -2.57 -13.42
C GLY G 185 -34.14 -1.37 -12.85
N LYS G 186 -33.76 -0.19 -13.36
CA LYS G 186 -34.64 0.97 -13.23
C LYS G 186 -36.08 0.52 -13.42
N GLN G 187 -36.94 0.82 -12.44
CA GLN G 187 -38.38 0.57 -12.54
C GLN G 187 -38.73 -0.92 -12.67
N GLY G 188 -37.83 -1.82 -12.29
CA GLY G 188 -38.08 -3.24 -12.43
C GLY G 188 -38.48 -4.02 -11.19
N GLY G 189 -38.66 -3.36 -10.04
CA GLY G 189 -38.83 -4.13 -8.83
C GLY G 189 -40.15 -4.83 -8.66
N TYR G 190 -41.10 -4.67 -9.60
CA TYR G 190 -42.48 -5.14 -9.43
C TYR G 190 -42.88 -6.35 -10.28
N MET G 191 -43.00 -7.57 -9.71
CA MET G 191 -42.51 -8.01 -8.38
C MET G 191 -41.79 -9.34 -8.53
N PRO G 192 -40.65 -9.35 -9.23
CA PRO G 192 -40.00 -10.62 -9.52
C PRO G 192 -39.62 -11.34 -8.24
N VAL G 193 -39.61 -12.68 -8.32
CA VAL G 193 -39.20 -13.59 -7.25
C VAL G 193 -37.72 -13.44 -6.92
N PRO G 194 -37.28 -13.89 -5.74
CA PRO G 194 -35.86 -14.09 -5.43
C PRO G 194 -35.13 -14.95 -6.48
N PRO G 195 -33.82 -14.71 -6.67
CA PRO G 195 -32.93 -13.76 -6.01
C PRO G 195 -33.08 -12.27 -6.36
N THR G 196 -33.56 -11.91 -7.57
CA THR G 196 -33.78 -10.50 -7.92
C THR G 196 -34.46 -9.72 -6.79
N ASP G 197 -35.44 -10.34 -6.15
CA ASP G 197 -36.11 -9.79 -4.99
C ASP G 197 -35.27 -10.14 -3.76
N THR G 198 -34.55 -9.18 -3.22
CA THR G 198 -33.61 -9.51 -2.17
C THR G 198 -34.19 -9.33 -0.78
N MET G 199 -35.50 -9.22 -0.65
CA MET G 199 -36.07 -8.77 0.62
C MET G 199 -37.30 -9.57 1.04
N MET G 200 -37.47 -10.79 0.54
CA MET G 200 -38.56 -11.63 1.01
C MET G 200 -38.54 -11.78 2.53
N ASP G 201 -37.35 -11.89 3.14
CA ASP G 201 -37.29 -12.23 4.56
C ASP G 201 -37.31 -11.01 5.46
N ILE G 202 -36.75 -9.89 4.98
CA ILE G 202 -36.79 -8.67 5.78
C ILE G 202 -38.19 -8.03 5.72
N ARG G 203 -38.96 -8.31 4.66
CA ARG G 203 -40.35 -7.85 4.63
C ARG G 203 -41.20 -8.70 5.55
N THR G 204 -41.02 -10.02 5.52
CA THR G 204 -41.79 -10.83 6.45
C THR G 204 -41.44 -10.50 7.90
N GLU G 205 -40.18 -10.15 8.20
CA GLU G 205 -39.83 -9.71 9.56
C GLU G 205 -40.64 -8.50 9.94
N ILE G 206 -40.73 -7.54 9.01
CA ILE G 206 -41.46 -6.30 9.28
C ILE G 206 -42.91 -6.61 9.62
N VAL G 207 -43.62 -7.24 8.70
CA VAL G 207 -45.03 -7.64 8.90
C VAL G 207 -45.25 -8.29 10.25
N LYS G 208 -44.38 -9.22 10.63
CA LYS G 208 -44.53 -9.89 11.92
C LYS G 208 -44.41 -8.89 13.07
N VAL G 209 -43.41 -8.01 13.01
CA VAL G 209 -43.21 -7.00 14.07
C VAL G 209 -44.25 -5.90 14.01
N LEU G 210 -44.93 -5.74 12.87
CA LEU G 210 -46.17 -4.98 12.86
C LEU G 210 -47.28 -5.75 13.55
N ASN G 211 -47.33 -7.08 13.36
CA ASN G 211 -48.31 -7.87 14.08
C ASN G 211 -48.10 -7.72 15.60
N GLN G 212 -46.86 -7.88 16.07
CA GLN G 212 -46.57 -7.71 17.49
C GLN G 212 -47.04 -6.35 18.01
N VAL G 213 -46.68 -5.27 17.32
CA VAL G 213 -46.97 -3.94 17.83
C VAL G 213 -48.40 -3.51 17.65
N GLY G 214 -49.26 -4.34 17.03
CA GLY G 214 -50.70 -4.06 17.06
C GLY G 214 -51.47 -3.73 15.79
N LEU G 215 -50.83 -3.86 14.63
CA LEU G 215 -51.44 -3.53 13.36
C LEU G 215 -51.87 -4.80 12.63
N GLU G 216 -53.04 -4.76 12.02
CA GLU G 216 -53.48 -5.79 11.09
C GLU G 216 -52.86 -5.52 9.73
N THR G 217 -52.18 -6.52 9.19
CA THR G 217 -51.50 -6.46 7.91
C THR G 217 -52.22 -7.34 6.89
N PHE G 218 -52.07 -7.02 5.59
CA PHE G 218 -52.57 -7.99 4.59
C PHE G 218 -51.61 -8.19 3.41
N VAL G 219 -51.45 -7.26 2.46
CA VAL G 219 -50.44 -7.46 1.41
C VAL G 219 -49.06 -7.20 2.00
N VAL G 220 -48.05 -7.91 1.53
CA VAL G 220 -46.68 -7.40 1.56
C VAL G 220 -46.02 -7.71 0.20
N HIS G 221 -45.45 -6.71 -0.44
CA HIS G 221 -44.81 -6.90 -1.74
C HIS G 221 -43.61 -6.00 -1.87
N HIS G 222 -42.78 -6.32 -2.85
CA HIS G 222 -41.77 -5.38 -3.35
C HIS G 222 -42.46 -4.35 -4.24
N GLU G 223 -41.99 -3.11 -4.23
CA GLU G 223 -42.61 -2.11 -5.08
C GLU G 223 -41.75 -1.88 -6.31
N VAL G 224 -42.16 -0.92 -7.15
CA VAL G 224 -41.62 -0.80 -8.51
C VAL G 224 -40.15 -0.33 -8.54
N ALA G 225 -39.74 0.51 -7.60
CA ALA G 225 -38.38 1.04 -7.68
C ALA G 225 -37.37 0.02 -7.15
N GLN G 226 -36.08 0.37 -7.25
CA GLN G 226 -35.06 -0.66 -7.10
C GLN G 226 -35.14 -1.31 -5.72
N ALA G 227 -35.10 -0.52 -4.65
CA ALA G 227 -35.05 -1.11 -3.31
C ALA G 227 -36.36 -0.94 -2.51
N GLN G 228 -37.49 -0.92 -3.19
CA GLN G 228 -38.74 -0.43 -2.59
C GLN G 228 -39.61 -1.55 -1.98
N GLY G 229 -40.65 -1.14 -1.26
CA GLY G 229 -41.54 -2.08 -0.61
C GLY G 229 -42.76 -1.39 -0.06
N GLU G 230 -43.79 -2.19 0.24
CA GLU G 230 -45.09 -1.74 0.73
C GLU G 230 -45.76 -2.84 1.54
N VAL G 231 -46.33 -2.45 2.66
CA VAL G 231 -47.04 -3.38 3.52
C VAL G 231 -48.44 -2.80 3.70
N GLY G 232 -49.45 -3.59 3.38
CA GLY G 232 -50.81 -3.11 3.52
C GLY G 232 -51.28 -3.22 4.97
N VAL G 233 -51.99 -2.20 5.42
CA VAL G 233 -52.47 -2.16 6.80
C VAL G 233 -53.97 -1.86 6.80
N LYS G 234 -54.72 -2.64 7.57
CA LYS G 234 -56.16 -2.44 7.66
C LYS G 234 -56.44 -1.03 8.17
N PHE G 235 -57.43 -0.38 7.58
CA PHE G 235 -57.69 1.02 7.85
C PHE G 235 -58.06 1.23 9.32
N GLY G 236 -57.80 2.42 9.83
CA GLY G 236 -58.20 2.80 11.16
C GLY G 236 -59.07 4.02 11.10
N ASP G 237 -59.45 4.51 12.29
CA ASP G 237 -60.08 5.83 12.30
C ASP G 237 -59.01 6.89 12.03
N LEU G 238 -59.45 8.10 11.71
CA LEU G 238 -58.52 9.16 11.33
C LEU G 238 -57.32 9.16 12.26
N VAL G 239 -57.56 9.20 13.57
CA VAL G 239 -56.45 9.30 14.51
C VAL G 239 -55.66 8.00 14.55
N GLU G 240 -56.36 6.87 14.62
CA GLU G 240 -55.70 5.57 14.72
C GLU G 240 -54.88 5.26 13.49
N ALA G 241 -55.38 5.62 12.31
CA ALA G 241 -54.61 5.49 11.08
C ALA G 241 -53.33 6.31 11.16
N ALA G 242 -53.44 7.52 11.70
CA ALA G 242 -52.24 8.33 11.87
C ALA G 242 -51.31 7.71 12.90
N ASP G 243 -51.87 7.14 13.96
CA ASP G 243 -51.02 6.50 14.97
C ASP G 243 -50.23 5.36 14.36
N ASN G 244 -50.91 4.48 13.63
CA ASN G 244 -50.23 3.35 13.02
C ASN G 244 -49.32 3.78 11.89
N VAL G 245 -49.43 4.99 11.38
CA VAL G 245 -48.41 5.43 10.43
C VAL G 245 -47.09 5.65 11.16
N GLN G 246 -47.14 6.28 12.35
CA GLN G 246 -45.95 6.39 13.20
C GLN G 246 -45.49 5.02 13.72
N LYS G 247 -46.42 4.15 14.12
CA LYS G 247 -46.02 2.80 14.53
C LYS G 247 -45.27 2.09 13.40
N LEU G 248 -45.88 2.03 12.21
CA LEU G 248 -45.24 1.43 11.06
C LEU G 248 -43.85 2.02 10.82
N LYS G 249 -43.78 3.33 10.56
CA LYS G 249 -42.51 3.97 10.23
C LYS G 249 -41.41 3.59 11.21
N TYR G 250 -41.73 3.53 12.50
CA TYR G 250 -40.79 3.09 13.51
C TYR G 250 -40.26 1.70 13.17
N VAL G 251 -41.15 0.72 13.23
CA VAL G 251 -40.83 -0.68 12.93
C VAL G 251 -39.96 -0.82 11.67
N VAL G 252 -40.38 -0.25 10.55
CA VAL G 252 -39.64 -0.39 9.30
C VAL G 252 -38.24 0.20 9.42
N LYS G 253 -38.10 1.37 10.07
CA LYS G 253 -36.77 1.95 10.20
C LYS G 253 -35.89 1.13 11.15
N MET G 254 -36.49 0.51 12.16
CA MET G 254 -35.70 -0.32 13.07
C MET G 254 -35.40 -1.70 12.51
N VAL G 255 -36.28 -2.28 11.69
CA VAL G 255 -35.94 -3.59 11.17
C VAL G 255 -34.88 -3.46 10.09
N ALA G 256 -34.87 -2.32 9.40
CA ALA G 256 -33.73 -1.99 8.54
C ALA G 256 -32.47 -1.92 9.37
N HIS G 257 -32.50 -1.17 10.48
CA HIS G 257 -31.29 -0.96 11.27
C HIS G 257 -30.71 -2.28 11.78
N LEU G 258 -31.51 -3.11 12.45
CA LEU G 258 -30.93 -4.33 13.01
C LEU G 258 -30.55 -5.38 11.97
N ASN G 259 -30.93 -5.22 10.69
CA ASN G 259 -30.45 -6.10 9.64
C ASN G 259 -29.25 -5.54 8.87
N GLY G 260 -28.66 -4.44 9.36
CA GLY G 260 -27.47 -3.89 8.78
C GLY G 260 -27.72 -2.89 7.68
N LYS G 261 -28.89 -2.24 7.71
CA LYS G 261 -29.45 -1.51 6.57
C LYS G 261 -30.04 -0.21 7.08
N THR G 262 -30.51 0.62 6.16
CA THR G 262 -31.02 1.91 6.55
C THR G 262 -32.20 2.18 5.64
N ALA G 263 -33.32 2.65 6.20
CA ALA G 263 -34.55 2.79 5.42
C ALA G 263 -34.95 4.26 5.29
N THR G 264 -35.93 4.52 4.42
CA THR G 264 -36.43 5.87 4.24
C THR G 264 -37.82 5.83 3.63
N PHE G 265 -38.67 6.69 4.14
CA PHE G 265 -39.96 6.98 3.52
C PHE G 265 -39.89 8.23 2.67
N MET G 266 -38.70 8.75 2.43
CA MET G 266 -38.62 10.01 1.71
C MET G 266 -39.25 9.87 0.33
N PRO G 267 -39.81 10.95 -0.23
CA PRO G 267 -40.62 10.80 -1.46
C PRO G 267 -39.83 10.40 -2.72
N LYS G 268 -38.59 10.85 -2.91
CA LYS G 268 -37.89 10.66 -4.18
C LYS G 268 -36.37 10.63 -3.97
N PRO G 269 -35.82 9.49 -3.55
CA PRO G 269 -34.38 9.39 -3.26
C PRO G 269 -33.51 9.07 -4.46
N LEU G 270 -34.10 8.71 -5.59
CA LEU G 270 -33.39 8.27 -6.78
C LEU G 270 -33.98 8.96 -8.00
N TYR G 271 -33.17 9.75 -8.72
CA TYR G 271 -33.63 10.30 -9.99
C TYR G 271 -33.89 9.18 -11.00
N GLY G 272 -35.03 9.27 -11.68
CA GLY G 272 -35.33 8.40 -12.79
C GLY G 272 -36.04 7.11 -12.45
N ASP G 273 -36.24 6.84 -11.16
CA ASP G 273 -36.93 5.64 -10.70
C ASP G 273 -38.17 6.09 -9.95
N ASN G 274 -39.02 5.15 -9.59
CA ASN G 274 -40.30 5.56 -9.01
C ASN G 274 -40.07 6.31 -7.71
N GLY G 275 -41.12 7.02 -7.26
CA GLY G 275 -41.10 7.69 -5.98
C GLY G 275 -41.62 6.80 -4.86
N SER G 276 -41.67 7.37 -3.66
CA SER G 276 -42.38 6.78 -2.53
C SER G 276 -43.62 7.61 -2.25
N GLY G 277 -44.81 7.04 -2.52
CA GLY G 277 -46.06 7.69 -2.17
C GLY G 277 -46.65 7.20 -0.86
N MET G 278 -47.56 7.99 -0.30
CA MET G 278 -48.45 7.55 0.78
C MET G 278 -49.88 7.61 0.25
N HIS G 279 -50.34 6.52 -0.36
CA HIS G 279 -51.71 6.45 -0.84
C HIS G 279 -52.68 6.41 0.33
N THR G 280 -53.60 7.37 0.34
CA THR G 280 -54.58 7.53 1.40
C THR G 280 -55.94 7.01 0.91
N HIS G 281 -56.37 5.87 1.47
CA HIS G 281 -57.71 5.35 1.23
C HIS G 281 -58.67 5.83 2.33
N VAL G 282 -59.79 6.41 1.91
CA VAL G 282 -60.65 7.22 2.78
C VAL G 282 -62.11 6.86 2.49
N SER G 283 -62.89 6.60 3.54
CA SER G 283 -64.34 6.44 3.45
C SER G 283 -64.98 6.96 4.75
N VAL G 284 -66.22 7.46 4.64
CA VAL G 284 -66.91 8.11 5.76
C VAL G 284 -68.24 7.40 5.99
N TRP G 285 -68.48 6.96 7.22
CA TRP G 285 -69.63 6.14 7.57
C TRP G 285 -70.47 6.82 8.64
N LYS G 286 -71.74 6.43 8.70
CA LYS G 286 -72.61 6.92 9.75
C LYS G 286 -73.65 5.85 10.02
N ASN G 287 -73.89 5.57 11.30
CA ASN G 287 -74.88 4.58 11.72
C ASN G 287 -74.63 3.20 11.13
N ASN G 288 -73.38 2.80 10.93
CA ASN G 288 -72.95 1.50 10.37
C ASN G 288 -73.12 1.36 8.87
N GLU G 289 -73.46 2.44 8.16
CA GLU G 289 -73.56 2.43 6.71
C GLU G 289 -72.43 3.24 6.11
N ASN G 290 -71.93 2.80 4.97
CA ASN G 290 -70.84 3.51 4.28
C ASN G 290 -71.48 4.55 3.36
N LEU G 291 -71.41 5.81 3.78
CA LEU G 291 -72.01 6.89 3.02
C LEU G 291 -71.40 7.03 1.64
N PHE G 292 -70.20 6.53 1.44
CA PHE G 292 -69.62 6.57 0.10
C PHE G 292 -70.28 5.56 -0.83
N SER G 293 -71.06 4.65 -0.30
CA SER G 293 -71.67 3.63 -1.12
C SER G 293 -72.94 4.16 -1.77
N GLY G 294 -73.00 4.03 -3.09
CA GLY G 294 -74.14 4.47 -3.85
C GLY G 294 -74.13 3.90 -5.25
N GLU G 295 -74.76 4.66 -6.15
CA GLU G 295 -74.92 4.27 -7.54
C GLU G 295 -74.62 5.44 -8.44
N THR G 296 -74.08 6.52 -7.91
CA THR G 296 -73.92 7.71 -8.72
C THR G 296 -72.77 7.58 -9.70
N TYR G 297 -71.66 7.01 -9.25
CA TYR G 297 -70.52 6.82 -10.13
C TYR G 297 -69.71 5.64 -9.61
N LYS G 298 -69.58 4.60 -10.43
CA LYS G 298 -68.70 3.46 -10.17
C LYS G 298 -68.82 2.91 -8.74
N GLY G 299 -70.06 2.74 -8.27
CA GLY G 299 -70.31 2.21 -6.95
C GLY G 299 -70.30 3.20 -5.80
N LEU G 300 -70.09 4.48 -6.05
CA LEU G 300 -70.02 5.48 -5.01
C LEU G 300 -71.24 6.38 -5.04
N SER G 301 -71.47 7.04 -3.92
CA SER G 301 -72.63 7.87 -3.71
C SER G 301 -72.36 9.34 -4.11
N GLU G 302 -73.40 10.17 -4.03
CA GLU G 302 -73.21 11.61 -4.18
C GLU G 302 -72.33 12.15 -3.07
N PHE G 303 -72.64 11.79 -1.83
CA PHE G 303 -71.80 12.17 -0.70
C PHE G 303 -70.34 11.99 -1.09
N ALA G 304 -70.03 10.80 -1.60
CA ALA G 304 -68.66 10.50 -2.01
C ALA G 304 -68.17 11.54 -2.99
N LEU G 305 -68.86 11.69 -4.13
CA LEU G 305 -68.32 12.54 -5.19
C LEU G 305 -68.06 13.94 -4.69
N HIS G 306 -68.99 14.47 -3.90
CA HIS G 306 -68.90 15.84 -3.38
C HIS G 306 -67.77 15.95 -2.35
N PHE G 307 -67.63 14.95 -1.48
CA PHE G 307 -66.43 14.87 -0.66
C PHE G 307 -65.22 15.05 -1.56
N LEU G 308 -65.17 14.27 -2.65
CA LEU G 308 -64.09 14.34 -3.62
C LEU G 308 -64.01 15.72 -4.24
N GLY G 309 -65.17 16.29 -4.61
CA GLY G 309 -65.24 17.68 -5.03
C GLY G 309 -64.51 18.60 -4.07
N GLY G 310 -64.67 18.38 -2.77
CA GLY G 310 -63.98 19.21 -1.81
C GLY G 310 -62.47 19.08 -1.92
N VAL G 311 -61.98 17.84 -1.97
CA VAL G 311 -60.53 17.64 -1.89
C VAL G 311 -59.84 18.27 -3.08
N LEU G 312 -60.37 18.04 -4.30
CA LEU G 312 -59.76 18.59 -5.51
C LEU G 312 -59.86 20.11 -5.54
N ARG G 313 -60.95 20.69 -5.03
CA ARG G 313 -61.04 22.14 -5.02
C ARG G 313 -59.84 22.71 -4.27
N HIS G 314 -59.60 22.21 -3.06
CA HIS G 314 -58.63 22.76 -2.13
C HIS G 314 -57.28 22.08 -2.26
N ALA G 315 -57.10 21.21 -3.23
CA ALA G 315 -55.89 20.41 -3.27
C ALA G 315 -54.64 21.28 -3.26
N ARG G 316 -54.58 22.27 -4.15
CA ARG G 316 -53.35 23.05 -4.27
C ARG G 316 -52.88 23.59 -2.92
N GLY G 317 -53.79 24.11 -2.10
CA GLY G 317 -53.40 24.50 -0.75
C GLY G 317 -53.18 23.29 0.15
N LEU G 318 -54.07 22.31 0.06
CA LEU G 318 -53.97 21.07 0.82
C LEU G 318 -52.60 20.40 0.67
N ALA G 319 -52.00 20.46 -0.51
CA ALA G 319 -50.75 19.75 -0.77
C ALA G 319 -49.60 20.31 0.05
N ALA G 320 -49.73 21.53 0.56
CA ALA G 320 -48.73 22.03 1.51
C ALA G 320 -48.74 21.20 2.79
N PHE G 321 -49.89 20.60 3.11
CA PHE G 321 -50.05 19.76 4.28
C PHE G 321 -49.87 18.28 4.00
N THR G 322 -50.17 17.84 2.78
CA THR G 322 -50.04 16.44 2.42
C THR G 322 -48.75 16.11 1.70
N ASN G 323 -48.10 17.10 1.09
CA ASN G 323 -46.79 16.96 0.45
C ASN G 323 -45.93 18.08 1.04
N ALA G 324 -45.27 17.78 2.17
CA ALA G 324 -44.82 18.79 3.11
C ALA G 324 -43.34 19.14 2.98
N SER G 325 -42.68 18.76 1.88
CA SER G 325 -41.23 18.91 1.79
C SER G 325 -40.85 19.17 0.35
N THR G 326 -39.75 19.91 0.13
CA THR G 326 -39.40 20.24 -1.25
C THR G 326 -39.24 18.95 -2.06
N ASN G 327 -38.81 17.89 -1.40
CA ASN G 327 -38.56 16.61 -2.05
C ASN G 327 -39.84 15.90 -2.44
N SER G 328 -40.96 16.25 -1.81
CA SER G 328 -42.26 15.80 -2.29
C SER G 328 -42.49 16.16 -3.75
N TYR G 329 -41.97 17.29 -4.19
CA TYR G 329 -42.28 17.83 -5.51
C TYR G 329 -41.35 17.31 -6.59
N LYS G 330 -40.18 16.80 -6.20
CA LYS G 330 -39.38 15.97 -7.11
C LYS G 330 -40.14 14.76 -7.55
N ARG G 331 -41.05 14.27 -6.69
CA ARG G 331 -41.82 13.06 -6.96
C ARG G 331 -43.03 13.33 -7.86
N LEU G 332 -43.58 14.55 -7.83
CA LEU G 332 -44.85 14.84 -8.49
C LEU G 332 -44.65 15.23 -9.95
N ILE G 333 -44.22 14.24 -10.75
CA ILE G 333 -43.81 14.45 -12.14
C ILE G 333 -44.14 13.20 -12.93
N PRO G 334 -44.51 13.38 -14.21
CA PRO G 334 -45.10 12.28 -14.98
C PRO G 334 -44.13 11.15 -15.30
N GLY G 335 -44.69 9.95 -15.39
CA GLY G 335 -43.99 8.77 -15.85
C GLY G 335 -43.53 7.82 -14.77
N TYR G 336 -44.06 7.94 -13.55
CA TYR G 336 -43.63 7.14 -12.41
C TYR G 336 -44.78 6.79 -11.48
N GLU G 337 -46.01 6.81 -12.00
CA GLU G 337 -47.23 6.44 -11.28
C GLU G 337 -47.56 7.41 -10.13
N ALA G 338 -47.05 8.68 -10.16
CA ALA G 338 -47.52 9.74 -9.26
C ALA G 338 -48.35 10.77 -10.02
N PRO G 339 -49.36 11.37 -9.37
CA PRO G 339 -50.23 12.31 -10.08
C PRO G 339 -49.66 13.71 -10.07
N SER G 340 -49.64 14.34 -11.24
CA SER G 340 -49.44 15.78 -11.36
C SER G 340 -50.73 16.52 -11.68
N ILE G 341 -51.74 15.79 -12.17
CA ILE G 341 -52.96 16.36 -12.73
C ILE G 341 -54.08 16.09 -11.73
N LEU G 342 -54.80 17.15 -11.36
CA LEU G 342 -55.81 17.07 -10.30
C LEU G 342 -57.12 16.61 -10.91
N THR G 343 -57.23 15.32 -11.18
CA THR G 343 -58.50 14.75 -11.60
C THR G 343 -58.64 13.37 -11.02
N TYR G 344 -59.79 12.74 -11.28
CA TYR G 344 -60.12 11.42 -10.75
C TYR G 344 -60.53 10.50 -11.89
N SER G 345 -60.37 9.20 -11.65
CA SER G 345 -60.64 8.21 -12.68
C SER G 345 -60.59 6.85 -12.01
N ALA G 346 -61.45 5.93 -12.46
CA ALA G 346 -61.43 4.57 -11.93
C ALA G 346 -60.37 3.74 -12.65
N ASN G 347 -59.51 3.08 -11.87
CA ASN G 347 -58.47 2.11 -12.27
C ASN G 347 -57.27 2.79 -12.92
N ASN G 348 -57.15 4.10 -12.76
CA ASN G 348 -56.09 4.88 -13.39
C ASN G 348 -55.07 5.30 -12.33
N ARG G 349 -53.84 4.82 -12.49
CA ARG G 349 -52.76 5.16 -11.57
C ARG G 349 -52.03 6.43 -11.98
N SER G 350 -52.50 7.11 -13.03
CA SER G 350 -51.98 8.40 -13.45
C SER G 350 -52.88 9.56 -13.02
N ALA G 351 -53.95 9.29 -12.28
CA ALA G 351 -54.82 10.33 -11.76
C ALA G 351 -54.44 10.67 -10.31
N SER G 352 -54.97 11.80 -9.83
CA SER G 352 -54.78 12.13 -8.42
C SER G 352 -55.53 11.17 -7.52
N VAL G 353 -56.78 10.84 -7.85
CA VAL G 353 -57.59 9.92 -7.06
C VAL G 353 -58.05 8.77 -7.93
N ARG G 354 -58.01 7.56 -7.37
CA ARG G 354 -58.37 6.32 -8.06
C ARG G 354 -59.53 5.66 -7.33
N ILE G 355 -60.54 5.24 -8.07
CA ILE G 355 -61.57 4.38 -7.46
C ILE G 355 -61.10 2.96 -7.65
N PRO G 356 -60.61 2.31 -6.59
CA PRO G 356 -60.08 0.96 -6.75
C PRO G 356 -61.20 0.02 -7.21
N TYR G 357 -60.81 -1.05 -7.91
CA TYR G 357 -61.80 -1.83 -8.63
C TYR G 357 -62.74 -2.57 -7.69
N GLY G 358 -62.23 -3.51 -6.90
CA GLY G 358 -63.08 -4.51 -6.24
C GLY G 358 -64.16 -3.99 -5.30
N ILE G 359 -64.94 -3.00 -5.75
CA ILE G 359 -65.70 -2.14 -4.85
C ILE G 359 -67.03 -2.79 -4.43
N SER G 360 -67.21 -2.94 -3.12
CA SER G 360 -68.45 -3.35 -2.51
C SER G 360 -68.97 -2.23 -1.63
N LYS G 361 -70.16 -2.44 -1.09
CA LYS G 361 -70.73 -1.45 -0.17
C LYS G 361 -69.87 -1.28 1.07
N ASN G 362 -69.20 -2.34 1.51
CA ASN G 362 -68.26 -2.20 2.61
C ASN G 362 -66.97 -1.52 2.19
N SER G 363 -66.59 -1.64 0.90
CA SER G 363 -65.27 -1.22 0.43
C SER G 363 -65.29 0.05 -0.41
N ALA G 364 -66.41 0.73 -0.55
CA ALA G 364 -66.42 2.01 -1.26
C ALA G 364 -65.52 3.03 -0.55
N ARG G 365 -64.57 3.57 -1.29
CA ARG G 365 -63.55 4.45 -0.74
C ARG G 365 -62.99 5.20 -1.92
N PHE G 366 -62.13 6.16 -1.64
CA PHE G 366 -61.27 6.78 -2.63
C PHE G 366 -59.82 6.49 -2.27
N GLU G 367 -58.99 6.31 -3.28
CA GLU G 367 -57.55 6.34 -3.07
C GLU G 367 -57.04 7.67 -3.58
N PHE G 368 -56.72 8.58 -2.65
CA PHE G 368 -55.96 9.78 -2.94
C PHE G 368 -54.49 9.40 -3.05
N ARG G 369 -53.88 9.64 -4.22
CA ARG G 369 -52.51 9.20 -4.49
C ARG G 369 -51.43 10.27 -4.38
N PHE G 370 -51.79 11.55 -4.32
CA PHE G 370 -50.81 12.63 -4.33
C PHE G 370 -50.00 12.79 -3.03
N PRO G 371 -50.46 12.38 -1.84
CA PRO G 371 -49.65 12.64 -0.63
C PRO G 371 -48.39 11.76 -0.57
N ASP G 372 -47.45 12.17 0.28
CA ASP G 372 -46.29 11.34 0.57
C ASP G 372 -46.04 11.30 2.07
N SER G 373 -45.11 10.45 2.48
CA SER G 373 -44.91 10.21 3.90
C SER G 373 -44.11 11.31 4.59
N SER G 374 -43.44 12.17 3.83
CA SER G 374 -42.83 13.35 4.45
C SER G 374 -43.87 14.23 5.12
N SER G 375 -45.14 14.09 4.76
CA SER G 375 -46.18 14.86 5.41
C SER G 375 -46.35 14.39 6.85
N ASN G 376 -46.98 15.24 7.65
CA ASN G 376 -47.38 14.82 8.98
C ASN G 376 -48.70 14.07 8.87
N PRO G 377 -48.71 12.77 9.16
CA PRO G 377 -49.95 11.98 9.04
C PRO G 377 -51.16 12.53 9.79
N TYR G 378 -50.99 13.05 11.02
CA TYR G 378 -52.10 13.67 11.73
C TYR G 378 -52.59 14.91 10.99
N LEU G 379 -51.67 15.81 10.61
CA LEU G 379 -52.09 17.03 9.94
C LEU G 379 -52.61 16.71 8.54
N ALA G 380 -51.94 15.80 7.82
CA ALA G 380 -52.36 15.43 6.46
C ALA G 380 -53.77 14.84 6.46
N PHE G 381 -54.09 13.98 7.43
CA PHE G 381 -55.43 13.38 7.44
C PHE G 381 -56.48 14.38 7.87
N ALA G 382 -56.21 15.12 8.95
CA ALA G 382 -57.13 16.17 9.36
C ALA G 382 -57.44 17.06 8.15
N ALA G 383 -56.40 17.53 7.47
CA ALA G 383 -56.61 18.49 6.39
C ALA G 383 -57.55 17.91 5.33
N ILE G 384 -57.28 16.68 4.86
CA ILE G 384 -58.13 16.03 3.88
C ILE G 384 -59.57 15.99 4.35
N LEU G 385 -59.80 15.56 5.59
CA LEU G 385 -61.17 15.53 6.09
C LEU G 385 -61.83 16.88 5.95
N MET G 386 -61.18 17.94 6.45
CA MET G 386 -61.75 19.29 6.33
C MET G 386 -61.99 19.66 4.87
N ALA G 387 -60.96 19.51 4.01
CA ALA G 387 -61.14 19.75 2.59
C ALA G 387 -62.36 19.05 2.05
N GLY G 388 -62.71 17.89 2.60
CA GLY G 388 -63.79 17.09 2.05
C GLY G 388 -65.13 17.38 2.68
N MET G 389 -65.09 17.66 3.98
CA MET G 389 -66.26 18.16 4.68
C MET G 389 -66.78 19.42 4.01
N ASP G 390 -65.87 20.36 3.73
CA ASP G 390 -66.21 21.55 2.98
C ASP G 390 -66.92 21.21 1.70
N GLY G 391 -66.54 20.09 1.09
CA GLY G 391 -67.14 19.67 -0.15
C GLY G 391 -68.52 19.06 0.04
N VAL G 392 -68.72 18.28 1.10
CA VAL G 392 -70.05 17.71 1.34
C VAL G 392 -71.06 18.81 1.59
N LYS G 393 -70.68 19.76 2.47
CA LYS G 393 -71.57 20.82 2.92
C LYS G 393 -71.90 21.79 1.80
N ASN G 394 -70.93 22.08 0.93
CA ASN G 394 -71.11 23.04 -0.13
C ASN G 394 -71.49 22.39 -1.46
N LYS G 395 -71.78 21.09 -1.47
CA LYS G 395 -72.04 20.30 -2.68
C LYS G 395 -71.13 20.70 -3.84
N ILE G 396 -69.83 20.60 -3.61
CA ILE G 396 -68.85 20.93 -4.64
C ILE G 396 -68.78 19.78 -5.63
N ASP G 397 -68.81 20.08 -6.90
CA ASP G 397 -68.87 19.09 -7.96
C ASP G 397 -67.49 18.78 -8.47
N PRO G 398 -67.05 17.51 -8.49
CA PRO G 398 -65.64 17.22 -8.77
C PRO G 398 -65.26 17.21 -10.24
N GLY G 399 -66.08 17.79 -11.10
CA GLY G 399 -65.90 17.63 -12.53
C GLY G 399 -66.32 16.25 -12.95
N GLU G 400 -65.95 15.88 -14.18
CA GLU G 400 -66.14 14.50 -14.61
C GLU G 400 -64.81 13.76 -14.59
N ALA G 401 -64.85 12.50 -14.99
CA ALA G 401 -63.66 11.68 -14.91
C ALA G 401 -62.80 11.84 -16.15
N MET G 402 -61.54 11.48 -16.00
CA MET G 402 -60.53 11.67 -17.03
C MET G 402 -59.86 10.32 -17.27
N ASP G 403 -60.52 9.48 -18.07
CA ASP G 403 -60.13 8.08 -18.23
C ASP G 403 -59.07 7.93 -19.34
N ILE G 404 -57.93 8.58 -19.15
CA ILE G 404 -56.82 8.53 -20.10
C ILE G 404 -55.52 8.25 -19.36
N ASN G 405 -54.45 8.20 -20.13
CA ASN G 405 -53.11 8.30 -19.59
C ASN G 405 -52.82 9.79 -19.48
N LEU G 406 -52.98 10.32 -18.27
CA LEU G 406 -52.76 11.74 -18.04
C LEU G 406 -51.30 12.14 -18.25
N PHE G 407 -50.37 11.17 -18.23
CA PHE G 407 -48.97 11.48 -18.47
C PHE G 407 -48.70 11.81 -19.93
N LYS G 408 -49.63 11.47 -20.82
CA LYS G 408 -49.47 11.66 -22.26
C LYS G 408 -49.98 13.03 -22.71
N LEU G 409 -50.25 13.92 -21.78
CA LEU G 409 -50.82 15.23 -22.06
C LEU G 409 -49.69 16.24 -22.24
N THR G 410 -49.59 16.83 -23.42
CA THR G 410 -48.50 17.72 -23.78
C THR G 410 -48.56 19.03 -23.00
N LEU G 411 -47.39 19.66 -22.85
CA LEU G 411 -47.17 20.91 -22.12
C LEU G 411 -48.31 21.94 -22.21
N ASP G 412 -48.46 22.62 -23.35
CA ASP G 412 -49.49 23.65 -23.51
C ASP G 412 -50.87 23.08 -23.84
N GLU G 413 -51.07 21.77 -23.65
CA GLU G 413 -52.36 21.10 -23.84
C GLU G 413 -53.11 20.89 -22.52
N ILE G 414 -52.41 20.53 -21.44
CA ILE G 414 -53.08 20.42 -20.14
C ILE G 414 -53.50 21.78 -19.62
N ARG G 415 -52.76 22.85 -19.98
CA ARG G 415 -53.16 24.23 -19.76
C ARG G 415 -54.16 24.74 -20.79
N GLU G 416 -54.35 24.01 -21.90
CA GLU G 416 -55.40 24.33 -22.86
C GLU G 416 -56.77 23.96 -22.31
N LYS G 417 -57.02 22.66 -22.09
CA LYS G 417 -58.30 22.17 -21.58
C LYS G 417 -58.61 22.59 -20.15
N GLY G 418 -57.70 23.31 -19.48
CA GLY G 418 -57.92 23.95 -18.17
C GLY G 418 -58.10 22.94 -17.04
N ILE G 419 -57.41 21.80 -17.10
CA ILE G 419 -57.17 21.01 -15.90
C ILE G 419 -56.21 21.77 -15.01
N LYS G 420 -56.48 21.81 -13.72
CA LYS G 420 -55.44 22.32 -12.85
C LYS G 420 -54.68 21.13 -12.28
N GLN G 421 -53.41 21.40 -12.02
CA GLN G 421 -52.41 20.40 -11.69
C GLN G 421 -51.76 20.80 -10.37
N MET G 422 -51.04 19.85 -9.75
CA MET G 422 -50.38 20.09 -8.47
C MET G 422 -49.35 21.20 -8.56
N PRO G 423 -49.07 21.85 -7.44
CA PRO G 423 -48.10 22.92 -7.46
C PRO G 423 -46.71 22.35 -7.69
N HIS G 424 -45.86 23.17 -8.28
CA HIS G 424 -44.58 22.68 -8.73
C HIS G 424 -43.52 22.71 -7.66
N THR G 425 -43.69 23.54 -6.63
CA THR G 425 -42.72 23.72 -5.59
C THR G 425 -43.47 23.88 -4.27
N LEU G 426 -42.78 23.59 -3.16
CA LEU G 426 -43.41 23.68 -1.85
C LEU G 426 -43.70 25.13 -1.46
N ARG G 427 -42.88 26.09 -1.91
CA ARG G 427 -43.25 27.48 -1.75
C ARG G 427 -44.63 27.73 -2.35
N ARG G 428 -44.84 27.26 -3.59
CA ARG G 428 -46.11 27.54 -4.27
C ARG G 428 -47.28 26.87 -3.57
N SER G 429 -47.08 25.66 -3.03
CA SER G 429 -48.12 25.05 -2.22
C SER G 429 -48.40 25.86 -0.95
N LEU G 430 -47.37 26.45 -0.37
CA LEU G 430 -47.58 27.22 0.84
C LEU G 430 -48.40 28.47 0.55
N GLU G 431 -48.08 29.16 -0.55
CA GLU G 431 -48.79 30.38 -0.89
C GLU G 431 -50.24 30.08 -1.22
N GLU G 432 -50.49 28.93 -1.82
CA GLU G 432 -51.86 28.51 -2.09
C GLU G 432 -52.64 28.30 -0.80
N MET G 433 -51.99 27.70 0.20
CA MET G 433 -52.71 27.32 1.41
C MET G 433 -53.04 28.53 2.27
N LEU G 434 -52.08 29.43 2.49
CA LEU G 434 -52.39 30.68 3.21
C LEU G 434 -53.43 31.53 2.49
N ALA G 435 -53.66 31.28 1.20
CA ALA G 435 -54.69 31.95 0.41
C ALA G 435 -56.03 31.25 0.51
N ASP G 436 -56.13 30.16 1.24
CA ASP G 436 -57.34 29.38 1.28
C ASP G 436 -57.37 28.60 2.59
N LYS G 437 -57.42 29.33 3.70
CA LYS G 437 -57.32 28.72 5.01
C LYS G 437 -58.68 28.38 5.58
N GLN G 438 -59.70 29.12 5.16
CA GLN G 438 -60.94 29.19 5.89
C GLN G 438 -61.58 27.81 6.07
N TYR G 439 -61.34 26.88 5.14
CA TYR G 439 -61.85 25.53 5.32
C TYR G 439 -61.06 24.74 6.35
N LEU G 440 -59.85 25.18 6.67
CA LEU G 440 -59.12 24.56 7.77
C LEU G 440 -59.59 25.10 9.12
N LYS G 441 -59.89 26.40 9.20
CA LYS G 441 -60.23 26.94 10.50
C LYS G 441 -61.67 26.75 10.87
N GLU G 442 -62.47 26.15 10.00
CA GLU G 442 -63.85 25.86 10.37
C GLU G 442 -63.89 25.01 11.64
N SER G 443 -64.80 25.41 12.55
CA SER G 443 -64.88 24.90 13.93
C SER G 443 -63.56 25.01 14.66
N GLN G 444 -62.70 25.94 14.20
CA GLN G 444 -61.40 26.19 14.81
C GLN G 444 -60.54 24.94 14.84
N VAL G 445 -60.70 24.04 13.87
CA VAL G 445 -59.95 22.80 13.92
C VAL G 445 -58.45 23.07 13.73
N PHE G 446 -58.12 23.88 12.74
CA PHE G 446 -56.78 24.42 12.51
C PHE G 446 -56.81 25.86 12.98
N SER G 447 -56.19 26.16 14.11
CA SER G 447 -56.14 27.55 14.51
C SER G 447 -55.33 28.36 13.50
N GLU G 448 -55.56 29.67 13.48
CA GLU G 448 -54.77 30.55 12.61
C GLU G 448 -53.35 30.69 13.12
N GLU G 449 -53.21 30.97 14.43
CA GLU G 449 -51.94 30.92 15.13
C GLU G 449 -51.10 29.72 14.69
N PHE G 450 -51.75 28.56 14.47
CA PHE G 450 -51.05 27.35 14.08
C PHE G 450 -50.67 27.36 12.59
N ILE G 451 -51.56 27.87 11.74
CA ILE G 451 -51.25 27.89 10.31
C ILE G 451 -50.05 28.80 10.03
N GLN G 452 -49.78 29.76 10.92
CA GLN G 452 -48.68 30.68 10.73
C GLN G 452 -47.35 30.08 11.19
N ALA G 453 -47.34 29.40 12.36
CA ALA G 453 -46.17 28.65 12.79
C ALA G 453 -45.74 27.62 11.75
N TYR G 454 -46.68 26.77 11.34
CA TYR G 454 -46.44 25.84 10.25
C TYR G 454 -45.87 26.54 9.03
N GLN G 455 -46.39 27.70 8.68
CA GLN G 455 -45.95 28.40 7.50
C GLN G 455 -44.49 28.86 7.63
N SER G 456 -44.14 29.43 8.78
CA SER G 456 -42.75 29.85 8.94
C SER G 456 -41.85 28.68 9.20
N LEU G 457 -42.37 27.66 9.88
CA LEU G 457 -41.67 26.39 9.97
C LEU G 457 -41.17 25.99 8.60
N LYS G 458 -42.10 25.79 7.66
CA LYS G 458 -41.77 25.16 6.39
C LYS G 458 -41.01 26.07 5.44
N PHE G 459 -41.32 27.38 5.43
CA PHE G 459 -40.54 28.32 4.61
C PHE G 459 -39.08 28.32 5.04
N ASN G 460 -38.84 28.40 6.35
CA ASN G 460 -37.49 28.47 6.86
C ASN G 460 -36.75 27.14 6.70
N ALA G 461 -37.42 26.04 7.05
CA ALA G 461 -36.74 24.76 7.11
C ALA G 461 -36.68 23.98 5.80
N GLU G 462 -37.49 24.32 4.78
CA GLU G 462 -37.46 23.65 3.50
C GLU G 462 -37.16 24.59 2.33
N VAL G 463 -37.95 25.67 2.16
CA VAL G 463 -37.92 26.43 0.92
C VAL G 463 -36.64 27.26 0.80
N PHE G 464 -36.33 28.06 1.84
CA PHE G 464 -35.16 28.94 1.78
C PHE G 464 -33.88 28.15 1.60
N PRO G 465 -33.61 27.08 2.38
CA PRO G 465 -32.50 26.19 2.02
C PRO G 465 -32.51 25.73 0.56
N TRP G 466 -33.68 25.44 -0.02
CA TRP G 466 -33.68 25.00 -1.41
C TRP G 466 -33.41 26.18 -2.34
N GLU G 467 -33.99 27.33 -2.06
CA GLU G 467 -33.77 28.49 -2.91
C GLU G 467 -32.35 29.03 -2.79
N SER G 468 -31.60 28.64 -1.76
CA SER G 468 -30.31 29.26 -1.49
C SER G 468 -29.10 28.33 -1.60
N LYS G 469 -29.28 27.01 -1.75
CA LYS G 469 -28.16 26.09 -1.77
C LYS G 469 -27.90 25.56 -3.17
N PRO G 470 -26.72 25.80 -3.74
CA PRO G 470 -26.45 25.37 -5.12
C PRO G 470 -26.71 23.88 -5.33
N HIS G 471 -27.34 23.59 -6.38
CA HIS G 471 -27.59 22.24 -6.83
C HIS G 471 -26.41 21.77 -7.68
N PRO G 472 -25.99 20.51 -7.52
CA PRO G 472 -24.90 20.01 -8.37
C PRO G 472 -25.21 20.17 -9.85
N PHE G 473 -26.42 19.80 -10.25
CA PHE G 473 -26.72 19.86 -11.67
C PHE G 473 -26.58 21.27 -12.23
N GLU G 474 -26.71 22.30 -11.39
CA GLU G 474 -26.50 23.68 -11.84
C GLU G 474 -25.08 23.88 -12.37
N PHE G 475 -24.16 22.99 -12.00
CA PHE G 475 -22.81 23.15 -12.47
C PHE G 475 -22.64 22.59 -13.86
N ILE G 476 -23.34 21.50 -14.17
CA ILE G 476 -23.43 21.02 -15.56
C ILE G 476 -23.76 22.18 -16.49
N THR G 477 -24.85 22.90 -16.21
CA THR G 477 -25.48 23.83 -17.14
C THR G 477 -24.81 25.20 -17.17
N THR G 478 -24.34 25.70 -16.03
CA THR G 478 -23.93 27.09 -15.89
C THR G 478 -22.46 27.30 -15.58
N TYR G 479 -21.71 26.25 -15.27
CA TYR G 479 -20.34 26.46 -14.83
C TYR G 479 -19.46 27.00 -15.94
N SER G 480 -19.79 26.69 -17.19
CA SER G 480 -19.07 27.20 -18.34
C SER G 480 -19.73 28.42 -18.96
N CYS G 481 -20.75 28.96 -18.32
CA CYS G 481 -21.42 30.14 -18.81
C CYS G 481 -20.42 31.30 -18.94
N ARG H 4 24.40 -30.68 52.49
CA ARG H 4 23.57 -30.91 53.68
C ARG H 4 22.50 -29.85 53.75
N THR H 5 21.28 -30.27 54.06
CA THR H 5 20.22 -29.31 54.37
C THR H 5 19.76 -29.47 55.81
N GLN H 6 19.03 -28.45 56.25
CA GLN H 6 18.34 -28.47 57.53
C GLN H 6 16.85 -28.61 57.21
N ASN H 7 16.43 -29.84 56.93
CA ASN H 7 15.03 -30.17 56.74
C ASN H 7 14.77 -31.44 57.53
N SER H 8 13.98 -31.31 58.60
CA SER H 8 13.82 -32.41 59.52
C SER H 8 13.15 -33.59 58.82
N GLU H 9 13.24 -34.76 59.45
CA GLU H 9 12.47 -35.87 58.93
C GLU H 9 10.99 -35.53 58.92
N SER H 10 10.55 -34.76 59.91
CA SER H 10 9.16 -34.34 59.94
C SER H 10 8.77 -33.57 58.66
N LYS H 11 9.53 -32.52 58.32
CA LYS H 11 9.18 -31.63 57.21
C LYS H 11 9.19 -32.35 55.87
N ILE H 12 10.11 -33.31 55.70
CA ILE H 12 10.26 -34.00 54.43
C ILE H 12 9.05 -34.86 54.13
N LYS H 13 8.45 -35.47 55.15
CA LYS H 13 7.25 -36.28 54.93
C LYS H 13 6.05 -35.38 54.65
N GLU H 14 6.00 -34.22 55.30
CA GLU H 14 4.87 -33.31 55.13
C GLU H 14 4.93 -32.57 53.83
N PHE H 15 6.11 -32.50 53.20
CA PHE H 15 6.20 -32.04 51.83
C PHE H 15 5.63 -33.07 50.87
N PHE H 16 5.98 -34.34 51.06
CA PHE H 16 5.45 -35.36 50.16
C PHE H 16 3.93 -35.46 50.26
N GLU H 17 3.35 -35.22 51.44
CA GLU H 17 1.90 -35.19 51.58
C GLU H 17 1.27 -34.04 50.78
N PHE H 18 1.81 -32.82 50.93
CA PHE H 18 1.27 -31.68 50.21
C PHE H 18 1.35 -31.87 48.71
N CYS H 19 2.36 -32.59 48.24
CA CYS H 19 2.47 -32.86 46.81
C CYS H 19 1.47 -33.92 46.38
N LYS H 20 1.37 -35.01 47.14
CA LYS H 20 0.39 -36.06 46.85
C LYS H 20 -1.03 -35.49 46.79
N GLU H 21 -1.42 -34.69 47.78
CA GLU H 21 -2.80 -34.21 47.77
C GLU H 21 -3.04 -33.14 46.71
N ASN H 22 -2.01 -32.49 46.19
CA ASN H 22 -2.20 -31.48 45.16
C ASN H 22 -1.94 -31.99 43.75
N GLU H 23 -1.51 -33.25 43.61
CA GLU H 23 -1.25 -33.95 42.35
C GLU H 23 -0.07 -33.32 41.60
N VAL H 24 1.08 -33.24 42.27
CA VAL H 24 2.26 -32.55 41.76
C VAL H 24 2.99 -33.45 40.74
N GLU H 25 3.31 -32.85 39.60
CA GLU H 25 4.11 -33.50 38.59
C GLU H 25 5.54 -32.99 38.53
N PHE H 26 5.84 -31.84 39.15
CA PHE H 26 7.15 -31.18 39.03
C PHE H 26 7.52 -30.35 40.26
N VAL H 27 8.76 -30.47 40.71
CA VAL H 27 9.29 -29.65 41.81
C VAL H 27 10.23 -28.63 41.18
N ASP H 28 9.83 -27.36 41.24
CA ASP H 28 10.58 -26.23 40.71
C ASP H 28 11.45 -25.68 41.85
N PHE H 29 12.75 -26.02 41.82
CA PHE H 29 13.73 -25.49 42.78
C PHE H 29 14.20 -24.12 42.32
N ARG H 30 14.13 -23.14 43.23
CA ARG H 30 14.34 -21.73 42.87
C ARG H 30 15.38 -21.09 43.78
N PHE H 31 16.32 -20.36 43.18
CA PHE H 31 17.35 -19.66 43.94
C PHE H 31 17.59 -18.28 43.35
N SER H 32 18.24 -17.44 44.14
CA SER H 32 18.60 -16.09 43.73
C SER H 32 20.11 -16.01 43.61
N ASP H 33 20.58 -15.39 42.54
CA ASP H 33 21.99 -15.09 42.43
C ASP H 33 22.24 -13.63 42.78
N ILE H 34 23.53 -13.29 42.87
CA ILE H 34 23.94 -12.05 43.54
C ILE H 34 23.24 -10.83 42.95
N LYS H 35 22.99 -10.81 41.64
CA LYS H 35 22.22 -9.71 41.09
C LYS H 35 20.84 -9.62 41.75
N GLY H 36 20.23 -10.76 42.03
CA GLY H 36 18.91 -10.82 42.62
C GLY H 36 17.92 -11.48 41.70
N THR H 37 18.45 -12.16 40.68
CA THR H 37 17.63 -12.82 39.68
C THR H 37 17.17 -14.18 40.16
N TRP H 38 15.86 -14.42 40.13
CA TRP H 38 15.30 -15.69 40.55
C TRP H 38 15.48 -16.73 39.43
N ASN H 39 16.25 -17.80 39.70
CA ASN H 39 16.56 -18.90 38.80
C ASN H 39 15.84 -20.17 39.26
N HIS H 40 15.60 -21.10 38.32
CA HIS H 40 14.93 -22.36 38.66
C HIS H 40 15.52 -23.53 37.87
N ILE H 41 15.19 -24.74 38.32
CA ILE H 41 15.46 -25.98 37.59
C ILE H 41 14.48 -27.01 38.14
N ALA H 42 13.89 -27.82 37.26
CA ALA H 42 12.76 -28.67 37.69
C ALA H 42 13.03 -30.17 37.54
N TYR H 43 12.27 -30.96 38.33
CA TYR H 43 12.46 -32.41 38.49
C TYR H 43 11.13 -33.14 38.43
N SER H 44 11.09 -34.23 37.67
CA SER H 44 9.94 -35.13 37.70
C SER H 44 9.66 -35.56 39.12
N PHE H 45 8.41 -35.35 39.55
CA PHE H 45 8.07 -35.69 40.91
C PHE H 45 8.42 -37.15 41.20
N GLY H 46 7.97 -38.05 40.31
CA GLY H 46 8.29 -39.45 40.40
C GLY H 46 9.75 -39.68 40.71
N ALA H 47 10.60 -38.80 40.19
CA ALA H 47 12.03 -38.88 40.36
C ALA H 47 12.53 -38.38 41.70
N LEU H 48 11.77 -37.53 42.40
CA LEU H 48 12.26 -36.87 43.59
C LEU H 48 12.24 -37.82 44.80
N THR H 49 13.41 -38.03 45.42
CA THR H 49 13.56 -38.94 46.56
C THR H 49 13.78 -38.18 47.86
N HIS H 50 13.33 -38.79 48.96
CA HIS H 50 13.61 -38.28 50.31
C HIS H 50 15.08 -37.89 50.45
N GLY H 51 15.98 -38.77 50.02
CA GLY H 51 17.40 -38.43 50.06
C GLY H 51 17.75 -37.11 49.39
N MET H 52 17.32 -36.94 48.14
CA MET H 52 17.70 -35.72 47.42
C MET H 52 17.29 -34.45 48.15
N LEU H 53 16.26 -34.51 49.01
CA LEU H 53 15.85 -33.41 49.87
C LEU H 53 16.78 -33.24 51.08
N LYS H 54 17.65 -34.21 51.35
CA LYS H 54 18.65 -34.07 52.40
C LYS H 54 20.02 -33.81 51.82
N GLU H 55 20.28 -34.35 50.63
CA GLU H 55 21.54 -34.24 49.94
C GLU H 55 21.62 -33.03 49.02
N GLY H 56 20.46 -32.59 48.50
CA GLY H 56 20.40 -31.47 47.60
C GLY H 56 20.74 -31.84 46.17
N ILE H 57 20.65 -30.83 45.31
CA ILE H 57 20.62 -30.97 43.85
C ILE H 57 21.90 -30.42 43.22
N PRO H 58 22.41 -31.02 42.16
CA PRO H 58 23.55 -30.43 41.43
C PRO H 58 23.12 -29.37 40.43
N PHE H 59 24.07 -28.49 40.12
CA PHE H 59 23.91 -27.48 39.07
C PHE H 59 25.27 -26.88 38.73
N ASP H 60 25.29 -26.15 37.61
CA ASP H 60 26.52 -25.54 37.12
C ASP H 60 26.60 -24.08 37.61
N ALA H 61 27.47 -23.84 38.58
CA ALA H 61 27.60 -22.53 39.18
C ALA H 61 28.41 -21.56 38.34
N SER H 62 29.04 -22.03 37.26
CA SER H 62 29.83 -21.11 36.44
C SER H 62 28.95 -20.21 35.55
N CYS H 63 27.67 -20.52 35.39
CA CYS H 63 26.77 -19.65 34.62
C CYS H 63 26.25 -18.45 35.42
N PHE H 64 26.84 -18.14 36.57
CA PHE H 64 26.33 -17.08 37.42
C PHE H 64 27.47 -16.13 37.73
N LYS H 65 27.34 -14.88 37.27
CA LYS H 65 28.41 -13.91 37.40
C LYS H 65 28.77 -13.69 38.87
N GLY H 66 30.05 -13.87 39.20
CA GLY H 66 30.49 -13.65 40.57
C GLY H 66 30.37 -14.85 41.46
N TRP H 67 30.20 -16.04 40.90
CA TRP H 67 30.13 -17.27 41.68
C TRP H 67 31.36 -18.12 41.42
N GLN H 68 31.23 -19.22 40.69
CA GLN H 68 32.33 -20.16 40.59
C GLN H 68 33.08 -19.96 39.28
N GLY H 69 34.40 -20.12 39.35
CA GLY H 69 35.16 -20.32 38.14
C GLY H 69 34.77 -21.61 37.46
N ILE H 70 34.89 -21.63 36.14
CA ILE H 70 34.43 -22.78 35.36
C ILE H 70 35.09 -24.05 35.86
N GLU H 71 36.29 -23.94 36.45
CA GLU H 71 37.07 -25.11 36.83
C GLU H 71 36.63 -25.72 38.15
N HIS H 72 35.94 -24.98 39.00
CA HIS H 72 35.31 -25.56 40.17
C HIS H 72 33.83 -25.23 40.10
N SER H 73 33.17 -25.66 39.03
CA SER H 73 31.85 -25.18 38.68
C SER H 73 30.71 -25.92 39.39
N ASP H 74 30.94 -27.14 39.85
CA ASP H 74 29.88 -27.92 40.47
C ASP H 74 29.49 -27.38 41.83
N MET H 75 28.18 -27.29 42.09
CA MET H 75 27.70 -26.91 43.41
C MET H 75 26.38 -27.62 43.69
N ILE H 76 25.90 -27.45 44.91
CA ILE H 76 24.68 -28.09 45.38
C ILE H 76 23.68 -26.99 45.70
N LEU H 77 22.46 -27.15 45.23
CA LEU H 77 21.35 -26.44 45.86
C LEU H 77 20.83 -27.32 46.98
N THR H 78 20.69 -26.75 48.14
CA THR H 78 19.99 -27.50 49.17
C THR H 78 18.59 -26.94 49.30
N PRO H 79 17.55 -27.76 49.31
CA PRO H 79 16.19 -27.22 49.46
C PRO H 79 15.94 -26.79 50.89
N ASP H 80 15.05 -25.81 51.03
CA ASP H 80 14.56 -25.39 52.35
C ASP H 80 13.04 -25.46 52.30
N LEU H 81 12.46 -26.47 52.96
CA LEU H 81 11.02 -26.71 52.87
C LEU H 81 10.24 -25.73 53.76
N VAL H 82 10.32 -24.46 53.39
CA VAL H 82 9.49 -23.42 53.98
C VAL H 82 8.96 -22.52 52.88
N ARG H 83 7.72 -22.04 53.07
CA ARG H 83 7.00 -21.15 52.13
C ARG H 83 6.97 -21.70 50.70
N TYR H 84 6.86 -23.01 50.57
CA TYR H 84 6.69 -23.56 49.24
C TYR H 84 5.25 -23.45 48.80
N PHE H 85 5.01 -23.55 47.51
CA PHE H 85 3.69 -23.23 47.02
C PHE H 85 3.46 -23.82 45.64
N ILE H 86 2.20 -24.07 45.34
CA ILE H 86 1.79 -24.45 43.99
C ILE H 86 1.91 -23.23 43.08
N ASP H 87 2.62 -23.41 41.93
CA ASP H 87 2.85 -22.32 40.99
C ASP H 87 1.59 -22.06 40.18
N PRO H 88 0.93 -20.93 40.40
CA PRO H 88 -0.37 -20.67 39.76
C PRO H 88 -0.32 -20.46 38.25
N PHE H 89 0.83 -20.47 37.60
CA PHE H 89 0.83 -20.17 36.19
C PHE H 89 1.18 -21.35 35.30
N SER H 90 1.75 -22.41 35.85
CA SER H 90 2.29 -23.49 35.05
C SER H 90 1.16 -24.31 34.45
N ALA H 91 1.39 -24.84 33.25
CA ALA H 91 0.39 -25.66 32.57
C ALA H 91 0.21 -27.02 33.23
N ASP H 92 1.29 -27.58 33.80
CA ASP H 92 1.30 -28.83 34.53
C ASP H 92 1.66 -28.55 35.98
N VAL H 93 1.16 -29.39 36.90
CA VAL H 93 1.21 -29.02 38.31
C VAL H 93 2.65 -28.90 38.78
N SER H 94 2.93 -27.88 39.57
CA SER H 94 4.28 -27.78 40.09
C SER H 94 4.28 -27.15 41.47
N VAL H 95 5.09 -27.68 42.36
CA VAL H 95 5.35 -27.02 43.64
C VAL H 95 6.69 -26.31 43.56
N VAL H 96 6.70 -25.00 43.87
CA VAL H 96 7.91 -24.19 43.83
C VAL H 96 8.56 -24.17 45.21
N VAL H 97 9.90 -24.27 45.25
CA VAL H 97 10.67 -24.41 46.48
C VAL H 97 11.83 -23.42 46.49
N PHE H 98 12.26 -23.02 47.69
CA PHE H 98 13.49 -22.23 47.80
C PHE H 98 14.67 -23.14 48.06
N CYS H 99 15.82 -22.72 47.56
CA CYS H 99 17.07 -23.39 47.87
C CYS H 99 18.15 -22.38 48.24
N ASP H 100 19.18 -22.86 48.96
CA ASP H 100 20.46 -22.18 49.11
C ASP H 100 21.49 -22.87 48.25
N VAL H 101 22.57 -22.17 47.98
CA VAL H 101 23.73 -22.79 47.33
C VAL H 101 24.59 -23.41 48.41
N TYR H 102 25.27 -24.51 48.09
CA TYR H 102 26.19 -25.18 49.03
C TYR H 102 27.58 -25.31 48.42
N ASP H 103 28.60 -24.95 49.21
CA ASP H 103 29.98 -24.83 48.78
C ASP H 103 30.68 -26.17 48.96
N VAL H 104 30.54 -27.05 47.97
CA VAL H 104 31.11 -28.39 48.10
C VAL H 104 32.62 -28.37 48.28
N TYR H 105 33.25 -27.21 48.08
CA TYR H 105 34.68 -27.02 48.21
C TYR H 105 35.07 -26.64 49.63
N LYS H 106 34.43 -25.64 50.22
CA LYS H 106 34.64 -25.37 51.62
C LYS H 106 33.76 -26.24 52.52
N ASN H 107 32.75 -26.92 51.96
CA ASN H 107 31.81 -27.78 52.71
C ASN H 107 31.08 -27.00 53.82
N GLN H 108 30.45 -25.92 53.38
CA GLN H 108 29.71 -24.97 54.20
C GLN H 108 28.69 -24.29 53.30
N PRO H 109 27.62 -23.73 53.87
CA PRO H 109 26.79 -22.81 53.10
C PRO H 109 27.65 -21.79 52.37
N TYR H 110 27.28 -21.54 51.12
CA TYR H 110 28.09 -20.73 50.24
C TYR H 110 28.20 -19.29 50.75
N GLU H 111 29.44 -18.81 50.90
CA GLU H 111 29.62 -17.45 51.40
C GLU H 111 29.20 -16.41 50.40
N LYS H 112 28.79 -16.82 49.21
CA LYS H 112 28.29 -15.93 48.19
C LYS H 112 26.84 -16.24 47.78
N CYS H 113 26.10 -17.04 48.57
CA CYS H 113 24.67 -17.23 48.35
C CYS H 113 23.88 -16.18 49.13
N PRO H 114 23.21 -15.22 48.46
CA PRO H 114 22.54 -14.14 49.19
C PRO H 114 21.58 -14.62 50.28
N ARG H 115 20.72 -15.58 49.99
CA ARG H 115 19.83 -16.08 51.03
C ARG H 115 20.64 -16.67 52.19
N SER H 116 21.81 -17.23 51.90
CA SER H 116 22.65 -17.69 52.99
C SER H 116 23.19 -16.51 53.76
N ILE H 117 23.54 -15.42 53.07
CA ILE H 117 24.07 -14.24 53.78
C ILE H 117 22.98 -13.67 54.67
N ALA H 118 21.82 -13.41 54.07
CA ALA H 118 20.67 -12.94 54.83
C ALA H 118 20.37 -13.84 56.04
N LYS H 119 20.29 -15.16 55.84
CA LYS H 119 20.18 -16.10 56.96
C LYS H 119 21.22 -15.85 58.05
N LYS H 120 22.47 -15.59 57.65
CA LYS H 120 23.54 -15.34 58.62
C LYS H 120 23.37 -14.00 59.34
N ALA H 121 22.79 -13.00 58.68
CA ALA H 121 22.52 -11.75 59.38
C ALA H 121 21.42 -11.92 60.41
N LEU H 122 20.48 -12.83 60.16
CA LEU H 122 19.45 -13.02 61.16
C LEU H 122 19.96 -13.87 62.31
N GLN H 123 20.86 -14.81 62.03
CA GLN H 123 21.49 -15.53 63.12
C GLN H 123 22.39 -14.60 63.90
N HIS H 124 23.28 -13.89 63.21
CA HIS H 124 24.13 -12.93 63.88
C HIS H 124 23.33 -12.10 64.88
N LEU H 125 22.10 -11.70 64.52
CA LEU H 125 21.30 -10.85 65.40
C LEU H 125 20.87 -11.61 66.66
N LYS H 126 20.49 -12.88 66.49
CA LYS H 126 20.18 -13.75 67.62
C LYS H 126 21.41 -13.97 68.50
N ASP H 127 22.55 -14.36 67.90
CA ASP H 127 23.77 -14.57 68.68
C ASP H 127 24.14 -13.32 69.49
N SER H 128 23.87 -12.13 68.93
CA SER H 128 24.28 -10.87 69.54
C SER H 128 23.50 -10.53 70.81
N GLY H 129 22.36 -11.18 71.04
CA GLY H 129 21.54 -10.81 72.15
C GLY H 129 20.86 -9.47 72.08
N LEU H 130 20.97 -8.75 70.97
CA LEU H 130 20.22 -7.51 70.94
C LEU H 130 18.80 -7.68 70.48
N GLY H 131 18.50 -8.75 69.74
CA GLY H 131 17.14 -9.08 69.39
C GLY H 131 16.91 -10.57 69.26
N ASP H 132 15.64 -10.93 69.21
CA ASP H 132 15.20 -12.26 68.76
C ASP H 132 15.00 -12.26 67.24
N VAL H 133 14.00 -11.54 66.76
CA VAL H 133 13.73 -11.39 65.34
C VAL H 133 13.88 -9.92 64.95
N ALA H 134 14.15 -9.69 63.67
CA ALA H 134 14.02 -8.40 63.02
C ALA H 134 12.96 -8.54 61.94
N TYR H 135 11.98 -7.68 61.98
CA TYR H 135 10.84 -7.75 61.10
C TYR H 135 10.98 -6.71 59.99
N PHE H 136 10.93 -7.19 58.75
CA PHE H 136 11.12 -6.38 57.55
C PHE H 136 9.82 -6.27 56.75
N GLY H 137 9.42 -5.05 56.42
CA GLY H 137 8.24 -4.87 55.62
C GLY H 137 8.55 -4.12 54.34
N ALA H 138 8.42 -4.79 53.19
CA ALA H 138 8.78 -4.22 51.90
C ALA H 138 7.55 -3.77 51.12
N GLU H 139 7.65 -2.61 50.49
CA GLU H 139 6.61 -2.05 49.62
C GLU H 139 7.25 -1.96 48.24
N ASN H 140 6.98 -2.92 47.34
CA ASN H 140 7.56 -2.87 46.00
C ASN H 140 6.58 -2.19 45.07
N GLU H 141 6.83 -0.92 44.75
CA GLU H 141 6.13 -0.27 43.65
C GLU H 141 6.45 -0.97 42.34
N PHE H 142 5.52 -0.91 41.38
CA PHE H 142 5.77 -1.57 40.11
C PHE H 142 5.07 -0.85 38.99
N PHE H 143 5.57 -1.05 37.79
CA PHE H 143 4.94 -0.52 36.59
C PHE H 143 4.38 -1.68 35.77
N ILE H 144 3.27 -1.44 35.10
CA ILE H 144 2.74 -2.37 34.09
C ILE H 144 2.62 -1.60 32.80
N PHE H 145 3.47 -1.94 31.84
CA PHE H 145 3.46 -1.30 30.53
C PHE H 145 2.79 -2.20 29.50
N ASP H 146 2.66 -1.65 28.30
CA ASP H 146 2.09 -2.40 27.19
C ASP H 146 3.15 -2.95 26.24
N SER H 147 4.36 -2.38 26.25
CA SER H 147 5.41 -2.74 25.31
C SER H 147 6.71 -2.14 25.82
N ILE H 148 7.83 -2.79 25.49
CA ILE H 148 9.15 -2.29 25.85
C ILE H 148 10.10 -2.59 24.69
N LYS H 149 10.78 -1.57 24.20
CA LYS H 149 11.65 -1.68 23.04
C LYS H 149 13.03 -1.14 23.38
N ILE H 150 14.07 -1.96 23.14
CA ILE H 150 15.46 -1.60 23.40
C ILE H 150 16.34 -1.90 22.19
N LYS H 151 17.42 -1.13 22.05
CA LYS H 151 18.37 -1.23 20.94
C LYS H 151 19.74 -0.82 21.47
N ASP H 152 20.71 -1.75 21.45
CA ASP H 152 22.08 -1.51 21.90
C ASP H 152 23.02 -1.89 20.76
N ALA H 153 23.45 -0.88 19.99
CA ALA H 153 24.29 -1.07 18.81
C ALA H 153 25.36 0.01 18.76
N SER H 154 26.48 -0.31 18.11
CA SER H 154 27.61 0.62 17.93
C SER H 154 27.12 2.01 17.55
N ASN H 155 26.07 2.09 16.74
CA ASN H 155 25.66 3.36 16.17
C ASN H 155 24.34 3.87 16.71
N SER H 156 23.80 3.27 17.77
CA SER H 156 22.42 3.53 18.17
C SER H 156 22.14 3.08 19.60
N GLN H 157 21.65 3.99 20.44
CA GLN H 157 21.10 3.62 21.75
C GLN H 157 19.64 4.04 21.81
N TYR H 158 18.74 3.10 22.13
CA TYR H 158 17.31 3.39 22.07
C TYR H 158 16.48 2.57 23.06
N TYR H 159 15.51 3.23 23.70
CA TYR H 159 14.47 2.56 24.46
C TYR H 159 13.17 3.36 24.38
N GLU H 160 12.07 2.62 24.42
CA GLU H 160 10.73 3.19 24.49
C GLU H 160 9.89 2.27 25.36
N VAL H 161 9.13 2.84 26.30
CA VAL H 161 8.12 2.07 27.02
C VAL H 161 6.79 2.56 26.48
N ASP H 162 5.75 1.78 26.74
CA ASP H 162 4.45 2.13 26.19
C ASP H 162 3.38 1.65 27.13
N SER H 163 2.50 2.57 27.50
CA SER H 163 1.28 2.29 28.23
C SER H 163 0.16 3.10 27.57
N GLU H 164 -0.99 2.44 27.38
CA GLU H 164 -2.18 3.14 26.89
C GLU H 164 -2.62 4.24 27.85
N GLU H 165 -2.13 4.19 29.10
CA GLU H 165 -2.37 5.21 30.10
C GLU H 165 -1.50 6.44 29.91
N GLY H 166 -0.46 6.38 29.08
CA GLY H 166 0.57 7.42 29.11
C GLY H 166 0.20 8.65 28.31
N GLU H 167 0.60 9.82 28.84
CA GLU H 167 0.31 11.10 28.20
C GLU H 167 0.71 11.13 26.73
N TRP H 168 1.67 10.32 26.32
CA TRP H 168 2.18 10.37 24.95
C TRP H 168 1.23 9.76 23.92
N ASN H 169 0.13 9.13 24.34
CA ASN H 169 -0.84 8.50 23.46
C ASN H 169 -2.14 9.32 23.32
N ARG H 170 -2.17 10.54 23.85
CA ARG H 170 -3.40 11.34 23.82
C ARG H 170 -3.83 11.62 22.39
N ASP H 171 -2.86 11.84 21.50
CA ASP H 171 -3.08 12.22 20.11
C ASP H 171 -3.11 11.02 19.20
N ARG H 172 -3.27 9.84 19.77
CA ARG H 172 -3.06 8.59 19.07
C ARG H 172 -4.40 7.89 18.79
N SER H 173 -4.44 7.18 17.65
CA SER H 173 -5.59 6.36 17.23
C SER H 173 -5.32 4.90 17.54
N PHE H 174 -6.13 4.32 18.43
CA PHE H 174 -6.03 2.89 18.70
C PHE H 174 -6.94 2.08 17.78
N GLU H 175 -7.82 1.24 18.37
CA GLU H 175 -8.35 0.07 17.66
C GLU H 175 -9.08 0.45 16.38
N ASN H 176 -10.01 1.41 16.45
CA ASN H 176 -10.66 1.80 15.20
C ASN H 176 -10.51 3.27 14.90
N GLY H 177 -9.27 3.77 14.92
CA GLY H 177 -9.02 5.19 14.94
C GLY H 177 -9.46 5.86 16.22
N VAL H 178 -9.65 5.05 17.28
CA VAL H 178 -10.41 5.42 18.46
C VAL H 178 -9.48 5.62 19.65
N ASN H 179 -9.89 6.53 20.55
CA ASN H 179 -9.19 6.93 21.76
C ASN H 179 -10.24 7.24 22.81
N PHE H 180 -10.14 6.64 24.00
CA PHE H 180 -11.19 6.84 25.00
C PHE H 180 -10.90 7.95 26.00
N GLY H 181 -9.72 8.56 25.95
CA GLY H 181 -9.43 9.56 26.95
C GLY H 181 -9.32 8.97 28.35
N HIS H 182 -9.49 9.85 29.34
CA HIS H 182 -9.43 9.49 30.76
C HIS H 182 -8.04 8.95 31.13
N ARG H 183 -7.09 9.89 31.11
CA ARG H 183 -5.73 9.61 31.50
C ARG H 183 -5.34 10.34 32.78
N PRO H 184 -4.50 9.73 33.63
CA PRO H 184 -3.75 10.53 34.59
C PRO H 184 -2.70 11.34 33.86
N GLY H 185 -2.38 12.51 34.37
CA GLY H 185 -1.29 13.25 33.80
C GLY H 185 0.06 12.69 34.24
N LYS H 186 1.11 13.44 33.93
CA LYS H 186 2.35 13.28 34.66
C LYS H 186 2.04 13.33 36.14
N GLN H 187 2.56 12.35 36.89
CA GLN H 187 2.38 12.30 38.33
C GLN H 187 0.91 12.36 38.77
N GLY H 188 -0.03 11.79 38.00
CA GLY H 188 -1.43 11.89 38.35
C GLY H 188 -2.14 10.60 38.71
N GLY H 189 -1.44 9.50 38.94
CA GLY H 189 -2.12 8.24 39.15
C GLY H 189 -2.47 7.94 40.60
N TYR H 190 -2.52 8.96 41.45
CA TYR H 190 -2.88 8.78 42.85
C TYR H 190 -4.05 9.69 43.21
N MET H 191 -5.27 9.15 43.37
CA MET H 191 -5.63 7.77 43.09
C MET H 191 -6.94 7.64 42.29
N PRO H 192 -7.03 8.28 41.10
CA PRO H 192 -8.34 8.41 40.45
C PRO H 192 -9.10 7.09 40.31
N VAL H 193 -10.42 7.13 40.20
CA VAL H 193 -11.25 5.94 39.97
C VAL H 193 -11.30 5.63 38.49
N PRO H 194 -11.76 4.43 38.10
CA PRO H 194 -11.85 4.10 36.67
C PRO H 194 -12.83 5.01 35.96
N PRO H 195 -12.66 5.18 34.64
CA PRO H 195 -11.66 4.62 33.72
C PRO H 195 -10.31 5.36 33.58
N THR H 196 -9.99 6.33 34.43
CA THR H 196 -8.60 6.77 34.54
C THR H 196 -7.69 5.68 35.15
N ASP H 197 -8.24 4.68 35.86
CA ASP H 197 -7.47 3.54 36.38
C ASP H 197 -7.85 2.29 35.59
N THR H 198 -7.03 1.94 34.57
CA THR H 198 -7.21 0.72 33.79
C THR H 198 -6.52 -0.49 34.42
N MET H 199 -5.97 -0.35 35.63
CA MET H 199 -5.38 -1.48 36.35
C MET H 199 -6.27 -1.95 37.49
N MET H 200 -7.52 -1.51 37.52
CA MET H 200 -8.42 -1.87 38.60
C MET H 200 -8.51 -3.38 38.72
N ASP H 201 -8.78 -4.06 37.60
CA ASP H 201 -8.99 -5.51 37.59
C ASP H 201 -7.68 -6.25 37.76
N ILE H 202 -6.63 -5.80 37.07
CA ILE H 202 -5.37 -6.52 37.09
C ILE H 202 -4.74 -6.47 38.46
N ARG H 203 -5.07 -5.46 39.27
CA ARG H 203 -4.49 -5.30 40.59
C ARG H 203 -5.17 -6.20 41.60
N THR H 204 -6.49 -6.40 41.48
CA THR H 204 -7.09 -7.44 42.30
C THR H 204 -6.82 -8.83 41.73
N GLU H 205 -6.29 -8.96 40.51
CA GLU H 205 -5.84 -10.27 40.04
C GLU H 205 -4.54 -10.67 40.73
N ILE H 206 -3.55 -9.77 40.71
CA ILE H 206 -2.28 -10.00 41.40
C ILE H 206 -2.54 -10.39 42.86
N VAL H 207 -3.28 -9.57 43.58
CA VAL H 207 -3.47 -9.73 45.01
C VAL H 207 -4.05 -11.10 45.36
N LYS H 208 -5.01 -11.57 44.57
CA LYS H 208 -5.59 -12.88 44.88
C LYS H 208 -4.57 -14.00 44.68
N VAL H 209 -3.72 -13.88 43.66
CA VAL H 209 -2.70 -14.92 43.43
C VAL H 209 -1.60 -14.84 44.47
N LEU H 210 -1.30 -13.63 44.95
CA LEU H 210 -0.41 -13.46 46.09
C LEU H 210 -0.95 -14.19 47.31
N ASN H 211 -2.28 -14.21 47.47
CA ASN H 211 -2.85 -15.06 48.51
C ASN H 211 -2.71 -16.52 48.15
N GLN H 212 -2.95 -16.88 46.89
CA GLN H 212 -2.82 -18.27 46.46
C GLN H 212 -1.48 -18.87 46.83
N VAL H 213 -0.41 -18.06 46.88
CA VAL H 213 0.95 -18.55 47.10
C VAL H 213 1.43 -18.26 48.53
N GLY H 214 0.56 -17.82 49.41
CA GLY H 214 0.87 -17.81 50.82
C GLY H 214 1.28 -16.48 51.38
N LEU H 215 0.95 -15.38 50.72
CA LEU H 215 1.33 -14.04 51.14
C LEU H 215 0.12 -13.30 51.67
N GLU H 216 0.27 -12.62 52.82
CA GLU H 216 -0.84 -11.86 53.40
C GLU H 216 -0.80 -10.42 52.88
N THR H 217 -1.91 -9.96 52.34
CA THR H 217 -2.01 -8.64 51.74
C THR H 217 -3.01 -7.81 52.53
N PHE H 218 -2.75 -6.50 52.62
CA PHE H 218 -3.82 -5.60 53.07
C PHE H 218 -4.20 -4.61 51.96
N VAL H 219 -3.32 -3.71 51.55
CA VAL H 219 -3.71 -2.58 50.71
C VAL H 219 -3.31 -2.84 49.27
N VAL H 220 -4.14 -2.40 48.34
CA VAL H 220 -3.81 -2.41 46.92
C VAL H 220 -4.22 -1.07 46.35
N HIS H 221 -3.36 -0.45 45.54
CA HIS H 221 -3.71 0.88 45.04
C HIS H 221 -2.81 1.27 43.87
N HIS H 222 -3.39 2.02 42.93
CA HIS H 222 -2.60 2.74 41.90
C HIS H 222 -1.63 3.75 42.55
N GLU H 223 -0.47 3.95 41.94
CA GLU H 223 0.53 4.86 42.49
C GLU H 223 0.66 6.10 41.60
N VAL H 224 1.56 7.01 42.00
CA VAL H 224 1.59 8.38 41.46
C VAL H 224 1.87 8.38 39.96
N ALA H 225 2.80 7.55 39.49
CA ALA H 225 3.15 7.59 38.08
C ALA H 225 2.07 6.92 37.21
N GLN H 226 2.20 7.10 35.90
CA GLN H 226 1.08 6.85 34.99
C GLN H 226 0.58 5.40 35.10
N ALA H 227 1.44 4.40 34.84
CA ALA H 227 1.00 3.00 34.93
C ALA H 227 1.52 2.27 36.19
N GLN H 228 1.59 2.95 37.31
CA GLN H 228 2.26 2.41 38.48
C GLN H 228 1.25 1.77 39.46
N GLY H 229 1.77 1.13 40.50
CA GLY H 229 0.91 0.38 41.40
C GLY H 229 1.69 -0.09 42.61
N GLU H 230 0.95 -0.71 43.53
CA GLU H 230 1.52 -1.14 44.80
C GLU H 230 0.59 -2.14 45.51
N VAL H 231 1.19 -3.15 46.14
CA VAL H 231 0.44 -4.04 47.01
C VAL H 231 1.11 -4.10 48.37
N GLY H 232 0.31 -3.99 49.43
CA GLY H 232 0.79 -4.08 50.79
C GLY H 232 0.84 -5.50 51.31
N VAL H 233 2.03 -5.95 51.67
CA VAL H 233 2.27 -7.32 52.10
C VAL H 233 2.65 -7.30 53.58
N LYS H 234 1.99 -8.14 54.38
CA LYS H 234 2.36 -8.33 55.77
C LYS H 234 3.87 -8.54 55.92
N PHE H 235 4.42 -7.97 56.98
CA PHE H 235 5.84 -8.02 57.22
C PHE H 235 6.23 -9.41 57.71
N GLY H 236 7.43 -9.85 57.33
CA GLY H 236 8.00 -11.07 57.83
C GLY H 236 9.39 -10.82 58.42
N ASP H 237 10.00 -11.89 58.91
CA ASP H 237 11.39 -11.74 59.32
C ASP H 237 12.30 -11.58 58.11
N LEU H 238 13.50 -11.06 58.36
CA LEU H 238 14.47 -10.73 57.31
C LEU H 238 14.44 -11.69 56.13
N VAL H 239 14.44 -12.99 56.41
CA VAL H 239 14.51 -13.99 55.35
C VAL H 239 13.13 -14.27 54.78
N GLU H 240 12.12 -14.48 55.62
CA GLU H 240 10.76 -14.60 55.10
C GLU H 240 10.35 -13.39 54.25
N ALA H 241 10.66 -12.17 54.73
CA ALA H 241 10.27 -10.94 54.01
C ALA H 241 10.87 -10.90 52.62
N ALA H 242 12.08 -11.45 52.49
CA ALA H 242 12.87 -11.41 51.27
C ALA H 242 12.47 -12.53 50.33
N ASP H 243 12.13 -13.68 50.88
CA ASP H 243 11.42 -14.66 50.08
C ASP H 243 10.17 -14.04 49.49
N ASN H 244 9.44 -13.26 50.29
CA ASN H 244 8.16 -12.72 49.84
C ASN H 244 8.35 -11.59 48.87
N VAL H 245 9.53 -10.97 48.83
CA VAL H 245 9.82 -10.04 47.75
C VAL H 245 9.92 -10.81 46.44
N GLN H 246 10.69 -11.90 46.43
CA GLN H 246 10.88 -12.68 45.20
C GLN H 246 9.56 -13.30 44.75
N LYS H 247 8.83 -13.96 45.65
CA LYS H 247 7.47 -14.41 45.34
C LYS H 247 6.68 -13.36 44.57
N LEU H 248 6.47 -12.20 45.21
CA LEU H 248 5.63 -11.11 44.70
C LEU H 248 6.10 -10.64 43.33
N LYS H 249 7.40 -10.41 43.19
CA LYS H 249 7.94 -9.98 41.92
C LYS H 249 7.51 -10.94 40.83
N TYR H 250 7.58 -12.23 41.12
CA TYR H 250 7.20 -13.26 40.16
C TYR H 250 5.70 -13.28 39.86
N VAL H 251 4.83 -12.95 40.81
CA VAL H 251 3.40 -12.97 40.51
C VAL H 251 2.98 -11.74 39.71
N VAL H 252 3.59 -10.59 39.93
CA VAL H 252 3.28 -9.40 39.16
C VAL H 252 3.73 -9.57 37.70
N LYS H 253 5.02 -9.82 37.51
CA LYS H 253 5.53 -10.08 36.16
C LYS H 253 4.69 -11.15 35.45
N MET H 254 4.23 -12.15 36.18
CA MET H 254 3.55 -13.24 35.52
C MET H 254 2.06 -12.98 35.29
N VAL H 255 1.40 -12.19 36.15
CA VAL H 255 0.02 -11.85 35.85
C VAL H 255 -0.03 -10.76 34.80
N ALA H 256 0.92 -9.82 34.84
CA ALA H 256 1.11 -8.88 33.73
C ALA H 256 1.30 -9.58 32.39
N HIS H 257 2.15 -10.60 32.33
CA HIS H 257 2.36 -11.31 31.07
C HIS H 257 1.10 -12.00 30.61
N LEU H 258 0.41 -12.66 31.53
CA LEU H 258 -0.80 -13.38 31.24
C LEU H 258 -1.91 -12.51 30.65
N ASN H 259 -1.84 -11.19 30.81
CA ASN H 259 -2.90 -10.29 30.38
C ASN H 259 -2.47 -9.42 29.23
N GLY H 260 -1.37 -9.79 28.56
CA GLY H 260 -0.89 -9.08 27.38
C GLY H 260 -0.05 -7.86 27.66
N LYS H 261 0.47 -7.75 28.88
CA LYS H 261 1.20 -6.62 29.38
C LYS H 261 2.57 -7.10 29.84
N THR H 262 3.42 -6.17 30.29
CA THR H 262 4.79 -6.49 30.70
C THR H 262 5.08 -5.64 31.92
N ALA H 263 5.36 -6.27 33.05
CA ALA H 263 5.66 -5.52 34.25
C ALA H 263 7.15 -5.26 34.39
N THR H 264 7.50 -4.27 35.24
CA THR H 264 8.88 -4.04 35.64
C THR H 264 8.94 -3.35 36.99
N PHE H 265 9.86 -3.80 37.83
CA PHE H 265 10.08 -3.16 39.11
C PHE H 265 11.24 -2.20 39.09
N MET H 266 11.77 -1.86 37.93
CA MET H 266 12.95 -1.00 37.88
C MET H 266 12.66 0.36 38.51
N PRO H 267 13.70 1.04 39.02
CA PRO H 267 13.45 2.27 39.78
C PRO H 267 12.90 3.43 38.96
N LYS H 268 13.32 3.61 37.70
CA LYS H 268 12.95 4.81 36.93
C LYS H 268 12.83 4.52 35.44
N PRO H 269 11.67 4.01 34.98
CA PRO H 269 11.51 3.81 33.53
C PRO H 269 11.13 5.09 32.84
N LEU H 270 10.50 5.98 33.59
CA LEU H 270 9.92 7.19 33.00
C LEU H 270 10.69 8.36 33.53
N TYR H 271 11.27 9.11 32.62
CA TYR H 271 11.82 10.40 32.98
C TYR H 271 10.68 11.39 33.15
N GLY H 272 10.65 12.06 34.30
CA GLY H 272 9.64 13.05 34.59
C GLY H 272 8.52 12.60 35.49
N ASP H 273 8.36 11.30 35.71
CA ASP H 273 7.32 10.81 36.60
C ASP H 273 7.95 10.12 37.81
N ASN H 274 7.12 9.82 38.81
CA ASN H 274 7.58 9.14 40.00
C ASN H 274 8.31 7.85 39.65
N GLY H 275 9.44 7.60 40.29
CA GLY H 275 10.04 6.29 40.25
C GLY H 275 9.29 5.29 41.14
N SER H 276 9.78 4.04 41.15
CA SER H 276 9.32 3.00 42.06
C SER H 276 10.33 2.80 43.18
N GLY H 277 9.85 2.81 44.42
CA GLY H 277 10.66 2.48 45.57
C GLY H 277 10.47 1.05 46.07
N MET H 278 11.46 0.62 46.86
CA MET H 278 11.27 -0.45 47.81
C MET H 278 11.40 0.14 49.20
N HIS H 279 10.36 0.86 49.60
CA HIS H 279 10.20 1.26 50.99
C HIS H 279 10.24 0.06 51.89
N THR H 280 11.26 0.02 52.73
CA THR H 280 11.49 -1.04 53.69
C THR H 280 11.17 -0.54 55.10
N HIS H 281 10.12 -1.10 55.70
CA HIS H 281 9.82 -0.89 57.12
C HIS H 281 10.54 -1.93 57.99
N VAL H 282 11.14 -1.49 59.10
CA VAL H 282 12.03 -2.32 59.91
C VAL H 282 11.62 -2.27 61.38
N SER H 283 11.71 -3.40 62.08
CA SER H 283 11.57 -3.36 63.54
C SER H 283 12.27 -4.56 64.16
N VAL H 284 12.77 -4.40 65.37
CA VAL H 284 13.53 -5.46 66.02
C VAL H 284 12.79 -5.87 67.29
N TRP H 285 12.65 -7.17 67.50
CA TRP H 285 11.87 -7.69 68.60
C TRP H 285 12.72 -8.59 69.48
N LYS H 286 12.46 -8.59 70.79
CA LYS H 286 13.09 -9.56 71.68
C LYS H 286 12.10 -10.01 72.74
N ASN H 287 11.86 -11.32 72.80
CA ASN H 287 10.90 -11.92 73.71
C ASN H 287 9.53 -11.26 73.54
N ASN H 288 9.19 -10.96 72.29
CA ASN H 288 7.88 -10.51 71.82
C ASN H 288 7.50 -9.13 72.34
N GLU H 289 8.48 -8.29 72.66
CA GLU H 289 8.29 -6.85 72.75
C GLU H 289 9.00 -6.20 71.57
N ASN H 290 8.37 -5.21 70.97
CA ASN H 290 9.01 -4.41 69.94
C ASN H 290 9.99 -3.44 70.59
N LEU H 291 11.30 -3.69 70.42
CA LEU H 291 12.32 -2.83 71.03
C LEU H 291 12.51 -1.48 70.33
N PHE H 292 11.87 -1.24 69.17
CA PHE H 292 11.75 0.09 68.63
C PHE H 292 10.73 0.92 69.39
N SER H 293 9.82 0.28 70.10
CA SER H 293 8.81 0.98 70.87
C SER H 293 9.46 1.69 72.06
N GLY H 294 9.08 2.93 72.29
CA GLY H 294 9.63 3.63 73.42
C GLY H 294 8.94 4.95 73.68
N GLU H 295 9.61 5.79 74.47
CA GLU H 295 9.10 7.08 74.88
C GLU H 295 10.06 8.19 74.51
N THR H 296 10.97 7.94 73.58
CA THR H 296 12.09 8.84 73.33
C THR H 296 11.82 9.80 72.19
N TYR H 297 11.46 9.33 71.01
CA TYR H 297 11.11 10.19 69.89
C TYR H 297 9.89 9.64 69.19
N LYS H 298 8.83 10.45 69.14
CA LYS H 298 7.57 10.19 68.45
C LYS H 298 7.03 8.78 68.61
N GLY H 299 7.38 8.11 69.71
CA GLY H 299 6.95 6.75 69.94
C GLY H 299 8.02 5.71 69.76
N LEU H 300 9.23 6.11 69.40
CA LEU H 300 10.36 5.21 69.20
C LEU H 300 11.25 5.21 70.41
N SER H 301 12.01 4.12 70.55
CA SER H 301 12.90 3.86 71.67
C SER H 301 14.33 4.29 71.38
N GLU H 302 15.12 4.43 72.44
CA GLU H 302 16.51 4.77 72.25
C GLU H 302 17.24 3.68 71.46
N PHE H 303 16.86 2.42 71.67
CA PHE H 303 17.31 1.33 70.80
C PHE H 303 17.08 1.69 69.33
N ALA H 304 15.81 1.98 69.01
CA ALA H 304 15.43 2.30 67.63
C ALA H 304 16.28 3.42 67.06
N LEU H 305 16.46 4.50 67.82
CA LEU H 305 17.13 5.68 67.26
C LEU H 305 18.59 5.38 66.93
N HIS H 306 19.24 4.55 67.76
CA HIS H 306 20.60 4.13 67.48
C HIS H 306 20.64 3.24 66.23
N PHE H 307 19.65 2.35 66.12
CA PHE H 307 19.49 1.60 64.89
C PHE H 307 19.54 2.57 63.72
N LEU H 308 18.62 3.51 63.75
CA LEU H 308 18.58 4.57 62.75
C LEU H 308 19.94 5.26 62.63
N GLY H 309 20.57 5.54 63.77
CA GLY H 309 21.87 6.19 63.75
C GLY H 309 22.90 5.46 62.92
N GLY H 310 22.92 4.12 63.03
CA GLY H 310 23.84 3.32 62.25
C GLY H 310 23.52 3.17 60.78
N VAL H 311 22.24 3.16 60.40
CA VAL H 311 21.95 3.09 58.98
C VAL H 311 22.30 4.40 58.29
N LEU H 312 22.02 5.52 58.96
CA LEU H 312 22.40 6.83 58.42
C LEU H 312 23.92 7.04 58.43
N ARG H 313 24.63 6.53 59.43
CA ARG H 313 26.09 6.60 59.36
C ARG H 313 26.61 5.92 58.08
N HIS H 314 26.33 4.62 57.96
CA HIS H 314 26.74 3.78 56.85
C HIS H 314 25.86 3.92 55.64
N ALA H 315 25.04 4.97 55.58
CA ALA H 315 24.03 5.08 54.53
C ALA H 315 24.64 5.02 53.14
N ARG H 316 25.66 5.83 52.86
CA ARG H 316 26.20 5.93 51.50
C ARG H 316 27.01 4.70 51.08
N GLY H 317 27.49 3.92 52.03
CA GLY H 317 28.08 2.65 51.68
C GLY H 317 26.97 1.64 51.52
N LEU H 318 25.98 1.71 52.41
CA LEU H 318 24.83 0.81 52.31
C LEU H 318 24.22 0.84 50.91
N ALA H 319 24.28 2.00 50.23
CA ALA H 319 23.57 2.22 48.97
C ALA H 319 24.05 1.31 47.84
N ALA H 320 25.23 0.70 47.95
CA ALA H 320 25.64 -0.22 46.91
C ALA H 320 24.81 -1.50 46.92
N PHE H 321 24.21 -1.85 48.07
CA PHE H 321 23.36 -3.01 48.17
C PHE H 321 21.90 -2.66 47.96
N THR H 322 21.47 -1.52 48.48
CA THR H 322 20.06 -1.16 48.47
C THR H 322 19.64 -0.42 47.21
N ASN H 323 20.51 0.42 46.67
CA ASN H 323 20.26 1.18 45.43
C ASN H 323 21.22 0.68 44.36
N ALA H 324 21.00 -0.56 43.90
CA ALA H 324 22.06 -1.44 43.39
C ALA H 324 22.24 -1.40 41.87
N SER H 325 21.76 -0.37 41.20
CA SER H 325 21.94 -0.29 39.77
C SER H 325 22.24 1.15 39.46
N THR H 326 22.61 1.43 38.21
CA THR H 326 22.78 2.83 37.85
C THR H 326 21.41 3.51 37.72
N ASN H 327 20.43 2.73 37.27
CA ASN H 327 19.08 3.24 37.14
C ASN H 327 18.56 3.78 38.46
N SER H 328 18.91 3.13 39.56
CA SER H 328 18.57 3.57 40.90
C SER H 328 18.74 5.06 41.11
N TYR H 329 19.84 5.59 40.58
CA TYR H 329 20.28 6.94 40.92
C TYR H 329 19.57 8.01 40.13
N LYS H 330 18.73 7.60 39.18
CA LYS H 330 17.87 8.54 38.46
C LYS H 330 16.58 8.76 39.19
N ARG H 331 16.17 7.74 39.95
CA ARG H 331 15.10 7.81 40.94
C ARG H 331 15.41 8.78 42.08
N LEU H 332 16.67 9.14 42.30
CA LEU H 332 17.05 9.92 43.47
C LEU H 332 17.33 11.39 43.15
N ILE H 333 16.48 12.01 42.34
CA ILE H 333 16.48 13.45 42.12
C ILE H 333 15.30 14.02 42.92
N PRO H 334 15.41 15.22 43.48
CA PRO H 334 14.27 15.77 44.24
C PRO H 334 13.09 16.06 43.31
N GLY H 335 11.89 15.77 43.82
CA GLY H 335 10.67 16.11 43.13
C GLY H 335 9.67 14.98 42.95
N TYR H 336 10.03 13.77 43.40
CA TYR H 336 9.19 12.59 43.19
C TYR H 336 9.18 11.72 44.43
N GLU H 337 9.13 12.36 45.60
CA GLU H 337 8.82 11.66 46.84
C GLU H 337 9.76 10.49 47.07
N ALA H 338 11.00 10.64 46.63
CA ALA H 338 12.11 9.73 46.87
C ALA H 338 13.28 10.51 47.47
N PRO H 339 13.97 9.94 48.45
CA PRO H 339 14.98 10.70 49.20
C PRO H 339 16.26 10.98 48.42
N SER H 340 16.81 12.17 48.62
CA SER H 340 18.21 12.44 48.36
C SER H 340 18.96 12.71 49.66
N ILE H 341 18.49 13.70 50.43
CA ILE H 341 19.14 14.09 51.67
C ILE H 341 18.99 13.00 52.71
N LEU H 342 20.09 12.67 53.39
CA LEU H 342 20.06 11.62 54.41
C LEU H 342 19.60 12.21 55.74
N THR H 343 18.29 12.13 55.98
CA THR H 343 17.72 12.52 57.25
C THR H 343 16.51 11.65 57.52
N TYR H 344 15.96 11.79 58.72
CA TYR H 344 14.75 11.10 59.15
C TYR H 344 13.72 12.14 59.59
N SER H 345 12.45 11.76 59.64
CA SER H 345 11.38 12.71 59.97
C SER H 345 10.03 12.02 60.07
N ALA H 346 9.14 12.64 60.82
CA ALA H 346 7.80 12.13 60.99
C ALA H 346 6.95 12.64 59.84
N ASN H 347 6.20 11.73 59.22
CA ASN H 347 5.20 12.05 58.20
C ASN H 347 5.83 12.57 56.91
N ASN H 348 7.15 12.81 56.90
CA ASN H 348 7.81 13.54 55.83
C ASN H 348 8.26 12.60 54.72
N ARG H 349 7.82 12.85 53.51
CA ARG H 349 8.17 11.97 52.42
C ARG H 349 9.29 12.53 51.54
N SER H 350 9.91 13.62 51.95
CA SER H 350 11.08 14.09 51.24
C SER H 350 12.35 13.62 51.95
N ALA H 351 12.19 12.87 53.04
CA ALA H 351 13.28 12.39 53.88
C ALA H 351 13.65 10.94 53.57
N SER H 352 14.90 10.58 53.88
CA SER H 352 15.35 9.21 53.68
C SER H 352 14.59 8.26 54.57
N VAL H 353 14.34 8.64 55.80
CA VAL H 353 13.61 7.78 56.71
C VAL H 353 12.35 8.53 57.08
N ARG H 354 11.25 7.80 57.28
CA ARG H 354 9.99 8.41 57.65
C ARG H 354 9.38 7.60 58.78
N ILE H 355 9.12 8.25 59.91
CA ILE H 355 8.37 7.66 61.02
C ILE H 355 6.88 7.81 60.77
N PRO H 356 6.19 6.74 60.41
CA PRO H 356 4.79 6.86 59.95
C PRO H 356 3.81 7.10 61.09
N TYR H 357 2.66 7.67 60.71
CA TYR H 357 1.71 8.18 61.70
C TYR H 357 1.14 7.06 62.57
N GLY H 358 0.75 5.95 61.94
CA GLY H 358 0.21 4.84 62.70
C GLY H 358 1.29 4.08 63.43
N ILE H 359 1.58 4.48 64.68
CA ILE H 359 2.70 3.91 65.46
C ILE H 359 2.19 3.58 66.86
N SER H 360 1.84 2.31 67.09
CA SER H 360 1.43 1.80 68.39
C SER H 360 2.58 1.04 69.04
N LYS H 361 2.32 0.49 70.23
CA LYS H 361 3.26 -0.46 70.83
C LYS H 361 3.60 -1.61 69.89
N ASN H 362 2.78 -1.83 68.86
CA ASN H 362 3.03 -2.89 67.90
C ASN H 362 3.67 -2.38 66.62
N SER H 363 3.30 -1.20 66.16
CA SER H 363 3.73 -0.78 64.83
C SER H 363 5.02 0.03 64.85
N ALA H 364 5.56 0.38 66.01
CA ALA H 364 6.76 1.23 66.06
C ALA H 364 7.85 0.71 65.12
N ARG H 365 8.18 1.48 64.09
CA ARG H 365 9.16 1.07 63.09
C ARG H 365 9.79 2.33 62.50
N PHE H 366 10.69 2.12 61.55
CA PHE H 366 11.09 3.13 60.57
C PHE H 366 10.74 2.61 59.18
N GLU H 367 10.72 3.55 58.24
CA GLU H 367 10.52 3.28 56.81
C GLU H 367 11.66 3.89 56.05
N PHE H 368 12.59 3.06 55.62
CA PHE H 368 13.73 3.53 54.85
C PHE H 368 13.28 3.63 53.40
N ARG H 369 13.28 4.83 52.85
CA ARG H 369 12.61 5.02 51.58
C ARG H 369 13.56 4.89 50.41
N PHE H 370 14.84 4.99 50.67
CA PHE H 370 15.83 5.03 49.61
C PHE H 370 16.06 3.74 48.80
N PRO H 371 15.87 2.52 49.37
CA PRO H 371 16.20 1.31 48.60
C PRO H 371 15.28 1.16 47.40
N ASP H 372 15.71 0.38 46.41
CA ASP H 372 14.76 0.00 45.36
C ASP H 372 14.75 -1.50 45.22
N SER H 373 14.07 -1.95 44.16
CA SER H 373 13.88 -3.35 43.82
C SER H 373 14.93 -3.85 42.82
N SER H 374 15.87 -2.99 42.42
CA SER H 374 17.05 -3.41 41.68
C SER H 374 18.10 -4.02 42.59
N SER H 375 17.87 -3.97 43.90
CA SER H 375 18.68 -4.69 44.86
C SER H 375 18.29 -6.16 44.88
N ASN H 376 19.27 -7.00 45.15
CA ASN H 376 18.93 -8.30 45.71
C ASN H 376 18.38 -8.10 47.11
N PRO H 377 17.08 -8.43 47.34
CA PRO H 377 16.47 -8.21 48.66
C PRO H 377 17.15 -8.96 49.80
N TYR H 378 17.77 -10.11 49.53
CA TYR H 378 18.49 -10.77 50.60
C TYR H 378 19.71 -9.97 51.00
N LEU H 379 20.48 -9.52 50.00
CA LEU H 379 21.62 -8.67 50.29
C LEU H 379 21.18 -7.39 50.98
N ALA H 380 20.09 -6.79 50.48
CA ALA H 380 19.66 -5.47 50.92
C ALA H 380 19.18 -5.48 52.37
N PHE H 381 18.36 -6.47 52.75
CA PHE H 381 17.94 -6.56 54.16
C PHE H 381 19.09 -6.98 55.06
N ALA H 382 19.90 -7.94 54.64
CA ALA H 382 21.05 -8.26 55.45
C ALA H 382 21.79 -6.97 55.75
N ALA H 383 22.19 -6.25 54.68
CA ALA H 383 23.07 -5.10 54.84
C ALA H 383 22.48 -4.08 55.80
N ILE H 384 21.15 -3.89 55.75
CA ILE H 384 20.50 -2.97 56.68
C ILE H 384 20.67 -3.45 58.11
N LEU H 385 20.31 -4.71 58.38
CA LEU H 385 20.49 -5.20 59.74
C LEU H 385 21.86 -4.82 60.27
N MET H 386 22.92 -5.28 59.61
CA MET H 386 24.28 -4.99 60.07
C MET H 386 24.50 -3.49 60.25
N ALA H 387 24.07 -2.69 59.27
CA ALA H 387 24.08 -1.24 59.41
C ALA H 387 23.41 -0.80 60.70
N GLY H 388 22.28 -1.44 61.07
CA GLY H 388 21.57 -1.15 62.31
C GLY H 388 22.17 -1.80 63.56
N MET H 389 22.52 -3.08 63.49
CA MET H 389 23.19 -3.70 64.64
C MET H 389 24.39 -2.87 65.05
N ASP H 390 25.18 -2.42 64.08
CA ASP H 390 26.33 -1.58 64.37
C ASP H 390 25.94 -0.35 65.16
N GLY H 391 24.85 0.31 64.74
CA GLY H 391 24.40 1.53 65.37
C GLY H 391 23.90 1.34 66.78
N VAL H 392 23.29 0.19 67.08
CA VAL H 392 22.91 -0.10 68.45
C VAL H 392 24.13 -0.36 69.31
N LYS H 393 25.05 -1.20 68.81
CA LYS H 393 26.22 -1.56 69.59
C LYS H 393 27.11 -0.34 69.90
N ASN H 394 27.18 0.64 69.00
CA ASN H 394 28.02 1.81 69.25
C ASN H 394 27.26 3.08 69.68
N LYS H 395 25.97 2.95 70.01
CA LYS H 395 25.11 4.08 70.39
C LYS H 395 25.25 5.29 69.44
N ILE H 396 25.27 4.97 68.14
CA ILE H 396 25.40 6.00 67.12
C ILE H 396 24.20 6.93 67.20
N ASP H 397 24.48 8.20 67.37
CA ASP H 397 23.43 9.18 67.49
C ASP H 397 22.99 9.62 66.09
N PRO H 398 21.72 9.45 65.71
CA PRO H 398 21.27 9.90 64.38
C PRO H 398 21.13 11.39 64.22
N GLY H 399 21.40 12.18 65.24
CA GLY H 399 21.37 13.61 65.05
C GLY H 399 19.96 14.14 65.10
N GLU H 400 19.81 15.39 64.66
CA GLU H 400 18.53 16.07 64.81
C GLU H 400 17.66 15.88 63.57
N ALA H 401 16.39 15.56 63.77
CA ALA H 401 15.48 15.39 62.66
C ALA H 401 15.21 16.72 61.95
N MET H 402 14.81 16.63 60.70
CA MET H 402 14.58 17.81 59.88
C MET H 402 13.14 17.74 59.37
N ASP H 403 12.25 18.51 60.00
CA ASP H 403 10.82 18.50 59.70
C ASP H 403 10.47 19.51 58.60
N ILE H 404 11.19 19.50 57.48
CA ILE H 404 10.94 20.44 56.40
C ILE H 404 10.79 19.65 55.11
N ASN H 405 10.36 20.35 54.06
CA ASN H 405 10.35 19.81 52.70
C ASN H 405 11.77 19.86 52.18
N LEU H 406 12.50 18.76 52.37
CA LEU H 406 13.94 18.77 52.05
C LEU H 406 14.20 19.20 50.63
N PHE H 407 13.24 18.98 49.73
CA PHE H 407 13.43 19.35 48.33
C PHE H 407 13.72 20.83 48.20
N LYS H 408 12.92 21.68 48.86
CA LYS H 408 13.11 23.11 48.70
C LYS H 408 14.48 23.60 49.20
N LEU H 409 15.33 22.74 49.77
CA LEU H 409 16.67 23.17 50.15
C LEU H 409 17.49 23.53 48.90
N THR H 410 18.56 24.27 49.07
CA THR H 410 19.37 24.59 47.92
C THR H 410 20.66 23.82 47.90
N LEU H 411 21.25 23.86 46.74
CA LEU H 411 22.55 23.21 46.52
C LEU H 411 23.64 23.89 47.34
N ASP H 412 23.97 25.13 46.98
CA ASP H 412 24.96 25.92 47.72
C ASP H 412 24.66 25.99 49.22
N GLU H 413 23.43 25.68 49.63
CA GLU H 413 23.09 25.61 51.05
C GLU H 413 23.45 24.26 51.64
N ILE H 414 22.88 23.18 51.10
CA ILE H 414 23.03 21.85 51.71
C ILE H 414 24.48 21.44 51.88
N ARG H 415 25.40 21.99 51.07
CA ARG H 415 26.84 21.72 51.21
C ARG H 415 27.48 22.62 52.25
N GLU H 416 27.10 23.91 52.29
CA GLU H 416 27.51 24.78 53.38
C GLU H 416 26.79 24.41 54.69
N LYS H 417 25.49 24.12 54.63
CA LYS H 417 24.81 23.56 55.78
C LYS H 417 25.35 22.18 56.12
N GLY H 418 25.75 21.42 55.09
CA GLY H 418 26.68 20.30 55.17
C GLY H 418 26.13 19.01 55.79
N ILE H 419 24.88 18.63 55.50
CA ILE H 419 24.35 17.34 55.93
C ILE H 419 24.46 16.37 54.77
N LYS H 420 24.39 15.08 55.08
CA LYS H 420 24.78 14.03 54.14
C LYS H 420 23.70 13.76 53.10
N GLN H 421 24.15 13.44 51.88
CA GLN H 421 23.25 13.16 50.76
C GLN H 421 23.62 11.82 50.14
N MET H 422 22.67 11.25 49.39
CA MET H 422 22.89 9.99 48.70
C MET H 422 23.97 10.15 47.63
N PRO H 423 24.70 9.07 47.31
CA PRO H 423 25.73 9.20 46.26
C PRO H 423 25.06 9.34 44.90
N HIS H 424 25.61 10.20 44.07
CA HIS H 424 24.94 10.51 42.79
C HIS H 424 25.09 9.41 41.72
N THR H 425 26.02 8.44 41.89
CA THR H 425 26.29 7.41 40.89
C THR H 425 26.48 6.11 41.63
N LEU H 426 26.27 5.00 40.92
CA LEU H 426 26.54 3.70 41.54
C LEU H 426 28.02 3.54 41.86
N ARG H 427 28.92 4.00 40.97
CA ARG H 427 30.37 3.89 41.21
C ARG H 427 30.77 4.58 42.52
N ARG H 428 30.19 5.76 42.79
CA ARG H 428 30.47 6.48 44.04
C ARG H 428 30.05 5.67 45.26
N SER H 429 28.89 5.00 45.20
CA SER H 429 28.41 4.25 46.35
C SER H 429 29.22 2.98 46.56
N LEU H 430 29.76 2.41 45.49
CA LEU H 430 30.65 1.28 45.65
C LEU H 430 31.93 1.71 46.35
N GLU H 431 32.49 2.85 45.92
CA GLU H 431 33.72 3.36 46.49
C GLU H 431 33.50 3.73 47.94
N GLU H 432 32.37 4.36 48.25
CA GLU H 432 32.01 4.59 49.65
C GLU H 432 31.90 3.27 50.40
N MET H 433 31.57 2.18 49.70
CA MET H 433 31.29 0.92 50.36
C MET H 433 32.56 0.15 50.64
N LEU H 434 33.43 0.05 49.62
CA LEU H 434 34.70 -0.63 49.81
C LEU H 434 35.51 -0.04 50.97
N ALA H 435 35.26 1.21 51.33
CA ALA H 435 36.05 1.95 52.30
C ALA H 435 35.37 1.99 53.66
N ASP H 436 34.35 1.18 53.86
CA ASP H 436 33.50 1.22 55.04
C ASP H 436 32.82 -0.14 55.16
N LYS H 437 33.59 -1.22 55.07
CA LYS H 437 33.00 -2.54 55.05
C LYS H 437 32.94 -3.21 56.42
N GLN H 438 33.57 -2.62 57.46
CA GLN H 438 33.84 -3.38 58.67
C GLN H 438 32.56 -3.84 59.37
N TYR H 439 31.47 -3.06 59.28
CA TYR H 439 30.20 -3.49 59.85
C TYR H 439 29.61 -4.67 59.10
N LEU H 440 29.84 -4.74 57.78
CA LEU H 440 29.41 -5.89 57.00
C LEU H 440 30.15 -7.17 57.43
N LYS H 441 31.48 -7.08 57.61
CA LYS H 441 32.25 -8.29 57.89
C LYS H 441 32.12 -8.77 59.33
N GLU H 442 31.33 -8.11 60.18
CA GLU H 442 31.14 -8.61 61.54
C GLU H 442 30.61 -10.05 61.53
N SER H 443 31.25 -10.91 62.31
CA SER H 443 30.89 -12.31 62.44
C SER H 443 30.80 -13.01 61.10
N GLN H 444 31.52 -12.47 60.12
CA GLN H 444 31.77 -13.13 58.85
C GLN H 444 30.49 -13.29 58.03
N VAL H 445 29.47 -12.46 58.32
CA VAL H 445 28.15 -12.49 57.67
C VAL H 445 28.34 -12.23 56.17
N PHE H 446 28.69 -11.01 55.83
CA PHE H 446 29.33 -10.70 54.55
C PHE H 446 30.79 -11.07 54.67
N SER H 447 31.25 -12.03 53.87
CA SER H 447 32.69 -12.21 53.82
C SER H 447 33.32 -11.22 52.84
N GLU H 448 34.65 -11.10 52.93
CA GLU H 448 35.40 -10.22 52.03
C GLU H 448 35.47 -10.81 50.63
N GLU H 449 35.60 -12.13 50.54
CA GLU H 449 35.59 -12.76 49.23
C GLU H 449 34.26 -12.53 48.54
N PHE H 450 33.18 -12.33 49.30
CA PHE H 450 31.90 -11.97 48.70
C PHE H 450 31.88 -10.51 48.26
N ILE H 451 32.19 -9.58 49.16
CA ILE H 451 32.15 -8.15 48.85
C ILE H 451 32.99 -7.85 47.62
N GLN H 452 34.11 -8.55 47.46
CA GLN H 452 34.97 -8.30 46.31
C GLN H 452 34.31 -8.80 45.03
N ALA H 453 33.65 -9.96 45.10
CA ALA H 453 32.88 -10.48 43.97
C ALA H 453 31.70 -9.56 43.66
N TYR H 454 31.08 -9.03 44.71
CA TYR H 454 30.00 -8.08 44.53
C TYR H 454 30.50 -6.84 43.79
N GLN H 455 31.52 -6.18 44.32
CA GLN H 455 31.94 -4.93 43.71
C GLN H 455 32.41 -5.15 42.28
N SER H 456 33.01 -6.29 42.01
CA SER H 456 33.41 -6.56 40.64
C SER H 456 32.21 -6.77 39.75
N LEU H 457 31.30 -7.65 40.17
CA LEU H 457 30.03 -7.88 39.49
C LEU H 457 29.38 -6.58 39.07
N LYS H 458 29.42 -5.57 39.92
CA LYS H 458 28.65 -4.37 39.69
C LYS H 458 29.39 -3.43 38.78
N PHE H 459 30.69 -3.21 39.05
CA PHE H 459 31.48 -2.33 38.18
C PHE H 459 31.39 -2.76 36.73
N ASN H 460 31.52 -4.06 36.47
CA ASN H 460 31.55 -4.56 35.09
C ASN H 460 30.16 -4.70 34.48
N ALA H 461 29.16 -5.03 35.28
CA ALA H 461 27.84 -5.24 34.73
C ALA H 461 27.03 -3.95 34.62
N GLU H 462 27.27 -2.96 35.49
CA GLU H 462 26.47 -1.75 35.49
C GLU H 462 27.25 -0.45 35.33
N VAL H 463 28.41 -0.29 35.99
CA VAL H 463 29.12 1.00 35.92
C VAL H 463 29.79 1.18 34.57
N PHE H 464 30.50 0.14 34.09
CA PHE H 464 31.34 0.31 32.91
C PHE H 464 30.54 0.44 31.62
N PRO H 465 29.39 -0.23 31.45
CA PRO H 465 28.50 0.14 30.33
C PRO H 465 28.04 1.60 30.39
N TRP H 466 27.71 2.11 31.58
CA TRP H 466 27.14 3.43 31.65
C TRP H 466 28.16 4.49 31.27
N GLU H 467 29.37 4.40 31.83
CA GLU H 467 30.40 5.37 31.51
C GLU H 467 30.82 5.30 30.04
N SER H 468 30.51 4.20 29.36
CA SER H 468 31.06 3.97 28.04
C SER H 468 30.06 4.06 26.90
N LYS H 469 28.76 4.04 27.17
CA LYS H 469 27.78 4.09 26.08
C LYS H 469 27.28 5.51 25.89
N PRO H 470 27.50 6.12 24.72
CA PRO H 470 26.91 7.43 24.41
C PRO H 470 25.46 7.55 24.84
N HIS H 471 25.13 8.65 25.57
CA HIS H 471 23.73 8.85 25.94
C HIS H 471 23.02 9.63 24.83
N PRO H 472 21.79 9.24 24.48
CA PRO H 472 21.03 10.02 23.48
C PRO H 472 21.05 11.50 23.73
N PHE H 473 20.90 11.92 25.00
CA PHE H 473 20.86 13.35 25.28
C PHE H 473 22.21 14.02 24.98
N GLU H 474 23.31 13.29 25.09
CA GLU H 474 24.62 13.80 24.73
C GLU H 474 24.65 14.29 23.29
N PHE H 475 23.66 13.91 22.49
CA PHE H 475 23.61 14.34 21.10
C PHE H 475 22.85 15.66 20.94
N ILE H 476 21.77 15.86 21.70
CA ILE H 476 21.11 17.17 21.77
C ILE H 476 22.10 18.25 22.20
N THR H 477 23.04 17.87 23.09
CA THR H 477 23.95 18.78 23.77
C THR H 477 25.25 19.03 23.02
N THR H 478 25.96 17.94 22.67
CA THR H 478 27.32 18.05 22.18
C THR H 478 27.45 17.86 20.68
N TYR H 479 26.45 17.25 20.02
CA TYR H 479 26.65 16.85 18.63
C TYR H 479 27.05 18.00 17.71
N SER H 480 26.59 19.22 18.00
CA SER H 480 26.84 20.35 17.11
C SER H 480 28.05 21.18 17.49
N CYS H 481 28.70 20.87 18.62
CA CYS H 481 29.98 21.48 18.97
C CYS H 481 30.96 21.41 17.80
N ASN I 7 13.04 -62.07 17.96
CA ASN I 7 11.76 -62.07 18.67
C ASN I 7 11.17 -63.46 18.85
N SER I 8 11.27 -63.99 20.08
CA SER I 8 10.63 -65.25 20.45
C SER I 8 9.15 -65.26 20.08
N GLU I 9 8.53 -66.44 20.13
CA GLU I 9 7.08 -66.52 19.95
C GLU I 9 6.36 -65.83 21.08
N SER I 10 6.94 -65.82 22.29
CA SER I 10 6.28 -65.13 23.39
C SER I 10 6.22 -63.63 23.14
N LYS I 11 7.34 -63.04 22.67
CA LYS I 11 7.38 -61.60 22.44
C LYS I 11 6.41 -61.17 21.34
N ILE I 12 6.15 -62.04 20.36
CA ILE I 12 5.17 -61.72 19.32
C ILE I 12 3.76 -61.63 19.91
N LYS I 13 3.33 -62.65 20.64
CA LYS I 13 1.93 -62.65 21.11
C LYS I 13 1.70 -61.52 22.10
N GLU I 14 2.68 -61.22 22.94
CA GLU I 14 2.60 -60.10 23.87
C GLU I 14 2.71 -58.74 23.18
N PHE I 15 3.17 -58.69 21.92
CA PHE I 15 3.06 -57.47 21.10
C PHE I 15 1.69 -57.33 20.45
N PHE I 16 1.14 -58.42 19.91
CA PHE I 16 -0.22 -58.38 19.40
C PHE I 16 -1.21 -57.93 20.47
N GLU I 17 -1.13 -58.54 21.66
CA GLU I 17 -1.92 -58.14 22.81
C GLU I 17 -1.92 -56.63 23.00
N PHE I 18 -0.73 -56.02 22.96
CA PHE I 18 -0.59 -54.58 23.19
C PHE I 18 -1.36 -53.78 22.15
N CYS I 19 -1.26 -54.14 20.88
CA CYS I 19 -1.91 -53.38 19.82
C CYS I 19 -3.43 -53.43 19.95
N LYS I 20 -3.98 -54.64 20.11
CA LYS I 20 -5.43 -54.83 20.18
C LYS I 20 -6.05 -54.11 21.37
N GLU I 21 -5.34 -54.03 22.49
CA GLU I 21 -5.82 -53.31 23.66
C GLU I 21 -5.84 -51.80 23.41
N ASN I 22 -4.70 -51.24 23.00
CA ASN I 22 -4.54 -49.80 22.75
C ASN I 22 -5.19 -49.33 21.46
N GLU I 23 -5.88 -50.20 20.73
CA GLU I 23 -6.69 -49.87 19.55
C GLU I 23 -5.84 -49.57 18.32
N VAL I 24 -4.74 -50.30 18.13
CA VAL I 24 -3.79 -49.98 17.08
C VAL I 24 -4.42 -50.20 15.71
N GLU I 25 -4.26 -49.21 14.83
CA GLU I 25 -4.62 -49.40 13.44
C GLU I 25 -3.44 -49.37 12.49
N PHE I 26 -2.24 -48.96 12.94
CA PHE I 26 -1.06 -48.93 12.09
C PHE I 26 0.20 -49.38 12.84
N VAL I 27 1.17 -49.91 12.09
CA VAL I 27 2.45 -50.30 12.65
C VAL I 27 3.55 -49.59 11.87
N ASP I 28 4.24 -48.68 12.55
CA ASP I 28 5.24 -47.77 11.99
C ASP I 28 6.64 -48.34 12.28
N PHE I 29 7.23 -49.07 11.33
CA PHE I 29 8.57 -49.62 11.55
C PHE I 29 9.65 -48.55 11.31
N ARG I 30 10.55 -48.35 12.28
CA ARG I 30 11.50 -47.24 12.21
C ARG I 30 12.93 -47.74 12.29
N PHE I 31 13.81 -47.13 11.48
CA PHE I 31 15.23 -47.47 11.52
C PHE I 31 16.10 -46.26 11.30
N SER I 32 17.38 -46.40 11.66
CA SER I 32 18.34 -45.31 11.53
C SER I 32 19.31 -45.58 10.38
N ASP I 33 19.54 -44.58 9.56
CA ASP I 33 20.57 -44.75 8.55
C ASP I 33 21.90 -44.26 9.12
N ILE I 34 22.96 -44.35 8.31
CA ILE I 34 24.28 -44.00 8.80
C ILE I 34 24.29 -42.59 9.37
N LYS I 35 23.66 -41.64 8.68
CA LYS I 35 23.66 -40.27 9.17
C LYS I 35 23.03 -40.16 10.56
N GLY I 36 22.24 -41.16 10.96
CA GLY I 36 21.51 -41.08 12.20
C GLY I 36 20.12 -40.53 12.03
N THR I 37 19.53 -40.69 10.85
CA THR I 37 18.23 -40.12 10.53
C THR I 37 17.15 -41.17 10.63
N TRP I 38 16.12 -40.90 11.41
CA TRP I 38 15.09 -41.89 11.69
C TRP I 38 14.13 -41.94 10.52
N ASN I 39 14.08 -43.09 9.85
CA ASN I 39 13.18 -43.36 8.75
C ASN I 39 12.11 -44.34 9.24
N HIS I 40 10.91 -44.24 8.68
CA HIS I 40 9.80 -45.11 9.08
C HIS I 40 9.06 -45.60 7.85
N ILE I 41 8.30 -46.69 8.04
CA ILE I 41 7.41 -47.23 7.03
C ILE I 41 6.29 -47.96 7.74
N ALA I 42 5.06 -47.68 7.34
CA ALA I 42 3.89 -48.15 8.08
C ALA I 42 3.11 -49.22 7.33
N TYR I 43 2.57 -50.16 8.08
CA TYR I 43 1.66 -51.19 7.60
C TYR I 43 0.29 -51.02 8.25
N SER I 44 -0.76 -51.23 7.48
CA SER I 44 -2.09 -51.42 8.04
C SER I 44 -2.03 -52.55 9.05
N PHE I 45 -2.47 -52.29 10.28
CA PHE I 45 -2.38 -53.32 11.32
C PHE I 45 -3.11 -54.61 10.91
N GLY I 46 -4.31 -54.50 10.35
CA GLY I 46 -4.99 -55.66 9.82
C GLY I 46 -4.13 -56.57 8.98
N ALA I 47 -3.12 -56.00 8.33
CA ALA I 47 -2.26 -56.73 7.41
C ALA I 47 -1.05 -57.40 8.07
N LEU I 48 -0.76 -57.14 9.35
CA LEU I 48 0.37 -57.80 10.01
C LEU I 48 0.02 -59.26 10.31
N THR I 49 0.99 -60.14 10.14
CA THR I 49 0.82 -61.56 10.40
C THR I 49 1.91 -62.01 11.35
N HIS I 50 1.66 -63.13 12.06
CA HIS I 50 2.72 -63.68 12.91
C HIS I 50 3.99 -63.91 12.10
N GLY I 51 3.87 -64.08 10.78
CA GLY I 51 5.04 -64.44 9.99
C GLY I 51 5.92 -63.25 9.66
N MET I 52 5.30 -62.13 9.28
CA MET I 52 6.10 -60.99 8.87
C MET I 52 7.08 -60.59 9.96
N LEU I 53 6.63 -60.58 11.21
CA LEU I 53 7.43 -60.25 12.38
C LEU I 53 8.60 -61.19 12.62
N LYS I 54 8.75 -62.24 11.81
CA LYS I 54 9.97 -63.05 11.85
C LYS I 54 10.77 -62.96 10.56
N GLU I 55 10.10 -62.93 9.40
CA GLU I 55 10.82 -62.78 8.14
C GLU I 55 11.27 -61.35 7.96
N GLY I 56 10.53 -60.41 8.55
CA GLY I 56 10.85 -59.02 8.44
C GLY I 56 10.24 -58.41 7.22
N ILE I 57 10.48 -57.12 7.11
CA ILE I 57 9.74 -56.21 6.23
C ILE I 57 10.67 -55.84 5.07
N PRO I 58 10.23 -55.97 3.82
CA PRO I 58 11.12 -55.67 2.68
C PRO I 58 11.25 -54.18 2.43
N PHE I 59 12.41 -53.74 1.95
CA PHE I 59 12.52 -52.30 1.68
C PHE I 59 13.65 -51.99 0.71
N ASP I 60 13.67 -50.73 0.23
CA ASP I 60 14.54 -50.26 -0.86
C ASP I 60 15.79 -49.60 -0.29
N ALA I 61 16.81 -50.38 -0.03
CA ALA I 61 17.96 -49.88 0.70
C ALA I 61 18.90 -48.99 -0.14
N SER I 62 18.55 -48.60 -1.37
CA SER I 62 19.45 -47.79 -2.18
C SER I 62 19.10 -46.30 -2.14
N CYS I 63 18.07 -45.93 -1.36
CA CYS I 63 17.72 -44.54 -1.08
C CYS I 63 18.48 -43.95 0.10
N PHE I 64 19.62 -44.53 0.46
CA PHE I 64 20.31 -44.15 1.69
C PHE I 64 21.79 -44.12 1.40
N LYS I 65 22.42 -42.94 1.54
CA LYS I 65 23.85 -42.80 1.28
C LYS I 65 24.66 -43.74 2.18
N GLY I 66 25.41 -44.65 1.57
CA GLY I 66 26.16 -45.60 2.36
C GLY I 66 25.58 -47.00 2.36
N TRP I 67 24.41 -47.22 1.80
CA TRP I 67 23.78 -48.54 1.86
C TRP I 67 23.87 -49.18 0.49
N GLN I 68 22.83 -49.79 -0.07
CA GLN I 68 23.06 -50.66 -1.22
C GLN I 68 23.25 -49.87 -2.49
N GLY I 69 23.91 -50.51 -3.45
CA GLY I 69 23.79 -50.11 -4.84
C GLY I 69 22.50 -50.60 -5.43
N ILE I 70 22.00 -49.88 -6.45
CA ILE I 70 20.65 -50.17 -6.92
C ILE I 70 20.56 -51.56 -7.57
N GLU I 71 21.67 -52.11 -8.07
CA GLU I 71 21.69 -53.48 -8.59
C GLU I 71 21.19 -54.48 -7.55
N HIS I 72 21.47 -54.21 -6.26
CA HIS I 72 21.11 -55.10 -5.16
C HIS I 72 20.38 -54.28 -4.10
N SER I 73 19.18 -53.84 -4.41
CA SER I 73 18.49 -52.90 -3.57
C SER I 73 17.66 -53.57 -2.48
N ASP I 74 17.01 -54.69 -2.81
CA ASP I 74 16.15 -55.35 -1.85
C ASP I 74 16.90 -55.64 -0.56
N MET I 75 16.33 -55.22 0.55
CA MET I 75 16.83 -55.57 1.88
C MET I 75 15.62 -55.88 2.76
N ILE I 76 15.88 -56.06 4.05
CA ILE I 76 14.88 -56.53 5.01
C ILE I 76 15.04 -55.77 6.31
N LEU I 77 13.96 -55.12 6.75
CA LEU I 77 13.85 -54.68 8.14
C LEU I 77 13.47 -55.88 9.00
N THR I 78 14.19 -56.07 10.08
CA THR I 78 13.84 -57.09 11.05
C THR I 78 13.37 -56.40 12.32
N PRO I 79 12.12 -56.61 12.74
CA PRO I 79 11.61 -55.87 13.90
C PRO I 79 12.10 -56.46 15.20
N ASP I 80 12.44 -55.57 16.12
CA ASP I 80 12.88 -55.92 17.47
C ASP I 80 11.91 -55.36 18.51
N LEU I 81 11.13 -56.26 19.12
CA LEU I 81 10.02 -55.95 20.01
C LEU I 81 10.43 -55.55 21.42
N VAL I 82 11.49 -54.77 21.55
CA VAL I 82 11.81 -54.09 22.80
C VAL I 82 11.53 -52.61 22.58
N ARG I 83 10.97 -51.96 23.60
CA ARG I 83 10.89 -50.50 23.66
C ARG I 83 9.91 -49.92 22.62
N TYR I 84 8.90 -50.65 22.19
CA TYR I 84 7.94 -50.02 21.33
C TYR I 84 7.09 -49.05 22.16
N PHE I 85 6.19 -48.31 21.49
CA PHE I 85 5.35 -47.29 22.12
C PHE I 85 4.30 -46.80 21.14
N ILE I 86 3.20 -46.27 21.68
CA ILE I 86 2.14 -45.68 20.86
C ILE I 86 2.52 -44.24 20.50
N ASP I 87 2.24 -43.83 19.25
CA ASP I 87 2.77 -42.54 18.83
C ASP I 87 1.87 -41.38 19.26
N PRO I 88 2.31 -40.54 20.22
CA PRO I 88 1.46 -39.44 20.77
C PRO I 88 0.82 -38.51 19.76
N PHE I 89 1.37 -38.46 18.54
CA PHE I 89 1.07 -37.36 17.62
C PHE I 89 0.21 -37.78 16.45
N SER I 90 0.28 -39.02 16.03
CA SER I 90 -0.42 -39.44 14.83
C SER I 90 -1.93 -39.30 15.04
N ALA I 91 -2.63 -38.94 13.96
CA ALA I 91 -4.09 -38.87 13.98
C ALA I 91 -4.73 -40.21 14.32
N ASP I 92 -4.21 -41.28 13.70
CA ASP I 92 -4.79 -42.62 13.80
C ASP I 92 -3.76 -43.58 14.44
N VAL I 93 -4.25 -44.42 15.37
CA VAL I 93 -3.36 -44.99 16.38
C VAL I 93 -2.26 -45.78 15.72
N SER I 94 -1.05 -45.58 16.21
CA SER I 94 0.14 -46.15 15.64
C SER I 94 1.00 -46.70 16.75
N VAL I 95 1.64 -47.84 16.49
CA VAL I 95 2.71 -48.32 17.35
C VAL I 95 4.03 -48.24 16.59
N VAL I 96 5.00 -47.57 17.16
CA VAL I 96 6.32 -47.48 16.54
C VAL I 96 7.20 -48.64 17.04
N VAL I 97 7.74 -49.41 16.10
CA VAL I 97 8.58 -50.57 16.39
C VAL I 97 9.96 -50.37 15.76
N PHE I 98 11.01 -50.43 16.58
CA PHE I 98 12.40 -50.33 16.13
C PHE I 98 12.79 -51.51 15.22
N CYS I 99 13.68 -51.25 14.29
CA CYS I 99 14.18 -52.30 13.43
C CYS I 99 15.66 -52.13 13.20
N ASP I 100 16.29 -53.23 12.80
CA ASP I 100 17.59 -53.28 12.14
C ASP I 100 17.40 -53.65 10.68
N VAL I 101 18.46 -53.52 9.93
CA VAL I 101 18.46 -53.99 8.55
C VAL I 101 19.10 -55.36 8.53
N TYR I 102 18.68 -56.19 7.56
CA TYR I 102 19.18 -57.56 7.37
C TYR I 102 19.72 -57.71 5.96
N ASP I 103 20.99 -58.14 5.85
CA ASP I 103 21.67 -58.31 4.56
C ASP I 103 21.20 -59.61 3.90
N VAL I 104 20.30 -59.48 2.92
CA VAL I 104 19.79 -60.65 2.23
C VAL I 104 20.78 -61.21 1.24
N TYR I 105 21.89 -60.50 1.01
CA TYR I 105 22.94 -61.01 0.16
C TYR I 105 23.92 -61.85 0.98
N LYS I 106 24.58 -61.23 1.96
CA LYS I 106 25.45 -61.96 2.86
C LYS I 106 24.69 -62.80 3.89
N ASN I 107 23.35 -62.67 3.97
CA ASN I 107 22.49 -63.50 4.83
C ASN I 107 22.94 -63.45 6.29
N GLN I 108 22.81 -62.24 6.86
CA GLN I 108 23.36 -61.84 8.15
C GLN I 108 22.91 -60.42 8.47
N PRO I 109 22.89 -59.99 9.73
CA PRO I 109 22.57 -58.60 10.00
C PRO I 109 23.50 -57.72 9.21
N TYR I 110 22.93 -56.64 8.68
CA TYR I 110 23.64 -55.74 7.79
C TYR I 110 24.86 -55.15 8.49
N GLU I 111 26.04 -55.38 7.94
CA GLU I 111 27.22 -54.84 8.61
C GLU I 111 27.29 -53.31 8.57
N LYS I 112 26.53 -52.67 7.68
CA LYS I 112 26.46 -51.22 7.68
C LYS I 112 25.23 -50.69 8.41
N CYS I 113 24.49 -51.53 9.14
CA CYS I 113 23.33 -51.05 9.90
C CYS I 113 23.82 -50.47 11.22
N PRO I 114 23.54 -49.19 11.51
CA PRO I 114 24.19 -48.54 12.66
C PRO I 114 23.84 -49.17 13.99
N ARG I 115 22.63 -49.74 14.10
CA ARG I 115 22.15 -50.33 15.33
C ARG I 115 22.70 -51.74 15.52
N SER I 116 22.89 -52.46 14.42
CA SER I 116 23.59 -53.75 14.53
C SER I 116 25.00 -53.54 15.06
N ILE I 117 25.72 -52.53 14.55
CA ILE I 117 27.07 -52.22 15.04
C ILE I 117 27.04 -51.89 16.54
N ALA I 118 25.99 -51.22 17.00
CA ALA I 118 25.88 -51.04 18.44
C ALA I 118 25.62 -52.36 19.15
N LYS I 119 24.95 -53.32 18.48
CA LYS I 119 24.71 -54.62 19.12
C LYS I 119 25.95 -55.46 19.11
N LYS I 120 26.73 -55.37 18.03
CA LYS I 120 28.03 -56.05 18.00
C LYS I 120 28.96 -55.47 19.05
N ALA I 121 28.86 -54.17 19.29
CA ALA I 121 29.72 -53.52 20.25
C ALA I 121 29.46 -54.05 21.66
N LEU I 122 28.19 -53.95 22.11
CA LEU I 122 27.84 -54.42 23.47
C LEU I 122 28.10 -55.90 23.64
N GLN I 123 28.02 -56.67 22.55
CA GLN I 123 28.25 -58.11 22.65
C GLN I 123 29.73 -58.41 22.76
N HIS I 124 30.53 -57.72 21.97
CA HIS I 124 31.97 -57.87 22.03
C HIS I 124 32.46 -57.73 23.46
N LEU I 125 31.79 -56.89 24.24
CA LEU I 125 32.14 -56.66 25.64
C LEU I 125 31.69 -57.81 26.53
N LYS I 126 30.43 -58.24 26.40
CA LYS I 126 29.96 -59.44 27.09
C LYS I 126 30.90 -60.61 26.81
N ASP I 127 31.44 -60.66 25.59
CA ASP I 127 32.31 -61.75 25.20
C ASP I 127 33.71 -61.58 25.75
N SER I 128 34.18 -60.33 25.81
CA SER I 128 35.54 -60.09 26.27
C SER I 128 35.69 -60.51 27.70
N GLY I 129 34.62 -60.40 28.49
CA GLY I 129 34.69 -60.64 29.92
C GLY I 129 35.15 -59.45 30.72
N LEU I 130 35.56 -58.38 30.05
CA LEU I 130 35.69 -57.11 30.74
C LEU I 130 34.41 -56.78 31.49
N GLY I 131 33.27 -56.70 30.78
CA GLY I 131 32.01 -56.38 31.42
C GLY I 131 30.83 -57.22 30.94
N ASP I 132 29.74 -57.08 31.67
CA ASP I 132 28.42 -57.57 31.29
C ASP I 132 27.62 -56.57 30.45
N VAL I 133 27.73 -55.29 30.79
CA VAL I 133 26.88 -54.26 30.21
C VAL I 133 27.61 -52.92 30.35
N ALA I 134 27.25 -51.99 29.48
CA ALA I 134 27.79 -50.63 29.47
C ALA I 134 26.62 -49.67 29.52
N TYR I 135 26.54 -48.87 30.58
CA TYR I 135 25.44 -47.93 30.79
C TYR I 135 25.83 -46.57 30.25
N PHE I 136 25.01 -46.05 29.34
CA PHE I 136 25.21 -44.74 28.73
C PHE I 136 24.10 -43.81 29.19
N GLY I 137 24.49 -42.59 29.57
CA GLY I 137 23.55 -41.54 29.89
C GLY I 137 23.85 -40.35 29.01
N ALA I 138 22.80 -39.74 28.47
CA ALA I 138 22.88 -38.91 27.27
C ALA I 138 22.00 -37.67 27.42
N GLU I 139 22.63 -36.55 27.71
CA GLU I 139 21.94 -35.27 27.69
C GLU I 139 21.99 -34.76 26.26
N ASN I 140 20.84 -34.38 25.73
CA ASN I 140 20.81 -33.79 24.39
C ASN I 140 20.19 -32.40 24.52
N GLU I 141 21.06 -31.38 24.50
CA GLU I 141 20.58 -30.01 24.46
C GLU I 141 19.95 -29.69 23.12
N PHE I 142 19.05 -28.70 23.13
CA PHE I 142 18.34 -28.31 21.93
C PHE I 142 17.93 -26.85 22.03
N PHE I 143 17.56 -26.29 20.88
CA PHE I 143 16.92 -24.99 20.80
C PHE I 143 15.49 -25.19 20.35
N ILE I 144 14.56 -24.43 20.91
CA ILE I 144 13.24 -24.30 20.33
C ILE I 144 13.19 -22.92 19.68
N PHE I 145 13.28 -22.91 18.35
CA PHE I 145 13.23 -21.68 17.56
C PHE I 145 11.83 -21.38 17.03
N ASP I 146 11.62 -20.09 16.74
CA ASP I 146 10.35 -19.66 16.21
C ASP I 146 10.24 -19.87 14.70
N SER I 147 11.36 -19.75 13.97
CA SER I 147 11.42 -20.03 12.55
C SER I 147 12.86 -20.07 12.07
N ILE I 148 13.04 -20.62 10.87
CA ILE I 148 14.35 -20.88 10.28
C ILE I 148 14.25 -20.69 8.77
N LYS I 149 15.05 -19.79 8.22
CA LYS I 149 15.13 -19.59 6.77
C LYS I 149 16.55 -19.91 6.26
N ILE I 150 16.65 -20.65 5.13
CA ILE I 150 17.91 -21.08 4.50
C ILE I 150 17.89 -20.81 2.99
N LYS I 151 19.06 -20.45 2.44
CA LYS I 151 19.23 -20.30 1.00
C LYS I 151 20.59 -20.84 0.56
N ASP I 152 20.57 -21.81 -0.35
CA ASP I 152 21.77 -22.31 -1.01
C ASP I 152 21.59 -22.09 -2.51
N ALA I 153 22.26 -21.08 -3.05
CA ALA I 153 22.20 -20.78 -4.46
C ALA I 153 23.61 -20.46 -4.97
N SER I 154 23.71 -20.17 -6.25
CA SER I 154 25.02 -19.82 -6.81
C SER I 154 25.45 -18.42 -6.40
N ASN I 155 24.51 -17.50 -6.24
CA ASN I 155 24.82 -16.12 -5.99
C ASN I 155 24.55 -15.71 -4.55
N SER I 156 24.20 -16.66 -3.68
CA SER I 156 23.72 -16.25 -2.38
C SER I 156 23.84 -17.41 -1.40
N GLN I 157 24.31 -17.11 -0.20
CA GLN I 157 24.43 -18.08 0.86
C GLN I 157 23.89 -17.43 2.11
N TYR I 158 22.84 -18.03 2.69
CA TYR I 158 21.98 -17.31 3.62
C TYR I 158 21.27 -18.25 4.57
N TYR I 159 21.29 -17.91 5.86
CA TYR I 159 20.40 -18.51 6.84
C TYR I 159 20.04 -17.46 7.87
N GLU I 160 18.94 -17.73 8.58
CA GLU I 160 18.50 -16.86 9.68
C GLU I 160 17.60 -17.66 10.64
N VAL I 161 18.05 -17.87 11.87
CA VAL I 161 17.11 -18.36 12.90
C VAL I 161 16.45 -17.16 13.55
N ASP I 162 15.26 -17.42 14.09
CA ASP I 162 14.49 -16.41 14.77
C ASP I 162 13.90 -17.01 16.03
N SER I 163 14.07 -16.30 17.15
CA SER I 163 13.40 -16.60 18.41
C SER I 163 12.94 -15.29 19.05
N GLU I 164 11.71 -15.28 19.59
CA GLU I 164 11.26 -14.11 20.35
C GLU I 164 12.08 -13.91 21.62
N GLU I 165 12.77 -14.94 22.09
CA GLU I 165 13.75 -14.75 23.15
C GLU I 165 15.02 -14.10 22.63
N GLY I 166 15.22 -14.08 21.31
CA GLY I 166 16.48 -13.63 20.76
C GLY I 166 16.70 -12.15 21.00
N GLU I 167 17.87 -11.82 21.56
CA GLU I 167 18.31 -10.43 21.68
C GLU I 167 18.17 -9.66 20.38
N TRP I 168 18.14 -10.36 19.24
CA TRP I 168 17.97 -9.68 17.98
C TRP I 168 16.56 -9.13 17.81
N ASN I 169 15.64 -9.45 18.71
CA ASN I 169 14.27 -8.98 18.63
C ASN I 169 13.94 -7.92 19.66
N ARG I 170 14.95 -7.31 20.30
CA ARG I 170 14.71 -6.36 21.39
C ARG I 170 13.97 -5.11 20.93
N ASP I 171 14.11 -4.74 19.66
CA ASP I 171 13.42 -3.59 19.12
C ASP I 171 12.38 -3.98 18.07
N ARG I 172 11.85 -5.20 18.15
CA ARG I 172 10.88 -5.69 17.18
C ARG I 172 9.45 -5.36 17.61
N SER I 173 8.54 -5.41 16.64
CA SER I 173 7.13 -5.04 16.82
C SER I 173 6.32 -6.23 16.36
N PHE I 174 5.70 -6.93 17.33
CA PHE I 174 5.06 -8.20 17.04
C PHE I 174 3.56 -8.01 16.79
N GLU I 175 2.73 -8.60 17.66
CA GLU I 175 1.31 -8.81 17.37
C GLU I 175 0.58 -7.52 17.05
N ASN I 176 0.69 -6.52 17.91
CA ASN I 176 -0.01 -5.26 17.63
C ASN I 176 0.90 -4.06 17.88
N GLY I 177 2.15 -4.16 17.43
CA GLY I 177 3.11 -3.10 17.65
C GLY I 177 3.79 -3.21 18.99
N VAL I 178 3.73 -4.37 19.60
CA VAL I 178 4.06 -4.53 21.00
C VAL I 178 5.24 -5.50 21.12
N ASN I 179 5.95 -5.40 22.25
CA ASN I 179 7.10 -6.24 22.56
C ASN I 179 7.14 -6.38 24.07
N PHE I 180 7.06 -7.62 24.59
CA PHE I 180 6.92 -7.75 26.04
C PHE I 180 8.24 -7.67 26.78
N GLY I 181 9.38 -7.59 26.10
CA GLY I 181 10.66 -7.61 26.76
C GLY I 181 10.91 -8.85 27.64
N HIS I 182 11.79 -8.65 28.63
CA HIS I 182 12.21 -9.69 29.57
C HIS I 182 13.00 -10.78 28.84
N ARG I 183 14.20 -10.46 28.34
CA ARG I 183 14.91 -11.54 27.69
C ARG I 183 16.18 -11.88 28.44
N PRO I 184 16.64 -13.12 28.36
CA PRO I 184 18.04 -13.38 28.70
C PRO I 184 18.89 -12.72 27.64
N GLY I 185 20.13 -12.43 27.96
CA GLY I 185 21.01 -11.98 26.92
C GLY I 185 21.63 -13.17 26.19
N LYS I 186 22.68 -12.86 25.44
CA LYS I 186 23.60 -13.92 25.06
C LYS I 186 24.05 -14.64 26.32
N GLN I 187 23.98 -15.97 26.29
CA GLN I 187 24.52 -16.82 27.34
C GLN I 187 23.81 -16.66 28.68
N GLY I 188 22.61 -16.08 28.68
CA GLY I 188 21.93 -15.85 29.93
C GLY I 188 20.69 -16.69 30.13
N GLY I 189 20.63 -17.89 29.58
CA GLY I 189 19.40 -18.61 29.76
C GLY I 189 19.35 -19.44 31.02
N TYR I 190 20.44 -19.45 31.79
CA TYR I 190 20.65 -20.43 32.87
C TYR I 190 20.61 -19.83 34.27
N MET I 191 19.46 -19.91 34.97
CA MET I 191 18.17 -20.41 34.46
C MET I 191 17.01 -19.56 35.04
N PRO I 192 16.86 -18.33 34.55
CA PRO I 192 15.91 -17.39 35.18
C PRO I 192 14.47 -17.90 35.09
N VAL I 193 13.63 -17.39 35.98
CA VAL I 193 12.22 -17.77 36.04
C VAL I 193 11.49 -17.08 34.88
N PRO I 194 10.20 -17.39 34.67
CA PRO I 194 9.49 -16.58 33.67
C PRO I 194 9.14 -15.16 34.17
N PRO I 195 8.69 -14.28 33.26
CA PRO I 195 8.48 -14.48 31.83
C PRO I 195 9.75 -14.60 30.99
N THR I 196 10.91 -14.22 31.55
CA THR I 196 12.17 -14.30 30.83
C THR I 196 12.35 -15.67 30.20
N ASP I 197 11.77 -16.67 30.82
CA ASP I 197 11.87 -18.07 30.40
C ASP I 197 10.52 -18.41 29.78
N THR I 198 10.44 -18.29 28.45
CA THR I 198 9.17 -18.48 27.79
C THR I 198 8.78 -19.95 27.64
N MET I 199 9.66 -20.88 28.00
CA MET I 199 9.57 -22.27 27.59
C MET I 199 9.26 -23.24 28.75
N MET I 200 8.57 -22.80 29.79
CA MET I 200 8.28 -23.73 30.88
C MET I 200 7.27 -24.79 30.46
N ASP I 201 6.12 -24.37 29.88
CA ASP I 201 5.01 -25.31 29.63
C ASP I 201 5.31 -26.27 28.50
N ILE I 202 6.05 -25.82 27.50
CA ILE I 202 6.44 -26.71 26.40
C ILE I 202 7.51 -27.70 26.85
N ARG I 203 8.28 -27.34 27.90
CA ARG I 203 9.32 -28.20 28.45
C ARG I 203 8.76 -29.25 29.38
N THR I 204 7.65 -28.95 30.09
CA THR I 204 6.95 -29.98 30.85
C THR I 204 5.95 -30.74 29.99
N GLU I 205 5.48 -30.13 28.89
CA GLU I 205 4.80 -30.91 27.86
C GLU I 205 5.71 -32.00 27.29
N ILE I 206 6.94 -31.64 26.87
CA ILE I 206 7.89 -32.63 26.33
C ILE I 206 8.14 -33.78 27.32
N VAL I 207 8.70 -33.46 28.49
CA VAL I 207 8.96 -34.45 29.53
C VAL I 207 7.80 -35.43 29.69
N LYS I 208 6.57 -34.91 29.82
CA LYS I 208 5.43 -35.80 30.01
C LYS I 208 5.17 -36.68 28.80
N VAL I 209 5.48 -36.22 27.60
CA VAL I 209 5.31 -37.11 26.44
C VAL I 209 6.43 -38.11 26.38
N LEU I 210 7.66 -37.64 26.61
CA LEU I 210 8.82 -38.49 26.88
C LEU I 210 8.44 -39.64 27.84
N ASN I 211 7.67 -39.34 28.88
CA ASN I 211 7.26 -40.42 29.77
C ASN I 211 6.24 -41.33 29.10
N GLN I 212 5.45 -40.79 28.18
CA GLN I 212 4.41 -41.59 27.54
C GLN I 212 5.03 -42.54 26.54
N VAL I 213 6.16 -42.17 25.95
CA VAL I 213 6.81 -43.06 25.02
C VAL I 213 7.73 -44.05 25.73
N GLY I 214 7.79 -44.00 27.06
CA GLY I 214 8.52 -44.99 27.84
C GLY I 214 9.85 -44.56 28.43
N LEU I 215 10.17 -43.26 28.46
CA LEU I 215 11.44 -42.76 28.98
C LEU I 215 11.31 -42.25 30.41
N GLU I 216 12.29 -42.59 31.25
CA GLU I 216 12.33 -42.11 32.63
C GLU I 216 13.08 -40.78 32.61
N THR I 217 12.36 -39.71 32.90
CA THR I 217 12.90 -38.36 32.91
C THR I 217 13.25 -37.99 34.33
N PHE I 218 14.22 -37.07 34.51
CA PHE I 218 14.41 -36.59 35.88
C PHE I 218 14.67 -35.07 36.02
N VAL I 219 15.60 -34.45 35.31
CA VAL I 219 15.69 -33.00 35.30
C VAL I 219 14.97 -32.46 34.08
N VAL I 220 14.41 -31.27 34.19
CA VAL I 220 14.05 -30.48 33.01
C VAL I 220 14.43 -29.04 33.31
N HIS I 221 15.10 -28.40 32.34
CA HIS I 221 15.49 -27.01 32.60
C HIS I 221 15.79 -26.32 31.29
N HIS I 222 15.85 -25.00 31.39
CA HIS I 222 16.41 -24.17 30.34
C HIS I 222 17.93 -24.30 30.35
N GLU I 223 18.58 -23.89 29.26
CA GLU I 223 20.04 -23.94 29.19
C GLU I 223 20.61 -22.55 28.93
N VAL I 224 21.93 -22.48 28.85
CA VAL I 224 22.63 -21.20 28.83
C VAL I 224 22.23 -20.35 27.62
N ALA I 225 22.16 -20.96 26.44
CA ALA I 225 21.89 -20.21 25.22
C ALA I 225 20.43 -19.74 25.17
N GLN I 226 20.15 -18.76 24.29
CA GLN I 226 18.89 -18.02 24.38
C GLN I 226 17.68 -18.96 24.34
N ALA I 227 17.37 -19.65 23.24
CA ALA I 227 16.20 -20.52 23.25
C ALA I 227 16.51 -22.02 23.56
N GLN I 228 17.46 -22.28 24.45
CA GLN I 228 17.96 -23.61 24.70
C GLN I 228 17.17 -24.35 25.80
N GLY I 229 17.31 -25.67 25.82
CA GLY I 229 16.59 -26.50 26.78
C GLY I 229 17.29 -27.83 26.94
N GLU I 230 16.95 -28.52 28.03
CA GLU I 230 17.52 -29.83 28.33
C GLU I 230 16.55 -30.70 29.13
N VAL I 231 16.43 -31.96 28.75
CA VAL I 231 15.80 -32.95 29.59
C VAL I 231 16.78 -34.08 29.89
N GLY I 232 17.02 -34.34 31.17
CA GLY I 232 17.81 -35.47 31.58
C GLY I 232 16.97 -36.74 31.60
N VAL I 233 17.50 -37.80 31.01
CA VAL I 233 16.82 -39.06 30.81
C VAL I 233 17.63 -40.14 31.51
N LYS I 234 16.97 -40.97 32.31
CA LYS I 234 17.70 -41.99 33.05
C LYS I 234 18.44 -42.90 32.08
N PHE I 235 19.57 -43.46 32.55
CA PHE I 235 20.49 -44.17 31.67
C PHE I 235 19.90 -45.51 31.23
N GLY I 236 20.54 -46.10 30.24
CA GLY I 236 20.16 -47.40 29.77
C GLY I 236 21.41 -48.10 29.34
N ASP I 237 21.33 -49.29 28.76
CA ASP I 237 22.52 -49.84 28.17
C ASP I 237 22.79 -49.16 26.84
N LEU I 238 23.99 -49.40 26.31
CA LEU I 238 24.43 -48.82 25.05
C LEU I 238 23.31 -48.75 24.03
N VAL I 239 22.62 -49.87 23.80
CA VAL I 239 21.65 -49.90 22.70
C VAL I 239 20.32 -49.34 23.15
N GLU I 240 19.95 -49.51 24.42
CA GLU I 240 18.76 -48.83 24.93
C GLU I 240 18.95 -47.31 24.92
N ALA I 241 20.12 -46.85 25.38
CA ALA I 241 20.49 -45.45 25.32
C ALA I 241 20.24 -44.84 23.93
N ALA I 242 20.88 -45.39 22.89
CA ALA I 242 20.71 -44.84 21.54
C ALA I 242 19.28 -44.98 21.04
N ASP I 243 18.61 -46.10 21.33
CA ASP I 243 17.18 -46.17 21.05
C ASP I 243 16.43 -45.03 21.73
N ASN I 244 16.68 -44.80 23.03
CA ASN I 244 16.01 -43.69 23.74
C ASN I 244 16.37 -42.31 23.17
N VAL I 245 17.60 -42.12 22.66
CA VAL I 245 18.00 -40.85 22.06
C VAL I 245 17.09 -40.51 20.88
N GLN I 246 16.79 -41.50 20.03
CA GLN I 246 15.96 -41.24 18.85
C GLN I 246 14.53 -40.92 19.26
N LYS I 247 14.01 -41.58 20.30
CA LYS I 247 12.69 -41.21 20.81
C LYS I 247 12.66 -39.78 21.34
N LEU I 248 13.69 -39.38 22.08
CA LEU I 248 13.73 -38.03 22.61
C LEU I 248 13.90 -36.98 21.51
N LYS I 249 14.77 -37.25 20.53
CA LYS I 249 14.81 -36.38 19.36
C LYS I 249 13.41 -36.22 18.77
N TYR I 250 12.66 -37.31 18.66
CA TYR I 250 11.40 -37.28 17.92
C TYR I 250 10.32 -36.47 18.66
N VAL I 251 10.09 -36.79 19.92
CA VAL I 251 9.13 -36.08 20.75
C VAL I 251 9.46 -34.59 20.80
N VAL I 252 10.71 -34.24 21.06
CA VAL I 252 11.07 -32.82 21.12
C VAL I 252 10.69 -32.11 19.82
N LYS I 253 11.12 -32.66 18.68
CA LYS I 253 10.86 -32.01 17.38
C LYS I 253 9.37 -31.91 17.03
N MET I 254 8.53 -32.79 17.57
CA MET I 254 7.10 -32.85 17.28
C MET I 254 6.23 -32.08 18.29
N VAL I 255 6.69 -31.94 19.54
CA VAL I 255 6.01 -31.06 20.48
C VAL I 255 6.25 -29.62 20.09
N ALA I 256 7.47 -29.33 19.64
CA ALA I 256 7.73 -28.02 19.05
C ALA I 256 6.79 -27.79 17.88
N HIS I 257 6.69 -28.78 16.98
CA HIS I 257 5.86 -28.67 15.80
C HIS I 257 4.39 -28.39 16.14
N LEU I 258 3.79 -29.18 17.05
CA LEU I 258 2.37 -28.93 17.30
C LEU I 258 2.14 -27.68 18.19
N ASN I 259 3.20 -26.92 18.49
CA ASN I 259 3.08 -25.60 19.12
C ASN I 259 3.57 -24.47 18.22
N GLY I 260 3.63 -24.69 16.91
CA GLY I 260 4.01 -23.63 16.00
C GLY I 260 5.45 -23.23 16.06
N LYS I 261 6.34 -24.20 16.31
CA LYS I 261 7.77 -23.97 16.51
C LYS I 261 8.59 -25.10 15.85
N THR I 262 9.91 -24.96 15.88
CA THR I 262 10.78 -25.86 15.13
C THR I 262 12.03 -26.08 15.97
N ALA I 263 12.21 -27.31 16.45
CA ALA I 263 13.37 -27.60 17.27
C ALA I 263 14.55 -27.99 16.39
N THR I 264 15.75 -27.81 16.92
CA THR I 264 16.92 -28.46 16.37
C THR I 264 17.85 -28.95 17.46
N PHE I 265 18.50 -30.08 17.20
CA PHE I 265 19.58 -30.53 18.06
C PHE I 265 20.93 -30.27 17.44
N MET I 266 21.00 -29.32 16.51
CA MET I 266 22.26 -29.08 15.83
C MET I 266 23.23 -28.40 16.78
N PRO I 267 24.53 -28.56 16.54
CA PRO I 267 25.51 -28.09 17.53
C PRO I 267 25.59 -26.56 17.70
N LYS I 268 25.56 -25.79 16.61
CA LYS I 268 25.89 -24.37 16.65
C LYS I 268 25.03 -23.56 15.68
N PRO I 269 23.76 -23.33 16.03
CA PRO I 269 22.92 -22.42 15.21
C PRO I 269 23.22 -20.94 15.42
N LEU I 270 23.78 -20.54 16.56
CA LEU I 270 24.04 -19.14 16.89
C LEU I 270 25.53 -18.91 17.06
N TYR I 271 26.09 -17.98 16.30
CA TYR I 271 27.46 -17.58 16.55
C TYR I 271 27.49 -16.75 17.82
N GLY I 272 28.39 -17.09 18.74
CA GLY I 272 28.57 -16.32 19.95
C GLY I 272 27.71 -16.72 21.12
N ASP I 273 26.83 -17.72 20.96
CA ASP I 273 26.10 -18.26 22.10
C ASP I 273 26.52 -19.69 22.31
N ASN I 274 26.02 -20.27 23.40
CA ASN I 274 26.41 -21.62 23.76
C ASN I 274 25.80 -22.60 22.79
N GLY I 275 26.61 -23.55 22.32
CA GLY I 275 26.14 -24.61 21.44
C GLY I 275 25.48 -25.76 22.19
N SER I 276 25.06 -26.78 21.41
CA SER I 276 24.38 -27.97 21.94
C SER I 276 25.32 -29.18 21.95
N GLY I 277 25.67 -29.64 23.15
CA GLY I 277 26.38 -30.89 23.30
C GLY I 277 25.46 -32.10 23.40
N MET I 278 26.08 -33.27 23.30
CA MET I 278 25.53 -34.53 23.80
C MET I 278 26.56 -34.98 24.81
N HIS I 279 26.47 -34.49 26.04
CA HIS I 279 27.25 -35.06 27.12
C HIS I 279 26.86 -36.52 27.35
N THR I 280 27.83 -37.43 27.23
CA THR I 280 27.62 -38.85 27.44
C THR I 280 28.23 -39.28 28.76
N HIS I 281 27.43 -39.99 29.56
CA HIS I 281 27.82 -40.50 30.86
C HIS I 281 27.87 -42.02 30.78
N VAL I 282 29.06 -42.58 30.98
CA VAL I 282 29.37 -43.98 30.74
C VAL I 282 29.83 -44.64 32.03
N SER I 283 29.40 -45.88 32.27
CA SER I 283 29.94 -46.69 33.35
C SER I 283 29.78 -48.15 32.98
N VAL I 284 30.82 -48.95 33.20
CA VAL I 284 30.84 -50.34 32.80
C VAL I 284 30.59 -51.20 34.03
N TRP I 285 29.68 -52.17 33.91
CA TRP I 285 29.24 -52.94 35.06
C TRP I 285 29.45 -54.43 34.81
N LYS I 286 29.64 -55.18 35.88
CA LYS I 286 29.78 -56.64 35.81
C LYS I 286 29.15 -57.26 37.04
N ASN I 287 28.37 -58.30 36.83
CA ASN I 287 27.74 -59.08 37.90
C ASN I 287 27.23 -58.21 39.03
N ASN I 288 26.59 -57.10 38.66
CA ASN I 288 25.85 -56.18 39.55
C ASN I 288 26.72 -55.19 40.31
N GLU I 289 28.01 -55.12 40.03
CA GLU I 289 28.89 -54.13 40.64
C GLU I 289 29.38 -53.17 39.56
N ASN I 290 29.85 -52.01 39.97
CA ASN I 290 30.26 -50.97 39.02
C ASN I 290 31.79 -50.95 38.93
N LEU I 291 32.33 -51.50 37.84
CA LEU I 291 33.78 -51.61 37.68
C LEU I 291 34.47 -50.26 37.61
N PHE I 292 33.72 -49.18 37.36
CA PHE I 292 34.23 -47.82 37.37
C PHE I 292 34.38 -47.29 38.77
N SER I 293 33.90 -48.01 39.76
CA SER I 293 33.89 -47.58 41.14
C SER I 293 35.16 -48.10 41.80
N GLY I 294 35.90 -47.23 42.45
CA GLY I 294 37.14 -47.66 43.06
C GLY I 294 37.77 -46.63 43.98
N GLU I 295 39.05 -46.85 44.25
CA GLU I 295 39.83 -46.15 45.26
C GLU I 295 40.86 -45.24 44.65
N THR I 296 40.85 -45.09 43.33
CA THR I 296 42.06 -44.70 42.61
C THR I 296 42.11 -43.21 42.24
N TYR I 297 40.97 -42.61 41.84
CA TYR I 297 40.92 -41.20 41.48
C TYR I 297 39.52 -40.66 41.66
N LYS I 298 39.30 -39.88 42.74
CA LYS I 298 38.02 -39.23 43.01
C LYS I 298 36.87 -40.23 42.99
N GLY I 299 37.14 -41.45 43.43
CA GLY I 299 36.13 -42.48 43.53
C GLY I 299 36.08 -43.41 42.35
N LEU I 300 36.94 -43.24 41.38
CA LEU I 300 36.99 -44.14 40.24
C LEU I 300 38.10 -45.15 40.44
N SER I 301 37.96 -46.27 39.75
CA SER I 301 38.91 -47.35 39.83
C SER I 301 40.00 -47.21 38.75
N GLU I 302 40.98 -48.12 38.80
CA GLU I 302 41.96 -48.20 37.72
C GLU I 302 41.31 -48.64 36.40
N PHE I 303 40.35 -49.57 36.49
CA PHE I 303 39.55 -49.94 35.33
C PHE I 303 39.04 -48.69 34.61
N ALA I 304 38.31 -47.84 35.34
CA ALA I 304 37.74 -46.64 34.76
C ALA I 304 38.84 -45.77 34.14
N LEU I 305 39.84 -45.39 34.95
CA LEU I 305 40.96 -44.57 34.49
C LEU I 305 41.58 -45.10 33.20
N HIS I 306 41.66 -46.43 33.08
CA HIS I 306 42.17 -47.08 31.86
C HIS I 306 41.19 -46.97 30.72
N PHE I 307 39.90 -47.21 31.00
CA PHE I 307 38.86 -46.97 30.01
C PHE I 307 38.99 -45.56 29.48
N LEU I 308 39.27 -44.62 30.38
CA LEU I 308 39.49 -43.24 30.00
C LEU I 308 40.71 -43.11 29.09
N GLY I 309 41.80 -43.78 29.45
CA GLY I 309 42.99 -43.72 28.61
C GLY I 309 42.71 -44.08 27.18
N GLY I 310 41.73 -44.96 26.95
CA GLY I 310 41.40 -45.38 25.60
C GLY I 310 40.63 -44.34 24.81
N VAL I 311 39.66 -43.67 25.45
CA VAL I 311 38.92 -42.61 24.75
C VAL I 311 39.86 -41.48 24.35
N LEU I 312 40.71 -41.06 25.29
CA LEU I 312 41.64 -39.96 25.01
C LEU I 312 42.68 -40.33 23.97
N ARG I 313 43.12 -41.60 23.92
CA ARG I 313 44.09 -41.97 22.89
C ARG I 313 43.49 -41.76 21.51
N HIS I 314 42.31 -42.31 21.29
CA HIS I 314 41.65 -42.36 20.01
C HIS I 314 40.71 -41.19 19.79
N ALA I 315 40.80 -40.15 20.62
CA ALA I 315 39.81 -39.08 20.57
C ALA I 315 39.85 -38.35 19.24
N ARG I 316 41.05 -37.99 18.77
CA ARG I 316 41.15 -37.29 17.50
C ARG I 316 40.50 -38.06 16.36
N GLY I 317 40.62 -39.39 16.35
CA GLY I 317 39.87 -40.20 15.41
C GLY I 317 38.47 -40.57 15.87
N LEU I 318 38.28 -40.73 17.17
CA LEU I 318 36.92 -40.95 17.67
C LEU I 318 35.98 -39.78 17.34
N ALA I 319 36.49 -38.58 17.13
CA ALA I 319 35.64 -37.42 16.86
C ALA I 319 34.94 -37.50 15.52
N ALA I 320 35.44 -38.33 14.59
CA ALA I 320 34.74 -38.55 13.34
C ALA I 320 33.38 -39.19 13.57
N PHE I 321 33.26 -40.02 14.58
CA PHE I 321 32.00 -40.69 14.82
C PHE I 321 31.15 -40.02 15.88
N THR I 322 31.71 -39.13 16.71
CA THR I 322 30.91 -38.51 17.76
C THR I 322 30.70 -37.02 17.57
N ASN I 323 31.43 -36.40 16.64
CA ASN I 323 31.22 -35.03 16.19
C ASN I 323 31.25 -35.16 14.68
N ALA I 324 30.15 -35.61 14.08
CA ALA I 324 30.16 -36.14 12.72
C ALA I 324 29.92 -35.12 11.62
N SER I 325 29.79 -33.83 11.96
CA SER I 325 29.38 -32.82 11.00
C SER I 325 30.37 -31.69 11.07
N THR I 326 30.38 -30.82 10.05
CA THR I 326 31.28 -29.67 10.15
C THR I 326 30.77 -28.70 11.20
N ASN I 327 29.45 -28.55 11.32
CA ASN I 327 28.86 -27.73 12.37
C ASN I 327 29.31 -28.16 13.76
N SER I 328 29.52 -29.46 13.95
CA SER I 328 30.16 -30.00 15.15
C SER I 328 31.40 -29.20 15.52
N TYR I 329 32.21 -28.88 14.53
CA TYR I 329 33.49 -28.22 14.77
C TYR I 329 33.37 -26.71 14.90
N LYS I 330 32.19 -26.13 14.71
CA LYS I 330 31.99 -24.73 15.07
C LYS I 330 31.68 -24.57 16.56
N ARG I 331 31.38 -25.66 17.25
CA ARG I 331 31.07 -25.66 18.67
C ARG I 331 32.29 -25.77 19.57
N LEU I 332 33.37 -26.39 19.07
CA LEU I 332 34.56 -26.78 19.82
C LEU I 332 35.58 -25.64 19.95
N ILE I 333 35.12 -24.40 19.84
CA ILE I 333 35.94 -23.22 20.13
C ILE I 333 35.78 -22.82 21.59
N PRO I 334 36.85 -22.40 22.28
CA PRO I 334 36.74 -22.15 23.73
C PRO I 334 35.80 -20.99 24.02
N GLY I 335 35.19 -21.02 25.22
CA GLY I 335 34.34 -19.95 25.72
C GLY I 335 32.85 -20.29 25.88
N TYR I 336 32.44 -21.53 25.65
CA TYR I 336 31.02 -21.91 25.67
C TYR I 336 30.83 -23.25 26.37
N GLU I 337 31.70 -23.52 27.36
CA GLU I 337 31.69 -24.72 28.20
C GLU I 337 31.71 -25.99 27.39
N ALA I 338 32.21 -25.89 26.16
CA ALA I 338 32.40 -27.00 25.26
C ALA I 338 33.89 -27.23 25.09
N PRO I 339 34.35 -28.48 25.17
CA PRO I 339 35.79 -28.73 25.35
C PRO I 339 36.57 -28.58 24.05
N SER I 340 37.77 -28.03 24.18
CA SER I 340 38.70 -28.04 23.06
C SER I 340 39.95 -28.85 23.38
N ILE I 341 40.22 -29.10 24.64
CA ILE I 341 41.51 -29.60 25.11
C ILE I 341 41.27 -31.00 25.66
N LEU I 342 41.99 -31.98 25.10
CA LEU I 342 41.74 -33.39 25.40
C LEU I 342 42.42 -33.74 26.71
N THR I 343 41.73 -33.43 27.81
CA THR I 343 42.18 -33.82 29.13
C THR I 343 40.94 -34.13 29.98
N TYR I 344 41.16 -34.37 31.26
CA TYR I 344 40.07 -34.72 32.17
C TYR I 344 40.34 -34.07 33.51
N SER I 345 39.30 -34.00 34.33
CA SER I 345 39.32 -33.26 35.59
C SER I 345 37.99 -33.50 36.29
N ALA I 346 37.93 -33.08 37.55
CA ALA I 346 36.70 -33.20 38.35
C ALA I 346 36.05 -31.83 38.42
N ASN I 347 34.79 -31.74 38.00
CA ASN I 347 33.98 -30.53 38.01
C ASN I 347 34.49 -29.46 37.07
N ASN I 348 35.44 -29.75 36.18
CA ASN I 348 35.90 -28.79 35.20
C ASN I 348 35.10 -28.95 33.91
N ARG I 349 34.52 -27.86 33.41
CA ARG I 349 33.67 -27.91 32.22
C ARG I 349 34.36 -27.37 30.99
N SER I 350 35.59 -26.90 31.13
CA SER I 350 36.44 -26.69 29.98
C SER I 350 37.23 -27.93 29.67
N ALA I 351 37.07 -28.98 30.48
CA ALA I 351 37.67 -30.25 30.15
C ALA I 351 36.80 -31.04 29.17
N SER I 352 37.44 -31.96 28.45
CA SER I 352 36.72 -32.86 27.57
C SER I 352 35.96 -33.93 28.34
N VAL I 353 36.38 -34.21 29.56
CA VAL I 353 35.72 -35.20 30.41
C VAL I 353 35.66 -34.58 31.80
N ARG I 354 34.46 -34.42 32.33
CA ARG I 354 34.24 -33.97 33.69
C ARG I 354 33.99 -35.17 34.56
N ILE I 355 34.60 -35.19 35.74
CA ILE I 355 34.28 -36.20 36.75
C ILE I 355 33.18 -35.65 37.66
N PRO I 356 31.91 -35.97 37.40
CA PRO I 356 30.83 -35.23 38.05
C PRO I 356 30.86 -35.41 39.56
N TYR I 357 30.57 -34.33 40.28
CA TYR I 357 30.93 -34.30 41.70
C TYR I 357 30.30 -35.47 42.45
N GLY I 358 28.98 -35.51 42.52
CA GLY I 358 28.30 -36.34 43.51
C GLY I 358 28.43 -37.83 43.29
N ILE I 359 29.59 -38.42 43.59
CA ILE I 359 30.03 -39.67 43.00
C ILE I 359 29.92 -40.78 44.03
N SER I 360 28.80 -41.51 44.01
CA SER I 360 28.62 -42.69 44.84
C SER I 360 28.95 -43.92 44.02
N LYS I 361 28.99 -45.08 44.69
CA LYS I 361 29.35 -46.34 44.05
C LYS I 361 28.49 -46.60 42.80
N ASN I 362 27.18 -46.75 43.00
CA ASN I 362 26.24 -46.90 41.88
C ASN I 362 26.42 -45.85 40.79
N SER I 363 27.03 -44.72 41.07
CA SER I 363 27.05 -43.63 40.09
C SER I 363 28.42 -43.23 39.58
N ALA I 364 29.50 -43.89 39.99
CA ALA I 364 30.80 -43.68 39.37
C ALA I 364 30.66 -43.72 37.85
N ARG I 365 31.16 -42.67 37.19
CA ARG I 365 30.98 -42.51 35.74
C ARG I 365 31.89 -41.40 35.27
N PHE I 366 32.24 -41.46 33.98
CA PHE I 366 32.76 -40.31 33.23
C PHE I 366 31.65 -39.62 32.44
N GLU I 367 31.68 -38.29 32.41
CA GLU I 367 30.93 -37.54 31.43
C GLU I 367 31.87 -37.18 30.31
N PHE I 368 31.55 -37.59 29.09
CA PHE I 368 32.23 -37.08 27.92
C PHE I 368 31.40 -35.92 27.38
N ARG I 369 32.01 -34.74 27.34
CA ARG I 369 31.35 -33.49 27.03
C ARG I 369 31.50 -33.08 25.57
N PHE I 370 32.38 -33.75 24.82
CA PHE I 370 32.69 -33.39 23.44
C PHE I 370 31.77 -33.94 22.34
N PRO I 371 30.96 -34.97 22.57
CA PRO I 371 29.96 -35.35 21.56
C PRO I 371 28.89 -34.27 21.34
N ASP I 372 28.26 -34.33 20.17
CA ASP I 372 27.03 -33.57 19.97
C ASP I 372 25.99 -34.48 19.30
N SER I 373 24.86 -33.93 18.87
CA SER I 373 23.81 -34.78 18.36
C SER I 373 23.84 -34.95 16.85
N SER I 374 24.73 -34.25 16.16
CA SER I 374 24.83 -34.45 14.74
C SER I 374 25.35 -35.84 14.43
N SER I 375 25.92 -36.50 15.43
CA SER I 375 26.42 -37.85 15.32
C SER I 375 25.30 -38.89 15.51
N ASN I 376 25.47 -40.03 14.86
CA ASN I 376 24.60 -41.18 15.08
C ASN I 376 24.76 -41.74 16.50
N PRO I 377 23.76 -41.61 17.37
CA PRO I 377 23.93 -42.11 18.76
C PRO I 377 24.32 -43.57 18.85
N TYR I 378 23.84 -44.41 17.94
CA TYR I 378 24.30 -45.79 17.85
C TYR I 378 25.81 -45.87 17.63
N LEU I 379 26.31 -45.12 16.63
CA LEU I 379 27.71 -45.26 16.27
C LEU I 379 28.59 -44.61 17.30
N ALA I 380 28.17 -43.45 17.80
CA ALA I 380 29.00 -42.73 18.77
C ALA I 380 29.23 -43.56 20.04
N PHE I 381 28.28 -44.40 20.44
CA PHE I 381 28.42 -45.23 21.64
C PHE I 381 29.28 -46.46 21.41
N ALA I 382 29.12 -47.11 20.25
CA ALA I 382 29.98 -48.22 19.87
C ALA I 382 31.42 -47.77 19.82
N ALA I 383 31.67 -46.68 19.09
CA ALA I 383 33.03 -46.16 18.94
C ALA I 383 33.66 -45.80 20.28
N ILE I 384 32.95 -45.07 21.17
CA ILE I 384 33.46 -44.79 22.52
C ILE I 384 33.73 -46.06 23.29
N LEU I 385 32.77 -46.98 23.32
CA LEU I 385 33.02 -48.22 24.04
C LEU I 385 34.15 -49.02 23.44
N MET I 386 34.27 -49.06 22.11
CA MET I 386 35.40 -49.79 21.52
C MET I 386 36.71 -49.11 21.90
N ALA I 387 36.74 -47.77 21.86
CA ALA I 387 37.89 -47.02 22.33
C ALA I 387 38.14 -47.22 23.81
N GLY I 388 37.07 -47.43 24.59
CA GLY I 388 37.26 -47.65 26.02
C GLY I 388 37.86 -49.01 26.29
N MET I 389 37.40 -50.04 25.58
CA MET I 389 37.90 -51.38 25.80
C MET I 389 39.37 -51.51 25.41
N ASP I 390 39.77 -50.82 24.35
CA ASP I 390 41.19 -50.70 24.05
C ASP I 390 41.97 -50.23 25.26
N GLY I 391 41.42 -49.26 25.99
CA GLY I 391 42.09 -48.77 27.19
C GLY I 391 42.19 -49.82 28.29
N VAL I 392 41.09 -50.54 28.54
CA VAL I 392 41.16 -51.53 29.60
C VAL I 392 42.16 -52.61 29.21
N LYS I 393 42.14 -53.01 27.94
CA LYS I 393 43.00 -54.11 27.47
C LYS I 393 44.48 -53.76 27.64
N ASN I 394 44.89 -52.55 27.24
CA ASN I 394 46.29 -52.18 27.20
C ASN I 394 46.76 -51.32 28.38
N LYS I 395 45.96 -51.17 29.43
CA LYS I 395 46.31 -50.31 30.57
C LYS I 395 46.85 -48.98 30.08
N ILE I 396 46.06 -48.35 29.21
CA ILE I 396 46.46 -47.11 28.57
C ILE I 396 46.35 -45.96 29.56
N ASP I 397 47.47 -45.33 29.86
CA ASP I 397 47.47 -44.32 30.90
C ASP I 397 46.72 -43.07 30.45
N PRO I 398 45.76 -42.58 31.24
CA PRO I 398 45.04 -41.36 30.86
C PRO I 398 45.83 -40.08 31.03
N GLY I 399 47.11 -40.16 31.36
CA GLY I 399 47.80 -38.96 31.74
C GLY I 399 47.37 -38.63 33.15
N GLU I 400 47.69 -37.42 33.56
CA GLU I 400 47.12 -36.88 34.78
C GLU I 400 46.11 -35.80 34.41
N ALA I 401 45.34 -35.38 35.40
CA ALA I 401 44.32 -34.40 35.15
C ALA I 401 44.95 -33.02 34.88
N MET I 402 44.08 -32.09 34.47
CA MET I 402 44.40 -30.67 34.43
C MET I 402 43.24 -29.93 35.08
N ASP I 403 43.46 -29.40 36.28
CA ASP I 403 42.38 -28.79 37.04
C ASP I 403 42.33 -27.26 36.87
N ILE I 404 42.65 -26.79 35.67
CA ILE I 404 42.65 -25.38 35.36
C ILE I 404 41.48 -25.07 34.43
N ASN I 405 41.21 -23.78 34.27
CA ASN I 405 40.37 -23.29 33.19
C ASN I 405 41.15 -23.46 31.90
N LEU I 406 40.79 -24.47 31.12
CA LEU I 406 41.48 -24.72 29.87
C LEU I 406 41.29 -23.59 28.87
N PHE I 407 40.28 -22.76 29.06
CA PHE I 407 40.02 -21.72 28.07
C PHE I 407 41.01 -20.58 28.20
N LYS I 408 41.90 -20.63 29.18
CA LYS I 408 42.93 -19.63 29.37
C LYS I 408 44.20 -19.94 28.59
N LEU I 409 44.39 -21.19 28.17
CA LEU I 409 45.62 -21.66 27.54
C LEU I 409 45.81 -20.94 26.20
N THR I 410 46.83 -20.08 26.13
CA THR I 410 47.19 -19.45 24.86
C THR I 410 47.59 -20.51 23.85
N LEU I 411 47.60 -20.11 22.57
CA LEU I 411 47.89 -21.07 21.52
C LEU I 411 49.33 -21.59 21.62
N ASP I 412 50.30 -20.69 21.79
CA ASP I 412 51.69 -21.10 21.75
C ASP I 412 52.08 -21.96 22.95
N GLU I 413 51.37 -21.83 24.08
CA GLU I 413 51.64 -22.62 25.27
C GLU I 413 50.77 -23.87 25.37
N ILE I 414 49.77 -24.01 24.50
CA ILE I 414 49.26 -25.35 24.22
C ILE I 414 50.20 -26.09 23.27
N ARG I 415 51.02 -25.35 22.52
CA ARG I 415 52.16 -25.95 21.81
C ARG I 415 53.31 -26.10 22.82
N GLU I 416 53.07 -26.97 23.82
CA GLU I 416 53.99 -27.08 24.95
C GLU I 416 53.86 -28.37 25.74
N LYS I 417 52.84 -28.48 26.61
CA LYS I 417 52.86 -29.47 27.71
C LYS I 417 52.30 -30.84 27.33
N GLY I 418 52.45 -31.27 26.06
CA GLY I 418 52.07 -32.62 25.58
C GLY I 418 50.55 -32.80 25.52
N ILE I 419 49.86 -31.80 24.95
CA ILE I 419 48.44 -31.57 25.22
C ILE I 419 47.66 -31.78 23.92
N LYS I 420 46.98 -32.92 23.83
CA LYS I 420 46.23 -33.21 22.62
C LYS I 420 44.93 -32.39 22.57
N GLN I 421 44.39 -32.23 21.35
CA GLN I 421 43.41 -31.18 21.09
C GLN I 421 42.32 -31.70 20.14
N MET I 422 41.12 -31.17 20.30
CA MET I 422 40.06 -31.49 19.36
C MET I 422 40.46 -31.01 17.97
N PRO I 423 40.28 -31.85 16.94
CA PRO I 423 40.59 -31.39 15.59
C PRO I 423 39.70 -30.21 15.21
N HIS I 424 40.21 -29.36 14.32
CA HIS I 424 39.49 -28.13 14.01
C HIS I 424 38.45 -28.31 12.91
N THR I 425 38.54 -29.39 12.11
CA THR I 425 37.74 -29.61 10.90
C THR I 425 37.18 -31.02 10.93
N LEU I 426 36.04 -31.24 10.27
CA LEU I 426 35.56 -32.60 10.10
C LEU I 426 36.48 -33.41 9.18
N ARG I 427 37.02 -32.78 8.11
CA ARG I 427 38.02 -33.42 7.23
C ARG I 427 39.14 -34.08 8.03
N ARG I 428 39.80 -33.29 8.88
CA ARG I 428 40.93 -33.83 9.63
C ARG I 428 40.51 -34.98 10.53
N SER I 429 39.48 -34.77 11.34
CA SER I 429 39.07 -35.82 12.26
C SER I 429 38.64 -37.09 11.54
N LEU I 430 38.28 -37.00 10.25
CA LEU I 430 38.13 -38.22 9.46
C LEU I 430 39.48 -38.79 9.10
N GLU I 431 40.43 -37.91 8.76
CA GLU I 431 41.77 -38.34 8.39
C GLU I 431 42.47 -39.02 9.56
N GLU I 432 42.24 -38.49 10.77
CA GLU I 432 42.80 -39.19 11.94
C GLU I 432 42.02 -40.45 12.24
N MET I 433 40.75 -40.52 11.85
CA MET I 433 40.01 -41.76 12.04
C MET I 433 40.56 -42.89 11.17
N LEU I 434 40.87 -42.60 9.89
CA LEU I 434 41.39 -43.63 8.98
C LEU I 434 42.83 -44.01 9.29
N ALA I 435 43.55 -43.23 10.08
CA ALA I 435 44.92 -43.55 10.42
C ALA I 435 45.00 -44.39 11.67
N ASP I 436 43.84 -44.90 12.13
CA ASP I 436 43.68 -45.42 13.47
C ASP I 436 42.42 -46.28 13.53
N LYS I 437 42.30 -47.27 12.66
CA LYS I 437 41.05 -48.02 12.58
C LYS I 437 40.96 -49.17 13.58
N GLN I 438 42.10 -49.69 14.07
CA GLN I 438 42.14 -51.07 14.55
C GLN I 438 41.22 -51.29 15.76
N TYR I 439 41.14 -50.33 16.66
CA TYR I 439 40.23 -50.45 17.81
C TYR I 439 38.76 -50.51 17.40
N LEU I 440 38.39 -49.93 16.26
CA LEU I 440 37.03 -50.16 15.79
C LEU I 440 36.85 -51.57 15.22
N LYS I 441 37.85 -52.07 14.50
CA LYS I 441 37.62 -53.30 13.77
C LYS I 441 37.88 -54.54 14.59
N GLU I 442 38.13 -54.39 15.88
CA GLU I 442 38.15 -55.53 16.80
C GLU I 442 36.86 -56.37 16.72
N SER I 443 37.04 -57.66 16.46
CA SER I 443 35.95 -58.64 16.49
C SER I 443 34.83 -58.29 15.52
N GLN I 444 35.18 -57.67 14.39
CA GLN I 444 34.29 -57.48 13.24
C GLN I 444 33.22 -56.39 13.50
N VAL I 445 33.25 -55.73 14.68
CA VAL I 445 32.23 -54.77 15.10
C VAL I 445 32.04 -53.71 14.04
N PHE I 446 33.08 -52.91 13.80
CA PHE I 446 33.15 -51.99 12.66
C PHE I 446 33.88 -52.69 11.52
N SER I 447 33.17 -53.01 10.45
CA SER I 447 33.87 -53.63 9.33
C SER I 447 34.70 -52.57 8.59
N GLU I 448 35.61 -53.02 7.70
CA GLU I 448 36.31 -52.06 6.85
C GLU I 448 35.41 -51.54 5.72
N GLU I 449 34.57 -52.43 5.13
CA GLU I 449 33.65 -52.01 4.07
C GLU I 449 32.64 -50.98 4.58
N PHE I 450 32.27 -51.05 5.87
CA PHE I 450 31.46 -50.00 6.47
C PHE I 450 32.29 -48.77 6.82
N ILE I 451 33.48 -48.96 7.39
CA ILE I 451 34.26 -47.79 7.78
C ILE I 451 34.63 -47.00 6.55
N GLN I 452 34.80 -47.67 5.42
CA GLN I 452 35.07 -46.92 4.20
C GLN I 452 33.82 -46.21 3.69
N ALA I 453 32.66 -46.87 3.80
CA ALA I 453 31.41 -46.24 3.37
C ALA I 453 31.10 -45.01 4.21
N TYR I 454 31.31 -45.11 5.53
CA TYR I 454 31.15 -43.97 6.41
C TYR I 454 31.98 -42.80 5.94
N GLN I 455 33.29 -43.00 5.76
CA GLN I 455 34.17 -41.87 5.45
C GLN I 455 33.85 -41.30 4.06
N SER I 456 33.47 -42.14 3.12
CA SER I 456 33.05 -41.58 1.84
C SER I 456 31.78 -40.78 2.01
N LEU I 457 30.83 -41.30 2.80
CA LEU I 457 29.58 -40.60 3.06
C LEU I 457 29.85 -39.18 3.54
N LYS I 458 30.56 -39.05 4.65
CA LYS I 458 30.72 -37.76 5.31
C LYS I 458 31.54 -36.80 4.46
N PHE I 459 32.61 -37.29 3.81
CA PHE I 459 33.43 -36.43 2.95
C PHE I 459 32.60 -35.75 1.86
N ASN I 460 31.65 -36.50 1.29
CA ASN I 460 30.77 -36.01 0.23
C ASN I 460 29.60 -35.20 0.80
N ALA I 461 28.97 -35.66 1.86
CA ALA I 461 27.82 -34.93 2.38
C ALA I 461 28.21 -33.73 3.26
N GLU I 462 29.41 -33.72 3.85
CA GLU I 462 29.83 -32.63 4.72
C GLU I 462 31.06 -31.92 4.16
N VAL I 463 32.23 -32.55 4.20
CA VAL I 463 33.49 -31.86 4.00
C VAL I 463 33.54 -31.13 2.65
N PHE I 464 33.07 -31.76 1.59
CA PHE I 464 33.25 -31.13 0.28
C PHE I 464 32.36 -29.90 0.09
N PRO I 465 31.05 -29.92 0.40
CA PRO I 465 30.29 -28.67 0.32
C PRO I 465 30.98 -27.54 1.06
N TRP I 466 31.29 -27.77 2.32
CA TRP I 466 31.81 -26.72 3.17
C TRP I 466 33.04 -26.07 2.54
N GLU I 467 33.89 -26.85 1.91
CA GLU I 467 35.07 -26.30 1.26
C GLU I 467 34.77 -25.71 -0.10
N SER I 468 33.66 -26.09 -0.72
CA SER I 468 33.35 -25.62 -2.06
C SER I 468 32.32 -24.49 -2.08
N LYS I 469 31.74 -24.14 -0.94
CA LYS I 469 30.63 -23.18 -0.95
C LYS I 469 31.04 -21.92 -0.22
N PRO I 470 31.14 -20.79 -0.94
CA PRO I 470 31.59 -19.52 -0.34
C PRO I 470 30.85 -19.19 0.93
N HIS I 471 31.58 -18.72 1.88
CA HIS I 471 31.00 -18.35 3.16
C HIS I 471 30.73 -16.86 3.19
N PRO I 472 29.55 -16.44 3.68
CA PRO I 472 29.23 -15.00 3.72
C PRO I 472 30.37 -14.16 4.27
N PHE I 473 30.92 -14.55 5.41
CA PHE I 473 31.93 -13.74 6.08
C PHE I 473 33.17 -13.56 5.22
N GLU I 474 33.35 -14.42 4.21
CA GLU I 474 34.46 -14.23 3.27
C GLU I 474 34.29 -12.97 2.46
N PHE I 475 33.07 -12.49 2.32
CA PHE I 475 32.87 -11.24 1.59
C PHE I 475 33.26 -10.03 2.42
N ILE I 476 33.08 -10.09 3.74
CA ILE I 476 33.50 -9.00 4.62
C ILE I 476 35.00 -8.76 4.52
N THR I 477 35.79 -9.84 4.65
CA THR I 477 37.24 -9.75 4.66
C THR I 477 37.86 -9.68 3.27
N THR I 478 37.33 -10.44 2.29
CA THR I 478 37.98 -10.61 0.98
C THR I 478 37.29 -9.91 -0.19
N TYR I 479 36.12 -9.32 -0.02
CA TYR I 479 35.47 -8.81 -1.22
C TYR I 479 36.21 -7.59 -1.75
N SER I 480 36.68 -6.71 -0.87
CA SER I 480 37.37 -5.48 -1.24
C SER I 480 38.88 -5.66 -1.42
N CYS I 481 39.34 -6.83 -1.83
CA CYS I 481 40.75 -6.96 -2.19
C CYS I 481 40.94 -6.62 -3.67
N GLN J 6 -26.89 -57.10 -17.40
CA GLN J 6 -26.34 -58.45 -17.38
C GLN J 6 -25.87 -58.81 -15.96
N ASN J 7 -26.83 -58.78 -15.05
CA ASN J 7 -26.65 -59.11 -13.63
C ASN J 7 -27.58 -60.24 -13.26
N SER J 8 -27.13 -61.12 -12.37
CA SER J 8 -28.04 -62.10 -11.80
C SER J 8 -29.13 -61.39 -11.00
N GLU J 9 -30.36 -61.91 -11.09
CA GLU J 9 -31.45 -61.47 -10.24
C GLU J 9 -31.00 -61.40 -8.78
N SER J 10 -30.26 -62.42 -8.33
CA SER J 10 -29.67 -62.43 -7.01
C SER J 10 -28.93 -61.13 -6.72
N LYS J 11 -28.19 -60.61 -7.71
CA LYS J 11 -27.35 -59.43 -7.51
C LYS J 11 -28.18 -58.16 -7.50
N ILE J 12 -29.18 -58.02 -8.38
CA ILE J 12 -30.09 -56.89 -8.26
C ILE J 12 -30.74 -56.92 -6.89
N LYS J 13 -31.20 -58.11 -6.47
CA LYS J 13 -31.86 -58.28 -5.19
C LYS J 13 -31.00 -57.78 -4.04
N GLU J 14 -29.74 -58.20 -4.01
CA GLU J 14 -28.82 -57.96 -2.89
C GLU J 14 -28.29 -56.54 -2.89
N PHE J 15 -28.22 -55.91 -4.08
CA PHE J 15 -27.83 -54.51 -4.21
C PHE J 15 -28.91 -53.57 -3.70
N PHE J 16 -30.18 -53.94 -3.88
CA PHE J 16 -31.24 -53.12 -3.33
C PHE J 16 -31.26 -53.16 -1.81
N GLU J 17 -31.06 -54.32 -1.22
CA GLU J 17 -30.96 -54.43 0.23
C GLU J 17 -29.84 -53.57 0.78
N PHE J 18 -28.72 -53.48 0.05
CA PHE J 18 -27.59 -52.66 0.46
C PHE J 18 -27.95 -51.19 0.42
N CYS J 19 -28.68 -50.77 -0.60
CA CYS J 19 -29.03 -49.37 -0.70
C CYS J 19 -30.04 -48.97 0.39
N LYS J 20 -31.01 -49.85 0.67
CA LYS J 20 -31.96 -49.63 1.76
C LYS J 20 -31.25 -49.54 3.11
N GLU J 21 -30.39 -50.54 3.40
CA GLU J 21 -29.68 -50.62 4.67
C GLU J 21 -28.95 -49.32 4.97
N ASN J 22 -28.13 -48.87 4.02
CA ASN J 22 -27.30 -47.67 4.12
C ASN J 22 -28.01 -46.39 3.73
N GLU J 23 -29.33 -46.41 3.56
CA GLU J 23 -30.12 -45.18 3.34
C GLU J 23 -29.59 -44.35 2.17
N VAL J 24 -29.45 -45.00 1.01
CA VAL J 24 -28.83 -44.42 -0.17
C VAL J 24 -29.82 -43.50 -0.90
N GLU J 25 -29.47 -42.24 -1.04
CA GLU J 25 -30.34 -41.30 -1.73
C GLU J 25 -30.09 -41.20 -3.22
N PHE J 26 -28.91 -41.62 -3.70
CA PHE J 26 -28.51 -41.41 -5.09
C PHE J 26 -27.62 -42.55 -5.59
N VAL J 27 -27.66 -42.76 -6.90
CA VAL J 27 -26.94 -43.84 -7.55
C VAL J 27 -26.08 -43.21 -8.62
N ASP J 28 -24.77 -43.13 -8.36
CA ASP J 28 -23.84 -42.44 -9.24
C ASP J 28 -23.09 -43.48 -10.07
N PHE J 29 -23.40 -43.57 -11.37
CA PHE J 29 -22.89 -44.64 -12.25
C PHE J 29 -21.59 -44.20 -12.91
N ARG J 30 -20.54 -44.96 -12.68
CA ARG J 30 -19.21 -44.55 -13.09
C ARG J 30 -18.70 -45.42 -14.23
N PHE J 31 -18.03 -44.79 -15.19
CA PHE J 31 -17.44 -45.53 -16.29
C PHE J 31 -16.19 -44.79 -16.76
N SER J 32 -15.27 -45.52 -17.37
CA SER J 32 -14.02 -44.96 -17.87
C SER J 32 -14.05 -44.89 -19.39
N ASP J 33 -13.69 -43.72 -19.92
CA ASP J 33 -13.43 -43.51 -21.34
C ASP J 33 -12.00 -43.90 -21.72
N ILE J 34 -11.56 -43.40 -22.88
CA ILE J 34 -10.31 -43.88 -23.40
C ILE J 34 -9.13 -43.35 -22.58
N LYS J 35 -9.15 -42.06 -22.28
CA LYS J 35 -8.02 -41.45 -21.58
C LYS J 35 -7.86 -41.97 -20.14
N GLY J 36 -8.86 -42.71 -19.62
CA GLY J 36 -8.85 -43.19 -18.26
C GLY J 36 -9.47 -42.23 -17.28
N THR J 37 -10.03 -41.14 -17.77
CA THR J 37 -10.89 -40.29 -16.96
C THR J 37 -12.11 -41.06 -16.49
N TRP J 38 -12.35 -41.03 -15.19
CA TRP J 38 -13.49 -41.69 -14.60
C TRP J 38 -14.64 -40.69 -14.60
N ASN J 39 -15.73 -41.02 -15.28
CA ASN J 39 -16.89 -40.15 -15.40
C ASN J 39 -18.05 -40.71 -14.57
N HIS J 40 -19.07 -39.89 -14.35
CA HIS J 40 -20.20 -40.40 -13.57
C HIS J 40 -21.47 -39.69 -14.00
N ILE J 41 -22.60 -40.30 -13.61
CA ILE J 41 -23.95 -39.80 -13.88
C ILE J 41 -24.86 -40.37 -12.79
N ALA J 42 -25.53 -39.50 -12.01
CA ALA J 42 -26.29 -39.96 -10.85
C ALA J 42 -27.80 -39.88 -11.05
N TYR J 43 -28.50 -40.91 -10.57
CA TYR J 43 -29.94 -41.02 -10.58
C TYR J 43 -30.50 -40.92 -9.18
N SER J 44 -31.65 -40.28 -9.05
CA SER J 44 -32.44 -40.42 -7.85
C SER J 44 -32.64 -41.90 -7.55
N PHE J 45 -32.56 -42.26 -6.27
CA PHE J 45 -32.74 -43.66 -5.90
C PHE J 45 -34.17 -44.10 -6.18
N GLY J 46 -35.15 -43.35 -5.67
CA GLY J 46 -36.55 -43.61 -5.92
C GLY J 46 -36.88 -43.90 -7.37
N ALA J 47 -36.05 -43.42 -8.30
CA ALA J 47 -36.25 -43.62 -9.73
C ALA J 47 -35.60 -44.89 -10.28
N LEU J 48 -34.64 -45.48 -9.57
CA LEU J 48 -33.99 -46.69 -10.04
C LEU J 48 -34.97 -47.88 -10.01
N THR J 49 -34.89 -48.70 -11.06
CA THR J 49 -35.83 -49.80 -11.30
C THR J 49 -35.05 -51.03 -11.72
N HIS J 50 -35.62 -52.20 -11.43
CA HIS J 50 -35.05 -53.47 -11.86
C HIS J 50 -34.68 -53.46 -13.35
N GLY J 51 -35.60 -52.97 -14.19
CA GLY J 51 -35.40 -52.96 -15.62
C GLY J 51 -34.21 -52.14 -16.10
N MET J 52 -33.76 -51.17 -15.31
CA MET J 52 -32.58 -50.42 -15.73
C MET J 52 -31.29 -51.19 -15.44
N LEU J 53 -31.18 -51.83 -14.26
CA LEU J 53 -30.03 -52.66 -13.99
C LEU J 53 -29.98 -53.87 -14.92
N LYS J 54 -31.05 -54.15 -15.66
CA LYS J 54 -31.01 -55.17 -16.71
C LYS J 54 -30.62 -54.57 -18.05
N GLU J 55 -31.38 -53.58 -18.54
CA GLU J 55 -31.19 -53.06 -19.89
C GLU J 55 -30.26 -51.85 -19.97
N GLY J 56 -29.92 -51.22 -18.86
CA GLY J 56 -28.95 -50.15 -18.84
C GLY J 56 -29.57 -48.77 -18.69
N ILE J 57 -28.72 -47.77 -18.95
CA ILE J 57 -28.96 -46.35 -18.75
C ILE J 57 -28.43 -45.64 -20.00
N PRO J 58 -29.21 -44.77 -20.63
CA PRO J 58 -28.69 -44.05 -21.80
C PRO J 58 -27.68 -42.97 -21.41
N PHE J 59 -26.93 -42.52 -22.43
CA PHE J 59 -25.92 -41.47 -22.25
C PHE J 59 -25.37 -41.06 -23.61
N ASP J 60 -24.55 -40.01 -23.60
CA ASP J 60 -24.10 -39.32 -24.83
C ASP J 60 -22.64 -39.65 -25.12
N ALA J 61 -22.42 -40.76 -25.83
CA ALA J 61 -21.04 -41.22 -26.04
C ALA J 61 -20.24 -40.29 -26.96
N SER J 62 -20.91 -39.34 -27.62
CA SER J 62 -20.28 -38.37 -28.51
C SER J 62 -19.58 -37.25 -27.78
N CYS J 63 -19.46 -37.30 -26.45
CA CYS J 63 -18.75 -36.27 -25.71
C CYS J 63 -17.36 -36.70 -25.25
N PHE J 64 -16.91 -37.88 -25.65
CA PHE J 64 -15.62 -38.43 -25.25
C PHE J 64 -14.78 -38.60 -26.50
N LYS J 65 -13.54 -38.14 -26.47
CA LYS J 65 -12.68 -38.34 -27.63
C LYS J 65 -12.54 -39.83 -27.91
N GLY J 66 -12.67 -40.22 -29.18
CA GLY J 66 -12.42 -41.59 -29.59
C GLY J 66 -13.61 -42.54 -29.62
N TRP J 67 -14.82 -42.07 -29.39
CA TRP J 67 -15.97 -42.94 -29.38
C TRP J 67 -16.91 -42.68 -30.55
N GLN J 68 -18.14 -42.23 -30.26
CA GLN J 68 -19.18 -42.02 -31.26
C GLN J 68 -19.12 -40.62 -31.83
N GLY J 69 -19.51 -40.51 -33.10
CA GLY J 69 -19.76 -39.22 -33.67
C GLY J 69 -21.12 -38.68 -33.24
N ILE J 70 -21.25 -37.36 -33.29
CA ILE J 70 -22.46 -36.66 -32.87
C ILE J 70 -23.74 -37.28 -33.45
N GLU J 71 -23.63 -38.07 -34.51
CA GLU J 71 -24.83 -38.55 -35.19
C GLU J 71 -25.24 -39.96 -34.83
N HIS J 72 -24.33 -40.77 -34.27
CA HIS J 72 -24.71 -42.08 -33.74
C HIS J 72 -24.31 -42.10 -32.28
N SER J 73 -24.91 -41.20 -31.49
CA SER J 73 -24.45 -40.72 -30.17
C SER J 73 -24.96 -41.53 -28.99
N ASP J 74 -26.22 -41.96 -29.06
CA ASP J 74 -26.87 -42.68 -27.99
C ASP J 74 -26.16 -44.01 -27.77
N MET J 75 -25.64 -44.21 -26.58
CA MET J 75 -25.19 -45.54 -26.19
C MET J 75 -25.92 -45.96 -24.90
N ILE J 76 -25.50 -47.08 -24.35
CA ILE J 76 -26.05 -47.57 -23.09
C ILE J 76 -24.89 -47.81 -22.12
N LEU J 77 -24.99 -47.22 -20.93
CA LEU J 77 -24.24 -47.73 -19.78
C LEU J 77 -24.97 -48.97 -19.24
N THR J 78 -24.25 -50.09 -19.16
CA THR J 78 -24.75 -51.35 -18.60
C THR J 78 -24.11 -51.64 -17.25
N PRO J 79 -24.84 -51.50 -16.14
CA PRO J 79 -24.22 -51.60 -14.80
C PRO J 79 -23.67 -52.99 -14.44
N ASP J 80 -22.53 -52.99 -13.73
CA ASP J 80 -21.93 -54.20 -13.16
C ASP J 80 -22.04 -54.13 -11.64
N LEU J 81 -22.91 -54.96 -11.07
CA LEU J 81 -23.16 -55.00 -9.62
C LEU J 81 -22.07 -55.74 -8.85
N VAL J 82 -20.81 -55.52 -9.20
CA VAL J 82 -19.66 -55.97 -8.43
C VAL J 82 -18.90 -54.75 -7.93
N ARG J 83 -18.45 -54.82 -6.66
CA ARG J 83 -17.48 -53.91 -6.07
C ARG J 83 -18.01 -52.50 -5.85
N TYR J 84 -19.33 -52.32 -5.86
CA TYR J 84 -19.94 -51.03 -5.60
C TYR J 84 -19.62 -50.57 -4.16
N PHE J 85 -19.76 -49.25 -3.93
CA PHE J 85 -19.43 -48.68 -2.63
C PHE J 85 -20.20 -47.38 -2.36
N ILE J 86 -20.39 -47.08 -1.08
CA ILE J 86 -20.89 -45.79 -0.63
C ILE J 86 -19.79 -44.76 -0.84
N ASP J 87 -20.14 -43.60 -1.42
CA ASP J 87 -19.13 -42.59 -1.72
C ASP J 87 -18.78 -41.86 -0.43
N PRO J 88 -17.56 -42.00 0.09
CA PRO J 88 -17.22 -41.34 1.35
C PRO J 88 -17.51 -39.82 1.39
N PHE J 89 -17.40 -39.12 0.26
CA PHE J 89 -17.30 -37.67 0.32
C PHE J 89 -18.57 -36.93 -0.14
N SER J 90 -19.45 -37.58 -0.89
CA SER J 90 -20.67 -36.90 -1.28
C SER J 90 -21.48 -36.58 -0.03
N ALA J 91 -22.12 -35.39 -0.04
CA ALA J 91 -22.78 -34.87 1.14
C ALA J 91 -24.09 -35.59 1.45
N ASP J 92 -24.70 -36.24 0.46
CA ASP J 92 -25.87 -37.08 0.62
C ASP J 92 -25.56 -38.49 0.12
N VAL J 93 -26.21 -39.49 0.73
CA VAL J 93 -25.74 -40.85 0.56
C VAL J 93 -25.89 -41.27 -0.90
N SER J 94 -24.81 -41.82 -1.44
CA SER J 94 -24.65 -42.17 -2.84
C SER J 94 -23.98 -43.51 -2.87
N VAL J 95 -24.33 -44.37 -3.82
CA VAL J 95 -23.65 -45.64 -3.94
C VAL J 95 -23.08 -45.71 -5.36
N VAL J 96 -21.74 -45.71 -5.44
CA VAL J 96 -21.04 -45.73 -6.73
C VAL J 96 -21.11 -47.13 -7.32
N VAL J 97 -21.42 -47.22 -8.63
CA VAL J 97 -21.57 -48.47 -9.39
C VAL J 97 -20.82 -48.37 -10.71
N PHE J 98 -19.95 -49.34 -10.98
CA PHE J 98 -19.21 -49.51 -12.23
C PHE J 98 -20.14 -49.87 -13.39
N CYS J 99 -19.71 -49.53 -14.60
CA CYS J 99 -20.56 -49.66 -15.77
C CYS J 99 -19.75 -49.99 -17.01
N ASP J 100 -20.44 -50.51 -17.99
CA ASP J 100 -19.89 -50.74 -19.31
C ASP J 100 -20.62 -49.87 -20.32
N VAL J 101 -19.92 -49.55 -21.39
CA VAL J 101 -20.57 -48.99 -22.56
C VAL J 101 -21.14 -50.14 -23.35
N TYR J 102 -22.39 -49.98 -23.80
CA TYR J 102 -23.02 -50.94 -24.68
C TYR J 102 -23.25 -50.33 -26.06
N ASP J 103 -22.99 -51.11 -27.10
CA ASP J 103 -23.03 -50.62 -28.47
C ASP J 103 -24.42 -50.92 -29.04
N VAL J 104 -25.26 -49.90 -29.11
CA VAL J 104 -26.63 -50.14 -29.56
C VAL J 104 -26.73 -50.29 -31.07
N TYR J 105 -25.62 -50.28 -31.78
CA TYR J 105 -25.61 -50.41 -33.24
C TYR J 105 -25.04 -51.73 -33.72
N LYS J 106 -23.93 -52.17 -33.14
CA LYS J 106 -23.46 -53.52 -33.39
C LYS J 106 -24.09 -54.53 -32.44
N ASN J 107 -24.77 -54.08 -31.39
CA ASN J 107 -25.38 -54.93 -30.38
C ASN J 107 -24.41 -55.99 -29.89
N GLN J 108 -23.54 -55.57 -28.99
CA GLN J 108 -22.35 -56.24 -28.49
C GLN J 108 -21.69 -55.24 -27.56
N PRO J 109 -21.10 -55.65 -26.43
CA PRO J 109 -20.24 -54.71 -25.67
C PRO J 109 -19.41 -53.85 -26.62
N TYR J 110 -19.21 -52.60 -26.25
CA TYR J 110 -18.55 -51.62 -27.12
C TYR J 110 -17.08 -51.97 -27.32
N GLU J 111 -16.65 -52.12 -28.59
CA GLU J 111 -15.27 -52.55 -28.82
C GLU J 111 -14.26 -51.48 -28.41
N LYS J 112 -14.73 -50.29 -28.08
CA LYS J 112 -13.89 -49.23 -27.57
C LYS J 112 -14.13 -48.93 -26.08
N CYS J 113 -15.01 -49.68 -25.41
CA CYS J 113 -15.10 -49.57 -23.95
C CYS J 113 -13.93 -50.32 -23.33
N PRO J 114 -13.05 -49.66 -22.58
CA PRO J 114 -11.80 -50.32 -22.18
C PRO J 114 -11.98 -51.28 -21.04
N ARG J 115 -13.10 -51.18 -20.32
CA ARG J 115 -13.42 -52.22 -19.36
C ARG J 115 -13.89 -53.48 -20.08
N SER J 116 -14.70 -53.33 -21.12
CA SER J 116 -14.98 -54.41 -22.05
C SER J 116 -13.69 -55.05 -22.56
N ILE J 117 -12.73 -54.24 -23.03
CA ILE J 117 -11.48 -54.74 -23.58
C ILE J 117 -10.75 -55.60 -22.55
N ALA J 118 -10.62 -55.10 -21.33
CA ALA J 118 -9.89 -55.86 -20.32
C ALA J 118 -10.65 -57.12 -19.92
N LYS J 119 -11.99 -57.08 -19.94
CA LYS J 119 -12.77 -58.31 -19.79
C LYS J 119 -12.48 -59.29 -20.93
N LYS J 120 -12.52 -58.79 -22.17
CA LYS J 120 -12.19 -59.64 -23.32
C LYS J 120 -10.81 -60.26 -23.15
N ALA J 121 -9.92 -59.52 -22.49
CA ALA J 121 -8.57 -59.97 -22.28
C ALA J 121 -8.55 -61.07 -21.24
N LEU J 122 -9.24 -60.85 -20.13
CA LEU J 122 -9.26 -61.85 -19.08
C LEU J 122 -9.88 -63.16 -19.58
N GLN J 123 -10.83 -63.09 -20.52
CA GLN J 123 -11.50 -64.30 -20.99
C GLN J 123 -10.64 -65.05 -21.99
N HIS J 124 -9.94 -64.31 -22.87
CA HIS J 124 -8.99 -64.88 -23.80
C HIS J 124 -7.98 -65.77 -23.10
N LEU J 125 -7.66 -65.45 -21.84
CA LEU J 125 -6.80 -66.27 -20.99
C LEU J 125 -7.49 -67.56 -20.55
N LYS J 126 -8.73 -67.47 -20.05
CA LYS J 126 -9.50 -68.67 -19.70
C LYS J 126 -9.81 -69.50 -20.95
N ASP J 127 -10.22 -68.86 -22.04
CA ASP J 127 -10.56 -69.63 -23.22
C ASP J 127 -9.35 -70.36 -23.79
N SER J 128 -8.21 -69.65 -23.93
CA SER J 128 -6.99 -70.26 -24.44
C SER J 128 -6.55 -71.46 -23.61
N GLY J 129 -7.05 -71.60 -22.39
CA GLY J 129 -6.67 -72.70 -21.53
C GLY J 129 -5.30 -72.58 -20.92
N LEU J 130 -4.67 -71.41 -21.02
CA LEU J 130 -3.35 -71.22 -20.45
C LEU J 130 -3.40 -70.86 -18.98
N GLY J 131 -4.56 -70.46 -18.49
CA GLY J 131 -4.71 -70.18 -17.08
C GLY J 131 -6.16 -69.90 -16.76
N ASP J 132 -6.42 -69.76 -15.47
CA ASP J 132 -7.72 -69.37 -14.94
C ASP J 132 -7.76 -67.88 -14.62
N VAL J 133 -6.68 -67.36 -14.07
CA VAL J 133 -6.60 -65.99 -13.60
C VAL J 133 -5.29 -65.43 -14.06
N ALA J 134 -5.25 -64.11 -14.19
CA ALA J 134 -4.03 -63.31 -14.14
C ALA J 134 -4.24 -62.27 -13.04
N TYR J 135 -3.52 -62.39 -11.95
CA TYR J 135 -3.59 -61.40 -10.88
C TYR J 135 -2.63 -60.24 -11.15
N PHE J 136 -3.11 -59.01 -10.90
CA PHE J 136 -2.37 -57.77 -11.09
C PHE J 136 -2.25 -57.00 -9.77
N GLY J 137 -1.02 -56.67 -9.38
CA GLY J 137 -0.80 -55.76 -8.29
C GLY J 137 -0.28 -54.44 -8.83
N ALA J 138 -0.98 -53.36 -8.50
CA ALA J 138 -0.67 -52.03 -9.03
C ALA J 138 -0.29 -51.10 -7.89
N GLU J 139 0.93 -50.59 -7.92
CA GLU J 139 1.40 -49.56 -6.98
C GLU J 139 1.34 -48.23 -7.70
N ASN J 140 0.40 -47.39 -7.31
CA ASN J 140 0.28 -46.06 -7.89
C ASN J 140 0.87 -45.06 -6.90
N GLU J 141 2.03 -44.52 -7.24
CA GLU J 141 2.64 -43.40 -6.52
C GLU J 141 2.08 -42.09 -7.03
N PHE J 142 2.03 -41.11 -6.13
CA PHE J 142 1.33 -39.85 -6.35
C PHE J 142 2.06 -38.74 -5.61
N PHE J 143 1.72 -37.50 -5.95
CA PHE J 143 2.16 -36.36 -5.18
C PHE J 143 0.93 -35.68 -4.57
N ILE J 144 1.09 -35.12 -3.37
CA ILE J 144 0.10 -34.20 -2.81
C ILE J 144 0.77 -32.84 -2.72
N PHE J 145 0.27 -31.90 -3.52
CA PHE J 145 0.82 -30.57 -3.55
C PHE J 145 -0.07 -29.62 -2.77
N ASP J 146 0.36 -28.35 -2.71
CA ASP J 146 -0.47 -27.28 -2.16
C ASP J 146 -1.06 -26.37 -3.22
N SER J 147 -0.61 -26.47 -4.47
CA SER J 147 -0.96 -25.47 -5.46
C SER J 147 -0.40 -25.91 -6.80
N ILE J 148 -1.14 -25.57 -7.87
CA ILE J 148 -0.70 -25.87 -9.23
C ILE J 148 -1.15 -24.77 -10.20
N LYS J 149 -0.20 -23.95 -10.66
CA LYS J 149 -0.49 -22.87 -11.61
C LYS J 149 -0.10 -23.29 -13.03
N ILE J 150 -0.99 -23.03 -14.01
CA ILE J 150 -0.79 -23.32 -15.43
C ILE J 150 -1.24 -22.15 -16.27
N LYS J 151 -0.54 -21.93 -17.39
CA LYS J 151 -0.96 -20.99 -18.42
C LYS J 151 -0.58 -21.57 -19.79
N ASP J 152 -1.54 -21.59 -20.71
CA ASP J 152 -1.28 -21.98 -22.10
C ASP J 152 -1.80 -20.86 -22.99
N ALA J 153 -0.87 -20.11 -23.60
CA ALA J 153 -1.14 -18.81 -24.20
C ALA J 153 -0.37 -18.69 -25.50
N SER J 154 -0.56 -17.56 -26.18
CA SER J 154 0.21 -17.30 -27.39
C SER J 154 1.62 -16.89 -27.06
N ASN J 155 1.78 -16.06 -26.03
CA ASN J 155 3.07 -15.52 -25.65
C ASN J 155 3.71 -16.24 -24.47
N SER J 156 3.11 -17.30 -23.91
CA SER J 156 3.59 -17.79 -22.62
C SER J 156 3.12 -19.22 -22.34
N GLN J 157 4.07 -20.13 -22.12
CA GLN J 157 3.79 -21.42 -21.51
C GLN J 157 4.38 -21.42 -20.11
N TYR J 158 3.62 -21.91 -19.13
CA TYR J 158 3.95 -21.71 -17.73
C TYR J 158 3.38 -22.86 -16.89
N TYR J 159 4.11 -23.24 -15.84
CA TYR J 159 3.56 -24.07 -14.76
C TYR J 159 4.43 -23.92 -13.52
N GLU J 160 3.81 -24.14 -12.37
CA GLU J 160 4.51 -24.16 -11.11
C GLU J 160 3.70 -24.99 -10.09
N VAL J 161 4.35 -25.97 -9.47
CA VAL J 161 3.74 -26.71 -8.36
C VAL J 161 4.25 -26.12 -7.06
N ASP J 162 3.49 -26.23 -5.97
CA ASP J 162 4.05 -25.89 -4.68
C ASP J 162 3.73 -26.94 -3.64
N SER J 163 4.78 -27.35 -2.93
CA SER J 163 4.68 -28.05 -1.66
C SER J 163 5.50 -27.24 -0.67
N GLU J 164 5.04 -27.20 0.58
CA GLU J 164 5.83 -26.58 1.63
C GLU J 164 7.14 -27.31 1.78
N GLU J 165 7.14 -28.62 1.65
CA GLU J 165 8.38 -29.36 1.74
C GLU J 165 9.33 -29.09 0.57
N GLY J 166 8.94 -28.32 -0.44
CA GLY J 166 9.80 -28.17 -1.60
C GLY J 166 11.02 -27.37 -1.25
N GLU J 167 12.19 -27.85 -1.65
CA GLU J 167 13.43 -27.13 -1.40
C GLU J 167 13.34 -25.66 -1.80
N TRP J 168 12.44 -25.32 -2.70
CA TRP J 168 12.33 -23.95 -3.16
C TRP J 168 11.69 -23.03 -2.13
N ASN J 169 11.25 -23.58 -0.99
CA ASN J 169 10.64 -22.78 0.05
C ASN J 169 11.53 -22.67 1.29
N ARG J 170 12.82 -22.94 1.17
CA ARG J 170 13.67 -22.89 2.35
C ARG J 170 13.82 -21.48 2.90
N ASP J 171 13.67 -20.44 2.04
CA ASP J 171 13.81 -19.05 2.46
C ASP J 171 12.51 -18.27 2.31
N ARG J 172 11.38 -18.96 2.23
CA ARG J 172 10.08 -18.36 2.05
C ARG J 172 9.45 -18.02 3.41
N SER J 173 8.85 -16.85 3.50
CA SER J 173 8.00 -16.52 4.65
C SER J 173 6.59 -17.05 4.42
N PHE J 174 6.00 -17.61 5.49
CA PHE J 174 4.62 -18.11 5.46
C PHE J 174 3.74 -17.42 6.51
N GLU J 175 2.95 -18.22 7.25
CA GLU J 175 1.75 -17.74 7.94
C GLU J 175 2.01 -16.47 8.75
N ASN J 176 3.08 -16.45 9.54
CA ASN J 176 3.51 -15.23 10.23
C ASN J 176 4.96 -14.96 9.94
N GLY J 177 5.33 -14.96 8.66
CA GLY J 177 6.72 -14.74 8.29
C GLY J 177 7.62 -15.84 8.77
N VAL J 178 7.03 -16.97 9.15
CA VAL J 178 7.70 -18.08 9.82
C VAL J 178 8.00 -19.19 8.81
N ASN J 179 9.08 -19.92 9.05
CA ASN J 179 9.49 -21.06 8.24
C ASN J 179 9.94 -22.16 9.20
N PHE J 180 9.26 -23.31 9.19
CA PHE J 180 9.55 -24.34 10.20
C PHE J 180 10.80 -25.14 9.92
N GLY J 181 11.32 -25.10 8.69
CA GLY J 181 12.45 -25.94 8.34
C GLY J 181 12.05 -27.38 8.12
N HIS J 182 13.00 -28.27 8.39
CA HIS J 182 12.72 -29.71 8.48
C HIS J 182 12.15 -30.26 7.18
N ARG J 183 12.92 -30.10 6.08
CA ARG J 183 12.50 -30.49 4.74
C ARG J 183 13.30 -31.68 4.20
N PRO J 184 12.68 -32.55 3.38
CA PRO J 184 13.47 -33.52 2.62
C PRO J 184 14.14 -32.81 1.46
N GLY J 185 15.37 -33.19 1.17
CA GLY J 185 16.03 -32.57 0.05
C GLY J 185 15.33 -32.94 -1.25
N LYS J 186 15.96 -32.61 -2.36
CA LYS J 186 15.53 -33.27 -3.56
C LYS J 186 15.84 -34.78 -3.42
N GLN J 187 14.84 -35.63 -3.64
CA GLN J 187 14.99 -37.10 -3.44
C GLN J 187 15.33 -37.45 -1.98
N GLY J 188 14.94 -36.59 -1.05
CA GLY J 188 15.06 -36.78 0.38
C GLY J 188 13.88 -37.41 1.09
N GLY J 189 12.88 -37.92 0.38
CA GLY J 189 11.63 -38.20 1.04
C GLY J 189 11.48 -39.58 1.61
N TYR J 190 12.43 -40.47 1.32
CA TYR J 190 12.35 -41.90 1.67
C TYR J 190 13.36 -42.27 2.73
N MET J 191 12.95 -42.45 4.00
CA MET J 191 11.60 -42.20 4.53
C MET J 191 11.66 -41.51 5.90
N PRO J 192 12.26 -40.31 5.99
CA PRO J 192 12.43 -39.66 7.30
C PRO J 192 11.14 -39.56 8.12
N VAL J 193 11.27 -39.42 9.44
CA VAL J 193 10.11 -39.30 10.33
C VAL J 193 9.53 -37.89 10.24
N PRO J 194 8.29 -37.69 10.68
CA PRO J 194 7.82 -36.31 10.86
C PRO J 194 8.80 -35.56 11.77
N PRO J 195 8.93 -34.22 11.60
CA PRO J 195 8.21 -33.33 10.71
C PRO J 195 8.78 -33.17 9.30
N THR J 196 9.85 -33.88 8.95
CA THR J 196 10.28 -33.90 7.55
C THR J 196 9.20 -34.52 6.67
N ASP J 197 8.68 -35.67 7.10
CA ASP J 197 7.49 -36.23 6.48
C ASP J 197 6.31 -35.49 7.08
N THR J 198 5.72 -34.56 6.32
CA THR J 198 4.57 -33.78 6.79
C THR J 198 3.24 -34.45 6.48
N MET J 199 3.27 -35.62 5.85
CA MET J 199 2.08 -36.20 5.25
C MET J 199 1.68 -37.51 5.89
N MET J 200 1.97 -37.71 7.18
CA MET J 200 1.57 -38.99 7.78
C MET J 200 0.07 -39.09 7.92
N ASP J 201 -0.59 -37.99 8.30
CA ASP J 201 -2.00 -38.05 8.61
C ASP J 201 -2.84 -38.09 7.34
N ILE J 202 -2.50 -37.25 6.36
CA ILE J 202 -3.17 -37.33 5.05
C ILE J 202 -3.06 -38.75 4.50
N ARG J 203 -1.90 -39.38 4.68
CA ARG J 203 -1.68 -40.71 4.14
C ARG J 203 -2.51 -41.73 4.89
N THR J 204 -2.41 -41.72 6.21
CA THR J 204 -3.15 -42.67 7.04
C THR J 204 -4.65 -42.43 6.95
N GLU J 205 -5.08 -41.19 6.62
CA GLU J 205 -6.48 -40.91 6.30
C GLU J 205 -6.85 -41.51 4.95
N ILE J 206 -5.93 -41.51 3.99
CA ILE J 206 -6.18 -42.15 2.69
C ILE J 206 -6.51 -43.63 2.88
N VAL J 207 -5.71 -44.34 3.67
CA VAL J 207 -5.88 -45.78 3.81
C VAL J 207 -7.22 -46.12 4.45
N LYS J 208 -7.57 -45.42 5.54
CA LYS J 208 -8.83 -45.68 6.22
C LYS J 208 -10.01 -45.52 5.26
N VAL J 209 -9.87 -44.67 4.24
CA VAL J 209 -10.94 -44.54 3.25
C VAL J 209 -10.82 -45.60 2.16
N LEU J 210 -9.60 -46.02 1.82
CA LEU J 210 -9.50 -47.11 0.87
C LEU J 210 -10.07 -48.38 1.44
N ASN J 211 -9.93 -48.60 2.75
CA ASN J 211 -10.53 -49.80 3.32
C ASN J 211 -12.05 -49.72 3.21
N GLN J 212 -12.61 -48.53 3.40
CA GLN J 212 -14.06 -48.35 3.32
C GLN J 212 -14.59 -48.66 1.93
N VAL J 213 -13.84 -48.34 0.89
CA VAL J 213 -14.33 -48.49 -0.47
C VAL J 213 -13.97 -49.90 -0.96
N GLY J 214 -13.50 -50.74 -0.05
CA GLY J 214 -13.35 -52.13 -0.37
C GLY J 214 -11.98 -52.58 -0.80
N LEU J 215 -10.95 -51.76 -0.62
CA LEU J 215 -9.59 -52.15 -0.97
C LEU J 215 -8.86 -52.64 0.28
N GLU J 216 -8.30 -53.84 0.21
CA GLU J 216 -7.35 -54.27 1.22
C GLU J 216 -6.02 -53.59 0.96
N THR J 217 -5.46 -52.92 1.98
CA THR J 217 -4.17 -52.24 1.90
C THR J 217 -3.10 -53.08 2.58
N PHE J 218 -1.85 -52.62 2.50
CA PHE J 218 -0.86 -53.09 3.47
C PHE J 218 0.19 -52.05 3.85
N VAL J 219 0.98 -51.55 2.92
CA VAL J 219 2.04 -50.61 3.27
C VAL J 219 1.57 -49.21 2.97
N VAL J 220 2.11 -48.22 3.71
CA VAL J 220 1.95 -46.80 3.42
C VAL J 220 3.16 -45.99 3.83
N HIS J 221 3.84 -45.38 2.86
CA HIS J 221 5.04 -44.65 3.21
C HIS J 221 5.14 -43.36 2.42
N HIS J 222 6.10 -42.53 2.86
CA HIS J 222 6.63 -41.47 2.01
C HIS J 222 7.52 -42.11 0.95
N GLU J 223 7.50 -41.54 -0.25
CA GLU J 223 8.34 -42.04 -1.34
C GLU J 223 9.42 -41.00 -1.65
N VAL J 224 10.34 -41.36 -2.55
CA VAL J 224 11.62 -40.64 -2.65
C VAL J 224 11.45 -39.17 -3.03
N ALA J 225 10.56 -38.88 -3.99
CA ALA J 225 10.45 -37.52 -4.52
C ALA J 225 10.04 -36.54 -3.43
N GLN J 226 9.81 -35.27 -3.73
CA GLN J 226 9.68 -34.33 -2.62
C GLN J 226 8.36 -34.52 -1.86
N ALA J 227 7.20 -34.26 -2.47
CA ALA J 227 5.96 -34.49 -1.75
C ALA J 227 5.29 -35.85 -2.07
N GLN J 228 6.09 -36.87 -2.35
CA GLN J 228 5.54 -38.08 -2.93
C GLN J 228 5.01 -39.07 -1.88
N GLY J 229 4.25 -40.06 -2.34
CA GLY J 229 3.59 -41.00 -1.44
C GLY J 229 3.21 -42.27 -2.18
N GLU J 230 2.88 -43.29 -1.38
CA GLU J 230 2.49 -44.61 -1.90
C GLU J 230 1.65 -45.38 -0.89
N VAL J 231 0.68 -46.13 -1.40
CA VAL J 231 -0.15 -47.00 -0.57
C VAL J 231 -0.21 -48.36 -1.24
N GLY J 232 -0.12 -49.42 -0.44
CA GLY J 232 0.07 -50.75 -0.96
C GLY J 232 -1.25 -51.46 -1.04
N VAL J 233 -1.62 -51.87 -2.25
CA VAL J 233 -2.97 -52.37 -2.49
C VAL J 233 -2.88 -53.80 -2.98
N LYS J 234 -3.45 -54.71 -2.20
CA LYS J 234 -3.53 -56.11 -2.54
C LYS J 234 -4.02 -56.29 -3.98
N PHE J 235 -3.41 -57.25 -4.66
CA PHE J 235 -3.75 -57.52 -6.04
C PHE J 235 -5.20 -57.94 -6.15
N GLY J 236 -5.77 -57.69 -7.31
CA GLY J 236 -7.01 -58.29 -7.70
C GLY J 236 -6.72 -59.07 -8.96
N ASP J 237 -7.75 -59.46 -9.70
CA ASP J 237 -7.52 -59.96 -11.03
C ASP J 237 -7.43 -58.78 -11.97
N LEU J 238 -7.31 -59.10 -13.26
CA LEU J 238 -7.08 -58.05 -14.24
C LEU J 238 -8.12 -56.96 -14.14
N VAL J 239 -9.40 -57.32 -14.12
CA VAL J 239 -10.42 -56.30 -14.07
C VAL J 239 -10.48 -55.71 -12.66
N GLU J 240 -10.74 -56.55 -11.66
CA GLU J 240 -10.83 -56.14 -10.25
C GLU J 240 -9.72 -55.16 -9.83
N ALA J 241 -8.51 -55.37 -10.37
CA ALA J 241 -7.38 -54.48 -10.10
C ALA J 241 -7.53 -53.14 -10.80
N ALA J 242 -7.90 -53.14 -12.08
CA ALA J 242 -8.11 -51.88 -12.79
C ALA J 242 -9.23 -51.08 -12.15
N ASP J 243 -10.30 -51.76 -11.75
CA ASP J 243 -11.35 -51.09 -11.00
C ASP J 243 -10.78 -50.36 -9.78
N ASN J 244 -10.06 -51.11 -8.92
CA ASN J 244 -9.46 -50.56 -7.69
C ASN J 244 -8.38 -49.54 -7.97
N VAL J 245 -7.89 -49.43 -9.22
CA VAL J 245 -6.97 -48.34 -9.53
C VAL J 245 -7.75 -47.04 -9.66
N GLN J 246 -8.88 -47.09 -10.34
CA GLN J 246 -9.80 -45.95 -10.34
C GLN J 246 -10.19 -45.54 -8.92
N LYS J 247 -10.50 -46.50 -8.04
CA LYS J 247 -10.98 -46.15 -6.70
C LYS J 247 -9.90 -45.45 -5.90
N LEU J 248 -8.71 -46.04 -5.86
CA LEU J 248 -7.63 -45.42 -5.11
C LEU J 248 -7.35 -44.01 -5.62
N LYS J 249 -7.28 -43.84 -6.95
CA LYS J 249 -7.09 -42.51 -7.53
C LYS J 249 -8.23 -41.58 -7.13
N TYR J 250 -9.44 -42.09 -7.03
CA TYR J 250 -10.52 -41.24 -6.56
C TYR J 250 -10.22 -40.72 -5.15
N VAL J 251 -9.93 -41.65 -4.23
CA VAL J 251 -9.81 -41.34 -2.81
C VAL J 251 -8.58 -40.49 -2.52
N VAL J 252 -7.47 -40.73 -3.23
CA VAL J 252 -6.31 -39.86 -3.04
C VAL J 252 -6.63 -38.44 -3.51
N LYS J 253 -7.36 -38.30 -4.61
CA LYS J 253 -7.64 -36.95 -5.10
C LYS J 253 -8.66 -36.22 -4.23
N MET J 254 -9.60 -36.92 -3.62
CA MET J 254 -10.60 -36.23 -2.81
C MET J 254 -10.17 -36.02 -1.36
N VAL J 255 -9.43 -36.97 -0.77
CA VAL J 255 -8.92 -36.73 0.56
C VAL J 255 -7.94 -35.58 0.51
N ALA J 256 -7.09 -35.56 -0.53
CA ALA J 256 -6.19 -34.41 -0.70
C ALA J 256 -6.96 -33.14 -0.97
N HIS J 257 -8.09 -33.24 -1.68
CA HIS J 257 -8.96 -32.09 -1.78
C HIS J 257 -9.48 -31.69 -0.41
N LEU J 258 -10.16 -32.60 0.31
CA LEU J 258 -10.88 -32.08 1.46
C LEU J 258 -9.94 -31.55 2.53
N ASN J 259 -8.64 -31.75 2.36
CA ASN J 259 -7.62 -31.21 3.25
C ASN J 259 -6.98 -29.94 2.71
N GLY J 260 -7.57 -29.33 1.67
CA GLY J 260 -7.07 -28.10 1.10
C GLY J 260 -5.88 -28.24 0.16
N LYS J 261 -5.69 -29.41 -0.44
CA LYS J 261 -4.47 -29.67 -1.18
C LYS J 261 -4.83 -30.23 -2.54
N THR J 262 -3.83 -30.71 -3.27
CA THR J 262 -4.01 -31.08 -4.67
C THR J 262 -3.11 -32.27 -5.01
N ALA J 263 -3.71 -33.38 -5.41
CA ALA J 263 -2.98 -34.59 -5.71
C ALA J 263 -2.85 -34.83 -7.22
N THR J 264 -1.71 -35.36 -7.62
CA THR J 264 -1.48 -35.76 -9.01
C THR J 264 -0.89 -37.16 -9.07
N PHE J 265 -1.33 -37.94 -10.07
CA PHE J 265 -0.68 -39.19 -10.48
C PHE J 265 0.11 -39.03 -11.77
N MET J 266 0.41 -37.80 -12.20
CA MET J 266 1.17 -37.63 -13.42
C MET J 266 2.61 -38.15 -13.24
N PRO J 267 3.21 -38.65 -14.33
CA PRO J 267 4.51 -39.33 -14.18
C PRO J 267 5.62 -38.47 -13.59
N LYS J 268 5.84 -37.27 -14.13
CA LYS J 268 7.00 -36.45 -13.77
C LYS J 268 6.63 -34.99 -13.68
N PRO J 269 6.16 -34.53 -12.51
CA PRO J 269 5.85 -33.09 -12.39
C PRO J 269 7.08 -32.28 -11.98
N LEU J 270 8.06 -32.93 -11.36
CA LEU J 270 9.26 -32.26 -10.86
C LEU J 270 10.45 -32.66 -11.69
N TYR J 271 11.05 -31.67 -12.36
CA TYR J 271 12.32 -31.89 -13.04
C TYR J 271 13.43 -31.93 -11.99
N GLY J 272 14.21 -32.98 -11.99
CA GLY J 272 15.15 -33.20 -10.92
C GLY J 272 14.75 -34.29 -9.95
N ASP J 273 13.48 -34.43 -9.61
CA ASP J 273 13.09 -35.34 -8.54
C ASP J 273 12.45 -36.58 -9.14
N ASN J 274 12.29 -37.60 -8.31
CA ASN J 274 11.85 -38.91 -8.82
C ASN J 274 10.50 -38.81 -9.48
N GLY J 275 10.30 -39.59 -10.57
CA GLY J 275 8.99 -39.68 -11.22
C GLY J 275 8.01 -40.57 -10.44
N SER J 276 6.75 -40.53 -10.85
CA SER J 276 5.70 -41.38 -10.28
C SER J 276 5.49 -42.60 -11.18
N GLY J 277 5.70 -43.79 -10.62
CA GLY J 277 5.47 -45.00 -11.38
C GLY J 277 4.07 -45.58 -11.19
N MET J 278 3.85 -46.68 -11.91
CA MET J 278 2.77 -47.63 -11.63
C MET J 278 3.41 -49.01 -11.72
N HIS J 279 4.07 -49.42 -10.64
CA HIS J 279 4.80 -50.69 -10.61
C HIS J 279 3.82 -51.87 -10.60
N THR J 280 3.78 -52.62 -11.71
CA THR J 280 2.74 -53.61 -11.96
C THR J 280 3.26 -55.02 -11.69
N HIS J 281 2.68 -55.69 -10.70
CA HIS J 281 3.01 -57.07 -10.38
C HIS J 281 2.04 -58.03 -11.06
N VAL J 282 2.56 -59.02 -11.76
CA VAL J 282 1.70 -59.93 -12.50
C VAL J 282 2.01 -61.37 -12.12
N SER J 283 0.96 -62.16 -11.96
CA SER J 283 1.10 -63.60 -11.82
C SER J 283 -0.14 -64.25 -12.43
N VAL J 284 0.01 -65.46 -12.94
CA VAL J 284 -0.99 -66.08 -13.79
C VAL J 284 -1.24 -67.46 -13.23
N TRP J 285 -2.43 -67.69 -12.69
CA TRP J 285 -2.71 -68.92 -11.98
C TRP J 285 -3.65 -69.78 -12.79
N LYS J 286 -3.57 -71.10 -12.61
CA LYS J 286 -4.55 -72.01 -13.18
C LYS J 286 -4.84 -73.12 -12.19
N ASN J 287 -6.10 -73.28 -11.83
CA ASN J 287 -6.55 -74.29 -10.89
C ASN J 287 -5.70 -74.29 -9.61
N ASN J 288 -5.58 -73.11 -9.03
CA ASN J 288 -5.11 -72.83 -7.68
C ASN J 288 -3.60 -72.96 -7.45
N GLU J 289 -2.79 -73.22 -8.47
CA GLU J 289 -1.34 -73.16 -8.31
C GLU J 289 -0.79 -72.02 -9.16
N ASN J 290 0.32 -71.45 -8.71
CA ASN J 290 0.88 -70.27 -9.34
C ASN J 290 1.78 -70.73 -10.48
N LEU J 291 1.35 -70.47 -11.74
CA LEU J 291 2.11 -70.95 -12.89
C LEU J 291 3.39 -70.18 -13.12
N PHE J 292 3.68 -69.17 -12.31
CA PHE J 292 4.98 -68.51 -12.35
C PHE J 292 5.98 -69.16 -11.41
N SER J 293 5.51 -69.99 -10.49
CA SER J 293 6.40 -70.69 -9.56
C SER J 293 7.15 -71.78 -10.30
N GLY J 294 8.46 -71.81 -10.12
CA GLY J 294 9.24 -72.82 -10.81
C GLY J 294 10.66 -72.89 -10.28
N GLU J 295 11.51 -73.65 -11.02
CA GLU J 295 12.94 -73.79 -10.71
C GLU J 295 13.82 -73.24 -11.82
N THR J 296 13.25 -72.44 -12.73
CA THR J 296 14.01 -71.99 -13.89
C THR J 296 14.86 -70.78 -13.54
N TYR J 297 14.28 -69.75 -12.97
CA TYR J 297 15.10 -68.60 -12.64
C TYR J 297 14.56 -67.94 -11.37
N LYS J 298 15.36 -68.02 -10.30
CA LYS J 298 15.16 -67.44 -8.99
C LYS J 298 13.73 -67.58 -8.49
N GLY J 299 13.17 -68.78 -8.70
CA GLY J 299 11.87 -69.12 -8.20
C GLY J 299 10.75 -68.97 -9.20
N LEU J 300 11.07 -68.73 -10.45
CA LEU J 300 10.06 -68.58 -11.48
C LEU J 300 10.14 -69.74 -12.44
N SER J 301 9.08 -69.91 -13.23
CA SER J 301 8.96 -71.08 -14.08
C SER J 301 9.44 -70.80 -15.51
N GLU J 302 9.42 -71.86 -16.31
CA GLU J 302 9.66 -71.71 -17.74
C GLU J 302 8.55 -70.87 -18.34
N PHE J 303 7.32 -71.11 -17.87
CA PHE J 303 6.13 -70.36 -18.28
C PHE J 303 6.25 -68.88 -17.95
N ALA J 304 6.52 -68.57 -16.67
CA ALA J 304 6.87 -67.22 -16.25
C ALA J 304 7.87 -66.54 -17.21
N LEU J 305 9.05 -67.12 -17.40
CA LEU J 305 10.09 -66.47 -18.20
C LEU J 305 9.63 -66.20 -19.63
N HIS J 306 8.72 -67.02 -20.15
CA HIS J 306 8.19 -66.81 -21.49
C HIS J 306 7.14 -65.71 -21.49
N PHE J 307 6.32 -65.64 -20.44
CA PHE J 307 5.44 -64.50 -20.26
C PHE J 307 6.22 -63.20 -20.37
N LEU J 308 7.16 -63.01 -19.43
CA LEU J 308 8.10 -61.90 -19.50
C LEU J 308 8.60 -61.67 -20.92
N GLY J 309 8.97 -62.75 -21.61
CA GLY J 309 9.58 -62.60 -22.93
C GLY J 309 8.70 -61.87 -23.92
N GLY J 310 7.41 -62.20 -23.96
CA GLY J 310 6.51 -61.52 -24.88
C GLY J 310 6.25 -60.09 -24.47
N VAL J 311 6.27 -59.80 -23.18
CA VAL J 311 6.23 -58.42 -22.73
C VAL J 311 7.48 -57.68 -23.22
N LEU J 312 8.65 -58.25 -22.95
CA LEU J 312 9.93 -57.65 -23.36
C LEU J 312 10.05 -57.59 -24.88
N ARG J 313 9.50 -58.58 -25.58
CA ARG J 313 9.46 -58.49 -27.03
C ARG J 313 8.73 -57.22 -27.45
N HIS J 314 7.48 -57.10 -26.99
CA HIS J 314 6.53 -56.11 -27.43
C HIS J 314 6.63 -54.80 -26.64
N ALA J 315 7.79 -54.51 -26.08
CA ALA J 315 7.87 -53.43 -25.10
C ALA J 315 7.70 -52.07 -25.75
N ARG J 316 8.53 -51.76 -26.74
CA ARG J 316 8.50 -50.41 -27.32
C ARG J 316 7.12 -50.05 -27.90
N GLY J 317 6.34 -51.05 -28.33
CA GLY J 317 4.97 -50.78 -28.74
C GLY J 317 3.96 -50.84 -27.60
N LEU J 318 4.16 -51.81 -26.69
CA LEU J 318 3.35 -51.87 -25.47
C LEU J 318 3.38 -50.55 -24.69
N ALA J 319 4.41 -49.72 -24.92
CA ALA J 319 4.60 -48.48 -24.17
C ALA J 319 3.55 -47.46 -24.53
N ALA J 320 2.94 -47.60 -25.71
CA ALA J 320 1.90 -46.67 -26.13
C ALA J 320 0.66 -46.81 -25.25
N PHE J 321 0.44 -47.99 -24.68
CA PHE J 321 -0.64 -48.19 -23.73
C PHE J 321 -0.21 -48.11 -22.27
N THR J 322 1.03 -48.42 -21.92
CA THR J 322 1.41 -48.40 -20.50
C THR J 322 2.01 -47.07 -20.08
N ASN J 323 2.56 -46.31 -21.02
CA ASN J 323 3.16 -45.00 -20.78
C ASN J 323 2.49 -43.98 -21.71
N ALA J 324 1.20 -43.67 -21.46
CA ALA J 324 0.31 -43.17 -22.50
C ALA J 324 0.31 -41.63 -22.67
N SER J 325 1.39 -40.95 -22.32
CA SER J 325 1.40 -39.50 -22.26
C SER J 325 2.81 -39.01 -22.52
N THR J 326 2.96 -37.92 -23.28
CA THR J 326 4.31 -37.39 -23.46
C THR J 326 5.01 -37.23 -22.12
N ASN J 327 4.28 -36.83 -21.08
CA ASN J 327 4.90 -36.65 -19.78
C ASN J 327 5.48 -37.94 -19.28
N SER J 328 4.80 -39.06 -19.58
CA SER J 328 5.40 -40.35 -19.28
C SER J 328 6.85 -40.40 -19.71
N TYR J 329 7.16 -39.79 -20.84
CA TYR J 329 8.47 -39.89 -21.45
C TYR J 329 9.47 -38.97 -20.79
N LYS J 330 9.02 -38.05 -19.93
CA LYS J 330 9.92 -37.34 -19.04
C LYS J 330 10.40 -38.21 -17.88
N ARG J 331 9.65 -39.24 -17.52
CA ARG J 331 10.02 -40.04 -16.36
C ARG J 331 11.11 -41.06 -16.66
N LEU J 332 11.16 -41.60 -17.88
CA LEU J 332 12.00 -42.74 -18.24
C LEU J 332 13.45 -42.36 -18.51
N ILE J 333 14.02 -41.52 -17.67
CA ILE J 333 15.40 -41.03 -17.78
C ILE J 333 16.26 -41.71 -16.71
N PRO J 334 17.53 -42.02 -17.00
CA PRO J 334 18.38 -42.65 -15.98
C PRO J 334 18.58 -41.73 -14.78
N GLY J 335 18.59 -42.33 -13.58
CA GLY J 335 18.90 -41.63 -12.34
C GLY J 335 17.81 -41.59 -11.28
N TYR J 336 16.56 -41.92 -11.60
CA TYR J 336 15.47 -41.75 -10.62
C TYR J 336 14.64 -43.01 -10.49
N GLU J 337 15.31 -44.16 -10.41
CA GLU J 337 14.66 -45.45 -10.22
C GLU J 337 13.57 -45.70 -11.25
N ALA J 338 13.76 -45.16 -12.46
CA ALA J 338 12.79 -45.43 -13.50
C ALA J 338 13.46 -46.18 -14.64
N PRO J 339 12.81 -47.21 -15.19
CA PRO J 339 13.47 -48.09 -16.16
C PRO J 339 13.67 -47.40 -17.50
N SER J 340 14.93 -47.22 -17.84
CA SER J 340 15.35 -46.82 -19.16
C SER J 340 15.36 -48.03 -20.09
N ILE J 341 16.12 -49.05 -19.68
CA ILE J 341 16.65 -50.14 -20.49
C ILE J 341 15.70 -51.31 -20.37
N LEU J 342 15.56 -52.08 -21.45
CA LEU J 342 14.57 -53.14 -21.52
C LEU J 342 15.21 -54.47 -21.19
N THR J 343 15.40 -54.70 -19.89
CA THR J 343 15.92 -55.97 -19.41
C THR J 343 15.33 -56.28 -18.04
N TYR J 344 15.50 -57.52 -17.59
CA TYR J 344 15.04 -57.93 -16.26
C TYR J 344 16.23 -58.23 -15.35
N SER J 345 15.92 -58.34 -14.05
CA SER J 345 16.94 -58.56 -13.03
C SER J 345 16.29 -58.75 -11.67
N ALA J 346 16.88 -59.59 -10.82
CA ALA J 346 16.40 -59.71 -9.45
C ALA J 346 16.85 -58.52 -8.63
N ASN J 347 15.97 -58.07 -7.73
CA ASN J 347 16.29 -57.07 -6.71
C ASN J 347 16.79 -55.77 -7.29
N ASN J 348 16.70 -55.59 -8.62
CA ASN J 348 17.39 -54.53 -9.34
C ASN J 348 16.39 -53.48 -9.84
N ARG J 349 16.49 -52.27 -9.31
CA ARG J 349 15.55 -51.21 -9.64
C ARG J 349 16.01 -50.33 -10.81
N SER J 350 17.19 -50.64 -11.39
CA SER J 350 17.66 -50.04 -12.63
C SER J 350 17.02 -50.70 -13.85
N ALA J 351 16.30 -51.80 -13.66
CA ALA J 351 15.84 -52.65 -14.76
C ALA J 351 14.36 -52.44 -15.08
N SER J 352 14.00 -52.68 -16.34
CA SER J 352 12.59 -52.70 -16.71
C SER J 352 11.78 -53.56 -15.77
N VAL J 353 12.21 -54.79 -15.55
CA VAL J 353 11.45 -55.71 -14.75
C VAL J 353 12.32 -56.19 -13.60
N ARG J 354 11.72 -56.30 -12.42
CA ARG J 354 12.40 -56.64 -11.19
C ARG J 354 11.80 -57.92 -10.64
N ILE J 355 12.66 -58.83 -10.18
CA ILE J 355 12.24 -60.06 -9.52
C ILE J 355 12.37 -59.83 -8.02
N PRO J 356 11.27 -59.70 -7.28
CA PRO J 356 11.38 -59.34 -5.86
C PRO J 356 11.99 -60.47 -5.04
N TYR J 357 12.32 -60.15 -3.80
CA TYR J 357 13.15 -61.07 -3.02
C TYR J 357 12.32 -62.18 -2.39
N GLY J 358 11.36 -61.81 -1.54
CA GLY J 358 10.65 -62.82 -0.78
C GLY J 358 9.74 -63.63 -1.69
N ILE J 359 10.31 -64.51 -2.50
CA ILE J 359 9.64 -65.01 -3.70
C ILE J 359 9.29 -66.48 -3.46
N SER J 360 8.06 -66.75 -3.07
CA SER J 360 7.63 -68.07 -2.67
C SER J 360 6.77 -68.69 -3.77
N LYS J 361 6.15 -69.82 -3.43
CA LYS J 361 5.25 -70.50 -4.35
C LYS J 361 3.91 -69.78 -4.50
N ASN J 362 3.57 -68.80 -3.63
CA ASN J 362 2.42 -67.91 -3.83
C ASN J 362 2.80 -66.54 -4.33
N SER J 363 3.98 -66.05 -4.00
CA SER J 363 4.32 -64.68 -4.36
C SER J 363 5.07 -64.59 -5.68
N ALA J 364 5.47 -65.71 -6.27
CA ALA J 364 6.18 -65.65 -7.53
C ALA J 364 5.44 -64.77 -8.53
N ARG J 365 6.12 -63.69 -8.94
CA ARG J 365 5.53 -62.65 -9.77
C ARG J 365 6.68 -61.82 -10.31
N PHE J 366 6.39 -61.02 -11.34
CA PHE J 366 7.26 -59.95 -11.83
C PHE J 366 6.67 -58.60 -11.46
N GLU J 367 7.53 -57.66 -11.13
CA GLU J 367 7.17 -56.26 -11.18
C GLU J 367 7.57 -55.72 -12.55
N PHE J 368 6.61 -55.19 -13.30
CA PHE J 368 6.94 -54.35 -14.45
C PHE J 368 7.06 -52.92 -13.95
N ARG J 369 8.26 -52.34 -14.04
CA ARG J 369 8.49 -50.99 -13.52
C ARG J 369 8.24 -49.89 -14.52
N PHE J 370 8.05 -50.20 -15.81
CA PHE J 370 7.98 -49.10 -16.77
C PHE J 370 6.66 -48.33 -16.87
N PRO J 371 5.48 -48.90 -16.62
CA PRO J 371 4.23 -48.16 -16.81
C PRO J 371 4.08 -47.02 -15.82
N ASP J 372 3.09 -46.15 -16.06
CA ASP J 372 2.72 -45.12 -15.08
C ASP J 372 1.20 -45.02 -15.04
N SER J 373 0.70 -43.89 -14.56
CA SER J 373 -0.72 -43.72 -14.28
C SER J 373 -1.40 -42.77 -15.24
N SER J 374 -0.66 -42.14 -16.14
CA SER J 374 -1.35 -41.47 -17.23
C SER J 374 -1.95 -42.49 -18.20
N SER J 375 -1.56 -43.76 -18.07
CA SER J 375 -2.19 -44.83 -18.83
C SER J 375 -3.63 -45.02 -18.39
N ASN J 376 -4.37 -45.67 -19.24
CA ASN J 376 -5.61 -46.28 -18.79
C ASN J 376 -5.25 -47.62 -18.16
N PRO J 377 -5.66 -47.87 -16.91
CA PRO J 377 -5.32 -49.15 -16.28
C PRO J 377 -6.04 -50.33 -16.89
N TYR J 378 -7.26 -50.15 -17.39
CA TYR J 378 -7.92 -51.23 -18.09
C TYR J 378 -7.15 -51.60 -19.35
N LEU J 379 -6.76 -50.59 -20.14
CA LEU J 379 -6.04 -50.85 -21.38
C LEU J 379 -4.66 -51.41 -21.11
N ALA J 380 -3.98 -50.90 -20.09
CA ALA J 380 -2.59 -51.32 -19.81
C ALA J 380 -2.52 -52.76 -19.30
N PHE J 381 -3.45 -53.16 -18.45
CA PHE J 381 -3.40 -54.52 -17.93
C PHE J 381 -3.77 -55.52 -19.03
N ALA J 382 -4.79 -55.21 -19.83
CA ALA J 382 -5.09 -56.05 -20.99
C ALA J 382 -3.91 -56.13 -21.95
N ALA J 383 -3.28 -55.00 -22.25
CA ALA J 383 -2.19 -55.01 -23.22
C ALA J 383 -0.95 -55.75 -22.68
N ILE J 384 -0.79 -55.79 -21.35
CA ILE J 384 0.25 -56.60 -20.75
C ILE J 384 -0.10 -58.08 -20.89
N LEU J 385 -1.36 -58.44 -20.67
CA LEU J 385 -1.74 -59.85 -20.77
C LEU J 385 -1.56 -60.36 -22.19
N MET J 386 -2.14 -59.66 -23.17
CA MET J 386 -2.05 -60.08 -24.57
C MET J 386 -0.61 -60.33 -24.99
N ALA J 387 0.32 -59.52 -24.49
CA ALA J 387 1.72 -59.62 -24.89
C ALA J 387 2.43 -60.72 -24.13
N GLY J 388 2.10 -60.90 -22.85
CA GLY J 388 2.64 -62.02 -22.12
C GLY J 388 2.05 -63.34 -22.60
N MET J 389 0.78 -63.31 -23.00
CA MET J 389 0.17 -64.50 -23.60
C MET J 389 0.82 -64.85 -24.92
N ASP J 390 1.20 -63.86 -25.72
CA ASP J 390 1.96 -64.16 -26.93
C ASP J 390 3.29 -64.83 -26.60
N GLY J 391 3.97 -64.39 -25.53
CA GLY J 391 5.26 -64.95 -25.17
C GLY J 391 5.15 -66.39 -24.71
N VAL J 392 4.02 -66.74 -24.10
CA VAL J 392 3.83 -68.11 -23.61
C VAL J 392 3.52 -69.06 -24.75
N LYS J 393 2.63 -68.64 -25.67
CA LYS J 393 2.30 -69.47 -26.85
C LYS J 393 3.53 -69.74 -27.70
N ASN J 394 4.39 -68.76 -27.88
CA ASN J 394 5.49 -68.92 -28.82
C ASN J 394 6.82 -69.16 -28.12
N LYS J 395 6.78 -69.49 -26.83
CA LYS J 395 7.97 -69.78 -26.03
C LYS J 395 9.07 -68.78 -26.33
N ILE J 396 8.69 -67.50 -26.23
CA ILE J 396 9.66 -66.45 -26.50
C ILE J 396 10.67 -66.44 -25.36
N ASP J 397 11.94 -66.57 -25.71
CA ASP J 397 13.04 -66.46 -24.78
C ASP J 397 13.28 -64.98 -24.44
N PRO J 398 13.44 -64.62 -23.16
CA PRO J 398 13.67 -63.21 -22.82
C PRO J 398 15.14 -62.82 -22.74
N GLY J 399 16.06 -63.73 -23.06
CA GLY J 399 17.48 -63.50 -22.83
C GLY J 399 17.86 -63.66 -21.37
N GLU J 400 19.14 -63.42 -21.08
CA GLU J 400 19.54 -63.56 -19.70
C GLU J 400 19.58 -62.19 -19.04
N ALA J 401 19.32 -62.17 -17.74
CA ALA J 401 19.10 -60.93 -17.01
C ALA J 401 20.40 -60.16 -16.83
N MET J 402 20.34 -58.85 -16.96
CA MET J 402 21.51 -58.04 -16.70
C MET J 402 21.51 -57.71 -15.22
N ASP J 403 22.62 -58.02 -14.54
CA ASP J 403 22.67 -57.79 -13.11
C ASP J 403 23.66 -56.71 -12.75
N ILE J 404 23.48 -55.53 -13.35
CA ILE J 404 24.29 -54.35 -13.09
C ILE J 404 23.38 -53.17 -12.82
N ASN J 405 24.03 -52.03 -12.64
CA ASN J 405 23.43 -50.71 -12.51
C ASN J 405 23.25 -50.21 -13.93
N LEU J 406 22.08 -50.44 -14.51
CA LEU J 406 21.94 -50.12 -15.91
C LEU J 406 22.09 -48.63 -16.19
N PHE J 407 22.04 -47.77 -15.16
CA PHE J 407 22.12 -46.34 -15.39
C PHE J 407 23.51 -45.86 -15.76
N LYS J 408 24.54 -46.67 -15.51
CA LYS J 408 25.91 -46.34 -15.83
C LYS J 408 26.33 -46.87 -17.20
N LEU J 409 25.42 -47.55 -17.92
CA LEU J 409 25.60 -47.80 -19.33
C LEU J 409 25.72 -46.47 -20.07
N THR J 410 26.84 -46.24 -20.73
CA THR J 410 26.99 -45.01 -21.48
C THR J 410 26.11 -45.05 -22.74
N LEU J 411 25.94 -43.85 -23.34
CA LEU J 411 25.10 -43.68 -24.54
C LEU J 411 25.57 -44.55 -25.71
N ASP J 412 26.86 -44.91 -25.73
CA ASP J 412 27.43 -45.83 -26.72
C ASP J 412 27.42 -47.29 -26.24
N GLU J 413 27.67 -47.54 -24.95
CA GLU J 413 27.72 -48.92 -24.46
C GLU J 413 26.40 -49.66 -24.65
N ILE J 414 25.29 -48.94 -24.84
CA ILE J 414 24.07 -49.57 -25.34
C ILE J 414 23.94 -49.46 -26.85
N ARG J 415 24.46 -48.38 -27.46
CA ARG J 415 24.60 -48.33 -28.92
C ARG J 415 25.63 -49.33 -29.41
N GLU J 416 26.49 -49.82 -28.51
CA GLU J 416 27.24 -51.05 -28.72
C GLU J 416 26.32 -52.26 -28.56
N LYS J 417 26.51 -53.05 -27.49
CA LYS J 417 25.81 -54.34 -27.29
C LYS J 417 24.30 -54.33 -27.56
N GLY J 418 23.79 -53.31 -28.25
CA GLY J 418 22.43 -53.25 -28.78
C GLY J 418 21.39 -53.79 -27.77
N ILE J 419 21.39 -53.19 -26.59
CA ILE J 419 20.34 -53.47 -25.63
C ILE J 419 19.05 -52.79 -26.08
N LYS J 420 17.93 -53.49 -25.97
CA LYS J 420 16.65 -52.86 -26.24
C LYS J 420 16.36 -51.81 -25.16
N GLN J 421 15.64 -50.76 -25.55
CA GLN J 421 15.39 -49.68 -24.60
C GLN J 421 14.03 -49.03 -24.92
N MET J 422 13.52 -48.28 -23.95
CA MET J 422 12.23 -47.61 -24.13
C MET J 422 12.32 -46.57 -25.24
N PRO J 423 11.18 -46.21 -25.84
CA PRO J 423 11.17 -45.09 -26.79
C PRO J 423 11.41 -43.77 -26.07
N HIS J 424 11.79 -42.75 -26.82
CA HIS J 424 12.08 -41.47 -26.17
C HIS J 424 10.93 -40.47 -26.26
N THR J 425 9.97 -40.72 -27.12
CA THR J 425 8.82 -39.85 -27.28
C THR J 425 7.59 -40.74 -27.41
N LEU J 426 6.45 -40.22 -26.95
CA LEU J 426 5.19 -40.92 -27.19
C LEU J 426 5.03 -41.23 -28.67
N ARG J 427 5.29 -40.26 -29.56
CA ARG J 427 5.09 -40.48 -31.00
C ARG J 427 5.80 -41.73 -31.48
N ARG J 428 7.07 -41.90 -31.10
CA ARG J 428 7.79 -43.13 -31.42
C ARG J 428 7.05 -44.35 -30.87
N SER J 429 6.84 -44.38 -29.55
CA SER J 429 6.20 -45.56 -28.97
C SER J 429 4.85 -45.82 -29.60
N LEU J 430 4.20 -44.81 -30.15
CA LEU J 430 3.00 -45.03 -30.94
C LEU J 430 3.31 -45.71 -32.24
N GLU J 431 4.41 -45.32 -32.89
CA GLU J 431 4.70 -45.82 -34.23
C GLU J 431 5.13 -47.27 -34.20
N GLU J 432 5.89 -47.67 -33.19
CA GLU J 432 6.21 -49.08 -33.06
C GLU J 432 5.04 -49.88 -32.52
N MET J 433 3.97 -49.21 -32.07
CA MET J 433 2.73 -49.89 -31.69
C MET J 433 1.94 -50.28 -32.92
N LEU J 434 1.73 -49.32 -33.83
CA LEU J 434 1.05 -49.62 -35.08
C LEU J 434 1.90 -50.50 -35.95
N ALA J 435 3.20 -50.59 -35.67
CA ALA J 435 4.07 -51.54 -36.34
C ALA J 435 3.93 -52.96 -35.82
N ASP J 436 3.14 -53.19 -34.77
CA ASP J 436 3.16 -54.49 -34.13
C ASP J 436 1.83 -54.80 -33.41
N LYS J 437 0.76 -55.03 -34.17
CA LYS J 437 -0.55 -55.14 -33.57
C LYS J 437 -1.04 -56.58 -33.39
N GLN J 438 -0.48 -57.53 -34.14
CA GLN J 438 -1.06 -58.86 -34.27
C GLN J 438 -1.39 -59.46 -32.91
N TYR J 439 -0.44 -59.44 -31.98
CA TYR J 439 -0.70 -60.07 -30.68
C TYR J 439 -1.84 -59.40 -29.95
N LEU J 440 -2.09 -58.14 -30.25
CA LEU J 440 -3.16 -57.39 -29.58
C LEU J 440 -4.53 -57.79 -30.10
N LYS J 441 -4.62 -58.02 -31.41
CA LYS J 441 -5.88 -58.24 -32.09
C LYS J 441 -6.31 -59.69 -32.03
N GLU J 442 -5.49 -60.56 -31.43
CA GLU J 442 -5.90 -61.94 -31.18
C GLU J 442 -7.28 -61.94 -30.55
N SER J 443 -8.09 -62.91 -30.98
CA SER J 443 -9.47 -63.08 -30.52
C SER J 443 -10.19 -61.76 -30.26
N GLN J 444 -9.97 -60.80 -31.16
CA GLN J 444 -10.74 -59.55 -31.22
C GLN J 444 -10.69 -58.75 -29.92
N VAL J 445 -9.69 -58.98 -29.07
CA VAL J 445 -9.66 -58.33 -27.75
C VAL J 445 -9.43 -56.83 -27.89
N PHE J 446 -8.42 -56.46 -28.66
CA PHE J 446 -8.15 -55.09 -29.08
C PHE J 446 -8.59 -55.01 -30.53
N SER J 447 -9.78 -54.52 -30.79
CA SER J 447 -10.20 -54.56 -32.18
C SER J 447 -9.50 -53.50 -33.00
N GLU J 448 -9.44 -53.78 -34.31
CA GLU J 448 -8.69 -52.97 -35.27
C GLU J 448 -9.13 -51.50 -35.22
N GLU J 449 -10.45 -51.29 -35.23
CA GLU J 449 -10.97 -49.92 -35.24
C GLU J 449 -10.71 -49.23 -33.91
N PHE J 450 -10.58 -50.00 -32.82
CA PHE J 450 -10.19 -49.38 -31.57
C PHE J 450 -8.75 -48.88 -31.64
N ILE J 451 -7.84 -49.69 -32.15
CA ILE J 451 -6.45 -49.27 -32.21
C ILE J 451 -6.28 -48.01 -33.04
N GLN J 452 -7.05 -47.90 -34.12
CA GLN J 452 -6.99 -46.68 -34.91
C GLN J 452 -7.47 -45.48 -34.12
N ALA J 453 -8.60 -45.62 -33.42
CA ALA J 453 -9.12 -44.52 -32.60
C ALA J 453 -8.08 -44.04 -31.59
N TYR J 454 -7.42 -44.99 -30.94
CA TYR J 454 -6.52 -44.68 -29.85
C TYR J 454 -5.34 -43.86 -30.33
N GLN J 455 -4.71 -44.30 -31.41
CA GLN J 455 -3.55 -43.59 -31.92
C GLN J 455 -3.95 -42.19 -32.43
N SER J 456 -5.18 -42.02 -32.92
CA SER J 456 -5.64 -40.67 -33.31
C SER J 456 -5.87 -39.81 -32.08
N LEU J 457 -6.61 -40.35 -31.13
CA LEU J 457 -6.78 -39.67 -29.86
C LEU J 457 -5.44 -39.24 -29.29
N LYS J 458 -4.50 -40.17 -29.19
CA LYS J 458 -3.23 -39.84 -28.55
C LYS J 458 -2.38 -38.90 -29.41
N PHE J 459 -2.37 -39.10 -30.73
CA PHE J 459 -1.61 -38.20 -31.60
C PHE J 459 -2.09 -36.76 -31.48
N ASN J 460 -3.41 -36.56 -31.49
CA ASN J 460 -4.02 -35.24 -31.44
C ASN J 460 -4.05 -34.67 -30.03
N ALA J 461 -4.35 -35.49 -29.02
CA ALA J 461 -4.45 -34.98 -27.65
C ALA J 461 -3.08 -34.70 -27.04
N GLU J 462 -2.07 -35.48 -27.41
CA GLU J 462 -0.77 -35.37 -26.76
C GLU J 462 0.33 -35.00 -27.73
N VAL J 463 0.73 -35.90 -28.63
CA VAL J 463 1.88 -35.66 -29.50
C VAL J 463 1.80 -34.28 -30.17
N PHE J 464 0.71 -34.00 -30.88
CA PHE J 464 0.71 -32.78 -31.69
C PHE J 464 0.85 -31.51 -30.87
N PRO J 465 0.24 -31.38 -29.68
CA PRO J 465 0.53 -30.18 -28.88
C PRO J 465 2.00 -30.03 -28.53
N TRP J 466 2.65 -31.10 -28.09
CA TRP J 466 4.01 -31.00 -27.58
C TRP J 466 4.98 -30.67 -28.71
N GLU J 467 4.80 -31.30 -29.87
CA GLU J 467 5.62 -30.98 -31.04
C GLU J 467 5.45 -29.54 -31.50
N SER J 468 4.45 -28.82 -31.00
CA SER J 468 4.04 -27.56 -31.55
C SER J 468 4.04 -26.41 -30.56
N LYS J 469 4.21 -26.67 -29.26
CA LYS J 469 4.13 -25.59 -28.29
C LYS J 469 5.52 -25.25 -27.78
N PRO J 470 6.04 -24.05 -28.07
CA PRO J 470 7.37 -23.69 -27.58
C PRO J 470 7.53 -24.05 -26.12
N HIS J 471 8.73 -24.63 -25.78
CA HIS J 471 9.10 -25.00 -24.43
C HIS J 471 9.90 -23.86 -23.81
N PRO J 472 9.56 -23.43 -22.58
CA PRO J 472 10.34 -22.38 -21.93
C PRO J 472 11.84 -22.55 -22.14
N PHE J 473 12.36 -23.76 -21.91
CA PHE J 473 13.80 -23.96 -22.00
C PHE J 473 14.35 -23.65 -23.38
N GLU J 474 13.50 -23.62 -24.41
CA GLU J 474 13.93 -23.22 -25.74
C GLU J 474 14.43 -21.78 -25.76
N PHE J 475 13.99 -20.96 -24.81
CA PHE J 475 14.41 -19.56 -24.81
C PHE J 475 15.76 -19.34 -24.14
N ILE J 476 16.19 -20.24 -23.25
CA ILE J 476 17.55 -20.19 -22.72
C ILE J 476 18.58 -20.61 -23.78
N THR J 477 18.17 -21.41 -24.76
CA THR J 477 19.06 -21.86 -25.83
C THR J 477 18.94 -21.06 -27.12
N THR J 478 17.73 -20.68 -27.53
CA THR J 478 17.53 -20.21 -28.89
C THR J 478 17.25 -18.73 -29.03
N TYR J 479 16.94 -18.02 -27.94
CA TYR J 479 16.67 -16.60 -28.05
C TYR J 479 17.89 -15.87 -28.60
N SER J 480 19.03 -16.01 -27.91
CA SER J 480 20.24 -15.29 -28.27
C SER J 480 20.86 -15.79 -29.57
N CYS J 481 20.32 -16.85 -30.18
CA CYS J 481 20.81 -17.35 -31.46
C CYS J 481 20.56 -16.29 -32.55
N GLN K 6 -61.68 -20.66 -11.26
CA GLN K 6 -62.58 -21.34 -10.34
C GLN K 6 -61.87 -22.49 -9.62
N ASN K 7 -61.93 -22.47 -8.30
CA ASN K 7 -61.55 -23.63 -7.52
C ASN K 7 -62.81 -24.32 -7.02
N SER K 8 -62.75 -25.64 -6.90
CA SER K 8 -63.82 -26.34 -6.21
C SER K 8 -63.87 -25.86 -4.77
N GLU K 9 -65.07 -25.73 -4.21
CA GLU K 9 -65.11 -25.40 -2.80
C GLU K 9 -64.37 -26.45 -1.95
N SER K 10 -64.12 -27.64 -2.51
CA SER K 10 -63.38 -28.65 -1.77
C SER K 10 -61.89 -28.46 -1.90
N LYS K 11 -61.42 -28.00 -3.07
CA LYS K 11 -60.01 -27.69 -3.21
C LYS K 11 -59.62 -26.52 -2.32
N ILE K 12 -60.55 -25.58 -2.09
CA ILE K 12 -60.30 -24.46 -1.19
C ILE K 12 -60.08 -24.96 0.22
N LYS K 13 -60.95 -25.87 0.66
CA LYS K 13 -60.94 -26.34 2.03
C LYS K 13 -59.68 -27.13 2.35
N GLU K 14 -59.25 -27.99 1.41
CA GLU K 14 -58.05 -28.77 1.69
C GLU K 14 -56.80 -27.92 1.63
N PHE K 15 -56.83 -26.82 0.86
CA PHE K 15 -55.72 -25.86 0.88
C PHE K 15 -55.57 -25.20 2.24
N PHE K 16 -56.68 -24.90 2.89
CA PHE K 16 -56.57 -24.40 4.26
C PHE K 16 -56.01 -25.46 5.20
N GLU K 17 -56.47 -26.71 5.07
CA GLU K 17 -55.96 -27.74 5.98
C GLU K 17 -54.47 -27.95 5.78
N PHE K 18 -54.00 -27.82 4.55
CA PHE K 18 -52.58 -27.90 4.28
C PHE K 18 -51.86 -26.75 4.96
N CYS K 19 -52.38 -25.54 4.78
CA CYS K 19 -51.78 -24.36 5.38
C CYS K 19 -51.68 -24.49 6.90
N LYS K 20 -52.77 -24.91 7.56
CA LYS K 20 -52.74 -25.09 9.00
C LYS K 20 -51.77 -26.20 9.43
N GLU K 21 -51.61 -27.26 8.64
CA GLU K 21 -50.79 -28.37 9.11
C GLU K 21 -49.30 -28.07 9.02
N ASN K 22 -48.88 -27.22 8.07
CA ASN K 22 -47.50 -26.76 7.96
C ASN K 22 -47.30 -25.38 8.59
N GLU K 23 -48.15 -25.00 9.54
CA GLU K 23 -48.12 -23.70 10.22
C GLU K 23 -47.74 -22.58 9.24
N VAL K 24 -48.59 -22.31 8.25
CA VAL K 24 -48.25 -21.34 7.21
C VAL K 24 -48.56 -19.93 7.71
N GLU K 25 -47.65 -19.01 7.41
CA GLU K 25 -47.81 -17.61 7.74
C GLU K 25 -48.03 -16.71 6.54
N PHE K 26 -47.54 -17.06 5.37
CA PHE K 26 -47.77 -16.22 4.21
C PHE K 26 -48.21 -17.04 3.00
N VAL K 27 -49.15 -16.49 2.26
CA VAL K 27 -49.54 -17.03 0.96
C VAL K 27 -48.83 -16.18 -0.08
N ASP K 28 -47.82 -16.76 -0.72
CA ASP K 28 -47.07 -16.18 -1.82
C ASP K 28 -47.79 -16.46 -3.16
N PHE K 29 -48.33 -15.43 -3.81
CA PHE K 29 -49.04 -15.59 -5.08
C PHE K 29 -48.06 -15.30 -6.22
N ARG K 30 -48.03 -16.19 -7.22
CA ARG K 30 -46.99 -16.16 -8.25
C ARG K 30 -47.58 -16.27 -9.65
N PHE K 31 -47.17 -15.36 -10.53
CA PHE K 31 -47.60 -15.38 -11.92
C PHE K 31 -46.41 -15.08 -12.82
N SER K 32 -46.59 -15.35 -14.11
CA SER K 32 -45.58 -15.13 -15.14
C SER K 32 -46.04 -14.04 -16.10
N ASP K 33 -45.23 -12.99 -16.27
CA ASP K 33 -45.44 -12.03 -17.33
C ASP K 33 -44.90 -12.57 -18.67
N ILE K 34 -45.14 -11.84 -19.76
CA ILE K 34 -44.93 -12.40 -21.10
C ILE K 34 -43.47 -12.81 -21.35
N LYS K 35 -42.51 -12.13 -20.72
CA LYS K 35 -41.12 -12.56 -20.83
C LYS K 35 -40.86 -13.87 -20.09
N GLY K 36 -41.72 -14.25 -19.14
CA GLY K 36 -41.52 -15.46 -18.37
C GLY K 36 -40.98 -15.27 -16.97
N THR K 37 -40.74 -14.03 -16.58
CA THR K 37 -40.33 -13.74 -15.21
C THR K 37 -41.44 -14.07 -14.24
N TRP K 38 -41.12 -14.91 -13.28
CA TRP K 38 -42.03 -15.25 -12.20
C TRP K 38 -42.11 -14.08 -11.20
N ASN K 39 -43.31 -13.50 -11.04
CA ASN K 39 -43.55 -12.38 -10.13
C ASN K 39 -44.37 -12.89 -8.94
N HIS K 40 -44.23 -12.25 -7.77
CA HIS K 40 -44.96 -12.70 -6.59
C HIS K 40 -45.42 -11.55 -5.71
N ILE K 41 -46.54 -11.79 -5.03
CA ILE K 41 -47.13 -10.87 -4.07
C ILE K 41 -47.70 -11.71 -2.94
N ALA K 42 -47.45 -11.32 -1.71
CA ALA K 42 -47.72 -12.18 -0.59
C ALA K 42 -48.74 -11.54 0.34
N TYR K 43 -49.65 -12.37 0.86
CA TYR K 43 -50.67 -11.99 1.83
C TYR K 43 -50.40 -12.64 3.19
N SER K 44 -50.58 -11.88 4.28
CA SER K 44 -50.62 -12.45 5.63
C SER K 44 -51.62 -13.59 5.66
N PHE K 45 -51.30 -14.67 6.39
CA PHE K 45 -52.23 -15.80 6.40
C PHE K 45 -53.57 -15.38 6.98
N GLY K 46 -53.55 -14.76 8.18
CA GLY K 46 -54.76 -14.18 8.74
C GLY K 46 -55.56 -13.36 7.73
N ALA K 47 -54.87 -12.71 6.80
CA ALA K 47 -55.55 -11.94 5.76
C ALA K 47 -56.49 -12.80 4.92
N LEU K 48 -56.04 -14.00 4.53
CA LEU K 48 -56.77 -14.80 3.56
C LEU K 48 -58.19 -15.10 4.03
N THR K 49 -59.12 -15.00 3.09
CA THR K 49 -60.52 -15.37 3.27
C THR K 49 -60.92 -16.30 2.14
N HIS K 50 -61.88 -17.18 2.42
CA HIS K 50 -62.32 -18.10 1.37
C HIS K 50 -62.75 -17.33 0.11
N GLY K 51 -63.30 -16.13 0.29
CA GLY K 51 -63.76 -15.35 -0.84
C GLY K 51 -62.64 -14.87 -1.76
N MET K 52 -61.53 -14.40 -1.20
CA MET K 52 -60.42 -14.00 -2.06
C MET K 52 -60.03 -15.11 -3.02
N LEU K 53 -59.92 -16.35 -2.52
CA LEU K 53 -59.58 -17.47 -3.38
C LEU K 53 -60.64 -17.67 -4.46
N LYS K 54 -61.90 -17.40 -4.14
CA LYS K 54 -62.96 -17.48 -5.16
C LYS K 54 -62.85 -16.32 -6.14
N GLU K 55 -62.65 -15.12 -5.61
CA GLU K 55 -62.73 -13.85 -6.34
C GLU K 55 -61.44 -13.45 -7.05
N GLY K 56 -60.31 -13.75 -6.47
CA GLY K 56 -59.06 -13.29 -7.04
C GLY K 56 -58.39 -12.26 -6.16
N ILE K 57 -57.31 -11.69 -6.71
CA ILE K 57 -56.37 -10.84 -5.98
C ILE K 57 -56.06 -9.65 -6.88
N PRO K 58 -56.24 -8.42 -6.38
CA PRO K 58 -55.90 -7.22 -7.18
C PRO K 58 -54.41 -7.00 -7.27
N PHE K 59 -53.98 -6.43 -8.39
CA PHE K 59 -52.59 -6.06 -8.55
C PHE K 59 -52.48 -5.04 -9.67
N ASP K 60 -51.27 -4.52 -9.86
CA ASP K 60 -51.02 -3.45 -10.83
C ASP K 60 -50.48 -4.10 -12.09
N ALA K 61 -51.36 -4.33 -13.06
CA ALA K 61 -50.92 -5.04 -14.24
C ALA K 61 -50.16 -4.17 -15.22
N SER K 62 -50.04 -2.86 -14.99
CA SER K 62 -49.40 -1.95 -15.92
C SER K 62 -47.91 -1.80 -15.66
N CYS K 63 -47.35 -2.55 -14.72
CA CYS K 63 -45.93 -2.62 -14.45
C CYS K 63 -45.21 -3.65 -15.32
N PHE K 64 -45.89 -4.20 -16.33
CA PHE K 64 -45.38 -5.34 -17.09
C PHE K 64 -45.50 -5.00 -18.56
N LYS K 65 -44.36 -4.88 -19.26
CA LYS K 65 -44.42 -4.70 -20.71
C LYS K 65 -45.33 -5.75 -21.31
N GLY K 66 -46.23 -5.31 -22.19
CA GLY K 66 -47.15 -6.19 -22.88
C GLY K 66 -48.53 -6.32 -22.25
N TRP K 67 -48.71 -5.82 -21.03
CA TRP K 67 -50.02 -5.99 -20.41
C TRP K 67 -50.88 -4.74 -20.50
N GLN K 68 -51.07 -4.00 -19.40
CA GLN K 68 -52.08 -2.96 -19.31
C GLN K 68 -51.46 -1.57 -19.41
N GLY K 69 -52.13 -0.67 -20.13
CA GLY K 69 -51.75 0.74 -20.11
C GLY K 69 -52.20 1.38 -18.83
N ILE K 70 -51.45 2.38 -18.36
CA ILE K 70 -51.58 2.79 -16.95
C ILE K 70 -53.01 3.20 -16.58
N GLU K 71 -53.87 3.47 -17.56
CA GLU K 71 -55.18 4.01 -17.24
C GLU K 71 -56.19 2.94 -16.88
N HIS K 72 -55.97 1.69 -17.28
CA HIS K 72 -56.75 0.58 -16.76
C HIS K 72 -55.80 -0.34 -16.03
N SER K 73 -55.14 0.19 -14.98
CA SER K 73 -54.11 -0.54 -14.23
C SER K 73 -54.67 -1.79 -13.56
N ASP K 74 -55.82 -1.65 -12.90
CA ASP K 74 -56.33 -2.72 -12.08
C ASP K 74 -56.66 -3.95 -12.91
N MET K 75 -56.17 -5.10 -12.44
CA MET K 75 -56.54 -6.41 -12.95
C MET K 75 -56.56 -7.38 -11.77
N ILE K 76 -56.78 -8.66 -12.06
CA ILE K 76 -57.08 -9.63 -11.02
C ILE K 76 -56.29 -10.91 -11.26
N LEU K 77 -55.46 -11.28 -10.30
CA LEU K 77 -54.94 -12.64 -10.26
C LEU K 77 -56.03 -13.61 -9.77
N THR K 78 -56.05 -14.80 -10.36
CA THR K 78 -56.97 -15.87 -9.96
C THR K 78 -56.14 -17.06 -9.48
N PRO K 79 -56.15 -17.38 -8.19
CA PRO K 79 -55.37 -18.52 -7.69
C PRO K 79 -55.90 -19.82 -8.26
N ASP K 80 -54.98 -20.73 -8.56
CA ASP K 80 -55.30 -22.07 -9.09
C ASP K 80 -54.69 -23.09 -8.13
N LEU K 81 -55.52 -23.71 -7.30
CA LEU K 81 -55.00 -24.51 -6.18
C LEU K 81 -54.45 -25.88 -6.63
N VAL K 82 -53.54 -25.87 -7.59
CA VAL K 82 -52.80 -27.06 -7.95
C VAL K 82 -51.30 -26.76 -7.86
N ARG K 83 -50.56 -27.76 -7.36
CA ARG K 83 -49.10 -27.85 -7.37
C ARG K 83 -48.42 -26.92 -6.40
N TYR K 84 -49.14 -26.31 -5.45
CA TYR K 84 -48.59 -25.37 -4.50
C TYR K 84 -47.60 -26.06 -3.55
N PHE K 85 -46.74 -25.26 -2.93
CA PHE K 85 -45.65 -25.87 -2.19
C PHE K 85 -45.10 -24.88 -1.15
N ILE K 86 -44.68 -25.41 -0.01
CA ILE K 86 -44.00 -24.62 1.02
C ILE K 86 -42.63 -24.19 0.48
N ASP K 87 -42.45 -22.88 0.20
CA ASP K 87 -41.18 -22.35 -0.31
C ASP K 87 -40.01 -22.77 0.56
N PRO K 88 -39.04 -23.47 0.01
CA PRO K 88 -37.94 -23.97 0.85
C PRO K 88 -36.90 -22.95 1.31
N PHE K 89 -37.09 -21.66 1.08
CA PHE K 89 -36.05 -20.72 1.48
C PHE K 89 -36.52 -19.49 2.26
N SER K 90 -37.82 -19.14 2.23
CA SER K 90 -38.30 -18.01 3.00
C SER K 90 -38.05 -18.26 4.48
N ALA K 91 -37.87 -17.17 5.24
CA ALA K 91 -37.59 -17.28 6.67
C ALA K 91 -38.85 -17.38 7.51
N ASP K 92 -40.01 -17.13 6.93
CA ASP K 92 -41.26 -17.43 7.59
C ASP K 92 -42.09 -18.28 6.65
N VAL K 93 -42.89 -19.15 7.26
CA VAL K 93 -43.50 -20.23 6.51
C VAL K 93 -44.42 -19.66 5.45
N SER K 94 -44.17 -20.02 4.20
CA SER K 94 -44.94 -19.49 3.08
C SER K 94 -45.38 -20.62 2.18
N VAL K 95 -46.62 -20.56 1.70
CA VAL K 95 -47.05 -21.50 0.67
C VAL K 95 -47.15 -20.73 -0.65
N VAL K 96 -46.61 -21.31 -1.73
CA VAL K 96 -46.55 -20.66 -3.03
C VAL K 96 -47.67 -21.22 -3.91
N VAL K 97 -48.45 -20.31 -4.50
CA VAL K 97 -49.68 -20.65 -5.24
C VAL K 97 -49.61 -19.98 -6.60
N PHE K 98 -49.67 -20.78 -7.67
CA PHE K 98 -49.78 -20.22 -9.03
C PHE K 98 -51.06 -19.45 -9.22
N CYS K 99 -50.97 -18.35 -9.98
CA CYS K 99 -52.15 -17.59 -10.38
C CYS K 99 -52.12 -17.31 -11.87
N ASP K 100 -53.32 -17.12 -12.44
CA ASP K 100 -53.53 -16.50 -13.74
C ASP K 100 -53.98 -15.06 -13.53
N VAL K 101 -54.02 -14.32 -14.63
CA VAL K 101 -54.59 -12.98 -14.65
C VAL K 101 -56.02 -13.04 -15.18
N TYR K 102 -56.89 -12.24 -14.59
CA TYR K 102 -58.27 -12.12 -15.05
C TYR K 102 -58.51 -10.73 -15.63
N ASP K 103 -59.02 -10.67 -16.84
CA ASP K 103 -59.33 -9.38 -17.47
C ASP K 103 -60.65 -8.86 -16.91
N VAL K 104 -60.57 -7.78 -16.13
CA VAL K 104 -61.74 -7.17 -15.50
C VAL K 104 -62.50 -6.25 -16.46
N TYR K 105 -61.92 -5.93 -17.61
CA TYR K 105 -62.56 -5.11 -18.62
C TYR K 105 -63.38 -5.97 -19.57
N LYS K 106 -62.74 -6.95 -20.24
CA LYS K 106 -63.46 -7.88 -21.10
C LYS K 106 -64.22 -8.96 -20.30
N ASN K 107 -63.80 -9.24 -19.06
CA ASN K 107 -64.49 -10.14 -18.14
C ASN K 107 -64.28 -11.59 -18.60
N GLN K 108 -63.04 -12.03 -18.60
CA GLN K 108 -62.63 -13.31 -19.15
C GLN K 108 -61.15 -13.54 -18.84
N PRO K 109 -60.70 -14.80 -18.56
CA PRO K 109 -59.26 -15.07 -18.45
C PRO K 109 -58.47 -14.20 -19.39
N TYR K 110 -57.46 -13.54 -18.86
CA TYR K 110 -56.73 -12.52 -19.61
C TYR K 110 -56.04 -13.12 -20.83
N GLU K 111 -56.26 -12.52 -22.00
CA GLU K 111 -55.76 -13.09 -23.25
C GLU K 111 -54.26 -12.91 -23.44
N LYS K 112 -53.63 -12.06 -22.64
CA LYS K 112 -52.21 -11.86 -22.65
C LYS K 112 -51.51 -12.62 -21.52
N CYS K 113 -52.28 -13.38 -20.68
CA CYS K 113 -51.72 -14.22 -19.61
C CYS K 113 -51.19 -15.54 -20.16
N PRO K 114 -49.86 -15.75 -20.09
CA PRO K 114 -49.28 -16.97 -20.69
C PRO K 114 -49.85 -18.28 -20.15
N ARG K 115 -49.93 -18.44 -18.83
CA ARG K 115 -50.55 -19.66 -18.30
C ARG K 115 -51.97 -19.85 -18.83
N SER K 116 -52.66 -18.76 -19.18
CA SER K 116 -53.98 -18.91 -19.79
C SER K 116 -53.86 -19.31 -21.26
N ILE K 117 -52.96 -18.67 -22.01
CA ILE K 117 -52.66 -19.10 -23.38
C ILE K 117 -52.31 -20.58 -23.41
N ALA K 118 -51.57 -21.06 -22.40
CA ALA K 118 -51.16 -22.46 -22.38
C ALA K 118 -52.27 -23.40 -21.88
N LYS K 119 -53.21 -22.89 -21.06
CA LYS K 119 -54.44 -23.62 -20.73
C LYS K 119 -55.40 -23.68 -21.91
N LYS K 120 -55.28 -22.72 -22.85
CA LYS K 120 -56.13 -22.69 -24.02
C LYS K 120 -55.65 -23.66 -25.08
N ALA K 121 -54.33 -23.85 -25.15
CA ALA K 121 -53.75 -24.85 -26.02
C ALA K 121 -54.13 -26.25 -25.57
N LEU K 122 -54.07 -26.49 -24.26
CA LEU K 122 -54.41 -27.84 -23.78
C LEU K 122 -55.87 -28.14 -24.03
N GLN K 123 -56.74 -27.13 -23.87
CA GLN K 123 -58.16 -27.36 -24.09
C GLN K 123 -58.46 -27.47 -25.58
N HIS K 124 -57.90 -26.59 -26.40
CA HIS K 124 -58.12 -26.72 -27.82
C HIS K 124 -57.79 -28.13 -28.29
N LEU K 125 -56.80 -28.79 -27.69
CA LEU K 125 -56.41 -30.13 -28.14
C LEU K 125 -57.47 -31.14 -27.81
N LYS K 126 -57.91 -31.15 -26.55
CA LYS K 126 -59.09 -31.90 -26.12
C LYS K 126 -60.25 -31.67 -27.07
N ASP K 127 -60.69 -30.41 -27.19
CA ASP K 127 -61.90 -30.05 -27.92
C ASP K 127 -61.87 -30.49 -29.37
N SER K 128 -60.69 -30.85 -29.88
CA SER K 128 -60.50 -31.23 -31.27
C SER K 128 -60.64 -32.71 -31.51
N GLY K 129 -60.53 -33.55 -30.48
CA GLY K 129 -60.55 -34.98 -30.67
C GLY K 129 -59.25 -35.60 -31.18
N LEU K 130 -58.28 -34.76 -31.60
CA LEU K 130 -56.98 -35.28 -32.00
C LEU K 130 -56.37 -36.11 -30.88
N GLY K 131 -56.32 -35.56 -29.67
CA GLY K 131 -55.85 -36.27 -28.51
C GLY K 131 -56.49 -35.71 -27.25
N ASP K 132 -56.11 -36.29 -26.12
CA ASP K 132 -56.75 -35.88 -24.87
C ASP K 132 -55.79 -35.19 -23.89
N VAL K 133 -54.47 -35.39 -24.04
CA VAL K 133 -53.45 -34.73 -23.24
C VAL K 133 -52.20 -34.63 -24.11
N ALA K 134 -51.34 -33.67 -23.79
CA ALA K 134 -50.03 -33.55 -24.42
C ALA K 134 -48.97 -33.50 -23.32
N TYR K 135 -48.05 -34.46 -23.34
CA TYR K 135 -47.04 -34.65 -22.31
C TYR K 135 -45.73 -33.97 -22.70
N PHE K 136 -45.17 -33.20 -21.78
CA PHE K 136 -43.95 -32.41 -22.03
C PHE K 136 -42.89 -32.70 -20.98
N GLY K 137 -41.74 -33.20 -21.45
CA GLY K 137 -40.57 -33.34 -20.63
C GLY K 137 -39.53 -32.32 -21.08
N ALA K 138 -39.10 -31.50 -20.14
CA ALA K 138 -38.24 -30.36 -20.42
C ALA K 138 -36.94 -30.51 -19.62
N GLU K 139 -35.82 -30.50 -20.32
CA GLU K 139 -34.51 -30.51 -19.68
C GLU K 139 -33.90 -29.11 -19.77
N ASN K 140 -33.86 -28.41 -18.65
CA ASN K 140 -33.28 -27.08 -18.60
C ASN K 140 -31.85 -27.19 -18.08
N GLU K 141 -30.88 -27.04 -18.99
CA GLU K 141 -29.49 -26.95 -18.61
C GLU K 141 -29.18 -25.54 -18.13
N PHE K 142 -28.40 -25.47 -17.06
CA PHE K 142 -28.06 -24.20 -16.45
C PHE K 142 -26.57 -24.12 -16.27
N PHE K 143 -26.08 -22.94 -15.95
CA PHE K 143 -24.72 -22.73 -15.49
C PHE K 143 -24.75 -22.28 -14.04
N ILE K 144 -23.78 -22.68 -13.25
CA ILE K 144 -23.55 -22.08 -11.94
C ILE K 144 -22.19 -21.40 -11.93
N PHE K 145 -22.17 -20.11 -11.63
CA PHE K 145 -20.99 -19.27 -11.66
C PHE K 145 -20.64 -18.75 -10.27
N ASP K 146 -19.43 -18.23 -10.18
CA ASP K 146 -18.96 -17.66 -8.92
C ASP K 146 -19.25 -16.18 -8.83
N SER K 147 -19.47 -15.53 -9.98
CA SER K 147 -19.61 -14.08 -10.06
C SER K 147 -19.86 -13.61 -11.49
N ILE K 148 -20.59 -12.52 -11.62
CA ILE K 148 -21.00 -12.00 -12.92
C ILE K 148 -20.98 -10.49 -12.91
N LYS K 149 -20.07 -9.87 -13.68
CA LYS K 149 -19.99 -8.43 -13.83
C LYS K 149 -20.62 -8.00 -15.14
N ILE K 150 -21.24 -6.82 -15.15
CA ILE K 150 -21.80 -6.20 -16.35
C ILE K 150 -21.69 -4.71 -16.21
N LYS K 151 -21.39 -4.02 -17.32
CA LYS K 151 -21.61 -2.57 -17.43
C LYS K 151 -22.22 -2.24 -18.79
N ASP K 152 -23.14 -1.27 -18.79
CA ASP K 152 -23.84 -0.83 -20.00
C ASP K 152 -23.82 0.72 -20.09
N ALA K 153 -22.70 1.28 -20.53
CA ALA K 153 -22.52 2.74 -20.53
C ALA K 153 -22.38 3.29 -21.96
N SER K 154 -22.26 4.61 -22.04
CA SER K 154 -22.10 5.25 -23.33
C SER K 154 -20.76 4.92 -23.94
N ASN K 155 -19.74 4.83 -23.11
CA ASN K 155 -18.40 4.59 -23.58
C ASN K 155 -17.95 3.16 -23.44
N SER K 156 -18.81 2.27 -22.93
CA SER K 156 -18.28 0.99 -22.48
C SER K 156 -19.37 -0.05 -22.34
N GLN K 157 -19.23 -1.17 -23.05
CA GLN K 157 -20.04 -2.35 -22.81
C GLN K 157 -19.14 -3.44 -22.29
N TYR K 158 -19.60 -4.17 -21.27
CA TYR K 158 -18.73 -5.15 -20.65
C TYR K 158 -19.55 -6.21 -19.96
N TYR K 159 -18.96 -7.39 -19.85
CA TYR K 159 -19.47 -8.44 -18.99
C TYR K 159 -18.35 -9.42 -18.72
N GLU K 160 -18.44 -10.10 -17.57
CA GLU K 160 -17.52 -11.16 -17.22
C GLU K 160 -18.25 -12.10 -16.28
N VAL K 161 -18.28 -13.38 -16.61
CA VAL K 161 -18.68 -14.41 -15.67
C VAL K 161 -17.41 -14.94 -15.01
N ASP K 162 -17.51 -15.44 -13.80
CA ASP K 162 -16.35 -16.13 -13.26
C ASP K 162 -16.79 -17.41 -12.57
N SER K 163 -16.04 -18.47 -12.84
CA SER K 163 -16.08 -19.74 -12.14
C SER K 163 -14.64 -20.19 -11.97
N GLU K 164 -14.34 -20.92 -10.90
CA GLU K 164 -13.03 -21.56 -10.82
C GLU K 164 -13.07 -23.00 -11.29
N GLU K 165 -14.03 -23.35 -12.14
CA GLU K 165 -13.90 -24.45 -13.07
C GLU K 165 -13.30 -24.00 -14.40
N GLY K 166 -13.26 -22.70 -14.66
CA GLY K 166 -13.05 -22.21 -16.00
C GLY K 166 -11.58 -22.08 -16.36
N GLU K 167 -11.30 -22.27 -17.65
CA GLU K 167 -9.92 -22.20 -18.16
C GLU K 167 -9.18 -20.93 -17.80
N TRP K 168 -9.88 -19.82 -17.61
CA TRP K 168 -9.25 -18.54 -17.40
C TRP K 168 -8.69 -18.39 -15.99
N ASN K 169 -8.85 -19.39 -15.14
CA ASN K 169 -8.34 -19.32 -13.78
C ASN K 169 -7.19 -20.29 -13.50
N ARG K 170 -6.64 -20.92 -14.53
CA ARG K 170 -5.58 -21.92 -14.33
C ARG K 170 -4.38 -21.32 -13.61
N ASP K 171 -4.06 -20.07 -13.89
CA ASP K 171 -2.90 -19.39 -13.35
C ASP K 171 -3.24 -18.52 -12.13
N ARG K 172 -4.46 -18.60 -11.63
CA ARG K 172 -4.94 -17.66 -10.63
C ARG K 172 -4.46 -18.05 -9.24
N SER K 173 -4.50 -17.08 -8.33
CA SER K 173 -4.38 -17.28 -6.89
C SER K 173 -5.71 -16.93 -6.23
N PHE K 174 -6.15 -17.76 -5.28
CA PHE K 174 -7.48 -17.62 -4.69
C PHE K 174 -7.41 -17.25 -3.20
N GLU K 175 -7.04 -18.19 -2.31
CA GLU K 175 -7.06 -17.90 -0.88
C GLU K 175 -5.65 -17.63 -0.35
N ASN K 176 -4.83 -18.66 -0.13
CA ASN K 176 -3.48 -18.40 0.34
C ASN K 176 -2.55 -18.15 -0.83
N GLY K 177 -3.11 -17.65 -1.93
CA GLY K 177 -2.38 -17.54 -3.18
C GLY K 177 -2.31 -18.84 -3.95
N VAL K 178 -3.37 -19.65 -3.88
CA VAL K 178 -3.30 -21.08 -4.14
C VAL K 178 -4.36 -21.48 -5.16
N ASN K 179 -4.00 -22.42 -6.04
CA ASN K 179 -4.84 -22.99 -7.08
C ASN K 179 -4.86 -24.51 -6.95
N PHE K 180 -6.03 -25.13 -7.03
CA PHE K 180 -6.12 -26.58 -6.78
C PHE K 180 -5.89 -27.45 -8.01
N GLY K 181 -5.91 -26.90 -9.24
CA GLY K 181 -5.87 -27.70 -10.45
C GLY K 181 -7.21 -28.39 -10.73
N HIS K 182 -7.13 -29.50 -11.46
CA HIS K 182 -8.27 -30.38 -11.75
C HIS K 182 -9.48 -29.59 -12.26
N ARG K 183 -9.32 -29.04 -13.44
CA ARG K 183 -10.40 -28.36 -14.13
C ARG K 183 -10.78 -29.13 -15.37
N PRO K 184 -12.00 -29.00 -15.86
CA PRO K 184 -12.30 -29.43 -17.22
C PRO K 184 -11.76 -28.42 -18.22
N GLY K 185 -11.54 -28.90 -19.44
CA GLY K 185 -11.24 -27.95 -20.49
C GLY K 185 -12.46 -27.09 -20.80
N LYS K 186 -12.37 -26.38 -21.92
CA LYS K 186 -13.61 -25.95 -22.56
C LYS K 186 -14.25 -27.18 -23.20
N GLN K 187 -15.47 -27.51 -22.77
CA GLN K 187 -16.21 -28.72 -23.18
C GLN K 187 -15.68 -29.98 -22.52
N GLY K 188 -15.23 -29.89 -21.27
CA GLY K 188 -14.84 -31.08 -20.55
C GLY K 188 -15.65 -31.35 -19.32
N GLY K 189 -16.92 -30.96 -19.30
CA GLY K 189 -17.68 -31.18 -18.10
C GLY K 189 -18.40 -32.50 -18.12
N TYR K 190 -18.55 -33.06 -19.32
CA TYR K 190 -19.29 -34.32 -19.55
C TYR K 190 -18.39 -35.58 -19.58
N MET K 191 -18.22 -36.33 -18.47
CA MET K 191 -18.83 -36.13 -17.15
C MET K 191 -17.88 -36.49 -16.01
N PRO K 192 -16.72 -35.84 -15.92
CA PRO K 192 -15.70 -36.29 -14.99
C PRO K 192 -16.13 -36.23 -13.54
N VAL K 193 -15.59 -37.16 -12.75
CA VAL K 193 -15.87 -37.32 -11.32
C VAL K 193 -15.22 -36.15 -10.59
N PRO K 194 -15.46 -35.98 -9.28
CA PRO K 194 -14.71 -34.96 -8.54
C PRO K 194 -13.27 -35.38 -8.39
N PRO K 195 -12.35 -34.43 -8.20
CA PRO K 195 -12.67 -33.04 -7.92
C PRO K 195 -12.81 -32.17 -9.16
N THR K 196 -12.59 -32.71 -10.37
CA THR K 196 -12.91 -31.94 -11.57
C THR K 196 -14.32 -31.38 -11.52
N ASP K 197 -15.21 -32.11 -10.87
CA ASP K 197 -16.63 -31.80 -10.75
C ASP K 197 -16.86 -31.29 -9.33
N THR K 198 -16.89 -29.96 -9.19
CA THR K 198 -17.07 -29.27 -7.92
C THR K 198 -18.54 -29.03 -7.58
N MET K 199 -19.47 -29.72 -8.22
CA MET K 199 -20.89 -29.47 -8.01
C MET K 199 -21.67 -30.74 -7.70
N MET K 200 -20.97 -31.80 -7.29
CA MET K 200 -21.66 -33.01 -6.84
C MET K 200 -22.68 -32.67 -5.77
N ASP K 201 -22.26 -31.88 -4.78
CA ASP K 201 -23.08 -31.67 -3.60
C ASP K 201 -24.17 -30.67 -3.88
N ILE K 202 -23.82 -29.56 -4.53
CA ILE K 202 -24.81 -28.53 -4.79
C ILE K 202 -25.80 -29.02 -5.83
N ARG K 203 -25.41 -29.94 -6.69
CA ARG K 203 -26.40 -30.58 -7.55
C ARG K 203 -27.35 -31.47 -6.75
N THR K 204 -26.82 -32.41 -5.97
CA THR K 204 -27.72 -33.33 -5.29
C THR K 204 -28.61 -32.58 -4.33
N GLU K 205 -28.17 -31.42 -3.86
CA GLU K 205 -29.04 -30.54 -3.10
C GLU K 205 -30.15 -29.98 -3.98
N ILE K 206 -29.84 -29.55 -5.20
CA ILE K 206 -30.92 -29.13 -6.09
C ILE K 206 -31.99 -30.23 -6.19
N VAL K 207 -31.57 -31.48 -6.34
CA VAL K 207 -32.53 -32.57 -6.54
C VAL K 207 -33.47 -32.74 -5.34
N LYS K 208 -32.98 -32.51 -4.13
CA LYS K 208 -33.78 -32.73 -2.93
C LYS K 208 -34.78 -31.62 -2.72
N VAL K 209 -34.39 -30.37 -2.93
CA VAL K 209 -35.35 -29.28 -2.80
C VAL K 209 -36.40 -29.39 -3.90
N LEU K 210 -35.99 -29.82 -5.10
CA LEU K 210 -36.96 -30.08 -6.16
C LEU K 210 -37.90 -31.24 -5.79
N ASN K 211 -37.40 -32.21 -5.00
CA ASN K 211 -38.31 -33.24 -4.48
C ASN K 211 -39.31 -32.62 -3.53
N GLN K 212 -38.82 -31.74 -2.64
CA GLN K 212 -39.67 -31.07 -1.66
C GLN K 212 -40.82 -30.31 -2.33
N VAL K 213 -40.51 -29.58 -3.40
CA VAL K 213 -41.50 -28.74 -4.09
C VAL K 213 -42.34 -29.60 -5.02
N GLY K 214 -42.22 -30.92 -4.92
CA GLY K 214 -43.14 -31.82 -5.57
C GLY K 214 -42.78 -32.17 -6.99
N LEU K 215 -41.57 -31.85 -7.43
CA LEU K 215 -41.07 -32.38 -8.67
C LEU K 215 -40.52 -33.76 -8.41
N GLU K 216 -40.85 -34.72 -9.25
CA GLU K 216 -40.14 -35.98 -9.21
C GLU K 216 -39.03 -35.97 -10.26
N THR K 217 -37.82 -36.27 -9.82
CA THR K 217 -36.59 -36.14 -10.58
C THR K 217 -36.03 -37.51 -10.89
N PHE K 218 -35.35 -37.66 -12.02
CA PHE K 218 -34.60 -38.89 -12.20
C PHE K 218 -33.11 -38.69 -12.41
N VAL K 219 -32.69 -37.88 -13.36
CA VAL K 219 -31.27 -37.79 -13.67
C VAL K 219 -30.71 -36.54 -13.04
N VAL K 220 -29.41 -36.54 -12.79
CA VAL K 220 -28.67 -35.33 -12.47
C VAL K 220 -27.21 -35.55 -12.89
N HIS K 221 -26.64 -34.57 -13.56
CA HIS K 221 -25.24 -34.71 -13.95
C HIS K 221 -24.69 -33.33 -14.28
N HIS K 222 -23.41 -33.31 -14.55
CA HIS K 222 -22.73 -32.16 -15.12
C HIS K 222 -22.83 -32.24 -16.65
N GLU K 223 -23.02 -31.10 -17.31
CA GLU K 223 -23.12 -31.08 -18.76
C GLU K 223 -21.77 -30.72 -19.37
N VAL K 224 -21.74 -30.59 -20.71
CA VAL K 224 -20.49 -30.40 -21.46
C VAL K 224 -19.74 -29.13 -21.02
N ALA K 225 -20.46 -28.03 -20.87
CA ALA K 225 -19.78 -26.76 -20.63
C ALA K 225 -19.20 -26.68 -19.20
N GLN K 226 -18.31 -25.70 -18.99
CA GLN K 226 -17.46 -25.69 -17.81
C GLN K 226 -18.25 -25.75 -16.52
N ALA K 227 -19.07 -24.75 -16.21
CA ALA K 227 -19.77 -24.86 -14.92
C ALA K 227 -21.25 -25.30 -15.08
N GLN K 228 -21.51 -26.32 -15.91
CA GLN K 228 -22.85 -26.60 -16.40
C GLN K 228 -23.47 -27.83 -15.74
N GLY K 229 -24.79 -27.87 -15.71
CA GLY K 229 -25.46 -28.97 -15.05
C GLY K 229 -26.85 -29.13 -15.61
N GLU K 230 -27.52 -30.21 -15.19
CA GLU K 230 -28.85 -30.57 -15.67
C GLU K 230 -29.48 -31.56 -14.72
N VAL K 231 -30.80 -31.43 -14.55
CA VAL K 231 -31.64 -32.35 -13.78
C VAL K 231 -32.74 -32.90 -14.68
N GLY K 232 -33.04 -34.19 -14.52
CA GLY K 232 -34.12 -34.82 -15.24
C GLY K 232 -35.37 -34.98 -14.38
N VAL K 233 -36.47 -34.37 -14.84
CA VAL K 233 -37.77 -34.36 -14.14
C VAL K 233 -38.81 -35.09 -14.97
N LYS K 234 -39.68 -35.86 -14.31
CA LYS K 234 -40.78 -36.52 -14.98
C LYS K 234 -41.60 -35.54 -15.81
N PHE K 235 -41.97 -35.97 -17.01
CA PHE K 235 -42.82 -35.17 -17.87
C PHE K 235 -44.13 -34.89 -17.14
N GLY K 236 -44.84 -33.87 -17.60
CA GLY K 236 -46.20 -33.62 -17.16
C GLY K 236 -47.02 -33.16 -18.34
N ASP K 237 -48.32 -32.96 -18.11
CA ASP K 237 -49.14 -32.29 -19.12
C ASP K 237 -48.51 -30.92 -19.44
N LEU K 238 -48.89 -30.36 -20.59
CA LEU K 238 -48.42 -29.03 -20.99
C LEU K 238 -48.41 -28.02 -19.83
N VAL K 239 -49.56 -27.62 -19.30
CA VAL K 239 -49.55 -26.58 -18.28
C VAL K 239 -48.70 -27.02 -17.09
N GLU K 240 -48.83 -28.28 -16.66
CA GLU K 240 -48.11 -28.77 -15.48
C GLU K 240 -46.58 -28.64 -15.63
N ALA K 241 -46.03 -28.99 -16.79
CA ALA K 241 -44.58 -28.95 -16.99
C ALA K 241 -44.06 -27.51 -16.98
N ALA K 242 -44.87 -26.60 -17.51
CA ALA K 242 -44.47 -25.20 -17.58
C ALA K 242 -44.47 -24.58 -16.19
N ASP K 243 -45.51 -24.89 -15.41
CA ASP K 243 -45.46 -24.68 -13.98
C ASP K 243 -44.14 -25.15 -13.40
N ASN K 244 -43.80 -26.42 -13.68
CA ASN K 244 -42.62 -27.03 -13.09
C ASN K 244 -41.32 -26.42 -13.60
N VAL K 245 -41.29 -25.92 -14.85
CA VAL K 245 -40.06 -25.29 -15.32
C VAL K 245 -39.73 -24.09 -14.44
N GLN K 246 -40.70 -23.19 -14.26
CA GLN K 246 -40.52 -22.09 -13.32
C GLN K 246 -40.14 -22.62 -11.96
N LYS K 247 -40.92 -23.60 -11.48
CA LYS K 247 -40.67 -24.20 -10.16
C LYS K 247 -39.25 -24.78 -10.05
N LEU K 248 -38.70 -25.31 -11.16
CA LEU K 248 -37.31 -25.72 -11.20
C LEU K 248 -36.36 -24.52 -11.27
N LYS K 249 -36.66 -23.54 -12.15
CA LYS K 249 -35.81 -22.37 -12.27
C LYS K 249 -35.64 -21.67 -10.92
N TYR K 250 -36.73 -21.53 -10.19
CA TYR K 250 -36.64 -20.90 -8.88
C TYR K 250 -35.67 -21.68 -7.98
N VAL K 251 -35.84 -23.00 -7.91
CA VAL K 251 -35.05 -23.80 -6.97
C VAL K 251 -33.57 -23.72 -7.31
N VAL K 252 -33.22 -23.77 -8.57
CA VAL K 252 -31.81 -23.69 -8.95
C VAL K 252 -31.25 -22.30 -8.67
N LYS K 253 -31.99 -21.24 -9.03
CA LYS K 253 -31.46 -19.90 -8.81
C LYS K 253 -31.36 -19.57 -7.32
N MET K 254 -32.19 -20.20 -6.50
CA MET K 254 -32.15 -19.94 -5.06
C MET K 254 -31.16 -20.81 -4.30
N VAL K 255 -30.88 -22.03 -4.73
CA VAL K 255 -29.91 -22.83 -4.00
C VAL K 255 -28.51 -22.34 -4.28
N ALA K 256 -28.17 -22.09 -5.55
CA ALA K 256 -26.90 -21.44 -5.86
C ALA K 256 -26.71 -20.20 -5.01
N HIS K 257 -27.75 -19.37 -4.91
CA HIS K 257 -27.66 -18.14 -4.12
C HIS K 257 -27.35 -18.41 -2.64
N LEU K 258 -27.85 -19.50 -2.06
CA LEU K 258 -27.50 -19.72 -0.66
C LEU K 258 -26.15 -20.42 -0.51
N ASN K 259 -25.59 -20.97 -1.59
CA ASN K 259 -24.22 -21.45 -1.53
C ASN K 259 -23.21 -20.43 -2.06
N GLY K 260 -23.59 -19.14 -2.04
CA GLY K 260 -22.69 -18.04 -2.37
C GLY K 260 -22.29 -17.94 -3.81
N LYS K 261 -23.12 -18.51 -4.70
CA LYS K 261 -22.86 -18.64 -6.12
C LYS K 261 -24.04 -18.03 -6.87
N THR K 262 -23.99 -18.03 -8.20
CA THR K 262 -25.05 -17.43 -8.99
C THR K 262 -25.31 -18.27 -10.23
N ALA K 263 -26.56 -18.66 -10.42
CA ALA K 263 -27.01 -19.48 -11.53
C ALA K 263 -27.64 -18.64 -12.65
N THR K 264 -27.61 -19.18 -13.86
CA THR K 264 -28.38 -18.55 -14.92
C THR K 264 -28.82 -19.62 -15.87
N PHE K 265 -29.98 -19.40 -16.49
CA PHE K 265 -30.47 -20.31 -17.50
C PHE K 265 -30.30 -19.75 -18.90
N MET K 266 -29.59 -18.62 -19.05
CA MET K 266 -29.46 -17.99 -20.36
C MET K 266 -28.79 -18.94 -21.37
N PRO K 267 -29.16 -18.84 -22.67
CA PRO K 267 -28.66 -19.80 -23.68
C PRO K 267 -27.16 -19.90 -23.86
N LYS K 268 -26.48 -18.75 -24.02
CA LYS K 268 -25.06 -18.72 -24.37
C LYS K 268 -24.31 -17.66 -23.56
N PRO K 269 -23.87 -18.01 -22.37
CA PRO K 269 -22.99 -17.10 -21.62
C PRO K 269 -21.53 -17.16 -22.06
N LEU K 270 -21.00 -18.35 -22.35
CA LEU K 270 -19.58 -18.56 -22.62
C LEU K 270 -19.39 -18.77 -24.11
N TYR K 271 -18.53 -17.94 -24.73
CA TYR K 271 -18.11 -18.13 -26.11
C TYR K 271 -17.12 -19.29 -26.19
N GLY K 272 -17.34 -20.20 -27.14
CA GLY K 272 -16.46 -21.32 -27.30
C GLY K 272 -16.82 -22.56 -26.51
N ASP K 273 -17.70 -22.47 -25.51
CA ASP K 273 -18.13 -23.64 -24.78
C ASP K 273 -19.59 -23.89 -25.07
N ASN K 274 -20.10 -25.04 -24.59
CA ASN K 274 -21.43 -25.48 -24.96
C ASN K 274 -22.48 -24.55 -24.38
N GLY K 275 -23.57 -24.37 -25.13
CA GLY K 275 -24.66 -23.53 -24.69
C GLY K 275 -25.65 -24.27 -23.79
N SER K 276 -26.67 -23.54 -23.35
CA SER K 276 -27.69 -24.06 -22.45
C SER K 276 -29.01 -24.13 -23.21
N GLY K 277 -29.51 -25.37 -23.42
CA GLY K 277 -30.77 -25.60 -24.09
C GLY K 277 -31.86 -26.06 -23.12
N MET K 278 -33.12 -25.85 -23.55
CA MET K 278 -34.32 -26.47 -22.99
C MET K 278 -34.80 -27.55 -23.95
N HIS K 279 -34.30 -28.77 -23.79
CA HIS K 279 -34.73 -29.87 -24.64
C HIS K 279 -36.13 -30.28 -24.24
N THR K 280 -37.05 -30.18 -25.21
CA THR K 280 -38.48 -30.41 -25.02
C THR K 280 -38.84 -31.76 -25.63
N HIS K 281 -39.34 -32.65 -24.78
CA HIS K 281 -39.89 -33.95 -25.17
C HIS K 281 -41.41 -33.87 -25.24
N VAL K 282 -41.99 -34.16 -26.42
CA VAL K 282 -43.43 -34.05 -26.67
C VAL K 282 -44.03 -35.43 -27.00
N SER K 283 -45.23 -35.71 -26.47
CA SER K 283 -46.03 -36.86 -26.91
C SER K 283 -47.49 -36.60 -26.57
N VAL K 284 -48.39 -37.24 -27.31
CA VAL K 284 -49.83 -36.98 -27.24
C VAL K 284 -50.57 -38.30 -27.06
N TRP K 285 -51.55 -38.33 -26.15
CA TRP K 285 -52.26 -39.55 -25.78
C TRP K 285 -53.76 -39.30 -25.79
N LYS K 286 -54.51 -40.34 -26.09
CA LYS K 286 -55.97 -40.28 -26.05
C LYS K 286 -56.46 -41.63 -25.56
N ASN K 287 -57.53 -41.66 -24.77
CA ASN K 287 -58.11 -42.92 -24.28
C ASN K 287 -57.08 -43.87 -23.68
N ASN K 288 -56.02 -43.36 -23.04
CA ASN K 288 -54.97 -44.12 -22.33
C ASN K 288 -53.81 -44.60 -23.23
N GLU K 289 -53.81 -44.31 -24.53
CA GLU K 289 -52.90 -44.86 -25.52
C GLU K 289 -52.00 -43.75 -26.05
N ASN K 290 -50.74 -44.10 -26.37
CA ASN K 290 -49.78 -43.12 -26.86
C ASN K 290 -49.87 -43.08 -28.39
N LEU K 291 -50.61 -42.11 -28.92
CA LEU K 291 -50.77 -41.96 -30.36
C LEU K 291 -49.46 -41.65 -31.09
N PHE K 292 -48.36 -41.45 -30.36
CA PHE K 292 -47.04 -41.28 -30.97
C PHE K 292 -46.40 -42.62 -31.26
N SER K 293 -46.67 -43.63 -30.45
CA SER K 293 -46.13 -44.95 -30.72
C SER K 293 -46.75 -45.49 -32.01
N GLY K 294 -45.95 -46.21 -32.77
CA GLY K 294 -46.42 -46.71 -34.03
C GLY K 294 -45.41 -47.59 -34.70
N GLU K 295 -45.65 -47.83 -35.99
CA GLU K 295 -44.86 -48.76 -36.79
C GLU K 295 -44.29 -48.09 -38.02
N THR K 296 -44.09 -46.76 -38.00
CA THR K 296 -43.74 -46.06 -39.24
C THR K 296 -42.26 -45.66 -39.30
N TYR K 297 -41.80 -44.86 -38.37
CA TYR K 297 -40.39 -44.49 -38.42
C TYR K 297 -39.81 -44.65 -37.02
N LYS K 298 -38.97 -45.68 -36.86
CA LYS K 298 -38.19 -45.93 -35.63
C LYS K 298 -39.11 -45.88 -34.41
N GLY K 299 -40.24 -46.57 -34.52
CA GLY K 299 -41.12 -46.72 -33.40
C GLY K 299 -42.24 -45.72 -33.31
N LEU K 300 -42.28 -44.74 -34.18
CA LEU K 300 -43.30 -43.69 -34.13
C LEU K 300 -44.40 -43.98 -35.16
N SER K 301 -45.45 -43.18 -35.10
CA SER K 301 -46.61 -43.36 -35.95
C SER K 301 -46.69 -42.27 -37.01
N GLU K 302 -47.53 -42.54 -38.02
CA GLU K 302 -47.91 -41.50 -38.98
C GLU K 302 -48.45 -40.29 -38.24
N PHE K 303 -49.26 -40.51 -37.21
CA PHE K 303 -49.70 -39.40 -36.38
C PHE K 303 -48.52 -38.57 -35.88
N ALA K 304 -47.60 -39.20 -35.13
CA ALA K 304 -46.46 -38.46 -34.62
C ALA K 304 -45.64 -37.82 -35.76
N LEU K 305 -45.62 -38.44 -36.93
CA LEU K 305 -44.78 -37.92 -37.99
C LEU K 305 -45.31 -36.61 -38.52
N HIS K 306 -46.63 -36.55 -38.75
CA HIS K 306 -47.24 -35.32 -39.24
C HIS K 306 -47.19 -34.22 -38.19
N PHE K 307 -47.30 -34.61 -36.91
CA PHE K 307 -47.07 -33.67 -35.81
C PHE K 307 -45.71 -33.01 -35.99
N LEU K 308 -44.67 -33.82 -36.20
CA LEU K 308 -43.36 -33.30 -36.52
C LEU K 308 -43.43 -32.30 -37.67
N GLY K 309 -44.16 -32.66 -38.73
CA GLY K 309 -44.16 -31.85 -39.94
C GLY K 309 -44.73 -30.45 -39.75
N GLY K 310 -45.63 -30.28 -38.79
CA GLY K 310 -46.12 -28.95 -38.47
C GLY K 310 -45.11 -28.14 -37.66
N VAL K 311 -44.38 -28.80 -36.76
CA VAL K 311 -43.30 -28.10 -36.07
C VAL K 311 -42.26 -27.62 -37.09
N LEU K 312 -41.65 -28.58 -37.82
CA LEU K 312 -40.60 -28.26 -38.79
C LEU K 312 -41.06 -27.28 -39.85
N ARG K 313 -42.34 -27.30 -40.23
CA ARG K 313 -42.81 -26.29 -41.16
C ARG K 313 -42.79 -24.90 -40.53
N HIS K 314 -43.30 -24.80 -39.30
CA HIS K 314 -43.52 -23.53 -38.65
C HIS K 314 -42.35 -23.10 -37.80
N ALA K 315 -41.21 -23.77 -37.94
CA ALA K 315 -40.12 -23.62 -36.98
C ALA K 315 -39.56 -22.21 -37.01
N ARG K 316 -39.14 -21.73 -38.18
CA ARG K 316 -38.50 -20.42 -38.25
C ARG K 316 -39.33 -19.33 -37.59
N GLY K 317 -40.65 -19.44 -37.62
CA GLY K 317 -41.52 -18.52 -36.90
C GLY K 317 -41.74 -18.98 -35.46
N LEU K 318 -41.84 -20.29 -35.26
CA LEU K 318 -41.97 -20.82 -33.91
C LEU K 318 -40.81 -20.44 -33.02
N ALA K 319 -39.65 -20.06 -33.59
CA ALA K 319 -38.49 -19.73 -32.78
C ALA K 319 -38.62 -18.37 -32.12
N ALA K 320 -39.55 -17.53 -32.62
CA ALA K 320 -39.83 -16.26 -31.94
C ALA K 320 -40.31 -16.48 -30.52
N PHE K 321 -40.89 -17.64 -30.24
CA PHE K 321 -41.36 -18.02 -28.92
C PHE K 321 -40.42 -18.98 -28.21
N THR K 322 -39.80 -19.93 -28.94
CA THR K 322 -38.99 -20.95 -28.29
C THR K 322 -37.55 -20.53 -28.10
N ASN K 323 -37.14 -19.46 -28.80
CA ASN K 323 -35.81 -18.88 -28.70
C ASN K 323 -35.96 -17.36 -28.58
N ALA K 324 -36.58 -16.93 -27.47
CA ALA K 324 -37.20 -15.63 -27.27
C ALA K 324 -36.20 -14.49 -26.96
N SER K 325 -34.91 -14.62 -27.29
CA SER K 325 -33.93 -13.62 -26.95
C SER K 325 -32.93 -13.56 -28.09
N THR K 326 -32.12 -12.49 -28.11
CA THR K 326 -31.03 -12.49 -29.06
C THR K 326 -29.97 -13.50 -28.63
N ASN K 327 -29.72 -13.61 -27.33
CA ASN K 327 -28.71 -14.55 -26.87
C ASN K 327 -28.97 -15.96 -27.37
N SER K 328 -30.24 -16.30 -27.60
CA SER K 328 -30.61 -17.61 -28.11
C SER K 328 -29.92 -17.93 -29.43
N TYR K 329 -29.54 -16.91 -30.16
CA TYR K 329 -29.06 -17.12 -31.52
C TYR K 329 -27.56 -17.26 -31.59
N LYS K 330 -26.85 -16.91 -30.52
CA LYS K 330 -25.45 -17.30 -30.37
C LYS K 330 -25.32 -18.77 -29.98
N ARG K 331 -26.38 -19.35 -29.41
CA ARG K 331 -26.33 -20.76 -29.06
C ARG K 331 -26.51 -21.63 -30.29
N LEU K 332 -27.20 -21.10 -31.30
CA LEU K 332 -27.60 -21.86 -32.49
C LEU K 332 -26.50 -21.87 -33.55
N ILE K 333 -25.28 -22.02 -33.06
CA ILE K 333 -24.08 -22.06 -33.92
C ILE K 333 -23.62 -23.49 -33.97
N PRO K 334 -23.13 -23.97 -35.14
CA PRO K 334 -22.71 -25.34 -35.25
C PRO K 334 -21.54 -25.66 -34.35
N GLY K 335 -21.48 -26.94 -33.88
CA GLY K 335 -20.31 -27.41 -33.19
C GLY K 335 -20.37 -27.36 -31.68
N TYR K 336 -21.54 -27.21 -31.10
CA TYR K 336 -21.70 -27.26 -29.65
C TYR K 336 -22.99 -28.01 -29.34
N GLU K 337 -23.42 -28.85 -30.28
CA GLU K 337 -24.58 -29.73 -30.13
C GLU K 337 -25.89 -28.96 -30.04
N ALA K 338 -25.94 -27.77 -30.64
CA ALA K 338 -27.21 -27.09 -30.77
C ALA K 338 -27.67 -27.03 -32.23
N PRO K 339 -28.98 -27.17 -32.45
CA PRO K 339 -29.54 -27.18 -33.81
C PRO K 339 -29.35 -25.87 -34.56
N SER K 340 -28.84 -25.99 -35.78
CA SER K 340 -28.83 -24.92 -36.75
C SER K 340 -29.56 -25.29 -38.02
N ILE K 341 -29.79 -26.58 -38.24
CA ILE K 341 -30.46 -27.07 -39.43
C ILE K 341 -31.75 -27.73 -39.01
N LEU K 342 -32.81 -27.55 -39.80
CA LEU K 342 -34.17 -27.94 -39.39
C LEU K 342 -34.51 -29.28 -40.03
N THR K 343 -34.09 -30.36 -39.36
CA THR K 343 -34.51 -31.69 -39.77
C THR K 343 -34.53 -32.61 -38.55
N TYR K 344 -35.09 -33.79 -38.75
CA TYR K 344 -35.13 -34.81 -37.71
C TYR K 344 -34.20 -35.96 -38.11
N SER K 345 -33.98 -36.88 -37.15
CA SER K 345 -32.93 -37.90 -37.22
C SER K 345 -32.88 -38.64 -35.91
N ALA K 346 -32.47 -39.91 -35.93
CA ALA K 346 -32.49 -40.74 -34.74
C ALA K 346 -31.09 -40.86 -34.16
N ASN K 347 -30.97 -40.54 -32.86
CA ASN K 347 -29.74 -40.50 -32.08
C ASN K 347 -28.88 -39.29 -32.45
N ASN K 348 -29.29 -38.47 -33.42
CA ASN K 348 -28.44 -37.44 -33.99
C ASN K 348 -28.61 -36.17 -33.20
N ARG K 349 -27.53 -35.67 -32.63
CA ARG K 349 -27.63 -34.49 -31.81
C ARG K 349 -27.21 -33.23 -32.57
N SER K 350 -26.92 -33.37 -33.87
CA SER K 350 -26.77 -32.24 -34.78
C SER K 350 -28.08 -31.92 -35.49
N ALA K 351 -29.19 -32.38 -34.97
CA ALA K 351 -30.49 -32.16 -35.58
C ALA K 351 -31.35 -31.31 -34.66
N SER K 352 -32.27 -30.54 -35.26
CA SER K 352 -33.31 -29.91 -34.47
C SER K 352 -34.04 -30.91 -33.58
N VAL K 353 -34.45 -32.04 -34.15
CA VAL K 353 -35.23 -33.02 -33.42
C VAL K 353 -34.51 -34.37 -33.46
N ARG K 354 -34.77 -35.18 -32.44
CA ARG K 354 -34.08 -36.45 -32.25
C ARG K 354 -35.08 -37.48 -31.72
N ILE K 355 -35.16 -38.62 -32.40
CA ILE K 355 -35.78 -39.80 -31.80
C ILE K 355 -34.77 -40.34 -30.79
N PRO K 356 -35.09 -40.35 -29.50
CA PRO K 356 -34.20 -41.00 -28.54
C PRO K 356 -34.26 -42.51 -28.71
N TYR K 357 -33.22 -43.14 -28.19
CA TYR K 357 -32.97 -44.56 -28.41
C TYR K 357 -34.04 -45.49 -27.81
N GLY K 358 -34.18 -45.55 -26.49
CA GLY K 358 -35.03 -46.57 -25.89
C GLY K 358 -36.54 -46.38 -26.01
N ILE K 359 -37.06 -46.41 -27.23
CA ILE K 359 -38.39 -45.90 -27.53
C ILE K 359 -39.37 -47.06 -27.55
N SER K 360 -40.19 -47.17 -26.50
CA SER K 360 -41.21 -48.20 -26.40
C SER K 360 -42.59 -47.60 -26.62
N LYS K 361 -43.62 -48.43 -26.44
CA LYS K 361 -44.98 -47.92 -26.53
C LYS K 361 -45.20 -46.79 -25.53
N ASN K 362 -44.75 -46.96 -24.30
CA ASN K 362 -44.88 -45.90 -23.32
C ASN K 362 -43.93 -44.74 -23.62
N SER K 363 -42.65 -45.03 -23.85
CA SER K 363 -41.64 -43.97 -23.85
C SER K 363 -41.54 -43.19 -25.17
N ALA K 364 -42.45 -43.40 -26.14
CA ALA K 364 -42.29 -42.83 -27.47
C ALA K 364 -42.60 -41.33 -27.50
N ARG K 365 -41.70 -40.56 -28.08
CA ARG K 365 -41.85 -39.10 -28.08
C ARG K 365 -40.99 -38.51 -29.20
N PHE K 366 -40.93 -37.18 -29.24
CA PHE K 366 -39.84 -36.45 -29.89
C PHE K 366 -39.13 -35.62 -28.83
N GLU K 367 -37.82 -35.46 -28.97
CA GLU K 367 -37.06 -34.45 -28.24
C GLU K 367 -36.82 -33.34 -29.23
N PHE K 368 -37.37 -32.16 -28.98
CA PHE K 368 -37.06 -30.99 -29.79
C PHE K 368 -35.89 -30.28 -29.13
N ARG K 369 -34.77 -30.19 -29.84
CA ARG K 369 -33.52 -29.77 -29.20
C ARG K 369 -33.23 -28.31 -29.39
N PHE K 370 -34.08 -27.55 -30.10
CA PHE K 370 -33.85 -26.15 -30.47
C PHE K 370 -34.45 -25.09 -29.54
N PRO K 371 -35.51 -25.37 -28.77
CA PRO K 371 -35.91 -24.46 -27.70
C PRO K 371 -34.77 -24.03 -26.77
N ASP K 372 -34.92 -22.94 -26.03
CA ASP K 372 -34.05 -22.75 -24.87
C ASP K 372 -34.82 -21.99 -23.78
N SER K 373 -34.13 -21.72 -22.70
CA SER K 373 -34.80 -21.32 -21.48
C SER K 373 -34.94 -19.82 -21.37
N SER K 374 -34.55 -19.07 -22.40
CA SER K 374 -34.94 -17.68 -22.51
C SER K 374 -36.42 -17.59 -22.83
N SER K 375 -36.98 -18.65 -23.40
CA SER K 375 -38.38 -18.69 -23.73
C SER K 375 -39.23 -18.68 -22.48
N ASN K 376 -40.48 -18.30 -22.68
CA ASN K 376 -41.51 -18.48 -21.68
C ASN K 376 -42.04 -19.92 -21.78
N PRO K 377 -41.94 -20.74 -20.73
CA PRO K 377 -42.48 -22.10 -20.83
C PRO K 377 -43.91 -22.09 -21.34
N TYR K 378 -44.83 -21.47 -20.59
CA TYR K 378 -46.23 -21.42 -20.99
C TYR K 378 -46.42 -21.12 -22.47
N LEU K 379 -45.69 -20.13 -22.99
CA LEU K 379 -45.86 -19.73 -24.39
C LEU K 379 -45.33 -20.80 -25.33
N ALA K 380 -44.09 -21.24 -25.10
CA ALA K 380 -43.36 -22.05 -26.04
C ALA K 380 -43.90 -23.46 -26.11
N PHE K 381 -44.60 -23.91 -25.07
CA PHE K 381 -45.29 -25.19 -25.18
C PHE K 381 -46.58 -25.05 -25.98
N ALA K 382 -47.45 -24.13 -25.59
CA ALA K 382 -48.68 -23.90 -26.36
C ALA K 382 -48.37 -23.79 -27.85
N ALA K 383 -47.34 -22.97 -28.18
CA ALA K 383 -46.96 -22.73 -29.57
C ALA K 383 -46.47 -24.01 -30.27
N ILE K 384 -45.53 -24.74 -29.64
CA ILE K 384 -45.15 -26.06 -30.16
C ILE K 384 -46.40 -26.87 -30.48
N LEU K 385 -47.36 -26.91 -29.54
CA LEU K 385 -48.54 -27.74 -29.70
C LEU K 385 -49.42 -27.26 -30.84
N MET K 386 -49.66 -25.95 -30.94
CA MET K 386 -50.47 -25.46 -32.05
C MET K 386 -49.81 -25.72 -33.39
N ALA K 387 -48.49 -25.78 -33.41
CA ALA K 387 -47.79 -26.23 -34.60
C ALA K 387 -48.09 -27.70 -34.88
N GLY K 388 -48.04 -28.52 -33.82
CA GLY K 388 -48.18 -29.95 -34.01
C GLY K 388 -49.58 -30.36 -34.44
N MET K 389 -50.59 -29.70 -33.90
CA MET K 389 -51.95 -30.00 -34.34
C MET K 389 -52.19 -29.57 -35.76
N ASP K 390 -51.61 -28.45 -36.15
CA ASP K 390 -51.66 -28.04 -37.54
C ASP K 390 -51.12 -29.14 -38.43
N GLY K 391 -50.05 -29.81 -37.98
CA GLY K 391 -49.38 -30.79 -38.82
C GLY K 391 -50.18 -32.08 -38.94
N VAL K 392 -50.76 -32.53 -37.83
CA VAL K 392 -51.72 -33.65 -37.86
C VAL K 392 -52.88 -33.31 -38.77
N LYS K 393 -53.50 -32.15 -38.55
CA LYS K 393 -54.76 -31.85 -39.21
C LYS K 393 -54.58 -31.73 -40.71
N ASN K 394 -53.39 -31.33 -41.16
CA ASN K 394 -53.13 -31.24 -42.60
C ASN K 394 -52.22 -32.35 -43.12
N LYS K 395 -51.88 -33.35 -42.31
CA LYS K 395 -50.98 -34.41 -42.71
C LYS K 395 -49.77 -33.82 -43.43
N ILE K 396 -49.13 -32.87 -42.76
CA ILE K 396 -47.97 -32.21 -43.33
C ILE K 396 -46.79 -33.16 -43.31
N ASP K 397 -46.13 -33.30 -44.43
CA ASP K 397 -45.02 -34.23 -44.55
C ASP K 397 -43.80 -33.70 -43.81
N PRO K 398 -43.21 -34.47 -42.89
CA PRO K 398 -42.01 -33.99 -42.22
C PRO K 398 -40.77 -34.03 -43.10
N GLY K 399 -40.74 -34.90 -44.10
CA GLY K 399 -39.52 -35.18 -44.84
C GLY K 399 -38.87 -36.44 -44.31
N GLU K 400 -37.75 -36.79 -44.93
CA GLU K 400 -37.06 -37.98 -44.48
C GLU K 400 -35.86 -37.57 -43.64
N ALA K 401 -35.53 -38.41 -42.67
CA ALA K 401 -34.57 -38.01 -41.66
C ALA K 401 -33.18 -37.96 -42.27
N MET K 402 -32.50 -36.84 -42.09
CA MET K 402 -31.10 -36.69 -42.47
C MET K 402 -30.23 -37.36 -41.43
N ASP K 403 -29.57 -38.45 -41.81
CA ASP K 403 -28.77 -39.26 -40.91
C ASP K 403 -27.31 -38.88 -40.91
N ILE K 404 -26.97 -37.62 -41.16
CA ILE K 404 -25.58 -37.21 -41.18
C ILE K 404 -25.28 -36.30 -40.01
N ASN K 405 -23.99 -36.08 -39.79
CA ASN K 405 -23.46 -35.07 -38.88
C ASN K 405 -23.65 -33.73 -39.57
N LEU K 406 -24.72 -33.04 -39.19
CA LEU K 406 -25.11 -31.81 -39.89
C LEU K 406 -24.14 -30.67 -39.67
N PHE K 407 -23.20 -30.82 -38.72
CA PHE K 407 -22.17 -29.80 -38.48
C PHE K 407 -21.07 -29.82 -39.51
N LYS K 408 -20.92 -30.93 -40.25
CA LYS K 408 -19.92 -30.98 -41.31
C LYS K 408 -20.43 -30.39 -42.62
N LEU K 409 -21.72 -30.05 -42.70
CA LEU K 409 -22.31 -29.55 -43.94
C LEU K 409 -21.76 -28.16 -44.29
N THR K 410 -21.33 -28.00 -45.55
CA THR K 410 -20.69 -26.78 -46.04
C THR K 410 -21.74 -25.71 -46.36
N LEU K 411 -21.30 -24.44 -46.26
CA LEU K 411 -22.23 -23.31 -46.19
C LEU K 411 -23.11 -23.22 -47.44
N ASP K 412 -22.51 -23.30 -48.63
CA ASP K 412 -23.32 -23.36 -49.85
C ASP K 412 -24.05 -24.70 -49.94
N GLU K 413 -23.37 -25.79 -49.56
CA GLU K 413 -23.94 -27.12 -49.61
C GLU K 413 -25.23 -27.26 -48.80
N ILE K 414 -25.46 -26.39 -47.81
CA ILE K 414 -26.66 -26.50 -46.99
C ILE K 414 -27.91 -26.03 -47.76
N ARG K 415 -27.85 -24.82 -48.33
CA ARG K 415 -28.93 -24.38 -49.21
C ARG K 415 -29.07 -25.30 -50.41
N GLU K 416 -27.97 -25.93 -50.82
CA GLU K 416 -27.96 -26.81 -51.98
C GLU K 416 -29.00 -27.91 -51.88
N LYS K 417 -28.99 -28.67 -50.78
CA LYS K 417 -30.00 -29.73 -50.63
C LYS K 417 -31.42 -29.19 -50.34
N GLY K 418 -31.62 -27.86 -50.40
CA GLY K 418 -32.91 -27.23 -50.19
C GLY K 418 -33.46 -27.59 -48.81
N ILE K 419 -32.65 -27.32 -47.78
CA ILE K 419 -32.98 -27.68 -46.40
C ILE K 419 -33.16 -26.40 -45.59
N LYS K 420 -34.20 -26.39 -44.75
CA LYS K 420 -34.51 -25.23 -43.94
C LYS K 420 -33.61 -25.17 -42.72
N GLN K 421 -33.19 -23.97 -42.36
CA GLN K 421 -32.32 -23.78 -41.21
C GLN K 421 -32.96 -22.74 -40.30
N MET K 422 -32.34 -22.56 -39.15
CA MET K 422 -32.82 -21.63 -38.13
C MET K 422 -32.51 -20.18 -38.52
N PRO K 423 -33.38 -19.25 -38.10
CA PRO K 423 -33.09 -17.83 -38.32
C PRO K 423 -31.86 -17.43 -37.51
N HIS K 424 -31.10 -16.48 -38.04
CA HIS K 424 -29.81 -16.17 -37.41
C HIS K 424 -29.94 -15.13 -36.31
N THR K 425 -31.14 -14.54 -36.17
CA THR K 425 -31.37 -13.38 -35.33
C THR K 425 -32.80 -13.43 -34.81
N LEU K 426 -32.98 -12.92 -33.58
CA LEU K 426 -34.31 -12.77 -33.01
C LEU K 426 -35.21 -11.93 -33.88
N ARG K 427 -34.66 -10.95 -34.62
CA ARG K 427 -35.49 -10.09 -35.45
C ARG K 427 -36.11 -10.87 -36.58
N ARG K 428 -35.33 -11.72 -37.26
CA ARG K 428 -35.90 -12.38 -38.42
C ARG K 428 -36.98 -13.39 -38.03
N SER K 429 -36.74 -14.21 -37.00
CA SER K 429 -37.79 -15.13 -36.59
C SER K 429 -39.04 -14.38 -36.14
N LEU K 430 -38.89 -13.17 -35.63
CA LEU K 430 -40.04 -12.30 -35.39
C LEU K 430 -40.76 -12.01 -36.69
N GLU K 431 -40.01 -11.65 -37.73
CA GLU K 431 -40.59 -11.46 -39.05
C GLU K 431 -41.25 -12.76 -39.53
N GLU K 432 -40.50 -13.87 -39.49
CA GLU K 432 -41.04 -15.16 -39.93
C GLU K 432 -42.29 -15.55 -39.16
N MET K 433 -42.42 -15.05 -37.92
CA MET K 433 -43.57 -15.37 -37.09
C MET K 433 -44.81 -14.59 -37.50
N LEU K 434 -44.73 -13.24 -37.55
CA LEU K 434 -45.84 -12.39 -37.98
C LEU K 434 -46.30 -12.70 -39.39
N ALA K 435 -45.53 -13.44 -40.18
CA ALA K 435 -45.96 -13.92 -41.48
C ALA K 435 -46.70 -15.25 -41.39
N ASP K 436 -46.79 -15.84 -40.20
CA ASP K 436 -47.17 -17.25 -40.09
C ASP K 436 -48.01 -17.47 -38.84
N LYS K 437 -49.10 -16.69 -38.71
CA LYS K 437 -49.82 -16.65 -37.43
C LYS K 437 -50.97 -17.65 -37.33
N GLN K 438 -51.64 -17.99 -38.43
CA GLN K 438 -53.00 -18.50 -38.29
C GLN K 438 -53.06 -19.82 -37.52
N TYR K 439 -51.94 -20.55 -37.40
CA TYR K 439 -51.97 -21.78 -36.65
C TYR K 439 -51.99 -21.52 -35.16
N LEU K 440 -51.37 -20.42 -34.74
CA LEU K 440 -51.53 -19.96 -33.36
C LEU K 440 -52.93 -19.42 -33.14
N LYS K 441 -53.53 -18.81 -34.16
CA LYS K 441 -54.80 -18.15 -33.98
C LYS K 441 -55.99 -19.09 -33.97
N GLU K 442 -55.78 -20.40 -34.19
CA GLU K 442 -56.88 -21.36 -34.19
C GLU K 442 -57.54 -21.47 -32.82
N SER K 443 -58.88 -21.38 -32.82
CA SER K 443 -59.71 -21.36 -31.61
C SER K 443 -59.24 -20.28 -30.64
N GLN K 444 -58.66 -19.23 -31.23
CA GLN K 444 -58.36 -18.00 -30.52
C GLN K 444 -57.49 -18.26 -29.30
N VAL K 445 -56.46 -19.09 -29.49
CA VAL K 445 -55.61 -19.49 -28.38
C VAL K 445 -54.56 -18.42 -28.10
N PHE K 446 -53.79 -18.04 -29.12
CA PHE K 446 -53.04 -16.79 -29.17
C PHE K 446 -53.89 -15.75 -29.92
N SER K 447 -54.48 -14.78 -29.20
CA SER K 447 -55.22 -13.73 -29.88
C SER K 447 -54.29 -12.84 -30.70
N GLU K 448 -54.87 -12.08 -31.64
CA GLU K 448 -54.03 -11.20 -32.45
C GLU K 448 -53.54 -10.02 -31.63
N GLU K 449 -54.38 -9.52 -30.73
CA GLU K 449 -53.97 -8.55 -29.72
C GLU K 449 -52.68 -8.98 -29.02
N PHE K 450 -52.64 -10.21 -28.50
CA PHE K 450 -51.46 -10.66 -27.78
C PHE K 450 -50.23 -10.76 -28.70
N ILE K 451 -50.39 -11.33 -29.90
CA ILE K 451 -49.24 -11.52 -30.78
C ILE K 451 -48.58 -10.19 -31.15
N GLN K 452 -49.35 -9.11 -31.23
CA GLN K 452 -48.74 -7.83 -31.55
C GLN K 452 -48.18 -7.11 -30.33
N ALA K 453 -48.71 -7.39 -29.14
CA ALA K 453 -48.03 -6.99 -27.90
C ALA K 453 -46.72 -7.75 -27.73
N TYR K 454 -46.76 -9.07 -27.92
CA TYR K 454 -45.56 -9.88 -27.84
C TYR K 454 -44.48 -9.38 -28.78
N GLN K 455 -44.80 -9.24 -30.06
CA GLN K 455 -43.81 -8.82 -31.04
C GLN K 455 -43.13 -7.50 -30.62
N SER K 456 -43.93 -6.50 -30.27
CA SER K 456 -43.39 -5.20 -29.88
C SER K 456 -42.70 -5.24 -28.52
N LEU K 457 -43.06 -6.17 -27.66
CA LEU K 457 -42.33 -6.36 -26.42
C LEU K 457 -40.90 -6.80 -26.70
N LYS K 458 -40.70 -7.69 -27.67
CA LYS K 458 -39.36 -8.23 -27.91
C LYS K 458 -38.53 -7.29 -28.79
N PHE K 459 -39.16 -6.71 -29.83
CA PHE K 459 -38.47 -5.73 -30.67
C PHE K 459 -37.94 -4.57 -29.84
N ASN K 460 -38.67 -4.17 -28.82
CA ASN K 460 -38.23 -3.06 -28.02
C ASN K 460 -37.33 -3.49 -26.88
N ALA K 461 -37.38 -4.76 -26.47
CA ALA K 461 -36.57 -5.23 -25.35
C ALA K 461 -35.34 -6.01 -25.77
N GLU K 462 -35.37 -6.65 -26.93
CA GLU K 462 -34.20 -7.37 -27.42
C GLU K 462 -33.64 -6.77 -28.71
N VAL K 463 -34.40 -6.74 -29.79
CA VAL K 463 -33.82 -6.46 -31.09
C VAL K 463 -33.15 -5.10 -31.12
N PHE K 464 -33.88 -4.05 -30.72
CA PHE K 464 -33.41 -2.68 -30.92
C PHE K 464 -32.17 -2.39 -30.08
N PRO K 465 -32.11 -2.77 -28.79
CA PRO K 465 -30.87 -2.58 -28.01
C PRO K 465 -29.66 -3.34 -28.52
N TRP K 466 -29.86 -4.52 -29.11
CA TRP K 466 -28.76 -5.24 -29.73
C TRP K 466 -28.39 -4.62 -31.10
N GLU K 467 -29.38 -4.09 -31.83
CA GLU K 467 -29.04 -3.46 -33.10
C GLU K 467 -28.35 -2.10 -32.92
N SER K 468 -28.37 -1.55 -31.72
CA SER K 468 -27.91 -0.18 -31.53
C SER K 468 -26.67 -0.05 -30.66
N LYS K 469 -26.37 -1.04 -29.81
CA LYS K 469 -25.27 -0.90 -28.86
C LYS K 469 -23.99 -1.48 -29.43
N PRO K 470 -22.92 -0.69 -29.58
CA PRO K 470 -21.65 -1.21 -30.09
C PRO K 470 -21.17 -2.42 -29.32
N HIS K 471 -20.63 -3.39 -30.04
CA HIS K 471 -20.13 -4.65 -29.52
C HIS K 471 -18.64 -4.59 -29.37
N PRO K 472 -18.09 -5.09 -28.27
CA PRO K 472 -16.64 -5.03 -28.06
C PRO K 472 -15.85 -5.45 -29.28
N PHE K 473 -16.26 -6.56 -29.91
CA PHE K 473 -15.48 -7.11 -31.02
C PHE K 473 -15.43 -6.18 -32.23
N GLU K 474 -16.37 -5.23 -32.33
CA GLU K 474 -16.37 -4.23 -33.39
C GLU K 474 -15.23 -3.22 -33.22
N PHE K 475 -14.70 -3.06 -32.02
CA PHE K 475 -13.51 -2.23 -31.86
C PHE K 475 -12.25 -2.98 -32.22
N ILE K 476 -12.30 -4.32 -32.21
CA ILE K 476 -11.15 -5.09 -32.66
C ILE K 476 -11.03 -5.03 -34.18
N THR K 477 -12.17 -5.15 -34.89
CA THR K 477 -12.17 -5.08 -36.36
C THR K 477 -12.01 -3.65 -36.86
N THR K 478 -12.85 -2.74 -36.38
CA THR K 478 -13.12 -1.49 -37.07
C THR K 478 -12.47 -0.28 -36.44
N TYR K 479 -11.91 -0.37 -35.24
CA TYR K 479 -11.41 0.85 -34.62
C TYR K 479 -10.26 1.44 -35.43
N SER K 480 -9.51 0.61 -36.16
CA SER K 480 -8.41 1.12 -36.97
C SER K 480 -8.84 1.55 -38.35
N CYS K 481 -10.11 1.40 -38.71
CA CYS K 481 -10.57 1.76 -40.05
C CYS K 481 -10.39 3.26 -40.30
N ASN L 7 -19.98 6.67 62.58
CA ASN L 7 -19.95 5.21 62.45
C ASN L 7 -20.25 4.46 63.73
N SER L 8 -21.55 4.28 64.06
CA SER L 8 -22.01 3.49 65.19
C SER L 8 -21.27 2.16 65.36
N GLU L 9 -21.51 1.44 66.45
CA GLU L 9 -20.93 0.12 66.51
C GLU L 9 -21.81 -0.93 65.84
N SER L 10 -23.13 -0.75 65.82
CA SER L 10 -23.94 -1.71 65.06
C SER L 10 -24.00 -1.34 63.59
N LYS L 11 -23.90 -0.05 63.26
CA LYS L 11 -23.65 0.37 61.88
C LYS L 11 -22.46 -0.36 61.31
N ILE L 12 -21.46 -0.63 62.17
CA ILE L 12 -20.25 -1.34 61.75
C ILE L 12 -20.57 -2.81 61.46
N LYS L 13 -21.30 -3.46 62.38
CA LYS L 13 -21.55 -4.89 62.22
C LYS L 13 -22.52 -5.17 61.08
N GLU L 14 -23.48 -4.29 60.83
CA GLU L 14 -24.33 -4.46 59.67
C GLU L 14 -23.51 -4.37 58.39
N PHE L 15 -22.43 -3.59 58.41
CA PHE L 15 -21.53 -3.55 57.26
C PHE L 15 -20.78 -4.86 57.10
N PHE L 16 -20.14 -5.35 58.16
CA PHE L 16 -19.48 -6.65 58.06
C PHE L 16 -20.47 -7.74 57.59
N GLU L 17 -21.67 -7.79 58.18
CA GLU L 17 -22.69 -8.76 57.75
C GLU L 17 -22.99 -8.62 56.25
N PHE L 18 -23.35 -7.41 55.81
CA PHE L 18 -23.53 -7.12 54.39
C PHE L 18 -22.37 -7.67 53.55
N CYS L 19 -21.13 -7.29 53.89
CA CYS L 19 -19.98 -7.87 53.19
C CYS L 19 -20.04 -9.40 53.20
N LYS L 20 -20.11 -10.00 54.39
CA LYS L 20 -20.21 -11.45 54.53
C LYS L 20 -21.30 -12.04 53.63
N GLU L 21 -22.50 -11.46 53.65
CA GLU L 21 -23.57 -12.00 52.82
C GLU L 21 -23.19 -11.95 51.35
N ASN L 22 -22.43 -10.94 50.94
CA ASN L 22 -22.19 -10.72 49.53
C ASN L 22 -20.84 -11.21 49.05
N GLU L 23 -20.11 -11.95 49.87
CA GLU L 23 -18.81 -12.50 49.48
C GLU L 23 -17.89 -11.39 48.96
N VAL L 24 -17.72 -10.36 49.80
CA VAL L 24 -16.85 -9.24 49.48
C VAL L 24 -15.37 -9.69 49.49
N GLU L 25 -14.71 -9.54 48.35
CA GLU L 25 -13.29 -9.86 48.32
C GLU L 25 -12.42 -8.66 48.64
N PHE L 26 -12.97 -7.44 48.54
CA PHE L 26 -12.23 -6.18 48.65
C PHE L 26 -13.11 -5.05 49.17
N VAL L 27 -12.48 -4.07 49.82
CA VAL L 27 -13.18 -2.87 50.28
C VAL L 27 -12.48 -1.68 49.67
N ASP L 28 -13.26 -0.83 49.00
CA ASP L 28 -12.77 0.22 48.11
C ASP L 28 -13.17 1.56 48.70
N PHE L 29 -12.29 2.18 49.47
CA PHE L 29 -12.61 3.50 50.04
C PHE L 29 -12.47 4.59 48.98
N ARG L 30 -13.44 5.51 48.95
CA ARG L 30 -13.38 6.59 47.98
C ARG L 30 -13.58 7.94 48.65
N PHE L 31 -12.86 8.93 48.11
CA PHE L 31 -12.89 10.31 48.62
C PHE L 31 -12.68 11.29 47.47
N SER L 32 -13.11 12.53 47.69
CA SER L 32 -13.04 13.56 46.65
C SER L 32 -12.04 14.63 47.04
N ASP L 33 -11.18 15.00 46.10
CA ASP L 33 -10.30 16.15 46.26
C ASP L 33 -10.98 17.41 45.69
N ILE L 34 -10.40 18.55 46.04
CA ILE L 34 -11.06 19.83 45.81
C ILE L 34 -11.54 19.96 44.37
N LYS L 35 -10.70 19.55 43.41
CA LYS L 35 -11.14 19.58 42.02
C LYS L 35 -12.43 18.81 41.80
N GLY L 36 -12.75 17.87 42.68
CA GLY L 36 -13.90 17.01 42.48
C GLY L 36 -13.57 15.62 42.01
N THR L 37 -12.32 15.31 41.75
CA THR L 37 -11.95 13.97 41.31
C THR L 37 -12.16 12.95 42.41
N TRP L 38 -12.72 11.79 42.02
CA TRP L 38 -13.05 10.74 42.96
C TRP L 38 -11.95 9.68 42.90
N ASN L 39 -11.16 9.58 43.96
CA ASN L 39 -10.04 8.63 44.09
C ASN L 39 -10.45 7.46 44.99
N HIS L 40 -9.71 6.34 44.87
CA HIS L 40 -9.96 5.15 45.70
C HIS L 40 -8.65 4.51 46.19
N ILE L 41 -8.76 3.79 47.30
CA ILE L 41 -7.70 2.92 47.80
C ILE L 41 -8.37 1.70 48.46
N ALA L 42 -7.98 0.51 48.04
CA ALA L 42 -8.75 -0.69 48.35
C ALA L 42 -7.98 -1.64 49.27
N TYR L 43 -8.75 -2.44 50.03
CA TYR L 43 -8.21 -3.31 51.06
C TYR L 43 -8.71 -4.73 50.89
N SER L 44 -7.80 -5.69 51.09
CA SER L 44 -8.17 -7.08 51.32
C SER L 44 -9.18 -7.18 52.45
N PHE L 45 -10.35 -7.75 52.17
CA PHE L 45 -11.41 -7.84 53.17
C PHE L 45 -10.94 -8.58 54.39
N GLY L 46 -10.24 -9.71 54.20
CA GLY L 46 -9.65 -10.40 55.33
C GLY L 46 -8.79 -9.49 56.18
N ALA L 47 -8.18 -8.48 55.58
CA ALA L 47 -7.33 -7.57 56.35
C ALA L 47 -8.13 -6.52 57.11
N LEU L 48 -9.38 -6.25 56.72
CA LEU L 48 -10.16 -5.22 57.36
C LEU L 48 -10.62 -5.66 58.76
N THR L 49 -10.52 -4.76 59.71
CA THR L 49 -10.80 -5.08 61.11
C THR L 49 -11.79 -4.06 61.63
N HIS L 50 -12.36 -4.33 62.81
CA HIS L 50 -13.34 -3.44 63.42
C HIS L 50 -12.73 -2.13 63.94
N GLY L 51 -11.40 -2.01 63.98
CA GLY L 51 -10.78 -0.79 64.42
C GLY L 51 -10.43 0.18 63.29
N MET L 52 -10.39 -0.32 62.08
CA MET L 52 -10.12 0.57 60.97
C MET L 52 -11.33 1.43 60.63
N LEU L 53 -12.51 0.88 60.76
CA LEU L 53 -13.71 1.67 60.54
C LEU L 53 -14.02 2.55 61.73
N LYS L 54 -13.14 2.57 62.72
CA LYS L 54 -13.34 3.44 63.86
C LYS L 54 -12.36 4.61 63.90
N GLU L 55 -11.08 4.40 63.59
CA GLU L 55 -10.22 5.58 63.62
C GLU L 55 -9.17 5.56 62.49
N GLY L 56 -9.55 5.07 61.32
CA GLY L 56 -9.11 5.65 60.06
C GLY L 56 -8.21 4.74 59.23
N ILE L 57 -8.07 5.17 57.97
CA ILE L 57 -7.24 4.54 56.94
C ILE L 57 -6.08 5.48 56.64
N PRO L 58 -4.82 5.05 56.75
CA PRO L 58 -3.71 5.94 56.40
C PRO L 58 -3.60 6.16 54.88
N PHE L 59 -3.14 7.36 54.50
CA PHE L 59 -2.88 7.67 53.09
C PHE L 59 -2.01 8.92 52.98
N ASP L 60 -1.55 9.16 51.75
CA ASP L 60 -0.62 10.25 51.41
C ASP L 60 -1.40 11.44 50.86
N ALA L 61 -1.60 12.47 51.67
CA ALA L 61 -2.43 13.57 51.20
C ALA L 61 -1.67 14.66 50.43
N SER L 62 -0.34 14.54 50.28
CA SER L 62 0.43 15.50 49.49
C SER L 62 0.35 15.25 47.96
N CYS L 63 -0.47 14.30 47.52
CA CYS L 63 -0.65 13.99 46.10
C CYS L 63 -1.82 14.73 45.48
N PHE L 64 -2.36 15.73 46.14
CA PHE L 64 -3.62 16.33 45.72
C PHE L 64 -3.45 17.83 45.82
N LYS L 65 -3.40 18.52 44.67
CA LYS L 65 -3.19 19.96 44.73
C LYS L 65 -4.23 20.55 45.67
N GLY L 66 -3.77 21.19 46.73
CA GLY L 66 -4.68 21.83 47.64
C GLY L 66 -4.37 21.42 49.05
N TRP L 67 -4.03 20.16 49.21
CA TRP L 67 -3.99 19.60 50.55
C TRP L 67 -2.62 19.79 51.20
N GLN L 68 -1.90 18.70 51.47
CA GLN L 68 -0.73 18.75 52.34
C GLN L 68 0.53 19.02 51.55
N GLY L 69 1.50 19.63 52.26
CA GLY L 69 2.88 19.62 51.80
C GLY L 69 3.58 18.33 52.18
N ILE L 70 4.61 17.99 51.40
CA ILE L 70 5.28 16.69 51.45
C ILE L 70 5.75 16.37 52.86
N GLU L 71 5.94 17.42 53.67
CA GLU L 71 6.56 17.22 54.98
C GLU L 71 5.52 17.00 56.08
N HIS L 72 4.27 17.44 55.89
CA HIS L 72 3.19 16.98 56.76
C HIS L 72 2.21 16.20 55.92
N SER L 73 2.68 15.11 55.32
CA SER L 73 1.99 14.46 54.21
C SER L 73 0.95 13.45 54.68
N ASP L 74 1.26 12.70 55.72
CA ASP L 74 0.35 11.69 56.24
C ASP L 74 -0.96 12.32 56.69
N MET L 75 -2.07 11.77 56.22
CA MET L 75 -3.40 12.10 56.73
C MET L 75 -4.18 10.80 56.99
N ILE L 76 -5.44 10.93 57.37
CA ILE L 76 -6.28 9.78 57.66
C ILE L 76 -7.64 9.92 56.97
N LEU L 77 -8.07 8.86 56.28
CA LEU L 77 -9.44 8.76 55.78
C LEU L 77 -10.34 8.15 56.85
N THR L 78 -11.49 8.79 57.09
CA THR L 78 -12.47 8.27 58.04
C THR L 78 -13.65 7.70 57.27
N PRO L 79 -13.92 6.40 57.39
CA PRO L 79 -15.05 5.80 56.67
C PRO L 79 -16.38 6.22 57.29
N ASP L 80 -17.32 6.60 56.42
CA ASP L 80 -18.70 6.92 56.78
C ASP L 80 -19.60 5.84 56.17
N LEU L 81 -20.18 5.00 57.03
CA LEU L 81 -20.87 3.80 56.55
C LEU L 81 -22.33 4.13 56.22
N VAL L 82 -22.48 4.90 55.15
CA VAL L 82 -23.78 5.21 54.55
C VAL L 82 -23.62 5.10 53.03
N ARG L 83 -24.69 4.70 52.36
CA ARG L 83 -24.78 4.66 50.91
C ARG L 83 -23.72 3.81 50.25
N TYR L 84 -23.08 2.89 50.97
CA TYR L 84 -22.12 2.02 50.32
C TYR L 84 -22.82 1.01 49.40
N PHE L 85 -22.06 0.52 48.43
CA PHE L 85 -22.66 -0.26 47.37
C PHE L 85 -21.60 -1.22 46.85
N ILE L 86 -22.09 -2.26 46.17
CA ILE L 86 -21.26 -3.27 45.52
C ILE L 86 -20.94 -2.77 44.11
N ASP L 87 -19.66 -2.75 43.77
CA ASP L 87 -19.30 -2.05 42.54
C ASP L 87 -19.76 -2.87 41.34
N PRO L 88 -20.56 -2.31 40.44
CA PRO L 88 -21.06 -3.07 39.28
C PRO L 88 -20.00 -3.54 38.32
N PHE L 89 -18.84 -2.93 38.29
CA PHE L 89 -17.90 -3.16 37.20
C PHE L 89 -16.69 -3.98 37.59
N SER L 90 -16.17 -3.84 38.81
CA SER L 90 -15.04 -4.64 39.28
C SER L 90 -15.31 -6.13 39.10
N ALA L 91 -14.28 -6.83 38.63
CA ALA L 91 -14.34 -8.26 38.40
C ALA L 91 -14.19 -9.11 39.67
N ASP L 92 -13.92 -8.49 40.83
CA ASP L 92 -13.87 -9.19 42.11
C ASP L 92 -14.71 -8.42 43.13
N VAL L 93 -15.53 -9.14 43.90
CA VAL L 93 -16.60 -8.45 44.63
C VAL L 93 -15.97 -7.40 45.50
N SER L 94 -16.35 -6.16 45.30
CA SER L 94 -15.80 -5.09 46.11
C SER L 94 -16.93 -4.20 46.61
N VAL L 95 -16.73 -3.60 47.77
CA VAL L 95 -17.68 -2.66 48.34
C VAL L 95 -16.99 -1.29 48.38
N VAL L 96 -17.52 -0.39 47.56
CA VAL L 96 -17.19 1.02 47.64
C VAL L 96 -17.74 1.57 48.95
N VAL L 97 -16.92 2.36 49.66
CA VAL L 97 -17.24 2.99 50.95
C VAL L 97 -16.76 4.45 50.91
N PHE L 98 -17.69 5.41 51.12
CA PHE L 98 -17.37 6.84 51.13
C PHE L 98 -16.54 7.26 52.33
N CYS L 99 -15.60 8.16 52.11
CA CYS L 99 -14.66 8.52 53.15
C CYS L 99 -14.48 10.03 53.25
N ASP L 100 -14.33 10.51 54.49
CA ASP L 100 -13.83 11.85 54.79
C ASP L 100 -12.35 11.79 55.11
N VAL L 101 -11.65 12.90 54.87
CA VAL L 101 -10.26 13.06 55.27
C VAL L 101 -10.23 13.61 56.68
N TYR L 102 -9.36 13.05 57.54
CA TYR L 102 -9.15 13.53 58.90
C TYR L 102 -7.78 14.20 59.03
N ASP L 103 -7.73 15.31 59.75
CA ASP L 103 -6.52 16.10 59.86
C ASP L 103 -5.78 15.71 61.11
N VAL L 104 -4.66 15.02 60.97
CA VAL L 104 -4.00 14.39 62.10
C VAL L 104 -2.96 15.31 62.70
N TYR L 105 -3.07 16.60 62.41
CA TYR L 105 -2.21 17.63 63.01
C TYR L 105 -3.03 18.60 63.84
N LYS L 106 -3.99 19.29 63.24
CA LYS L 106 -5.03 19.99 63.98
C LYS L 106 -6.01 19.05 64.68
N ASN L 107 -5.98 17.75 64.40
CA ASN L 107 -6.80 16.76 65.09
C ASN L 107 -8.30 17.06 64.97
N GLN L 108 -8.83 17.03 63.74
CA GLN L 108 -10.20 17.46 63.45
C GLN L 108 -10.53 17.10 62.01
N PRO L 109 -11.81 17.08 61.65
CA PRO L 109 -12.16 16.88 60.23
C PRO L 109 -11.48 17.94 59.38
N TYR L 110 -10.86 17.48 58.30
CA TYR L 110 -10.01 18.31 57.44
C TYR L 110 -10.75 19.54 56.87
N GLU L 111 -10.32 20.73 57.27
CA GLU L 111 -10.98 21.98 56.86
C GLU L 111 -10.93 22.21 55.35
N LYS L 112 -10.16 21.40 54.61
CA LYS L 112 -10.14 21.40 53.16
C LYS L 112 -10.76 20.13 52.56
N CYS L 113 -11.58 19.38 53.31
CA CYS L 113 -12.16 18.17 52.75
C CYS L 113 -13.56 18.44 52.28
N PRO L 114 -13.84 18.46 50.96
CA PRO L 114 -15.12 19.02 50.49
C PRO L 114 -16.36 18.28 51.00
N ARG L 115 -16.24 16.98 51.33
CA ARG L 115 -17.35 16.31 51.99
C ARG L 115 -17.51 16.80 53.40
N SER L 116 -16.40 17.19 54.03
CA SER L 116 -16.51 17.75 55.37
C SER L 116 -17.20 19.12 55.31
N ILE L 117 -16.84 19.95 54.34
CA ILE L 117 -17.42 21.30 54.21
C ILE L 117 -18.94 21.24 54.05
N ALA L 118 -19.42 20.42 53.11
CA ALA L 118 -20.86 20.18 52.96
C ALA L 118 -21.50 19.63 54.25
N LYS L 119 -20.79 18.77 54.98
CA LYS L 119 -21.34 18.35 56.26
C LYS L 119 -21.45 19.54 57.20
N LYS L 120 -20.45 20.42 57.19
CA LYS L 120 -20.47 21.61 58.04
C LYS L 120 -21.58 22.54 57.58
N ALA L 121 -21.68 22.73 56.27
CA ALA L 121 -22.80 23.47 55.71
C ALA L 121 -24.12 22.91 56.21
N LEU L 122 -24.41 21.65 55.91
CA LEU L 122 -25.72 21.17 56.29
C LEU L 122 -25.91 21.30 57.79
N GLN L 123 -24.85 21.10 58.56
CA GLN L 123 -24.97 21.26 60.00
C GLN L 123 -25.19 22.72 60.38
N HIS L 124 -24.53 23.65 59.68
CA HIS L 124 -24.76 25.07 59.94
C HIS L 124 -26.24 25.44 59.82
N LEU L 125 -26.92 24.85 58.83
CA LEU L 125 -28.36 25.08 58.64
C LEU L 125 -29.16 24.58 59.85
N LYS L 126 -28.83 23.39 60.37
CA LYS L 126 -29.52 22.86 61.55
C LYS L 126 -29.23 23.71 62.78
N ASP L 127 -27.96 24.01 63.06
CA ASP L 127 -27.64 24.87 64.20
C ASP L 127 -28.43 26.18 64.18
N SER L 128 -28.41 26.90 63.05
CA SER L 128 -29.08 28.19 62.97
C SER L 128 -30.59 28.10 63.12
N GLY L 129 -31.17 26.90 62.99
CA GLY L 129 -32.59 26.71 63.08
C GLY L 129 -33.42 27.24 61.92
N LEU L 130 -32.81 27.76 60.86
CA LEU L 130 -33.65 28.15 59.75
C LEU L 130 -34.37 26.95 59.16
N GLY L 131 -33.74 25.79 59.17
CA GLY L 131 -34.43 24.56 58.88
C GLY L 131 -33.72 23.37 59.49
N ASP L 132 -34.15 22.20 59.07
CA ASP L 132 -33.47 20.96 59.41
C ASP L 132 -32.73 20.37 58.24
N VAL L 133 -33.17 20.66 57.02
CA VAL L 133 -32.66 19.92 55.88
C VAL L 133 -32.81 20.80 54.64
N ALA L 134 -31.78 20.74 53.80
CA ALA L 134 -31.78 21.30 52.46
C ALA L 134 -31.76 20.13 51.49
N TYR L 135 -32.80 19.99 50.69
CA TYR L 135 -32.79 18.96 49.66
C TYR L 135 -32.20 19.53 48.39
N PHE L 136 -31.46 18.71 47.65
CA PHE L 136 -30.87 19.13 46.40
C PHE L 136 -31.22 18.09 45.33
N GLY L 137 -31.73 18.56 44.20
CA GLY L 137 -31.87 17.75 43.01
C GLY L 137 -30.83 18.24 42.01
N ALA L 138 -30.11 17.30 41.41
CA ALA L 138 -29.06 17.62 40.45
C ALA L 138 -29.24 16.80 39.17
N GLU L 139 -29.62 17.48 38.08
CA GLU L 139 -29.67 16.89 36.74
C GLU L 139 -28.28 17.02 36.12
N ASN L 140 -27.59 15.90 35.94
CA ASN L 140 -26.25 15.88 35.35
C ASN L 140 -26.37 15.38 33.92
N GLU L 141 -26.35 16.31 32.98
CA GLU L 141 -26.29 15.97 31.57
C GLU L 141 -24.90 15.52 31.21
N PHE L 142 -24.83 14.61 30.23
CA PHE L 142 -23.55 14.07 29.77
C PHE L 142 -23.57 13.85 28.27
N PHE L 143 -22.38 13.82 27.70
CA PHE L 143 -22.19 13.35 26.34
C PHE L 143 -21.63 11.94 26.37
N ILE L 144 -21.79 11.23 25.26
CA ILE L 144 -21.14 9.95 25.05
C ILE L 144 -20.50 9.99 23.68
N PHE L 145 -19.19 9.88 23.66
CA PHE L 145 -18.44 9.96 22.42
C PHE L 145 -17.83 8.60 22.06
N ASP L 146 -17.40 8.50 20.81
CA ASP L 146 -16.70 7.32 20.36
C ASP L 146 -15.19 7.44 20.54
N SER L 147 -14.66 8.66 20.52
CA SER L 147 -13.22 8.86 20.59
C SER L 147 -12.95 10.27 21.08
N ILE L 148 -11.75 10.47 21.63
CA ILE L 148 -11.30 11.79 22.08
C ILE L 148 -9.78 11.89 21.90
N LYS L 149 -9.35 12.68 20.90
CA LYS L 149 -7.93 12.95 20.62
C LYS L 149 -7.53 14.30 21.19
N ILE L 150 -6.35 14.36 21.81
CA ILE L 150 -5.83 15.59 22.40
C ILE L 150 -4.34 15.71 22.13
N LYS L 151 -3.88 16.93 21.87
CA LYS L 151 -2.46 17.24 21.72
C LYS L 151 -2.14 18.54 22.46
N ASP L 152 -1.05 18.55 23.21
CA ASP L 152 -0.63 19.78 23.91
C ASP L 152 0.90 19.85 23.88
N ALA L 153 1.43 20.28 22.75
CA ALA L 153 2.87 20.45 22.59
C ALA L 153 3.15 21.92 22.32
N SER L 154 4.43 22.23 22.09
CA SER L 154 4.81 23.62 21.89
C SER L 154 4.37 24.14 20.51
N ASN L 155 4.38 23.28 19.49
CA ASN L 155 4.07 23.73 18.15
C ASN L 155 2.65 23.40 17.73
N SER L 156 1.82 22.92 18.64
CA SER L 156 0.49 22.45 18.26
C SER L 156 -0.43 22.31 19.47
N GLN L 157 -1.70 22.63 19.26
CA GLN L 157 -2.77 22.40 20.22
C GLN L 157 -3.95 21.83 19.44
N TYR L 158 -4.61 20.79 19.98
CA TYR L 158 -5.51 19.99 19.16
C TYR L 158 -6.42 19.14 20.03
N TYR L 159 -7.71 19.19 19.75
CA TYR L 159 -8.63 18.17 20.27
C TYR L 159 -9.66 17.81 19.21
N GLU L 160 -10.20 16.61 19.32
CA GLU L 160 -11.30 16.21 18.46
C GLU L 160 -12.15 15.17 19.19
N VAL L 161 -13.45 15.41 19.29
CA VAL L 161 -14.34 14.36 19.75
C VAL L 161 -14.87 13.64 18.53
N ASP L 162 -15.32 12.39 18.70
CA ASP L 162 -16.09 11.73 17.65
C ASP L 162 -17.26 10.93 18.23
N SER L 163 -18.44 11.14 17.63
CA SER L 163 -19.63 10.32 17.81
C SER L 163 -20.31 10.20 16.45
N GLU L 164 -20.61 8.95 16.04
CA GLU L 164 -21.31 8.70 14.78
C GLU L 164 -22.62 9.47 14.66
N GLU L 165 -23.20 9.91 15.77
CA GLU L 165 -24.36 10.79 15.61
C GLU L 165 -23.99 12.15 15.05
N GLY L 166 -22.71 12.44 14.90
CA GLY L 166 -22.26 13.80 14.65
C GLY L 166 -22.44 14.23 13.20
N GLU L 167 -22.93 15.47 13.03
CA GLU L 167 -22.97 16.18 11.76
C GLU L 167 -21.73 15.97 10.89
N TRP L 168 -20.55 16.02 11.51
CA TRP L 168 -19.32 15.91 10.73
C TRP L 168 -19.11 14.53 10.11
N ASN L 169 -19.97 13.56 10.43
CA ASN L 169 -19.82 12.23 9.87
C ASN L 169 -20.84 11.89 8.78
N ARG L 170 -21.66 12.84 8.32
CA ARG L 170 -22.69 12.55 7.32
C ARG L 170 -22.13 11.90 6.04
N ASP L 171 -20.95 12.31 5.58
CA ASP L 171 -20.36 11.80 4.37
C ASP L 171 -19.34 10.68 4.61
N ARG L 172 -19.06 10.36 5.88
CA ARG L 172 -18.03 9.42 6.31
C ARG L 172 -18.34 7.99 5.87
N SER L 173 -17.29 7.17 5.75
CA SER L 173 -17.40 5.73 5.56
C SER L 173 -16.99 5.02 6.83
N PHE L 174 -17.72 3.95 7.15
CA PHE L 174 -17.42 3.21 8.38
C PHE L 174 -17.03 1.77 8.04
N GLU L 175 -17.96 0.83 8.32
CA GLU L 175 -17.60 -0.59 8.42
C GLU L 175 -17.28 -1.20 7.06
N ASN L 176 -18.06 -0.88 6.04
CA ASN L 176 -17.93 -1.44 4.70
C ASN L 176 -18.00 -0.36 3.66
N GLY L 177 -17.41 0.79 3.96
CA GLY L 177 -17.80 2.00 3.25
C GLY L 177 -19.22 2.43 3.50
N VAL L 178 -19.93 1.74 4.40
CA VAL L 178 -21.35 1.98 4.64
C VAL L 178 -21.52 3.09 5.65
N ASN L 179 -22.56 3.92 5.45
CA ASN L 179 -22.93 5.00 6.37
C ASN L 179 -24.44 5.01 6.53
N PHE L 180 -24.92 4.90 7.78
CA PHE L 180 -26.30 4.50 8.05
C PHE L 180 -27.32 5.62 7.95
N GLY L 181 -26.90 6.87 7.88
CA GLY L 181 -27.87 7.93 7.91
C GLY L 181 -28.48 8.05 9.30
N HIS L 182 -29.63 8.72 9.32
CA HIS L 182 -30.38 8.95 10.56
C HIS L 182 -29.49 9.53 11.65
N ARG L 183 -29.21 10.82 11.52
CA ARG L 183 -28.54 11.58 12.56
C ARG L 183 -29.45 12.72 13.01
N PRO L 184 -29.40 13.11 14.28
CA PRO L 184 -30.01 14.38 14.67
C PRO L 184 -29.16 15.53 14.18
N GLY L 185 -29.78 16.66 13.94
CA GLY L 185 -29.00 17.80 13.52
C GLY L 185 -28.10 18.29 14.64
N LYS L 186 -27.28 19.28 14.31
CA LYS L 186 -26.81 20.17 15.36
C LYS L 186 -28.02 20.69 16.13
N GLN L 187 -28.05 20.43 17.43
CA GLN L 187 -29.15 20.78 18.35
C GLN L 187 -30.46 20.02 18.07
N GLY L 188 -30.42 18.86 17.40
CA GLY L 188 -31.62 18.09 17.09
C GLY L 188 -31.78 16.75 17.78
N GLY L 189 -30.96 16.43 18.78
CA GLY L 189 -31.13 15.17 19.48
C GLY L 189 -32.32 15.08 20.45
N TYR L 190 -33.13 16.13 20.57
CA TYR L 190 -34.19 16.21 21.61
C TYR L 190 -35.65 16.20 21.11
N MET L 191 -36.39 15.09 21.25
CA MET L 191 -35.85 13.77 21.60
C MET L 191 -36.39 12.68 20.64
N PRO L 192 -35.89 12.68 19.40
CA PRO L 192 -36.45 11.78 18.40
C PRO L 192 -36.27 10.34 18.82
N VAL L 193 -37.04 9.45 18.19
CA VAL L 193 -37.03 8.03 18.51
C VAL L 193 -35.88 7.38 17.74
N PRO L 194 -35.63 6.08 17.92
CA PRO L 194 -34.61 5.44 17.09
C PRO L 194 -35.06 5.16 15.67
N PRO L 195 -34.10 5.08 14.72
CA PRO L 195 -32.67 4.98 14.90
C PRO L 195 -31.89 6.30 14.98
N THR L 196 -32.57 7.45 14.82
CA THR L 196 -31.92 8.76 15.05
C THR L 196 -31.33 8.85 16.46
N ASP L 197 -32.00 8.21 17.43
CA ASP L 197 -31.55 8.13 18.83
C ASP L 197 -30.82 6.82 19.00
N THR L 198 -29.48 6.86 18.93
CA THR L 198 -28.64 5.68 18.95
C THR L 198 -28.23 5.24 20.37
N MET L 199 -28.89 5.73 21.42
CA MET L 199 -28.43 5.42 22.78
C MET L 199 -29.56 5.01 23.72
N MET L 200 -30.72 4.60 23.20
CA MET L 200 -31.78 4.18 24.10
C MET L 200 -31.33 3.07 25.05
N ASP L 201 -30.45 2.18 24.58
CA ASP L 201 -30.08 0.98 25.31
C ASP L 201 -29.03 1.28 26.37
N ILE L 202 -27.89 1.80 25.94
CA ILE L 202 -26.87 2.18 26.88
C ILE L 202 -27.45 3.06 27.97
N ARG L 203 -28.50 3.81 27.64
CA ARG L 203 -29.15 4.67 28.63
C ARG L 203 -30.02 3.87 29.59
N THR L 204 -30.73 2.86 29.10
CA THR L 204 -31.45 2.04 30.09
C THR L 204 -30.48 1.18 30.88
N GLU L 205 -29.36 0.79 30.29
CA GLU L 205 -28.27 0.17 31.06
C GLU L 205 -27.89 1.07 32.23
N ILE L 206 -27.62 2.35 31.94
CA ILE L 206 -27.13 3.27 32.97
C ILE L 206 -28.09 3.30 34.15
N VAL L 207 -29.37 3.50 33.86
CA VAL L 207 -30.38 3.60 34.91
C VAL L 207 -30.41 2.35 35.78
N LYS L 208 -30.42 1.17 35.15
CA LYS L 208 -30.52 -0.04 35.94
C LYS L 208 -29.34 -0.19 36.88
N VAL L 209 -28.16 0.26 36.46
CA VAL L 209 -26.99 0.16 37.33
C VAL L 209 -27.00 1.26 38.37
N LEU L 210 -27.45 2.46 38.00
CA LEU L 210 -27.78 3.47 38.99
C LEU L 210 -28.73 2.90 40.02
N ASN L 211 -29.66 2.05 39.58
CA ASN L 211 -30.56 1.40 40.52
C ASN L 211 -29.81 0.48 41.47
N GLN L 212 -28.81 -0.26 40.98
CA GLN L 212 -28.11 -1.21 41.82
C GLN L 212 -27.28 -0.50 42.89
N VAL L 213 -26.76 0.68 42.56
CA VAL L 213 -25.85 1.41 43.43
C VAL L 213 -26.59 2.38 44.35
N GLY L 214 -27.91 2.29 44.40
CA GLY L 214 -28.69 2.98 45.42
C GLY L 214 -29.38 4.27 45.02
N LEU L 215 -29.37 4.62 43.74
CA LEU L 215 -30.00 5.85 43.34
C LEU L 215 -31.37 5.51 42.82
N GLU L 216 -32.35 6.36 43.09
CA GLU L 216 -33.67 6.20 42.48
C GLU L 216 -33.77 7.12 41.27
N THR L 217 -34.26 6.56 40.16
CA THR L 217 -34.34 7.24 38.88
C THR L 217 -35.80 7.58 38.56
N PHE L 218 -36.01 8.62 37.75
CA PHE L 218 -37.27 8.70 37.00
C PHE L 218 -37.05 8.92 35.51
N VAL L 219 -36.76 10.15 35.05
CA VAL L 219 -36.60 10.37 33.62
C VAL L 219 -35.31 9.73 33.15
N VAL L 220 -35.32 9.28 31.89
CA VAL L 220 -34.14 9.15 31.06
C VAL L 220 -34.55 9.65 29.70
N HIS L 221 -33.70 10.41 29.05
CA HIS L 221 -34.07 10.85 27.72
C HIS L 221 -32.81 11.28 27.01
N HIS L 222 -32.92 11.46 25.69
CA HIS L 222 -31.88 12.13 24.92
C HIS L 222 -31.99 13.64 25.14
N GLU L 223 -30.86 14.33 24.99
CA GLU L 223 -30.79 15.78 25.15
C GLU L 223 -30.52 16.44 23.81
N VAL L 224 -30.62 17.77 23.81
CA VAL L 224 -30.55 18.58 22.58
C VAL L 224 -29.31 18.25 21.76
N ALA L 225 -28.13 18.35 22.37
CA ALA L 225 -26.90 18.18 21.66
C ALA L 225 -26.76 16.75 21.12
N GLN L 226 -25.81 16.58 20.20
CA GLN L 226 -25.85 15.42 19.32
C GLN L 226 -25.77 14.11 20.12
N ALA L 227 -24.70 13.93 20.90
CA ALA L 227 -24.64 12.69 21.65
C ALA L 227 -24.86 12.86 23.15
N GLN L 228 -25.90 13.61 23.53
CA GLN L 228 -26.08 14.04 24.91
C GLN L 228 -27.26 13.32 25.59
N GLY L 229 -27.16 13.13 26.91
CA GLY L 229 -28.21 12.45 27.64
C GLY L 229 -28.38 13.01 29.05
N GLU L 230 -29.41 12.51 29.74
CA GLU L 230 -29.75 13.00 31.08
C GLU L 230 -30.52 11.90 31.83
N VAL L 231 -30.18 11.72 33.10
CA VAL L 231 -30.96 10.85 33.97
C VAL L 231 -31.43 11.73 35.13
N GLY L 232 -32.70 11.54 35.50
CA GLY L 232 -33.31 12.28 36.57
C GLY L 232 -33.27 11.37 37.78
N VAL L 233 -32.55 11.81 38.78
CA VAL L 233 -32.40 11.07 40.02
C VAL L 233 -33.01 11.90 41.14
N LYS L 234 -33.75 11.23 42.03
CA LYS L 234 -34.45 11.88 43.14
C LYS L 234 -33.53 12.75 43.98
N PHE L 235 -34.09 13.78 44.61
CA PHE L 235 -33.31 14.69 45.44
C PHE L 235 -32.92 14.04 46.76
N GLY L 236 -31.69 14.31 47.18
CA GLY L 236 -31.22 13.96 48.51
C GLY L 236 -30.97 15.19 49.36
N ASP L 237 -30.59 14.95 50.61
CA ASP L 237 -30.12 16.04 51.44
C ASP L 237 -28.76 16.51 50.91
N LEU L 238 -28.19 17.57 51.52
CA LEU L 238 -27.10 18.28 50.84
C LEU L 238 -25.90 17.38 50.57
N VAL L 239 -25.53 16.53 51.55
CA VAL L 239 -24.40 15.63 51.38
C VAL L 239 -24.82 14.40 50.60
N GLU L 240 -26.02 13.87 50.85
CA GLU L 240 -26.45 12.68 50.11
C GLU L 240 -26.51 12.94 48.60
N ALA L 241 -27.02 14.11 48.19
CA ALA L 241 -27.08 14.41 46.77
C ALA L 241 -25.68 14.52 46.18
N ALA L 242 -24.79 15.20 46.89
CA ALA L 242 -23.43 15.38 46.38
C ALA L 242 -22.71 14.03 46.32
N ASP L 243 -23.09 13.08 47.16
CA ASP L 243 -22.57 11.72 47.01
C ASP L 243 -23.15 11.05 45.78
N ASN L 244 -24.46 11.19 45.56
CA ASN L 244 -25.07 10.53 44.43
C ASN L 244 -24.64 11.14 43.12
N VAL L 245 -24.13 12.37 43.11
CA VAL L 245 -23.57 12.92 41.89
C VAL L 245 -22.32 12.14 41.50
N GLN L 246 -21.39 11.99 42.45
CA GLN L 246 -20.22 11.14 42.21
C GLN L 246 -20.64 9.74 41.81
N LYS L 247 -21.66 9.17 42.48
CA LYS L 247 -22.15 7.85 42.09
C LYS L 247 -22.63 7.82 40.63
N LEU L 248 -23.50 8.77 40.27
CA LEU L 248 -23.90 8.94 38.90
C LEU L 248 -22.71 9.03 37.94
N LYS L 249 -21.79 9.98 38.17
CA LYS L 249 -20.66 10.17 37.25
C LYS L 249 -19.82 8.90 37.09
N TYR L 250 -19.60 8.15 38.15
CA TYR L 250 -18.84 6.91 38.04
C TYR L 250 -19.52 5.94 37.07
N VAL L 251 -20.80 5.66 37.30
CA VAL L 251 -21.56 4.72 36.48
C VAL L 251 -21.57 5.16 35.01
N VAL L 252 -22.02 6.39 34.76
CA VAL L 252 -22.10 6.85 33.38
C VAL L 252 -20.74 6.75 32.70
N LYS L 253 -19.67 6.97 33.43
CA LYS L 253 -18.38 6.81 32.76
C LYS L 253 -17.99 5.33 32.60
N MET L 254 -18.46 4.45 33.47
CA MET L 254 -18.05 3.06 33.37
C MET L 254 -18.93 2.25 32.41
N VAL L 255 -20.24 2.54 32.36
CA VAL L 255 -21.07 1.81 31.41
C VAL L 255 -20.78 2.30 30.01
N ALA L 256 -20.31 3.53 29.85
CA ALA L 256 -19.82 3.97 28.55
C ALA L 256 -18.55 3.23 28.14
N HIS L 257 -17.60 3.06 29.08
CA HIS L 257 -16.34 2.38 28.77
C HIS L 257 -16.58 0.92 28.37
N LEU L 258 -17.41 0.18 29.13
CA LEU L 258 -17.56 -1.24 28.77
C LEU L 258 -18.37 -1.44 27.49
N ASN L 259 -19.13 -0.43 27.04
CA ASN L 259 -19.69 -0.40 25.69
C ASN L 259 -18.74 0.23 24.68
N GLY L 260 -17.42 0.13 24.89
CA GLY L 260 -16.42 0.67 23.97
C GLY L 260 -16.58 2.13 23.59
N LYS L 261 -17.00 2.97 24.55
CA LYS L 261 -17.31 4.36 24.30
C LYS L 261 -16.73 5.18 25.45
N THR L 262 -16.82 6.50 25.36
CA THR L 262 -16.19 7.36 26.35
C THR L 262 -17.10 8.55 26.63
N ALA L 263 -17.22 8.92 27.90
CA ALA L 263 -18.24 9.85 28.37
C ALA L 263 -17.60 11.08 29.02
N THR L 264 -18.21 12.23 28.84
CA THR L 264 -17.71 13.43 29.50
C THR L 264 -18.85 14.21 30.12
N PHE L 265 -18.60 14.69 31.34
CA PHE L 265 -19.50 15.65 31.98
C PHE L 265 -18.98 17.09 31.86
N MET L 266 -17.97 17.36 31.03
CA MET L 266 -17.52 18.73 30.83
C MET L 266 -18.60 19.57 30.14
N PRO L 267 -18.63 20.88 30.39
CA PRO L 267 -19.79 21.66 29.98
C PRO L 267 -19.91 21.88 28.49
N LYS L 268 -18.82 21.97 27.75
CA LYS L 268 -18.89 22.44 26.36
C LYS L 268 -17.87 21.75 25.48
N PRO L 269 -18.08 20.46 25.15
CA PRO L 269 -17.13 19.79 24.27
C PRO L 269 -17.29 20.17 22.82
N LEU L 270 -18.43 20.75 22.47
CA LEU L 270 -18.77 21.08 21.09
C LEU L 270 -19.05 22.57 21.01
N TYR L 271 -18.45 23.23 20.03
CA TYR L 271 -18.79 24.59 19.71
C TYR L 271 -20.00 24.59 18.78
N GLY L 272 -20.95 25.47 19.06
CA GLY L 272 -22.14 25.48 18.27
C GLY L 272 -23.20 24.46 18.65
N ASP L 273 -22.98 23.61 19.66
CA ASP L 273 -24.08 22.76 20.12
C ASP L 273 -24.29 22.96 21.61
N ASN L 274 -25.41 22.43 22.07
CA ASN L 274 -25.86 22.60 23.45
C ASN L 274 -24.84 22.07 24.44
N GLY L 275 -24.72 22.75 25.59
CA GLY L 275 -23.77 22.35 26.62
C GLY L 275 -24.35 21.39 27.66
N SER L 276 -23.45 20.91 28.53
CA SER L 276 -23.78 19.94 29.59
C SER L 276 -23.78 20.64 30.95
N GLY L 277 -24.95 20.69 31.59
CA GLY L 277 -25.11 21.37 32.86
C GLY L 277 -25.29 20.45 34.06
N MET L 278 -25.29 21.08 35.22
CA MET L 278 -25.75 20.48 36.47
C MET L 278 -26.86 21.37 37.02
N HIS L 279 -28.05 21.32 36.39
CA HIS L 279 -29.19 22.07 36.92
C HIS L 279 -29.49 21.61 38.33
N THR L 280 -29.24 22.46 39.33
CA THR L 280 -29.49 22.07 40.72
C THR L 280 -30.84 22.60 41.16
N HIS L 281 -31.69 21.70 41.64
CA HIS L 281 -32.99 22.01 42.22
C HIS L 281 -32.91 21.98 43.74
N VAL L 282 -33.33 23.07 44.41
CA VAL L 282 -33.09 23.28 45.83
C VAL L 282 -34.40 23.54 46.58
N SER L 283 -34.57 22.91 47.74
CA SER L 283 -35.63 23.25 48.69
C SER L 283 -35.18 22.99 50.13
N VAL L 284 -35.57 23.87 51.04
CA VAL L 284 -35.17 23.77 52.43
C VAL L 284 -36.43 23.50 53.23
N TRP L 285 -36.34 22.57 54.19
CA TRP L 285 -37.50 22.08 54.93
C TRP L 285 -37.26 22.09 56.44
N LYS L 286 -38.31 22.36 57.22
CA LYS L 286 -38.21 22.31 58.68
C LYS L 286 -39.48 21.71 59.27
N ASN L 287 -39.31 20.72 60.14
CA ASN L 287 -40.41 19.99 60.75
C ASN L 287 -41.40 19.49 59.69
N ASN L 288 -40.88 19.03 58.55
CA ASN L 288 -41.62 18.31 57.51
C ASN L 288 -42.52 19.19 56.67
N GLU L 289 -42.36 20.50 56.73
CA GLU L 289 -42.95 21.42 55.78
C GLU L 289 -41.83 21.98 54.89
N ASN L 290 -42.00 21.82 53.57
CA ASN L 290 -41.19 22.59 52.64
C ASN L 290 -41.32 24.09 52.95
N LEU L 291 -40.24 24.72 53.44
CA LEU L 291 -40.30 26.15 53.72
C LEU L 291 -40.37 26.99 52.44
N PHE L 292 -40.00 26.43 51.28
CA PHE L 292 -40.10 27.17 50.02
C PHE L 292 -41.54 27.36 49.58
N SER L 293 -42.46 26.51 50.05
CA SER L 293 -43.86 26.61 49.72
C SER L 293 -44.48 27.84 50.37
N GLY L 294 -45.31 28.54 49.61
CA GLY L 294 -45.91 29.76 50.12
C GLY L 294 -46.90 30.31 49.13
N GLU L 295 -47.25 31.58 49.35
CA GLU L 295 -48.26 32.31 48.58
C GLU L 295 -47.72 33.60 48.00
N THR L 296 -46.41 33.82 48.10
CA THR L 296 -45.84 35.10 47.66
C THR L 296 -45.77 35.19 46.15
N TYR L 297 -45.05 34.27 45.51
CA TYR L 297 -44.78 34.39 44.07
C TYR L 297 -44.80 32.99 43.46
N LYS L 298 -45.84 32.71 42.69
CA LYS L 298 -46.02 31.45 42.00
C LYS L 298 -45.76 30.28 42.92
N GLY L 299 -46.56 30.23 43.97
CA GLY L 299 -46.51 29.09 44.88
C GLY L 299 -45.22 28.99 45.63
N LEU L 300 -44.55 30.10 45.86
CA LEU L 300 -43.33 30.11 46.66
C LEU L 300 -43.46 31.15 47.75
N SER L 301 -42.68 31.01 48.82
CA SER L 301 -42.82 31.82 50.01
C SER L 301 -41.75 32.91 50.11
N GLU L 302 -41.88 33.74 51.15
CA GLU L 302 -40.89 34.80 51.38
C GLU L 302 -39.56 34.25 51.84
N PHE L 303 -39.60 33.20 52.68
CA PHE L 303 -38.41 32.37 52.84
C PHE L 303 -37.79 32.05 51.49
N ALA L 304 -38.53 31.31 50.65
CA ALA L 304 -37.98 30.88 49.37
C ALA L 304 -37.40 32.04 48.59
N LEU L 305 -38.12 33.16 48.54
CA LEU L 305 -37.67 34.25 47.71
C LEU L 305 -36.38 34.84 48.24
N HIS L 306 -36.23 34.98 49.57
CA HIS L 306 -35.01 35.55 50.12
C HIS L 306 -33.82 34.65 49.84
N PHE L 307 -33.96 33.35 50.14
CA PHE L 307 -32.97 32.38 49.72
C PHE L 307 -32.48 32.76 48.34
N LEU L 308 -33.43 32.91 47.41
CA LEU L 308 -33.08 33.33 46.05
C LEU L 308 -32.28 34.63 46.03
N GLY L 309 -32.67 35.59 46.87
CA GLY L 309 -31.94 36.85 46.94
C GLY L 309 -30.46 36.65 47.22
N GLY L 310 -30.15 35.72 48.14
CA GLY L 310 -28.76 35.47 48.48
C GLY L 310 -27.96 34.83 47.35
N VAL L 311 -28.59 33.89 46.63
CA VAL L 311 -27.88 33.21 45.53
C VAL L 311 -27.52 34.22 44.45
N LEU L 312 -28.53 34.91 43.90
CA LEU L 312 -28.27 35.97 42.93
C LEU L 312 -27.28 36.99 43.47
N ARG L 313 -27.48 37.48 44.70
CA ARG L 313 -26.57 38.50 45.22
C ARG L 313 -25.13 38.04 45.14
N HIS L 314 -24.85 36.83 45.61
CA HIS L 314 -23.51 36.30 45.71
C HIS L 314 -23.15 35.45 44.51
N ALA L 315 -23.84 35.62 43.39
CA ALA L 315 -23.70 34.64 42.32
C ALA L 315 -22.35 34.72 41.65
N ARG L 316 -21.89 35.93 41.32
CA ARG L 316 -20.65 36.02 40.55
C ARG L 316 -19.44 35.50 41.30
N GLY L 317 -19.46 35.58 42.63
CA GLY L 317 -18.51 34.91 43.49
C GLY L 317 -18.80 33.42 43.58
N LEU L 318 -20.06 33.10 43.89
CA LEU L 318 -20.53 31.71 43.90
C LEU L 318 -20.04 30.95 42.68
N ALA L 319 -20.07 31.62 41.53
CA ALA L 319 -19.78 30.98 40.26
C ALA L 319 -18.39 30.37 40.24
N ALA L 320 -17.46 30.89 41.02
CA ALA L 320 -16.13 30.29 41.06
C ALA L 320 -16.19 28.90 41.68
N PHE L 321 -17.27 28.57 42.37
CA PHE L 321 -17.47 27.22 42.86
C PHE L 321 -18.45 26.42 42.02
N THR L 322 -19.45 27.06 41.42
CA THR L 322 -20.48 26.32 40.71
C THR L 322 -20.15 26.13 39.24
N ASN L 323 -19.19 26.91 38.71
CA ASN L 323 -18.69 26.86 37.34
C ASN L 323 -17.16 26.89 37.39
N ALA L 324 -16.57 25.75 37.77
CA ALA L 324 -15.22 25.68 38.34
C ALA L 324 -14.12 25.43 37.31
N SER L 325 -14.26 25.98 36.10
CA SER L 325 -13.34 25.66 35.03
C SER L 325 -13.42 26.72 33.96
N THR L 326 -12.40 26.81 33.14
CA THR L 326 -12.47 27.77 32.05
C THR L 326 -13.50 27.33 31.01
N ASN L 327 -13.64 26.03 30.83
CA ASN L 327 -14.64 25.50 29.91
C ASN L 327 -16.07 25.77 30.39
N SER L 328 -16.24 26.11 31.67
CA SER L 328 -17.58 26.44 32.15
C SER L 328 -18.14 27.69 31.48
N TYR L 329 -17.27 28.60 31.06
CA TYR L 329 -17.69 29.90 30.57
C TYR L 329 -17.95 29.88 29.08
N LYS L 330 -17.27 28.98 28.36
CA LYS L 330 -17.69 28.63 27.00
C LYS L 330 -19.14 28.18 26.96
N ARG L 331 -19.65 27.62 28.05
CA ARG L 331 -21.04 27.18 28.10
C ARG L 331 -22.00 28.33 28.42
N LEU L 332 -21.58 29.26 29.27
CA LEU L 332 -22.42 30.40 29.67
C LEU L 332 -22.42 31.45 28.56
N ILE L 333 -23.00 31.07 27.42
CA ILE L 333 -23.01 31.91 26.22
C ILE L 333 -24.44 31.91 25.67
N PRO L 334 -25.00 33.06 25.33
CA PRO L 334 -26.45 33.11 25.01
C PRO L 334 -26.86 32.11 23.94
N GLY L 335 -27.95 31.41 24.22
CA GLY L 335 -28.68 30.70 23.20
C GLY L 335 -28.52 29.20 23.16
N TYR L 336 -28.18 28.57 24.27
CA TYR L 336 -28.12 27.12 24.32
C TYR L 336 -28.75 26.65 25.60
N GLU L 337 -29.83 27.33 26.00
CA GLU L 337 -30.54 27.06 27.22
C GLU L 337 -29.63 27.13 28.44
N ALA L 338 -28.43 27.81 28.27
CA ALA L 338 -27.53 28.20 29.34
C ALA L 338 -27.77 29.66 29.75
N PRO L 339 -27.83 29.96 31.05
CA PRO L 339 -28.06 31.34 31.50
C PRO L 339 -26.90 32.28 31.17
N SER L 340 -27.23 33.50 30.84
CA SER L 340 -26.22 34.54 30.97
C SER L 340 -26.63 35.65 31.92
N ILE L 341 -27.93 35.95 32.03
CA ILE L 341 -28.40 37.04 32.88
C ILE L 341 -28.76 36.50 34.25
N LEU L 342 -28.31 37.20 35.29
CA LEU L 342 -28.60 36.80 36.67
C LEU L 342 -29.97 37.29 37.14
N THR L 343 -31.02 36.80 36.47
CA THR L 343 -32.40 37.00 36.86
C THR L 343 -33.05 35.64 37.11
N TYR L 344 -34.34 35.66 37.48
CA TYR L 344 -35.13 34.45 37.73
C TYR L 344 -36.46 34.60 37.00
N SER L 345 -37.11 33.47 36.70
CA SER L 345 -38.42 33.52 36.05
C SER L 345 -39.09 32.15 35.99
N ALA L 346 -40.40 32.19 35.73
CA ALA L 346 -41.22 30.99 35.63
C ALA L 346 -41.16 30.43 34.22
N ASN L 347 -40.86 29.14 34.13
CA ASN L 347 -40.91 28.37 32.90
C ASN L 347 -39.93 28.91 31.84
N ASN L 348 -38.94 29.71 32.25
CA ASN L 348 -38.04 30.43 31.36
C ASN L 348 -36.63 29.84 31.44
N ARG L 349 -36.25 29.12 30.40
CA ARG L 349 -34.92 28.53 30.32
C ARG L 349 -33.86 29.55 29.91
N SER L 350 -34.26 30.75 29.55
CA SER L 350 -33.33 31.82 29.28
C SER L 350 -32.72 32.40 30.55
N ALA L 351 -33.27 32.05 31.71
CA ALA L 351 -32.96 32.68 32.98
C ALA L 351 -31.92 31.89 33.76
N SER L 352 -31.38 32.53 34.81
CA SER L 352 -30.58 31.80 35.78
C SER L 352 -31.42 30.78 36.53
N VAL L 353 -32.39 31.25 37.29
CA VAL L 353 -33.21 30.40 38.15
C VAL L 353 -34.56 30.23 37.47
N ARG L 354 -34.97 28.99 37.32
CA ARG L 354 -36.26 28.63 36.73
C ARG L 354 -37.15 28.11 37.85
N ILE L 355 -38.35 28.66 37.95
CA ILE L 355 -39.41 28.12 38.81
C ILE L 355 -40.26 27.17 37.94
N PRO L 356 -40.26 25.86 38.18
CA PRO L 356 -40.98 24.94 37.30
C PRO L 356 -42.49 24.93 37.50
N TYR L 357 -43.17 24.32 36.52
CA TYR L 357 -44.62 24.47 36.39
C TYR L 357 -45.39 23.67 37.45
N GLY L 358 -45.19 22.36 37.47
CA GLY L 358 -45.94 21.54 38.39
C GLY L 358 -45.54 21.80 39.84
N ILE L 359 -45.98 22.93 40.39
CA ILE L 359 -45.50 23.38 41.68
C ILE L 359 -46.55 23.04 42.75
N SER L 360 -46.09 22.41 43.84
CA SER L 360 -46.95 21.98 44.93
C SER L 360 -46.18 22.04 46.26
N LYS L 361 -46.94 22.00 47.36
CA LYS L 361 -46.36 21.98 48.71
C LYS L 361 -45.23 20.96 48.86
N ASN L 362 -45.15 20.00 47.94
CA ASN L 362 -44.02 19.09 47.88
C ASN L 362 -42.95 19.56 46.92
N SER L 363 -43.34 20.25 45.84
CA SER L 363 -42.42 20.57 44.77
C SER L 363 -41.96 22.03 44.78
N ALA L 364 -42.40 22.82 45.76
CA ALA L 364 -41.79 24.13 45.94
C ALA L 364 -40.27 24.05 45.88
N ARG L 365 -39.71 24.53 44.79
CA ARG L 365 -38.26 24.52 44.65
C ARG L 365 -37.81 25.62 43.72
N PHE L 366 -36.50 25.78 43.62
CA PHE L 366 -35.89 26.50 42.50
C PHE L 366 -35.01 25.50 41.78
N GLU L 367 -34.87 25.65 40.47
CA GLU L 367 -33.73 25.08 39.78
C GLU L 367 -32.80 26.20 39.36
N PHE L 368 -31.53 26.09 39.78
CA PHE L 368 -30.48 27.02 39.39
C PHE L 368 -29.75 26.42 38.19
N ARG L 369 -29.88 27.06 37.03
CA ARG L 369 -29.40 26.50 35.77
C ARG L 369 -27.95 26.85 35.49
N PHE L 370 -27.30 27.65 36.32
CA PHE L 370 -25.96 28.07 35.94
C PHE L 370 -24.81 27.14 36.36
N PRO L 371 -24.94 26.25 37.36
CA PRO L 371 -23.80 25.39 37.68
C PRO L 371 -23.64 24.27 36.66
N ASP L 372 -22.38 23.84 36.46
CA ASP L 372 -22.09 22.67 35.66
C ASP L 372 -21.35 21.62 36.49
N SER L 373 -20.98 20.52 35.83
CA SER L 373 -20.41 19.34 36.45
C SER L 373 -18.89 19.39 36.56
N SER L 374 -18.28 20.40 35.96
CA SER L 374 -16.86 20.65 36.18
C SER L 374 -16.62 21.12 37.60
N SER L 375 -17.69 21.45 38.31
CA SER L 375 -17.58 21.83 39.70
C SER L 375 -17.50 20.58 40.55
N ASN L 376 -17.05 20.78 41.77
CA ASN L 376 -17.17 19.80 42.81
C ASN L 376 -18.59 19.86 43.37
N PRO L 377 -19.35 18.76 43.31
CA PRO L 377 -20.72 18.79 43.85
C PRO L 377 -20.79 19.11 45.33
N TYR L 378 -19.85 18.57 46.11
CA TYR L 378 -19.83 18.88 47.54
C TYR L 378 -19.65 20.37 47.77
N LEU L 379 -18.72 21.00 47.03
CA LEU L 379 -18.54 22.42 47.27
C LEU L 379 -19.66 23.22 46.61
N ALA L 380 -19.90 23.03 45.32
CA ALA L 380 -20.88 23.89 44.65
C ALA L 380 -22.22 23.88 45.39
N PHE L 381 -22.49 22.85 46.16
CA PHE L 381 -23.73 22.79 46.91
C PHE L 381 -23.61 23.57 48.22
N ALA L 382 -22.65 23.19 49.09
CA ALA L 382 -22.44 23.96 50.32
C ALA L 382 -22.44 25.45 50.02
N ALA L 383 -21.71 25.88 49.00
CA ALA L 383 -21.65 27.30 48.70
C ALA L 383 -23.03 27.85 48.28
N ILE L 384 -23.83 27.06 47.55
CA ILE L 384 -25.20 27.50 47.21
C ILE L 384 -26.04 27.68 48.46
N LEU L 385 -25.78 26.88 49.49
CA LEU L 385 -26.51 27.06 50.75
C LEU L 385 -26.04 28.30 51.47
N MET L 386 -24.74 28.38 51.77
CA MET L 386 -24.17 29.52 52.47
C MET L 386 -24.67 30.83 51.88
N ALA L 387 -24.52 31.02 50.57
CA ALA L 387 -25.13 32.15 49.89
C ALA L 387 -26.63 32.27 50.18
N GLY L 388 -27.35 31.14 50.20
CA GLY L 388 -28.80 31.16 50.30
C GLY L 388 -29.31 31.53 51.68
N MET L 389 -28.67 31.02 52.72
CA MET L 389 -29.04 31.42 54.08
C MET L 389 -28.63 32.84 54.35
N ASP L 390 -27.61 33.33 53.66
CA ASP L 390 -27.28 34.73 53.75
C ASP L 390 -28.42 35.57 53.22
N GLY L 391 -29.20 35.02 52.29
CA GLY L 391 -30.38 35.72 51.82
C GLY L 391 -31.49 35.70 52.85
N VAL L 392 -31.72 34.56 53.49
CA VAL L 392 -32.78 34.45 54.48
C VAL L 392 -32.49 35.37 55.68
N LYS L 393 -31.24 35.32 56.18
CA LYS L 393 -30.88 36.06 57.38
C LYS L 393 -30.97 37.55 57.16
N ASN L 394 -30.71 38.01 55.93
CA ASN L 394 -30.65 39.43 55.63
C ASN L 394 -31.82 39.90 54.79
N LYS L 395 -32.86 39.08 54.68
CA LYS L 395 -33.95 39.27 53.72
C LYS L 395 -33.53 40.00 52.46
N ILE L 396 -32.58 39.41 51.73
CA ILE L 396 -32.13 39.96 50.45
C ILE L 396 -33.19 39.76 49.39
N ASP L 397 -33.36 40.75 48.57
CA ASP L 397 -34.46 40.84 47.63
C ASP L 397 -33.99 40.38 46.27
N PRO L 398 -34.67 39.42 45.65
CA PRO L 398 -34.26 39.00 44.31
C PRO L 398 -34.51 40.05 43.25
N GLY L 399 -35.32 41.04 43.53
CA GLY L 399 -35.86 41.86 42.48
C GLY L 399 -37.09 41.20 41.95
N GLU L 400 -37.50 41.63 40.76
CA GLU L 400 -38.69 41.08 40.14
C GLU L 400 -38.31 40.24 38.93
N ALA L 401 -39.08 39.18 38.72
CA ALA L 401 -38.82 38.25 37.64
C ALA L 401 -38.83 38.95 36.30
N MET L 402 -37.87 38.61 35.44
CA MET L 402 -37.93 38.97 34.03
C MET L 402 -38.45 37.77 33.26
N ASP L 403 -39.58 37.93 32.58
CA ASP L 403 -40.19 36.86 31.79
C ASP L 403 -40.13 37.19 30.30
N ILE L 404 -38.91 37.32 29.80
CA ILE L 404 -38.64 37.65 28.43
C ILE L 404 -37.71 36.57 27.90
N ASN L 405 -37.39 36.66 26.62
CA ASN L 405 -36.25 35.89 26.12
C ASN L 405 -35.00 36.78 26.25
N LEU L 406 -34.22 36.51 27.31
CA LEU L 406 -33.03 37.29 27.59
C LEU L 406 -31.94 37.12 26.53
N PHE L 407 -31.99 36.04 25.75
CA PHE L 407 -31.04 35.89 24.65
C PHE L 407 -31.27 36.90 23.54
N LYS L 408 -32.43 37.53 23.48
CA LYS L 408 -32.68 38.54 22.46
C LYS L 408 -32.10 39.90 22.86
N LEU L 409 -31.78 40.10 24.15
CA LEU L 409 -31.43 41.42 24.67
C LEU L 409 -30.05 41.88 24.21
N THR L 410 -29.99 43.10 23.67
CA THR L 410 -28.74 43.70 23.18
C THR L 410 -27.80 44.01 24.34
N LEU L 411 -26.50 44.08 24.03
CA LEU L 411 -25.48 44.37 25.05
C LEU L 411 -25.73 45.74 25.70
N ASP L 412 -25.98 46.77 24.87
CA ASP L 412 -26.44 48.05 25.38
C ASP L 412 -27.71 47.88 26.22
N GLU L 413 -28.74 47.24 25.65
CA GLU L 413 -30.00 47.03 26.36
C GLU L 413 -29.80 46.23 27.64
N ILE L 414 -28.85 45.28 27.65
CA ILE L 414 -28.55 44.52 28.86
C ILE L 414 -27.78 45.36 29.87
N ARG L 415 -26.75 46.08 29.41
CA ARG L 415 -25.97 46.91 30.31
C ARG L 415 -26.79 48.10 30.83
N GLU L 416 -27.58 48.72 29.96
CA GLU L 416 -28.35 49.91 30.33
C GLU L 416 -29.26 49.64 31.51
N LYS L 417 -30.27 48.78 31.36
CA LYS L 417 -31.14 48.40 32.47
C LYS L 417 -30.34 47.80 33.64
N GLY L 418 -29.03 47.63 33.43
CA GLY L 418 -28.05 47.26 34.46
C GLY L 418 -28.45 45.97 35.18
N ILE L 419 -28.65 44.90 34.38
CA ILE L 419 -28.87 43.54 34.89
C ILE L 419 -27.53 42.86 35.10
N LYS L 420 -27.38 42.18 36.23
CA LYS L 420 -26.13 41.52 36.52
C LYS L 420 -26.04 40.25 35.70
N GLN L 421 -24.89 40.01 35.11
CA GLN L 421 -24.72 38.80 34.32
C GLN L 421 -23.65 37.95 34.96
N MET L 422 -23.55 36.72 34.47
CA MET L 422 -22.47 35.81 34.86
C MET L 422 -21.11 36.39 34.44
N PRO L 423 -20.05 35.99 35.12
CA PRO L 423 -18.74 36.51 34.75
C PRO L 423 -18.30 35.82 33.46
N HIS L 424 -17.42 36.50 32.75
CA HIS L 424 -17.01 36.03 31.44
C HIS L 424 -15.79 35.14 31.47
N THR L 425 -15.15 34.98 32.61
CA THR L 425 -13.95 34.18 32.62
C THR L 425 -13.86 33.56 34.00
N LEU L 426 -12.95 32.59 34.15
CA LEU L 426 -12.80 31.95 35.45
C LEU L 426 -12.01 32.82 36.41
N ARG L 427 -11.14 33.70 35.90
CA ARG L 427 -10.36 34.58 36.77
C ARG L 427 -11.25 35.64 37.41
N ARG L 428 -12.08 36.30 36.60
CA ARG L 428 -12.95 37.35 37.10
C ARG L 428 -13.84 36.83 38.22
N SER L 429 -14.43 35.66 38.02
CA SER L 429 -15.33 35.16 39.05
C SER L 429 -14.54 34.69 40.26
N LEU L 430 -13.28 34.31 40.04
CA LEU L 430 -12.40 34.01 41.16
C LEU L 430 -12.10 35.29 41.93
N GLU L 431 -11.83 36.38 41.20
CA GLU L 431 -11.69 37.70 41.79
C GLU L 431 -12.92 38.04 42.59
N GLU L 432 -14.07 37.97 41.95
CA GLU L 432 -15.31 38.33 42.62
C GLU L 432 -15.54 37.47 43.84
N MET L 433 -15.10 36.22 43.82
CA MET L 433 -15.30 35.36 44.97
C MET L 433 -14.37 35.72 46.13
N LEU L 434 -13.14 36.17 45.85
CA LEU L 434 -12.23 36.63 46.92
C LEU L 434 -12.59 38.01 47.48
N ALA L 435 -13.33 38.78 46.70
CA ALA L 435 -13.86 40.05 47.15
C ALA L 435 -15.13 39.89 48.00
N ASP L 436 -15.56 38.66 48.30
CA ASP L 436 -16.86 38.46 48.93
C ASP L 436 -16.97 37.17 49.75
N LYS L 437 -16.02 36.93 50.65
CA LYS L 437 -15.89 35.64 51.28
C LYS L 437 -16.74 35.47 52.53
N GLN L 438 -17.40 36.52 52.99
CA GLN L 438 -17.92 36.49 54.35
C GLN L 438 -19.07 35.46 54.50
N TYR L 439 -19.96 35.37 53.52
CA TYR L 439 -21.08 34.46 53.71
C TYR L 439 -20.64 33.01 53.71
N LEU L 440 -19.52 32.70 53.06
CA LEU L 440 -18.99 31.35 53.13
C LEU L 440 -18.36 31.07 54.49
N LYS L 441 -17.78 32.11 55.11
CA LYS L 441 -16.94 31.93 56.29
C LYS L 441 -17.74 31.82 57.56
N GLU L 442 -19.02 32.10 57.48
CA GLU L 442 -19.89 31.92 58.63
C GLU L 442 -19.72 30.55 59.23
N SER L 443 -19.43 30.53 60.54
CA SER L 443 -19.38 29.31 61.34
C SER L 443 -18.26 28.40 60.92
N GLN L 444 -17.19 28.98 60.36
CA GLN L 444 -16.03 28.24 59.89
C GLN L 444 -16.37 27.20 58.80
N VAL L 445 -17.51 27.34 58.12
CA VAL L 445 -17.93 26.32 57.15
C VAL L 445 -16.90 26.22 56.04
N PHE L 446 -16.70 27.34 55.33
CA PHE L 446 -15.55 27.50 54.42
C PHE L 446 -14.44 28.18 55.21
N SER L 447 -13.32 27.51 55.36
CA SER L 447 -12.22 28.09 56.10
C SER L 447 -11.46 29.06 55.21
N GLU L 448 -10.87 30.08 55.85
CA GLU L 448 -10.08 31.07 55.10
C GLU L 448 -8.89 30.41 54.43
N GLU L 449 -8.18 29.56 55.18
CA GLU L 449 -7.14 28.72 54.58
C GLU L 449 -7.65 28.05 53.30
N PHE L 450 -8.75 27.28 53.42
CA PHE L 450 -9.27 26.51 52.28
C PHE L 450 -9.53 27.39 51.05
N ILE L 451 -10.24 28.50 51.23
CA ILE L 451 -10.51 29.35 50.09
C ILE L 451 -9.21 29.82 49.41
N GLN L 452 -8.14 30.06 50.18
CA GLN L 452 -6.85 30.38 49.57
C GLN L 452 -6.30 29.21 48.75
N ALA L 453 -6.26 28.02 49.34
CA ALA L 453 -5.85 26.84 48.59
C ALA L 453 -6.68 26.71 47.33
N TYR L 454 -8.00 26.77 47.49
CA TYR L 454 -8.89 26.72 46.34
C TYR L 454 -8.53 27.76 45.27
N GLN L 455 -8.32 29.02 45.62
CA GLN L 455 -8.03 29.97 44.54
C GLN L 455 -6.64 29.72 43.93
N SER L 456 -5.65 29.39 44.76
CA SER L 456 -4.32 29.09 44.23
C SER L 456 -4.34 27.87 43.30
N LEU L 457 -4.98 26.79 43.76
CA LEU L 457 -5.20 25.61 42.93
C LEU L 457 -5.80 25.99 41.58
N LYS L 458 -6.90 26.76 41.59
CA LYS L 458 -7.65 27.06 40.37
C LYS L 458 -6.94 28.03 39.43
N PHE L 459 -6.30 29.08 39.95
CA PHE L 459 -5.49 29.96 39.09
C PHE L 459 -4.36 29.19 38.39
N ASN L 460 -3.71 28.26 39.11
CA ASN L 460 -2.58 27.51 38.56
C ASN L 460 -2.99 26.34 37.66
N ALA L 461 -4.14 25.72 37.91
CA ALA L 461 -4.52 24.55 37.15
C ALA L 461 -5.44 24.87 35.97
N GLU L 462 -6.15 26.00 36.03
CA GLU L 462 -7.10 26.37 34.99
C GLU L 462 -6.79 27.72 34.34
N VAL L 463 -6.56 28.78 35.12
CA VAL L 463 -6.51 30.12 34.51
C VAL L 463 -5.19 30.35 33.77
N PHE L 464 -4.05 30.14 34.43
CA PHE L 464 -2.78 30.40 33.76
C PHE L 464 -2.53 29.49 32.55
N PRO L 465 -2.97 28.23 32.53
CA PRO L 465 -2.94 27.52 31.25
C PRO L 465 -3.67 28.28 30.17
N TRP L 466 -4.90 28.65 30.46
CA TRP L 466 -5.76 29.23 29.43
C TRP L 466 -5.16 30.51 28.85
N GLU L 467 -4.72 31.41 29.74
CA GLU L 467 -4.17 32.69 29.32
C GLU L 467 -2.85 32.58 28.57
N SER L 468 -2.14 31.48 28.74
CA SER L 468 -0.79 31.42 28.20
C SER L 468 -0.62 30.33 27.17
N LYS L 469 -1.69 29.64 26.78
CA LYS L 469 -1.58 28.56 25.79
C LYS L 469 -2.28 28.97 24.51
N PRO L 470 -1.54 29.22 23.44
CA PRO L 470 -2.17 29.71 22.21
C PRO L 470 -3.34 28.85 21.82
N HIS L 471 -4.42 29.50 21.44
CA HIS L 471 -5.68 28.95 20.99
C HIS L 471 -5.64 28.82 19.48
N PRO L 472 -6.18 27.73 18.92
CA PRO L 472 -6.11 27.58 17.45
C PRO L 472 -6.75 28.72 16.70
N PHE L 473 -8.00 29.04 17.03
CA PHE L 473 -8.69 30.07 16.27
C PHE L 473 -7.91 31.39 16.22
N GLU L 474 -6.90 31.55 17.08
CA GLU L 474 -6.02 32.73 17.02
C GLU L 474 -5.16 32.71 15.77
N PHE L 475 -4.83 31.52 15.29
CA PHE L 475 -4.08 31.38 14.06
C PHE L 475 -4.93 31.65 12.84
N ILE L 476 -6.24 31.76 13.01
CA ILE L 476 -7.07 32.21 11.90
C ILE L 476 -7.08 33.73 11.83
N THR L 477 -7.13 34.39 12.99
CA THR L 477 -7.30 35.82 13.09
C THR L 477 -5.99 36.61 13.14
N THR L 478 -4.87 35.99 13.49
CA THR L 478 -3.67 36.76 13.76
C THR L 478 -2.39 36.18 13.18
N TYR L 479 -2.44 35.03 12.53
CA TYR L 479 -1.19 34.50 11.99
C TYR L 479 -0.73 35.31 10.79
N SER L 480 -1.66 35.81 9.98
CA SER L 480 -1.36 36.57 8.78
C SER L 480 -1.28 38.08 9.00
N CYS L 481 -1.25 38.55 10.25
CA CYS L 481 -1.01 39.98 10.51
C CYS L 481 0.47 40.33 10.17
#